data_6IXH
#
_entry.id   6IXH
#
loop_
_entity.id
_entity.type
_entity.pdbx_description
1 polymer 'Type VI Secretion System TssJ'
2 polymer 'Type VI Secretion System TssM'
#
loop_
_entity_poly.entity_id
_entity_poly.type
_entity_poly.pdbx_seq_one_letter_code
_entity_poly.pdbx_strand_id
1 'polypeptide(L)'
;MAIIAGKAGYGLIIALFSLSLSGCGLTQRVADGTVSATKSLFYRQIKTLHLDIRAREAINTSAAGIPLSVVVRIYQLKDN
RSFDSADYQALFTGDNEILAGDIIAQKDVWLQPGGSVAVDMPLDDAAKFTGVAAMFLEPDQKKNTWRVVLGRDELEPDTP
RLIEVSGNTLTLLPVKDK
;
A,B,C,D,E,F,G,H,I,J,K,L,M,N,O
2 'polypeptide(L)'
;MNKLACLSGRFGRPGIVFIGVAALWWLITRYGAYLGAETRRDQILLLILLSLGVLFVCYLPVMKKYVQELTYRRRARKEQ
RLPDDEERLAQTPPRYVTVQDIRHTLRRQYGRFWGRKIRILLITGTASEVELLTPGLTEQFWQEEQGTLLLWGGDPSQPE
NADWLAALRRLRYRPADGIVWVTSGLSETLSAPLTEDALDRVSRAVSSCCERLGWRLPLYVWSLQESPDERGRITQPVGC
LLPAECSSDKLKAQLQAMLPGLVAQGIQQICCAPRYYFLLSLAERFRRNIDAVVEPLSVLLRPYRQLLLAGIVFSPATVG
GERSVRHRWRMDNRWEALPETVQQLPVRLQPSRTGHNWRRSLAVMAAILMMAQGTGMVVSFLANRSLVAEVQEQIRPAQN
QQLSPAERLQALLNLQKSLARLQYREEHGAPWYLRAGMNQNADLLAVVMPLYAQNAHLLLRDAAAAHLEQQLRTFIRLPP
DSPQRGKMAKAAYDQLRLYLMLAQPQHMEPAWFSRTLMREWPQRDGVSAVFWQANGPTLLAYYASGIITHPQWKLTADEE
LVSQSRTLLLRHLGTQNSDAMLYQKMLARVAHQFADMRLTDMTGDTDVSRLFFTDEVVPGMFTRQAWEEAVLPSIDTVIN
ERREEMDWVLTDGRQKAPSPVSPEALRQRLTTRYFADFGNAWLNFLNSLHLRKAQTLSDVTEQLTLMADVRQSPLVALMN
TLAVQGCTGQPREAVTDSLVKSARNLLSQEKQPVAVPESRLHGPLATTFGPVLALMDNQNNSADMLNLQTYLTRVTQVRL
RLQQIAGSSDPQAMMQLLAQTVLQGKSVDLTDTRDYGSLTAAGLGQEWYGFGQTVFVRPMEQAWQQVLTPAAESLNARWR
TAVVDGWNNAFSGRYPFKNVSSDASLPLLAKYLNTDTGRIARFLQNNLSGVLHREGSRWVPDTINTRGLTFNPAFLKAIN
TLSEIADVAFTTGNAGLHFELRPGTAAGVMQTTLITDNQKLIYVNQMPVWKRFTWPADTEAPGASLSWVSTQAGTRQYAD
LPGSWGLIRLLEMARRKAAPGVASGWSLSWQAQDGRMLNYTLRTEAGEGPLVLLKLRNFVLPETVFELSGTSAFTGNDED
AGDTVEETD
;
P,Q,R,S,T,U,V,W,X,Y
#
# COMPACT_ATOMS: atom_id res chain seq x y z
N ARG A 44 -38.56 -6.47 -74.97
CA ARG A 44 -38.86 -6.04 -76.33
C ARG A 44 -37.76 -6.46 -77.29
N GLN A 45 -36.52 -6.39 -76.80
CA GLN A 45 -35.36 -6.71 -77.62
C GLN A 45 -34.24 -7.20 -76.71
N ILE A 46 -33.19 -7.73 -77.35
CA ILE A 46 -32.09 -8.38 -76.67
C ILE A 46 -31.04 -7.37 -76.22
N LYS A 47 -31.26 -6.09 -76.54
CA LYS A 47 -30.24 -5.09 -76.88
C LYS A 47 -28.90 -5.18 -76.15
N THR A 48 -28.93 -5.29 -74.83
CA THR A 48 -27.70 -5.41 -74.06
C THR A 48 -27.62 -6.79 -73.42
N LEU A 49 -26.43 -7.36 -73.45
CA LEU A 49 -26.21 -8.72 -72.97
C LEU A 49 -26.10 -8.73 -71.45
N HIS A 50 -26.87 -9.60 -70.81
CA HIS A 50 -26.74 -9.86 -69.38
C HIS A 50 -26.31 -11.31 -69.21
N LEU A 51 -25.16 -11.51 -68.58
CA LEU A 51 -24.59 -12.84 -68.44
C LEU A 51 -23.78 -12.92 -67.15
N ASP A 52 -23.72 -14.11 -66.58
CA ASP A 52 -23.02 -14.29 -65.30
C ASP A 52 -22.67 -15.76 -65.09
N ILE A 53 -21.54 -15.97 -64.41
CA ILE A 53 -20.91 -17.28 -64.29
C ILE A 53 -20.72 -17.59 -62.82
N ARG A 54 -21.17 -18.75 -62.39
CA ARG A 54 -20.98 -19.24 -61.03
C ARG A 54 -20.15 -20.51 -61.07
N ALA A 55 -18.91 -20.44 -60.61
CA ALA A 55 -18.10 -21.64 -60.53
C ALA A 55 -18.41 -22.39 -59.25
N ARG A 56 -18.19 -23.70 -59.28
CA ARG A 56 -18.23 -24.46 -58.05
C ARG A 56 -16.87 -24.40 -57.39
N GLU A 57 -16.75 -25.04 -56.23
CA GLU A 57 -15.52 -24.92 -55.44
C GLU A 57 -14.38 -25.77 -56.00
N ALA A 58 -14.65 -26.70 -56.91
CA ALA A 58 -13.59 -27.56 -57.44
C ALA A 58 -13.56 -27.38 -58.96
N ILE A 59 -12.87 -26.34 -59.39
CA ILE A 59 -12.69 -26.06 -60.82
C ILE A 59 -11.21 -26.05 -61.13
N ASN A 60 -10.88 -26.48 -62.35
CA ASN A 60 -9.53 -26.40 -62.93
C ASN A 60 -8.50 -27.10 -62.06
N THR A 61 -8.84 -28.29 -61.59
CA THR A 61 -8.03 -28.97 -60.58
C THR A 61 -6.72 -29.45 -61.16
N SER A 62 -5.63 -29.17 -60.46
CA SER A 62 -4.29 -29.52 -60.91
C SER A 62 -3.98 -30.98 -60.59
N ALA A 63 -2.71 -31.33 -60.67
CA ALA A 63 -2.30 -32.74 -60.51
C ALA A 63 -2.42 -33.20 -59.07
N ALA A 64 -2.25 -32.31 -58.11
CA ALA A 64 -2.36 -32.68 -56.70
C ALA A 64 -3.76 -32.48 -56.12
N GLY A 65 -4.77 -32.27 -56.97
CA GLY A 65 -6.10 -32.01 -56.49
C GLY A 65 -6.36 -30.58 -56.07
N ILE A 66 -5.43 -29.67 -56.36
CA ILE A 66 -5.53 -28.29 -55.91
C ILE A 66 -6.34 -27.49 -56.93
N PRO A 67 -7.48 -26.90 -56.55
CA PRO A 67 -8.24 -26.09 -57.51
C PRO A 67 -7.59 -24.72 -57.68
N LEU A 68 -6.91 -24.55 -58.81
CA LEU A 68 -6.40 -23.25 -59.21
C LEU A 68 -7.49 -22.53 -59.99
N SER A 69 -7.35 -21.22 -60.10
CA SER A 69 -8.38 -20.44 -60.77
C SER A 69 -8.24 -20.56 -62.27
N VAL A 70 -9.35 -20.34 -62.97
CA VAL A 70 -9.41 -20.54 -64.41
C VAL A 70 -9.93 -19.24 -65.02
N VAL A 71 -9.62 -19.05 -66.30
CA VAL A 71 -10.05 -17.88 -67.04
C VAL A 71 -11.03 -18.33 -68.12
N VAL A 72 -12.14 -17.61 -68.24
CA VAL A 72 -13.07 -17.81 -69.33
C VAL A 72 -12.97 -16.61 -70.24
N ARG A 73 -13.44 -16.79 -71.47
CA ARG A 73 -13.41 -15.71 -72.44
C ARG A 73 -14.78 -15.64 -73.09
N ILE A 74 -15.17 -14.42 -73.48
CA ILE A 74 -16.47 -14.17 -74.09
C ILE A 74 -16.24 -13.69 -75.51
N TYR A 75 -17.09 -14.13 -76.43
CA TYR A 75 -17.03 -13.70 -77.81
C TYR A 75 -18.37 -13.13 -78.24
N GLN A 76 -18.33 -12.31 -79.29
CA GLN A 76 -19.52 -11.91 -80.03
C GLN A 76 -19.34 -12.43 -81.45
N LEU A 77 -20.12 -13.43 -81.82
CA LEU A 77 -19.93 -14.16 -83.06
C LEU A 77 -21.11 -13.95 -84.00
N LYS A 78 -20.88 -14.26 -85.28
CA LYS A 78 -21.89 -14.15 -86.30
C LYS A 78 -22.34 -15.50 -86.85
N ASP A 79 -21.40 -16.41 -87.08
CA ASP A 79 -21.71 -17.77 -87.48
C ASP A 79 -20.92 -18.73 -86.59
N ASN A 80 -21.64 -19.63 -85.93
CA ASN A 80 -21.06 -20.48 -84.89
C ASN A 80 -20.35 -21.71 -85.45
N ARG A 81 -20.09 -21.76 -86.75
CA ARG A 81 -19.44 -22.95 -87.30
C ARG A 81 -17.94 -22.95 -87.04
N SER A 82 -17.29 -21.79 -87.17
CA SER A 82 -15.84 -21.72 -87.05
C SER A 82 -15.37 -22.00 -85.63
N PHE A 83 -16.17 -21.62 -84.63
CA PHE A 83 -15.79 -21.85 -83.25
C PHE A 83 -16.15 -23.26 -82.82
N ASP A 84 -17.27 -23.80 -83.28
CA ASP A 84 -17.67 -25.14 -82.88
C ASP A 84 -16.86 -26.22 -83.58
N SER A 85 -16.13 -25.87 -84.63
CA SER A 85 -15.31 -26.84 -85.33
C SER A 85 -13.83 -26.75 -85.00
N ALA A 86 -13.34 -25.59 -84.56
CA ALA A 86 -11.94 -25.46 -84.20
C ALA A 86 -11.68 -26.11 -82.84
N ASP A 87 -10.43 -26.48 -82.62
CA ASP A 87 -10.12 -27.33 -81.47
C ASP A 87 -9.62 -26.52 -80.27
N TYR A 88 -9.39 -27.26 -79.18
CA TYR A 88 -9.05 -26.66 -77.90
C TYR A 88 -7.68 -26.03 -77.91
N GLN A 89 -6.76 -26.59 -78.69
CA GLN A 89 -5.39 -26.09 -78.67
C GLN A 89 -5.28 -24.77 -79.40
N ALA A 90 -5.90 -24.67 -80.58
CA ALA A 90 -5.68 -23.49 -81.42
C ALA A 90 -6.44 -22.27 -80.91
N LEU A 91 -7.39 -22.43 -80.01
CA LEU A 91 -8.00 -21.26 -79.40
C LEU A 91 -7.18 -20.67 -78.26
N PHE A 92 -5.98 -21.19 -78.01
CA PHE A 92 -5.10 -20.50 -77.08
C PHE A 92 -4.47 -19.27 -77.73
N THR A 93 -3.78 -19.46 -78.86
CA THR A 93 -3.12 -18.36 -79.52
C THR A 93 -3.87 -17.86 -80.74
N GLY A 94 -4.54 -18.75 -81.48
CA GLY A 94 -5.27 -18.30 -82.64
C GLY A 94 -6.67 -17.78 -82.36
N ASP A 95 -6.99 -17.48 -81.10
CA ASP A 95 -8.32 -17.02 -80.73
C ASP A 95 -8.65 -15.66 -81.33
N ASN A 96 -7.65 -14.83 -81.57
CA ASN A 96 -7.87 -13.58 -82.29
C ASN A 96 -7.72 -13.75 -83.79
N GLU A 97 -7.34 -14.93 -84.26
CA GLU A 97 -7.03 -15.13 -85.67
C GLU A 97 -7.86 -16.21 -86.33
N ILE A 98 -8.13 -17.32 -85.65
CA ILE A 98 -8.91 -18.37 -86.30
C ILE A 98 -10.39 -17.99 -86.38
N LEU A 99 -10.83 -17.01 -85.59
CA LEU A 99 -12.15 -16.41 -85.76
C LEU A 99 -11.99 -15.09 -86.51
N ALA A 100 -11.49 -15.21 -87.74
CA ALA A 100 -11.15 -14.05 -88.56
C ALA A 100 -12.42 -13.40 -89.08
N GLY A 101 -12.75 -12.23 -88.54
CA GLY A 101 -13.95 -11.52 -88.89
C GLY A 101 -15.17 -11.93 -88.09
N ASP A 102 -15.14 -13.11 -87.46
CA ASP A 102 -16.27 -13.56 -86.67
C ASP A 102 -16.38 -12.81 -85.35
N ILE A 103 -15.28 -12.24 -84.88
CA ILE A 103 -15.26 -11.54 -83.60
C ILE A 103 -15.63 -10.07 -83.80
N ILE A 104 -16.50 -9.58 -82.92
CA ILE A 104 -16.83 -8.16 -82.93
C ILE A 104 -16.37 -7.54 -81.61
N ALA A 105 -16.91 -8.05 -80.50
CA ALA A 105 -16.54 -7.59 -79.17
C ALA A 105 -16.08 -8.77 -78.34
N GLN A 106 -14.97 -8.60 -77.64
CA GLN A 106 -14.38 -9.67 -76.85
C GLN A 106 -14.31 -9.25 -75.41
N LYS A 107 -14.61 -10.18 -74.50
CA LYS A 107 -14.49 -9.94 -73.07
C LYS A 107 -13.67 -11.05 -72.43
N ASP A 108 -12.79 -10.67 -71.52
CA ASP A 108 -11.78 -11.54 -70.93
C ASP A 108 -11.94 -11.50 -69.42
N VAL A 109 -12.61 -12.49 -68.85
CA VAL A 109 -13.08 -12.41 -67.47
C VAL A 109 -12.50 -13.55 -66.64
N TRP A 110 -11.89 -13.19 -65.51
CA TRP A 110 -11.32 -14.15 -64.58
C TRP A 110 -12.42 -14.91 -63.85
N LEU A 111 -12.01 -15.95 -63.13
CA LEU A 111 -12.92 -16.75 -62.33
C LEU A 111 -12.11 -17.42 -61.23
N GLN A 112 -12.21 -16.92 -60.07
CA GLN A 112 -11.52 -17.50 -58.94
C GLN A 112 -12.35 -18.63 -58.34
N PRO A 113 -11.72 -19.68 -57.81
CA PRO A 113 -12.45 -20.94 -57.60
C PRO A 113 -13.43 -20.85 -56.43
N GLY A 114 -14.66 -21.26 -56.69
CA GLY A 114 -15.75 -21.03 -55.77
C GLY A 114 -16.44 -19.70 -55.96
N GLY A 115 -15.77 -18.74 -56.59
CA GLY A 115 -16.30 -17.41 -56.75
C GLY A 115 -17.29 -17.33 -57.89
N SER A 116 -17.63 -16.10 -58.25
CA SER A 116 -18.58 -15.85 -59.32
C SER A 116 -18.28 -14.48 -59.91
N VAL A 117 -18.91 -14.18 -61.04
CA VAL A 117 -18.72 -12.91 -61.73
C VAL A 117 -19.91 -12.68 -62.64
N ALA A 118 -20.32 -11.43 -62.76
CA ALA A 118 -21.36 -11.02 -63.70
C ALA A 118 -20.79 -9.98 -64.66
N VAL A 119 -21.05 -10.17 -65.95
CA VAL A 119 -20.57 -9.28 -67.00
C VAL A 119 -21.75 -8.80 -67.83
N ASP A 120 -21.86 -7.49 -67.98
CA ASP A 120 -22.96 -6.87 -68.72
C ASP A 120 -22.33 -6.05 -69.84
N MET A 121 -22.04 -6.69 -70.95
CA MET A 121 -21.43 -5.95 -72.04
C MET A 121 -22.47 -5.63 -73.10
N PRO A 122 -22.35 -4.49 -73.77
CA PRO A 122 -23.35 -4.13 -74.79
C PRO A 122 -23.22 -5.00 -76.02
N LEU A 123 -24.35 -5.57 -76.43
CA LEU A 123 -24.37 -6.48 -77.56
C LEU A 123 -24.50 -5.67 -78.84
N ASP A 124 -23.60 -5.94 -79.80
CA ASP A 124 -23.72 -5.34 -81.12
C ASP A 124 -24.83 -6.01 -81.89
N ASP A 125 -25.50 -5.24 -82.75
CA ASP A 125 -26.69 -5.74 -83.43
C ASP A 125 -26.37 -6.81 -84.46
N ALA A 126 -25.18 -6.75 -85.05
CA ALA A 126 -24.83 -7.71 -86.09
C ALA A 126 -24.46 -9.07 -85.54
N ALA A 127 -24.11 -9.16 -84.26
CA ALA A 127 -23.65 -10.43 -83.70
C ALA A 127 -24.83 -11.38 -83.53
N LYS A 128 -24.78 -12.52 -84.20
CA LYS A 128 -25.84 -13.50 -84.12
C LYS A 128 -25.50 -14.67 -83.19
N PHE A 129 -24.31 -14.70 -82.62
CA PHE A 129 -23.92 -15.76 -81.70
C PHE A 129 -23.01 -15.20 -80.62
N THR A 130 -22.99 -15.90 -79.49
CA THR A 130 -22.16 -15.52 -78.35
C THR A 130 -21.34 -16.72 -77.93
N GLY A 131 -20.02 -16.60 -78.05
CA GLY A 131 -19.11 -17.68 -77.73
C GLY A 131 -18.51 -17.49 -76.36
N VAL A 132 -18.63 -18.51 -75.52
CA VAL A 132 -18.05 -18.54 -74.18
C VAL A 132 -17.12 -19.75 -74.11
N ALA A 133 -15.85 -19.49 -73.84
CA ALA A 133 -14.82 -20.52 -73.91
C ALA A 133 -13.99 -20.48 -72.65
N ALA A 134 -14.08 -21.54 -71.86
CA ALA A 134 -13.21 -21.72 -70.70
C ALA A 134 -11.96 -22.45 -71.13
N MET A 135 -10.84 -22.13 -70.49
CA MET A 135 -9.55 -22.69 -70.88
C MET A 135 -8.96 -23.35 -69.64
N PHE A 136 -9.33 -24.60 -69.42
CA PHE A 136 -8.84 -25.35 -68.28
C PHE A 136 -7.40 -25.79 -68.50
N LEU A 137 -6.78 -26.30 -67.44
CA LEU A 137 -5.46 -26.89 -67.58
C LEU A 137 -5.52 -28.22 -68.33
N GLU A 138 -6.57 -28.99 -68.11
CA GLU A 138 -6.82 -30.20 -68.88
C GLU A 138 -8.22 -30.12 -69.46
N PRO A 139 -8.41 -30.41 -70.73
CA PRO A 139 -9.75 -30.40 -71.30
C PRO A 139 -10.37 -31.78 -71.30
N ASP A 140 -11.61 -31.88 -71.74
CA ASP A 140 -12.20 -33.16 -72.16
C ASP A 140 -12.76 -32.90 -73.54
N GLN A 141 -11.92 -33.10 -74.55
CA GLN A 141 -12.31 -32.76 -75.91
C GLN A 141 -13.28 -33.77 -76.50
N LYS A 142 -13.37 -34.96 -75.91
CA LYS A 142 -14.19 -36.02 -76.46
C LYS A 142 -15.67 -35.73 -76.26
N LYS A 143 -16.07 -35.44 -75.03
CA LYS A 143 -17.44 -35.01 -74.78
C LYS A 143 -17.69 -33.58 -75.26
N ASN A 144 -16.62 -32.78 -75.39
CA ASN A 144 -16.69 -31.36 -75.79
C ASN A 144 -17.61 -30.56 -74.88
N THR A 145 -17.27 -30.50 -73.61
CA THR A 145 -18.08 -29.80 -72.63
C THR A 145 -17.43 -28.53 -72.12
N TRP A 146 -16.38 -28.05 -72.78
CA TRP A 146 -15.64 -26.88 -72.33
C TRP A 146 -16.11 -25.59 -72.98
N ARG A 147 -17.26 -25.61 -73.65
CA ARG A 147 -17.73 -24.41 -74.34
C ARG A 147 -19.24 -24.44 -74.39
N VAL A 148 -19.83 -23.25 -74.54
CA VAL A 148 -21.25 -23.12 -74.85
C VAL A 148 -21.41 -22.11 -75.97
N VAL A 149 -22.44 -22.33 -76.78
CA VAL A 149 -22.84 -21.38 -77.82
C VAL A 149 -24.28 -21.01 -77.53
N LEU A 150 -24.50 -19.79 -77.07
CA LEU A 150 -25.84 -19.31 -76.75
C LEU A 150 -26.40 -18.57 -77.96
N GLY A 151 -27.57 -19.01 -78.42
CA GLY A 151 -28.24 -18.31 -79.49
C GLY A 151 -28.82 -16.99 -79.00
N ARG A 152 -28.93 -16.04 -79.93
CA ARG A 152 -29.33 -14.68 -79.57
C ARG A 152 -30.77 -14.62 -79.13
N ASP A 153 -31.63 -15.48 -79.66
CA ASP A 153 -33.02 -15.50 -79.23
C ASP A 153 -33.18 -16.06 -77.82
N GLU A 154 -32.21 -16.83 -77.32
CA GLU A 154 -32.30 -17.42 -76.01
C GLU A 154 -32.14 -16.43 -74.87
N LEU A 155 -31.57 -15.25 -75.14
CA LEU A 155 -31.22 -14.33 -74.07
C LEU A 155 -32.48 -13.63 -73.57
N GLU A 156 -32.86 -13.92 -72.34
CA GLU A 156 -33.91 -13.16 -71.69
C GLU A 156 -33.42 -11.73 -71.46
N PRO A 157 -34.30 -10.73 -71.60
CA PRO A 157 -33.85 -9.33 -71.56
C PRO A 157 -33.33 -8.88 -70.20
N ASP A 158 -34.03 -9.20 -69.12
CA ASP A 158 -33.60 -8.75 -67.80
C ASP A 158 -32.94 -9.85 -66.97
N THR A 159 -33.41 -11.09 -67.07
CA THR A 159 -32.93 -12.17 -66.24
C THR A 159 -31.79 -12.87 -66.95
N PRO A 160 -30.56 -12.79 -66.45
CA PRO A 160 -29.43 -13.41 -67.16
C PRO A 160 -29.40 -14.91 -66.99
N ARG A 161 -28.46 -15.53 -67.70
CA ARG A 161 -28.30 -16.98 -67.71
C ARG A 161 -27.02 -17.38 -67.00
N LEU A 162 -27.15 -18.29 -66.04
CA LEU A 162 -25.98 -18.76 -65.32
C LEU A 162 -25.23 -19.77 -66.16
N ILE A 163 -23.91 -19.81 -66.00
CA ILE A 163 -23.05 -20.80 -66.62
C ILE A 163 -22.31 -21.49 -65.48
N GLU A 164 -22.87 -22.58 -64.96
CA GLU A 164 -22.30 -23.24 -63.79
C GLU A 164 -21.11 -24.08 -64.22
N VAL A 165 -19.98 -23.91 -63.53
CA VAL A 165 -18.75 -24.63 -63.82
C VAL A 165 -18.53 -25.66 -62.72
N SER A 166 -18.40 -26.93 -63.11
CA SER A 166 -18.15 -28.01 -62.17
C SER A 166 -17.06 -28.92 -62.72
N GLY A 167 -16.06 -29.20 -61.90
CA GLY A 167 -14.95 -30.02 -62.33
C GLY A 167 -14.13 -29.31 -63.39
N ASN A 168 -14.13 -29.84 -64.59
CA ASN A 168 -13.53 -29.17 -65.74
C ASN A 168 -14.51 -28.99 -66.89
N THR A 169 -15.80 -28.87 -66.58
CA THR A 169 -16.86 -28.81 -67.57
C THR A 169 -17.64 -27.50 -67.42
N LEU A 170 -18.19 -27.02 -68.52
CA LEU A 170 -19.15 -25.94 -68.48
C LEU A 170 -20.55 -26.50 -68.65
N THR A 171 -21.52 -25.79 -68.07
CA THR A 171 -22.92 -26.22 -68.14
C THR A 171 -23.77 -24.96 -68.23
N LEU A 172 -24.86 -25.03 -68.99
CA LEU A 172 -25.81 -23.93 -69.07
C LEU A 172 -27.06 -24.35 -68.31
N LEU A 173 -27.41 -23.57 -67.29
CA LEU A 173 -28.51 -23.92 -66.41
C LEU A 173 -29.85 -23.55 -67.05
N PRO A 174 -30.93 -24.20 -66.62
CA PRO A 174 -32.26 -23.81 -67.12
C PRO A 174 -32.70 -22.44 -66.63
N VAL A 175 -33.79 -21.97 -67.22
CA VAL A 175 -34.30 -20.62 -66.99
C VAL A 175 -35.48 -20.70 -66.04
N LYS A 176 -35.42 -19.89 -64.98
CA LYS A 176 -36.50 -19.84 -63.99
C LYS A 176 -36.53 -18.46 -63.36
N ASP A 177 -37.73 -17.88 -63.28
CA ASP A 177 -37.90 -16.53 -62.76
C ASP A 177 -39.25 -16.43 -62.06
N LYS A 178 -39.63 -15.22 -61.69
CA LYS A 178 -40.92 -14.97 -61.05
C LYS A 178 -42.06 -15.07 -62.06
N ARG B 44 -67.43 -36.53 -35.59
CA ARG B 44 -68.13 -37.23 -36.67
C ARG B 44 -67.82 -38.72 -36.62
N GLN B 45 -66.57 -39.04 -36.29
CA GLN B 45 -66.13 -40.42 -36.24
C GLN B 45 -64.99 -40.54 -35.24
N ILE B 46 -64.63 -41.78 -34.94
CA ILE B 46 -63.68 -42.11 -33.89
C ILE B 46 -62.24 -42.06 -34.40
N LYS B 47 -62.09 -41.76 -35.70
CA LYS B 47 -61.04 -42.25 -36.61
C LYS B 47 -59.66 -42.48 -35.99
N THR B 48 -59.14 -41.51 -35.24
CA THR B 48 -57.84 -41.65 -34.61
C THR B 48 -58.00 -41.69 -33.10
N LEU B 49 -57.24 -42.59 -32.46
CA LEU B 49 -57.34 -42.81 -31.03
C LEU B 49 -56.60 -41.72 -30.28
N HIS B 50 -57.27 -41.11 -29.31
CA HIS B 50 -56.64 -40.17 -28.39
C HIS B 50 -56.76 -40.74 -26.98
N LEU B 51 -55.62 -41.00 -26.35
CA LEU B 51 -55.60 -41.66 -25.06
C LEU B 51 -54.39 -41.17 -24.27
N ASP B 52 -54.53 -41.16 -22.94
CA ASP B 52 -53.46 -40.67 -22.08
C ASP B 52 -53.62 -41.19 -20.66
N ILE B 53 -52.49 -41.40 -20.00
CA ILE B 53 -52.42 -42.10 -18.73
C ILE B 53 -51.71 -41.20 -17.73
N ARG B 54 -52.31 -41.00 -16.57
CA ARG B 54 -51.71 -40.26 -15.47
C ARG B 54 -51.55 -41.17 -14.28
N ALA B 55 -50.31 -41.55 -13.98
CA ALA B 55 -50.07 -42.33 -12.79
C ALA B 55 -50.04 -41.43 -11.57
N ARG B 56 -50.36 -42.01 -10.41
CA ARG B 56 -50.14 -41.31 -9.17
C ARG B 56 -48.71 -41.57 -8.70
N GLU B 57 -48.34 -40.97 -7.58
CA GLU B 57 -46.95 -41.03 -7.14
C GLU B 57 -46.59 -42.38 -6.52
N ALA B 58 -47.55 -43.22 -6.17
CA ALA B 58 -47.25 -44.50 -5.53
C ALA B 58 -47.82 -45.60 -6.40
N ILE B 59 -47.07 -46.00 -7.41
CA ILE B 59 -47.46 -47.08 -8.32
C ILE B 59 -46.39 -48.16 -8.26
N ASN B 60 -46.84 -49.41 -8.44
CA ASN B 60 -45.98 -50.58 -8.61
C ASN B 60 -45.01 -50.76 -7.44
N THR B 61 -45.53 -50.60 -6.23
CA THR B 61 -44.68 -50.53 -5.05
C THR B 61 -44.11 -51.90 -4.72
N SER B 62 -42.81 -51.94 -4.46
CA SER B 62 -42.13 -53.20 -4.15
C SER B 62 -42.32 -53.54 -2.67
N ALA B 63 -41.51 -54.49 -2.18
CA ALA B 63 -41.67 -54.97 -0.82
C ALA B 63 -41.20 -53.95 0.21
N ALA B 64 -40.27 -53.07 -0.17
CA ALA B 64 -39.78 -52.06 0.75
C ALA B 64 -40.56 -50.75 0.67
N GLY B 65 -41.66 -50.71 -0.06
CA GLY B 65 -42.42 -49.49 -0.23
C GLY B 65 -41.90 -48.57 -1.31
N ILE B 66 -40.94 -49.02 -2.11
CA ILE B 66 -40.31 -48.17 -3.13
C ILE B 66 -41.14 -48.23 -4.40
N PRO B 67 -41.65 -47.10 -4.90
CA PRO B 67 -42.38 -47.10 -6.16
C PRO B 67 -41.42 -47.16 -7.34
N LEU B 68 -41.30 -48.33 -7.95
CA LEU B 68 -40.58 -48.49 -9.21
C LEU B 68 -41.53 -48.22 -10.36
N SER B 69 -40.96 -47.94 -11.52
CA SER B 69 -41.79 -47.60 -12.66
C SER B 69 -42.40 -48.85 -13.27
N VAL B 70 -43.54 -48.68 -13.92
CA VAL B 70 -44.32 -49.79 -14.43
C VAL B 70 -44.56 -49.56 -15.92
N VAL B 71 -44.83 -50.65 -16.62
CA VAL B 71 -45.07 -50.61 -18.06
C VAL B 71 -46.53 -51.00 -18.31
N VAL B 72 -47.20 -50.22 -19.13
CA VAL B 72 -48.52 -50.57 -19.62
C VAL B 72 -48.41 -50.90 -21.08
N ARG B 73 -49.40 -51.62 -21.58
CA ARG B 73 -49.41 -52.02 -22.97
C ARG B 73 -50.78 -51.71 -23.55
N ILE B 74 -50.80 -51.38 -24.84
CA ILE B 74 -52.01 -50.96 -25.53
C ILE B 74 -52.31 -51.98 -26.62
N TYR B 75 -53.57 -52.37 -26.75
CA TYR B 75 -54.00 -53.30 -27.77
C TYR B 75 -55.08 -52.68 -28.65
N GLN B 76 -55.19 -53.22 -29.86
CA GLN B 76 -56.35 -52.98 -30.71
C GLN B 76 -57.03 -54.33 -30.90
N LEU B 77 -58.23 -54.48 -30.36
CA LEU B 77 -58.91 -55.77 -30.31
C LEU B 77 -60.19 -55.75 -31.12
N LYS B 78 -60.66 -56.95 -31.45
CA LYS B 78 -61.92 -57.12 -32.18
C LYS B 78 -63.04 -57.65 -31.28
N ASP B 79 -62.74 -58.65 -30.46
CA ASP B 79 -63.69 -59.19 -29.51
C ASP B 79 -63.02 -59.32 -28.16
N ASN B 80 -63.64 -58.73 -27.14
CA ASN B 80 -63.03 -58.57 -25.83
C ASN B 80 -63.17 -59.80 -24.94
N ARG B 81 -63.53 -60.95 -25.50
CA ARG B 81 -63.70 -62.13 -24.65
C ARG B 81 -62.37 -62.78 -24.32
N SER B 82 -61.46 -62.88 -25.30
CA SER B 82 -60.20 -63.59 -25.11
C SER B 82 -59.29 -62.88 -24.12
N PHE B 83 -59.35 -61.55 -24.08
CA PHE B 83 -58.51 -60.79 -23.17
C PHE B 83 -59.11 -60.74 -21.77
N ASP B 84 -60.43 -60.63 -21.67
CA ASP B 84 -61.07 -60.57 -20.36
C ASP B 84 -61.03 -61.91 -19.65
N SER B 85 -61.00 -63.01 -20.40
CA SER B 85 -61.00 -64.34 -19.79
C SER B 85 -59.60 -64.86 -19.50
N ALA B 86 -58.57 -64.41 -20.21
CA ALA B 86 -57.21 -64.89 -19.96
C ALA B 86 -56.64 -64.24 -18.70
N ASP B 87 -55.67 -64.91 -18.10
CA ASP B 87 -55.21 -64.52 -16.78
C ASP B 87 -53.97 -63.63 -16.85
N TYR B 88 -53.55 -63.17 -15.67
CA TYR B 88 -52.49 -62.19 -15.54
C TYR B 88 -51.13 -62.77 -15.91
N GLN B 89 -50.93 -64.06 -15.65
CA GLN B 89 -49.63 -64.67 -15.89
C GLN B 89 -49.37 -64.85 -17.38
N ALA B 90 -50.37 -65.34 -18.12
CA ALA B 90 -50.14 -65.71 -19.50
C ALA B 90 -50.04 -64.50 -20.42
N LEU B 91 -50.46 -63.32 -19.98
CA LEU B 91 -50.23 -62.13 -20.79
C LEU B 91 -48.84 -61.57 -20.64
N PHE B 92 -47.94 -62.23 -19.92
CA PHE B 92 -46.55 -61.83 -19.95
C PHE B 92 -45.87 -62.28 -21.22
N THR B 93 -45.91 -63.58 -21.51
CA THR B 93 -45.26 -64.10 -22.70
C THR B 93 -46.23 -64.46 -23.81
N GLY B 94 -47.43 -64.91 -23.48
CA GLY B 94 -48.38 -65.22 -24.52
C GLY B 94 -49.19 -64.05 -25.04
N ASP B 95 -48.76 -62.82 -24.73
CA ASP B 95 -49.51 -61.63 -25.13
C ASP B 95 -49.54 -61.43 -26.64
N ASN B 96 -48.53 -61.92 -27.35
CA ASN B 96 -48.56 -61.92 -28.80
C ASN B 96 -49.19 -63.18 -29.37
N GLU B 97 -49.53 -64.14 -28.52
CA GLU B 97 -50.00 -65.44 -28.99
C GLU B 97 -51.38 -65.82 -28.48
N ILE B 98 -51.71 -65.51 -27.22
CA ILE B 98 -53.02 -65.89 -26.73
C ILE B 98 -54.10 -64.98 -27.29
N LEU B 99 -53.74 -63.80 -27.80
CA LEU B 99 -54.64 -62.97 -28.59
C LEU B 99 -54.36 -63.19 -30.07
N ALA B 100 -54.55 -64.44 -30.50
CA ALA B 100 -54.21 -64.86 -31.85
C ALA B 100 -55.23 -64.31 -32.84
N GLY B 101 -54.82 -63.32 -33.63
CA GLY B 101 -55.68 -62.67 -34.58
C GLY B 101 -56.46 -61.52 -34.01
N ASP B 102 -56.60 -61.45 -32.69
CA ASP B 102 -57.33 -60.36 -32.06
C ASP B 102 -56.55 -59.05 -32.10
N ILE B 103 -55.24 -59.12 -32.19
CA ILE B 103 -54.39 -57.94 -32.17
C ILE B 103 -54.23 -57.40 -33.59
N ILE B 104 -54.36 -56.08 -33.72
CA ILE B 104 -54.11 -55.42 -35.00
C ILE B 104 -52.90 -54.52 -34.85
N ALA B 105 -53.00 -53.54 -33.96
CA ALA B 105 -51.92 -52.61 -33.68
C ALA B 105 -51.62 -52.62 -32.19
N GLN B 106 -50.33 -52.67 -31.85
CA GLN B 106 -49.92 -52.78 -30.46
C GLN B 106 -49.02 -51.61 -30.12
N LYS B 107 -49.24 -51.01 -28.96
CA LYS B 107 -48.40 -49.94 -28.45
C LYS B 107 -47.90 -50.29 -27.06
N ASP B 108 -46.62 -49.97 -26.82
CA ASP B 108 -45.89 -50.42 -25.64
C ASP B 108 -45.30 -49.19 -24.95
N VAL B 109 -45.98 -48.67 -23.95
CA VAL B 109 -45.66 -47.35 -23.41
C VAL B 109 -45.23 -47.47 -21.97
N TRP B 110 -44.09 -46.84 -21.65
CA TRP B 110 -43.58 -46.77 -20.29
C TRP B 110 -44.43 -45.85 -19.43
N LEU B 111 -44.16 -45.88 -18.14
CA LEU B 111 -44.84 -45.00 -17.19
C LEU B 111 -43.93 -44.88 -15.97
N GLN B 112 -43.34 -43.77 -15.81
CA GLN B 112 -42.47 -43.52 -14.67
C GLN B 112 -43.29 -42.96 -13.51
N PRO B 113 -42.93 -43.28 -12.26
CA PRO B 113 -43.89 -43.13 -11.15
C PRO B 113 -44.14 -41.68 -10.81
N GLY B 114 -45.42 -41.31 -10.75
CA GLY B 114 -45.82 -39.93 -10.67
C GLY B 114 -45.94 -39.24 -12.01
N GLY B 115 -45.34 -39.79 -13.05
CA GLY B 115 -45.33 -39.18 -14.36
C GLY B 115 -46.61 -39.42 -15.11
N SER B 116 -46.58 -39.13 -16.40
CA SER B 116 -47.73 -39.28 -17.27
C SER B 116 -47.22 -39.44 -18.69
N VAL B 117 -48.13 -39.84 -19.58
CA VAL B 117 -47.82 -40.00 -20.99
C VAL B 117 -49.12 -39.93 -21.79
N ALA B 118 -49.05 -39.36 -22.97
CA ALA B 118 -50.15 -39.32 -23.91
C ALA B 118 -49.75 -40.01 -25.20
N VAL B 119 -50.65 -40.86 -25.72
CA VAL B 119 -50.40 -41.61 -26.95
C VAL B 119 -51.53 -41.38 -27.94
N ASP B 120 -51.17 -41.07 -29.18
CA ASP B 120 -52.13 -40.81 -30.25
C ASP B 120 -51.79 -41.75 -31.39
N MET B 121 -52.30 -42.95 -31.32
CA MET B 121 -52.00 -43.88 -32.39
C MET B 121 -53.19 -44.00 -33.33
N PRO B 122 -52.95 -44.20 -34.64
CA PRO B 122 -54.07 -44.27 -35.58
C PRO B 122 -54.86 -45.55 -35.38
N LEU B 123 -56.16 -45.39 -35.22
CA LEU B 123 -57.04 -46.52 -34.94
C LEU B 123 -57.48 -47.16 -36.25
N ASP B 124 -57.27 -48.47 -36.36
CA ASP B 124 -57.76 -49.20 -37.52
C ASP B 124 -59.26 -49.37 -37.43
N ASP B 125 -59.93 -49.29 -38.58
CA ASP B 125 -61.38 -49.25 -38.60
C ASP B 125 -62.00 -50.58 -38.21
N ALA B 126 -61.28 -51.68 -38.43
CA ALA B 126 -61.83 -52.99 -38.10
C ALA B 126 -61.82 -53.29 -36.61
N ALA B 127 -60.98 -52.60 -35.83
CA ALA B 127 -60.84 -52.90 -34.42
C ALA B 127 -62.06 -52.41 -33.66
N LYS B 128 -62.70 -53.32 -32.92
CA LYS B 128 -63.90 -52.99 -32.17
C LYS B 128 -63.64 -52.86 -30.68
N PHE B 129 -62.43 -53.12 -30.22
CA PHE B 129 -62.10 -52.98 -28.80
C PHE B 129 -60.66 -52.51 -28.65
N THR B 130 -60.38 -51.92 -27.50
CA THR B 130 -59.05 -51.41 -27.16
C THR B 130 -58.65 -51.95 -25.80
N GLY B 131 -57.57 -52.72 -25.78
CA GLY B 131 -57.10 -53.35 -24.55
C GLY B 131 -55.93 -52.60 -23.96
N VAL B 132 -56.06 -52.24 -22.68
CA VAL B 132 -55.01 -51.57 -21.93
C VAL B 132 -54.64 -52.49 -20.77
N ALA B 133 -53.39 -52.95 -20.76
CA ALA B 133 -52.94 -53.96 -19.82
C ALA B 133 -51.71 -53.45 -19.08
N ALA B 134 -51.87 -53.13 -17.80
CA ALA B 134 -50.75 -52.79 -16.95
C ALA B 134 -50.18 -54.07 -16.36
N MET B 135 -48.87 -54.08 -16.16
CA MET B 135 -48.19 -55.28 -15.69
C MET B 135 -47.40 -54.92 -14.43
N PHE B 136 -48.07 -54.99 -13.29
CA PHE B 136 -47.45 -54.66 -12.03
C PHE B 136 -46.53 -55.79 -11.57
N LEU B 137 -45.75 -55.51 -10.53
CA LEU B 137 -44.96 -56.56 -9.91
C LEU B 137 -45.84 -57.52 -9.13
N GLU B 138 -46.89 -57.00 -8.48
CA GLU B 138 -47.88 -57.85 -7.85
C GLU B 138 -49.25 -57.45 -8.37
N PRO B 139 -50.09 -58.39 -8.76
CA PRO B 139 -51.42 -58.04 -9.23
C PRO B 139 -52.45 -58.15 -8.13
N ASP B 140 -53.69 -57.80 -8.42
CA ASP B 140 -54.82 -58.19 -7.60
C ASP B 140 -55.81 -58.84 -8.57
N GLN B 141 -55.66 -60.15 -8.76
CA GLN B 141 -56.46 -60.86 -9.74
C GLN B 141 -57.89 -61.08 -9.27
N LYS B 142 -58.13 -60.94 -7.97
CA LYS B 142 -59.45 -61.25 -7.42
C LYS B 142 -60.46 -60.17 -7.79
N LYS B 143 -60.14 -58.91 -7.50
CA LYS B 143 -60.99 -57.82 -7.93
C LYS B 143 -60.86 -57.56 -9.42
N ASN B 144 -59.75 -58.00 -10.04
CA ASN B 144 -59.44 -57.79 -11.46
C ASN B 144 -59.50 -56.31 -11.84
N THR B 145 -58.59 -55.55 -11.27
CA THR B 145 -58.55 -54.11 -11.50
C THR B 145 -57.31 -53.67 -12.26
N TRP B 146 -56.59 -54.60 -12.87
CA TRP B 146 -55.35 -54.28 -13.56
C TRP B 146 -55.54 -54.08 -15.06
N ARG B 147 -56.77 -53.93 -15.53
CA ARG B 147 -57.02 -53.78 -16.94
C ARG B 147 -58.30 -52.98 -17.14
N VAL B 148 -58.39 -52.34 -18.30
CA VAL B 148 -59.65 -51.76 -18.76
C VAL B 148 -59.89 -52.20 -20.19
N VAL B 149 -61.16 -52.29 -20.56
CA VAL B 149 -61.58 -52.53 -21.92
C VAL B 149 -62.49 -51.39 -22.31
N LEU B 150 -62.00 -50.49 -23.16
CA LEU B 150 -62.76 -49.34 -23.60
C LEU B 150 -63.49 -49.71 -24.90
N GLY B 151 -64.81 -49.55 -24.89
CA GLY B 151 -65.57 -49.74 -26.10
C GLY B 151 -65.34 -48.61 -27.09
N ARG B 152 -65.48 -48.94 -28.38
CA ARG B 152 -65.12 -48.00 -29.42
C ARG B 152 -66.07 -46.81 -29.48
N ASP B 153 -67.33 -47.00 -29.09
CA ASP B 153 -68.27 -45.89 -29.06
C ASP B 153 -67.97 -44.91 -27.93
N GLU B 154 -67.24 -45.34 -26.90
CA GLU B 154 -66.95 -44.48 -25.76
C GLU B 154 -65.93 -43.40 -26.05
N LEU B 155 -65.16 -43.53 -27.13
CA LEU B 155 -64.05 -42.62 -27.38
C LEU B 155 -64.59 -41.30 -27.91
N GLU B 156 -64.44 -40.25 -27.13
CA GLU B 156 -64.70 -38.91 -27.63
C GLU B 156 -63.68 -38.56 -28.70
N PRO B 157 -64.08 -37.83 -29.75
CA PRO B 157 -63.16 -37.59 -30.87
C PRO B 157 -61.96 -36.72 -30.55
N ASP B 158 -62.16 -35.62 -29.83
CA ASP B 158 -61.04 -34.73 -29.52
C ASP B 158 -60.55 -34.85 -28.09
N THR B 159 -61.45 -35.03 -27.13
CA THR B 159 -61.10 -35.03 -25.72
C THR B 159 -60.75 -36.45 -25.27
N PRO B 160 -59.50 -36.74 -24.94
CA PRO B 160 -59.15 -38.13 -24.60
C PRO B 160 -59.61 -38.51 -23.20
N ARG B 161 -59.36 -39.77 -22.88
CA ARG B 161 -59.79 -40.36 -21.61
C ARG B 161 -58.59 -40.68 -20.74
N LEU B 162 -58.60 -40.17 -19.52
CA LEU B 162 -57.50 -40.44 -18.61
C LEU B 162 -57.67 -41.83 -18.01
N ILE B 163 -56.54 -42.46 -17.68
CA ILE B 163 -56.52 -43.74 -16.99
C ILE B 163 -55.65 -43.55 -15.75
N GLU B 164 -56.27 -43.18 -14.64
CA GLU B 164 -55.51 -42.90 -13.42
C GLU B 164 -55.06 -44.21 -12.78
N VAL B 165 -53.78 -44.29 -12.46
CA VAL B 165 -53.20 -45.46 -11.80
C VAL B 165 -52.90 -45.08 -10.36
N SER B 166 -53.47 -45.84 -9.43
CA SER B 166 -53.25 -45.61 -8.01
C SER B 166 -52.96 -46.94 -7.32
N GLY B 167 -51.87 -46.99 -6.57
CA GLY B 167 -51.46 -48.22 -5.94
C GLY B 167 -51.02 -49.24 -6.98
N ASN B 168 -51.75 -50.34 -7.07
CA ASN B 168 -51.52 -51.32 -8.12
C ASN B 168 -52.78 -51.57 -8.95
N THR B 169 -53.64 -50.57 -9.07
CA THR B 169 -54.93 -50.69 -9.74
C THR B 169 -55.00 -49.72 -10.91
N LEU B 170 -55.77 -50.08 -11.92
CA LEU B 170 -56.12 -49.13 -12.97
C LEU B 170 -57.54 -48.64 -12.75
N THR B 171 -57.81 -47.44 -13.24
CA THR B 171 -59.12 -46.82 -13.09
C THR B 171 -59.38 -45.96 -14.32
N LEU B 172 -60.61 -45.94 -14.79
CA LEU B 172 -61.00 -45.09 -15.90
C LEU B 172 -61.84 -43.94 -15.34
N LEU B 173 -61.40 -42.71 -15.57
CA LEU B 173 -62.04 -41.54 -14.99
C LEU B 173 -63.25 -41.14 -15.81
N PRO B 174 -64.20 -40.41 -15.22
CA PRO B 174 -65.35 -39.90 -15.98
C PRO B 174 -64.97 -38.83 -16.98
N VAL B 175 -65.92 -38.51 -17.83
CA VAL B 175 -65.70 -37.60 -18.95
C VAL B 175 -66.26 -36.24 -18.59
N LYS B 176 -65.45 -35.20 -18.75
CA LYS B 176 -65.85 -33.84 -18.45
C LYS B 176 -65.07 -32.88 -19.35
N ASP B 177 -65.79 -31.96 -19.98
CA ASP B 177 -65.18 -31.03 -20.93
C ASP B 177 -65.93 -29.70 -20.86
N LYS B 178 -65.63 -28.81 -21.81
CA LYS B 178 -66.30 -27.52 -21.90
C LYS B 178 -67.71 -27.68 -22.45
N ARG C 44 -84.36 -0.28 5.45
CA ARG C 44 -85.67 -0.91 5.46
C ARG C 44 -85.97 -1.52 6.82
N GLN C 45 -84.93 -2.10 7.42
CA GLN C 45 -85.07 -2.77 8.70
C GLN C 45 -83.74 -2.69 9.46
N ILE C 46 -83.79 -3.09 10.72
CA ILE C 46 -82.67 -2.97 11.64
C ILE C 46 -81.72 -4.15 11.55
N LYS C 47 -82.06 -5.12 10.68
CA LYS C 47 -81.81 -6.56 10.83
C LYS C 47 -80.49 -6.95 11.49
N THR C 48 -79.38 -6.38 11.05
CA THR C 48 -78.08 -6.68 11.64
C THR C 48 -77.56 -5.47 12.39
N LEU C 49 -76.98 -5.73 13.57
CA LEU C 49 -76.50 -4.67 14.44
C LEU C 49 -75.14 -4.18 13.97
N HIS C 50 -75.02 -2.86 13.81
CA HIS C 50 -73.74 -2.22 13.54
C HIS C 50 -73.43 -1.28 14.69
N LEU C 51 -72.31 -1.52 15.37
CA LEU C 51 -71.96 -0.77 16.57
C LEU C 51 -70.45 -0.71 16.68
N ASP C 52 -69.97 0.37 17.31
CA ASP C 52 -68.53 0.58 17.44
C ASP C 52 -68.22 1.55 18.55
N ILE C 53 -67.09 1.31 19.22
CA ILE C 53 -66.73 2.00 20.45
C ILE C 53 -65.37 2.64 20.25
N ARG C 54 -65.26 3.93 20.51
CA ARG C 54 -64.00 4.66 20.45
C ARG C 54 -63.66 5.17 21.84
N ALA C 55 -62.68 4.56 22.48
CA ALA C 55 -62.23 5.06 23.77
C ALA C 55 -61.32 6.26 23.57
N ARG C 56 -61.27 7.12 24.58
CA ARG C 56 -60.28 8.16 24.60
C ARG C 56 -59.01 7.62 25.24
N GLU C 57 -57.98 8.45 25.31
CA GLU C 57 -56.68 7.98 25.75
C GLU C 57 -56.59 7.78 27.26
N ALA C 58 -57.52 8.33 28.04
CA ALA C 58 -57.46 8.20 29.49
C ALA C 58 -58.73 7.52 29.97
N ILE C 59 -58.73 6.19 29.93
CA ILE C 59 -59.86 5.39 30.38
C ILE C 59 -59.39 4.46 31.49
N ASN C 60 -60.30 4.18 32.42
CA ASN C 60 -60.13 3.19 33.49
C ASN C 60 -58.88 3.46 34.32
N THR C 61 -58.68 4.71 34.70
CA THR C 61 -57.44 5.14 35.33
C THR C 61 -57.37 4.61 36.75
N SER C 62 -56.21 4.06 37.11
CA SER C 62 -56.00 3.50 38.44
C SER C 62 -55.61 4.62 39.41
N ALA C 63 -55.11 4.23 40.58
CA ALA C 63 -54.79 5.20 41.62
C ALA C 63 -53.55 6.01 41.29
N ALA C 64 -52.65 5.48 40.47
CA ALA C 64 -51.44 6.19 40.10
C ALA C 64 -51.60 7.01 38.82
N GLY C 65 -52.82 7.12 38.28
CA GLY C 65 -53.03 7.82 37.04
C GLY C 65 -52.76 7.01 35.80
N ILE C 66 -52.49 5.72 35.93
CA ILE C 66 -52.13 4.87 34.79
C ILE C 66 -53.39 4.34 34.14
N PRO C 67 -53.63 4.63 32.86
CA PRO C 67 -54.81 4.07 32.18
C PRO C 67 -54.59 2.62 31.80
N LEU C 68 -55.18 1.71 32.55
CA LEU C 68 -55.24 0.30 32.18
C LEU C 68 -56.43 0.08 31.27
N SER C 69 -56.39 -1.00 30.53
CA SER C 69 -57.46 -1.23 29.56
C SER C 69 -58.70 -1.78 30.25
N VAL C 70 -59.85 -1.50 29.66
CA VAL C 70 -61.13 -1.82 30.27
C VAL C 70 -61.89 -2.74 29.32
N VAL C 71 -62.83 -3.48 29.88
CA VAL C 71 -63.64 -4.42 29.12
C VAL C 71 -65.08 -3.93 29.13
N VAL C 72 -65.72 -3.97 27.97
CA VAL C 72 -67.15 -3.69 27.87
C VAL C 72 -67.85 -4.95 27.45
N ARG C 73 -69.15 -5.00 27.72
CA ARG C 73 -69.95 -6.16 27.38
C ARG C 73 -71.19 -5.69 26.65
N ILE C 74 -71.68 -6.52 25.74
CA ILE C 74 -72.82 -6.20 24.90
C ILE C 74 -73.93 -7.20 25.19
N TYR C 75 -75.17 -6.71 25.27
CA TYR C 75 -76.31 -7.57 25.52
C TYR C 75 -77.34 -7.42 24.41
N GLN C 76 -78.20 -8.43 24.29
CA GLN C 76 -79.42 -8.36 23.51
C GLN C 76 -80.58 -8.55 24.47
N LEU C 77 -81.28 -7.47 24.78
CA LEU C 77 -82.28 -7.48 25.84
C LEU C 77 -83.68 -7.33 25.25
N LYS C 78 -84.67 -7.69 26.06
CA LYS C 78 -86.08 -7.60 25.68
C LYS C 78 -86.81 -6.51 26.43
N ASP C 79 -86.56 -6.37 27.73
CA ASP C 79 -87.13 -5.31 28.53
C ASP C 79 -86.01 -4.69 29.37
N ASN C 80 -85.86 -3.38 29.25
CA ASN C 80 -84.72 -2.67 29.81
C ASN C 80 -84.89 -2.32 31.28
N ARG C 81 -85.84 -2.93 31.99
CA ARG C 81 -86.05 -2.57 33.38
C ARG C 81 -85.05 -3.28 34.29
N SER C 82 -84.81 -4.58 34.06
CA SER C 82 -83.97 -5.37 34.94
C SER C 82 -82.52 -4.93 34.92
N PHE C 83 -82.04 -4.44 33.77
CA PHE C 83 -80.67 -3.99 33.66
C PHE C 83 -80.50 -2.58 34.20
N ASP C 84 -81.50 -1.72 33.96
CA ASP C 84 -81.40 -0.34 34.46
C ASP C 84 -81.57 -0.28 35.97
N SER C 85 -82.29 -1.23 36.57
CA SER C 85 -82.50 -1.21 38.00
C SER C 85 -81.44 -1.96 38.79
N ALA C 86 -80.76 -2.93 38.21
CA ALA C 86 -79.73 -3.67 38.93
C ALA C 86 -78.46 -2.83 39.03
N ASP C 87 -77.64 -3.15 40.03
CA ASP C 87 -76.53 -2.28 40.36
C ASP C 87 -75.22 -2.75 39.73
N TYR C 88 -74.17 -1.95 39.96
CA TYR C 88 -72.88 -2.14 39.33
C TYR C 88 -72.18 -3.38 39.85
N GLN C 89 -72.40 -3.72 41.11
CA GLN C 89 -71.70 -4.85 41.71
C GLN C 89 -72.22 -6.18 41.18
N ALA C 90 -73.54 -6.31 41.08
CA ALA C 90 -74.13 -7.59 40.74
C ALA C 90 -73.95 -7.96 39.27
N LEU C 91 -73.62 -7.00 38.42
CA LEU C 91 -73.33 -7.33 37.03
C LEU C 91 -71.91 -7.84 36.82
N PHE C 92 -71.16 -8.08 37.89
CA PHE C 92 -69.88 -8.76 37.72
C PHE C 92 -70.06 -10.27 37.63
N THR C 93 -70.76 -10.87 38.58
CA THR C 93 -70.97 -12.32 38.56
C THR C 93 -72.38 -12.71 38.22
N GLY C 94 -73.38 -11.92 38.61
CA GLY C 94 -74.74 -12.26 38.26
C GLY C 94 -75.18 -11.79 36.90
N ASP C 95 -74.25 -11.38 36.04
CA ASP C 95 -74.57 -10.85 34.72
C ASP C 95 -75.19 -11.89 33.81
N ASN C 96 -74.87 -13.16 34.01
CA ASN C 96 -75.56 -14.22 33.29
C ASN C 96 -76.80 -14.70 34.02
N GLU C 97 -77.05 -14.20 35.22
CA GLU C 97 -78.13 -14.71 36.05
C GLU C 97 -79.16 -13.67 36.44
N ILE C 98 -78.75 -12.44 36.73
CA ILE C 98 -79.74 -11.43 37.10
C ILE C 98 -80.54 -10.96 35.90
N LEU C 99 -80.03 -11.18 34.69
CA LEU C 99 -80.81 -11.00 33.47
C LEU C 99 -81.32 -12.35 32.99
N ALA C 100 -82.13 -12.97 33.84
CA ALA C 100 -82.62 -14.32 33.63
C ALA C 100 -83.68 -14.31 32.53
N GLY C 101 -83.31 -14.80 31.34
CA GLY C 101 -84.18 -14.80 30.20
C GLY C 101 -84.14 -13.52 29.38
N ASP C 102 -83.61 -12.44 29.95
CA ASP C 102 -83.53 -11.18 29.22
C ASP C 102 -82.43 -11.22 28.16
N ILE C 103 -81.41 -12.04 28.37
CA ILE C 103 -80.30 -12.13 27.43
C ILE C 103 -80.66 -13.05 26.28
N ILE C 104 -80.35 -12.60 25.06
CA ILE C 104 -80.56 -13.43 23.88
C ILE C 104 -79.20 -13.81 23.31
N ALA C 105 -78.42 -12.82 22.90
CA ALA C 105 -77.06 -13.01 22.42
C ALA C 105 -76.14 -12.07 23.17
N GLN C 106 -74.99 -12.59 23.59
CA GLN C 106 -74.06 -11.81 24.40
C GLN C 106 -72.76 -11.64 23.66
N LYS C 107 -72.23 -10.42 23.68
CA LYS C 107 -70.91 -10.13 23.16
C LYS C 107 -70.10 -9.40 24.22
N ASP C 108 -68.79 -9.61 24.21
CA ASP C 108 -67.91 -9.19 25.29
C ASP C 108 -66.53 -8.86 24.71
N VAL C 109 -66.30 -7.58 24.43
CA VAL C 109 -65.20 -7.16 23.59
C VAL C 109 -64.26 -6.27 24.40
N TRP C 110 -62.96 -6.48 24.21
CA TRP C 110 -61.92 -5.71 24.88
C TRP C 110 -61.89 -4.27 24.37
N LEU C 111 -61.12 -3.45 25.06
CA LEU C 111 -60.94 -2.05 24.68
C LEU C 111 -59.60 -1.59 25.26
N GLN C 112 -58.63 -1.52 24.44
CA GLN C 112 -57.33 -1.06 24.89
C GLN C 112 -57.27 0.46 24.85
N PRO C 113 -56.54 1.10 25.77
CA PRO C 113 -56.77 2.54 26.04
C PRO C 113 -56.26 3.42 24.92
N GLY C 114 -57.12 4.30 24.44
CA GLY C 114 -56.90 5.04 23.24
C GLY C 114 -57.35 4.33 21.98
N GLY C 115 -57.49 3.02 22.03
CA GLY C 115 -57.87 2.23 20.87
C GLY C 115 -59.36 2.30 20.60
N SER C 116 -59.81 1.41 19.73
CA SER C 116 -61.20 1.35 19.33
C SER C 116 -61.50 -0.05 18.85
N VAL C 117 -62.78 -0.35 18.68
CA VAL C 117 -63.21 -1.64 18.14
C VAL C 117 -64.61 -1.46 17.56
N ALA C 118 -64.89 -2.19 16.49
CA ALA C 118 -66.20 -2.23 15.89
C ALA C 118 -66.71 -3.67 15.89
N VAL C 119 -67.97 -3.84 16.28
CA VAL C 119 -68.59 -5.16 16.35
C VAL C 119 -69.87 -5.16 15.51
N ASP C 120 -70.02 -6.20 14.69
CA ASP C 120 -71.17 -6.35 13.80
C ASP C 120 -71.77 -7.71 14.09
N MET C 121 -72.62 -7.77 15.09
CA MET C 121 -73.21 -9.06 15.40
C MET C 121 -74.64 -9.14 14.86
N PRO C 122 -75.11 -10.32 14.49
CA PRO C 122 -76.47 -10.43 13.97
C PRO C 122 -77.49 -10.23 15.09
N LEU C 123 -78.43 -9.33 14.86
CA LEU C 123 -79.44 -8.99 15.84
C LEU C 123 -80.61 -9.95 15.72
N ASP C 124 -80.99 -10.57 16.83
CA ASP C 124 -82.17 -11.42 16.86
C ASP C 124 -83.42 -10.55 16.83
N ASP C 125 -84.45 -11.03 16.15
CA ASP C 125 -85.64 -10.22 15.91
C ASP C 125 -86.44 -10.00 17.19
N ALA C 126 -86.35 -10.91 18.15
CA ALA C 126 -87.12 -10.77 19.36
C ALA C 126 -86.51 -9.75 20.32
N ALA C 127 -85.24 -9.41 20.17
CA ALA C 127 -84.58 -8.51 21.10
C ALA C 127 -85.06 -7.07 20.88
N LYS C 128 -85.65 -6.48 21.91
CA LYS C 128 -86.15 -5.12 21.83
C LYS C 128 -85.24 -4.11 22.47
N PHE C 129 -84.13 -4.53 23.08
CA PHE C 129 -83.19 -3.61 23.69
C PHE C 129 -81.77 -4.15 23.55
N THR C 130 -80.81 -3.24 23.60
CA THR C 130 -79.40 -3.57 23.51
C THR C 130 -78.67 -2.95 24.69
N GLY C 131 -78.09 -3.79 25.53
CA GLY C 131 -77.39 -3.33 26.73
C GLY C 131 -75.89 -3.33 26.51
N VAL C 132 -75.28 -2.19 26.83
CA VAL C 132 -73.84 -2.01 26.74
C VAL C 132 -73.33 -1.67 28.13
N ALA C 133 -72.49 -2.54 28.68
CA ALA C 133 -72.06 -2.44 30.07
C ALA C 133 -70.55 -2.39 30.13
N ALA C 134 -70.02 -1.23 30.53
CA ALA C 134 -68.60 -1.10 30.80
C ALA C 134 -68.34 -1.40 32.27
N MET C 135 -67.20 -1.99 32.55
CA MET C 135 -66.87 -2.42 33.90
C MET C 135 -65.54 -1.80 34.29
N PHE C 136 -65.59 -0.58 34.80
CA PHE C 136 -64.39 0.12 35.19
C PHE C 136 -63.87 -0.42 36.52
N LEU C 137 -62.67 0.01 36.89
CA LEU C 137 -62.14 -0.33 38.21
C LEU C 137 -62.86 0.44 39.30
N GLU C 138 -63.22 1.69 39.02
CA GLU C 138 -64.06 2.47 39.91
C GLU C 138 -65.25 3.00 39.13
N PRO C 139 -66.46 2.87 39.64
CA PRO C 139 -67.61 3.41 38.93
C PRO C 139 -67.98 4.80 39.42
N ASP C 140 -68.98 5.41 38.79
CA ASP C 140 -69.68 6.54 39.38
C ASP C 140 -71.15 6.15 39.33
N GLN C 141 -71.61 5.49 40.39
CA GLN C 141 -72.96 4.96 40.42
C GLN C 141 -74.00 6.05 40.63
N LYS C 142 -73.58 7.22 41.12
CA LYS C 142 -74.52 8.27 41.47
C LYS C 142 -75.09 8.93 40.22
N LYS C 143 -74.22 9.37 39.31
CA LYS C 143 -74.69 9.88 38.04
C LYS C 143 -75.16 8.78 37.11
N ASN C 144 -74.72 7.54 37.34
CA ASN C 144 -75.03 6.35 36.53
C ASN C 144 -74.68 6.57 35.07
N THR C 145 -73.39 6.75 34.80
CA THR C 145 -72.91 7.00 33.45
C THR C 145 -72.10 5.85 32.89
N TRP C 146 -72.14 4.68 33.53
CA TRP C 146 -71.34 3.55 33.11
C TRP C 146 -72.08 2.61 32.19
N ARG C 147 -73.25 3.01 31.68
CA ARG C 147 -74.03 2.14 30.82
C ARG C 147 -74.85 2.98 29.87
N VAL C 148 -75.22 2.39 28.74
CA VAL C 148 -76.22 2.96 27.86
C VAL C 148 -77.21 1.87 27.47
N VAL C 149 -78.45 2.30 27.22
CA VAL C 149 -79.50 1.44 26.70
C VAL C 149 -79.95 2.05 25.39
N LEU C 150 -79.63 1.41 24.29
CA LEU C 150 -80.01 1.90 22.96
C LEU C 150 -81.31 1.23 22.55
N GLY C 151 -82.31 2.03 22.20
CA GLY C 151 -83.54 1.49 21.68
C GLY C 151 -83.37 0.97 20.26
N ARG C 152 -84.20 -0.01 19.91
CA ARG C 152 -84.03 -0.69 18.63
C ARG C 152 -84.38 0.21 17.46
N ASP C 153 -85.31 1.14 17.65
CA ASP C 153 -85.62 2.08 16.58
C ASP C 153 -84.51 3.09 16.34
N GLU C 154 -83.64 3.30 17.32
CA GLU C 154 -82.55 4.26 17.18
C GLU C 154 -81.45 3.80 16.25
N LEU C 155 -81.37 2.51 15.95
CA LEU C 155 -80.25 1.96 15.19
C LEU C 155 -80.42 2.33 13.72
N GLU C 156 -79.54 3.19 13.23
CA GLU C 156 -79.47 3.43 11.80
C GLU C 156 -78.99 2.17 11.10
N PRO C 157 -79.51 1.87 9.90
CA PRO C 157 -79.21 0.58 9.27
C PRO C 157 -77.76 0.40 8.83
N ASP C 158 -77.17 1.41 8.19
CA ASP C 158 -75.81 1.28 7.72
C ASP C 158 -74.79 2.04 8.56
N THR C 159 -75.16 3.21 9.08
CA THR C 159 -74.23 4.06 9.80
C THR C 159 -74.28 3.73 11.27
N PRO C 160 -73.23 3.17 11.86
CA PRO C 160 -73.29 2.77 13.27
C PRO C 160 -73.19 3.96 14.21
N ARG C 161 -73.34 3.66 15.50
CA ARG C 161 -73.33 4.67 16.54
C ARG C 161 -72.07 4.54 17.39
N LEU C 162 -71.30 5.62 17.49
CA LEU C 162 -70.11 5.60 18.32
C LEU C 162 -70.50 5.69 19.78
N ILE C 163 -69.69 5.07 20.64
CA ILE C 163 -69.86 5.15 22.08
C ILE C 163 -68.53 5.64 22.63
N GLU C 164 -68.38 6.95 22.77
CA GLU C 164 -67.11 7.52 23.21
C GLU C 164 -66.94 7.32 24.70
N VAL C 165 -65.78 6.83 25.12
CA VAL C 165 -65.47 6.55 26.50
C VAL C 165 -64.43 7.56 26.97
N SER C 166 -64.78 8.39 27.93
CA SER C 166 -63.88 9.41 28.46
C SER C 166 -63.83 9.30 29.97
N GLY C 167 -62.63 9.26 30.53
CA GLY C 167 -62.47 9.10 31.96
C GLY C 167 -62.94 7.75 32.41
N ASN C 168 -64.01 7.72 33.20
CA ASN C 168 -64.66 6.48 33.59
C ASN C 168 -66.15 6.49 33.25
N THR C 169 -66.52 7.20 32.19
CA THR C 169 -67.91 7.39 31.80
C THR C 169 -68.13 6.87 30.39
N LEU C 170 -69.36 6.48 30.10
CA LEU C 170 -69.75 6.20 28.73
C LEU C 170 -70.63 7.33 28.21
N THR C 171 -70.60 7.52 26.90
CA THR C 171 -71.38 8.57 26.26
C THR C 171 -71.81 8.07 24.91
N LEU C 172 -73.04 8.40 24.50
CA LEU C 172 -73.53 8.06 23.18
C LEU C 172 -73.52 9.33 22.34
N LEU C 173 -72.79 9.31 21.24
CA LEU C 173 -72.60 10.49 20.41
C LEU C 173 -73.81 10.72 19.52
N PRO C 174 -74.01 11.95 19.05
CA PRO C 174 -75.10 12.22 18.10
C PRO C 174 -74.85 11.59 16.74
N VAL C 175 -75.89 11.61 15.92
CA VAL C 175 -75.90 10.95 14.63
C VAL C 175 -75.67 11.99 13.54
N LYS C 176 -74.70 11.73 12.67
CA LYS C 176 -74.37 12.63 11.58
C LYS C 176 -73.78 11.82 10.43
N ASP C 177 -74.29 12.06 9.23
CA ASP C 177 -73.87 11.30 8.05
C ASP C 177 -73.93 12.21 6.83
N LYS C 178 -73.78 11.61 5.65
CA LYS C 178 -73.87 12.35 4.39
C LYS C 178 -75.31 12.72 4.07
N ARG D 44 -66.01 52.13 -8.56
CA ARG D 44 -67.30 52.69 -8.20
C ARG D 44 -67.16 53.68 -7.05
N GLN D 45 -66.26 53.35 -6.13
CA GLN D 45 -66.07 54.16 -4.94
C GLN D 45 -64.63 54.01 -4.46
N ILE D 46 -64.26 54.89 -3.53
CA ILE D 46 -62.89 55.02 -3.04
C ILE D 46 -62.58 54.02 -1.93
N LYS D 47 -63.60 53.24 -1.54
CA LYS D 47 -63.83 52.75 -0.17
C LYS D 47 -62.60 52.38 0.65
N THR D 48 -61.70 51.61 0.09
CA THR D 48 -60.48 51.21 0.80
C THR D 48 -59.26 51.86 0.18
N LEU D 49 -58.37 52.35 1.03
CA LEU D 49 -57.18 53.05 0.58
C LEU D 49 -56.12 52.06 0.12
N HIS D 50 -55.59 52.28 -1.08
CA HIS D 50 -54.43 51.55 -1.56
C HIS D 50 -53.31 52.54 -1.78
N LEU D 51 -52.20 52.34 -1.07
CA LEU D 51 -51.10 53.29 -1.08
C LEU D 51 -49.79 52.54 -0.87
N ASP D 52 -48.72 53.08 -1.44
CA ASP D 52 -47.42 52.43 -1.37
C ASP D 52 -46.29 53.42 -1.64
N ILE D 53 -45.17 53.19 -0.96
CA ILE D 53 -44.07 54.14 -0.92
C ILE D 53 -42.81 53.41 -1.38
N ARG D 54 -42.12 53.98 -2.36
CA ARG D 54 -40.85 53.46 -2.84
C ARG D 54 -39.78 54.50 -2.56
N ALA D 55 -38.87 54.18 -1.64
CA ALA D 55 -37.75 55.07 -1.40
C ALA D 55 -36.64 54.80 -2.40
N ARG D 56 -35.83 55.81 -2.66
CA ARG D 56 -34.62 55.59 -3.41
C ARG D 56 -33.51 55.18 -2.46
N GLU D 57 -32.33 54.91 -3.00
CA GLU D 57 -31.26 54.34 -2.19
C GLU D 57 -30.59 55.38 -1.30
N ALA D 58 -30.80 56.66 -1.52
CA ALA D 58 -30.16 57.69 -0.71
C ALA D 58 -31.23 58.56 -0.07
N ILE D 59 -31.75 58.09 1.06
CA ILE D 59 -32.77 58.81 1.81
C ILE D 59 -32.24 59.07 3.21
N ASN D 60 -32.67 60.21 3.78
CA ASN D 60 -32.42 60.59 5.17
C ASN D 60 -30.92 60.59 5.51
N THR D 61 -30.13 61.17 4.62
CA THR D 61 -28.68 61.06 4.72
C THR D 61 -28.17 61.89 5.88
N SER D 62 -27.30 61.29 6.69
CA SER D 62 -26.74 61.95 7.86
C SER D 62 -25.55 62.83 7.45
N ALA D 63 -24.76 63.25 8.44
CA ALA D 63 -23.69 64.19 8.18
C ALA D 63 -22.52 63.55 7.43
N ALA D 64 -22.33 62.25 7.59
CA ALA D 64 -21.24 61.56 6.90
C ALA D 64 -21.66 60.95 5.57
N GLY D 65 -22.84 61.31 5.05
CA GLY D 65 -23.32 60.72 3.82
C GLY D 65 -23.96 59.37 3.98
N ILE D 66 -24.19 58.91 5.20
CA ILE D 66 -24.72 57.58 5.45
C ILE D 66 -26.24 57.62 5.39
N PRO D 67 -26.88 56.86 4.49
CA PRO D 67 -28.34 56.84 4.46
C PRO D 67 -28.89 55.97 5.58
N LEU D 68 -29.40 56.59 6.62
CA LEU D 68 -30.12 55.90 7.68
C LEU D 68 -31.58 55.81 7.30
N SER D 69 -32.28 54.86 7.90
CA SER D 69 -33.67 54.65 7.53
C SER D 69 -34.55 55.71 8.17
N VAL D 70 -35.67 55.99 7.51
CA VAL D 70 -36.56 57.07 7.92
C VAL D 70 -37.94 56.48 8.13
N VAL D 71 -38.75 57.18 8.93
CA VAL D 71 -40.11 56.75 9.22
C VAL D 71 -41.07 57.77 8.62
N VAL D 72 -42.09 57.28 7.95
CA VAL D 72 -43.18 58.10 7.48
C VAL D 72 -44.40 57.79 8.32
N ARG D 73 -45.36 58.71 8.30
CA ARG D 73 -46.58 58.54 9.04
C ARG D 73 -47.75 58.84 8.13
N ILE D 74 -48.87 58.17 8.37
CA ILE D 74 -50.05 58.28 7.53
C ILE D 74 -51.19 58.82 8.38
N TYR D 75 -51.94 59.76 7.83
CA TYR D 75 -53.08 60.34 8.50
C TYR D 75 -54.37 60.15 7.70
N GLN D 76 -55.50 60.18 8.40
CA GLN D 76 -56.81 60.33 7.78
C GLN D 76 -57.38 61.65 8.29
N LEU D 77 -57.50 62.63 7.40
CA LEU D 77 -57.85 63.99 7.78
C LEU D 77 -59.20 64.39 7.19
N LYS D 78 -59.77 65.45 7.75
CA LYS D 78 -61.03 66.00 7.28
C LYS D 78 -60.83 67.32 6.55
N ASP D 79 -60.01 68.22 7.11
CA ASP D 79 -59.69 69.49 6.49
C ASP D 79 -58.18 69.68 6.53
N ASN D 80 -57.59 69.95 5.37
CA ASN D 80 -56.15 69.94 5.20
C ASN D 80 -55.49 71.26 5.59
N ARG D 81 -56.19 72.15 6.29
CA ARG D 81 -55.60 73.43 6.64
C ARG D 81 -54.67 73.31 7.84
N SER D 82 -55.07 72.54 8.85
CA SER D 82 -54.31 72.44 10.09
C SER D 82 -52.97 71.75 9.88
N PHE D 83 -52.90 70.79 8.97
CA PHE D 83 -51.67 70.08 8.71
C PHE D 83 -50.76 70.85 7.77
N ASP D 84 -51.34 71.54 6.78
CA ASP D 84 -50.52 72.31 5.85
C ASP D 84 -49.94 73.55 6.50
N SER D 85 -50.61 74.11 7.51
CA SER D 85 -50.12 75.31 8.16
C SER D 85 -49.18 75.05 9.33
N ALA D 86 -49.27 73.89 9.98
CA ALA D 86 -48.40 73.59 11.10
C ALA D 86 -47.01 73.22 10.62
N ASP D 87 -46.02 73.43 11.47
CA ASP D 87 -44.63 73.34 11.04
C ASP D 87 -44.03 71.96 11.32
N TYR D 88 -42.78 71.80 10.88
CA TYR D 88 -42.10 70.52 10.91
C TYR D 88 -41.75 70.11 12.33
N GLN D 89 -41.49 71.07 13.20
CA GLN D 89 -41.06 70.74 14.55
C GLN D 89 -42.22 70.21 15.38
N ALA D 90 -43.39 70.86 15.29
CA ALA D 90 -44.49 70.52 16.18
C ALA D 90 -45.18 69.24 15.79
N LEU D 91 -44.97 68.73 14.57
CA LEU D 91 -45.49 67.41 14.24
C LEU D 91 -44.63 66.28 14.75
N PHE D 92 -43.59 66.55 15.52
CA PHE D 92 -42.90 65.47 16.19
C PHE D 92 -43.69 64.99 17.41
N THR D 93 -43.99 65.89 18.33
CA THR D 93 -44.72 65.51 19.54
C THR D 93 -46.18 65.90 19.52
N GLY D 94 -46.52 67.03 18.89
CA GLY D 94 -47.91 67.42 18.85
C GLY D 94 -48.71 66.80 17.73
N ASP D 95 -48.19 65.75 17.09
CA ASP D 95 -48.87 65.12 15.97
C ASP D 95 -50.18 64.44 16.38
N ASN D 96 -50.29 64.02 17.62
CA ASN D 96 -51.57 63.52 18.12
C ASN D 96 -52.40 64.63 18.74
N GLU D 97 -51.88 65.84 18.83
CA GLU D 97 -52.58 66.92 19.51
C GLU D 97 -52.85 68.14 18.65
N ILE D 98 -51.92 68.52 17.78
CA ILE D 98 -52.17 69.70 16.95
C ILE D 98 -53.16 69.39 15.84
N LEU D 99 -53.37 68.11 15.52
CA LEU D 99 -54.46 67.69 14.66
C LEU D 99 -55.62 67.19 15.52
N ALA D 100 -56.13 68.11 16.35
CA ALA D 100 -57.14 67.78 17.35
C ALA D 100 -58.48 67.56 16.68
N GLY D 101 -58.91 66.30 16.61
CA GLY D 101 -60.15 65.92 15.97
C GLY D 101 -60.02 65.68 14.48
N ASP D 102 -58.93 66.17 13.86
CA ASP D 102 -58.75 65.97 12.43
C ASP D 102 -58.37 64.53 12.09
N ILE D 103 -57.77 63.83 13.03
CA ILE D 103 -57.31 62.46 12.79
C ILE D 103 -58.45 61.49 13.05
N ILE D 104 -58.52 60.44 12.24
CA ILE D 104 -59.48 59.37 12.45
C ILE D 104 -58.71 58.06 12.61
N ALA D 105 -57.96 57.69 11.58
CA ALA D 105 -57.12 56.50 11.60
C ALA D 105 -55.70 56.91 11.27
N GLN D 106 -54.75 56.38 12.04
CA GLN D 106 -53.35 56.73 11.89
C GLN D 106 -52.55 55.49 11.60
N LYS D 107 -51.65 55.56 10.63
CA LYS D 107 -50.77 54.46 10.30
C LYS D 107 -49.32 54.91 10.36
N ASP D 108 -48.47 54.05 10.92
CA ASP D 108 -47.10 54.37 11.30
C ASP D 108 -46.17 53.37 10.65
N VAL D 109 -45.61 53.71 9.50
CA VAL D 109 -44.94 52.74 8.66
C VAL D 109 -43.46 53.10 8.48
N TRP D 110 -42.59 52.11 8.71
CA TRP D 110 -41.16 52.27 8.53
C TRP D 110 -40.81 52.37 7.05
N LEU D 111 -39.55 52.70 6.79
CA LEU D 111 -39.02 52.75 5.43
C LEU D 111 -37.51 52.57 5.52
N GLN D 112 -37.05 51.45 5.17
CA GLN D 112 -35.63 51.18 5.18
C GLN D 112 -35.01 51.61 3.85
N PRO D 113 -33.77 52.08 3.83
CA PRO D 113 -33.28 52.87 2.69
C PRO D 113 -33.04 52.02 1.45
N GLY D 114 -33.63 52.44 0.35
CA GLY D 114 -33.70 51.64 -0.85
C GLY D 114 -34.89 50.71 -0.89
N GLY D 115 -35.52 50.46 0.25
CA GLY D 115 -36.62 49.53 0.32
C GLY D 115 -37.92 50.16 -0.15
N SER D 116 -39.01 49.46 0.15
CA SER D 116 -40.35 49.91 -0.24
C SER D 116 -41.34 49.23 0.69
N VAL D 117 -42.58 49.74 0.67
CA VAL D 117 -43.63 49.20 1.52
C VAL D 117 -44.97 49.60 0.92
N ALA D 118 -45.95 48.71 1.02
CA ALA D 118 -47.31 48.97 0.62
C ALA D 118 -48.24 48.82 1.81
N VAL D 119 -49.16 49.77 1.97
CA VAL D 119 -50.10 49.80 3.08
C VAL D 119 -51.52 49.92 2.54
N ASP D 120 -52.40 49.02 2.97
CA ASP D 120 -53.79 48.99 2.54
C ASP D 120 -54.65 49.12 3.79
N MET D 121 -54.89 50.35 4.22
CA MET D 121 -55.73 50.48 5.40
C MET D 121 -57.14 50.86 4.99
N PRO D 122 -58.15 50.42 5.75
CA PRO D 122 -59.53 50.77 5.39
C PRO D 122 -59.79 52.25 5.62
N LEU D 123 -60.25 52.92 4.59
CA LEU D 123 -60.52 54.34 4.65
C LEU D 123 -61.90 54.58 5.23
N ASP D 124 -61.96 55.43 6.26
CA ASP D 124 -63.25 55.81 6.84
C ASP D 124 -63.94 56.80 5.90
N ASP D 125 -65.27 56.71 5.85
CA ASP D 125 -66.02 57.48 4.86
C ASP D 125 -66.03 58.96 5.18
N ALA D 126 -65.88 59.33 6.45
CA ALA D 126 -65.92 60.73 6.82
C ALA D 126 -64.63 61.45 6.48
N ALA D 127 -63.53 60.73 6.29
CA ALA D 127 -62.24 61.37 6.06
C ALA D 127 -62.19 61.96 4.66
N LYS D 128 -61.93 63.26 4.58
CA LYS D 128 -61.87 63.95 3.30
C LYS D 128 -60.45 64.26 2.86
N PHE D 129 -59.45 63.94 3.68
CA PHE D 129 -58.07 64.17 3.30
C PHE D 129 -57.18 63.08 3.89
N THR D 130 -56.01 62.91 3.27
CA THR D 130 -55.03 61.92 3.70
C THR D 130 -53.68 62.60 3.83
N GLY D 131 -53.12 62.58 5.04
CA GLY D 131 -51.86 63.23 5.30
C GLY D 131 -50.74 62.21 5.40
N VAL D 132 -49.68 62.45 4.62
CA VAL D 132 -48.50 61.61 4.62
C VAL D 132 -47.33 62.49 5.04
N ALA D 133 -46.71 62.15 6.16
CA ALA D 133 -45.69 62.99 6.78
C ALA D 133 -44.43 62.18 6.99
N ALA D 134 -43.38 62.51 6.26
CA ALA D 134 -42.06 61.95 6.48
C ALA D 134 -41.30 62.84 7.46
N MET D 135 -40.48 62.22 8.29
CA MET D 135 -39.78 62.95 9.34
C MET D 135 -38.29 62.67 9.19
N PHE D 136 -37.64 63.46 8.35
CA PHE D 136 -36.23 63.31 8.09
C PHE D 136 -35.41 63.84 9.26
N LEU D 137 -34.11 63.55 9.23
CA LEU D 137 -33.22 64.14 10.23
C LEU D 137 -33.01 65.61 9.97
N GLU D 138 -32.97 66.02 8.70
CA GLU D 138 -32.95 67.43 8.33
C GLU D 138 -34.07 67.69 7.35
N PRO D 139 -34.88 68.71 7.56
CA PRO D 139 -35.94 69.01 6.61
C PRO D 139 -35.51 70.05 5.60
N ASP D 140 -36.38 70.37 4.66
CA ASP D 140 -36.26 71.59 3.87
C ASP D 140 -37.62 72.26 3.97
N GLN D 141 -37.76 73.11 4.99
CA GLN D 141 -39.05 73.73 5.28
C GLN D 141 -39.38 74.84 4.29
N LYS D 142 -38.38 75.34 3.56
CA LYS D 142 -38.60 76.46 2.64
C LYS D 142 -39.38 76.02 1.43
N LYS D 143 -38.93 74.96 0.76
CA LYS D 143 -39.68 74.42 -0.36
C LYS D 143 -40.89 73.63 0.08
N ASN D 144 -40.91 73.17 1.34
CA ASN D 144 -41.98 72.36 1.93
C ASN D 144 -42.27 71.12 1.09
N THR D 145 -41.25 70.30 0.92
CA THR D 145 -41.35 69.10 0.12
C THR D 145 -41.37 67.82 0.95
N TRP D 146 -41.55 67.93 2.25
CA TRP D 146 -41.52 66.77 3.14
C TRP D 146 -42.90 66.19 3.42
N ARG D 147 -43.92 66.60 2.67
CA ARG D 147 -45.26 66.13 2.91
C ARG D 147 -46.04 66.15 1.62
N VAL D 148 -47.07 65.31 1.55
CA VAL D 148 -48.08 65.41 0.51
C VAL D 148 -49.46 65.37 1.15
N VAL D 149 -50.41 66.01 0.48
CA VAL D 149 -51.82 65.94 0.85
C VAL D 149 -52.55 65.43 -0.37
N LEU D 150 -53.00 64.18 -0.31
CA LEU D 150 -53.72 63.56 -1.41
C LEU D 150 -55.20 63.78 -1.21
N GLY D 151 -55.86 64.38 -2.21
CA GLY D 151 -57.29 64.52 -2.17
C GLY D 151 -57.98 63.20 -2.42
N ARG D 152 -59.19 63.07 -1.85
CA ARG D 152 -59.89 61.80 -1.88
C ARG D 152 -60.35 61.44 -3.28
N ASP D 153 -60.67 62.43 -4.10
CA ASP D 153 -61.06 62.16 -5.48
C ASP D 153 -59.90 61.66 -6.34
N GLU D 154 -58.66 61.95 -5.95
CA GLU D 154 -57.50 61.49 -6.69
C GLU D 154 -57.24 60.01 -6.54
N LEU D 155 -57.86 59.35 -5.57
CA LEU D 155 -57.52 57.97 -5.24
C LEU D 155 -58.14 57.04 -6.29
N GLU D 156 -57.29 56.44 -7.12
CA GLU D 156 -57.76 55.40 -8.01
C GLU D 156 -58.15 54.18 -7.18
N PRO D 157 -59.21 53.47 -7.57
CA PRO D 157 -59.75 52.39 -6.72
C PRO D 157 -58.84 51.18 -6.58
N ASP D 158 -58.28 50.68 -7.68
CA ASP D 158 -57.44 49.49 -7.62
C ASP D 158 -55.96 49.79 -7.73
N THR D 159 -55.57 50.74 -8.58
CA THR D 159 -54.17 51.03 -8.84
C THR D 159 -53.67 52.08 -7.87
N PRO D 160 -52.77 51.73 -6.96
CA PRO D 160 -52.35 52.71 -5.95
C PRO D 160 -51.39 53.74 -6.51
N ARG D 161 -51.04 54.70 -5.64
CA ARG D 161 -50.18 55.81 -6.02
C ARG D 161 -48.85 55.71 -5.31
N LEU D 162 -47.77 55.74 -6.07
CA LEU D 162 -46.44 55.67 -5.49
C LEU D 162 -46.08 57.03 -4.90
N ILE D 163 -45.24 57.01 -3.87
CA ILE D 163 -44.69 58.22 -3.27
C ILE D 163 -43.17 58.04 -3.26
N GLU D 164 -42.52 58.49 -4.32
CA GLU D 164 -41.08 58.28 -4.43
C GLU D 164 -40.33 59.25 -3.53
N VAL D 165 -39.43 58.70 -2.72
CA VAL D 165 -38.61 59.49 -1.80
C VAL D 165 -37.20 59.55 -2.36
N SER D 166 -36.69 60.76 -2.56
CA SER D 166 -35.35 60.97 -3.07
C SER D 166 -34.66 62.06 -2.27
N GLY D 167 -33.46 61.78 -1.79
CA GLY D 167 -32.75 62.72 -0.95
C GLY D 167 -33.44 62.89 0.37
N ASN D 168 -33.96 64.08 0.63
CA ASN D 168 -34.79 64.33 1.80
C ASN D 168 -36.15 64.90 1.42
N THR D 169 -36.66 64.57 0.23
CA THR D 169 -37.88 65.13 -0.30
C THR D 169 -38.89 64.02 -0.57
N LEU D 170 -40.18 64.35 -0.48
CA LEU D 170 -41.22 63.46 -0.95
C LEU D 170 -41.73 63.95 -2.30
N THR D 171 -42.25 63.02 -3.10
CA THR D 171 -42.76 63.34 -4.42
C THR D 171 -43.91 62.39 -4.71
N LEU D 172 -44.97 62.91 -5.32
CA LEU D 172 -46.09 62.07 -5.74
C LEU D 172 -45.97 61.88 -7.24
N LEU D 173 -45.88 60.62 -7.66
CA LEU D 173 -45.64 60.28 -9.04
C LEU D 173 -46.93 60.38 -9.86
N PRO D 174 -46.82 60.55 -11.17
CA PRO D 174 -48.03 60.53 -12.01
C PRO D 174 -48.66 59.15 -12.09
N VAL D 175 -49.89 59.13 -12.58
CA VAL D 175 -50.71 57.92 -12.61
C VAL D 175 -50.68 57.34 -14.02
N LYS D 176 -50.46 56.03 -14.11
CA LYS D 176 -50.36 55.34 -15.39
C LYS D 176 -50.69 53.87 -15.18
N ASP D 177 -51.55 53.32 -16.04
CA ASP D 177 -52.01 51.94 -15.90
C ASP D 177 -52.25 51.37 -17.28
N LYS D 178 -52.86 50.18 -17.32
CA LYS D 178 -53.20 49.53 -18.58
C LYS D 178 -54.36 50.23 -19.27
N ARG E 44 -37.66 48.37 -58.24
CA ARG E 44 -38.34 49.56 -58.71
C ARG E 44 -37.33 50.67 -58.99
N GLN E 45 -36.30 50.73 -58.16
CA GLN E 45 -35.28 51.77 -58.27
C GLN E 45 -33.98 51.24 -57.70
N ILE E 46 -32.92 52.02 -57.93
CA ILE E 46 -31.55 51.63 -57.59
C ILE E 46 -31.22 51.97 -56.15
N LYS E 47 -32.17 52.60 -55.45
CA LYS E 47 -31.96 53.60 -54.40
C LYS E 47 -30.74 53.43 -53.50
N THR E 48 -30.53 52.23 -52.97
CA THR E 48 -29.38 51.95 -52.12
C THR E 48 -28.43 51.00 -52.81
N LEU E 49 -27.14 51.30 -52.71
CA LEU E 49 -26.11 50.53 -53.39
C LEU E 49 -25.82 49.25 -52.62
N HIS E 50 -25.82 48.12 -53.33
CA HIS E 50 -25.40 46.84 -52.77
C HIS E 50 -24.22 46.35 -53.59
N LEU E 51 -23.07 46.19 -52.94
CA LEU E 51 -21.83 45.85 -53.62
C LEU E 51 -20.96 45.03 -52.70
N ASP E 52 -20.14 44.15 -53.28
CA ASP E 52 -19.29 43.26 -52.51
C ASP E 52 -18.14 42.73 -53.35
N ILE E 53 -17.01 42.48 -52.68
CA ILE E 53 -15.74 42.19 -53.32
C ILE E 53 -15.21 40.89 -52.75
N ARG E 54 -14.83 39.97 -53.63
CA ARG E 54 -14.23 38.70 -53.26
C ARG E 54 -12.85 38.61 -53.86
N ALA E 55 -11.81 38.73 -53.03
CA ALA E 55 -10.46 38.56 -53.52
C ALA E 55 -10.12 37.08 -53.61
N ARG E 56 -9.21 36.75 -54.52
CA ARG E 56 -8.64 35.42 -54.53
C ARG E 56 -7.49 35.38 -53.54
N GLU E 57 -6.86 34.21 -53.42
CA GLU E 57 -5.83 34.03 -52.39
C GLU E 57 -4.50 34.67 -52.77
N ALA E 58 -4.29 35.05 -54.03
CA ALA E 58 -3.02 35.62 -54.45
C ALA E 58 -3.28 37.01 -55.03
N ILE E 59 -3.36 38.00 -54.14
CA ILE E 59 -3.57 39.38 -54.53
C ILE E 59 -2.41 40.22 -54.01
N ASN E 60 -2.08 41.27 -54.76
CA ASN E 60 -1.11 42.30 -54.37
C ASN E 60 0.24 41.72 -54.02
N THR E 61 0.72 40.79 -54.84
CA THR E 61 1.89 40.00 -54.50
C THR E 61 3.16 40.86 -54.59
N SER E 62 4.02 40.73 -53.59
CA SER E 62 5.25 41.50 -53.53
C SER E 62 6.32 40.81 -54.37
N ALA E 63 7.58 41.23 -54.19
CA ALA E 63 8.67 40.71 -55.00
C ALA E 63 9.03 39.28 -54.62
N ALA E 64 8.80 38.88 -53.38
CA ALA E 64 9.10 37.54 -52.94
C ALA E 64 7.93 36.56 -53.12
N GLY E 65 6.85 36.99 -53.77
CA GLY E 65 5.69 36.15 -53.93
C GLY E 65 4.73 36.17 -52.77
N ILE E 66 4.92 37.06 -51.80
CA ILE E 66 4.09 37.09 -50.61
C ILE E 66 2.86 37.95 -50.87
N PRO E 67 1.65 37.39 -50.75
CA PRO E 67 0.45 38.21 -50.95
C PRO E 67 0.17 39.06 -49.71
N LEU E 68 0.47 40.34 -49.79
CA LEU E 68 0.06 41.30 -48.78
C LEU E 68 -1.33 41.78 -49.11
N SER E 69 -2.01 42.34 -48.12
CA SER E 69 -3.37 42.78 -48.33
C SER E 69 -3.38 44.12 -49.05
N VAL E 70 -4.48 44.38 -49.75
CA VAL E 70 -4.59 45.56 -50.60
C VAL E 70 -5.84 46.32 -50.18
N VAL E 71 -5.86 47.61 -50.50
CA VAL E 71 -6.97 48.48 -50.18
C VAL E 71 -7.65 48.88 -51.49
N VAL E 72 -8.97 48.80 -51.51
CA VAL E 72 -9.75 49.33 -52.60
C VAL E 72 -10.50 50.55 -52.09
N ARG E 73 -10.92 51.39 -53.01
CA ARG E 73 -11.66 52.59 -52.66
C ARG E 73 -12.90 52.67 -53.53
N ILE E 74 -13.94 53.25 -52.97
CA ILE E 74 -15.24 53.33 -53.64
C ILE E 74 -15.57 54.79 -53.85
N TYR E 75 -16.10 55.11 -55.03
CA TYR E 75 -16.48 56.47 -55.36
C TYR E 75 -17.95 56.55 -55.73
N GLN E 76 -18.51 57.75 -55.60
CA GLN E 76 -19.79 58.10 -56.19
C GLN E 76 -19.54 59.23 -57.19
N LEU E 77 -19.66 58.92 -58.47
CA LEU E 77 -19.26 59.84 -59.52
C LEU E 77 -20.47 60.27 -60.35
N LYS E 78 -20.28 61.35 -61.09
CA LYS E 78 -21.31 61.90 -61.96
C LYS E 78 -20.98 61.76 -63.44
N ASP E 79 -19.72 61.99 -63.81
CA ASP E 79 -19.25 61.77 -65.16
C ASP E 79 -17.95 61.00 -65.12
N ASN E 80 -17.92 59.87 -65.81
CA ASN E 80 -16.82 58.92 -65.71
C ASN E 80 -15.63 59.26 -66.59
N ARG E 81 -15.55 60.49 -67.10
CA ARG E 81 -14.42 60.83 -67.97
C ARG E 81 -13.18 61.16 -67.17
N SER E 82 -13.32 61.90 -66.08
CA SER E 82 -12.17 62.36 -65.31
C SER E 82 -11.44 61.22 -64.62
N PHE E 83 -12.17 60.18 -64.23
CA PHE E 83 -11.54 59.04 -63.57
C PHE E 83 -10.94 58.08 -64.57
N ASP E 84 -11.58 57.90 -65.73
CA ASP E 84 -11.07 56.99 -66.73
C ASP E 84 -9.84 57.56 -67.42
N SER E 85 -9.70 58.88 -67.47
CA SER E 85 -8.57 59.50 -68.13
C SER E 85 -7.40 59.78 -67.22
N ALA E 86 -7.61 59.92 -65.90
CA ALA E 86 -6.51 60.15 -64.98
C ALA E 86 -5.74 58.86 -64.73
N ASP E 87 -4.47 59.01 -64.36
CA ASP E 87 -3.59 57.86 -64.30
C ASP E 87 -3.49 57.28 -62.89
N TYR E 88 -2.75 56.17 -62.81
CA TYR E 88 -2.66 55.39 -61.58
C TYR E 88 -1.91 56.12 -60.49
N GLN E 89 -0.93 56.93 -60.86
CA GLN E 89 -0.10 57.60 -59.87
C GLN E 89 -0.87 58.71 -59.17
N ALA E 90 -1.61 59.52 -59.94
CA ALA E 90 -2.24 60.69 -59.37
C ALA E 90 -3.46 60.37 -58.53
N LEU E 91 -4.00 59.16 -58.62
CA LEU E 91 -5.08 58.77 -57.72
C LEU E 91 -4.58 58.31 -56.36
N PHE E 92 -3.29 58.44 -56.08
CA PHE E 92 -2.83 58.21 -54.71
C PHE E 92 -3.10 59.42 -53.82
N THR E 93 -2.58 60.59 -54.21
CA THR E 93 -2.77 61.78 -53.40
C THR E 93 -3.78 62.74 -53.99
N GLY E 94 -3.92 62.80 -55.31
CA GLY E 94 -4.92 63.66 -55.88
C GLY E 94 -6.30 63.07 -55.99
N ASP E 95 -6.55 61.95 -55.31
CA ASP E 95 -7.84 61.27 -55.38
C ASP E 95 -8.97 62.11 -54.79
N ASN E 96 -8.67 62.94 -53.82
CA ASN E 96 -9.66 63.89 -53.32
C ASN E 96 -9.61 65.21 -54.07
N GLU E 97 -8.73 65.34 -55.07
CA GLU E 97 -8.59 66.61 -55.77
C GLU E 97 -8.74 66.52 -57.27
N ILE E 98 -8.25 65.45 -57.90
CA ILE E 98 -8.38 65.37 -59.35
C ILE E 98 -9.82 65.02 -59.75
N LEU E 99 -10.61 64.49 -58.82
CA LEU E 99 -12.05 64.34 -59.02
C LEU E 99 -12.76 65.49 -58.31
N ALA E 100 -12.45 66.70 -58.78
CA ALA E 100 -12.93 67.93 -58.13
C ALA E 100 -14.41 68.13 -58.45
N GLY E 101 -15.26 67.90 -57.46
CA GLY E 101 -16.68 68.00 -57.61
C GLY E 101 -17.35 66.73 -58.11
N ASP E 102 -16.57 65.81 -58.67
CA ASP E 102 -17.13 64.55 -59.17
C ASP E 102 -17.50 63.62 -58.02
N ILE E 103 -16.88 63.78 -56.87
CA ILE E 103 -17.13 62.90 -55.73
C ILE E 103 -18.31 63.42 -54.93
N ILE E 104 -19.12 62.50 -54.41
CA ILE E 104 -20.21 62.85 -53.51
C ILE E 104 -20.02 62.11 -52.21
N ALA E 105 -20.00 60.78 -52.28
CA ALA E 105 -19.76 59.92 -51.13
C ALA E 105 -18.59 59.00 -51.43
N GLN E 106 -17.69 58.85 -50.46
CA GLN E 106 -16.50 58.03 -50.65
C GLN E 106 -16.48 56.94 -49.60
N LYS E 107 -16.09 55.74 -50.01
CA LYS E 107 -15.93 54.62 -49.09
C LYS E 107 -14.56 54.00 -49.28
N ASP E 108 -13.93 53.66 -48.16
CA ASP E 108 -12.52 53.26 -48.11
C ASP E 108 -12.46 51.90 -47.40
N VAL E 109 -12.40 50.82 -48.16
CA VAL E 109 -12.63 49.49 -47.61
C VAL E 109 -11.41 48.61 -47.82
N TRP E 110 -10.95 47.99 -46.73
CA TRP E 110 -9.82 47.07 -46.76
C TRP E 110 -10.19 45.78 -47.48
N LEU E 111 -9.18 44.97 -47.74
CA LEU E 111 -9.37 43.66 -48.37
C LEU E 111 -8.18 42.80 -47.98
N GLN E 112 -8.38 41.93 -47.08
CA GLN E 112 -7.32 41.02 -46.66
C GLN E 112 -7.26 39.82 -47.60
N PRO E 113 -6.07 39.25 -47.86
CA PRO E 113 -5.91 38.39 -49.04
C PRO E 113 -6.59 37.04 -48.85
N GLY E 114 -7.37 36.66 -49.85
CA GLY E 114 -8.27 35.53 -49.74
C GLY E 114 -9.61 35.86 -49.13
N GLY E 115 -9.70 36.97 -48.41
CA GLY E 115 -10.93 37.33 -47.73
C GLY E 115 -11.94 37.96 -48.66
N SER E 116 -12.95 38.58 -48.05
CA SER E 116 -14.00 39.24 -48.80
C SER E 116 -14.60 40.32 -47.92
N VAL E 117 -15.45 41.15 -48.51
CA VAL E 117 -16.13 42.22 -47.79
C VAL E 117 -17.34 42.64 -48.60
N ALA E 118 -18.41 43.01 -47.90
CA ALA E 118 -19.60 43.55 -48.51
C ALA E 118 -19.89 44.93 -47.95
N VAL E 119 -20.21 45.88 -48.83
CA VAL E 119 -20.46 47.27 -48.44
C VAL E 119 -21.80 47.71 -49.01
N ASP E 120 -22.67 48.23 -48.14
CA ASP E 120 -24.01 48.68 -48.51
C ASP E 120 -24.09 50.15 -48.12
N MET E 121 -23.64 51.02 -49.01
CA MET E 121 -23.74 52.42 -48.66
C MET E 121 -24.90 53.06 -49.38
N PRO E 122 -25.53 54.09 -48.79
CA PRO E 122 -26.67 54.73 -49.46
C PRO E 122 -26.20 55.53 -50.67
N LEU E 123 -26.86 55.29 -51.80
CA LEU E 123 -26.51 55.93 -53.05
C LEU E 123 -27.25 57.25 -53.17
N ASP E 124 -26.50 58.32 -53.43
CA ASP E 124 -27.11 59.62 -53.67
C ASP E 124 -27.70 59.67 -55.07
N ASP E 125 -28.82 60.38 -55.21
CA ASP E 125 -29.58 60.35 -56.45
C ASP E 125 -28.85 61.07 -57.58
N ALA E 126 -28.01 62.03 -57.25
CA ALA E 126 -27.31 62.77 -58.30
C ALA E 126 -26.16 61.99 -58.90
N ALA E 127 -25.65 60.97 -58.22
CA ALA E 127 -24.49 60.24 -58.71
C ALA E 127 -24.88 59.35 -59.87
N LYS E 128 -24.26 59.57 -61.03
CA LYS E 128 -24.54 58.78 -62.22
C LYS E 128 -23.49 57.72 -62.50
N PHE E 129 -22.43 57.65 -61.70
CA PHE E 129 -21.40 56.65 -61.88
C PHE E 129 -20.83 56.22 -60.54
N THR E 130 -20.25 55.03 -60.51
CA THR E 130 -19.64 54.47 -59.32
C THR E 130 -18.22 54.03 -59.66
N GLY E 131 -17.24 54.61 -58.97
CA GLY E 131 -15.85 54.33 -59.24
C GLY E 131 -15.27 53.42 -58.16
N VAL E 132 -14.68 52.32 -58.62
CA VAL E 132 -13.99 51.36 -57.75
C VAL E 132 -12.53 51.33 -58.15
N ALA E 133 -11.66 51.71 -57.24
CA ALA E 133 -10.25 51.87 -57.52
C ALA E 133 -9.43 51.06 -56.55
N ALA E 134 -8.80 50.00 -57.05
CA ALA E 134 -7.85 49.23 -56.26
C ALA E 134 -6.46 49.82 -56.45
N MET E 135 -5.67 49.80 -55.39
CA MET E 135 -4.36 50.43 -55.39
C MET E 135 -3.31 49.38 -55.04
N PHE E 136 -2.86 48.65 -56.05
CA PHE E 136 -1.89 47.59 -55.84
C PHE E 136 -0.51 48.19 -55.62
N LEU E 137 0.43 47.32 -55.22
CA LEU E 137 1.83 47.73 -55.14
C LEU E 137 2.41 47.92 -56.53
N GLU E 138 2.04 47.06 -57.48
CA GLU E 138 2.41 47.23 -58.87
C GLU E 138 1.15 47.21 -59.72
N PRO E 139 0.97 48.16 -60.61
CA PRO E 139 -0.20 48.14 -61.48
C PRO E 139 0.09 47.47 -62.80
N ASP E 140 -0.92 47.36 -63.65
CA ASP E 140 -0.71 47.08 -65.08
C ASP E 140 -1.50 48.17 -65.79
N GLN E 141 -0.84 49.29 -66.06
CA GLN E 141 -1.52 50.44 -66.64
C GLN E 141 -1.79 50.24 -68.12
N LYS E 142 -1.12 49.29 -68.76
CA LYS E 142 -1.25 49.11 -70.20
C LYS E 142 -2.59 48.48 -70.55
N LYS E 143 -2.92 47.36 -69.91
CA LYS E 143 -4.24 46.78 -70.10
C LYS E 143 -5.33 47.55 -69.36
N ASN E 144 -4.95 48.33 -68.34
CA ASN E 144 -5.86 49.11 -67.50
C ASN E 144 -6.94 48.24 -66.88
N THR E 145 -6.53 47.28 -66.08
CA THR E 145 -7.44 46.33 -65.46
C THR E 145 -7.57 46.55 -63.96
N TRP E 146 -7.10 47.68 -63.44
CA TRP E 146 -7.11 47.93 -62.01
C TRP E 146 -8.31 48.76 -61.57
N ARG E 147 -9.30 48.95 -62.42
CA ARG E 147 -10.46 49.75 -62.07
C ARG E 147 -11.67 49.24 -62.82
N VAL E 148 -12.84 49.49 -62.25
CA VAL E 148 -14.10 49.29 -62.97
C VAL E 148 -14.95 50.54 -62.80
N VAL E 149 -15.79 50.80 -63.80
CA VAL E 149 -16.80 51.84 -63.74
C VAL E 149 -18.13 51.17 -64.00
N LEU E 150 -18.94 51.06 -62.96
CA LEU E 150 -20.25 50.44 -63.05
C LEU E 150 -21.28 51.53 -63.34
N GLY E 151 -22.04 51.35 -64.42
CA GLY E 151 -23.12 52.25 -64.70
C GLY E 151 -24.28 52.06 -63.75
N ARG E 152 -25.03 53.14 -63.53
CA ARG E 152 -26.07 53.13 -62.51
C ARG E 152 -27.24 52.22 -62.88
N ASP E 153 -27.50 52.07 -64.19
CA ASP E 153 -28.56 51.16 -64.61
C ASP E 153 -28.19 49.70 -64.41
N GLU E 154 -26.89 49.39 -64.32
CA GLU E 154 -26.45 48.00 -64.17
C GLU E 154 -26.72 47.42 -62.79
N LEU E 155 -26.97 48.26 -61.79
CA LEU E 155 -27.08 47.79 -60.41
C LEU E 155 -28.43 47.11 -60.23
N GLU E 156 -28.40 45.80 -60.02
CA GLU E 156 -29.61 45.09 -59.62
C GLU E 156 -30.02 45.55 -58.22
N PRO E 157 -31.32 45.63 -57.94
CA PRO E 157 -31.77 46.22 -56.67
C PRO E 157 -31.43 45.39 -55.44
N ASP E 158 -31.65 44.08 -55.49
CA ASP E 158 -31.35 43.25 -54.33
C ASP E 158 -30.05 42.46 -54.45
N THR E 159 -29.78 41.89 -55.63
CA THR E 159 -28.64 41.01 -55.82
C THR E 159 -27.42 41.84 -56.16
N PRO E 160 -26.40 41.87 -55.32
CA PRO E 160 -25.23 42.72 -55.60
C PRO E 160 -24.32 42.11 -56.65
N ARG E 161 -23.31 42.88 -57.01
CA ARG E 161 -22.35 42.48 -58.04
C ARG E 161 -20.99 42.20 -57.43
N LEU E 162 -20.45 41.02 -57.69
CA LEU E 162 -19.15 40.67 -57.18
C LEU E 162 -18.07 41.36 -58.01
N ILE E 163 -16.96 41.69 -57.37
CA ILE E 163 -15.78 42.21 -58.05
C ILE E 163 -14.63 41.30 -57.68
N GLU E 164 -14.40 40.28 -58.50
CA GLU E 164 -13.41 39.27 -58.17
C GLU E 164 -12.02 39.80 -58.48
N VAL E 165 -11.10 39.65 -57.53
CA VAL E 165 -9.74 40.15 -57.66
C VAL E 165 -8.81 38.96 -57.80
N SER E 166 -8.05 38.92 -58.89
CA SER E 166 -7.09 37.84 -59.14
C SER E 166 -5.77 38.45 -59.59
N GLY E 167 -4.68 38.03 -58.95
CA GLY E 167 -3.38 38.58 -59.25
C GLY E 167 -3.30 40.03 -58.85
N ASN E 168 -3.13 40.91 -59.83
CA ASN E 168 -3.19 42.34 -59.60
C ASN E 168 -4.25 43.02 -60.47
N THR E 169 -5.31 42.30 -60.82
CA THR E 169 -6.34 42.77 -61.73
C THR E 169 -7.68 42.78 -61.04
N LEU E 170 -8.54 43.72 -61.42
CA LEU E 170 -9.94 43.67 -61.03
C LEU E 170 -10.77 43.11 -62.15
N THR E 171 -11.87 42.46 -61.80
CA THR E 171 -12.77 41.86 -62.78
C THR E 171 -14.19 41.99 -62.26
N LEU E 172 -15.13 42.21 -63.16
CA LEU E 172 -16.54 42.27 -62.80
C LEU E 172 -17.22 41.01 -63.32
N LEU E 173 -17.84 40.26 -62.43
CA LEU E 173 -18.43 38.98 -62.77
C LEU E 173 -19.81 39.17 -63.40
N PRO E 174 -20.27 38.19 -64.18
CA PRO E 174 -21.63 38.26 -64.72
C PRO E 174 -22.70 38.12 -63.66
N VAL E 175 -23.93 38.43 -64.06
CA VAL E 175 -25.07 38.46 -63.15
C VAL E 175 -25.84 37.16 -63.29
N LYS E 176 -26.10 36.51 -62.17
CA LYS E 176 -26.85 35.26 -62.14
C LYS E 176 -27.58 35.16 -60.81
N ASP E 177 -28.87 34.82 -60.86
CA ASP E 177 -29.71 34.75 -59.67
C ASP E 177 -30.76 33.67 -59.88
N LYS E 178 -31.71 33.60 -58.95
CA LYS E 178 -32.81 32.64 -59.03
C LYS E 178 -33.81 33.04 -60.11
N TYR F 43 -55.25 11.15 -57.65
CA TYR F 43 -53.81 11.27 -57.84
C TYR F 43 -53.08 11.15 -56.52
N ARG F 44 -53.85 11.10 -55.43
CA ARG F 44 -53.26 11.00 -54.11
C ARG F 44 -52.64 9.63 -53.86
N GLN F 45 -53.15 8.60 -54.53
CA GLN F 45 -52.83 7.21 -54.20
C GLN F 45 -51.46 6.83 -54.71
N ILE F 46 -50.42 7.38 -54.08
CA ILE F 46 -49.06 6.87 -54.20
C ILE F 46 -48.89 5.93 -53.01
N LYS F 47 -49.81 6.06 -52.04
CA LYS F 47 -49.74 5.63 -50.65
C LYS F 47 -49.06 4.29 -50.36
N THR F 48 -49.32 3.27 -51.15
CA THR F 48 -48.60 2.01 -50.97
C THR F 48 -47.34 1.99 -51.82
N LEU F 49 -46.20 1.69 -51.18
CA LEU F 49 -44.95 1.59 -51.88
C LEU F 49 -44.72 0.14 -52.31
N HIS F 50 -44.42 -0.05 -53.59
CA HIS F 50 -44.10 -1.35 -54.14
C HIS F 50 -42.66 -1.35 -54.63
N LEU F 51 -41.87 -2.29 -54.14
CA LEU F 51 -40.47 -2.36 -54.51
C LEU F 51 -40.04 -3.81 -54.65
N ASP F 52 -39.59 -4.17 -55.86
CA ASP F 52 -39.03 -5.49 -56.12
C ASP F 52 -37.56 -5.31 -56.42
N ILE F 53 -36.72 -5.90 -55.59
CA ILE F 53 -35.27 -5.80 -55.73
C ILE F 53 -34.74 -7.15 -56.18
N ARG F 54 -34.15 -7.19 -57.36
CA ARG F 54 -33.53 -8.41 -57.85
C ARG F 54 -32.04 -8.33 -57.59
N ALA F 55 -31.46 -9.45 -57.19
CA ALA F 55 -30.04 -9.54 -56.92
C ALA F 55 -29.40 -10.50 -57.89
N ARG F 56 -28.31 -10.08 -58.51
CA ARG F 56 -27.66 -10.88 -59.53
C ARG F 56 -26.88 -12.03 -58.90
N GLU F 57 -26.17 -12.75 -59.75
CA GLU F 57 -25.42 -13.93 -59.32
C GLU F 57 -24.03 -13.60 -58.84
N ALA F 58 -23.69 -12.32 -58.72
CA ALA F 58 -22.40 -11.92 -58.15
C ALA F 58 -22.58 -10.55 -57.52
N ILE F 59 -22.84 -10.54 -56.21
CA ILE F 59 -22.98 -9.31 -55.45
C ILE F 59 -22.06 -9.34 -54.24
N ASN F 60 -21.48 -8.18 -53.93
CA ASN F 60 -20.73 -7.93 -52.69
C ASN F 60 -19.57 -8.90 -52.53
N THR F 61 -18.77 -9.03 -53.58
CA THR F 61 -17.75 -10.06 -53.59
C THR F 61 -16.57 -9.67 -52.71
N SER F 62 -16.03 -10.66 -52.01
CA SER F 62 -14.85 -10.49 -51.19
C SER F 62 -13.59 -10.53 -52.03
N ALA F 63 -12.44 -10.71 -51.39
CA ALA F 63 -11.18 -10.80 -52.14
C ALA F 63 -11.15 -12.04 -53.02
N ALA F 64 -11.62 -13.17 -52.50
CA ALA F 64 -11.62 -14.39 -53.29
C ALA F 64 -12.84 -14.52 -54.19
N GLY F 65 -13.57 -13.43 -54.44
CA GLY F 65 -14.63 -13.41 -55.40
C GLY F 65 -15.91 -14.10 -55.00
N ILE F 66 -15.99 -14.62 -53.78
CA ILE F 66 -17.17 -15.38 -53.35
C ILE F 66 -18.32 -14.42 -53.09
N PRO F 67 -19.52 -14.65 -53.63
CA PRO F 67 -20.61 -13.69 -53.43
C PRO F 67 -21.23 -13.86 -52.06
N LEU F 68 -21.48 -12.72 -51.40
CA LEU F 68 -21.99 -12.71 -50.05
C LEU F 68 -23.29 -11.95 -49.98
N SER F 69 -24.21 -12.45 -49.18
CA SER F 69 -25.54 -11.89 -49.12
C SER F 69 -25.55 -10.54 -48.42
N VAL F 70 -25.72 -9.49 -49.20
CA VAL F 70 -25.59 -8.12 -48.70
C VAL F 70 -26.87 -7.77 -47.96
N VAL F 71 -26.83 -6.69 -47.20
CA VAL F 71 -28.01 -6.11 -46.57
C VAL F 71 -28.35 -4.83 -47.29
N VAL F 72 -29.62 -4.64 -47.62
CA VAL F 72 -30.10 -3.41 -48.22
C VAL F 72 -30.98 -2.71 -47.20
N ARG F 73 -30.64 -1.48 -46.87
CA ARG F 73 -31.36 -0.72 -45.86
C ARG F 73 -32.22 0.32 -46.57
N ILE F 74 -33.53 0.24 -46.37
CA ILE F 74 -34.48 1.08 -47.10
C ILE F 74 -34.94 2.22 -46.21
N TYR F 75 -34.72 3.44 -46.66
CA TYR F 75 -34.98 4.64 -45.87
C TYR F 75 -36.16 5.41 -46.44
N GLN F 76 -36.84 6.15 -45.58
CA GLN F 76 -37.92 7.06 -45.96
C GLN F 76 -37.74 8.36 -45.22
N LEU F 77 -37.65 9.46 -45.95
CA LEU F 77 -37.11 10.68 -45.36
C LEU F 77 -38.09 11.84 -45.51
N LYS F 78 -37.67 12.98 -44.96
CA LYS F 78 -38.33 14.26 -45.17
C LYS F 78 -37.49 15.23 -45.97
N ASP F 79 -36.28 14.85 -46.34
CA ASP F 79 -35.34 15.71 -47.01
C ASP F 79 -34.32 14.83 -47.71
N ASN F 80 -33.70 15.36 -48.76
CA ASN F 80 -32.69 14.63 -49.48
C ASN F 80 -31.29 15.19 -49.29
N ARG F 81 -31.16 16.41 -48.79
CA ARG F 81 -29.84 17.06 -48.77
C ARG F 81 -28.94 16.47 -47.71
N SER F 82 -29.50 16.01 -46.59
CA SER F 82 -28.68 15.39 -45.55
C SER F 82 -28.27 13.98 -45.93
N PHE F 83 -29.13 13.28 -46.66
CA PHE F 83 -28.84 11.91 -47.04
C PHE F 83 -27.80 11.84 -48.14
N ASP F 84 -27.64 12.91 -48.92
CA ASP F 84 -26.54 12.93 -49.86
C ASP F 84 -25.25 13.35 -49.19
N SER F 85 -25.34 14.01 -48.04
CA SER F 85 -24.19 14.49 -47.31
C SER F 85 -23.82 13.59 -46.14
N ALA F 86 -23.96 12.30 -46.28
CA ALA F 86 -23.48 11.37 -45.28
C ALA F 86 -22.49 10.41 -45.92
N ASP F 87 -21.51 10.00 -45.15
CA ASP F 87 -20.55 9.03 -45.64
C ASP F 87 -21.03 7.63 -45.29
N TYR F 88 -20.29 6.63 -45.76
CA TYR F 88 -20.68 5.26 -45.52
C TYR F 88 -20.51 4.86 -44.07
N GLN F 89 -19.52 5.42 -43.40
CA GLN F 89 -19.28 5.09 -42.01
C GLN F 89 -20.37 5.70 -41.12
N ALA F 90 -20.66 6.99 -41.31
CA ALA F 90 -21.56 7.70 -40.41
C ALA F 90 -23.02 7.41 -40.65
N LEU F 91 -23.36 6.44 -41.48
CA LEU F 91 -24.75 6.17 -41.76
C LEU F 91 -25.18 4.82 -41.18
N PHE F 92 -24.30 3.82 -41.27
CA PHE F 92 -24.58 2.49 -40.71
C PHE F 92 -23.90 2.31 -39.36
N THR F 93 -22.59 2.47 -39.32
CA THR F 93 -21.86 2.39 -38.07
C THR F 93 -22.18 3.60 -37.21
N GLY F 94 -22.60 3.36 -36.00
CA GLY F 94 -23.04 4.43 -35.17
C GLY F 94 -24.40 4.92 -35.62
N ASP F 95 -24.61 6.21 -35.40
CA ASP F 95 -25.91 6.82 -35.59
C ASP F 95 -25.74 8.30 -35.88
N ASN F 96 -26.87 9.01 -35.91
CA ASN F 96 -26.86 10.46 -35.99
C ASN F 96 -28.03 10.99 -35.19
N GLU F 97 -28.31 12.27 -35.33
CA GLU F 97 -29.46 12.90 -34.71
C GLU F 97 -30.32 13.68 -35.69
N ILE F 98 -29.70 14.32 -36.68
CA ILE F 98 -30.48 15.07 -37.66
C ILE F 98 -30.72 14.23 -38.91
N LEU F 99 -29.77 13.38 -39.29
CA LEU F 99 -30.11 12.33 -40.24
C LEU F 99 -31.09 11.36 -39.62
N ALA F 100 -30.91 11.06 -38.34
CA ALA F 100 -31.91 10.27 -37.62
C ALA F 100 -33.19 11.05 -37.38
N GLY F 101 -33.12 12.38 -37.37
CA GLY F 101 -34.34 13.17 -37.30
C GLY F 101 -35.13 13.17 -38.59
N ASP F 102 -34.49 12.84 -39.71
CA ASP F 102 -35.18 12.79 -40.99
C ASP F 102 -35.65 11.39 -41.36
N ILE F 103 -35.03 10.36 -40.81
CA ILE F 103 -35.47 9.00 -41.09
C ILE F 103 -36.75 8.75 -40.31
N ILE F 104 -37.81 8.40 -41.02
CA ILE F 104 -39.11 8.11 -40.43
C ILE F 104 -39.43 6.63 -40.52
N ALA F 105 -39.27 6.03 -41.70
CA ALA F 105 -39.44 4.59 -41.86
C ALA F 105 -38.11 3.96 -42.25
N GLN F 106 -37.96 2.68 -41.93
CA GLN F 106 -36.70 1.98 -42.12
C GLN F 106 -36.97 0.50 -42.18
N LYS F 107 -36.35 -0.18 -43.13
CA LYS F 107 -36.63 -1.58 -43.39
C LYS F 107 -35.36 -2.28 -43.85
N ASP F 108 -35.18 -3.53 -43.44
CA ASP F 108 -33.95 -4.26 -43.71
C ASP F 108 -34.27 -5.59 -44.35
N VAL F 109 -33.76 -5.81 -45.56
CA VAL F 109 -33.96 -7.04 -46.29
C VAL F 109 -32.61 -7.72 -46.50
N TRP F 110 -32.64 -9.01 -46.81
CA TRP F 110 -31.43 -9.78 -47.05
C TRP F 110 -31.45 -10.30 -48.47
N LEU F 111 -30.55 -9.79 -49.29
CA LEU F 111 -30.48 -10.17 -50.69
C LEU F 111 -29.59 -11.41 -50.78
N GLN F 112 -30.21 -12.57 -50.75
CA GLN F 112 -29.53 -13.80 -51.07
C GLN F 112 -28.97 -13.72 -52.49
N PRO F 113 -27.72 -14.16 -52.73
CA PRO F 113 -27.09 -13.93 -54.04
C PRO F 113 -27.75 -14.75 -55.13
N GLY F 114 -28.30 -14.06 -56.12
CA GLY F 114 -29.11 -14.69 -57.13
C GLY F 114 -30.59 -14.64 -56.87
N GLY F 115 -31.00 -14.60 -55.61
CA GLY F 115 -32.40 -14.49 -55.27
C GLY F 115 -32.90 -13.07 -55.38
N SER F 116 -34.03 -12.83 -54.74
CA SER F 116 -34.66 -11.52 -54.81
C SER F 116 -35.48 -11.30 -53.54
N VAL F 117 -36.19 -10.17 -53.52
CA VAL F 117 -37.03 -9.82 -52.39
C VAL F 117 -38.13 -8.92 -52.91
N ALA F 118 -39.25 -8.86 -52.19
CA ALA F 118 -40.38 -8.02 -52.53
C ALA F 118 -40.69 -7.13 -51.34
N VAL F 119 -40.64 -5.83 -51.53
CA VAL F 119 -40.81 -4.87 -50.46
C VAL F 119 -42.14 -4.15 -50.66
N ASP F 120 -43.03 -4.29 -49.69
CA ASP F 120 -44.31 -3.59 -49.68
C ASP F 120 -44.48 -2.94 -48.32
N MET F 121 -44.46 -1.62 -48.29
CA MET F 121 -44.61 -0.91 -47.03
C MET F 121 -45.38 0.37 -47.26
N PRO F 122 -46.21 0.79 -46.31
CA PRO F 122 -47.01 2.01 -46.49
C PRO F 122 -46.18 3.24 -46.20
N LEU F 123 -46.03 4.10 -47.20
CA LEU F 123 -45.23 5.31 -47.05
C LEU F 123 -46.00 6.34 -46.25
N ASP F 124 -45.30 7.05 -45.37
CA ASP F 124 -45.94 8.07 -44.56
C ASP F 124 -46.31 9.28 -45.40
N ASP F 125 -47.37 9.98 -44.97
CA ASP F 125 -47.82 11.14 -45.71
C ASP F 125 -46.85 12.31 -45.58
N ALA F 126 -46.26 12.49 -44.39
CA ALA F 126 -45.25 13.52 -44.21
C ALA F 126 -43.93 13.16 -44.88
N ALA F 127 -43.73 11.88 -45.20
CA ALA F 127 -42.54 11.44 -45.92
C ALA F 127 -42.62 11.93 -47.35
N LYS F 128 -41.52 12.47 -47.85
CA LYS F 128 -41.47 12.96 -49.22
C LYS F 128 -40.31 12.39 -50.01
N PHE F 129 -39.53 11.46 -49.46
CA PHE F 129 -38.39 10.91 -50.16
C PHE F 129 -38.14 9.48 -49.73
N THR F 130 -37.73 8.66 -50.69
CA THR F 130 -37.34 7.27 -50.44
C THR F 130 -35.85 7.15 -50.66
N GLY F 131 -35.18 6.46 -49.75
CA GLY F 131 -33.78 6.15 -49.90
C GLY F 131 -33.55 4.66 -49.80
N VAL F 132 -32.59 4.18 -50.58
CA VAL F 132 -32.18 2.78 -50.54
C VAL F 132 -30.66 2.78 -50.46
N ALA F 133 -30.11 2.10 -49.46
CA ALA F 133 -28.68 1.96 -49.34
C ALA F 133 -28.33 0.51 -49.05
N ALA F 134 -27.16 0.10 -49.53
CA ALA F 134 -26.64 -1.23 -49.25
C ALA F 134 -25.54 -1.11 -48.21
N MET F 135 -25.21 -2.23 -47.59
CA MET F 135 -24.07 -2.30 -46.69
C MET F 135 -23.04 -3.18 -47.37
N PHE F 136 -22.27 -2.58 -48.26
CA PHE F 136 -21.37 -3.37 -49.08
C PHE F 136 -20.11 -3.72 -48.32
N LEU F 137 -19.43 -4.76 -48.78
CA LEU F 137 -18.17 -5.12 -48.14
C LEU F 137 -17.08 -4.14 -48.51
N GLU F 138 -16.90 -3.89 -49.80
CA GLU F 138 -15.95 -2.89 -50.30
C GLU F 138 -16.72 -1.90 -51.15
N PRO F 139 -17.36 -0.92 -50.52
CA PRO F 139 -18.17 0.03 -51.28
C PRO F 139 -17.29 1.06 -51.98
N ASP F 140 -17.88 1.69 -52.98
CA ASP F 140 -17.20 2.72 -53.76
C ASP F 140 -17.60 4.08 -53.21
N GLN F 141 -16.76 4.66 -52.37
CA GLN F 141 -17.12 5.91 -51.74
C GLN F 141 -16.79 7.12 -52.60
N LYS F 142 -15.98 6.97 -53.64
CA LYS F 142 -15.64 8.16 -54.41
C LYS F 142 -16.75 8.53 -55.38
N LYS F 143 -17.36 7.54 -56.03
CA LYS F 143 -18.40 7.81 -57.02
C LYS F 143 -19.80 7.67 -56.45
N ASN F 144 -19.93 7.20 -55.20
CA ASN F 144 -21.20 7.12 -54.47
C ASN F 144 -22.23 6.27 -55.20
N THR F 145 -21.82 5.05 -55.58
CA THR F 145 -22.69 4.16 -56.30
C THR F 145 -23.31 3.10 -55.39
N TRP F 146 -23.40 3.38 -54.11
CA TRP F 146 -23.93 2.43 -53.14
C TRP F 146 -25.25 2.92 -52.54
N ARG F 147 -25.82 3.99 -53.07
CA ARG F 147 -27.15 4.39 -52.65
C ARG F 147 -27.84 5.14 -53.78
N VAL F 148 -29.17 5.19 -53.72
CA VAL F 148 -30.00 5.85 -54.71
C VAL F 148 -31.07 6.64 -54.00
N VAL F 149 -31.51 7.73 -54.62
CA VAL F 149 -32.48 8.65 -54.04
C VAL F 149 -33.72 8.61 -54.92
N LEU F 150 -34.67 7.74 -54.59
CA LEU F 150 -35.93 7.65 -55.32
C LEU F 150 -36.88 8.69 -54.75
N GLY F 151 -37.21 9.69 -55.55
CA GLY F 151 -38.13 10.72 -55.10
C GLY F 151 -39.56 10.22 -55.04
N ARG F 152 -40.41 11.04 -54.41
CA ARG F 152 -41.79 10.62 -54.21
C ARG F 152 -42.57 10.67 -55.51
N ASP F 153 -42.33 11.69 -56.33
CA ASP F 153 -43.05 11.81 -57.58
C ASP F 153 -42.59 10.84 -58.66
N GLU F 154 -41.55 10.06 -58.39
CA GLU F 154 -41.07 9.08 -59.35
C GLU F 154 -41.54 7.67 -59.01
N LEU F 155 -42.43 7.52 -58.04
CA LEU F 155 -42.91 6.21 -57.64
C LEU F 155 -44.14 5.82 -58.44
N GLU F 156 -44.11 4.62 -59.00
CA GLU F 156 -45.25 4.07 -59.72
C GLU F 156 -46.28 3.52 -58.73
N PRO F 157 -47.57 3.68 -59.02
CA PRO F 157 -48.57 3.34 -58.00
C PRO F 157 -48.79 1.85 -57.84
N ASP F 158 -48.60 1.07 -58.89
CA ASP F 158 -48.87 -0.36 -58.84
C ASP F 158 -47.72 -1.24 -59.30
N THR F 159 -47.00 -0.85 -60.35
CA THR F 159 -45.87 -1.63 -60.83
C THR F 159 -44.64 -1.33 -59.98
N PRO F 160 -44.07 -2.32 -59.30
CA PRO F 160 -42.90 -2.04 -58.47
C PRO F 160 -41.67 -1.74 -59.30
N ARG F 161 -40.83 -0.87 -58.78
CA ARG F 161 -39.59 -0.49 -59.44
C ARG F 161 -38.52 -1.54 -59.22
N LEU F 162 -37.85 -1.94 -60.30
CA LEU F 162 -36.79 -2.92 -60.22
C LEU F 162 -35.49 -2.22 -59.85
N ILE F 163 -34.82 -2.73 -58.83
CA ILE F 163 -33.50 -2.27 -58.42
C ILE F 163 -32.55 -3.44 -58.48
N GLU F 164 -31.50 -3.32 -59.27
CA GLU F 164 -30.60 -4.43 -59.51
C GLU F 164 -29.23 -4.10 -58.93
N VAL F 165 -28.59 -5.11 -58.36
CA VAL F 165 -27.26 -4.98 -57.80
C VAL F 165 -26.34 -5.94 -58.53
N SER F 166 -25.10 -5.50 -58.73
CA SER F 166 -24.11 -6.30 -59.45
C SER F 166 -22.76 -6.02 -58.80
N GLY F 167 -22.35 -6.87 -57.86
CA GLY F 167 -21.11 -6.59 -57.19
C GLY F 167 -21.31 -5.52 -56.14
N ASN F 168 -20.87 -4.31 -56.43
CA ASN F 168 -20.93 -3.22 -55.48
C ASN F 168 -21.57 -1.98 -56.08
N THR F 169 -22.70 -2.13 -56.75
CA THR F 169 -23.45 -1.00 -57.29
C THR F 169 -24.93 -1.18 -57.02
N LEU F 170 -25.61 -0.09 -56.67
CA LEU F 170 -27.06 -0.07 -56.60
C LEU F 170 -27.59 0.61 -57.85
N THR F 171 -27.92 -0.17 -58.86
CA THR F 171 -28.38 0.34 -60.13
C THR F 171 -29.89 0.55 -60.06
N LEU F 172 -30.33 1.78 -60.30
CA LEU F 172 -31.74 2.08 -60.44
C LEU F 172 -32.12 1.83 -61.90
N LEU F 173 -32.90 0.80 -62.13
CA LEU F 173 -33.19 0.40 -63.49
C LEU F 173 -34.24 1.33 -64.09
N PRO F 174 -34.07 1.72 -65.35
CA PRO F 174 -35.03 2.64 -65.96
C PRO F 174 -36.31 1.93 -66.37
N VAL F 175 -37.42 2.64 -66.20
CA VAL F 175 -38.73 2.11 -66.58
C VAL F 175 -38.91 2.20 -68.08
N TYR G 43 -66.52 -8.07 -44.90
CA TYR G 43 -65.44 -9.03 -44.89
C TYR G 43 -64.27 -8.54 -44.04
N ARG G 44 -64.41 -7.30 -43.55
CA ARG G 44 -63.35 -6.70 -42.76
C ARG G 44 -63.24 -7.34 -41.39
N GLN G 45 -64.35 -7.86 -40.87
CA GLN G 45 -64.44 -8.26 -39.46
C GLN G 45 -63.75 -9.59 -39.23
N ILE G 46 -62.42 -9.56 -39.24
CA ILE G 46 -61.62 -10.65 -38.68
C ILE G 46 -61.17 -10.11 -37.32
N LYS G 47 -61.50 -8.83 -37.08
CA LYS G 47 -60.96 -7.93 -36.05
C LYS G 47 -60.72 -8.53 -34.67
N THR G 48 -61.71 -9.23 -34.12
CA THR G 48 -61.49 -9.90 -32.85
C THR G 48 -60.85 -11.26 -33.07
N LEU G 49 -59.83 -11.57 -32.29
CA LEU G 49 -59.16 -12.86 -32.36
C LEU G 49 -59.72 -13.77 -31.28
N HIS G 50 -60.12 -14.98 -31.69
CA HIS G 50 -60.60 -16.00 -30.78
C HIS G 50 -59.65 -17.18 -30.84
N LEU G 51 -59.13 -17.58 -29.68
CA LEU G 51 -58.19 -18.69 -29.62
C LEU G 51 -58.46 -19.51 -28.37
N ASP G 52 -58.77 -20.79 -28.58
CA ASP G 52 -58.94 -21.74 -27.49
C ASP G 52 -57.82 -22.75 -27.59
N ILE G 53 -56.99 -22.81 -26.56
CA ILE G 53 -55.84 -23.71 -26.52
C ILE G 53 -56.13 -24.78 -25.48
N ARG G 54 -56.22 -26.02 -25.92
CA ARG G 54 -56.38 -27.14 -25.01
C ARG G 54 -55.03 -27.77 -24.76
N ALA G 55 -54.80 -28.18 -23.52
CA ALA G 55 -53.55 -28.81 -23.14
C ALA G 55 -53.83 -30.22 -22.66
N ARG G 56 -53.07 -31.17 -23.19
CA ARG G 56 -53.33 -32.58 -22.90
C ARG G 56 -52.84 -32.94 -21.50
N GLU G 57 -52.92 -34.23 -21.19
CA GLU G 57 -52.59 -34.72 -19.87
C GLU G 57 -51.12 -35.02 -19.70
N ALA G 58 -50.29 -34.70 -20.70
CA ALA G 58 -48.85 -34.86 -20.58
C ALA G 58 -48.19 -33.83 -21.48
N ILE G 59 -47.78 -32.70 -20.90
CA ILE G 59 -47.10 -31.65 -21.63
C ILE G 59 -45.81 -31.28 -20.91
N ASN G 60 -44.76 -31.02 -21.70
CA ASN G 60 -43.51 -30.44 -21.24
C ASN G 60 -42.85 -31.27 -20.15
N THR G 61 -42.77 -32.57 -20.39
CA THR G 61 -42.32 -33.48 -19.35
C THR G 61 -40.82 -33.38 -19.14
N SER G 62 -40.40 -33.47 -17.88
CA SER G 62 -39.00 -33.48 -17.50
C SER G 62 -38.41 -34.87 -17.69
N ALA G 63 -37.24 -35.10 -17.10
CA ALA G 63 -36.61 -36.41 -17.21
C ALA G 63 -37.43 -37.49 -16.53
N ALA G 64 -37.99 -37.19 -15.37
CA ALA G 64 -38.80 -38.16 -14.65
C ALA G 64 -40.24 -38.21 -15.13
N GLY G 65 -40.54 -37.67 -16.32
CA GLY G 65 -41.84 -37.82 -16.94
C GLY G 65 -42.96 -37.01 -16.31
N ILE G 66 -42.68 -36.18 -15.33
CA ILE G 66 -43.73 -35.45 -14.63
C ILE G 66 -44.19 -34.27 -15.49
N PRO G 67 -45.50 -34.06 -15.67
CA PRO G 67 -45.94 -32.94 -16.51
C PRO G 67 -45.79 -31.61 -15.81
N LEU G 68 -45.34 -30.60 -16.55
CA LEU G 68 -45.11 -29.29 -16.01
C LEU G 68 -45.89 -28.25 -16.78
N SER G 69 -46.44 -27.28 -16.08
CA SER G 69 -47.29 -26.28 -16.68
C SER G 69 -46.48 -25.32 -17.53
N VAL G 70 -46.58 -25.46 -18.84
CA VAL G 70 -45.75 -24.71 -19.76
C VAL G 70 -46.32 -23.30 -19.89
N VAL G 71 -45.53 -22.39 -20.45
CA VAL G 71 -45.99 -21.06 -20.80
C VAL G 71 -46.09 -20.99 -22.32
N VAL G 72 -47.18 -20.42 -22.82
CA VAL G 72 -47.37 -20.21 -24.24
C VAL G 72 -47.36 -18.71 -24.49
N ARG G 73 -46.46 -18.27 -25.34
CA ARG G 73 -46.31 -16.84 -25.64
C ARG G 73 -46.97 -16.58 -26.98
N ILE G 74 -47.97 -15.70 -26.98
CA ILE G 74 -48.77 -15.42 -28.17
C ILE G 74 -48.29 -14.13 -28.80
N TYR G 75 -47.86 -14.21 -30.06
CA TYR G 75 -47.25 -13.10 -30.76
C TYR G 75 -48.16 -12.58 -31.86
N GLN G 76 -48.00 -11.30 -32.18
CA GLN G 76 -48.69 -10.67 -33.30
C GLN G 76 -47.68 -9.84 -34.07
N LEU G 77 -47.57 -10.10 -35.37
CA LEU G 77 -46.41 -9.65 -36.13
C LEU G 77 -46.81 -8.62 -37.18
N LYS G 78 -45.80 -8.19 -37.92
CA LYS G 78 -45.98 -7.48 -39.18
C LYS G 78 -45.32 -8.20 -40.34
N ASP G 79 -44.62 -9.30 -40.06
CA ASP G 79 -43.85 -10.05 -41.04
C ASP G 79 -43.56 -11.42 -40.46
N ASN G 80 -43.56 -12.43 -41.32
CA ASN G 80 -43.33 -13.80 -40.88
C ASN G 80 -41.89 -14.24 -41.06
N ARG G 81 -41.08 -13.52 -41.83
CA ARG G 81 -39.76 -14.04 -42.18
C ARG G 81 -38.79 -13.95 -41.02
N SER G 82 -38.90 -12.92 -40.19
CA SER G 82 -37.98 -12.80 -39.06
C SER G 82 -38.35 -13.74 -37.93
N PHE G 83 -39.65 -13.93 -37.71
CA PHE G 83 -40.10 -14.84 -36.67
C PHE G 83 -39.83 -16.29 -37.06
N ASP G 84 -39.71 -16.58 -38.35
CA ASP G 84 -39.27 -17.90 -38.75
C ASP G 84 -37.77 -18.06 -38.53
N SER G 85 -37.02 -16.96 -38.63
CA SER G 85 -35.57 -16.99 -38.59
C SER G 85 -35.01 -16.65 -37.23
N ALA G 86 -35.65 -17.08 -36.15
CA ALA G 86 -35.09 -16.93 -34.83
C ALA G 86 -34.99 -18.28 -34.16
N ASP G 87 -33.99 -18.44 -33.32
CA ASP G 87 -33.84 -19.67 -32.59
C ASP G 87 -34.61 -19.59 -31.28
N TYR G 88 -34.60 -20.69 -30.54
CA TYR G 88 -35.34 -20.74 -29.28
C TYR G 88 -34.70 -19.87 -28.22
N GLN G 89 -33.37 -19.75 -28.25
CA GLN G 89 -32.69 -18.97 -27.24
C GLN G 89 -32.90 -17.48 -27.48
N ALA G 90 -32.75 -17.03 -28.72
CA ALA G 90 -32.79 -15.60 -29.02
C ALA G 90 -34.20 -15.03 -29.08
N LEU G 91 -35.21 -15.77 -28.65
CA LEU G 91 -36.57 -15.29 -28.72
C LEU G 91 -37.15 -15.05 -27.34
N PHE G 92 -36.90 -15.96 -26.40
CA PHE G 92 -37.34 -15.77 -25.02
C PHE G 92 -36.24 -15.19 -24.15
N THR G 93 -35.11 -15.89 -24.07
CA THR G 93 -33.97 -15.39 -23.32
C THR G 93 -33.38 -14.18 -24.02
N GLY G 94 -33.22 -13.11 -23.28
CA GLY G 94 -32.79 -11.89 -23.89
C GLY G 94 -33.92 -11.27 -24.68
N ASP G 95 -33.54 -10.60 -25.76
CA ASP G 95 -34.45 -9.80 -26.54
C ASP G 95 -33.89 -9.62 -27.94
N ASN G 96 -34.54 -8.75 -28.71
CA ASN G 96 -34.02 -8.33 -30.00
C ASN G 96 -34.42 -6.87 -30.21
N GLU G 97 -34.23 -6.39 -31.42
CA GLU G 97 -34.66 -5.07 -31.81
C GLU G 97 -35.49 -5.06 -33.09
N ILE G 98 -35.17 -5.93 -34.05
CA ILE G 98 -35.94 -5.99 -35.28
C ILE G 98 -37.04 -7.04 -35.18
N LEU G 99 -36.77 -8.17 -34.52
CA LEU G 99 -37.87 -9.03 -34.12
C LEU G 99 -38.75 -8.32 -33.11
N ALA G 100 -38.15 -7.57 -32.19
CA ALA G 100 -38.92 -6.74 -31.29
C ALA G 100 -39.58 -5.57 -32.01
N GLY G 101 -39.03 -5.16 -33.15
CA GLY G 101 -39.71 -4.15 -33.95
C GLY G 101 -40.92 -4.66 -34.68
N ASP G 102 -41.05 -5.98 -34.82
CA ASP G 102 -42.19 -6.58 -35.49
C ASP G 102 -43.24 -7.08 -34.53
N ILE G 103 -42.88 -7.35 -33.28
CA ILE G 103 -43.87 -7.74 -32.30
C ILE G 103 -44.66 -6.50 -31.89
N ILE G 104 -45.96 -6.55 -32.07
CA ILE G 104 -46.85 -5.45 -31.71
C ILE G 104 -47.71 -5.81 -30.50
N ALA G 105 -48.33 -6.98 -30.53
CA ALA G 105 -49.09 -7.47 -29.38
C ALA G 105 -48.43 -8.73 -28.85
N GLN G 106 -48.66 -9.00 -27.57
CA GLN G 106 -47.98 -10.10 -26.89
C GLN G 106 -48.77 -10.49 -25.66
N LYS G 107 -49.01 -11.78 -25.48
CA LYS G 107 -49.86 -12.27 -24.41
C LYS G 107 -49.26 -13.55 -23.86
N ASP G 108 -49.41 -13.77 -22.55
CA ASP G 108 -48.78 -14.91 -21.89
C ASP G 108 -49.82 -15.65 -21.07
N VAL G 109 -50.02 -16.92 -21.40
CA VAL G 109 -50.99 -17.76 -20.72
C VAL G 109 -50.26 -18.93 -20.09
N TRP G 110 -50.87 -19.51 -19.07
CA TRP G 110 -50.31 -20.64 -18.35
C TRP G 110 -51.17 -21.87 -18.59
N LEU G 111 -50.62 -22.83 -19.29
CA LEU G 111 -51.34 -24.06 -19.62
C LEU G 111 -51.12 -25.03 -18.48
N GLN G 112 -52.04 -25.03 -17.53
CA GLN G 112 -52.09 -26.07 -16.52
C GLN G 112 -52.27 -27.42 -17.20
N PRO G 113 -51.54 -28.46 -16.78
CA PRO G 113 -51.54 -29.73 -17.54
C PRO G 113 -52.88 -30.43 -17.43
N GLY G 114 -53.51 -30.66 -18.58
CA GLY G 114 -54.86 -31.17 -18.61
C GLY G 114 -55.91 -30.11 -18.75
N GLY G 115 -55.66 -28.90 -18.25
CA GLY G 115 -56.60 -27.81 -18.36
C GLY G 115 -56.51 -27.14 -19.72
N SER G 116 -57.06 -25.93 -19.78
CA SER G 116 -57.11 -25.21 -21.04
C SER G 116 -57.13 -23.72 -20.74
N VAL G 117 -57.26 -22.93 -21.80
CA VAL G 117 -57.28 -21.47 -21.68
C VAL G 117 -58.06 -20.93 -22.87
N ALA G 118 -58.71 -19.79 -22.67
CA ALA G 118 -59.44 -19.10 -23.72
C ALA G 118 -58.81 -17.74 -23.94
N VAL G 119 -58.37 -17.49 -25.17
CA VAL G 119 -57.65 -16.26 -25.50
C VAL G 119 -58.54 -15.43 -26.40
N ASP G 120 -58.86 -14.23 -25.95
CA ASP G 120 -59.63 -13.26 -26.72
C ASP G 120 -58.92 -11.92 -26.65
N MET G 121 -58.35 -11.49 -27.76
CA MET G 121 -57.63 -10.24 -27.80
C MET G 121 -57.89 -9.56 -29.13
N PRO G 122 -57.93 -8.22 -29.15
CA PRO G 122 -58.25 -7.51 -30.41
C PRO G 122 -57.04 -7.50 -31.33
N LEU G 123 -57.22 -8.08 -32.52
CA LEU G 123 -56.17 -8.09 -33.53
C LEU G 123 -55.97 -6.69 -34.10
N ASP G 124 -54.74 -6.21 -34.06
CA ASP G 124 -54.42 -4.88 -34.56
C ASP G 124 -54.55 -4.82 -36.07
N ASP G 125 -54.90 -3.64 -36.58
CA ASP G 125 -55.15 -3.47 -38.00
C ASP G 125 -53.86 -3.54 -38.80
N ALA G 126 -52.80 -2.89 -38.32
CA ALA G 126 -51.51 -2.97 -39.00
C ALA G 126 -50.86 -4.33 -38.84
N ALA G 127 -51.30 -5.12 -37.87
CA ALA G 127 -50.81 -6.48 -37.69
C ALA G 127 -51.35 -7.36 -38.80
N LYS G 128 -50.49 -8.16 -39.41
CA LYS G 128 -50.90 -9.04 -40.47
C LYS G 128 -50.52 -10.49 -40.22
N PHE G 129 -50.00 -10.82 -39.03
CA PHE G 129 -49.60 -12.19 -38.74
C PHE G 129 -49.74 -12.48 -37.26
N THR G 130 -50.14 -13.70 -36.95
CA THR G 130 -50.21 -14.19 -35.58
C THR G 130 -49.15 -15.26 -35.40
N GLY G 131 -48.50 -15.25 -34.23
CA GLY G 131 -47.56 -16.29 -33.88
C GLY G 131 -47.89 -16.82 -32.50
N VAL G 132 -47.63 -18.11 -32.31
CA VAL G 132 -47.79 -18.77 -31.03
C VAL G 132 -46.52 -19.56 -30.77
N ALA G 133 -45.87 -19.31 -29.65
CA ALA G 133 -44.70 -20.07 -29.27
C ALA G 133 -44.85 -20.54 -27.83
N ALA G 134 -44.25 -21.69 -27.54
CA ALA G 134 -44.21 -22.23 -26.20
C ALA G 134 -42.81 -22.08 -25.64
N MET G 135 -42.69 -22.13 -24.33
CA MET G 135 -41.40 -22.14 -23.68
C MET G 135 -41.20 -23.53 -23.10
N PHE G 136 -40.75 -24.44 -23.95
CA PHE G 136 -40.68 -25.83 -23.53
C PHE G 136 -39.45 -26.08 -22.70
N LEU G 137 -39.49 -27.17 -21.91
CA LEU G 137 -38.33 -27.53 -21.12
C LEU G 137 -37.24 -28.11 -22.00
N GLU G 138 -37.59 -29.08 -22.82
CA GLU G 138 -36.66 -29.69 -23.79
C GLU G 138 -37.28 -29.57 -25.17
N PRO G 139 -37.15 -28.41 -25.80
CA PRO G 139 -37.79 -28.19 -27.09
C PRO G 139 -37.00 -28.84 -28.21
N ASP G 140 -37.70 -29.10 -29.30
CA ASP G 140 -37.11 -29.72 -30.48
C ASP G 140 -36.70 -28.61 -31.44
N GLN G 141 -35.41 -28.28 -31.44
CA GLN G 141 -34.94 -27.19 -32.27
C GLN G 141 -34.63 -27.62 -33.69
N LYS G 142 -34.49 -28.90 -33.96
CA LYS G 142 -34.13 -29.29 -35.32
C LYS G 142 -35.32 -29.28 -36.24
N LYS G 143 -36.48 -29.76 -35.79
CA LYS G 143 -37.66 -29.82 -36.63
C LYS G 143 -38.60 -28.65 -36.43
N ASN G 144 -38.33 -27.79 -35.43
CA ASN G 144 -39.06 -26.54 -35.18
C ASN G 144 -40.56 -26.79 -34.94
N THR G 145 -40.85 -27.69 -34.01
CA THR G 145 -42.22 -28.02 -33.68
C THR G 145 -42.70 -27.33 -32.42
N TRP G 146 -42.04 -26.24 -32.03
CA TRP G 146 -42.41 -25.51 -30.83
C TRP G 146 -43.02 -24.16 -31.14
N ARG G 147 -43.33 -23.88 -32.40
CA ARG G 147 -44.06 -22.68 -32.74
C ARG G 147 -44.85 -22.91 -34.02
N VAL G 148 -45.87 -22.08 -34.23
CA VAL G 148 -46.73 -22.15 -35.40
C VAL G 148 -47.01 -20.74 -35.87
N VAL G 149 -47.23 -20.60 -37.17
CA VAL G 149 -47.42 -19.30 -37.80
C VAL G 149 -48.83 -19.27 -38.37
N LEU G 150 -49.78 -18.78 -37.58
CA LEU G 150 -51.16 -18.64 -38.03
C LEU G 150 -51.29 -17.32 -38.78
N GLY G 151 -51.52 -17.39 -40.08
CA GLY G 151 -51.64 -16.20 -40.87
C GLY G 151 -52.97 -15.49 -40.64
N ARG G 152 -53.05 -14.25 -41.15
CA ARG G 152 -54.23 -13.43 -40.89
C ARG G 152 -55.43 -13.94 -41.65
N ASP G 153 -55.24 -14.39 -42.89
CA ASP G 153 -56.36 -14.85 -43.69
C ASP G 153 -56.85 -16.24 -43.30
N GLU G 154 -56.18 -16.90 -42.35
CA GLU G 154 -56.60 -18.21 -41.89
C GLU G 154 -57.35 -18.15 -40.58
N LEU G 155 -57.70 -16.96 -40.10
CA LEU G 155 -58.39 -16.82 -38.84
C LEU G 155 -59.91 -16.85 -39.05
N GLU G 156 -60.58 -17.70 -38.29
CA GLU G 156 -62.03 -17.78 -38.32
C GLU G 156 -62.63 -16.64 -37.50
N PRO G 157 -63.75 -16.07 -37.94
CA PRO G 157 -64.23 -14.84 -37.30
C PRO G 157 -64.89 -15.08 -35.95
N ASP G 158 -65.50 -16.24 -35.75
CA ASP G 158 -66.21 -16.51 -34.51
C ASP G 158 -65.80 -17.80 -33.83
N THR G 159 -65.57 -18.88 -34.58
CA THR G 159 -65.17 -20.14 -33.98
C THR G 159 -63.68 -20.10 -33.68
N PRO G 160 -63.27 -20.24 -32.42
CA PRO G 160 -61.85 -20.18 -32.11
C PRO G 160 -61.11 -21.40 -32.60
N ARG G 161 -59.86 -21.19 -33.01
CA ARG G 161 -59.02 -22.28 -33.49
C ARG G 161 -58.44 -23.08 -32.33
N LEU G 162 -58.57 -24.38 -32.40
CA LEU G 162 -58.03 -25.27 -31.38
C LEU G 162 -56.55 -25.46 -31.62
N ILE G 163 -55.76 -25.28 -30.57
CA ILE G 163 -54.32 -25.55 -30.59
C ILE G 163 -54.02 -26.54 -29.48
N GLU G 164 -53.47 -27.68 -29.84
CA GLU G 164 -53.26 -28.75 -28.89
C GLU G 164 -51.78 -28.99 -28.71
N VAL G 165 -51.38 -29.24 -27.47
CA VAL G 165 -49.99 -29.53 -27.12
C VAL G 165 -49.94 -30.92 -26.53
N SER G 166 -48.88 -31.66 -26.86
CA SER G 166 -48.71 -33.03 -26.39
C SER G 166 -47.22 -33.22 -26.12
N GLY G 167 -46.81 -33.04 -24.87
CA GLY G 167 -45.40 -33.15 -24.60
C GLY G 167 -44.68 -31.89 -25.04
N ASN G 168 -44.01 -31.95 -26.18
CA ASN G 168 -43.20 -30.83 -26.65
C ASN G 168 -43.50 -30.52 -28.11
N THR G 169 -44.77 -30.43 -28.48
CA THR G 169 -45.18 -30.04 -29.83
C THR G 169 -46.33 -29.06 -29.75
N LEU G 170 -46.30 -28.05 -30.62
CA LEU G 170 -47.44 -27.16 -30.80
C LEU G 170 -48.17 -27.59 -32.06
N THR G 171 -49.20 -28.41 -31.90
CA THR G 171 -49.96 -28.92 -33.02
C THR G 171 -51.06 -27.94 -33.36
N LEU G 172 -51.07 -27.46 -34.60
CA LEU G 172 -52.18 -26.66 -35.11
C LEU G 172 -53.23 -27.61 -35.66
N LEU G 173 -54.35 -27.69 -34.99
CA LEU G 173 -55.34 -28.68 -35.35
C LEU G 173 -56.12 -28.23 -36.58
N PRO G 174 -56.39 -29.14 -37.51
CA PRO G 174 -57.10 -28.75 -38.73
C PRO G 174 -58.58 -28.58 -38.48
N VAL G 175 -59.17 -27.59 -39.14
CA VAL G 175 -60.60 -27.33 -39.02
C VAL G 175 -61.38 -28.32 -39.88
N TYR H 43 -77.13 1.55 -23.46
CA TYR H 43 -76.58 0.61 -22.49
C TYR H 43 -75.07 0.78 -22.38
N ARG H 44 -74.52 1.64 -23.25
CA ARG H 44 -73.08 1.84 -23.28
C ARG H 44 -72.61 2.63 -22.05
N GLN H 45 -73.49 3.45 -21.48
CA GLN H 45 -73.08 4.44 -20.48
C GLN H 45 -72.87 3.79 -19.12
N ILE H 46 -71.81 2.99 -19.00
CA ILE H 46 -71.26 2.59 -17.73
C ILE H 46 -70.18 3.61 -17.42
N LYS H 47 -69.78 4.35 -18.47
CA LYS H 47 -68.53 5.11 -18.64
C LYS H 47 -67.96 5.82 -17.42
N THR H 48 -68.79 6.52 -16.66
CA THR H 48 -68.30 7.15 -15.45
C THR H 48 -68.40 6.20 -14.27
N LEU H 49 -67.31 6.05 -13.54
CA LEU H 49 -67.29 5.21 -12.36
C LEU H 49 -67.60 6.05 -11.13
N HIS H 50 -68.56 5.59 -10.33
CA HIS H 50 -68.90 6.22 -9.08
C HIS H 50 -68.64 5.25 -7.94
N LEU H 51 -67.84 5.68 -6.98
CA LEU H 51 -67.49 4.82 -5.85
C LEU H 51 -67.45 5.64 -4.57
N ASP H 52 -68.30 5.25 -3.62
CA ASP H 52 -68.31 5.86 -2.30
C ASP H 52 -67.81 4.81 -1.32
N ILE H 53 -66.69 5.09 -0.67
CA ILE H 53 -66.07 4.18 0.26
C ILE H 53 -66.26 4.74 1.66
N ARG H 54 -67.00 4.04 2.50
CA ARG H 54 -67.16 4.43 3.88
C ARG H 54 -66.17 3.65 4.72
N ALA H 55 -65.59 4.33 5.71
CA ALA H 55 -64.63 3.71 6.60
C ALA H 55 -65.16 3.75 8.02
N ARG H 56 -65.11 2.61 8.70
CA ARG H 56 -65.71 2.53 10.01
C ARG H 56 -64.84 3.20 11.06
N GLU H 57 -65.24 3.07 12.32
CA GLU H 57 -64.56 3.71 13.41
C GLU H 57 -63.43 2.88 13.98
N ALA H 58 -63.09 1.76 13.32
CA ALA H 58 -61.94 0.97 13.73
C ALA H 58 -61.42 0.24 12.50
N ILE H 59 -60.42 0.82 11.84
CA ILE H 59 -59.79 0.23 10.67
C ILE H 59 -58.29 0.17 10.88
N ASN H 60 -57.68 -0.93 10.41
CA ASN H 60 -56.23 -1.10 10.30
C ASN H 60 -55.54 -0.93 11.65
N THR H 61 -56.07 -1.62 12.66
CA THR H 61 -55.60 -1.41 14.01
C THR H 61 -54.25 -2.06 14.23
N SER H 62 -53.39 -1.35 14.96
CA SER H 62 -52.07 -1.85 15.33
C SER H 62 -52.16 -2.78 16.53
N ALA H 63 -51.03 -3.06 17.17
CA ALA H 63 -51.02 -3.93 18.34
C ALA H 63 -51.80 -3.32 19.49
N ALA H 64 -51.64 -2.02 19.73
CA ALA H 64 -52.37 -1.37 20.81
C ALA H 64 -53.78 -0.95 20.41
N GLY H 65 -54.30 -1.47 19.31
CA GLY H 65 -55.69 -1.26 18.93
C GLY H 65 -56.03 0.10 18.40
N ILE H 66 -55.06 0.99 18.23
CA ILE H 66 -55.34 2.36 17.80
C ILE H 66 -55.67 2.35 16.30
N PRO H 67 -56.72 3.03 15.86
CA PRO H 67 -57.07 3.01 14.43
C PRO H 67 -56.13 3.90 13.63
N LEU H 68 -55.70 3.39 12.48
CA LEU H 68 -54.77 4.10 11.63
C LEU H 68 -55.35 4.27 10.24
N SER H 69 -55.13 5.43 9.66
CA SER H 69 -55.74 5.76 8.38
C SER H 69 -55.08 4.99 7.26
N VAL H 70 -55.79 4.03 6.71
CA VAL H 70 -55.25 3.11 5.72
C VAL H 70 -55.22 3.82 4.38
N VAL H 71 -54.50 3.25 3.42
CA VAL H 71 -54.54 3.69 2.03
C VAL H 71 -55.26 2.63 1.23
N VAL H 72 -56.17 3.05 0.36
CA VAL H 72 -56.88 2.16 -0.53
C VAL H 72 -56.43 2.46 -1.95
N ARG H 73 -55.93 1.46 -2.63
CA ARG H 73 -55.41 1.63 -3.97
C ARG H 73 -56.42 1.06 -4.95
N ILE H 74 -56.89 1.90 -5.87
CA ILE H 74 -57.97 1.54 -6.78
C ILE H 74 -57.39 1.24 -8.16
N TYR H 75 -57.64 0.03 -8.64
CA TYR H 75 -57.06 -0.46 -9.88
C TYR H 75 -58.10 -0.57 -10.97
N GLN H 76 -57.65 -0.46 -12.23
CA GLN H 76 -58.48 -0.67 -13.40
C GLN H 76 -57.70 -1.49 -14.41
N LEU H 77 -58.22 -2.66 -14.75
CA LEU H 77 -57.41 -3.70 -15.39
C LEU H 77 -57.97 -4.07 -16.75
N LYS H 78 -57.27 -5.00 -17.40
CA LYS H 78 -57.75 -5.68 -18.59
C LYS H 78 -57.97 -7.16 -18.38
N ASP H 79 -57.69 -7.66 -17.18
CA ASP H 79 -57.76 -9.07 -16.87
C ASP H 79 -57.86 -9.21 -15.36
N ASN H 80 -58.45 -10.31 -14.91
CA ASN H 80 -58.58 -10.57 -13.49
C ASN H 80 -57.69 -11.70 -13.00
N ARG H 81 -57.18 -12.54 -13.89
CA ARG H 81 -56.49 -13.75 -13.45
C ARG H 81 -55.11 -13.43 -12.87
N SER H 82 -54.46 -12.38 -13.35
CA SER H 82 -53.17 -12.01 -12.78
C SER H 82 -53.34 -11.28 -11.46
N PHE H 83 -54.42 -10.52 -11.33
CA PHE H 83 -54.65 -9.77 -10.11
C PHE H 83 -55.08 -10.67 -8.97
N ASP H 84 -55.66 -11.83 -9.27
CA ASP H 84 -55.92 -12.79 -8.20
C ASP H 84 -54.67 -13.55 -7.82
N SER H 85 -53.69 -13.60 -8.73
CA SER H 85 -52.46 -14.35 -8.52
C SER H 85 -51.30 -13.47 -8.11
N ALA H 86 -51.54 -12.47 -7.28
CA ALA H 86 -50.46 -11.67 -6.71
C ALA H 86 -50.60 -11.67 -5.21
N ASP H 87 -49.46 -11.68 -4.53
CA ASP H 87 -49.48 -11.62 -3.09
C ASP H 87 -49.49 -10.17 -2.63
N TYR H 88 -49.55 -9.96 -1.32
CA TYR H 88 -49.56 -8.62 -0.79
C TYR H 88 -48.24 -7.92 -0.99
N GLN H 89 -47.14 -8.68 -0.99
CA GLN H 89 -45.82 -8.08 -1.13
C GLN H 89 -45.58 -7.62 -2.55
N ALA H 90 -45.84 -8.47 -3.54
CA ALA H 90 -45.47 -8.18 -4.92
C ALA H 90 -46.44 -7.23 -5.61
N LEU H 91 -47.34 -6.59 -4.88
CA LEU H 91 -48.30 -5.71 -5.51
C LEU H 91 -48.08 -4.26 -5.10
N PHE H 92 -47.76 -4.04 -3.82
CA PHE H 92 -47.45 -2.69 -3.34
C PHE H 92 -45.95 -2.46 -3.27
N THR H 93 -45.25 -3.29 -2.52
CA THR H 93 -43.79 -3.20 -2.44
C THR H 93 -43.19 -3.63 -3.76
N GLY H 94 -42.35 -2.80 -4.32
CA GLY H 94 -41.81 -3.09 -5.60
C GLY H 94 -42.85 -2.86 -6.68
N ASP H 95 -42.74 -3.66 -7.73
CA ASP H 95 -43.53 -3.47 -8.92
C ASP H 95 -43.60 -4.79 -9.68
N ASN H 96 -44.19 -4.73 -10.87
CA ASN H 96 -44.18 -5.86 -11.78
C ASN H 96 -44.05 -5.33 -13.20
N GLU H 97 -44.25 -6.20 -14.16
CA GLU H 97 -44.27 -5.82 -15.57
C GLU H 97 -45.51 -6.30 -16.31
N ILE H 98 -46.03 -7.47 -15.95
CA ILE H 98 -47.22 -7.97 -16.60
C ILE H 98 -48.47 -7.60 -15.81
N LEU H 99 -48.40 -7.63 -14.48
CA LEU H 99 -49.44 -6.99 -13.69
C LEU H 99 -49.43 -5.49 -13.94
N ALA H 100 -48.23 -4.90 -14.02
CA ALA H 100 -48.13 -3.51 -14.41
C ALA H 100 -48.52 -3.28 -15.86
N GLY H 101 -48.41 -4.31 -16.71
CA GLY H 101 -48.93 -4.21 -18.06
C GLY H 101 -50.43 -4.24 -18.13
N ASP H 102 -51.10 -4.73 -17.07
CA ASP H 102 -52.54 -4.79 -17.03
C ASP H 102 -53.17 -3.61 -16.31
N ILE H 103 -52.44 -2.98 -15.40
CA ILE H 103 -52.97 -1.80 -14.72
C ILE H 103 -52.95 -0.65 -15.70
N ILE H 104 -54.11 -0.05 -15.94
CA ILE H 104 -54.25 1.09 -16.83
C ILE H 104 -54.55 2.36 -16.06
N ALA H 105 -55.52 2.32 -15.15
CA ALA H 105 -55.80 3.44 -14.27
C ALA H 105 -55.50 3.05 -12.83
N GLN H 106 -55.20 4.05 -12.02
CA GLN H 106 -54.75 3.81 -10.65
C GLN H 106 -54.98 5.06 -9.84
N LYS H 107 -55.55 4.91 -8.66
CA LYS H 107 -55.97 6.03 -7.84
C LYS H 107 -55.74 5.70 -6.38
N ASP H 108 -55.35 6.70 -5.58
CA ASP H 108 -54.97 6.48 -4.20
C ASP H 108 -55.72 7.45 -3.30
N VAL H 109 -56.50 6.90 -2.38
CA VAL H 109 -57.30 7.70 -1.45
C VAL H 109 -56.83 7.40 -0.04
N TRP H 110 -57.13 8.31 0.88
CA TRP H 110 -56.77 8.17 2.28
C TRP H 110 -58.04 8.06 3.11
N LEU H 111 -58.27 6.90 3.67
CA LEU H 111 -59.45 6.65 4.48
C LEU H 111 -59.13 7.05 5.91
N GLN H 112 -59.47 8.29 6.24
CA GLN H 112 -59.46 8.74 7.62
C GLN H 112 -60.39 7.86 8.44
N PRO H 113 -60.01 7.45 9.66
CA PRO H 113 -60.82 6.48 10.41
C PRO H 113 -62.12 7.09 10.86
N GLY H 114 -63.22 6.52 10.40
CA GLY H 114 -64.53 7.07 10.63
C GLY H 114 -65.04 7.96 9.53
N GLY H 115 -64.15 8.57 8.76
CA GLY H 115 -64.55 9.38 7.63
C GLY H 115 -64.85 8.54 6.42
N SER H 116 -64.85 9.20 5.26
CA SER H 116 -65.19 8.53 4.02
C SER H 116 -64.50 9.25 2.88
N VAL H 117 -64.75 8.77 1.67
CA VAL H 117 -64.19 9.36 0.47
C VAL H 117 -65.14 9.06 -0.68
N ALA H 118 -65.10 9.91 -1.70
CA ALA H 118 -65.93 9.77 -2.88
C ALA H 118 -65.05 9.69 -4.10
N VAL H 119 -65.16 8.60 -4.85
CA VAL H 119 -64.30 8.35 -5.99
C VAL H 119 -65.13 8.48 -7.26
N ASP H 120 -64.75 9.43 -8.11
CA ASP H 120 -65.34 9.58 -9.44
C ASP H 120 -64.20 9.66 -10.44
N MET H 121 -64.08 8.65 -11.28
CA MET H 121 -63.03 8.62 -12.28
C MET H 121 -63.60 8.00 -13.55
N PRO H 122 -63.12 8.43 -14.72
CA PRO H 122 -63.67 7.90 -15.98
C PRO H 122 -63.12 6.51 -16.27
N LEU H 123 -64.02 5.54 -16.36
CA LEU H 123 -63.65 4.17 -16.70
C LEU H 123 -63.23 4.10 -18.16
N ASP H 124 -62.02 3.60 -18.39
CA ASP H 124 -61.49 3.49 -19.74
C ASP H 124 -62.25 2.43 -20.53
N ASP H 125 -62.31 2.63 -21.84
CA ASP H 125 -63.09 1.74 -22.70
C ASP H 125 -62.43 0.38 -22.85
N ALA H 126 -61.10 0.36 -23.03
CA ALA H 126 -60.39 -0.91 -23.10
C ALA H 126 -60.30 -1.60 -21.74
N ALA H 127 -60.54 -0.87 -20.66
CA ALA H 127 -60.57 -1.46 -19.33
C ALA H 127 -61.84 -2.29 -19.19
N LYS H 128 -61.71 -3.48 -18.61
CA LYS H 128 -62.84 -4.35 -18.42
C LYS H 128 -62.96 -4.87 -16.99
N PHE H 129 -62.12 -4.39 -16.07
CA PHE H 129 -62.18 -4.86 -14.69
C PHE H 129 -61.74 -3.75 -13.75
N THR H 130 -62.37 -3.72 -12.57
CA THR H 130 -62.03 -2.78 -11.52
C THR H 130 -61.53 -3.55 -10.32
N GLY H 131 -60.40 -3.12 -9.78
CA GLY H 131 -59.86 -3.70 -8.56
C GLY H 131 -59.71 -2.64 -7.49
N VAL H 132 -59.92 -3.05 -6.26
CA VAL H 132 -59.71 -2.19 -5.09
C VAL H 132 -58.90 -2.98 -4.09
N ALA H 133 -57.78 -2.43 -3.66
CA ALA H 133 -56.95 -3.09 -2.66
C ALA H 133 -56.59 -2.08 -1.58
N ALA H 134 -56.43 -2.58 -0.36
CA ALA H 134 -56.00 -1.78 0.76
C ALA H 134 -54.54 -2.11 1.06
N MET H 135 -53.89 -1.20 1.77
CA MET H 135 -52.54 -1.45 2.25
C MET H 135 -52.63 -1.59 3.76
N PHE H 136 -52.98 -2.79 4.20
CA PHE H 136 -53.26 -2.96 5.62
C PHE H 136 -51.98 -3.11 6.41
N LEU H 137 -52.08 -2.84 7.71
CA LEU H 137 -50.91 -3.02 8.56
C LEU H 137 -50.64 -4.49 8.80
N GLU H 138 -51.67 -5.24 9.19
CA GLU H 138 -51.58 -6.69 9.37
C GLU H 138 -52.66 -7.33 8.51
N PRO H 139 -52.40 -7.51 7.23
CA PRO H 139 -53.42 -8.04 6.35
C PRO H 139 -53.54 -9.55 6.48
N ASP H 140 -54.68 -10.06 6.06
CA ASP H 140 -54.97 -11.49 6.12
C ASP H 140 -54.65 -12.09 4.76
N GLN H 141 -53.49 -12.72 4.64
CA GLN H 141 -53.08 -13.24 3.36
C GLN H 141 -53.61 -14.64 3.09
N LYS H 142 -54.10 -15.35 4.10
CA LYS H 142 -54.54 -16.71 3.82
C LYS H 142 -55.93 -16.73 3.20
N LYS H 143 -56.84 -15.89 3.69
CA LYS H 143 -58.20 -15.87 3.17
C LYS H 143 -58.44 -14.79 2.12
N ASN H 144 -57.45 -13.92 1.89
CA ASN H 144 -57.45 -12.91 0.83
C ASN H 144 -58.65 -11.96 0.96
N THR H 145 -58.82 -11.39 2.14
CA THR H 145 -59.91 -10.47 2.41
C THR H 145 -59.46 -9.03 2.35
N TRP H 146 -58.36 -8.74 1.66
CA TRP H 146 -57.84 -7.39 1.58
C TRP H 146 -57.95 -6.81 0.18
N ARG H 147 -58.67 -7.48 -0.72
CA ARG H 147 -58.96 -6.91 -2.03
C ARG H 147 -60.25 -7.51 -2.56
N VAL H 148 -60.85 -6.79 -3.51
CA VAL H 148 -62.11 -7.19 -4.13
C VAL H 148 -62.00 -6.96 -5.64
N VAL H 149 -62.71 -7.77 -6.40
CA VAL H 149 -62.67 -7.72 -7.86
C VAL H 149 -64.07 -7.34 -8.34
N LEU H 150 -64.30 -6.03 -8.52
CA LEU H 150 -65.57 -5.54 -9.03
C LEU H 150 -65.51 -5.60 -10.56
N GLY H 151 -66.31 -6.47 -11.14
CA GLY H 151 -66.34 -6.60 -12.59
C GLY H 151 -67.04 -5.43 -13.25
N ARG H 152 -66.89 -5.36 -14.57
CA ARG H 152 -67.41 -4.21 -15.30
C ARG H 152 -68.92 -4.26 -15.40
N ASP H 153 -69.48 -5.44 -15.60
CA ASP H 153 -70.93 -5.57 -15.73
C ASP H 153 -71.66 -5.44 -14.41
N GLU H 154 -70.96 -5.36 -13.29
CA GLU H 154 -71.58 -5.20 -11.99
C GLU H 154 -71.58 -3.76 -11.50
N LEU H 155 -71.21 -2.81 -12.35
CA LEU H 155 -71.15 -1.42 -11.95
C LEU H 155 -72.48 -0.72 -12.20
N GLU H 156 -72.99 -0.05 -11.18
CA GLU H 156 -74.20 0.74 -11.32
C GLU H 156 -73.89 2.06 -12.01
N PRO H 157 -74.79 2.55 -12.87
CA PRO H 157 -74.42 3.71 -13.71
C PRO H 157 -74.44 5.03 -12.97
N ASP H 158 -75.31 5.17 -11.97
CA ASP H 158 -75.43 6.44 -11.26
C ASP H 158 -75.22 6.33 -9.76
N THR H 159 -75.76 5.31 -9.11
CA THR H 159 -75.58 5.14 -7.67
C THR H 159 -74.22 4.53 -7.39
N PRO H 160 -73.38 5.16 -6.57
CA PRO H 160 -72.08 4.57 -6.28
C PRO H 160 -72.21 3.35 -5.38
N ARG H 161 -71.27 2.42 -5.55
CA ARG H 161 -71.25 1.22 -4.72
C ARG H 161 -70.55 1.50 -3.39
N LEU H 162 -71.18 1.07 -2.31
CA LEU H 162 -70.61 1.24 -0.98
C LEU H 162 -69.59 0.13 -0.74
N ILE H 163 -68.41 0.53 -0.29
CA ILE H 163 -67.37 -0.41 0.13
C ILE H 163 -66.99 -0.04 1.55
N GLU H 164 -67.15 -0.99 2.46
CA GLU H 164 -66.96 -0.73 3.87
C GLU H 164 -65.78 -1.53 4.37
N VAL H 165 -64.98 -0.92 5.24
CA VAL H 165 -63.81 -1.57 5.85
C VAL H 165 -64.00 -1.62 7.34
N SER H 166 -63.62 -2.73 7.94
CA SER H 166 -63.78 -2.94 9.38
C SER H 166 -62.52 -3.61 9.88
N GLY H 167 -61.54 -2.82 10.27
CA GLY H 167 -60.31 -3.44 10.73
C GLY H 167 -59.42 -3.79 9.56
N ASN H 168 -59.45 -5.05 9.15
CA ASN H 168 -58.59 -5.51 8.07
C ASN H 168 -59.37 -6.34 7.06
N THR H 169 -60.53 -5.85 6.63
CA THR H 169 -61.31 -6.51 5.59
C THR H 169 -61.85 -5.46 4.62
N LEU H 170 -61.81 -5.77 3.34
CA LEU H 170 -62.48 -4.97 2.33
C LEU H 170 -63.80 -5.64 2.00
N THR H 171 -64.87 -5.22 2.65
CA THR H 171 -66.18 -5.79 2.47
C THR H 171 -66.87 -5.09 1.30
N LEU H 172 -67.25 -5.88 0.29
CA LEU H 172 -68.07 -5.38 -0.80
C LEU H 172 -69.54 -5.51 -0.37
N LEU H 173 -70.17 -4.39 -0.10
CA LEU H 173 -71.51 -4.44 0.44
C LEU H 173 -72.52 -4.76 -0.65
N PRO H 174 -73.51 -5.61 -0.37
CA PRO H 174 -74.49 -5.97 -1.39
C PRO H 174 -75.50 -4.86 -1.61
N VAL H 175 -75.92 -4.71 -2.86
CA VAL H 175 -76.91 -3.69 -3.22
C VAL H 175 -78.30 -4.14 -2.80
N TYR I 43 -72.43 26.97 -23.01
CA TYR I 43 -71.90 27.03 -21.66
C TYR I 43 -70.58 26.29 -21.55
N ARG I 44 -70.23 25.60 -22.63
CA ARG I 44 -68.99 24.82 -22.64
C ARG I 44 -67.77 25.72 -22.67
N GLN I 45 -67.90 26.92 -23.23
CA GLN I 45 -66.76 27.77 -23.57
C GLN I 45 -66.21 28.45 -22.32
N ILE I 46 -65.60 27.66 -21.44
CA ILE I 46 -64.72 28.18 -20.39
C ILE I 46 -63.32 28.14 -20.99
N LYS I 47 -63.19 27.36 -22.07
CA LYS I 47 -61.97 26.78 -22.63
C LYS I 47 -60.70 27.62 -22.58
N THR I 48 -60.78 28.89 -22.94
CA THR I 48 -59.60 29.75 -22.84
C THR I 48 -59.52 30.37 -21.46
N LEU I 49 -58.35 30.22 -20.82
CA LEU I 49 -58.13 30.80 -19.51
C LEU I 49 -57.50 32.19 -19.68
N HIS I 50 -58.10 33.17 -19.02
CA HIS I 50 -57.58 34.53 -19.01
C HIS I 50 -57.22 34.91 -17.59
N LEU I 51 -55.98 35.34 -17.41
CA LEU I 51 -55.51 35.70 -16.09
C LEU I 51 -54.60 36.91 -16.17
N ASP I 52 -54.98 37.98 -15.48
CA ASP I 52 -54.15 39.17 -15.37
C ASP I 52 -53.70 39.27 -13.92
N ILE I 53 -52.40 39.20 -13.71
CA ILE I 53 -51.82 39.28 -12.37
C ILE I 53 -51.11 40.61 -12.25
N ARG I 54 -51.58 41.45 -11.35
CA ARG I 54 -50.93 42.71 -11.06
C ARG I 54 -50.05 42.53 -9.85
N ALA I 55 -48.88 43.14 -9.88
CA ALA I 55 -47.93 43.08 -8.79
C ALA I 55 -47.73 44.46 -8.21
N ARG I 56 -47.83 44.57 -6.89
CA ARG I 56 -47.76 45.87 -6.25
C ARG I 56 -46.33 46.37 -6.20
N GLU I 57 -46.14 47.51 -5.53
CA GLU I 57 -44.84 48.16 -5.47
C GLU I 57 -43.99 47.65 -4.32
N ALA I 58 -44.42 46.60 -3.63
CA ALA I 58 -43.61 45.97 -2.60
C ALA I 58 -44.02 44.50 -2.52
N ILE I 59 -43.27 43.64 -3.20
CA ILE I 59 -43.51 42.20 -3.17
C ILE I 59 -42.23 41.49 -2.79
N ASN I 60 -42.37 40.45 -1.96
CA ASN I 60 -41.32 39.49 -1.67
C ASN I 60 -40.07 40.15 -1.09
N THR I 61 -40.30 41.03 -0.11
CA THR I 61 -39.22 41.84 0.40
C THR I 61 -38.28 41.03 1.29
N SER I 62 -37.00 41.31 1.18
CA SER I 62 -35.97 40.67 1.99
C SER I 62 -35.90 41.30 3.37
N ALA I 63 -34.81 41.03 4.09
CA ALA I 63 -34.62 41.65 5.40
C ALA I 63 -34.47 43.16 5.28
N ALA I 64 -33.73 43.63 4.28
CA ALA I 64 -33.54 45.06 4.11
C ALA I 64 -34.68 45.73 3.37
N GLY I 65 -35.83 45.08 3.22
CA GLY I 65 -37.02 45.69 2.68
C GLY I 65 -37.01 45.92 1.19
N ILE I 66 -35.96 45.53 0.48
CA ILE I 66 -35.86 45.77 -0.95
C ILE I 66 -36.81 44.83 -1.70
N PRO I 67 -37.63 45.31 -2.62
CA PRO I 67 -38.57 44.42 -3.30
C PRO I 67 -37.86 43.58 -4.36
N LEU I 68 -38.25 42.32 -4.45
CA LEU I 68 -37.60 41.37 -5.33
C LEU I 68 -38.61 40.71 -6.24
N SER I 69 -38.24 40.54 -7.49
CA SER I 69 -39.15 40.02 -8.50
C SER I 69 -39.42 38.55 -8.28
N VAL I 70 -40.61 38.23 -7.83
CA VAL I 70 -40.96 36.88 -7.43
C VAL I 70 -41.32 36.08 -8.67
N VAL I 71 -41.37 34.77 -8.54
CA VAL I 71 -41.87 33.88 -9.58
C VAL I 71 -43.23 33.36 -9.14
N VAL I 72 -44.20 33.39 -10.05
CA VAL I 72 -45.52 32.84 -9.81
C VAL I 72 -45.69 31.64 -10.71
N ARG I 73 -46.06 30.50 -10.14
CA ARG I 73 -46.15 29.25 -10.86
C ARG I 73 -47.63 28.88 -11.01
N ILE I 74 -48.12 28.90 -12.24
CA ILE I 74 -49.53 28.62 -12.52
C ILE I 74 -49.69 27.12 -12.77
N TYR I 75 -50.58 26.50 -12.01
CA TYR I 75 -50.81 25.07 -12.07
C TYR I 75 -52.20 24.77 -12.63
N GLN I 76 -52.34 23.60 -13.25
CA GLN I 76 -53.62 23.10 -13.76
C GLN I 76 -53.72 21.63 -13.42
N LEU I 77 -54.80 21.25 -12.75
CA LEU I 77 -54.81 19.98 -12.04
C LEU I 77 -56.01 19.14 -12.41
N LYS I 78 -56.09 17.99 -11.75
CA LYS I 78 -57.26 17.12 -11.81
C LYS I 78 -57.93 16.93 -10.46
N ASP I 79 -57.36 17.48 -9.40
CA ASP I 79 -57.85 17.29 -8.04
C ASP I 79 -57.25 18.37 -7.15
N ASN I 80 -58.03 18.82 -6.18
CA ASN I 80 -57.58 19.88 -5.29
C ASN I 80 -57.04 19.37 -3.96
N ARG I 81 -57.28 18.10 -3.61
CA ARG I 81 -56.96 17.66 -2.25
C ARG I 81 -55.47 17.47 -2.05
N SER I 82 -54.75 17.05 -3.09
CA SER I 82 -53.31 16.86 -2.94
C SER I 82 -52.57 18.19 -2.96
N PHE I 83 -53.07 19.15 -3.74
CA PHE I 83 -52.45 20.46 -3.80
C PHE I 83 -52.66 21.24 -2.52
N ASP I 84 -53.70 20.93 -1.77
CA ASP I 84 -53.86 21.52 -0.45
C ASP I 84 -52.89 20.88 0.53
N SER I 85 -52.54 19.61 0.31
CA SER I 85 -51.73 18.85 1.25
C SER I 85 -50.28 18.78 0.85
N ALA I 86 -49.72 19.86 0.32
CA ALA I 86 -48.29 19.93 0.07
C ALA I 86 -47.73 21.16 0.76
N ASP I 87 -46.49 21.05 1.19
CA ASP I 87 -45.84 22.17 1.84
C ASP I 87 -45.08 22.99 0.81
N TYR I 88 -44.46 24.08 1.27
CA TYR I 88 -43.71 24.94 0.37
C TYR I 88 -42.46 24.25 -0.15
N GLN I 89 -41.87 23.38 0.67
CA GLN I 89 -40.63 22.73 0.28
C GLN I 89 -40.89 21.65 -0.76
N ALA I 90 -41.86 20.77 -0.50
CA ALA I 90 -42.09 19.62 -1.37
C ALA I 90 -42.84 19.95 -2.64
N LEU I 91 -43.01 21.21 -2.98
CA LEU I 91 -43.76 21.56 -4.17
C LEU I 91 -42.85 22.22 -5.21
N PHE I 92 -41.92 23.06 -4.77
CA PHE I 92 -40.96 23.68 -5.66
C PHE I 92 -39.62 22.96 -5.64
N THR I 93 -39.02 22.87 -4.45
CA THR I 93 -37.77 22.13 -4.30
C THR I 93 -38.03 20.64 -4.46
N GLY I 94 -37.28 20.02 -5.34
CA GLY I 94 -37.54 18.63 -5.62
C GLY I 94 -38.76 18.50 -6.49
N ASP I 95 -39.46 17.39 -6.29
CA ASP I 95 -40.56 17.00 -7.14
C ASP I 95 -41.48 16.08 -6.37
N ASN I 96 -42.44 15.50 -7.10
CA ASN I 96 -43.28 14.44 -6.56
C ASN I 96 -43.59 13.47 -7.67
N GLU I 97 -44.53 12.57 -7.41
CA GLU I 97 -45.04 11.65 -8.42
C GLU I 97 -46.55 11.65 -8.53
N ILE I 98 -47.26 11.84 -7.42
CA ILE I 98 -48.71 11.85 -7.46
C ILE I 98 -49.22 13.29 -7.57
N LEU I 99 -48.58 14.24 -6.88
CA LEU I 99 -48.82 15.64 -7.19
C LEU I 99 -48.34 15.95 -8.59
N ALA I 100 -47.20 15.38 -8.98
CA ALA I 100 -46.77 15.48 -10.36
C ALA I 100 -47.65 14.68 -11.30
N GLY I 101 -48.35 13.67 -10.80
CA GLY I 101 -49.33 12.97 -11.61
C GLY I 101 -50.60 13.75 -11.83
N ASP I 102 -50.84 14.78 -11.02
CA ASP I 102 -52.02 15.60 -11.15
C ASP I 102 -51.76 16.89 -11.91
N ILE I 103 -50.52 17.39 -11.91
CA ILE I 103 -50.21 18.58 -12.67
C ILE I 103 -50.19 18.23 -14.15
N ILE I 104 -51.03 18.88 -14.93
CA ILE I 104 -51.13 18.66 -16.36
C ILE I 104 -50.52 19.82 -17.14
N ALA I 105 -50.90 21.04 -16.80
CA ALA I 105 -50.30 22.22 -17.40
C ALA I 105 -49.58 23.03 -16.32
N GLN I 106 -48.59 23.80 -16.74
CA GLN I 106 -47.72 24.50 -15.81
C GLN I 106 -47.06 25.66 -16.53
N LYS I 107 -47.09 26.83 -15.92
CA LYS I 107 -46.62 28.05 -16.55
C LYS I 107 -45.88 28.90 -15.53
N ASP I 108 -44.82 29.58 -15.97
CA ASP I 108 -43.96 30.33 -15.07
C ASP I 108 -43.80 31.74 -15.57
N VAL I 109 -44.22 32.71 -14.77
CA VAL I 109 -44.14 34.11 -15.12
C VAL I 109 -43.24 34.82 -14.11
N TRP I 110 -42.75 35.99 -14.51
CA TRP I 110 -41.88 36.79 -13.66
C TRP I 110 -42.57 38.11 -13.35
N LEU I 111 -42.90 38.31 -12.09
CA LEU I 111 -43.59 39.51 -11.66
C LEU I 111 -42.53 40.54 -11.29
N GLN I 112 -42.20 41.39 -12.25
CA GLN I 112 -41.40 42.56 -11.98
C GLN I 112 -42.11 43.44 -10.95
N PRO I 113 -41.40 43.99 -9.97
CA PRO I 113 -42.07 44.69 -8.85
C PRO I 113 -42.73 45.98 -9.33
N GLY I 114 -44.04 46.05 -9.19
CA GLY I 114 -44.81 47.15 -9.72
C GLY I 114 -45.40 46.90 -11.09
N GLY I 115 -44.79 46.03 -11.88
CA GLY I 115 -45.32 45.69 -13.18
C GLY I 115 -46.42 44.65 -13.07
N SER I 116 -46.70 44.01 -14.20
CA SER I 116 -47.78 43.04 -14.25
C SER I 116 -47.46 42.02 -15.33
N VAL I 117 -48.40 41.12 -15.54
CA VAL I 117 -48.25 40.07 -16.54
C VAL I 117 -49.65 39.66 -17.00
N ALA I 118 -49.74 39.11 -18.19
CA ALA I 118 -50.99 38.65 -18.77
C ALA I 118 -50.86 37.19 -19.14
N VAL I 119 -51.69 36.36 -18.54
CA VAL I 119 -51.63 34.91 -18.73
C VAL I 119 -52.82 34.49 -19.57
N ASP I 120 -52.54 33.96 -20.76
CA ASP I 120 -53.54 33.37 -21.63
C ASP I 120 -53.07 31.98 -22.03
N MET I 121 -53.75 30.95 -21.54
CA MET I 121 -53.35 29.60 -21.87
C MET I 121 -54.61 28.74 -22.02
N PRO I 122 -54.58 27.74 -22.89
CA PRO I 122 -55.78 26.93 -23.12
C PRO I 122 -56.00 25.94 -21.99
N LEU I 123 -57.13 26.06 -21.31
CA LEU I 123 -57.50 25.15 -20.24
C LEU I 123 -57.84 23.78 -20.83
N ASP I 124 -57.16 22.75 -20.36
CA ASP I 124 -57.37 21.40 -20.85
C ASP I 124 -58.73 20.86 -20.41
N ASP I 125 -59.29 19.99 -21.24
CA ASP I 125 -60.64 19.48 -20.99
C ASP I 125 -60.69 18.54 -19.80
N ALA I 126 -59.69 17.67 -19.67
CA ALA I 126 -59.64 16.78 -18.51
C ALA I 126 -59.23 17.52 -17.24
N ALA I 127 -58.68 18.72 -17.37
CA ALA I 127 -58.33 19.54 -16.22
C ALA I 127 -59.61 20.08 -15.60
N LYS I 128 -59.67 20.09 -14.27
CA LYS I 128 -60.83 20.61 -13.58
C LYS I 128 -60.47 21.57 -12.45
N PHE I 129 -59.20 21.96 -12.32
CA PHE I 129 -58.80 22.87 -11.26
C PHE I 129 -57.61 23.69 -11.72
N THR I 130 -57.58 24.94 -11.26
CA THR I 130 -56.46 25.85 -11.51
C THR I 130 -55.79 26.15 -10.19
N GLY I 131 -54.47 26.15 -10.18
CA GLY I 131 -53.71 26.54 -9.03
C GLY I 131 -52.72 27.62 -9.39
N VAL I 132 -52.47 28.51 -8.44
CA VAL I 132 -51.48 29.57 -8.59
C VAL I 132 -50.66 29.58 -7.32
N ALA I 133 -49.35 29.47 -7.45
CA ALA I 133 -48.46 29.55 -6.31
C ALA I 133 -47.30 30.47 -6.62
N ALA I 134 -46.82 31.15 -5.60
CA ALA I 134 -45.65 31.99 -5.70
C ALA I 134 -44.47 31.28 -5.06
N MET I 135 -43.27 31.71 -5.40
CA MET I 135 -42.07 31.21 -4.77
C MET I 135 -41.51 32.35 -3.92
N PHE I 136 -42.05 32.51 -2.73
CA PHE I 136 -41.72 33.67 -1.94
C PHE I 136 -40.38 33.50 -1.24
N LEU I 137 -39.80 34.62 -0.83
CA LEU I 137 -38.54 34.53 -0.10
C LEU I 137 -38.75 34.06 1.31
N GLU I 138 -39.67 34.71 2.04
CA GLU I 138 -40.07 34.30 3.38
C GLU I 138 -41.56 34.06 3.37
N PRO I 139 -41.99 32.89 2.91
CA PRO I 139 -43.42 32.64 2.80
C PRO I 139 -44.03 32.30 4.15
N ASP I 140 -45.34 32.48 4.23
CA ASP I 140 -46.08 32.20 5.46
C ASP I 140 -46.64 30.79 5.34
N GLN I 141 -46.01 29.86 6.04
CA GLN I 141 -46.45 28.47 5.94
C GLN I 141 -47.53 28.11 6.95
N LYS I 142 -47.73 28.92 7.98
CA LYS I 142 -48.73 28.53 8.96
C LYS I 142 -50.14 28.84 8.48
N LYS I 143 -50.35 29.99 7.86
CA LYS I 143 -51.67 30.39 7.41
C LYS I 143 -51.92 30.08 5.94
N ASN I 144 -50.89 29.65 5.20
CA ASN I 144 -50.99 29.20 3.82
C ASN I 144 -51.55 30.27 2.90
N THR I 145 -50.91 31.44 2.90
CA THR I 145 -51.34 32.56 2.09
C THR I 145 -50.46 32.75 0.87
N TRP I 146 -49.73 31.72 0.46
CA TRP I 146 -48.84 31.78 -0.69
C TRP I 146 -49.38 30.99 -1.86
N ARG I 147 -50.62 30.52 -1.79
CA ARG I 147 -51.25 29.87 -2.93
C ARG I 147 -52.75 30.02 -2.83
N VAL I 148 -53.42 29.88 -3.98
CA VAL I 148 -54.87 29.99 -4.08
C VAL I 148 -55.37 28.89 -5.01
N VAL I 149 -56.60 28.46 -4.79
CA VAL I 149 -57.20 27.35 -5.53
C VAL I 149 -58.39 27.92 -6.30
N LEU I 150 -58.16 28.33 -7.54
CA LEU I 150 -59.24 28.83 -8.39
C LEU I 150 -59.90 27.63 -9.06
N GLY I 151 -61.16 27.38 -8.72
CA GLY I 151 -61.87 26.27 -9.30
C GLY I 151 -62.28 26.53 -10.73
N ARG I 152 -62.73 25.46 -11.40
CA ARG I 152 -63.06 25.55 -12.81
C ARG I 152 -64.34 26.34 -13.02
N ASP I 153 -65.32 26.14 -12.15
CA ASP I 153 -66.61 26.83 -12.30
C ASP I 153 -66.55 28.29 -11.88
N GLU I 154 -65.45 28.74 -11.31
CA GLU I 154 -65.31 30.14 -10.91
C GLU I 154 -64.55 30.96 -11.94
N LEU I 155 -64.26 30.41 -13.10
CA LEU I 155 -63.51 31.13 -14.12
C LEU I 155 -64.45 31.90 -15.03
N GLU I 156 -64.15 33.17 -15.23
CA GLU I 156 -64.91 34.02 -16.14
C GLU I 156 -64.46 33.75 -17.58
N PRO I 157 -65.38 33.77 -18.55
CA PRO I 157 -65.02 33.32 -19.90
C PRO I 157 -64.21 34.34 -20.67
N ASP I 158 -64.38 35.62 -20.39
CA ASP I 158 -63.67 36.66 -21.14
C ASP I 158 -62.91 37.65 -20.28
N THR I 159 -63.48 38.07 -19.15
CA THR I 159 -62.80 39.03 -18.29
C THR I 159 -61.78 38.29 -17.41
N PRO I 160 -60.50 38.61 -17.50
CA PRO I 160 -59.51 37.91 -16.68
C PRO I 160 -59.63 38.29 -15.22
N ARG I 161 -59.36 37.31 -14.35
CA ARG I 161 -59.40 37.53 -12.92
C ARG I 161 -58.13 38.23 -12.45
N LEU I 162 -58.30 39.26 -11.65
CA LEU I 162 -57.18 40.01 -11.09
C LEU I 162 -56.66 39.26 -9.88
N ILE I 163 -55.34 39.06 -9.83
CA ILE I 163 -54.66 38.47 -8.70
C ILE I 163 -53.57 39.44 -8.27
N GLU I 164 -53.64 39.88 -7.02
CA GLU I 164 -52.74 40.91 -6.53
C GLU I 164 -51.85 40.33 -5.45
N VAL I 165 -50.60 40.74 -5.45
CA VAL I 165 -49.62 40.31 -4.46
C VAL I 165 -49.10 41.54 -3.74
N SER I 166 -48.90 41.42 -2.44
CA SER I 166 -48.46 42.53 -1.60
C SER I 166 -47.48 41.96 -0.59
N GLY I 167 -46.20 41.97 -0.90
CA GLY I 167 -45.27 41.38 0.01
C GLY I 167 -45.24 39.88 -0.14
N ASN I 168 -45.89 39.17 0.77
CA ASN I 168 -45.87 37.71 0.76
C ASN I 168 -47.27 37.13 0.87
N THR I 169 -48.22 37.64 0.09
CA THR I 169 -49.57 37.10 0.05
C THR I 169 -50.04 37.02 -1.39
N LEU I 170 -50.72 35.92 -1.73
CA LEU I 170 -51.43 35.82 -3.00
C LEU I 170 -52.90 36.10 -2.75
N THR I 171 -53.32 37.34 -2.98
CA THR I 171 -54.68 37.75 -2.74
C THR I 171 -55.50 37.50 -3.99
N LEU I 172 -56.55 36.69 -3.85
CA LEU I 172 -57.53 36.50 -4.91
C LEU I 172 -58.57 37.60 -4.80
N LEU I 173 -58.54 38.52 -5.75
CA LEU I 173 -59.37 39.70 -5.64
C LEU I 173 -60.82 39.36 -5.99
N PRO I 174 -61.78 39.91 -5.25
CA PRO I 174 -63.18 39.62 -5.53
C PRO I 174 -63.67 40.38 -6.76
N VAL I 175 -64.52 39.72 -7.54
CA VAL I 175 -65.07 40.31 -8.75
C VAL I 175 -66.14 41.34 -8.41
N TYR J 43 -58.90 32.86 -44.19
CA TYR J 43 -57.82 33.61 -43.55
C TYR J 43 -56.98 32.68 -42.68
N ARG J 44 -57.43 31.44 -42.57
CA ARG J 44 -56.73 30.46 -41.74
C ARG J 44 -55.41 30.04 -42.37
N GLN J 45 -55.33 30.09 -43.70
CA GLN J 45 -54.22 29.47 -44.43
C GLN J 45 -52.97 30.32 -44.35
N ILE J 46 -52.37 30.38 -43.15
CA ILE J 46 -51.00 30.84 -42.98
C ILE J 46 -50.15 29.58 -43.04
N LYS J 47 -50.83 28.43 -42.85
CA LYS J 47 -50.30 27.12 -42.43
C LYS J 47 -48.94 26.70 -42.97
N THR J 48 -48.70 26.90 -44.27
CA THR J 48 -47.38 26.58 -44.81
C THR J 48 -46.44 27.77 -44.66
N LEU J 49 -45.28 27.53 -44.08
CA LEU J 49 -44.28 28.58 -43.91
C LEU J 49 -43.33 28.54 -45.10
N HIS J 50 -43.15 29.69 -45.74
CA HIS J 50 -42.20 29.85 -46.83
C HIS J 50 -41.14 30.83 -46.42
N LEU J 51 -39.88 30.41 -46.53
CA LEU J 51 -38.78 31.27 -46.14
C LEU J 51 -37.62 31.08 -47.10
N ASP J 52 -37.23 32.17 -47.76
CA ASP J 52 -36.08 32.17 -48.64
C ASP J 52 -35.02 33.05 -48.01
N ILE J 53 -33.88 32.46 -47.66
CA ILE J 53 -32.78 33.16 -47.02
C ILE J 53 -31.66 33.29 -48.01
N ARG J 54 -31.33 34.52 -48.37
CA ARG J 54 -30.18 34.78 -49.23
C ARG J 54 -28.99 35.12 -48.36
N ALA J 55 -27.83 34.66 -48.78
CA ALA J 55 -26.59 34.91 -48.07
C ALA J 55 -25.62 35.65 -48.97
N ARG J 56 -25.06 36.73 -48.45
CA ARG J 56 -24.22 37.59 -49.26
C ARG J 56 -22.85 36.97 -49.48
N GLU J 57 -21.96 37.74 -50.09
CA GLU J 57 -20.64 37.27 -50.45
C GLU J 57 -19.63 37.49 -49.35
N ALA J 58 -20.07 37.92 -48.16
CA ALA J 58 -19.18 38.05 -47.01
C ALA J 58 -20.02 37.88 -45.76
N ILE J 59 -20.04 36.65 -45.22
CA ILE J 59 -20.77 36.34 -44.00
C ILE J 59 -19.84 35.65 -43.02
N ASN J 60 -19.99 35.99 -41.74
CA ASN J 60 -19.37 35.29 -40.62
C ASN J 60 -17.85 35.25 -40.73
N THR J 61 -17.26 36.39 -41.02
CA THR J 61 -15.84 36.43 -41.33
C THR J 61 -15.00 36.28 -40.07
N SER J 62 -13.92 35.52 -40.20
CA SER J 62 -12.95 35.34 -39.13
C SER J 62 -11.99 36.53 -39.06
N ALA J 63 -10.88 36.36 -38.35
CA ALA J 63 -9.91 37.45 -38.21
C ALA J 63 -9.28 37.80 -39.55
N ALA J 64 -8.94 36.82 -40.36
CA ALA J 64 -8.36 37.09 -41.66
C ALA J 64 -9.39 37.38 -42.74
N GLY J 65 -10.63 37.70 -42.36
CA GLY J 65 -11.65 38.15 -43.29
C GLY J 65 -12.23 37.09 -44.20
N ILE J 66 -11.86 35.83 -44.02
CA ILE J 66 -12.32 34.78 -44.93
C ILE J 66 -13.77 34.43 -44.61
N PRO J 67 -14.66 34.33 -45.60
CA PRO J 67 -16.05 34.03 -45.32
C PRO J 67 -16.24 32.57 -44.97
N LEU J 68 -17.01 32.32 -43.92
CA LEU J 68 -17.27 30.96 -43.47
C LEU J 68 -18.75 30.69 -43.46
N SER J 69 -19.11 29.49 -43.87
CA SER J 69 -20.52 29.14 -44.02
C SER J 69 -21.18 28.98 -42.66
N VAL J 70 -22.10 29.88 -42.35
CA VAL J 70 -22.71 29.93 -41.03
C VAL J 70 -23.83 28.91 -40.99
N VAL J 71 -24.31 28.60 -39.79
CA VAL J 71 -25.49 27.79 -39.60
C VAL J 71 -26.61 28.70 -39.10
N VAL J 72 -27.78 28.59 -39.68
CA VAL J 72 -28.94 29.33 -39.25
C VAL J 72 -29.93 28.36 -38.63
N ARG J 73 -30.29 28.60 -37.39
CA ARG J 73 -31.18 27.72 -36.66
C ARG J 73 -32.56 28.37 -36.62
N ILE J 74 -33.54 27.69 -37.21
CA ILE J 74 -34.88 28.25 -37.37
C ILE J 74 -35.78 27.69 -36.28
N TYR J 75 -36.37 28.56 -35.48
CA TYR J 75 -37.14 28.18 -34.31
C TYR J 75 -38.62 28.45 -34.52
N GLN J 76 -39.46 27.64 -33.87
CA GLN J 76 -40.90 27.83 -33.83
C GLN J 76 -41.37 27.67 -32.40
N LEU J 77 -42.11 28.66 -31.91
CA LEU J 77 -42.26 28.83 -30.47
C LEU J 77 -43.72 28.87 -30.06
N LYS J 78 -43.92 29.12 -28.77
CA LYS J 78 -45.23 29.44 -28.21
C LYS J 78 -45.24 30.77 -27.49
N ASP J 79 -44.08 31.41 -27.37
CA ASP J 79 -43.94 32.65 -26.63
C ASP J 79 -42.65 33.33 -27.07
N ASN J 80 -42.68 34.66 -27.16
CA ASN J 80 -41.52 35.41 -27.58
C ASN J 80 -40.69 35.95 -26.42
N ARG J 81 -41.21 35.91 -25.19
CA ARG J 81 -40.53 36.61 -24.10
C ARG J 81 -39.30 35.86 -23.62
N SER J 82 -39.34 34.53 -23.62
CA SER J 82 -38.18 33.76 -23.18
C SER J 82 -37.09 33.75 -24.23
N PHE J 83 -37.47 33.76 -25.50
CA PHE J 83 -36.49 33.75 -26.57
C PHE J 83 -35.79 35.09 -26.69
N ASP J 84 -36.42 36.17 -26.25
CA ASP J 84 -35.71 37.43 -26.19
C ASP J 84 -34.76 37.49 -25.00
N SER J 85 -35.04 36.68 -23.97
CA SER J 85 -34.25 36.68 -22.75
C SER J 85 -33.27 35.53 -22.69
N ALA J 86 -32.66 35.18 -23.81
CA ALA J 86 -31.60 34.19 -23.81
C ALA J 86 -30.35 34.80 -24.42
N ASP J 87 -29.20 34.37 -23.93
CA ASP J 87 -27.94 34.83 -24.48
C ASP J 87 -27.50 33.88 -25.58
N TYR J 88 -26.38 34.23 -26.23
CA TYR J 88 -25.87 33.41 -27.30
C TYR J 88 -25.33 32.09 -26.78
N GLN J 89 -24.83 32.08 -25.57
CA GLN J 89 -24.27 30.86 -25.00
C GLN J 89 -25.36 29.87 -24.63
N ALA J 90 -26.36 30.32 -23.88
CA ALA J 90 -27.37 29.41 -23.34
C ALA J 90 -28.42 29.00 -24.34
N LEU J 91 -28.22 29.27 -25.62
CA LEU J 91 -29.21 28.91 -26.62
C LEU J 91 -28.69 27.80 -27.54
N PHE J 92 -27.43 27.91 -27.95
CA PHE J 92 -26.81 26.87 -28.78
C PHE J 92 -25.99 25.90 -27.94
N THR J 93 -25.02 26.42 -27.21
CA THR J 93 -24.20 25.60 -26.32
C THR J 93 -25.05 25.13 -25.14
N GLY J 94 -25.07 23.85 -24.91
CA GLY J 94 -25.93 23.32 -23.90
C GLY J 94 -27.37 23.35 -24.37
N ASP J 95 -28.26 23.49 -23.40
CA ASP J 95 -29.68 23.38 -23.65
C ASP J 95 -30.43 24.15 -22.58
N ASN J 96 -31.75 23.97 -22.56
CA ASN J 96 -32.59 24.51 -21.51
C ASN J 96 -33.72 23.53 -21.25
N GLU J 97 -34.69 23.98 -20.48
CA GLU J 97 -35.91 23.20 -20.23
C GLU J 97 -37.17 24.01 -20.49
N ILE J 98 -37.17 25.30 -20.18
CA ILE J 98 -38.35 26.12 -20.42
C ILE J 98 -38.27 26.79 -21.78
N LEU J 99 -37.09 27.24 -22.19
CA LEU J 99 -36.90 27.60 -23.59
C LEU J 99 -37.05 26.38 -24.47
N ALA J 100 -36.53 25.23 -24.01
CA ALA J 100 -36.78 23.98 -24.71
C ALA J 100 -38.22 23.54 -24.59
N GLY J 101 -38.93 23.97 -23.55
CA GLY J 101 -40.36 23.71 -23.48
C GLY J 101 -41.18 24.53 -24.45
N ASP J 102 -40.61 25.63 -24.97
CA ASP J 102 -41.30 26.46 -25.93
C ASP J 102 -40.94 26.15 -27.36
N ILE J 103 -39.77 25.59 -27.60
CA ILE J 103 -39.40 25.22 -28.96
C ILE J 103 -40.18 23.98 -29.36
N ILE J 104 -40.95 24.09 -30.42
CA ILE J 104 -41.76 22.99 -30.93
C ILE J 104 -41.19 22.45 -32.23
N ALA J 105 -40.89 23.32 -33.18
CA ALA J 105 -40.23 22.93 -34.41
C ALA J 105 -38.87 23.59 -34.50
N GLN J 106 -37.97 22.97 -35.26
CA GLN J 106 -36.58 23.40 -35.30
C GLN J 106 -35.94 22.84 -36.56
N LYS J 107 -35.21 23.69 -37.27
CA LYS J 107 -34.64 23.32 -38.56
C LYS J 107 -33.27 23.97 -38.71
N ASP J 108 -32.35 23.28 -39.37
CA ASP J 108 -30.98 23.75 -39.49
C ASP J 108 -30.56 23.75 -40.96
N VAL J 109 -30.16 24.91 -41.46
CA VAL J 109 -29.72 25.05 -42.83
C VAL J 109 -28.26 25.50 -42.84
N TRP J 110 -27.61 25.33 -43.97
CA TRP J 110 -26.21 25.71 -44.13
C TRP J 110 -26.10 26.77 -45.21
N LEU J 111 -25.83 27.99 -44.80
CA LEU J 111 -25.72 29.12 -45.71
C LEU J 111 -24.31 29.13 -46.27
N GLN J 112 -24.15 28.48 -47.42
CA GLN J 112 -22.96 28.65 -48.24
C GLN J 112 -22.77 30.14 -48.56
N PRO J 113 -21.55 30.66 -48.46
CA PRO J 113 -21.33 32.10 -48.69
C PRO J 113 -21.58 32.46 -50.14
N GLY J 114 -22.50 33.40 -50.36
CA GLY J 114 -22.94 33.73 -51.69
C GLY J 114 -24.13 32.93 -52.17
N GLY J 115 -24.32 31.72 -51.69
CA GLY J 115 -25.46 30.92 -52.06
C GLY J 115 -26.69 31.29 -51.27
N SER J 116 -27.67 30.40 -51.29
CA SER J 116 -28.94 30.65 -50.63
C SER J 116 -29.56 29.33 -50.21
N VAL J 117 -30.76 29.42 -49.69
CA VAL J 117 -31.49 28.24 -49.23
C VAL J 117 -32.98 28.58 -49.29
N ALA J 118 -33.81 27.55 -49.44
CA ALA J 118 -35.25 27.70 -49.45
C ALA J 118 -35.85 26.84 -48.35
N VAL J 119 -36.59 27.47 -47.45
CA VAL J 119 -37.15 26.79 -46.29
C VAL J 119 -38.65 26.71 -46.46
N ASP J 120 -39.17 25.48 -46.52
CA ASP J 120 -40.60 25.23 -46.53
C ASP J 120 -40.90 24.18 -45.47
N MET J 121 -41.59 24.58 -44.42
CA MET J 121 -41.94 23.67 -43.34
C MET J 121 -43.34 24.00 -42.85
N PRO J 122 -44.10 23.00 -42.41
CA PRO J 122 -45.47 23.26 -41.97
C PRO J 122 -45.51 23.91 -40.60
N LEU J 123 -46.06 25.13 -40.55
CA LEU J 123 -46.23 25.84 -39.29
C LEU J 123 -47.29 25.16 -38.43
N ASP J 124 -46.91 24.79 -37.21
CA ASP J 124 -47.82 24.10 -36.32
C ASP J 124 -48.92 25.03 -35.83
N ASP J 125 -50.08 24.43 -35.55
CA ASP J 125 -51.25 25.22 -35.17
C ASP J 125 -51.11 25.84 -33.79
N ALA J 126 -50.58 25.08 -32.82
CA ALA J 126 -50.34 25.63 -31.50
C ALA J 126 -49.16 26.59 -31.48
N ALA J 127 -48.30 26.54 -32.50
CA ALA J 127 -47.20 27.48 -32.62
C ALA J 127 -47.74 28.86 -32.97
N LYS J 128 -47.22 29.89 -32.32
CA LYS J 128 -47.66 31.24 -32.59
C LYS J 128 -46.51 32.19 -32.85
N PHE J 129 -45.27 31.70 -32.96
CA PHE J 129 -44.14 32.58 -33.20
C PHE J 129 -43.06 31.83 -33.97
N THR J 130 -42.33 32.57 -34.81
CA THR J 130 -41.19 32.05 -35.54
C THR J 130 -39.94 32.76 -35.07
N GLY J 131 -38.86 32.02 -34.94
CA GLY J 131 -37.57 32.59 -34.60
C GLY J 131 -36.52 32.09 -35.58
N VAL J 132 -35.56 32.97 -35.86
CA VAL J 132 -34.43 32.65 -36.71
C VAL J 132 -33.19 33.15 -35.99
N ALA J 133 -32.23 32.26 -35.77
CA ALA J 133 -30.97 32.65 -35.17
C ALA J 133 -29.82 32.05 -35.96
N ALA J 134 -28.72 32.78 -36.00
CA ALA J 134 -27.49 32.31 -36.62
C ALA J 134 -26.53 31.85 -35.54
N MET J 135 -25.56 31.04 -35.93
CA MET J 135 -24.48 30.67 -35.02
C MET J 135 -23.23 31.37 -35.52
N PHE J 136 -23.07 32.62 -35.14
CA PHE J 136 -22.01 33.43 -35.72
C PHE J 136 -20.69 33.13 -35.04
N LEU J 137 -19.61 33.42 -35.76
CA LEU J 137 -18.29 33.21 -35.17
C LEU J 137 -17.99 34.27 -34.12
N GLU J 138 -18.16 35.54 -34.47
CA GLU J 138 -18.02 36.65 -33.54
C GLU J 138 -19.33 37.42 -33.53
N PRO J 139 -20.32 36.95 -32.80
CA PRO J 139 -21.63 37.60 -32.81
C PRO J 139 -21.63 38.84 -31.95
N ASP J 140 -22.58 39.72 -32.25
CA ASP J 140 -22.74 40.98 -31.53
C ASP J 140 -23.77 40.76 -30.44
N GLN J 141 -23.32 40.62 -29.20
CA GLN J 141 -24.24 40.35 -28.12
C GLN J 141 -24.80 41.60 -27.47
N LYS J 142 -24.18 42.76 -27.69
CA LYS J 142 -24.70 43.94 -27.02
C LYS J 142 -25.94 44.48 -27.71
N LYS J 143 -25.95 44.47 -29.05
CA LYS J 143 -27.07 45.03 -29.79
C LYS J 143 -28.06 43.97 -30.27
N ASN J 144 -27.73 42.69 -30.09
CA ASN J 144 -28.61 41.55 -30.37
C ASN J 144 -29.07 41.52 -31.82
N THR J 145 -28.11 41.63 -32.73
CA THR J 145 -28.40 41.61 -34.15
C THR J 145 -28.14 40.25 -34.77
N TRP J 146 -28.16 39.20 -33.96
CA TRP J 146 -27.92 37.85 -34.45
C TRP J 146 -29.17 36.99 -34.40
N ARG J 147 -30.32 37.58 -34.12
CA ARG J 147 -31.58 36.85 -34.20
C ARG J 147 -32.71 37.83 -34.48
N VAL J 148 -33.81 37.29 -35.00
CA VAL J 148 -35.00 38.07 -35.35
C VAL J 148 -36.23 37.30 -34.90
N VAL J 149 -37.29 38.03 -34.60
CA VAL J 149 -38.53 37.46 -34.09
C VAL J 149 -39.62 37.76 -35.11
N LEU J 150 -39.87 36.83 -36.02
CA LEU J 150 -40.94 36.97 -37.00
C LEU J 150 -42.22 36.43 -36.37
N GLY J 151 -43.18 37.33 -36.15
CA GLY J 151 -44.44 36.92 -35.55
C GLY J 151 -45.32 36.17 -36.53
N ARG J 152 -46.39 35.58 -35.98
CA ARG J 152 -47.26 34.75 -36.80
C ARG J 152 -48.10 35.60 -37.76
N ASP J 153 -48.55 36.75 -37.31
CA ASP J 153 -49.39 37.60 -38.14
C ASP J 153 -48.61 38.37 -39.19
N GLU J 154 -47.28 38.25 -39.21
CA GLU J 154 -46.48 38.95 -40.19
C GLU J 154 -46.01 38.04 -41.32
N LEU J 155 -46.50 36.81 -41.38
CA LEU J 155 -46.06 35.86 -42.39
C LEU J 155 -46.95 35.97 -43.62
N GLU J 156 -46.31 36.09 -44.78
CA GLU J 156 -47.02 36.10 -46.05
C GLU J 156 -47.39 34.68 -46.45
N PRO J 157 -48.57 34.48 -47.07
CA PRO J 157 -49.03 33.10 -47.27
C PRO J 157 -48.33 32.38 -48.40
N ASP J 158 -47.91 33.10 -49.45
CA ASP J 158 -47.28 32.48 -50.60
C ASP J 158 -45.90 33.01 -50.92
N THR J 159 -45.69 34.32 -50.86
CA THR J 159 -44.39 34.89 -51.14
C THR J 159 -43.47 34.71 -49.94
N PRO J 160 -42.34 34.02 -50.07
CA PRO J 160 -41.46 33.84 -48.92
C PRO J 160 -40.76 35.13 -48.55
N ARG J 161 -40.48 35.29 -47.26
CA ARG J 161 -39.80 36.47 -46.76
C ARG J 161 -38.30 36.34 -46.95
N LEU J 162 -37.69 37.39 -47.48
CA LEU J 162 -36.25 37.42 -47.70
C LEU J 162 -35.56 37.79 -46.40
N ILE J 163 -34.57 37.00 -46.02
CA ILE J 163 -33.72 37.28 -44.87
C ILE J 163 -32.29 37.31 -45.36
N GLU J 164 -31.62 38.44 -45.17
CA GLU J 164 -30.29 38.62 -45.70
C GLU J 164 -29.30 38.75 -44.57
N VAL J 165 -28.13 38.16 -44.76
CA VAL J 165 -27.04 38.21 -43.78
C VAL J 165 -25.85 38.89 -44.42
N SER J 166 -25.15 39.70 -43.65
CA SER J 166 -24.00 40.45 -44.14
C SER J 166 -22.97 40.46 -43.03
N GLY J 167 -22.04 39.51 -43.06
CA GLY J 167 -21.09 39.46 -41.97
C GLY J 167 -21.71 38.82 -40.75
N ASN J 168 -22.07 39.63 -39.78
CA ASN J 168 -22.61 39.13 -38.52
C ASN J 168 -23.91 39.81 -38.14
N THR J 169 -24.84 39.93 -39.08
CA THR J 169 -26.16 40.49 -38.81
C THR J 169 -27.23 39.65 -39.49
N LEU J 170 -28.35 39.46 -38.80
CA LEU J 170 -29.53 38.87 -39.41
C LEU J 170 -30.50 39.99 -39.74
N THR J 171 -30.48 40.44 -40.98
CA THR J 171 -31.32 41.55 -41.42
C THR J 171 -32.63 40.99 -41.93
N LEU J 172 -33.72 41.41 -41.30
CA LEU J 172 -35.05 41.10 -41.79
C LEU J 172 -35.43 42.14 -42.84
N LEU J 173 -35.47 41.73 -44.08
CA LEU J 173 -35.68 42.69 -45.15
C LEU J 173 -37.16 43.09 -45.21
N PRO J 174 -37.43 44.38 -45.43
CA PRO J 174 -38.82 44.82 -45.46
C PRO J 174 -39.50 44.47 -46.78
N VAL J 175 -40.79 44.15 -46.68
CA VAL J 175 -41.57 43.81 -47.86
C VAL J 175 -41.94 45.08 -48.62
N ILE K 46 -24.78 12.26 -87.52
CA ILE K 46 -25.45 13.02 -86.47
C ILE K 46 -26.12 12.08 -85.48
N LYS K 47 -26.81 11.07 -86.00
CA LYS K 47 -27.58 10.18 -85.13
C LYS K 47 -26.70 9.08 -84.55
N THR K 48 -25.86 8.46 -85.38
CA THR K 48 -24.94 7.44 -84.93
C THR K 48 -23.54 7.76 -85.48
N LEU K 49 -22.51 7.43 -84.70
CA LEU K 49 -21.14 7.77 -85.06
C LEU K 49 -20.60 6.80 -86.11
N HIS K 50 -19.74 7.32 -86.97
CA HIS K 50 -19.05 6.52 -87.98
C HIS K 50 -17.59 6.96 -88.02
N LEU K 51 -16.73 6.24 -87.29
CA LEU K 51 -15.31 6.50 -87.29
C LEU K 51 -14.54 5.27 -87.73
N ASP K 52 -13.34 5.51 -88.26
CA ASP K 52 -12.42 4.44 -88.63
C ASP K 52 -11.03 4.88 -88.24
N ILE K 53 -10.31 4.03 -87.51
CA ILE K 53 -8.99 4.36 -86.99
C ILE K 53 -7.99 3.47 -87.70
N ARG K 54 -7.09 4.09 -88.46
CA ARG K 54 -6.14 3.38 -89.31
C ARG K 54 -4.78 3.39 -88.61
N ALA K 55 -4.49 2.36 -87.83
CA ALA K 55 -3.25 2.28 -87.10
C ALA K 55 -2.13 1.83 -88.03
N ARG K 56 -0.95 2.41 -87.87
CA ARG K 56 0.17 2.10 -88.74
C ARG K 56 0.79 0.76 -88.37
N GLU K 57 1.90 0.46 -89.04
CA GLU K 57 2.66 -0.77 -88.78
C GLU K 57 3.65 -0.58 -87.63
N ALA K 58 3.91 0.65 -87.20
CA ALA K 58 4.85 0.92 -86.13
C ALA K 58 4.22 2.00 -85.24
N ILE K 59 3.48 1.57 -84.23
CA ILE K 59 2.78 2.47 -83.33
C ILE K 59 3.33 2.27 -81.92
N ASN K 60 3.39 3.39 -81.18
CA ASN K 60 3.73 3.42 -79.75
C ASN K 60 5.11 2.84 -79.47
N THR K 61 6.05 3.09 -80.37
CA THR K 61 7.35 2.48 -80.25
C THR K 61 8.19 3.19 -79.20
N SER K 62 8.95 2.40 -78.44
CA SER K 62 9.85 2.95 -77.44
C SER K 62 11.17 3.34 -78.11
N ALA K 63 12.20 3.58 -77.29
CA ALA K 63 13.53 3.86 -77.84
C ALA K 63 14.13 2.63 -78.51
N ALA K 64 13.69 1.44 -78.12
CA ALA K 64 14.05 0.25 -78.86
C ALA K 64 13.33 0.17 -80.20
N GLY K 65 12.19 0.82 -80.33
CA GLY K 65 11.49 0.88 -81.61
C GLY K 65 10.61 -0.30 -81.93
N ILE K 66 10.06 -0.96 -80.92
CA ILE K 66 9.22 -2.14 -81.13
C ILE K 66 7.77 -1.69 -81.18
N PRO K 67 6.97 -2.15 -82.14
CA PRO K 67 5.55 -1.75 -82.21
C PRO K 67 4.76 -2.29 -81.02
N LEU K 68 4.07 -1.39 -80.34
CA LEU K 68 3.26 -1.73 -79.17
C LEU K 68 1.84 -1.23 -79.39
N SER K 69 0.87 -1.94 -78.83
CA SER K 69 -0.52 -1.58 -79.02
C SER K 69 -0.87 -0.28 -78.31
N VAL K 70 -2.01 0.28 -78.67
CA VAL K 70 -2.53 1.49 -78.04
C VAL K 70 -4.00 1.29 -77.78
N VAL K 71 -4.43 1.57 -76.56
CA VAL K 71 -5.84 1.73 -76.27
C VAL K 71 -6.16 3.22 -76.36
N VAL K 72 -7.32 3.52 -76.93
CA VAL K 72 -7.80 4.89 -77.04
C VAL K 72 -9.05 5.01 -76.21
N ARG K 73 -9.42 6.25 -75.90
CA ARG K 73 -10.62 6.49 -75.12
C ARG K 73 -11.40 7.60 -75.78
N ILE K 74 -12.62 7.29 -76.22
CA ILE K 74 -13.47 8.21 -76.95
C ILE K 74 -14.43 8.85 -75.97
N TYR K 75 -14.58 10.17 -76.07
CA TYR K 75 -15.48 10.91 -75.20
C TYR K 75 -16.48 11.68 -76.03
N GLN K 76 -17.69 11.81 -75.50
CA GLN K 76 -18.67 12.75 -76.02
C GLN K 76 -18.62 14.01 -75.18
N LEU K 77 -18.70 15.15 -75.84
CA LEU K 77 -18.44 16.43 -75.21
C LEU K 77 -19.64 17.35 -75.38
N LYS K 78 -20.14 17.87 -74.26
CA LYS K 78 -21.10 18.97 -74.34
C LYS K 78 -20.41 20.32 -74.35
N ASP K 79 -19.22 20.40 -73.76
CA ASP K 79 -18.47 21.65 -73.68
C ASP K 79 -17.00 21.31 -73.54
N ASN K 80 -16.17 22.02 -74.30
CA ASN K 80 -14.74 21.73 -74.39
C ASN K 80 -13.90 22.61 -73.48
N ARG K 81 -14.41 22.93 -72.29
CA ARG K 81 -13.63 23.65 -71.31
C ARG K 81 -12.95 22.74 -70.30
N SER K 82 -13.40 21.48 -70.19
CA SER K 82 -12.83 20.55 -69.23
C SER K 82 -11.98 19.47 -69.90
N PHE K 83 -12.41 18.97 -71.06
CA PHE K 83 -11.63 17.95 -71.74
C PHE K 83 -10.35 18.50 -72.33
N ASP K 84 -10.39 19.72 -72.86
CA ASP K 84 -9.22 20.31 -73.49
C ASP K 84 -8.34 21.08 -72.51
N SER K 85 -8.74 21.19 -71.25
CA SER K 85 -7.92 21.83 -70.23
C SER K 85 -7.30 20.84 -69.26
N ALA K 86 -7.45 19.54 -69.52
CA ALA K 86 -6.91 18.50 -68.67
C ALA K 86 -5.65 17.91 -69.28
N ASP K 87 -4.67 17.62 -68.43
CA ASP K 87 -3.40 17.06 -68.86
C ASP K 87 -3.55 15.58 -69.18
N TYR K 88 -2.45 14.96 -69.61
CA TYR K 88 -2.48 13.54 -69.93
C TYR K 88 -2.63 12.67 -68.69
N GLN K 89 -2.10 13.13 -67.56
CA GLN K 89 -1.99 12.27 -66.39
C GLN K 89 -3.33 12.13 -65.67
N ALA K 90 -3.88 13.24 -65.18
CA ALA K 90 -5.09 13.20 -64.38
C ALA K 90 -6.35 12.87 -65.19
N LEU K 91 -6.25 12.84 -66.52
CA LEU K 91 -7.39 12.48 -67.34
C LEU K 91 -7.68 10.99 -67.30
N PHE K 92 -6.64 10.17 -67.21
CA PHE K 92 -6.82 8.74 -67.00
C PHE K 92 -6.77 8.37 -65.53
N THR K 93 -6.74 9.36 -64.63
CA THR K 93 -6.63 9.20 -63.17
C THR K 93 -5.44 8.36 -62.74
N GLY K 101 -17.79 14.61 -64.56
CA GLY K 101 -19.11 15.19 -64.67
C GLY K 101 -19.48 15.53 -66.11
N ASP K 102 -18.57 16.24 -66.80
CA ASP K 102 -18.80 16.62 -68.19
C ASP K 102 -18.70 15.44 -69.14
N ILE K 103 -18.10 14.34 -68.71
CA ILE K 103 -17.86 13.20 -69.58
C ILE K 103 -19.18 12.47 -69.80
N ILE K 104 -19.57 12.33 -71.07
CA ILE K 104 -20.88 11.81 -71.42
C ILE K 104 -20.81 10.33 -71.72
N ALA K 105 -20.04 9.94 -72.74
CA ALA K 105 -19.86 8.54 -73.10
C ALA K 105 -18.38 8.21 -73.15
N GLN K 106 -18.07 6.92 -72.98
CA GLN K 106 -16.70 6.47 -72.83
C GLN K 106 -16.55 5.11 -73.51
N LYS K 107 -15.87 5.09 -74.64
CA LYS K 107 -15.60 3.87 -75.38
C LYS K 107 -14.10 3.63 -75.42
N ASP K 108 -13.71 2.37 -75.45
CA ASP K 108 -12.30 2.00 -75.37
C ASP K 108 -11.99 0.99 -76.44
N VAL K 109 -11.07 1.33 -77.35
CA VAL K 109 -10.68 0.47 -78.45
C VAL K 109 -9.19 0.18 -78.36
N TRP K 110 -8.84 -1.10 -78.28
CA TRP K 110 -7.47 -1.51 -78.51
C TRP K 110 -7.12 -1.32 -79.97
N LEU K 111 -5.91 -0.83 -80.23
CA LEU K 111 -5.38 -0.79 -81.58
C LEU K 111 -4.43 -1.96 -81.70
N GLN K 112 -4.90 -3.05 -82.29
CA GLN K 112 -4.03 -4.14 -82.69
C GLN K 112 -2.97 -3.61 -83.64
N PRO K 113 -1.69 -3.80 -83.35
CA PRO K 113 -0.64 -3.13 -84.12
C PRO K 113 -0.54 -3.68 -85.53
N GLY K 114 -0.47 -2.76 -86.50
CA GLY K 114 -0.55 -3.11 -87.89
C GLY K 114 -1.95 -3.17 -88.45
N GLY K 115 -2.93 -3.52 -87.65
CA GLY K 115 -4.31 -3.58 -88.08
C GLY K 115 -4.99 -2.24 -87.97
N SER K 116 -6.32 -2.29 -87.93
CA SER K 116 -7.15 -1.10 -87.82
C SER K 116 -8.47 -1.49 -87.20
N VAL K 117 -9.39 -0.53 -87.12
CA VAL K 117 -10.70 -0.77 -86.53
C VAL K 117 -11.68 0.22 -87.16
N ALA K 118 -12.95 -0.22 -87.26
CA ALA K 118 -14.05 0.64 -87.64
C ALA K 118 -14.91 0.88 -86.40
N VAL K 119 -15.11 2.14 -86.06
CA VAL K 119 -15.72 2.52 -84.80
C VAL K 119 -17.09 3.11 -85.09
N ASP K 120 -18.15 2.39 -84.71
CA ASP K 120 -19.50 2.93 -84.70
C ASP K 120 -20.00 2.88 -83.26
N MET K 121 -20.58 3.99 -82.81
CA MET K 121 -21.13 4.07 -81.47
C MET K 121 -22.37 4.95 -81.48
N PRO K 122 -23.33 4.70 -80.60
CA PRO K 122 -24.53 5.55 -80.55
C PRO K 122 -24.20 6.92 -79.99
N LEU K 123 -24.63 7.95 -80.71
CA LEU K 123 -24.33 9.32 -80.35
C LEU K 123 -25.42 9.89 -79.45
N ASP K 124 -25.08 10.96 -78.73
CA ASP K 124 -26.04 11.73 -77.97
C ASP K 124 -26.28 13.08 -78.63
N ASP K 125 -27.49 13.60 -78.45
CA ASP K 125 -27.83 14.89 -79.02
C ASP K 125 -27.24 16.05 -78.24
N ALA K 126 -26.77 15.81 -77.03
CA ALA K 126 -26.03 16.81 -76.26
C ALA K 126 -24.54 16.77 -76.53
N ALA K 127 -24.07 15.80 -77.31
CA ALA K 127 -22.66 15.67 -77.63
C ALA K 127 -22.33 16.73 -78.67
N LYS K 128 -22.00 17.93 -78.20
CA LYS K 128 -21.64 19.02 -79.10
C LYS K 128 -20.29 18.80 -79.77
N PHE K 129 -19.38 18.08 -79.11
CA PHE K 129 -18.07 17.80 -79.67
C PHE K 129 -17.71 16.36 -79.37
N THR K 130 -16.69 15.86 -80.05
CA THR K 130 -16.22 14.49 -79.86
C THR K 130 -14.70 14.51 -79.67
N GLY K 131 -14.26 14.17 -78.46
CA GLY K 131 -12.84 14.14 -78.14
C GLY K 131 -12.36 12.70 -78.02
N VAL K 132 -11.33 12.37 -78.80
CA VAL K 132 -10.78 11.02 -78.86
C VAL K 132 -9.32 11.10 -78.46
N ALA K 133 -8.99 10.50 -77.31
CA ALA K 133 -7.64 10.56 -76.77
C ALA K 133 -7.04 9.16 -76.73
N ALA K 134 -5.71 9.11 -76.85
CA ALA K 134 -4.97 7.86 -76.85
C ALA K 134 -4.09 7.78 -75.62
N MET K 135 -3.48 6.61 -75.43
CA MET K 135 -2.54 6.38 -74.34
C MET K 135 -1.19 6.02 -74.96
N PHE K 136 -0.33 7.02 -75.12
CA PHE K 136 0.97 6.82 -75.73
C PHE K 136 2.04 6.61 -74.67
N LEU K 137 3.15 6.04 -75.10
CA LEU K 137 4.31 5.94 -74.21
C LEU K 137 5.03 7.27 -74.11
N GLU K 138 4.92 8.10 -75.14
CA GLU K 138 5.58 9.40 -75.22
C GLU K 138 4.50 10.47 -75.33
N PRO K 139 3.95 10.93 -74.21
CA PRO K 139 2.86 11.91 -74.26
C PRO K 139 3.38 13.30 -74.58
N ASP K 140 3.18 13.72 -75.83
CA ASP K 140 3.62 15.03 -76.30
C ASP K 140 2.58 16.06 -75.90
N GLN K 141 2.57 16.36 -74.60
CA GLN K 141 1.60 17.31 -74.06
C GLN K 141 1.88 18.73 -74.53
N LYS K 142 3.12 19.01 -74.90
CA LYS K 142 3.50 20.31 -75.43
C LYS K 142 3.05 20.47 -76.88
N LYS K 143 2.68 19.37 -77.54
CA LYS K 143 2.06 19.43 -78.85
C LYS K 143 0.61 18.97 -78.84
N ASN K 144 0.20 18.25 -77.79
CA ASN K 144 -1.18 17.77 -77.57
C ASN K 144 -1.66 16.86 -78.69
N THR K 145 -0.74 16.15 -79.33
CA THR K 145 -1.06 15.30 -80.47
C THR K 145 -1.67 13.97 -80.08
N TRP K 146 -1.86 13.73 -78.79
CA TRP K 146 -2.46 12.51 -78.28
C TRP K 146 -3.98 12.61 -78.17
N ARG K 147 -4.59 13.69 -78.64
CA ARG K 147 -6.03 13.81 -78.64
C ARG K 147 -6.46 14.72 -79.79
N VAL K 148 -7.67 14.48 -80.27
CA VAL K 148 -8.30 15.28 -81.31
C VAL K 148 -9.72 15.61 -80.87
N VAL K 149 -10.21 16.77 -81.29
CA VAL K 149 -11.56 17.23 -80.99
C VAL K 149 -12.29 17.42 -82.30
N LEU K 150 -13.28 16.56 -82.57
CA LEU K 150 -14.08 16.65 -83.77
C LEU K 150 -15.45 17.22 -83.40
N GLY K 151 -15.79 18.36 -84.00
CA GLY K 151 -17.10 18.95 -83.77
C GLY K 151 -18.20 18.14 -84.44
N ARG K 152 -19.44 18.39 -83.98
CA ARG K 152 -20.56 17.63 -84.50
C ARG K 152 -20.89 18.02 -85.94
N ASP K 153 -20.55 19.25 -86.34
CA ASP K 153 -20.69 19.68 -87.72
C ASP K 153 -19.57 19.16 -88.62
N GLU K 154 -18.50 18.61 -88.05
CA GLU K 154 -17.43 18.01 -88.82
C GLU K 154 -17.79 16.59 -89.29
N LEU K 155 -18.90 16.04 -88.82
CA LEU K 155 -19.30 14.71 -89.24
C LEU K 155 -19.90 14.75 -90.65
N GLU K 156 -19.25 14.09 -91.59
CA GLU K 156 -19.95 13.57 -92.76
C GLU K 156 -20.38 12.16 -92.38
N PRO K 157 -21.66 11.96 -91.98
CA PRO K 157 -22.03 10.75 -91.24
C PRO K 157 -21.99 9.46 -92.05
N ASP K 158 -22.52 9.47 -93.27
CA ASP K 158 -22.74 8.23 -94.01
C ASP K 158 -21.46 7.58 -94.53
N THR K 159 -20.32 8.26 -94.50
CA THR K 159 -19.04 7.67 -94.82
C THR K 159 -18.14 7.81 -93.59
N PRO K 160 -17.55 6.71 -93.09
CA PRO K 160 -16.80 6.80 -91.83
C PRO K 160 -15.52 7.61 -91.96
N ARG K 161 -15.32 8.49 -90.99
CA ARG K 161 -14.12 9.33 -90.97
C ARG K 161 -12.88 8.50 -90.69
N LEU K 162 -11.77 8.90 -91.29
CA LEU K 162 -10.50 8.21 -91.08
C LEU K 162 -9.58 9.07 -90.24
N ILE K 163 -8.94 8.46 -89.25
CA ILE K 163 -7.91 9.08 -88.43
C ILE K 163 -6.75 8.12 -88.38
N GLU K 164 -5.67 8.43 -89.10
CA GLU K 164 -4.51 7.55 -89.19
C GLU K 164 -3.56 7.86 -88.05
N VAL K 165 -3.06 6.80 -87.40
CA VAL K 165 -2.23 6.92 -86.20
C VAL K 165 -0.88 6.34 -86.53
N SER K 166 0.18 7.14 -86.34
CA SER K 166 1.54 6.73 -86.67
C SER K 166 2.45 7.00 -85.48
N GLY K 167 3.03 5.93 -84.93
CA GLY K 167 4.00 6.07 -83.87
C GLY K 167 3.38 6.54 -82.57
N ASN K 168 3.63 7.79 -82.22
CA ASN K 168 3.01 8.43 -81.06
C ASN K 168 2.16 9.64 -81.45
N THR K 169 1.62 9.66 -82.66
CA THR K 169 0.89 10.82 -83.16
C THR K 169 -0.44 10.40 -83.75
N LEU K 170 -1.53 10.96 -83.23
CA LEU K 170 -2.82 10.91 -83.89
C LEU K 170 -2.86 11.97 -84.98
N THR K 171 -3.43 11.62 -86.13
CA THR K 171 -3.57 12.57 -87.22
C THR K 171 -4.97 12.47 -87.79
N LEU K 172 -5.76 13.53 -87.59
CA LEU K 172 -7.06 13.65 -88.24
C LEU K 172 -6.85 13.86 -89.74
N LEU K 173 -7.36 12.94 -90.54
CA LEU K 173 -7.15 13.04 -91.97
C LEU K 173 -8.04 14.13 -92.57
N PRO K 174 -7.57 14.83 -93.60
CA PRO K 174 -8.40 15.89 -94.21
C PRO K 174 -9.59 15.33 -94.97
N VAL K 175 -10.77 15.86 -94.65
CA VAL K 175 -12.00 15.41 -95.28
C VAL K 175 -12.15 16.08 -96.64
N ILE L 46 -54.75 -47.61 -56.05
CA ILE L 46 -54.62 -46.18 -56.29
C ILE L 46 -55.09 -45.39 -55.08
N LYS L 47 -56.25 -45.76 -54.55
CA LYS L 47 -56.85 -44.97 -53.47
C LYS L 47 -56.30 -45.39 -52.11
N THR L 48 -56.22 -46.70 -51.87
CA THR L 48 -55.66 -47.24 -50.64
C THR L 48 -54.66 -48.33 -50.99
N LEU L 49 -53.59 -48.43 -50.18
CA LEU L 49 -52.53 -49.39 -50.46
C LEU L 49 -52.93 -50.80 -50.04
N HIS L 50 -52.43 -51.77 -50.79
CA HIS L 50 -52.62 -53.18 -50.47
C HIS L 50 -51.30 -53.90 -50.67
N LEU L 51 -50.55 -54.09 -49.58
CA LEU L 51 -49.29 -54.82 -49.61
C LEU L 51 -49.34 -56.00 -48.67
N ASP L 52 -48.53 -57.01 -48.97
CA ASP L 52 -48.34 -58.16 -48.10
C ASP L 52 -46.87 -58.52 -48.11
N ILE L 53 -46.28 -58.65 -46.93
CA ILE L 53 -44.86 -58.90 -46.79
C ILE L 53 -44.69 -60.30 -46.23
N ARG L 54 -44.09 -61.19 -47.01
CA ARG L 54 -43.95 -62.60 -46.65
C ARG L 54 -42.53 -62.83 -46.14
N ALA L 55 -42.35 -62.72 -44.83
CA ALA L 55 -41.03 -62.90 -44.24
C ALA L 55 -40.72 -64.39 -44.13
N ARG L 56 -39.47 -64.74 -44.40
CA ARG L 56 -39.09 -66.13 -44.41
C ARG L 56 -38.92 -66.69 -43.00
N GLU L 57 -38.41 -67.91 -42.93
CA GLU L 57 -38.15 -68.58 -41.66
C GLU L 57 -36.78 -68.25 -41.10
N ALA L 58 -35.90 -67.64 -41.90
CA ALA L 58 -34.55 -67.30 -41.47
C ALA L 58 -34.23 -65.93 -42.06
N ILE L 59 -34.54 -64.88 -41.30
CA ILE L 59 -34.35 -63.51 -41.75
C ILE L 59 -33.34 -62.82 -40.85
N ASN L 60 -32.53 -61.96 -41.46
CA ASN L 60 -31.59 -61.04 -40.79
C ASN L 60 -30.58 -61.79 -39.93
N THR L 61 -30.12 -62.92 -40.44
CA THR L 61 -29.26 -63.78 -39.65
C THR L 61 -27.83 -63.25 -39.61
N SER L 62 -27.19 -63.38 -38.46
CA SER L 62 -25.80 -62.97 -38.31
C SER L 62 -24.88 -64.07 -38.83
N ALA L 63 -23.59 -63.96 -38.52
CA ALA L 63 -22.66 -65.03 -38.87
C ALA L 63 -22.92 -66.30 -38.08
N ALA L 64 -23.55 -66.17 -36.91
CA ALA L 64 -24.04 -67.34 -36.20
C ALA L 64 -25.24 -67.96 -36.89
N GLY L 65 -26.02 -67.16 -37.62
CA GLY L 65 -27.14 -67.68 -38.39
C GLY L 65 -28.44 -67.80 -37.64
N ILE L 66 -28.68 -66.95 -36.64
CA ILE L 66 -29.90 -67.01 -35.85
C ILE L 66 -30.92 -66.07 -36.46
N PRO L 67 -32.18 -66.49 -36.65
CA PRO L 67 -33.20 -65.60 -37.23
C PRO L 67 -33.52 -64.44 -36.31
N LEU L 68 -33.44 -63.22 -36.85
CA LEU L 68 -33.71 -62.00 -36.10
C LEU L 68 -34.77 -61.20 -36.83
N SER L 69 -35.61 -60.52 -36.07
CA SER L 69 -36.70 -59.76 -36.65
C SER L 69 -36.18 -58.53 -37.39
N VAL L 70 -37.01 -57.98 -38.25
CA VAL L 70 -36.68 -56.80 -39.05
C VAL L 70 -37.81 -55.80 -38.91
N VAL L 71 -37.47 -54.56 -38.62
CA VAL L 71 -38.41 -53.47 -38.78
C VAL L 71 -38.21 -52.88 -40.18
N VAL L 72 -39.30 -52.57 -40.83
CA VAL L 72 -39.30 -52.06 -42.18
C VAL L 72 -39.87 -50.64 -42.14
N ARG L 73 -39.53 -49.84 -43.14
CA ARG L 73 -40.02 -48.47 -43.20
C ARG L 73 -40.57 -48.19 -44.58
N ILE L 74 -41.84 -47.86 -44.65
CA ILE L 74 -42.53 -47.60 -45.91
C ILE L 74 -42.59 -46.10 -46.12
N TYR L 75 -42.26 -45.65 -47.32
CA TYR L 75 -42.29 -44.24 -47.67
C TYR L 75 -43.14 -44.02 -48.90
N GLN L 76 -43.87 -42.91 -48.90
CA GLN L 76 -44.55 -42.43 -50.08
C GLN L 76 -43.65 -41.41 -50.77
N LEU L 77 -43.59 -41.48 -52.10
CA LEU L 77 -42.61 -40.74 -52.86
C LEU L 77 -43.30 -39.88 -53.91
N LYS L 78 -43.00 -38.59 -53.91
CA LYS L 78 -43.41 -37.75 -55.02
C LYS L 78 -42.33 -37.67 -56.09
N ASP L 79 -41.08 -37.85 -55.70
CA ASP L 79 -39.96 -37.80 -56.64
C ASP L 79 -38.84 -38.66 -56.09
N ASN L 80 -38.26 -39.49 -56.96
CA ASN L 80 -37.26 -40.46 -56.56
C ASN L 80 -35.84 -39.96 -56.78
N ARG L 81 -35.60 -38.67 -56.58
CA ARG L 81 -34.25 -38.11 -56.62
C ARG L 81 -33.60 -38.07 -55.24
N SER L 82 -34.39 -38.18 -54.18
CA SER L 82 -33.83 -38.11 -52.82
C SER L 82 -33.85 -39.45 -52.11
N PHE L 83 -34.93 -40.23 -52.25
CA PHE L 83 -35.00 -41.53 -51.58
C PHE L 83 -34.02 -42.52 -52.19
N ASP L 84 -33.84 -42.49 -53.50
CA ASP L 84 -32.96 -43.44 -54.17
C ASP L 84 -31.52 -42.95 -54.27
N SER L 85 -31.22 -41.74 -53.81
CA SER L 85 -29.87 -41.24 -53.77
C SER L 85 -29.31 -41.17 -52.35
N ALA L 86 -30.04 -41.68 -51.37
CA ALA L 86 -29.61 -41.68 -49.99
C ALA L 86 -29.08 -43.05 -49.58
N ASP L 87 -28.02 -43.06 -48.80
CA ASP L 87 -27.39 -44.28 -48.35
C ASP L 87 -28.21 -44.93 -47.22
N TYR L 88 -27.75 -46.08 -46.75
CA TYR L 88 -28.45 -46.78 -45.68
C TYR L 88 -28.34 -46.05 -44.35
N GLN L 89 -27.22 -45.36 -44.12
CA GLN L 89 -26.95 -44.82 -42.80
C GLN L 89 -27.76 -43.56 -42.52
N ALA L 90 -27.56 -42.52 -43.33
CA ALA L 90 -28.21 -41.24 -43.09
C ALA L 90 -29.70 -41.24 -43.35
N LEU L 91 -30.24 -42.31 -43.94
CA LEU L 91 -31.67 -42.38 -44.19
C LEU L 91 -32.43 -42.66 -42.90
N PHE L 92 -31.86 -43.44 -42.00
CA PHE L 92 -32.43 -43.65 -40.68
C PHE L 92 -31.86 -42.68 -39.65
N THR L 93 -31.09 -41.68 -40.09
CA THR L 93 -30.40 -40.69 -39.25
C THR L 93 -29.52 -41.33 -38.19
N GLY L 101 -38.04 -33.57 -46.04
CA GLY L 101 -38.98 -32.74 -46.76
C GLY L 101 -39.78 -33.51 -47.80
N ASP L 102 -39.08 -34.32 -48.61
CA ASP L 102 -39.72 -35.12 -49.64
C ASP L 102 -40.50 -36.30 -49.07
N ILE L 103 -40.22 -36.67 -47.82
CA ILE L 103 -40.85 -37.82 -47.21
C ILE L 103 -42.29 -37.48 -46.88
N ILE L 104 -43.23 -38.27 -47.44
CA ILE L 104 -44.64 -37.97 -47.35
C ILE L 104 -45.28 -38.72 -46.19
N ALA L 105 -45.24 -40.05 -46.23
CA ALA L 105 -45.77 -40.88 -45.16
C ALA L 105 -44.71 -41.88 -44.72
N GLN L 106 -44.84 -42.34 -43.47
CA GLN L 106 -43.84 -43.20 -42.86
C GLN L 106 -44.57 -44.23 -41.99
N LYS L 107 -44.57 -45.47 -42.45
CA LYS L 107 -45.17 -46.58 -41.72
C LYS L 107 -44.06 -47.54 -41.32
N ASP L 108 -44.24 -48.19 -40.17
CA ASP L 108 -43.22 -49.04 -39.59
C ASP L 108 -43.83 -50.36 -39.16
N VAL L 109 -43.37 -51.45 -39.76
CA VAL L 109 -43.90 -52.78 -39.49
C VAL L 109 -42.76 -53.68 -39.04
N TRP L 110 -42.89 -54.23 -37.84
CA TRP L 110 -42.01 -55.31 -37.41
C TRP L 110 -42.29 -56.56 -38.22
N LEU L 111 -41.24 -57.24 -38.63
CA LEU L 111 -41.37 -58.54 -39.28
C LEU L 111 -41.08 -59.58 -38.22
N GLN L 112 -42.14 -60.09 -37.60
CA GLN L 112 -42.02 -61.22 -36.69
C GLN L 112 -41.43 -62.40 -37.44
N PRO L 113 -40.33 -63.00 -36.94
CA PRO L 113 -39.58 -63.98 -37.74
C PRO L 113 -40.37 -65.27 -37.93
N GLY L 114 -40.41 -65.74 -39.17
CA GLY L 114 -41.23 -66.86 -39.55
C GLY L 114 -42.63 -66.50 -39.97
N GLY L 115 -43.19 -65.42 -39.45
CA GLY L 115 -44.52 -64.98 -39.80
C GLY L 115 -44.51 -64.08 -41.00
N SER L 116 -45.59 -63.31 -41.13
CA SER L 116 -45.76 -62.38 -42.23
C SER L 116 -46.69 -61.28 -41.76
N VAL L 117 -47.06 -60.39 -42.69
CA VAL L 117 -47.94 -59.28 -42.38
C VAL L 117 -48.67 -58.88 -43.65
N ALA L 118 -49.88 -58.37 -43.49
CA ALA L 118 -50.64 -57.73 -44.56
C ALA L 118 -50.69 -56.24 -44.28
N VAL L 119 -50.22 -55.45 -45.24
CA VAL L 119 -49.99 -54.03 -45.04
C VAL L 119 -51.01 -53.27 -45.88
N ASP L 120 -51.95 -52.61 -45.21
CA ASP L 120 -52.86 -51.65 -45.85
C ASP L 120 -52.64 -50.30 -45.19
N MET L 121 -52.47 -49.27 -46.01
CA MET L 121 -52.28 -47.92 -45.51
C MET L 121 -52.97 -46.94 -46.45
N PRO L 122 -53.44 -45.80 -45.93
CA PRO L 122 -54.07 -44.81 -46.82
C PRO L 122 -53.03 -44.12 -47.69
N LEU L 123 -53.31 -44.06 -48.98
CA LEU L 123 -52.37 -43.50 -49.95
C LEU L 123 -52.64 -42.02 -50.15
N ASP L 124 -51.63 -41.33 -50.70
CA ASP L 124 -51.78 -39.95 -51.12
C ASP L 124 -51.76 -39.86 -52.64
N ASP L 125 -52.46 -38.86 -53.17
CA ASP L 125 -52.51 -38.67 -54.61
C ASP L 125 -51.24 -38.03 -55.17
N ALA L 126 -50.40 -37.48 -54.29
CA ALA L 126 -49.09 -36.99 -54.70
C ALA L 126 -48.02 -38.05 -54.61
N ALA L 127 -48.34 -39.23 -54.09
CA ALA L 127 -47.38 -40.32 -53.96
C ALA L 127 -47.19 -40.93 -55.34
N LYS L 128 -46.26 -40.36 -56.11
CA LYS L 128 -45.96 -40.87 -57.44
C LYS L 128 -45.26 -42.23 -57.39
N PHE L 129 -44.51 -42.50 -56.33
CA PHE L 129 -43.80 -43.77 -56.17
C PHE L 129 -43.94 -44.23 -54.74
N THR L 130 -43.60 -45.49 -54.50
CA THR L 130 -43.64 -46.06 -53.15
C THR L 130 -42.34 -46.80 -52.89
N GLY L 131 -41.55 -46.27 -51.96
CA GLY L 131 -40.27 -46.86 -51.61
C GLY L 131 -40.31 -47.46 -50.22
N VAL L 132 -40.00 -48.75 -50.15
CA VAL L 132 -40.11 -49.53 -48.92
C VAL L 132 -38.74 -50.07 -48.57
N ALA L 133 -38.16 -49.57 -47.49
CA ALA L 133 -36.83 -49.97 -47.07
C ALA L 133 -36.88 -50.63 -45.70
N ALA L 134 -36.02 -51.62 -45.51
CA ALA L 134 -35.91 -52.36 -44.27
C ALA L 134 -34.56 -52.06 -43.62
N MET L 135 -34.39 -52.59 -42.40
CA MET L 135 -33.18 -52.39 -41.62
C MET L 135 -32.51 -53.75 -41.44
N PHE L 136 -31.49 -54.01 -42.25
CA PHE L 136 -30.78 -55.28 -42.21
C PHE L 136 -29.52 -55.16 -41.37
N LEU L 137 -29.01 -56.31 -40.93
CA LEU L 137 -27.75 -56.32 -40.21
C LEU L 137 -26.57 -56.15 -41.15
N GLU L 138 -26.70 -56.66 -42.39
CA GLU L 138 -25.67 -56.57 -43.40
C GLU L 138 -26.23 -55.76 -44.58
N PRO L 139 -26.09 -54.44 -44.54
CA PRO L 139 -26.68 -53.60 -45.60
C PRO L 139 -25.87 -53.68 -46.88
N ASP L 140 -26.41 -54.42 -47.85
CA ASP L 140 -25.77 -54.61 -49.16
C ASP L 140 -26.06 -53.37 -50.00
N GLN L 141 -25.37 -52.29 -49.66
CA GLN L 141 -25.55 -51.02 -50.35
C GLN L 141 -25.02 -51.07 -51.77
N LYS L 142 -24.07 -51.96 -52.03
CA LYS L 142 -23.51 -52.13 -53.36
C LYS L 142 -24.45 -52.91 -54.26
N LYS L 143 -25.46 -53.57 -53.68
CA LYS L 143 -26.53 -54.18 -54.45
C LYS L 143 -27.87 -53.49 -54.24
N ASN L 144 -28.01 -52.71 -53.16
CA ASN L 144 -29.21 -51.93 -52.82
C ASN L 144 -30.44 -52.81 -52.66
N THR L 145 -30.24 -54.05 -52.21
CA THR L 145 -31.34 -55.00 -52.07
C THR L 145 -32.17 -54.79 -50.82
N TRP L 146 -31.83 -53.78 -50.01
CA TRP L 146 -32.55 -53.45 -48.79
C TRP L 146 -33.69 -52.48 -49.03
N ARG L 147 -34.00 -52.14 -50.27
CA ARG L 147 -35.14 -51.29 -50.57
C ARG L 147 -35.67 -51.62 -51.95
N VAL L 148 -36.96 -51.36 -52.14
CA VAL L 148 -37.64 -51.51 -53.43
C VAL L 148 -38.44 -50.25 -53.69
N VAL L 149 -38.61 -49.93 -54.96
CA VAL L 149 -39.39 -48.77 -55.38
C VAL L 149 -40.51 -49.27 -56.29
N LEU L 150 -41.74 -49.10 -55.85
CA LEU L 150 -42.92 -49.50 -56.61
C LEU L 150 -43.62 -48.26 -57.12
N GLY L 151 -43.73 -48.14 -58.44
CA GLY L 151 -44.47 -47.05 -59.02
C GLY L 151 -45.96 -47.18 -58.79
N ARG L 152 -46.67 -46.05 -58.96
CA ARG L 152 -48.10 -46.05 -58.70
C ARG L 152 -48.87 -46.83 -59.77
N ASP L 153 -48.31 -46.94 -60.97
CA ASP L 153 -48.89 -47.77 -62.01
C ASP L 153 -48.58 -49.25 -61.82
N GLU L 154 -47.65 -49.60 -60.94
CA GLU L 154 -47.38 -51.00 -60.62
C GLU L 154 -48.40 -51.59 -59.66
N LEU L 155 -49.29 -50.77 -59.11
CA LEU L 155 -50.32 -51.28 -58.21
C LEU L 155 -51.42 -51.97 -58.99
N GLU L 156 -51.55 -53.28 -58.78
CA GLU L 156 -52.83 -53.93 -58.99
C GLU L 156 -53.55 -53.87 -57.66
N PRO L 157 -54.48 -52.91 -57.47
CA PRO L 157 -54.91 -52.55 -56.11
C PRO L 157 -55.72 -53.60 -55.38
N ASP L 158 -56.70 -54.22 -56.05
CA ASP L 158 -57.68 -55.05 -55.35
C ASP L 158 -57.12 -56.38 -54.85
N THR L 159 -55.94 -56.79 -55.31
CA THR L 159 -55.27 -57.97 -54.76
C THR L 159 -53.92 -57.51 -54.20
N PRO L 160 -53.61 -57.80 -52.93
CA PRO L 160 -52.42 -57.24 -52.31
C PRO L 160 -51.13 -57.81 -52.88
N ARG L 161 -50.19 -56.92 -53.15
CA ARG L 161 -48.90 -57.31 -53.70
C ARG L 161 -48.09 -58.10 -52.67
N LEU L 162 -47.30 -59.04 -53.16
CA LEU L 162 -46.44 -59.84 -52.29
C LEU L 162 -45.00 -59.45 -52.49
N ILE L 163 -44.27 -59.29 -51.38
CA ILE L 163 -42.83 -59.04 -51.38
C ILE L 163 -42.23 -59.99 -50.35
N GLU L 164 -41.52 -61.02 -50.83
CA GLU L 164 -40.94 -62.03 -49.96
C GLU L 164 -39.52 -61.64 -49.58
N VAL L 165 -39.22 -61.72 -48.29
CA VAL L 165 -37.93 -61.29 -47.74
C VAL L 165 -37.23 -62.52 -47.20
N SER L 166 -36.01 -62.76 -47.67
CA SER L 166 -35.24 -63.93 -47.26
C SER L 166 -33.87 -63.49 -46.77
N GLY L 167 -33.59 -63.71 -45.49
CA GLY L 167 -32.28 -63.40 -44.96
C GLY L 167 -32.04 -61.92 -44.85
N ASN L 168 -31.20 -61.39 -45.74
CA ASN L 168 -30.97 -59.96 -45.86
C ASN L 168 -31.35 -59.41 -47.23
N THR L 169 -32.31 -60.03 -47.90
CA THR L 169 -32.69 -59.65 -49.26
C THR L 169 -34.18 -59.42 -49.36
N LEU L 170 -34.57 -58.20 -49.70
CA LEU L 170 -35.93 -57.90 -50.13
C LEU L 170 -36.08 -58.22 -51.60
N THR L 171 -37.16 -58.94 -51.94
CA THR L 171 -37.41 -59.33 -53.32
C THR L 171 -38.85 -59.01 -53.67
N LEU L 172 -39.04 -58.08 -54.60
CA LEU L 172 -40.35 -57.82 -55.17
C LEU L 172 -40.76 -58.99 -56.04
N LEU L 173 -41.87 -59.63 -55.69
CA LEU L 173 -42.29 -60.80 -56.44
C LEU L 173 -42.90 -60.38 -57.78
N PRO L 174 -42.72 -61.19 -58.83
CA PRO L 174 -43.27 -60.83 -60.14
C PRO L 174 -44.78 -60.94 -60.18
N VAL L 175 -45.42 -59.88 -60.65
CA VAL L 175 -46.86 -59.81 -60.75
C VAL L 175 -47.34 -60.57 -61.99
N ILE M 46 -87.59 -26.46 6.99
CA ILE M 46 -86.99 -26.31 5.66
C ILE M 46 -86.51 -24.88 5.45
N LYS M 47 -87.33 -23.92 5.88
CA LYS M 47 -87.00 -22.52 5.62
C LYS M 47 -86.11 -21.96 6.72
N THR M 48 -86.43 -22.23 7.97
CA THR M 48 -85.63 -21.81 9.10
C THR M 48 -85.38 -22.99 10.02
N LEU M 49 -84.21 -23.04 10.65
CA LEU M 49 -83.83 -24.16 11.48
C LEU M 49 -84.50 -24.09 12.85
N HIS M 50 -84.80 -25.27 13.40
CA HIS M 50 -85.35 -25.39 14.74
C HIS M 50 -84.62 -26.52 15.46
N LEU M 51 -83.60 -26.19 16.23
CA LEU M 51 -82.87 -27.17 17.02
C LEU M 51 -82.92 -26.82 18.49
N ASP M 52 -82.76 -27.84 19.32
CA ASP M 52 -82.67 -27.66 20.77
C ASP M 52 -81.63 -28.64 21.28
N ILE M 53 -80.65 -28.13 22.03
CA ILE M 53 -79.54 -28.94 22.52
C ILE M 53 -79.68 -29.05 24.03
N ARG M 54 -79.88 -30.26 24.51
CA ARG M 54 -80.13 -30.53 25.92
C ARG M 54 -78.83 -31.02 26.56
N ALA M 55 -78.09 -30.10 27.16
CA ALA M 55 -76.83 -30.45 27.77
C ALA M 55 -77.08 -31.03 29.16
N ARG M 56 -76.32 -32.07 29.51
CA ARG M 56 -76.54 -32.76 30.77
C ARG M 56 -75.94 -31.97 31.93
N GLU M 57 -75.96 -32.61 33.10
CA GLU M 57 -75.39 -32.02 34.30
C GLU M 57 -73.90 -32.30 34.45
N ALA M 58 -73.36 -33.22 33.65
CA ALA M 58 -71.95 -33.58 33.72
C ALA M 58 -71.45 -33.74 32.29
N ILE M 59 -70.97 -32.65 31.70
CA ILE M 59 -70.50 -32.64 30.32
C ILE M 59 -69.02 -32.30 30.30
N ASN M 60 -68.30 -32.93 29.36
CA ASN M 60 -66.90 -32.66 29.03
C ASN M 60 -65.98 -32.86 30.23
N THR M 61 -66.28 -33.87 31.02
CA THR M 61 -65.55 -34.07 32.26
C THR M 61 -64.20 -34.71 31.99
N SER M 62 -63.19 -34.27 32.74
CA SER M 62 -61.85 -34.83 32.63
C SER M 62 -61.77 -36.08 33.49
N ALA M 63 -60.53 -36.56 33.73
CA ALA M 63 -60.35 -37.70 34.62
C ALA M 63 -60.66 -37.33 36.07
N ALA M 64 -60.59 -36.06 36.42
CA ALA M 64 -61.10 -35.61 37.70
C ALA M 64 -62.62 -35.63 37.75
N GLY M 65 -63.27 -35.49 36.60
CA GLY M 65 -64.71 -35.60 36.54
C GLY M 65 -65.48 -34.33 36.83
N ILE M 66 -64.92 -33.17 36.55
CA ILE M 66 -65.57 -31.89 36.82
C ILE M 66 -66.31 -31.45 35.57
N PRO M 67 -67.56 -31.00 35.67
CA PRO M 67 -68.31 -30.57 34.48
C PRO M 67 -67.72 -29.32 33.87
N LEU M 68 -67.43 -29.37 32.58
CA LEU M 68 -66.85 -28.26 31.84
C LEU M 68 -67.74 -27.94 30.65
N SER M 69 -67.84 -26.66 30.32
CA SER M 69 -68.70 -26.22 29.23
C SER M 69 -68.14 -26.67 27.89
N VAL M 70 -69.01 -26.66 26.87
CA VAL M 70 -68.65 -27.07 25.53
C VAL M 70 -69.13 -25.99 24.56
N VAL M 71 -68.25 -25.57 23.68
CA VAL M 71 -68.67 -24.79 22.52
C VAL M 71 -68.91 -25.77 21.37
N VAL M 72 -69.98 -25.54 20.64
CA VAL M 72 -70.39 -26.40 19.55
C VAL M 72 -70.30 -25.58 18.27
N ARG M 73 -70.19 -26.25 17.14
CA ARG M 73 -70.09 -25.57 15.86
C ARG M 73 -71.04 -26.22 14.88
N ILE M 74 -71.97 -25.43 14.35
CA ILE M 74 -72.99 -25.90 13.43
C ILE M 74 -72.58 -25.53 12.01
N TYR M 75 -72.71 -26.47 11.08
CA TYR M 75 -72.35 -26.25 9.69
C TYR M 75 -73.52 -26.61 8.80
N GLN M 76 -73.68 -25.84 7.73
CA GLN M 76 -74.59 -26.17 6.65
C GLN M 76 -73.78 -26.85 5.55
N LEU M 77 -74.35 -27.89 4.95
CA LEU M 77 -73.63 -28.78 4.06
C LEU M 77 -74.34 -28.88 2.73
N LYS M 78 -73.61 -28.60 1.65
CA LYS M 78 -74.10 -28.93 0.32
C LYS M 78 -73.71 -30.34 -0.09
N ASP M 79 -72.61 -30.85 0.44
CA ASP M 79 -72.13 -32.18 0.12
C ASP M 79 -71.28 -32.68 1.28
N ASN M 80 -71.50 -33.93 1.67
CA ASN M 80 -70.88 -34.52 2.84
C ASN M 80 -69.64 -35.33 2.50
N ARG M 81 -68.85 -34.89 1.53
CA ARG M 81 -67.58 -35.52 1.23
C ARG M 81 -66.41 -34.84 1.91
N SER M 82 -66.60 -33.61 2.40
CA SER M 82 -65.51 -32.89 3.05
C SER M 82 -65.70 -32.75 4.55
N PHE M 83 -66.94 -32.54 5.01
CA PHE M 83 -67.19 -32.42 6.43
C PHE M 83 -67.02 -33.76 7.15
N ASP M 84 -67.45 -34.84 6.52
CA ASP M 84 -67.39 -36.15 7.15
C ASP M 84 -66.09 -36.88 6.89
N SER M 85 -65.18 -36.31 6.09
CA SER M 85 -63.88 -36.89 5.86
C SER M 85 -62.77 -36.13 6.57
N ALA M 86 -63.10 -35.16 7.40
CA ALA M 86 -62.12 -34.36 8.12
C ALA M 86 -62.05 -34.80 9.58
N ASP M 87 -60.83 -34.84 10.11
CA ASP M 87 -60.60 -35.26 11.48
C ASP M 87 -61.00 -34.16 12.46
N TYR M 88 -60.85 -34.46 13.75
CA TYR M 88 -61.20 -33.48 14.79
C TYR M 88 -60.23 -32.31 14.80
N GLN M 89 -58.96 -32.55 14.48
CA GLN M 89 -57.94 -31.54 14.68
C GLN M 89 -57.99 -30.46 13.61
N ALA M 90 -57.84 -30.84 12.34
CA ALA M 90 -57.78 -29.87 11.26
C ALA M 90 -59.11 -29.22 10.95
N LEU M 91 -60.21 -29.69 11.55
CA LEU M 91 -61.51 -29.08 11.30
C LEU M 91 -61.65 -27.76 12.04
N PHE M 92 -61.04 -27.65 13.22
CA PHE M 92 -60.98 -26.38 13.92
C PHE M 92 -59.69 -25.62 13.65
N THR M 93 -58.91 -26.05 12.66
CA THR M 93 -57.60 -25.50 12.29
C THR M 93 -56.61 -25.44 13.46
N GLY M 101 -64.18 -23.95 1.77
CA GLY M 101 -64.99 -23.69 0.59
C GLY M 101 -66.39 -24.27 0.67
N ASP M 102 -66.47 -25.54 1.08
CA ASP M 102 -67.76 -26.22 1.21
C ASP M 102 -68.55 -25.73 2.41
N ILE M 103 -67.89 -25.08 3.35
CA ILE M 103 -68.54 -24.61 4.58
C ILE M 103 -69.44 -23.44 4.24
N ILE M 104 -70.73 -23.60 4.53
CA ILE M 104 -71.73 -22.62 4.12
C ILE M 104 -72.02 -21.64 5.24
N ALA M 105 -72.51 -22.14 6.38
CA ALA M 105 -72.79 -21.31 7.54
C ALA M 105 -72.09 -21.89 8.77
N GLN M 106 -71.83 -21.02 9.74
CA GLN M 106 -71.07 -21.39 10.92
C GLN M 106 -71.66 -20.67 12.13
N LYS M 107 -72.32 -21.41 13.00
CA LYS M 107 -72.89 -20.89 14.22
C LYS M 107 -72.18 -21.54 15.41
N ASP M 108 -72.04 -20.78 16.49
CA ASP M 108 -71.26 -21.21 17.64
C ASP M 108 -72.06 -20.97 18.91
N VAL M 109 -72.38 -22.05 19.63
CA VAL M 109 -73.18 -21.97 20.84
C VAL M 109 -72.39 -22.58 21.99
N TRP M 110 -72.18 -21.79 23.04
CA TRP M 110 -71.68 -22.33 24.29
C TRP M 110 -72.73 -23.20 24.94
N LEU M 111 -72.31 -24.33 25.49
CA LEU M 111 -73.21 -25.17 26.28
C LEU M 111 -72.89 -24.88 27.73
N GLN M 112 -73.65 -23.99 28.34
CA GLN M 112 -73.57 -23.74 29.77
C GLN M 112 -73.88 -25.02 30.51
N PRO M 113 -73.01 -25.47 31.41
CA PRO M 113 -73.16 -26.82 31.99
C PRO M 113 -74.36 -26.91 32.91
N GLY M 114 -75.14 -27.97 32.73
CA GLY M 114 -76.40 -28.13 33.41
C GLY M 114 -77.59 -27.52 32.69
N GLY M 115 -77.39 -26.43 31.96
CA GLY M 115 -78.45 -25.80 31.22
C GLY M 115 -78.64 -26.42 29.86
N SER M 116 -79.27 -25.65 28.97
CA SER M 116 -79.52 -26.10 27.61
C SER M 116 -79.65 -24.86 26.73
N VAL M 117 -80.03 -25.07 25.48
CA VAL M 117 -80.17 -23.98 24.52
C VAL M 117 -81.19 -24.39 23.48
N ALA M 118 -81.88 -23.40 22.92
CA ALA M 118 -82.74 -23.57 21.76
C ALA M 118 -82.11 -22.85 20.58
N VAL M 119 -81.85 -23.58 19.51
CA VAL M 119 -81.08 -23.09 18.39
C VAL M 119 -82.02 -22.88 17.22
N ASP M 120 -82.22 -21.62 16.85
CA ASP M 120 -82.90 -21.26 15.60
C ASP M 120 -81.91 -20.44 14.78
N MET M 121 -81.75 -20.82 13.51
CA MET M 121 -80.86 -20.10 12.61
C MET M 121 -81.47 -20.10 11.21
N PRO M 122 -81.20 -19.08 10.41
CA PRO M 122 -81.73 -19.05 9.05
C PRO M 122 -81.03 -20.08 8.17
N LEU M 123 -81.84 -20.89 7.49
CA LEU M 123 -81.32 -21.97 6.66
C LEU M 123 -81.05 -21.48 5.25
N ASP M 124 -80.22 -22.23 4.53
CA ASP M 124 -79.98 -22.00 3.12
C ASP M 124 -80.62 -23.11 2.30
N ASP M 125 -81.03 -22.76 1.07
CA ASP M 125 -81.66 -23.74 0.19
C ASP M 125 -80.65 -24.68 -0.44
N ALA M 126 -79.36 -24.35 -0.39
CA ALA M 126 -78.31 -25.25 -0.82
C ALA M 126 -77.81 -26.14 0.30
N ALA M 127 -78.30 -25.94 1.52
CA ALA M 127 -77.88 -26.75 2.67
C ALA M 127 -78.57 -28.10 2.57
N LYS M 128 -77.95 -29.02 1.83
CA LYS M 128 -78.50 -30.36 1.69
C LYS M 128 -78.40 -31.17 2.97
N PHE M 129 -77.40 -30.89 3.81
CA PHE M 129 -77.22 -31.59 5.07
C PHE M 129 -76.84 -30.58 6.13
N THR M 130 -76.95 -31.00 7.39
CA THR M 130 -76.60 -30.15 8.52
C THR M 130 -75.69 -30.94 9.46
N GLY M 131 -74.43 -30.52 9.55
CA GLY M 131 -73.45 -31.17 10.39
C GLY M 131 -73.11 -30.31 11.59
N VAL M 132 -73.31 -30.87 12.78
CA VAL M 132 -73.15 -30.15 14.04
C VAL M 132 -72.07 -30.85 14.85
N ALA M 133 -70.94 -30.18 15.05
CA ALA M 133 -69.82 -30.76 15.74
C ALA M 133 -69.48 -29.93 16.97
N ALA M 134 -69.09 -30.62 18.04
CA ALA M 134 -68.72 -30.00 19.30
C ALA M 134 -67.23 -30.20 19.54
N MET M 135 -66.74 -29.52 20.57
CA MET M 135 -65.31 -29.56 20.94
C MET M 135 -65.20 -30.26 22.29
N PHE M 136 -64.84 -31.52 22.28
CA PHE M 136 -64.71 -32.30 23.49
C PHE M 136 -63.26 -32.36 23.97
N LEU M 137 -63.10 -32.67 25.25
CA LEU M 137 -61.76 -32.90 25.78
C LEU M 137 -61.26 -34.28 25.38
N GLU M 138 -62.18 -35.22 25.14
CA GLU M 138 -61.87 -36.59 24.78
C GLU M 138 -62.46 -36.87 23.40
N PRO M 139 -61.74 -36.52 22.33
CA PRO M 139 -62.30 -36.69 20.98
C PRO M 139 -62.26 -38.14 20.55
N ASP M 140 -63.42 -38.79 20.60
CA ASP M 140 -63.57 -40.19 20.21
C ASP M 140 -63.71 -40.26 18.69
N GLN M 141 -62.58 -40.03 18.02
CA GLN M 141 -62.55 -40.02 16.56
C GLN M 141 -62.78 -41.41 16.00
N LYS M 142 -62.47 -42.45 16.78
CA LYS M 142 -62.69 -43.81 16.36
C LYS M 142 -64.16 -44.21 16.47
N LYS M 143 -64.95 -43.41 17.19
CA LYS M 143 -66.39 -43.57 17.20
C LYS M 143 -67.12 -42.42 16.53
N ASN M 144 -66.46 -41.28 16.36
CA ASN M 144 -66.97 -40.08 15.67
C ASN M 144 -68.23 -39.54 16.34
N THR M 145 -68.34 -39.70 17.65
CA THR M 145 -69.51 -39.27 18.39
C THR M 145 -69.51 -37.78 18.70
N TRP M 146 -68.49 -37.05 18.26
CA TRP M 146 -68.38 -35.62 18.45
C TRP M 146 -69.02 -34.83 17.33
N ARG M 147 -69.71 -35.48 16.40
CA ARG M 147 -70.45 -34.78 15.36
C ARG M 147 -71.62 -35.65 14.92
N VAL M 148 -72.66 -34.99 14.43
CA VAL M 148 -73.83 -35.63 13.86
C VAL M 148 -74.12 -34.95 12.51
N VAL M 149 -74.77 -35.69 11.62
CA VAL M 149 -75.16 -35.17 10.32
C VAL M 149 -76.67 -35.38 10.19
N LEU M 150 -77.41 -34.28 10.09
CA LEU M 150 -78.85 -34.32 9.92
C LEU M 150 -79.19 -33.89 8.50
N GLY M 151 -79.83 -34.78 7.74
CA GLY M 151 -80.27 -34.45 6.41
C GLY M 151 -81.42 -33.47 6.43
N ARG M 152 -81.66 -32.84 5.27
CA ARG M 152 -82.70 -31.82 5.20
C ARG M 152 -84.09 -32.43 5.25
N ASP M 153 -84.22 -33.70 4.86
CA ASP M 153 -85.47 -34.43 5.01
C ASP M 153 -85.71 -34.93 6.43
N GLU M 154 -84.69 -34.91 7.29
CA GLU M 154 -84.85 -35.28 8.69
C GLU M 154 -85.46 -34.17 9.52
N LEU M 155 -85.66 -32.98 8.95
CA LEU M 155 -86.26 -31.89 9.69
C LEU M 155 -87.76 -32.07 9.78
N GLU M 156 -88.27 -32.26 11.00
CA GLU M 156 -89.64 -31.90 11.31
C GLU M 156 -89.59 -30.45 11.79
N PRO M 157 -89.92 -29.47 10.92
CA PRO M 157 -89.53 -28.08 11.17
C PRO M 157 -90.24 -27.42 12.35
N ASP M 158 -91.57 -27.55 12.43
CA ASP M 158 -92.35 -26.74 13.36
C ASP M 158 -92.19 -27.14 14.82
N THR M 159 -91.57 -28.27 15.12
CA THR M 159 -91.22 -28.64 16.49
C THR M 159 -89.72 -28.86 16.55
N PRO M 160 -89.00 -28.18 17.45
CA PRO M 160 -87.53 -28.22 17.41
C PRO M 160 -86.98 -29.57 17.80
N ARG M 161 -85.99 -30.02 17.04
CA ARG M 161 -85.33 -31.30 17.29
C ARG M 161 -84.52 -31.24 18.57
N LEU M 162 -84.46 -32.36 19.27
CA LEU M 162 -83.69 -32.46 20.50
C LEU M 162 -82.45 -33.33 20.27
N ILE M 163 -81.31 -32.85 20.74
CA ILE M 163 -80.05 -33.58 20.73
C ILE M 163 -79.44 -33.46 22.12
N GLU M 164 -79.45 -34.55 22.88
CA GLU M 164 -78.96 -34.56 24.24
C GLU M 164 -77.49 -34.92 24.26
N VAL M 165 -76.71 -34.19 25.04
CA VAL M 165 -75.26 -34.35 25.11
C VAL M 165 -74.91 -34.77 26.52
N SER M 166 -74.19 -35.88 26.67
CA SER M 166 -73.81 -36.41 27.97
C SER M 166 -72.31 -36.68 27.98
N GLY M 167 -71.59 -35.95 28.84
CA GLY M 167 -70.16 -36.19 28.99
C GLY M 167 -69.37 -35.77 27.78
N ASN M 168 -68.90 -36.75 27.02
CA ASN M 168 -68.21 -36.50 25.75
C ASN M 168 -68.95 -37.12 24.57
N THR M 169 -70.28 -37.25 24.65
CA THR M 169 -71.06 -37.91 23.62
C THR M 169 -72.26 -37.06 23.23
N LEU M 170 -72.30 -36.65 21.97
CA LEU M 170 -73.51 -36.13 21.36
C LEU M 170 -74.41 -37.28 20.95
N THR M 171 -75.71 -37.15 21.23
CA THR M 171 -76.68 -38.20 20.88
C THR M 171 -77.88 -37.55 20.21
N LEU M 172 -78.07 -37.87 18.94
CA LEU M 172 -79.29 -37.48 18.23
C LEU M 172 -80.46 -38.28 18.79
N LEU M 173 -81.45 -37.59 19.32
CA LEU M 173 -82.57 -38.29 19.92
C LEU M 173 -83.50 -38.82 18.83
N PRO M 174 -84.13 -39.99 19.05
CA PRO M 174 -85.02 -40.54 18.02
C PRO M 174 -86.31 -39.74 17.89
N VAL M 175 -86.62 -39.37 16.65
CA VAL M 175 -87.79 -38.57 16.35
C VAL M 175 -89.03 -39.46 16.30
N ILE N 46 -77.70 46.52 14.54
CA ILE N 46 -77.79 45.27 13.80
C ILE N 46 -76.96 45.32 12.53
N LYS N 47 -77.10 46.41 11.77
CA LYS N 47 -76.42 46.50 10.48
C LYS N 47 -74.99 46.99 10.64
N THR N 48 -74.79 48.03 11.45
CA THR N 48 -73.47 48.57 11.72
C THR N 48 -73.29 48.73 13.22
N LEU N 49 -72.07 48.52 13.71
CA LEU N 49 -71.80 48.56 15.14
C LEU N 49 -71.70 50.00 15.64
N HIS N 50 -72.13 50.20 16.89
CA HIS N 50 -72.01 51.48 17.57
C HIS N 50 -71.54 51.22 18.99
N LEU N 51 -70.23 51.33 19.22
CA LEU N 51 -69.65 51.19 20.55
C LEU N 51 -68.89 52.44 20.93
N ASP N 52 -68.80 52.67 22.23
CA ASP N 52 -68.00 53.76 22.78
C ASP N 52 -67.28 53.23 24.00
N ILE N 53 -65.97 53.41 24.05
CA ILE N 53 -65.14 52.87 25.13
C ILE N 53 -64.61 54.04 25.94
N ARG N 54 -65.00 54.09 27.22
CA ARG N 54 -64.69 55.22 28.09
C ARG N 54 -63.53 54.81 29.01
N ALA N 55 -62.31 55.06 28.57
CA ALA N 55 -61.14 54.71 29.36
C ALA N 55 -60.95 55.72 30.48
N ARG N 56 -60.57 55.22 31.65
CA ARG N 56 -60.44 56.07 32.82
C ARG N 56 -59.15 56.88 32.77
N GLU N 57 -58.89 57.58 33.88
CA GLU N 57 -57.67 58.38 34.02
C GLU N 57 -56.50 57.55 34.53
N ALA N 58 -56.75 56.34 35.02
CA ALA N 58 -55.69 55.48 35.54
C ALA N 58 -56.00 54.07 35.08
N ILE N 59 -55.48 53.70 33.92
CA ILE N 59 -55.72 52.39 33.32
C ILE N 59 -54.40 51.64 33.23
N ASN N 60 -54.49 50.32 33.44
CA ASN N 60 -53.41 49.35 33.24
C ASN N 60 -52.19 49.68 34.10
N THR N 61 -52.44 50.12 35.31
CA THR N 61 -51.35 50.56 36.17
C THR N 61 -50.61 49.36 36.76
N SER N 62 -49.30 49.51 36.87
CA SER N 62 -48.45 48.49 37.48
C SER N 62 -48.48 48.63 38.99
N ALA N 63 -47.55 47.97 39.67
CA ALA N 63 -47.42 48.13 41.12
C ALA N 63 -46.90 49.52 41.48
N ALA N 64 -46.20 50.18 40.55
CA ALA N 64 -45.87 51.58 40.73
C ALA N 64 -47.09 52.48 40.57
N GLY N 65 -48.08 52.05 39.79
CA GLY N 65 -49.31 52.80 39.68
C GLY N 65 -49.33 53.87 38.60
N ILE N 66 -48.57 53.69 37.53
CA ILE N 66 -48.49 54.69 36.47
C ILE N 66 -49.48 54.31 35.37
N PRO N 67 -50.28 55.26 34.87
CA PRO N 67 -51.26 54.93 33.82
C PRO N 67 -50.58 54.54 32.52
N LEU N 68 -50.96 53.38 31.98
CA LEU N 68 -50.41 52.85 30.75
C LEU N 68 -51.54 52.57 29.78
N SER N 69 -51.29 52.80 28.50
CA SER N 69 -52.32 52.61 27.48
C SER N 69 -52.64 51.13 27.29
N VAL N 70 -53.78 50.87 26.69
CA VAL N 70 -54.25 49.51 26.44
C VAL N 70 -54.66 49.42 24.98
N VAL N 71 -54.20 48.38 24.30
CA VAL N 71 -54.77 48.00 23.03
C VAL N 71 -55.85 46.96 23.28
N VAL N 72 -56.97 47.12 22.60
CA VAL N 72 -58.12 46.24 22.77
C VAL N 72 -58.31 45.52 21.45
N ARG N 73 -59.00 44.38 21.49
CA ARG N 73 -59.24 43.59 20.30
C ARG N 73 -60.69 43.16 20.26
N ILE N 74 -61.38 43.53 19.20
CA ILE N 74 -62.80 43.26 19.03
C ILE N 74 -62.96 42.08 18.08
N TYR N 75 -63.85 41.16 18.43
CA TYR N 75 -64.10 39.98 17.60
C TYR N 75 -65.59 39.84 17.37
N GLN N 76 -65.93 39.30 16.21
CA GLN N 76 -67.29 38.89 15.89
C GLN N 76 -67.39 37.38 16.05
N LEU N 77 -68.51 36.92 16.58
CA LEU N 77 -68.67 35.50 16.90
C LEU N 77 -69.86 34.92 16.17
N LYS N 78 -69.65 33.79 15.49
CA LYS N 78 -70.78 32.96 15.11
C LYS N 78 -71.16 32.02 16.22
N ASP N 79 -70.21 31.68 17.09
CA ASP N 79 -70.45 30.77 18.21
C ASP N 79 -69.44 31.12 19.28
N ASN N 80 -69.89 31.11 20.54
CA ASN N 80 -69.06 31.46 21.68
C ASN N 80 -68.49 30.24 22.38
N ARG N 81 -68.12 29.20 21.63
CA ARG N 81 -67.49 28.02 22.21
C ARG N 81 -65.98 28.05 22.11
N SER N 82 -65.42 28.90 21.25
CA SER N 82 -63.96 28.99 21.10
C SER N 82 -63.39 30.28 21.68
N PHE N 83 -64.13 31.39 21.58
CA PHE N 83 -63.64 32.64 22.15
C PHE N 83 -63.71 32.61 23.68
N ASP N 84 -64.77 32.05 24.24
CA ASP N 84 -64.94 32.03 25.68
C ASP N 84 -64.28 30.84 26.36
N SER N 85 -63.69 29.93 25.59
CA SER N 85 -62.96 28.81 26.16
C SER N 85 -61.45 28.95 25.99
N ALA N 86 -60.99 30.10 25.50
CA ALA N 86 -59.56 30.34 25.30
C ALA N 86 -59.03 31.24 26.39
N ASP N 87 -57.81 30.96 26.83
CA ASP N 87 -57.15 31.71 27.89
C ASP N 87 -56.63 33.03 27.36
N TYR N 88 -56.02 33.82 28.25
CA TYR N 88 -55.46 35.11 27.85
C TYR N 88 -54.23 34.95 26.96
N GLN N 89 -53.45 33.89 27.18
CA GLN N 89 -52.15 33.79 26.53
C GLN N 89 -52.28 33.37 25.07
N ALA N 90 -52.86 32.19 24.82
CA ALA N 90 -52.93 31.66 23.46
C ALA N 90 -53.91 32.42 22.57
N LEU N 91 -54.72 33.31 23.13
CA LEU N 91 -55.65 34.08 22.31
C LEU N 91 -54.93 35.15 21.50
N PHE N 92 -53.87 35.73 22.06
CA PHE N 92 -53.03 36.66 21.31
C PHE N 92 -51.82 35.96 20.71
N THR N 93 -51.79 34.63 20.71
CA THR N 93 -50.70 33.78 20.22
C THR N 93 -49.35 34.12 20.86
N GLY N 101 -60.20 30.16 12.91
CA GLY N 101 -61.28 29.82 12.01
C GLY N 101 -62.60 30.48 12.38
N ASP N 102 -62.96 30.39 13.65
CA ASP N 102 -64.19 31.01 14.15
C ASP N 102 -64.12 32.52 14.19
N ILE N 103 -62.91 33.08 14.18
CA ILE N 103 -62.71 34.51 14.28
C ILE N 103 -63.14 35.18 12.98
N ILE N 104 -64.12 36.07 13.06
CA ILE N 104 -64.74 36.66 11.88
C ILE N 104 -64.07 37.98 11.52
N ALA N 105 -64.16 38.96 12.42
CA ALA N 105 -63.54 40.25 12.22
C ALA N 105 -62.65 40.59 13.42
N GLN N 106 -61.67 41.45 13.17
CA GLN N 106 -60.67 41.78 14.18
C GLN N 106 -60.33 43.26 14.05
N LYS N 107 -60.76 44.05 15.02
CA LYS N 107 -60.48 45.47 15.08
C LYS N 107 -59.63 45.75 16.31
N ASP N 108 -58.73 46.71 16.19
CA ASP N 108 -57.76 46.99 17.23
C ASP N 108 -57.74 48.48 17.51
N VAL N 109 -58.07 48.85 18.75
CA VAL N 109 -58.15 50.24 19.16
C VAL N 109 -57.21 50.46 20.34
N TRP N 110 -56.26 51.38 20.19
CA TRP N 110 -55.49 51.86 21.32
C TRP N 110 -56.38 52.67 22.23
N LEU N 111 -56.22 52.47 23.54
CA LEU N 111 -56.90 53.30 24.52
C LEU N 111 -55.89 54.31 25.02
N GLN N 112 -55.94 55.51 24.44
CA GLN N 112 -55.16 56.64 24.93
C GLN N 112 -55.53 56.91 26.38
N PRO N 113 -54.54 56.95 27.29
CA PRO N 113 -54.87 57.03 28.73
C PRO N 113 -55.46 58.37 29.09
N GLY N 114 -56.58 58.33 29.82
CA GLY N 114 -57.35 59.49 30.13
C GLY N 114 -58.40 59.85 29.10
N GLY N 115 -58.17 59.52 27.84
CA GLY N 115 -59.13 59.79 26.79
C GLY N 115 -60.13 58.67 26.63
N SER N 116 -60.75 58.64 25.46
CA SER N 116 -61.74 57.63 25.14
C SER N 116 -61.77 57.46 23.63
N VAL N 117 -62.74 56.68 23.16
CA VAL N 117 -62.88 56.40 21.74
C VAL N 117 -64.33 56.05 21.45
N ALA N 118 -64.76 56.34 20.22
CA ALA N 118 -66.04 55.89 19.70
C ALA N 118 -65.78 54.88 18.59
N VAL N 119 -66.34 53.70 18.73
CA VAL N 119 -66.02 52.57 17.87
C VAL N 119 -67.23 52.27 17.01
N ASP N 120 -67.11 52.52 15.71
CA ASP N 120 -68.08 52.06 14.71
C ASP N 120 -67.35 51.14 13.76
N MET N 121 -67.93 49.98 13.48
CA MET N 121 -67.35 49.03 12.54
C MET N 121 -68.48 48.35 11.79
N PRO N 122 -68.22 47.92 10.54
CA PRO N 122 -69.25 47.19 9.80
C PRO N 122 -69.45 45.80 10.36
N LEU N 123 -70.70 45.46 10.63
CA LEU N 123 -71.04 44.18 11.25
C LEU N 123 -71.27 43.12 10.18
N ASP N 124 -71.24 41.86 10.61
CA ASP N 124 -71.60 40.74 9.76
C ASP N 124 -72.93 40.16 10.22
N ASP N 125 -73.66 39.58 9.27
CA ASP N 125 -74.95 38.97 9.60
C ASP N 125 -74.79 37.61 10.28
N ALA N 126 -73.60 37.02 10.21
CA ALA N 126 -73.29 35.80 10.94
C ALA N 126 -72.71 36.09 12.32
N ALA N 127 -72.50 37.36 12.66
CA ALA N 127 -71.94 37.74 13.96
C ALA N 127 -73.04 37.60 14.99
N LYS N 128 -73.22 36.37 15.49
CA LYS N 128 -74.23 36.11 16.51
C LYS N 128 -73.86 36.72 17.85
N PHE N 129 -72.57 36.85 18.16
CA PHE N 129 -72.11 37.45 19.39
C PHE N 129 -70.93 38.36 19.10
N THR N 130 -70.64 39.24 20.03
CA THR N 130 -69.53 40.18 19.90
C THR N 130 -68.69 40.14 21.16
N GLY N 131 -67.47 39.61 21.03
CA GLY N 131 -66.55 39.50 22.15
C GLY N 131 -65.40 40.48 22.00
N VAL N 132 -65.23 41.31 23.03
CA VAL N 132 -64.24 42.39 23.01
C VAL N 132 -63.27 42.16 24.16
N ALA N 133 -62.02 41.86 23.81
CA ALA N 133 -61.00 41.57 24.80
C ALA N 133 -59.87 42.60 24.71
N ALA N 134 -59.32 42.93 25.87
CA ALA N 134 -58.22 43.88 25.98
C ALA N 134 -56.97 43.15 26.46
N MET N 135 -55.86 43.87 26.44
CA MET N 135 -54.55 43.33 26.82
C MET N 135 -54.10 44.06 28.08
N PHE N 136 -54.31 43.43 29.23
CA PHE N 136 -53.95 44.03 30.50
C PHE N 136 -52.57 43.55 30.97
N LEU N 137 -52.00 44.30 31.91
CA LEU N 137 -50.78 43.86 32.54
C LEU N 137 -51.06 42.82 33.62
N GLU N 138 -52.27 42.87 34.19
CA GLU N 138 -52.70 41.96 35.25
C GLU N 138 -53.90 41.17 34.74
N PRO N 139 -53.68 40.08 34.02
CA PRO N 139 -54.80 39.33 33.45
C PRO N 139 -55.51 38.50 34.50
N ASP N 140 -56.66 38.99 34.95
CA ASP N 140 -57.48 38.32 35.96
C ASP N 140 -58.30 37.24 35.28
N GLN N 141 -57.61 36.17 34.90
CA GLN N 141 -58.24 35.06 34.19
C GLN N 141 -59.20 34.30 35.10
N LYS N 142 -58.98 34.37 36.42
CA LYS N 142 -59.86 33.74 37.37
C LYS N 142 -61.15 34.53 37.56
N LYS N 143 -61.17 35.78 37.11
CA LYS N 143 -62.40 36.55 37.06
C LYS N 143 -62.86 36.85 35.64
N ASN N 144 -61.96 36.72 34.65
CA ASN N 144 -62.23 36.90 33.22
C ASN N 144 -62.75 38.30 32.91
N THR N 145 -62.32 39.29 33.69
CA THR N 145 -62.77 40.66 33.52
C THR N 145 -62.09 41.38 32.37
N TRP N 146 -61.17 40.72 31.68
CA TRP N 146 -60.46 41.29 30.55
C TRP N 146 -61.19 41.08 29.23
N ARG N 147 -62.41 40.54 29.27
CA ARG N 147 -63.21 40.40 28.05
C ARG N 147 -64.68 40.46 28.42
N VAL N 148 -65.50 40.91 27.48
CA VAL N 148 -66.95 40.93 27.59
C VAL N 148 -67.52 40.33 26.32
N VAL N 149 -68.71 39.76 26.44
CA VAL N 149 -69.42 39.18 25.32
C VAL N 149 -70.78 39.85 25.22
N LEU N 150 -71.02 40.55 24.12
CA LEU N 150 -72.28 41.24 23.88
C LEU N 150 -73.03 40.50 22.78
N GLY N 151 -74.23 40.01 23.10
CA GLY N 151 -75.06 39.38 22.11
C GLY N 151 -75.60 40.38 21.10
N ARG N 152 -76.06 39.85 19.97
CA ARG N 152 -76.54 40.73 18.90
C ARG N 152 -77.88 41.37 19.27
N ASP N 153 -78.65 40.73 20.15
CA ASP N 153 -79.87 41.32 20.67
C ASP N 153 -79.62 42.34 21.76
N GLU N 154 -78.40 42.40 22.29
CA GLU N 154 -78.04 43.42 23.28
C GLU N 154 -77.74 44.77 22.63
N LEU N 155 -77.69 44.84 21.31
CA LEU N 155 -77.44 46.11 20.64
C LEU N 155 -78.69 46.97 20.63
N GLU N 156 -78.64 48.10 21.32
CA GLU N 156 -79.49 49.23 20.97
C GLU N 156 -78.68 50.03 19.95
N PRO N 157 -78.97 49.89 18.64
CA PRO N 157 -78.02 50.33 17.61
C PRO N 157 -77.83 51.83 17.51
N ASP N 158 -78.91 52.60 17.48
CA ASP N 158 -78.83 54.02 17.13
C ASP N 158 -78.18 54.89 18.19
N THR N 159 -77.98 54.39 19.41
CA THR N 159 -77.21 55.09 20.44
C THR N 159 -76.03 54.21 20.82
N PRO N 160 -74.80 54.72 20.76
CA PRO N 160 -73.64 53.84 20.97
C PRO N 160 -73.51 53.38 22.42
N ARG N 161 -73.25 52.08 22.56
CA ARG N 161 -73.09 51.48 23.88
C ARG N 161 -71.83 51.99 24.56
N LEU N 162 -71.87 52.09 25.87
CA LEU N 162 -70.73 52.54 26.64
C LEU N 162 -70.16 51.37 27.44
N ILE N 163 -68.83 51.25 27.42
CA ILE N 163 -68.10 50.28 28.24
C ILE N 163 -66.94 51.04 28.88
N GLU N 164 -67.06 51.28 30.18
CA GLU N 164 -66.06 52.04 30.91
C GLU N 164 -64.98 51.10 31.44
N VAL N 165 -63.72 51.49 31.26
CA VAL N 165 -62.58 50.66 31.59
C VAL N 165 -61.80 51.36 32.69
N SER N 166 -61.60 50.69 33.82
CA SER N 166 -60.91 51.27 34.97
C SER N 166 -59.79 50.33 35.40
N GLY N 167 -58.55 50.81 35.30
CA GLY N 167 -57.42 50.04 35.79
C GLY N 167 -57.14 48.81 34.94
N ASN N 168 -57.46 47.64 35.50
CA ASN N 168 -57.34 46.38 34.78
C ASN N 168 -58.69 45.67 34.63
N THR N 169 -59.79 46.43 34.60
CA THR N 169 -61.13 45.86 34.56
C THR N 169 -61.96 46.50 33.46
N LEU N 170 -62.45 45.69 32.53
CA LEU N 170 -63.51 46.11 31.64
C LEU N 170 -64.84 45.99 32.35
N THR N 171 -65.71 46.99 32.16
CA THR N 171 -67.04 46.96 32.76
C THR N 171 -68.07 47.36 31.71
N LEU N 172 -68.91 46.39 31.33
CA LEU N 172 -70.06 46.67 30.49
C LEU N 172 -71.07 47.48 31.28
N LEU N 173 -71.35 48.70 30.84
CA LEU N 173 -72.26 49.55 31.57
C LEU N 173 -73.70 49.09 31.38
N PRO N 174 -74.55 49.25 32.40
CA PRO N 174 -75.95 48.80 32.27
C PRO N 174 -76.74 49.67 31.33
N VAL N 175 -77.40 49.03 30.37
CA VAL N 175 -78.21 49.74 29.38
C VAL N 175 -79.57 50.09 29.98
N ILE O 46 -38.88 70.59 -43.91
CA ILE O 46 -39.74 69.68 -43.17
C ILE O 46 -39.61 68.26 -43.70
N LYS O 47 -39.67 68.12 -45.02
CA LYS O 47 -39.67 66.78 -45.61
C LYS O 47 -38.25 66.25 -45.78
N THR O 48 -37.34 67.08 -46.26
CA THR O 48 -35.94 66.71 -46.42
C THR O 48 -35.06 67.80 -45.82
N LEU O 49 -33.92 67.39 -45.25
CA LEU O 49 -33.05 68.31 -44.56
C LEU O 49 -32.20 69.12 -45.54
N HIS O 50 -31.92 70.37 -45.17
CA HIS O 50 -31.04 71.24 -45.94
C HIS O 50 -30.11 71.95 -44.97
N LEU O 51 -28.92 71.41 -44.77
CA LEU O 51 -27.90 72.04 -43.93
C LEU O 51 -26.64 72.31 -44.74
N ASP O 52 -25.88 73.29 -44.28
CA ASP O 52 -24.58 73.61 -44.85
C ASP O 52 -23.66 73.96 -43.70
N ILE O 53 -22.49 73.32 -43.67
CA ILE O 53 -21.54 73.49 -42.57
C ILE O 53 -20.32 74.18 -43.11
N ARG O 54 -20.06 75.40 -42.64
CA ARG O 54 -18.99 76.24 -43.14
C ARG O 54 -17.80 76.13 -42.18
N ALA O 55 -16.91 75.20 -42.46
CA ALA O 55 -15.75 74.99 -41.60
C ALA O 55 -14.69 76.04 -41.89
N ARG O 56 -14.05 76.53 -40.84
CA ARG O 56 -13.08 77.61 -40.99
C ARG O 56 -11.76 77.09 -41.53
N GLU O 57 -10.78 77.99 -41.57
CA GLU O 57 -9.44 77.66 -42.02
C GLU O 57 -8.56 77.11 -40.91
N ALA O 58 -8.99 77.23 -39.65
CA ALA O 58 -8.23 76.76 -38.51
C ALA O 58 -9.22 76.11 -37.54
N ILE O 59 -9.43 74.82 -37.71
CA ILE O 59 -10.40 74.08 -36.91
C ILE O 59 -9.67 72.99 -36.12
N ASN O 60 -10.14 72.76 -34.89
CA ASN O 60 -9.73 71.67 -34.01
C ASN O 60 -8.24 71.74 -33.70
N THR O 61 -7.72 72.95 -33.54
CA THR O 61 -6.30 73.13 -33.37
C THR O 61 -5.88 72.76 -31.95
N SER O 62 -4.71 72.14 -31.84
CA SER O 62 -4.15 71.78 -30.54
C SER O 62 -3.41 72.98 -29.96
N ALA O 63 -2.60 72.74 -28.93
CA ALA O 63 -1.77 73.80 -28.37
C ALA O 63 -0.67 74.21 -29.34
N ALA O 64 -0.29 73.32 -30.26
CA ALA O 64 0.58 73.71 -31.36
C ALA O 64 -0.13 74.58 -32.39
N GLY O 65 -1.45 74.47 -32.47
CA GLY O 65 -2.22 75.34 -33.35
C GLY O 65 -2.32 74.89 -34.79
N ILE O 66 -2.25 73.59 -35.05
CA ILE O 66 -2.28 73.08 -36.42
C ILE O 66 -3.73 72.70 -36.75
N PRO O 67 -4.24 73.08 -37.92
CA PRO O 67 -5.63 72.74 -38.27
C PRO O 67 -5.82 71.25 -38.46
N LEU O 68 -6.80 70.69 -37.76
CA LEU O 68 -7.11 69.27 -37.83
C LEU O 68 -8.57 69.09 -38.20
N SER O 69 -8.86 68.06 -38.99
CA SER O 69 -10.21 67.82 -39.45
C SER O 69 -11.12 67.38 -38.30
N VAL O 70 -12.42 67.50 -38.52
CA VAL O 70 -13.43 67.13 -37.54
C VAL O 70 -14.45 66.24 -38.22
N VAL O 71 -14.76 65.12 -37.60
CA VAL O 71 -15.94 64.36 -37.96
C VAL O 71 -17.09 64.82 -37.08
N VAL O 72 -18.24 65.01 -37.69
CA VAL O 72 -19.43 65.51 -37.00
C VAL O 72 -20.46 64.40 -37.03
N ARG O 73 -21.39 64.42 -36.09
CA ARG O 73 -22.43 63.39 -36.03
C ARG O 73 -23.78 64.05 -35.89
N ILE O 74 -24.65 63.81 -36.85
CA ILE O 74 -25.98 64.40 -36.88
C ILE O 74 -26.97 63.37 -36.34
N TYR O 75 -27.88 63.84 -35.50
CA TYR O 75 -28.89 62.97 -34.90
C TYR O 75 -30.28 63.56 -35.11
N GLN O 76 -31.24 62.69 -35.32
CA GLN O 76 -32.65 63.05 -35.32
C GLN O 76 -33.22 62.76 -33.94
N LEU O 77 -34.06 63.67 -33.45
CA LEU O 77 -34.49 63.65 -32.06
C LEU O 77 -36.01 63.64 -31.97
N LYS O 78 -36.55 62.65 -31.27
CA LYS O 78 -37.96 62.70 -30.91
C LYS O 78 -38.17 63.40 -29.59
N ASP O 79 -37.18 63.36 -28.70
CA ASP O 79 -37.26 63.98 -27.40
C ASP O 79 -35.86 64.33 -26.94
N ASN O 80 -35.70 65.54 -26.40
CA ASN O 80 -34.40 66.08 -26.03
C ASN O 80 -34.08 65.89 -24.55
N ARG O 81 -34.50 64.78 -23.97
CA ARG O 81 -34.13 64.46 -22.59
C ARG O 81 -32.94 63.52 -22.51
N SER O 82 -32.57 62.88 -23.62
CA SER O 82 -31.44 61.95 -23.62
C SER O 82 -30.24 62.49 -24.38
N PHE O 83 -30.46 63.19 -25.50
CA PHE O 83 -29.34 63.74 -26.25
C PHE O 83 -28.70 64.91 -25.50
N ASP O 84 -29.50 65.74 -24.86
CA ASP O 84 -28.99 66.91 -24.18
C ASP O 84 -28.60 66.65 -22.74
N SER O 85 -28.78 65.43 -22.24
CA SER O 85 -28.36 65.06 -20.90
C SER O 85 -27.16 64.12 -20.91
N ALA O 86 -26.57 63.88 -22.07
CA ALA O 86 -25.42 62.99 -22.19
C ALA O 86 -24.15 63.81 -22.37
N ASP O 87 -23.07 63.34 -21.74
CA ASP O 87 -21.79 64.01 -21.80
C ASP O 87 -21.10 63.75 -23.13
N TYR O 88 -19.93 64.34 -23.32
CA TYR O 88 -19.18 64.15 -24.56
C TYR O 88 -18.62 62.75 -24.67
N GLN O 89 -18.28 62.12 -23.55
CA GLN O 89 -17.56 60.87 -23.59
C GLN O 89 -18.46 59.69 -23.94
N ALA O 90 -19.48 59.44 -23.12
CA ALA O 90 -20.35 58.30 -23.32
C ALA O 90 -21.27 58.41 -24.53
N LEU O 91 -21.33 59.59 -25.16
CA LEU O 91 -22.17 59.76 -26.34
C LEU O 91 -21.57 59.06 -27.56
N PHE O 92 -20.24 59.03 -27.65
CA PHE O 92 -19.57 58.28 -28.69
C PHE O 92 -19.12 56.90 -28.22
N THR O 93 -19.57 56.47 -27.04
CA THR O 93 -19.21 55.21 -26.39
C THR O 93 -17.70 55.01 -26.24
N GLY O 101 -31.58 54.01 -28.01
CA GLY O 101 -32.98 53.82 -28.32
C GLY O 101 -33.64 55.06 -28.89
N ASP O 102 -33.40 56.21 -28.25
CA ASP O 102 -33.95 57.48 -28.71
C ASP O 102 -33.31 57.96 -30.00
N ILE O 103 -32.12 57.46 -30.33
CA ILE O 103 -31.39 57.90 -31.50
C ILE O 103 -32.07 57.36 -32.75
N ILE O 104 -32.48 58.27 -33.63
CA ILE O 104 -33.29 57.92 -34.79
C ILE O 104 -32.42 57.70 -36.01
N ALA O 105 -31.72 58.75 -36.44
CA ALA O 105 -30.81 58.67 -37.57
C ALA O 105 -29.43 59.18 -37.17
N GLN O 106 -28.42 58.73 -37.91
CA GLN O 106 -27.02 59.01 -37.59
C GLN O 106 -26.25 59.21 -38.88
N LYS O 107 -25.88 60.44 -39.17
CA LYS O 107 -25.08 60.79 -40.33
C LYS O 107 -23.73 61.32 -39.87
N ASP O 108 -22.69 61.03 -40.64
CA ASP O 108 -21.33 61.36 -40.25
C ASP O 108 -20.63 62.04 -41.40
N VAL O 109 -20.20 63.29 -41.18
CA VAL O 109 -19.56 64.10 -42.21
C VAL O 109 -18.20 64.54 -41.70
N TRP O 110 -17.15 64.18 -42.44
CA TRP O 110 -15.84 64.76 -42.22
C TRP O 110 -15.84 66.22 -42.59
N LEU O 111 -15.19 67.04 -41.78
CA LEU O 111 -14.99 68.45 -42.12
C LEU O 111 -13.55 68.56 -42.61
N GLN O 112 -13.39 68.51 -43.93
CA GLN O 112 -12.11 68.77 -44.56
C GLN O 112 -11.65 70.17 -44.19
N PRO O 113 -10.45 70.34 -43.64
CA PRO O 113 -10.06 71.63 -43.05
C PRO O 113 -9.87 72.70 -44.11
N GLY O 114 -10.47 73.86 -43.87
CA GLY O 114 -10.51 74.93 -44.84
C GLY O 114 -11.69 74.88 -45.79
N GLY O 115 -12.19 73.70 -46.10
CA GLY O 115 -13.34 73.55 -46.97
C GLY O 115 -14.64 73.63 -46.20
N SER O 116 -15.68 73.09 -46.81
CA SER O 116 -17.00 73.07 -46.22
C SER O 116 -17.76 71.89 -46.80
N VAL O 117 -19.05 71.82 -46.48
CA VAL O 117 -19.90 70.73 -46.95
C VAL O 117 -21.34 71.24 -46.99
N ALA O 118 -22.13 70.64 -47.88
CA ALA O 118 -23.57 70.84 -47.93
C ALA O 118 -24.24 69.54 -47.53
N VAL O 119 -25.09 69.61 -46.51
CA VAL O 119 -25.65 68.43 -45.88
C VAL O 119 -27.12 68.36 -46.23
N ASP O 120 -27.50 67.38 -47.05
CA ASP O 120 -28.89 67.03 -47.29
C ASP O 120 -29.08 65.59 -46.85
N MET O 121 -30.11 65.34 -46.05
CA MET O 121 -30.41 63.99 -45.60
C MET O 121 -31.93 63.82 -45.53
N PRO O 122 -32.43 62.60 -45.72
CA PRO O 122 -33.88 62.39 -45.60
C PRO O 122 -34.33 62.48 -44.15
N LEU O 123 -35.37 63.29 -43.91
CA LEU O 123 -35.85 63.54 -42.56
C LEU O 123 -36.92 62.53 -42.19
N ASP O 124 -37.13 62.39 -40.88
CA ASP O 124 -38.24 61.60 -40.36
C ASP O 124 -39.31 62.51 -39.77
N ASP O 125 -40.56 62.06 -39.84
CA ASP O 125 -41.66 62.84 -39.32
C ASP O 125 -41.75 62.79 -37.80
N ALA O 126 -41.04 61.85 -37.17
CA ALA O 126 -40.94 61.81 -35.72
C ALA O 126 -39.76 62.60 -35.20
N ALA O 127 -38.93 63.16 -36.08
CA ALA O 127 -37.78 63.95 -35.69
C ALA O 127 -38.26 65.31 -35.23
N LYS O 128 -38.63 65.40 -33.96
CA LYS O 128 -39.08 66.66 -33.39
C LYS O 128 -37.96 67.68 -33.27
N PHE O 129 -36.73 67.22 -33.10
CA PHE O 129 -35.57 68.11 -32.98
C PHE O 129 -34.42 67.51 -33.77
N THR O 130 -33.40 68.32 -34.00
CA THR O 130 -32.21 67.88 -34.72
C THR O 130 -30.97 68.30 -33.94
N GLY O 131 -30.26 67.31 -33.41
CA GLY O 131 -29.05 67.56 -32.64
C GLY O 131 -27.82 67.15 -33.42
N VAL O 132 -26.90 68.09 -33.59
CA VAL O 132 -25.70 67.91 -34.41
C VAL O 132 -24.49 68.13 -33.52
N ALA O 133 -23.74 67.06 -33.27
CA ALA O 133 -22.59 67.12 -32.38
C ALA O 133 -21.32 66.75 -33.15
N ALA O 134 -20.23 67.42 -32.81
CA ALA O 134 -18.94 67.20 -33.42
C ALA O 134 -17.98 66.61 -32.40
N MET O 135 -16.82 66.20 -32.88
CA MET O 135 -15.79 65.58 -32.04
C MET O 135 -14.58 66.51 -32.00
N PHE O 136 -14.48 67.29 -30.94
CA PHE O 136 -13.39 68.24 -30.79
C PHE O 136 -12.27 67.65 -29.95
N LEU O 137 -11.09 68.24 -30.10
CA LEU O 137 -9.97 67.87 -29.24
C LEU O 137 -10.11 68.50 -27.87
N GLU O 138 -10.81 69.64 -27.79
CA GLU O 138 -11.01 70.38 -26.55
C GLU O 138 -12.50 70.43 -26.27
N PRO O 139 -13.05 69.40 -25.62
CA PRO O 139 -14.51 69.36 -25.41
C PRO O 139 -14.92 70.30 -24.27
N ASP O 140 -15.47 71.44 -24.65
CA ASP O 140 -15.93 72.46 -23.71
C ASP O 140 -17.32 72.05 -23.22
N GLN O 141 -17.33 71.02 -22.36
CA GLN O 141 -18.58 70.49 -21.83
C GLN O 141 -19.23 71.47 -20.87
N LYS O 142 -18.44 72.36 -20.28
CA LYS O 142 -18.95 73.38 -19.38
C LYS O 142 -19.61 74.52 -20.15
N LYS O 143 -19.37 74.60 -21.46
CA LYS O 143 -20.09 75.51 -22.32
C LYS O 143 -20.99 74.80 -23.33
N ASN O 144 -20.75 73.50 -23.57
CA ASN O 144 -21.55 72.64 -24.45
C ASN O 144 -21.59 73.15 -25.88
N THR O 145 -20.51 73.81 -26.32
CA THR O 145 -20.44 74.39 -27.65
C THR O 145 -20.13 73.36 -28.73
N TRP O 146 -19.96 72.09 -28.35
CA TRP O 146 -19.69 71.01 -29.29
C TRP O 146 -20.96 70.37 -29.83
N ARG O 147 -22.13 70.90 -29.50
CA ARG O 147 -23.37 70.41 -30.07
C ARG O 147 -24.38 71.55 -30.13
N VAL O 148 -25.31 71.43 -31.08
CA VAL O 148 -26.42 72.36 -31.24
C VAL O 148 -27.69 71.55 -31.41
N VAL O 149 -28.81 72.15 -31.02
CA VAL O 149 -30.12 71.53 -31.15
C VAL O 149 -31.00 72.46 -31.97
N LEU O 150 -31.42 72.00 -33.15
CA LEU O 150 -32.29 72.77 -34.02
C LEU O 150 -33.66 72.13 -34.03
N GLY O 151 -34.68 72.89 -33.61
CA GLY O 151 -36.04 72.40 -33.66
C GLY O 151 -36.55 72.29 -35.09
N ARG O 152 -37.62 71.52 -35.26
CA ARG O 152 -38.16 71.30 -36.60
C ARG O 152 -38.84 72.55 -37.15
N ASP O 153 -39.31 73.44 -36.26
CA ASP O 153 -39.85 74.73 -36.67
C ASP O 153 -38.76 75.75 -36.99
N GLU O 154 -37.51 75.47 -36.63
CA GLU O 154 -36.39 76.34 -36.99
C GLU O 154 -35.94 76.14 -38.42
N LEU O 155 -36.47 75.15 -39.12
CA LEU O 155 -36.09 74.92 -40.51
C LEU O 155 -36.80 75.91 -41.43
N GLU O 156 -36.02 76.78 -42.06
CA GLU O 156 -36.45 77.38 -43.32
C GLU O 156 -35.94 76.43 -44.40
N PRO O 157 -36.80 75.54 -44.93
CA PRO O 157 -36.30 74.36 -45.65
C PRO O 157 -35.63 74.64 -46.98
N ASP O 158 -36.24 75.50 -47.81
CA ASP O 158 -35.81 75.64 -49.20
C ASP O 158 -34.47 76.35 -49.37
N THR O 159 -33.94 76.99 -48.33
CA THR O 159 -32.59 77.55 -48.36
C THR O 159 -31.79 76.87 -47.26
N PRO O 160 -30.62 76.29 -47.55
CA PRO O 160 -29.91 75.50 -46.54
C PRO O 160 -29.34 76.37 -45.43
N ARG O 161 -29.54 75.91 -44.21
CA ARG O 161 -29.06 76.62 -43.03
C ARG O 161 -27.53 76.57 -42.98
N LEU O 162 -26.94 77.62 -42.42
CA LEU O 162 -25.50 77.70 -42.26
C LEU O 162 -25.12 77.59 -40.80
N ILE O 163 -24.10 76.78 -40.52
CA ILE O 163 -23.51 76.66 -39.18
C ILE O 163 -22.00 76.73 -39.37
N GLU O 164 -21.40 77.84 -38.95
CA GLU O 164 -19.97 78.07 -39.11
C GLU O 164 -19.23 77.55 -37.89
N VAL O 165 -18.15 76.81 -38.12
CA VAL O 165 -17.39 76.15 -37.07
C VAL O 165 -16.00 76.76 -37.07
N SER O 166 -15.58 77.30 -35.92
CA SER O 166 -14.28 77.96 -35.80
C SER O 166 -13.51 77.33 -34.65
N GLY O 167 -12.39 76.69 -34.96
CA GLY O 167 -11.53 76.14 -33.93
C GLY O 167 -12.15 74.95 -33.22
N ASN O 168 -12.58 75.17 -31.98
CA ASN O 168 -13.30 74.15 -31.22
C ASN O 168 -14.72 74.59 -30.87
N THR O 169 -15.33 75.44 -31.70
CA THR O 169 -16.65 76.01 -31.41
C THR O 169 -17.54 75.90 -32.62
N LEU O 170 -18.66 75.20 -32.47
CA LEU O 170 -19.76 75.26 -33.42
C LEU O 170 -20.62 76.48 -33.12
N THR O 171 -21.04 77.19 -34.16
CA THR O 171 -21.87 78.37 -33.99
C THR O 171 -23.02 78.31 -34.99
N LEU O 172 -24.24 78.18 -34.45
CA LEU O 172 -25.44 78.29 -35.26
C LEU O 172 -25.60 79.73 -35.73
N LEU O 173 -25.58 79.94 -37.02
CA LEU O 173 -25.67 81.30 -37.54
C LEU O 173 -27.10 81.82 -37.43
N PRO O 174 -27.26 83.13 -37.20
CA PRO O 174 -28.62 83.68 -37.06
C PRO O 174 -29.37 83.70 -38.39
N VAL O 175 -30.57 83.13 -38.37
CA VAL O 175 -31.39 83.06 -39.56
C VAL O 175 -32.11 84.38 -39.77
N THR P 575 87.24 -39.91 -10.62
CA THR P 575 88.45 -40.18 -9.85
C THR P 575 88.65 -39.09 -8.81
N GLN P 576 87.60 -38.32 -8.57
CA GLN P 576 87.66 -37.16 -7.67
C GLN P 576 86.50 -37.21 -6.70
N ASN P 577 86.67 -36.56 -5.56
CA ASN P 577 85.70 -36.60 -4.47
C ASN P 577 85.79 -35.29 -3.67
N SER P 578 84.83 -34.40 -3.88
CA SER P 578 84.82 -33.13 -3.17
C SER P 578 83.38 -32.60 -3.18
N ASP P 579 82.75 -32.58 -2.00
CA ASP P 579 81.44 -32.00 -1.67
C ASP P 579 80.26 -32.71 -2.31
N ALA P 580 80.49 -33.71 -3.17
CA ALA P 580 79.40 -34.44 -3.81
C ALA P 580 79.42 -35.90 -3.40
N MET P 581 80.51 -36.61 -3.62
CA MET P 581 80.62 -37.98 -3.12
C MET P 581 80.81 -38.01 -1.61
N LEU P 582 81.20 -36.88 -1.01
CA LEU P 582 81.26 -36.79 0.44
C LEU P 582 79.89 -37.01 1.05
N TYR P 583 78.89 -36.27 0.59
CA TYR P 583 77.55 -36.40 1.15
C TYR P 583 76.90 -37.72 0.75
N GLN P 584 77.26 -38.27 -0.40
CA GLN P 584 76.69 -39.57 -0.79
C GLN P 584 77.21 -40.67 0.11
N LYS P 585 78.50 -40.63 0.43
CA LYS P 585 79.05 -41.63 1.34
C LYS P 585 78.66 -41.38 2.78
N MET P 586 78.14 -40.19 3.08
CA MET P 586 77.44 -40.02 4.35
C MET P 586 76.17 -40.85 4.38
N LEU P 587 75.40 -40.79 3.29
CA LEU P 587 74.05 -41.36 3.32
C LEU P 587 74.09 -42.88 3.25
N ALA P 588 74.92 -43.44 2.37
CA ALA P 588 74.94 -44.88 2.15
C ALA P 588 75.48 -45.66 3.33
N ARG P 589 76.04 -45.00 4.34
CA ARG P 589 76.38 -45.69 5.58
C ARG P 589 75.29 -45.53 6.62
N VAL P 590 74.63 -44.37 6.66
CA VAL P 590 73.62 -44.13 7.68
C VAL P 590 72.27 -44.73 7.28
N ALA P 591 72.01 -44.86 5.98
CA ALA P 591 70.78 -45.52 5.52
C ALA P 591 70.74 -47.01 5.84
N HIS P 592 71.85 -47.58 6.29
CA HIS P 592 71.86 -48.95 6.76
C HIS P 592 71.00 -49.12 8.01
N GLN P 593 71.09 -48.17 8.94
CA GLN P 593 70.53 -48.41 10.27
C GLN P 593 69.01 -48.27 10.31
N PHE P 594 68.52 -47.07 10.05
CA PHE P 594 67.15 -46.72 10.45
C PHE P 594 66.16 -47.00 9.35
N ALA P 595 65.00 -47.52 9.73
CA ALA P 595 63.92 -47.80 8.81
C ALA P 595 63.05 -46.56 8.61
N ASP P 596 62.05 -46.68 7.76
CA ASP P 596 61.18 -45.57 7.43
C ASP P 596 60.28 -45.22 8.62
N MET P 597 59.68 -44.03 8.55
CA MET P 597 58.82 -43.53 9.62
C MET P 597 57.44 -43.28 9.02
N ARG P 598 56.51 -44.20 9.29
CA ARG P 598 55.17 -44.12 8.70
C ARG P 598 54.32 -43.08 9.40
N LEU P 599 53.01 -43.11 9.16
CA LEU P 599 52.15 -42.20 9.90
C LEU P 599 51.87 -42.74 11.30
N THR P 600 51.78 -44.06 11.45
CA THR P 600 51.29 -44.63 12.69
C THR P 600 52.34 -44.59 13.79
N ASP P 601 53.63 -44.61 13.44
CA ASP P 601 54.65 -44.41 14.46
C ASP P 601 54.91 -42.93 14.72
N MET P 602 54.28 -42.04 13.95
CA MET P 602 54.05 -40.71 14.45
C MET P 602 52.85 -40.73 15.39
N THR P 603 52.51 -39.56 15.92
CA THR P 603 51.31 -39.30 16.74
C THR P 603 51.17 -40.21 17.97
N GLY P 604 52.26 -40.84 18.42
CA GLY P 604 52.18 -41.78 19.51
C GLY P 604 51.36 -43.02 19.21
N ASP P 605 50.21 -43.12 19.87
CA ASP P 605 49.38 -44.32 19.83
C ASP P 605 48.05 -44.12 19.12
N THR P 606 47.69 -42.88 18.82
CA THR P 606 46.29 -42.50 18.60
C THR P 606 45.79 -43.03 17.25
N ASP P 607 44.47 -43.09 17.13
CA ASP P 607 43.80 -43.51 15.90
C ASP P 607 44.01 -42.42 14.86
N VAL P 608 44.86 -42.67 13.88
CA VAL P 608 45.03 -41.74 12.77
C VAL P 608 44.43 -42.31 11.50
N SER P 609 44.17 -43.61 11.46
CA SER P 609 43.65 -44.24 10.24
C SER P 609 42.24 -43.79 9.94
N ARG P 610 41.53 -43.25 10.92
CA ARG P 610 40.23 -42.67 10.64
C ARG P 610 40.31 -41.31 9.97
N LEU P 611 41.49 -40.68 9.92
CA LEU P 611 41.61 -39.34 9.37
C LEU P 611 42.43 -39.27 8.09
N PHE P 612 43.66 -39.75 8.11
CA PHE P 612 44.59 -39.50 7.01
C PHE P 612 45.04 -40.82 6.39
N PHE P 613 44.88 -40.95 5.08
CA PHE P 613 45.31 -42.16 4.38
C PHE P 613 46.62 -41.93 3.63
N THR P 614 47.52 -41.24 4.32
CA THR P 614 48.79 -40.76 3.78
C THR P 614 49.65 -41.86 3.16
N ASP P 615 50.26 -41.53 2.03
CA ASP P 615 51.30 -42.32 1.40
C ASP P 615 52.59 -41.51 1.41
N GLU P 616 53.59 -42.00 0.68
CA GLU P 616 54.90 -41.36 0.50
C GLU P 616 55.59 -41.14 1.85
N VAL P 617 55.93 -42.28 2.45
CA VAL P 617 56.56 -42.30 3.76
C VAL P 617 57.93 -41.66 3.74
N VAL P 618 58.23 -40.84 4.75
CA VAL P 618 59.58 -40.30 4.92
C VAL P 618 60.54 -41.45 5.17
N PRO P 619 61.73 -41.49 4.53
CA PRO P 619 62.50 -42.73 4.51
C PRO P 619 63.29 -43.03 5.77
N GLY P 620 62.94 -42.40 6.89
CA GLY P 620 63.79 -42.54 8.02
C GLY P 620 64.98 -41.65 7.77
N MET P 621 66.09 -41.94 8.45
CA MET P 621 67.42 -41.39 8.24
C MET P 621 67.49 -39.89 8.59
N PHE P 622 66.37 -39.28 8.96
CA PHE P 622 66.28 -37.84 9.12
C PHE P 622 65.89 -37.39 10.50
N THR P 623 65.28 -38.25 11.31
CA THR P 623 64.62 -37.87 12.54
C THR P 623 65.63 -37.42 13.60
N ARG P 624 65.10 -36.99 14.75
CA ARG P 624 65.94 -36.39 15.79
C ARG P 624 66.95 -37.38 16.34
N GLN P 625 66.57 -38.64 16.48
CA GLN P 625 67.54 -39.63 16.93
C GLN P 625 68.55 -39.96 15.83
N ALA P 626 68.25 -39.67 14.58
CA ALA P 626 69.25 -39.84 13.55
C ALA P 626 70.19 -38.64 13.48
N TRP P 627 69.82 -37.51 14.06
CA TRP P 627 70.74 -36.38 14.07
C TRP P 627 71.72 -36.48 15.22
N GLU P 628 71.20 -36.74 16.42
CA GLU P 628 72.06 -36.84 17.59
C GLU P 628 72.97 -38.06 17.48
N GLU P 629 72.38 -39.21 17.17
CA GLU P 629 73.12 -40.45 17.01
C GLU P 629 73.34 -40.71 15.53
N ALA P 630 74.60 -40.97 15.16
CA ALA P 630 75.03 -41.56 13.89
C ALA P 630 74.83 -40.68 12.67
N VAL P 631 74.84 -39.35 12.78
CA VAL P 631 75.34 -38.55 11.67
C VAL P 631 76.41 -37.61 12.20
N LEU P 632 76.34 -37.28 13.49
CA LEU P 632 77.35 -36.41 14.07
C LEU P 632 78.66 -37.15 14.29
N PRO P 633 78.68 -38.43 14.70
CA PRO P 633 79.92 -39.17 14.48
C PRO P 633 80.19 -39.43 13.02
N SER P 634 79.14 -39.61 12.21
CA SER P 634 79.35 -40.05 10.83
C SER P 634 79.90 -38.93 9.95
N ILE P 635 79.62 -37.67 10.30
CA ILE P 635 80.30 -36.59 9.59
C ILE P 635 81.78 -36.56 9.96
N ASP P 636 82.11 -37.01 11.16
CA ASP P 636 83.50 -36.98 11.59
C ASP P 636 84.32 -38.12 10.97
N THR P 637 83.68 -39.10 10.35
CA THR P 637 84.43 -40.15 9.67
C THR P 637 84.89 -39.74 8.29
N VAL P 638 84.14 -38.87 7.61
CA VAL P 638 84.48 -38.54 6.24
C VAL P 638 85.34 -37.29 6.13
N ILE P 639 85.42 -36.47 7.17
CA ILE P 639 86.18 -35.23 7.08
C ILE P 639 87.68 -35.48 7.16
N ASN P 640 88.11 -36.48 7.91
CA ASN P 640 89.52 -36.85 7.91
C ASN P 640 89.90 -37.64 6.68
N GLU P 641 88.96 -38.34 6.08
CA GLU P 641 89.23 -39.19 4.93
C GLU P 641 89.23 -38.37 3.64
N VAL P 661 91.20 -29.26 1.39
CA VAL P 661 90.08 -28.46 1.87
C VAL P 661 90.02 -28.57 3.40
N SER P 662 89.75 -27.44 4.06
CA SER P 662 89.71 -27.44 5.52
C SER P 662 88.46 -28.14 6.00
N PRO P 663 88.57 -29.12 6.91
CA PRO P 663 87.41 -29.95 7.25
C PRO P 663 86.36 -29.24 8.09
N GLU P 664 86.77 -28.39 9.03
CA GLU P 664 85.80 -27.74 9.91
C GLU P 664 84.95 -26.70 9.20
N ALA P 665 85.37 -26.25 8.02
CA ALA P 665 84.50 -25.40 7.21
C ALA P 665 83.56 -26.22 6.35
N LEU P 666 83.93 -27.44 5.99
CA LEU P 666 82.99 -28.31 5.29
C LEU P 666 81.92 -28.86 6.21
N ARG P 667 82.17 -28.85 7.52
CA ARG P 667 81.15 -29.31 8.46
C ARG P 667 79.96 -28.37 8.50
N GLN P 668 80.15 -27.12 8.09
CA GLN P 668 79.01 -26.27 7.79
C GLN P 668 78.53 -26.49 6.37
N ARG P 669 79.46 -26.76 5.45
CA ARG P 669 79.11 -26.93 4.05
C ARG P 669 78.57 -28.32 3.73
N LEU P 670 78.39 -29.16 4.74
CA LEU P 670 77.72 -30.43 4.56
C LEU P 670 76.44 -30.55 5.36
N THR P 671 76.39 -29.97 6.57
CA THR P 671 75.19 -30.07 7.39
C THR P 671 74.05 -29.26 6.81
N THR P 672 74.32 -28.04 6.34
CA THR P 672 73.26 -27.27 5.70
C THR P 672 72.86 -27.86 4.36
N ARG P 673 73.72 -28.65 3.73
CA ARG P 673 73.26 -29.46 2.63
C ARG P 673 72.43 -30.63 3.10
N TYR P 674 72.66 -31.11 4.32
CA TYR P 674 71.84 -32.18 4.84
C TYR P 674 70.52 -31.65 5.36
N PHE P 675 70.55 -30.49 6.01
CA PHE P 675 69.33 -29.95 6.59
C PHE P 675 68.37 -29.45 5.53
N ALA P 676 68.90 -28.94 4.42
CA ALA P 676 68.04 -28.53 3.32
C ALA P 676 67.41 -29.72 2.64
N ASP P 677 67.99 -30.90 2.79
CA ASP P 677 67.29 -32.11 2.40
C ASP P 677 66.68 -32.83 3.59
N PHE P 678 66.85 -32.31 4.80
CA PHE P 678 66.05 -32.81 5.90
C PHE P 678 64.64 -32.27 5.82
N GLY P 679 64.53 -30.95 5.67
CA GLY P 679 63.22 -30.34 5.55
C GLY P 679 62.50 -30.76 4.28
N ASN P 680 63.23 -30.84 3.18
CA ASN P 680 62.64 -31.18 1.89
C ASN P 680 62.19 -32.63 1.80
N ALA P 681 62.51 -33.46 2.79
CA ALA P 681 61.87 -34.76 2.85
C ALA P 681 60.69 -34.76 3.79
N TRP P 682 60.58 -33.77 4.66
CA TRP P 682 59.41 -33.67 5.50
C TRP P 682 58.26 -32.98 4.78
N LEU P 683 58.58 -31.94 4.00
CA LEU P 683 57.54 -31.18 3.32
C LEU P 683 56.86 -32.02 2.26
N ASN P 684 57.55 -32.99 1.70
CA ASN P 684 56.88 -33.88 0.78
C ASN P 684 56.28 -35.08 1.47
N PHE P 685 56.34 -35.13 2.80
CA PHE P 685 55.51 -36.07 3.53
C PHE P 685 54.19 -35.43 3.94
N LEU P 686 54.27 -34.27 4.61
CA LEU P 686 53.06 -33.66 5.14
C LEU P 686 52.16 -33.11 4.05
N ASN P 687 52.72 -32.61 2.95
CA ASN P 687 51.87 -32.17 1.86
C ASN P 687 51.24 -33.32 1.11
N SER P 688 51.71 -34.53 1.33
CA SER P 688 51.11 -35.66 0.64
C SER P 688 49.83 -36.13 1.30
N LEU P 689 49.57 -35.76 2.54
CA LEU P 689 48.49 -36.38 3.28
C LEU P 689 47.15 -35.80 2.86
N HIS P 690 46.17 -36.66 2.69
CA HIS P 690 44.81 -36.26 2.39
C HIS P 690 43.93 -36.63 3.56
N LEU P 691 42.63 -36.40 3.41
CA LEU P 691 41.68 -36.61 4.49
C LEU P 691 40.72 -37.73 4.12
N ARG P 692 40.34 -38.51 5.13
CA ARG P 692 39.49 -39.68 4.90
C ARG P 692 38.11 -39.26 4.43
N LYS P 693 37.72 -39.76 3.28
CA LYS P 693 36.45 -39.41 2.66
C LYS P 693 35.29 -39.92 3.50
N ALA P 694 34.62 -39.01 4.19
CA ALA P 694 33.53 -39.36 5.08
C ALA P 694 32.20 -38.95 4.44
N GLN P 695 31.12 -39.54 4.93
CA GLN P 695 29.81 -39.26 4.38
C GLN P 695 28.74 -39.47 5.44
N THR P 696 27.53 -39.00 5.11
CA THR P 696 26.28 -39.26 5.82
C THR P 696 26.25 -38.73 7.26
N LEU P 697 26.92 -37.61 7.52
CA LEU P 697 26.68 -36.73 8.68
C LEU P 697 27.00 -37.35 10.04
N SER P 698 27.21 -38.64 10.12
CA SER P 698 27.73 -39.16 11.38
C SER P 698 29.22 -39.37 11.30
N ASP P 699 29.71 -39.82 10.15
CA ASP P 699 31.15 -39.89 9.96
C ASP P 699 31.75 -38.52 9.84
N VAL P 700 30.98 -37.51 9.44
CA VAL P 700 31.49 -36.15 9.45
C VAL P 700 31.58 -35.65 10.88
N THR P 701 30.52 -35.84 11.67
CA THR P 701 30.59 -35.33 13.03
C THR P 701 31.41 -36.23 13.94
N GLU P 702 31.77 -37.44 13.51
CA GLU P 702 32.66 -38.22 14.33
C GLU P 702 34.11 -37.90 14.01
N GLN P 703 34.37 -37.32 12.85
CA GLN P 703 35.70 -36.77 12.62
C GLN P 703 35.93 -35.56 13.49
N LEU P 704 34.94 -34.69 13.59
CA LEU P 704 35.18 -33.44 14.30
C LEU P 704 35.14 -33.60 15.80
N THR P 705 34.65 -34.73 16.33
CA THR P 705 35.04 -35.10 17.68
C THR P 705 36.52 -35.41 17.71
N LEU P 706 36.93 -36.40 16.94
CA LEU P 706 38.27 -36.95 17.02
C LEU P 706 39.32 -36.00 16.52
N MET P 707 38.96 -34.99 15.74
CA MET P 707 39.99 -34.05 15.30
C MET P 707 40.26 -33.00 16.36
N ALA P 708 39.27 -32.66 17.17
CA ALA P 708 39.39 -31.56 18.12
C ALA P 708 39.28 -32.01 19.57
N ASP P 709 39.81 -33.16 19.90
CA ASP P 709 39.65 -33.73 21.23
C ASP P 709 41.04 -33.94 21.80
N VAL P 710 41.43 -33.07 22.73
CA VAL P 710 42.71 -33.20 23.40
C VAL P 710 42.72 -34.48 24.24
N ARG P 711 43.90 -35.06 24.43
CA ARG P 711 44.28 -36.34 25.03
C ARG P 711 43.97 -37.54 24.12
N GLN P 712 43.18 -37.38 23.06
CA GLN P 712 43.04 -38.45 22.08
C GLN P 712 42.66 -37.85 20.71
N SER P 713 43.69 -37.53 19.93
CA SER P 713 43.51 -36.98 18.59
C SER P 713 44.81 -36.99 17.81
N PRO P 714 44.75 -37.10 16.50
CA PRO P 714 45.80 -36.54 15.68
C PRO P 714 45.66 -35.03 15.65
N LEU P 715 46.69 -34.36 15.13
CA LEU P 715 46.87 -32.91 15.06
C LEU P 715 47.09 -32.25 16.42
N VAL P 716 47.04 -33.02 17.49
CA VAL P 716 47.69 -32.66 18.73
C VAL P 716 48.84 -33.60 19.01
N ALA P 717 48.63 -34.90 18.85
CA ALA P 717 49.73 -35.83 18.92
C ALA P 717 50.61 -35.77 17.68
N LEU P 718 50.08 -35.29 16.56
CA LEU P 718 50.93 -35.11 15.40
C LEU P 718 51.83 -33.89 15.56
N MET P 719 51.25 -32.77 15.97
CA MET P 719 52.05 -31.56 16.16
C MET P 719 52.93 -31.64 17.39
N ASN P 720 52.69 -32.59 18.29
CA ASN P 720 53.66 -32.89 19.32
C ASN P 720 54.93 -33.46 18.72
N THR P 721 54.81 -34.53 17.94
CA THR P 721 55.97 -35.10 17.28
C THR P 721 56.48 -34.22 16.16
N LEU P 722 55.67 -33.30 15.66
CA LEU P 722 56.22 -32.30 14.76
C LEU P 722 56.98 -31.23 15.50
N ALA P 723 56.70 -31.04 16.78
CA ALA P 723 57.45 -30.06 17.55
C ALA P 723 58.82 -30.59 17.96
N VAL P 724 58.95 -31.91 18.12
CA VAL P 724 60.22 -32.44 18.58
C VAL P 724 61.26 -32.43 17.47
N GLN P 725 60.83 -32.38 16.21
CA GLN P 725 61.77 -32.38 15.10
C GLN P 725 61.85 -31.03 14.42
N GLY P 726 61.46 -29.98 15.11
CA GLY P 726 61.68 -28.64 14.62
C GLY P 726 62.75 -27.98 15.46
N CYS P 727 63.33 -28.78 16.35
CA CYS P 727 64.37 -28.31 17.26
C CYS P 727 65.61 -29.20 17.22
N THR P 728 65.85 -29.88 16.11
CA THR P 728 67.11 -30.60 15.98
C THR P 728 68.22 -29.62 15.70
N GLY P 729 69.47 -30.07 15.84
CA GLY P 729 70.59 -29.15 15.76
C GLY P 729 70.87 -28.54 17.10
N GLN P 730 70.36 -27.34 17.33
CA GLN P 730 70.48 -26.70 18.64
C GLN P 730 69.26 -26.98 19.49
N HIS P 762 65.32 -20.33 16.41
CA HIS P 762 66.30 -20.91 17.32
C HIS P 762 67.17 -21.92 16.59
N GLY P 763 66.56 -22.95 16.02
CA GLY P 763 67.30 -24.00 15.36
C GLY P 763 67.80 -23.59 14.01
N PRO P 764 68.51 -24.50 13.36
CA PRO P 764 69.08 -24.19 12.04
C PRO P 764 68.04 -24.23 10.94
N LEU P 765 67.08 -25.14 11.06
CA LEU P 765 65.99 -25.25 10.12
C LEU P 765 64.74 -24.55 10.62
N ALA P 766 64.88 -23.63 11.56
CA ALA P 766 63.75 -22.93 12.13
C ALA P 766 63.14 -21.90 11.19
N THR P 767 63.63 -21.75 9.97
CA THR P 767 62.91 -20.99 8.97
C THR P 767 62.00 -21.85 8.12
N THR P 768 62.11 -23.18 8.22
CA THR P 768 61.32 -24.08 7.41
C THR P 768 60.22 -24.75 8.19
N PHE P 769 60.46 -25.12 9.44
CA PHE P 769 59.41 -25.51 10.35
C PHE P 769 58.95 -24.34 11.19
N GLY P 770 59.32 -23.13 10.81
CA GLY P 770 58.97 -21.92 11.50
C GLY P 770 57.49 -21.66 11.65
N PRO P 771 56.74 -21.58 10.53
CA PRO P 771 55.30 -21.33 10.64
C PRO P 771 54.50 -22.39 11.37
N VAL P 772 54.75 -23.67 11.11
CA VAL P 772 53.91 -24.69 11.72
C VAL P 772 54.19 -24.84 13.20
N LEU P 773 55.41 -24.51 13.62
CA LEU P 773 55.64 -24.41 15.06
C LEU P 773 55.06 -23.13 15.63
N ALA P 774 54.79 -22.12 14.80
CA ALA P 774 54.20 -20.89 15.31
C ALA P 774 52.72 -21.03 15.57
N LEU P 775 52.07 -22.06 15.03
CA LEU P 775 50.67 -22.28 15.34
C LEU P 775 50.54 -22.78 16.76
N MET P 776 51.08 -23.97 17.03
CA MET P 776 50.93 -24.58 18.33
C MET P 776 51.90 -23.91 19.31
N ASP P 777 51.57 -22.67 19.65
CA ASP P 777 52.35 -21.93 20.64
C ASP P 777 51.51 -21.53 21.84
N ASN P 778 50.40 -20.82 21.60
CA ASN P 778 49.47 -20.29 22.59
C ASN P 778 50.15 -19.36 23.60
N GLN P 779 51.32 -18.82 23.26
CA GLN P 779 51.94 -17.81 24.11
C GLN P 779 51.40 -16.44 23.75
N ASN P 780 51.24 -16.18 22.45
CA ASN P 780 50.42 -15.15 21.78
C ASN P 780 50.41 -13.80 22.50
N ASN P 781 51.60 -13.19 22.54
CA ASN P 781 51.75 -11.87 23.16
C ASN P 781 50.94 -10.80 22.44
N SER P 782 50.60 -11.03 21.18
CA SER P 782 49.64 -10.19 20.47
C SER P 782 48.20 -10.47 20.87
N ALA P 783 47.91 -11.68 21.38
CA ALA P 783 46.59 -12.14 21.81
C ALA P 783 45.55 -12.14 20.69
N ASP P 784 45.98 -12.08 19.42
CA ASP P 784 45.09 -12.26 18.29
C ASP P 784 45.76 -13.10 17.20
N MET P 785 46.51 -14.13 17.59
CA MET P 785 47.14 -14.97 16.60
C MET P 785 46.15 -15.99 16.05
N LEU P 786 46.68 -16.97 15.32
CA LEU P 786 45.81 -17.94 14.67
C LEU P 786 45.87 -19.31 15.32
N ASN P 787 47.04 -19.73 15.77
CA ASN P 787 47.21 -20.38 17.05
C ASN P 787 46.73 -21.83 17.18
N LEU P 788 45.91 -22.34 16.28
CA LEU P 788 45.45 -23.74 16.19
C LEU P 788 44.66 -24.24 17.41
N GLN P 789 44.77 -23.59 18.55
CA GLN P 789 43.62 -23.34 19.39
C GLN P 789 42.97 -22.10 18.82
N THR P 790 41.72 -21.87 19.23
CA THR P 790 40.77 -21.00 18.52
C THR P 790 40.63 -21.41 17.06
N TYR P 791 40.88 -22.64 16.77
CA TYR P 791 40.40 -23.37 15.63
C TYR P 791 39.79 -24.68 16.07
N LEU P 792 40.41 -25.34 17.05
CA LEU P 792 39.84 -26.56 17.58
C LEU P 792 38.77 -26.28 18.62
N THR P 793 38.66 -25.05 19.09
CA THR P 793 37.41 -24.65 19.70
C THR P 793 36.60 -23.78 18.77
N ARG P 794 37.01 -23.70 17.51
CA ARG P 794 36.12 -23.19 16.49
C ARG P 794 35.48 -24.31 15.71
N VAL P 795 36.22 -25.39 15.46
CA VAL P 795 35.61 -26.50 14.76
C VAL P 795 34.70 -27.27 15.70
N THR P 796 34.92 -27.21 17.00
CA THR P 796 34.04 -27.98 17.86
C THR P 796 32.79 -27.22 18.25
N GLN P 797 32.72 -25.93 17.93
CA GLN P 797 31.43 -25.25 18.00
C GLN P 797 30.69 -25.31 16.69
N VAL P 798 31.29 -25.93 15.67
CA VAL P 798 30.53 -26.32 14.51
C VAL P 798 29.94 -27.70 14.70
N ARG P 799 30.72 -28.60 15.28
CA ARG P 799 30.22 -29.93 15.58
C ARG P 799 29.07 -29.90 16.57
N LEU P 800 29.17 -29.03 17.58
CA LEU P 800 28.08 -28.90 18.54
C LEU P 800 26.81 -28.36 17.90
N ARG P 801 26.94 -27.62 16.81
CA ARG P 801 25.74 -27.29 16.04
C ARG P 801 25.21 -28.54 15.36
N LEU P 802 26.08 -29.38 14.82
CA LEU P 802 25.60 -30.56 14.13
C LEU P 802 25.25 -31.71 15.04
N GLN P 803 25.25 -31.51 16.35
CA GLN P 803 24.61 -32.48 17.24
C GLN P 803 23.25 -32.00 17.68
N GLN P 804 23.03 -30.69 17.70
CA GLN P 804 21.68 -30.18 17.85
C GLN P 804 20.82 -30.55 16.66
N ILE P 805 21.42 -30.66 15.48
CA ILE P 805 20.65 -30.99 14.31
C ILE P 805 20.30 -32.47 14.30
N ALA P 806 21.34 -33.32 14.19
CA ALA P 806 21.21 -34.69 13.71
C ALA P 806 20.30 -35.55 14.56
N GLY P 807 20.19 -35.25 15.83
CA GLY P 807 19.09 -35.72 16.62
C GLY P 807 18.49 -34.55 17.36
N SER P 808 17.27 -34.76 17.86
CA SER P 808 16.62 -33.90 18.85
C SER P 808 16.45 -32.46 18.35
N SER P 809 15.53 -32.23 17.41
CA SER P 809 14.53 -33.16 16.88
C SER P 809 14.18 -32.60 15.54
N ASP P 810 13.52 -33.41 14.71
CA ASP P 810 13.03 -33.02 13.40
C ASP P 810 14.08 -32.35 12.49
N PRO P 811 15.16 -33.05 12.18
CA PRO P 811 16.37 -32.37 11.72
C PRO P 811 16.31 -31.84 10.32
N GLN P 812 15.50 -32.41 9.43
CA GLN P 812 15.44 -31.89 8.07
C GLN P 812 14.90 -30.48 8.05
N ALA P 813 14.01 -30.16 8.99
CA ALA P 813 13.56 -28.80 9.15
C ALA P 813 14.71 -27.90 9.57
N MET P 814 15.52 -28.34 10.53
CA MET P 814 16.60 -27.48 11.01
C MET P 814 17.75 -27.46 10.03
N MET P 815 17.85 -28.45 9.17
CA MET P 815 18.98 -28.50 8.26
C MET P 815 18.87 -27.45 7.18
N GLN P 816 17.64 -27.23 6.69
CA GLN P 816 17.42 -26.17 5.72
C GLN P 816 17.72 -24.83 6.33
N LEU P 817 17.27 -24.61 7.56
CA LEU P 817 17.41 -23.34 8.23
C LEU P 817 18.84 -22.99 8.58
N LEU P 818 19.74 -23.97 8.53
CA LEU P 818 21.16 -23.64 8.47
C LEU P 818 21.57 -23.37 7.03
N ALA P 819 21.22 -24.26 6.12
CA ALA P 819 21.71 -24.14 4.75
C ALA P 819 21.01 -23.04 3.98
N GLN P 820 19.96 -22.46 4.54
CA GLN P 820 19.34 -21.31 3.89
C GLN P 820 20.08 -20.04 4.22
N THR P 821 20.62 -19.93 5.43
CA THR P 821 21.24 -18.69 5.84
C THR P 821 22.72 -18.64 5.52
N VAL P 822 23.25 -19.67 4.88
CA VAL P 822 24.58 -19.54 4.29
C VAL P 822 24.50 -19.02 2.87
N LEU P 823 23.46 -19.43 2.13
CA LEU P 823 23.35 -19.04 0.74
C LEU P 823 23.01 -17.58 0.53
N GLN P 824 22.55 -16.88 1.57
CA GLN P 824 22.30 -15.45 1.46
C GLN P 824 23.18 -14.61 2.36
N GLY P 825 23.31 -14.96 3.63
CA GLY P 825 23.97 -14.13 4.61
C GLY P 825 25.36 -14.60 4.93
N LYS P 826 25.69 -14.55 6.23
CA LYS P 826 26.98 -14.94 6.75
C LYS P 826 26.79 -15.17 8.24
N SER P 827 27.88 -15.54 8.92
CA SER P 827 27.98 -15.68 10.38
C SER P 827 26.98 -16.70 10.91
N VAL P 828 27.19 -17.94 10.52
CA VAL P 828 26.28 -19.00 10.91
C VAL P 828 26.71 -19.72 12.21
N ASP P 829 27.90 -20.33 12.39
CA ASP P 829 29.15 -20.18 11.63
C ASP P 829 29.72 -21.47 11.07
N LEU P 830 29.21 -21.85 9.90
CA LEU P 830 29.90 -22.82 9.08
C LEU P 830 30.58 -22.14 7.91
N THR P 831 30.17 -20.93 7.58
CA THR P 831 30.85 -20.13 6.58
C THR P 831 31.92 -19.25 7.19
N ASP P 832 32.05 -19.22 8.50
CA ASP P 832 33.05 -18.37 9.11
C ASP P 832 34.31 -19.13 9.48
N THR P 833 34.15 -20.36 9.94
CA THR P 833 35.31 -21.18 10.28
C THR P 833 36.11 -21.54 9.05
N ARG P 834 35.44 -21.76 7.92
CA ARG P 834 36.14 -21.88 6.65
C ARG P 834 36.86 -20.60 6.29
N ASP P 835 36.28 -19.45 6.63
CA ASP P 835 36.96 -18.18 6.44
C ASP P 835 37.91 -17.86 7.57
N TYR P 836 37.98 -18.70 8.61
CA TYR P 836 39.10 -18.65 9.54
C TYR P 836 40.12 -19.72 9.23
N GLY P 837 39.67 -20.90 8.80
CA GLY P 837 40.60 -21.98 8.54
C GLY P 837 41.47 -21.69 7.34
N SER P 838 40.91 -21.06 6.32
CA SER P 838 41.72 -20.70 5.17
C SER P 838 42.68 -19.59 5.49
N LEU P 839 42.35 -18.76 6.48
CA LEU P 839 43.20 -17.63 6.83
C LEU P 839 44.51 -18.07 7.45
N THR P 840 44.50 -19.15 8.23
CA THR P 840 45.77 -19.68 8.71
C THR P 840 46.54 -20.34 7.57
N ALA P 841 45.83 -21.10 6.74
CA ALA P 841 46.50 -21.96 5.77
C ALA P 841 47.13 -21.15 4.65
N ALA P 842 46.51 -20.05 4.26
CA ALA P 842 47.20 -19.18 3.32
C ALA P 842 48.26 -18.36 4.01
N GLY P 843 48.21 -18.24 5.33
CA GLY P 843 49.25 -17.54 6.01
C GLY P 843 50.49 -18.34 6.27
N LEU P 844 50.46 -19.67 6.05
CA LEU P 844 51.58 -20.50 6.43
C LEU P 844 52.83 -20.23 5.61
N GLY P 845 52.87 -20.70 4.36
CA GLY P 845 54.02 -20.31 3.58
C GLY P 845 53.91 -20.28 2.08
N GLN P 846 52.76 -20.70 1.54
CA GLN P 846 52.59 -21.05 0.11
C GLN P 846 53.64 -22.08 -0.34
N GLU P 847 54.08 -22.87 0.60
CA GLU P 847 55.05 -23.94 0.59
C GLU P 847 54.50 -25.15 1.30
N TRP P 848 53.73 -24.93 2.35
CA TRP P 848 52.93 -25.95 3.01
C TRP P 848 51.54 -26.03 2.42
N TYR P 849 51.34 -25.50 1.22
CA TYR P 849 50.13 -25.74 0.46
C TYR P 849 49.95 -27.22 0.24
N GLY P 850 48.74 -27.70 0.38
CA GLY P 850 48.49 -29.11 0.38
C GLY P 850 48.49 -29.72 1.76
N PHE P 851 49.21 -29.13 2.70
CA PHE P 851 48.98 -29.48 4.10
C PHE P 851 48.02 -28.50 4.73
N GLY P 852 48.21 -27.22 4.48
CA GLY P 852 47.27 -26.23 4.96
C GLY P 852 45.91 -26.39 4.32
N GLN P 853 45.89 -26.80 3.07
CA GLN P 853 44.62 -27.10 2.42
C GLN P 853 44.03 -28.40 2.95
N THR P 854 44.84 -29.27 3.52
CA THR P 854 44.27 -30.55 3.93
C THR P 854 43.60 -30.44 5.29
N VAL P 855 44.25 -29.83 6.27
CA VAL P 855 43.75 -29.93 7.61
C VAL P 855 43.01 -28.68 8.08
N PHE P 856 43.11 -27.57 7.36
CA PHE P 856 42.51 -26.35 7.85
C PHE P 856 41.24 -25.95 7.11
N VAL P 857 41.13 -26.22 5.82
CA VAL P 857 39.91 -25.88 5.09
C VAL P 857 39.08 -27.10 4.71
N ARG P 858 39.71 -28.24 4.40
CA ARG P 858 38.95 -29.41 3.96
C ARG P 858 38.00 -29.99 5.01
N PRO P 859 38.38 -30.25 6.26
CA PRO P 859 37.43 -30.91 7.17
C PRO P 859 36.31 -30.02 7.65
N MET P 860 36.33 -28.73 7.32
CA MET P 860 35.13 -27.92 7.51
C MET P 860 34.29 -27.91 6.25
N GLU P 861 34.94 -27.81 5.08
CA GLU P 861 34.25 -27.88 3.80
C GLU P 861 33.60 -29.22 3.57
N GLN P 862 34.08 -30.28 4.22
CA GLN P 862 33.42 -31.57 4.09
C GLN P 862 32.05 -31.59 4.74
N ALA P 863 31.80 -30.73 5.71
CA ALA P 863 30.47 -30.67 6.30
C ALA P 863 29.50 -29.96 5.39
N TRP P 864 29.99 -29.05 4.55
CA TRP P 864 29.10 -28.29 3.70
C TRP P 864 28.50 -29.15 2.60
N GLN P 865 29.30 -30.03 2.00
CA GLN P 865 28.73 -30.98 1.05
C GLN P 865 27.82 -31.98 1.73
N GLN P 866 27.98 -32.17 3.02
CA GLN P 866 27.16 -33.07 3.80
C GLN P 866 25.87 -32.42 4.27
N VAL P 867 25.85 -31.09 4.42
CA VAL P 867 24.69 -30.39 4.94
C VAL P 867 23.75 -29.97 3.82
N LEU P 868 24.11 -30.22 2.57
CA LEU P 868 23.34 -29.69 1.47
C LEU P 868 22.24 -30.65 1.03
N THR P 869 22.60 -31.86 0.65
CA THR P 869 21.64 -32.84 0.16
C THR P 869 20.55 -33.30 1.14
N PRO P 870 20.69 -33.19 2.47
CA PRO P 870 19.47 -33.29 3.27
C PRO P 870 18.64 -32.03 3.21
N ALA P 871 19.27 -30.85 3.21
CA ALA P 871 18.48 -29.63 3.20
C ALA P 871 17.82 -29.39 1.85
N ALA P 872 18.37 -29.94 0.78
CA ALA P 872 17.69 -29.89 -0.50
C ALA P 872 16.45 -30.76 -0.50
N GLU P 873 16.37 -31.75 0.37
CA GLU P 873 15.14 -32.49 0.47
C GLU P 873 14.09 -31.71 1.23
N SER P 874 14.50 -30.88 2.20
CA SER P 874 13.51 -30.17 2.99
C SER P 874 12.83 -29.05 2.22
N LEU P 875 13.38 -28.64 1.10
CA LEU P 875 12.63 -27.76 0.22
C LEU P 875 11.65 -28.51 -0.65
N ASN P 876 11.69 -29.83 -0.68
CA ASN P 876 10.64 -30.54 -1.37
C ASN P 876 9.43 -30.70 -0.46
N ALA P 877 9.65 -30.99 0.81
CA ALA P 877 8.52 -31.15 1.70
C ALA P 877 8.05 -29.83 2.29
N ARG P 878 8.65 -28.71 1.91
CA ARG P 878 8.07 -27.42 2.17
C ARG P 878 7.67 -26.72 0.87
N TRP P 879 7.46 -27.50 -0.17
CA TRP P 879 6.81 -27.03 -1.38
C TRP P 879 5.61 -27.87 -1.73
N ARG P 880 5.59 -29.13 -1.36
CA ARG P 880 4.37 -29.88 -1.56
C ARG P 880 3.39 -29.67 -0.42
N THR P 881 3.80 -29.06 0.68
CA THR P 881 2.87 -28.71 1.73
C THR P 881 2.74 -27.22 1.92
N ALA P 882 3.20 -26.41 0.98
CA ALA P 882 3.05 -24.98 1.09
C ALA P 882 2.45 -24.34 -0.14
N VAL P 883 2.63 -24.93 -1.30
CA VAL P 883 2.06 -24.40 -2.54
C VAL P 883 1.21 -25.45 -3.24
N VAL P 884 1.78 -26.64 -3.48
CA VAL P 884 1.08 -27.68 -4.22
C VAL P 884 -0.12 -28.20 -3.46
N ASP P 885 -0.03 -28.34 -2.14
CA ASP P 885 -1.25 -28.65 -1.42
C ASP P 885 -2.10 -27.44 -1.09
N GLY P 886 -1.89 -26.31 -1.74
CA GLY P 886 -2.90 -25.28 -1.74
C GLY P 886 -3.45 -25.20 -3.14
N TRP P 887 -2.59 -25.43 -4.12
CA TRP P 887 -2.99 -25.36 -5.51
C TRP P 887 -3.88 -26.53 -5.87
N ASN P 888 -3.45 -27.74 -5.56
CA ASN P 888 -4.29 -28.89 -5.85
C ASN P 888 -5.55 -28.92 -5.00
N ASN P 889 -5.55 -28.25 -3.85
CA ASN P 889 -6.72 -28.25 -3.01
C ASN P 889 -7.84 -27.38 -3.56
N ALA P 890 -7.54 -26.52 -4.53
CA ALA P 890 -8.55 -25.63 -5.08
C ALA P 890 -8.74 -25.75 -6.58
N PHE P 891 -7.74 -26.21 -7.33
CA PHE P 891 -7.86 -26.32 -8.78
C PHE P 891 -7.61 -27.74 -9.27
N SER P 892 -8.07 -28.73 -8.52
CA SER P 892 -8.05 -30.10 -9.02
C SER P 892 -9.37 -30.39 -9.72
N GLY P 893 -9.32 -30.62 -11.01
CA GLY P 893 -10.53 -30.97 -11.72
C GLY P 893 -11.42 -29.79 -12.00
N ARG P 894 -10.80 -28.72 -12.48
CA ARG P 894 -11.54 -27.57 -12.95
C ARG P 894 -10.96 -27.17 -14.30
N TYR P 895 -11.82 -26.63 -15.14
CA TYR P 895 -11.35 -26.04 -16.37
C TYR P 895 -10.54 -24.80 -16.02
N PRO P 896 -9.45 -24.52 -16.74
CA PRO P 896 -8.85 -25.22 -17.86
C PRO P 896 -7.74 -26.17 -17.50
N PHE P 897 -7.75 -26.68 -16.27
CA PHE P 897 -6.76 -27.69 -15.97
C PHE P 897 -7.23 -29.06 -16.45
N LYS P 898 -8.38 -29.51 -15.94
CA LYS P 898 -8.98 -30.75 -16.41
C LYS P 898 -10.23 -30.43 -17.19
N ASN P 899 -10.46 -31.15 -18.28
CA ASN P 899 -11.56 -30.84 -19.21
C ASN P 899 -12.89 -31.24 -18.60
N VAL P 900 -13.40 -30.40 -17.70
CA VAL P 900 -14.67 -30.69 -17.06
C VAL P 900 -15.60 -29.49 -17.17
N SER P 901 -16.75 -29.59 -16.54
CA SER P 901 -17.76 -28.54 -16.65
C SER P 901 -17.42 -27.33 -15.81
N SER P 902 -16.92 -27.53 -14.60
CA SER P 902 -16.76 -26.43 -13.64
C SER P 902 -15.62 -25.50 -14.05
N ASP P 903 -15.42 -24.46 -13.26
CA ASP P 903 -14.46 -23.43 -13.61
C ASP P 903 -13.49 -23.18 -12.47
N ALA P 904 -12.23 -22.92 -12.82
CA ALA P 904 -11.31 -22.39 -11.83
C ALA P 904 -11.75 -20.98 -11.46
N SER P 905 -11.42 -20.59 -10.24
CA SER P 905 -11.93 -19.34 -9.70
C SER P 905 -10.90 -18.25 -9.94
N LEU P 906 -11.30 -17.24 -10.72
CA LEU P 906 -10.35 -16.20 -11.13
C LEU P 906 -9.79 -15.34 -10.01
N PRO P 907 -10.57 -14.80 -9.05
CA PRO P 907 -9.93 -13.98 -8.03
C PRO P 907 -9.13 -14.77 -7.04
N LEU P 908 -9.29 -16.09 -7.02
CA LEU P 908 -8.37 -16.96 -6.30
C LEU P 908 -7.19 -17.37 -7.16
N LEU P 909 -7.34 -17.35 -8.47
CA LEU P 909 -6.20 -17.65 -9.32
C LEU P 909 -5.17 -16.54 -9.27
N ALA P 910 -5.60 -15.30 -9.12
CA ALA P 910 -4.64 -14.22 -9.08
C ALA P 910 -3.95 -14.10 -7.73
N LYS P 911 -4.34 -14.87 -6.74
CA LYS P 911 -3.55 -14.92 -5.52
C LYS P 911 -2.38 -15.86 -5.63
N TYR P 912 -2.36 -16.71 -6.66
CA TYR P 912 -1.23 -17.60 -6.81
C TYR P 912 -0.19 -17.03 -7.76
N LEU P 913 -0.58 -16.84 -9.01
CA LEU P 913 0.40 -16.46 -10.03
C LEU P 913 0.51 -14.96 -10.18
N ASN P 914 0.82 -14.24 -9.11
CA ASN P 914 1.28 -12.89 -9.33
C ASN P 914 2.79 -12.86 -9.48
N THR P 915 3.33 -11.66 -9.58
CA THR P 915 4.76 -11.49 -9.69
C THR P 915 5.33 -10.77 -8.48
N ASP P 916 4.48 -10.23 -7.63
CA ASP P 916 4.91 -9.51 -6.44
C ASP P 916 4.39 -10.13 -5.16
N THR P 917 3.09 -10.42 -5.07
CA THR P 917 2.50 -10.88 -3.82
C THR P 917 1.77 -12.21 -3.98
N GLY P 918 1.95 -12.89 -5.09
CA GLY P 918 1.30 -14.16 -5.26
C GLY P 918 1.91 -15.24 -4.39
N ARG P 919 1.09 -16.22 -4.02
CA ARG P 919 1.52 -17.27 -3.11
C ARG P 919 2.54 -18.22 -3.71
N ILE P 920 2.86 -18.10 -5.00
CA ILE P 920 4.07 -18.72 -5.51
C ILE P 920 5.24 -17.75 -5.39
N ALA P 921 5.05 -16.51 -5.83
CA ALA P 921 6.17 -15.59 -5.82
C ALA P 921 6.48 -15.05 -4.44
N ARG P 922 5.65 -15.33 -3.45
CA ARG P 922 6.00 -15.07 -2.06
C ARG P 922 6.48 -16.32 -1.36
N PHE P 923 6.61 -17.42 -2.07
CA PHE P 923 7.31 -18.54 -1.50
C PHE P 923 8.76 -18.55 -1.93
N LEU P 924 9.04 -18.20 -3.18
CA LEU P 924 10.40 -18.24 -3.65
C LEU P 924 11.24 -17.14 -3.05
N GLN P 925 10.65 -16.00 -2.71
CA GLN P 925 11.41 -14.95 -2.07
C GLN P 925 11.57 -15.16 -0.57
N ASN P 926 11.11 -16.27 -0.04
CA ASN P 926 11.34 -16.60 1.35
C ASN P 926 12.23 -17.80 1.53
N ASN P 927 12.19 -18.74 0.61
CA ASN P 927 12.88 -20.00 0.79
C ASN P 927 13.99 -20.23 -0.20
N LEU P 928 13.87 -19.69 -1.40
CA LEU P 928 14.92 -19.82 -2.41
C LEU P 928 15.59 -18.49 -2.68
N SER P 929 15.87 -17.73 -1.62
CA SER P 929 16.39 -16.38 -1.77
C SER P 929 17.78 -16.33 -2.36
N GLY P 930 18.52 -17.41 -2.33
CA GLY P 930 19.87 -17.37 -2.85
C GLY P 930 20.01 -17.98 -4.22
N VAL P 931 19.20 -19.00 -4.52
CA VAL P 931 19.44 -19.82 -5.70
C VAL P 931 18.48 -19.52 -6.84
N LEU P 932 17.59 -18.55 -6.70
CA LEU P 932 16.62 -18.28 -7.74
C LEU P 932 16.40 -16.78 -7.89
N HIS P 933 16.60 -16.26 -9.09
CA HIS P 933 16.50 -14.84 -9.38
C HIS P 933 15.25 -14.50 -10.18
N ARG P 934 14.70 -13.32 -9.91
CA ARG P 934 13.56 -12.82 -10.67
C ARG P 934 14.10 -11.89 -11.74
N GLU P 935 14.66 -12.47 -12.79
CA GLU P 935 15.32 -11.70 -13.83
C GLU P 935 14.33 -11.45 -14.96
N GLY P 936 13.94 -10.19 -15.12
CA GLY P 936 13.09 -9.82 -16.24
C GLY P 936 11.66 -10.16 -15.93
N SER P 937 11.18 -11.25 -16.55
CA SER P 937 9.92 -11.86 -16.17
C SER P 937 10.08 -13.30 -15.75
N ARG P 938 11.06 -14.01 -16.29
CA ARG P 938 11.26 -15.41 -15.97
C ARG P 938 12.07 -15.54 -14.68
N TRP P 939 12.07 -16.74 -14.14
CA TRP P 939 12.97 -17.10 -13.06
C TRP P 939 14.12 -17.88 -13.66
N VAL P 940 15.34 -17.60 -13.21
CA VAL P 940 16.51 -18.31 -13.69
C VAL P 940 17.22 -18.92 -12.49
N PRO P 941 18.01 -19.98 -12.65
CA PRO P 941 18.84 -20.42 -11.53
C PRO P 941 19.98 -19.45 -11.35
N ASP P 942 20.29 -19.16 -10.09
CA ASP P 942 21.44 -18.33 -9.80
C ASP P 942 22.69 -19.16 -10.02
N THR P 943 23.66 -18.61 -10.76
CA THR P 943 24.83 -19.39 -11.14
C THR P 943 25.77 -19.61 -9.97
N ILE P 944 25.86 -18.63 -9.06
CA ILE P 944 26.61 -18.84 -7.83
C ILE P 944 25.75 -19.70 -6.92
N ASN P 945 26.38 -20.36 -5.94
CA ASN P 945 25.73 -21.08 -4.85
C ASN P 945 24.87 -22.24 -5.32
N THR P 946 25.12 -22.75 -6.53
CA THR P 946 24.51 -23.97 -7.02
C THR P 946 25.54 -25.09 -7.19
N ARG P 947 26.46 -25.21 -6.24
CA ARG P 947 27.36 -26.34 -6.23
C ARG P 947 26.59 -27.56 -5.75
N GLY P 948 26.27 -28.47 -6.67
CA GLY P 948 25.63 -29.70 -6.30
C GLY P 948 24.16 -29.58 -5.94
N LEU P 949 23.47 -28.56 -6.43
CA LEU P 949 22.08 -28.30 -6.08
C LEU P 949 21.33 -28.04 -7.37
N THR P 950 20.65 -29.07 -7.88
CA THR P 950 20.06 -29.02 -9.21
C THR P 950 18.55 -28.90 -9.13
N PHE P 951 17.98 -28.10 -10.02
CA PHE P 951 16.54 -27.98 -10.09
C PHE P 951 15.97 -29.06 -10.99
N ASN P 952 14.75 -29.43 -10.72
CA ASN P 952 14.05 -30.34 -11.60
C ASN P 952 13.69 -29.58 -12.86
N PRO P 953 14.17 -29.97 -14.04
CA PRO P 953 13.99 -29.13 -15.23
C PRO P 953 12.57 -29.06 -15.75
N ALA P 954 11.62 -29.74 -15.11
CA ALA P 954 10.22 -29.40 -15.35
C ALA P 954 9.78 -28.27 -14.44
N PHE P 955 10.39 -28.14 -13.25
CA PHE P 955 9.98 -27.10 -12.34
C PHE P 955 10.38 -25.72 -12.83
N LEU P 956 11.50 -25.62 -13.55
CA LEU P 956 11.81 -24.34 -14.16
C LEU P 956 10.93 -24.07 -15.35
N LYS P 957 10.49 -25.11 -16.05
CA LYS P 957 9.56 -24.92 -17.14
C LYS P 957 8.18 -24.60 -16.60
N ALA P 958 7.88 -25.00 -15.38
CA ALA P 958 6.57 -24.73 -14.81
C ALA P 958 6.44 -23.27 -14.43
N ILE P 959 7.31 -22.77 -13.58
CA ILE P 959 7.09 -21.42 -13.09
C ILE P 959 7.82 -20.38 -13.92
N ASN P 960 8.28 -20.77 -15.10
CA ASN P 960 8.47 -19.78 -16.14
C ASN P 960 7.29 -19.73 -17.08
N THR P 961 6.34 -20.64 -16.92
CA THR P 961 5.06 -20.53 -17.60
C THR P 961 4.07 -19.78 -16.75
N LEU P 962 4.02 -20.09 -15.46
CA LEU P 962 3.14 -19.38 -14.55
C LEU P 962 3.60 -17.97 -14.22
N SER P 963 4.77 -17.55 -14.69
CA SER P 963 5.11 -16.14 -14.70
C SER P 963 5.16 -15.59 -16.10
N GLU P 964 4.63 -16.32 -17.06
CA GLU P 964 4.40 -15.80 -18.40
C GLU P 964 2.92 -15.58 -18.67
N ILE P 965 2.05 -16.38 -18.07
CA ILE P 965 0.64 -16.03 -18.03
C ILE P 965 0.43 -14.82 -17.15
N ALA P 966 1.27 -14.67 -16.12
CA ALA P 966 1.13 -13.56 -15.19
C ALA P 966 1.41 -12.23 -15.85
N ASP P 967 2.19 -12.22 -16.92
CA ASP P 967 2.53 -10.97 -17.58
C ASP P 967 1.67 -10.70 -18.81
N VAL P 968 0.71 -11.56 -19.12
CA VAL P 968 -0.22 -11.29 -20.18
C VAL P 968 -1.61 -11.01 -19.64
N ALA P 969 -2.16 -11.92 -18.85
CA ALA P 969 -3.52 -11.75 -18.40
C ALA P 969 -3.63 -10.99 -17.09
N PHE P 970 -2.74 -11.24 -16.14
CA PHE P 970 -2.91 -10.75 -14.78
C PHE P 970 -2.01 -9.57 -14.49
N THR P 971 -1.86 -8.66 -15.44
CA THR P 971 -0.84 -7.62 -15.35
C THR P 971 -1.15 -6.64 -14.23
N THR P 972 -2.38 -6.15 -14.18
CA THR P 972 -2.71 -5.06 -13.27
C THR P 972 -2.84 -5.50 -11.81
N GLY P 973 -2.74 -6.80 -11.53
CA GLY P 973 -3.00 -7.33 -10.21
C GLY P 973 -4.26 -8.15 -10.14
N ASN P 974 -5.04 -8.17 -11.21
CA ASN P 974 -6.28 -8.92 -11.26
C ASN P 974 -6.55 -9.28 -12.71
N ALA P 975 -7.55 -10.12 -12.93
CA ALA P 975 -7.75 -10.71 -14.25
C ALA P 975 -8.31 -9.67 -15.21
N GLY P 976 -7.53 -9.29 -16.20
CA GLY P 976 -8.00 -8.33 -17.18
C GLY P 976 -7.08 -8.14 -18.36
N LEU P 977 -7.62 -8.24 -19.57
CA LEU P 977 -6.84 -8.01 -20.78
C LEU P 977 -7.77 -7.54 -21.87
N HIS P 978 -7.19 -7.02 -22.95
CA HIS P 978 -7.98 -6.43 -24.02
C HIS P 978 -7.48 -6.97 -25.34
N PHE P 979 -8.28 -7.75 -26.01
CA PHE P 979 -7.95 -8.27 -27.33
C PHE P 979 -8.98 -7.77 -28.32
N GLU P 980 -8.58 -7.64 -29.57
CA GLU P 980 -9.43 -7.07 -30.60
C GLU P 980 -9.78 -8.14 -31.61
N LEU P 981 -11.07 -8.27 -31.90
CA LEU P 981 -11.55 -9.17 -32.94
C LEU P 981 -11.97 -8.39 -34.16
N ARG P 982 -11.58 -8.85 -35.32
CA ARG P 982 -12.13 -8.38 -36.57
C ARG P 982 -12.88 -9.52 -37.22
N PRO P 983 -14.12 -9.35 -37.62
CA PRO P 983 -14.85 -10.45 -38.21
C PRO P 983 -14.35 -10.76 -39.60
N GLY P 984 -14.67 -11.96 -40.06
CA GLY P 984 -14.29 -12.42 -41.36
C GLY P 984 -15.51 -12.80 -42.18
N THR P 985 -15.26 -13.17 -43.42
CA THR P 985 -16.31 -13.56 -44.35
C THR P 985 -16.19 -15.04 -44.64
N ALA P 986 -17.30 -15.63 -45.07
CA ALA P 986 -17.29 -17.05 -45.41
C ALA P 986 -18.30 -17.31 -46.49
N ALA P 987 -18.14 -18.44 -47.17
CA ALA P 987 -18.99 -18.75 -48.31
C ALA P 987 -20.37 -19.15 -47.83
N GLY P 988 -21.33 -18.26 -48.02
CA GLY P 988 -22.71 -18.59 -47.76
C GLY P 988 -23.14 -18.50 -46.32
N VAL P 989 -22.67 -17.50 -45.58
CA VAL P 989 -23.12 -17.23 -44.23
C VAL P 989 -23.58 -15.79 -44.18
N MET P 990 -24.84 -15.58 -43.80
CA MET P 990 -25.40 -14.24 -43.88
C MET P 990 -25.09 -13.41 -42.65
N GLN P 991 -25.00 -14.00 -41.47
CA GLN P 991 -24.74 -13.24 -40.25
C GLN P 991 -24.16 -14.16 -39.20
N THR P 992 -23.06 -13.75 -38.59
CA THR P 992 -22.50 -14.46 -37.45
C THR P 992 -22.61 -13.56 -36.23
N THR P 993 -23.05 -14.12 -35.12
CA THR P 993 -23.18 -13.37 -33.88
C THR P 993 -22.27 -14.01 -32.86
N LEU P 994 -21.30 -13.25 -32.38
CA LEU P 994 -20.47 -13.66 -31.26
C LEU P 994 -20.83 -12.79 -30.09
N ILE P 995 -21.23 -13.41 -29.00
CA ILE P 995 -21.51 -12.70 -27.76
C ILE P 995 -20.53 -13.22 -26.73
N THR P 996 -19.78 -12.31 -26.12
CA THR P 996 -18.98 -12.64 -24.96
C THR P 996 -19.31 -11.66 -23.84
N ASP P 997 -19.90 -12.20 -22.77
CA ASP P 997 -20.05 -11.51 -21.49
C ASP P 997 -20.89 -10.26 -21.62
N ASN P 998 -21.96 -10.36 -22.42
CA ASN P 998 -22.77 -9.23 -22.88
C ASN P 998 -21.93 -8.19 -23.62
N GLN P 999 -21.24 -8.63 -24.66
CA GLN P 999 -20.64 -7.74 -25.64
C GLN P 999 -20.88 -8.35 -27.01
N LYS P 1000 -21.60 -7.65 -27.86
CA LYS P 1000 -22.06 -8.25 -29.10
C LYS P 1000 -21.08 -7.96 -30.22
N LEU P 1001 -21.16 -8.79 -31.25
CA LEU P 1001 -20.50 -8.54 -32.52
C LEU P 1001 -21.40 -9.17 -33.58
N ILE P 1002 -22.27 -8.37 -34.16
CA ILE P 1002 -23.19 -8.84 -35.17
C ILE P 1002 -22.62 -8.40 -36.52
N TYR P 1003 -22.32 -9.37 -37.37
CA TYR P 1003 -21.65 -9.08 -38.63
C TYR P 1003 -22.49 -9.60 -39.78
N VAL P 1004 -23.02 -8.69 -40.58
CA VAL P 1004 -23.95 -9.05 -41.65
C VAL P 1004 -23.33 -8.76 -43.02
N ASN P 1005 -22.00 -8.92 -43.09
CA ASN P 1005 -21.16 -8.67 -44.26
C ASN P 1005 -21.22 -7.21 -44.69
N GLN P 1006 -20.89 -6.33 -43.75
CA GLN P 1006 -20.53 -4.97 -44.12
C GLN P 1006 -19.01 -4.85 -44.00
N MET P 1007 -18.51 -3.64 -44.27
CA MET P 1007 -17.11 -3.29 -44.20
C MET P 1007 -16.54 -3.58 -42.81
N PRO P 1008 -15.55 -4.47 -42.69
CA PRO P 1008 -15.22 -5.02 -41.39
C PRO P 1008 -14.43 -4.04 -40.54
N VAL P 1009 -14.69 -4.07 -39.24
CA VAL P 1009 -14.06 -3.17 -38.29
C VAL P 1009 -13.46 -3.98 -37.16
N TRP P 1010 -12.89 -3.28 -36.18
CA TRP P 1010 -12.29 -3.94 -35.04
C TRP P 1010 -13.08 -3.62 -33.79
N LYS P 1011 -13.56 -4.65 -33.11
CA LYS P 1011 -14.33 -4.48 -31.88
C LYS P 1011 -13.44 -4.89 -30.72
N ARG P 1012 -13.04 -3.92 -29.91
CA ARG P 1012 -12.07 -4.16 -28.85
C ARG P 1012 -12.77 -4.78 -27.65
N PHE P 1013 -12.62 -6.09 -27.49
CA PHE P 1013 -13.28 -6.78 -26.39
C PHE P 1013 -12.50 -6.58 -25.09
N THR P 1014 -12.99 -7.23 -24.04
CA THR P 1014 -12.25 -7.33 -22.80
C THR P 1014 -12.71 -8.58 -22.09
N TRP P 1015 -11.90 -9.08 -21.18
CA TRP P 1015 -12.18 -10.34 -20.53
C TRP P 1015 -11.40 -10.36 -19.23
N PRO P 1016 -12.04 -10.72 -18.12
CA PRO P 1016 -13.45 -10.99 -17.95
C PRO P 1016 -14.16 -9.77 -17.45
N ALA P 1017 -15.17 -9.32 -18.17
CA ALA P 1017 -15.91 -8.14 -17.74
C ALA P 1017 -16.80 -8.50 -16.56
N ASP P 1018 -17.10 -7.49 -15.74
CA ASP P 1018 -17.90 -7.71 -14.54
C ASP P 1018 -19.35 -7.38 -14.86
N THR P 1019 -19.96 -8.26 -15.64
CA THR P 1019 -21.35 -8.14 -16.04
C THR P 1019 -22.16 -9.20 -15.32
N GLU P 1020 -23.43 -9.27 -15.68
CA GLU P 1020 -24.40 -10.05 -14.90
C GLU P 1020 -24.47 -11.51 -15.30
N ALA P 1021 -24.16 -11.85 -16.53
CA ALA P 1021 -24.20 -13.23 -17.01
C ALA P 1021 -23.04 -13.45 -17.94
N PRO P 1022 -21.85 -13.73 -17.40
CA PRO P 1022 -20.68 -13.93 -18.25
C PRO P 1022 -20.73 -15.29 -18.93
N GLY P 1023 -20.52 -15.27 -20.24
CA GLY P 1023 -20.56 -16.48 -21.03
C GLY P 1023 -20.10 -16.18 -22.43
N ALA P 1024 -20.16 -17.19 -23.28
CA ALA P 1024 -19.76 -17.04 -24.67
C ALA P 1024 -20.71 -17.86 -25.53
N SER P 1025 -21.05 -17.32 -26.70
CA SER P 1025 -22.01 -17.99 -27.56
C SER P 1025 -21.76 -17.57 -28.99
N LEU P 1026 -22.05 -18.47 -29.92
CA LEU P 1026 -21.76 -18.22 -31.32
C LEU P 1026 -22.88 -18.76 -32.18
N SER P 1027 -23.56 -17.89 -32.91
CA SER P 1027 -24.71 -18.28 -33.71
C SER P 1027 -24.58 -17.71 -35.11
N TRP P 1028 -24.85 -18.54 -36.11
CA TRP P 1028 -24.63 -18.20 -37.50
C TRP P 1028 -25.90 -18.42 -38.29
N VAL P 1029 -26.16 -17.51 -39.22
CA VAL P 1029 -27.38 -17.52 -40.02
C VAL P 1029 -26.99 -17.94 -41.42
N SER P 1030 -27.37 -19.16 -41.80
CA SER P 1030 -27.00 -19.67 -43.11
C SER P 1030 -27.82 -19.02 -44.21
N THR P 1031 -27.51 -19.39 -45.44
CA THR P 1031 -28.42 -19.08 -46.53
C THR P 1031 -29.57 -20.07 -46.59
N GLN P 1032 -29.31 -21.32 -46.23
CA GLN P 1032 -30.31 -22.36 -46.36
C GLN P 1032 -31.30 -22.33 -45.20
N ALA P 1033 -30.82 -22.50 -43.98
CA ALA P 1033 -31.68 -22.67 -42.83
C ALA P 1033 -31.57 -21.48 -41.89
N GLY P 1034 -32.27 -21.58 -40.76
CA GLY P 1034 -32.27 -20.55 -39.75
C GLY P 1034 -31.02 -20.58 -38.90
N THR P 1035 -31.10 -19.89 -37.77
CA THR P 1035 -29.90 -19.66 -36.99
C THR P 1035 -29.63 -20.82 -36.04
N ARG P 1036 -28.69 -21.68 -36.41
CA ARG P 1036 -28.29 -22.78 -35.55
C ARG P 1036 -27.03 -22.37 -34.82
N GLN P 1037 -27.10 -22.21 -33.51
CA GLN P 1037 -25.94 -21.69 -32.80
C GLN P 1037 -24.89 -22.78 -32.59
N TYR P 1038 -23.63 -22.37 -32.68
CA TYR P 1038 -22.54 -23.33 -32.69
C TYR P 1038 -22.26 -23.87 -31.31
N ALA P 1039 -22.19 -23.00 -30.32
CA ALA P 1039 -21.92 -23.42 -28.95
C ALA P 1039 -22.46 -22.34 -28.03
N ASP P 1040 -22.82 -22.75 -26.82
CA ASP P 1040 -23.31 -21.81 -25.81
C ASP P 1040 -22.69 -22.21 -24.47
N LEU P 1041 -21.52 -21.67 -24.18
CA LEU P 1041 -20.71 -22.08 -23.04
C LEU P 1041 -20.70 -20.98 -22.00
N PRO P 1042 -21.52 -21.08 -20.95
CA PRO P 1042 -21.58 -20.01 -19.97
C PRO P 1042 -20.53 -20.20 -18.90
N GLY P 1043 -20.51 -19.27 -17.96
CA GLY P 1043 -19.47 -19.22 -16.95
C GLY P 1043 -18.42 -18.18 -17.32
N SER P 1044 -17.57 -17.88 -16.33
CA SER P 1044 -16.58 -16.84 -16.52
C SER P 1044 -15.48 -17.27 -17.48
N TRP P 1045 -15.24 -18.57 -17.58
CA TRP P 1045 -14.32 -19.11 -18.57
C TRP P 1045 -15.03 -19.55 -19.82
N GLY P 1046 -16.08 -18.84 -20.20
CA GLY P 1046 -16.76 -19.20 -21.44
C GLY P 1046 -15.89 -18.98 -22.64
N LEU P 1047 -15.16 -17.88 -22.66
CA LEU P 1047 -14.44 -17.48 -23.85
C LEU P 1047 -13.24 -18.38 -24.11
N ILE P 1048 -12.61 -18.88 -23.06
CA ILE P 1048 -11.47 -19.76 -23.26
C ILE P 1048 -11.94 -21.12 -23.77
N ARG P 1049 -13.15 -21.54 -23.41
CA ARG P 1049 -13.69 -22.75 -24.02
C ARG P 1049 -13.93 -22.57 -25.50
N LEU P 1050 -14.27 -21.35 -25.91
CA LEU P 1050 -14.53 -21.11 -27.32
C LEU P 1050 -13.24 -21.10 -28.12
N LEU P 1051 -12.19 -20.48 -27.60
CA LEU P 1051 -10.94 -20.47 -28.33
C LEU P 1051 -10.26 -21.82 -28.31
N GLU P 1052 -10.61 -22.67 -27.36
CA GLU P 1052 -10.09 -24.03 -27.36
C GLU P 1052 -10.70 -24.84 -28.49
N MET P 1053 -11.99 -24.64 -28.76
CA MET P 1053 -12.67 -25.38 -29.81
C MET P 1053 -12.47 -24.77 -31.17
N ALA P 1054 -11.58 -23.81 -31.32
CA ALA P 1054 -11.32 -23.23 -32.62
C ALA P 1054 -10.41 -24.12 -33.44
N ARG P 1055 -10.05 -23.65 -34.61
CA ARG P 1055 -9.00 -24.24 -35.43
C ARG P 1055 -8.09 -23.09 -35.83
N ARG P 1056 -7.16 -22.74 -34.95
CA ARG P 1056 -6.42 -21.50 -35.11
C ARG P 1056 -5.08 -21.75 -35.77
N LYS P 1057 -4.56 -20.69 -36.38
CA LYS P 1057 -3.24 -20.73 -36.97
C LYS P 1057 -2.69 -19.32 -36.97
N ALA P 1058 -1.39 -19.20 -37.21
CA ALA P 1058 -0.78 -17.89 -37.24
C ALA P 1058 -1.22 -17.13 -38.47
N ALA P 1059 -1.32 -15.82 -38.31
CA ALA P 1059 -1.85 -14.98 -39.38
C ALA P 1059 -0.71 -14.22 -40.03
N PRO P 1060 -0.38 -14.49 -41.26
CA PRO P 1060 0.70 -13.75 -41.90
C PRO P 1060 0.28 -12.36 -42.31
N GLY P 1061 -1.00 -12.17 -42.61
CA GLY P 1061 -1.46 -10.91 -43.16
C GLY P 1061 -1.46 -9.76 -42.17
N VAL P 1062 -1.59 -10.05 -40.89
CA VAL P 1062 -1.71 -9.02 -39.87
C VAL P 1062 -0.86 -9.46 -38.69
N ALA P 1063 -0.17 -8.52 -38.07
CA ALA P 1063 0.67 -8.83 -36.93
C ALA P 1063 0.28 -7.91 -35.79
N SER P 1064 0.14 -8.46 -34.58
CA SER P 1064 0.32 -9.88 -34.27
C SER P 1064 -1.02 -10.57 -34.25
N GLY P 1065 -1.34 -11.29 -35.33
CA GLY P 1065 -2.66 -11.82 -35.51
C GLY P 1065 -2.74 -13.33 -35.33
N TRP P 1066 -3.98 -13.80 -35.30
CA TRP P 1066 -4.28 -15.22 -35.31
C TRP P 1066 -5.63 -15.40 -35.98
N SER P 1067 -5.66 -16.07 -37.11
CA SER P 1067 -6.89 -16.23 -37.86
C SER P 1067 -7.63 -17.45 -37.33
N LEU P 1068 -8.54 -17.23 -36.39
CA LEU P 1068 -9.41 -18.31 -35.95
C LEU P 1068 -10.40 -18.68 -37.04
N SER P 1069 -10.86 -19.91 -37.00
CA SER P 1069 -11.95 -20.33 -37.88
C SER P 1069 -12.64 -21.51 -37.21
N TRP P 1070 -13.75 -21.24 -36.56
CA TRP P 1070 -14.56 -22.33 -36.05
C TRP P 1070 -15.28 -22.98 -37.22
N GLN P 1071 -15.26 -24.28 -37.26
CA GLN P 1071 -16.07 -25.01 -38.24
C GLN P 1071 -17.39 -25.34 -37.58
N ALA P 1072 -18.46 -24.76 -38.10
CA ALA P 1072 -19.77 -25.13 -37.61
C ALA P 1072 -20.18 -26.45 -38.22
N GLN P 1073 -21.36 -26.92 -37.86
CA GLN P 1073 -21.95 -28.01 -38.62
C GLN P 1073 -22.48 -27.49 -39.95
N ASP P 1074 -23.03 -28.41 -40.74
CA ASP P 1074 -23.45 -28.20 -42.12
C ASP P 1074 -22.32 -27.71 -43.01
N GLY P 1075 -21.07 -28.04 -42.67
CA GLY P 1075 -19.92 -27.71 -43.49
C GLY P 1075 -19.61 -26.25 -43.68
N ARG P 1076 -20.17 -25.37 -42.86
CA ARG P 1076 -19.94 -23.95 -43.00
C ARG P 1076 -18.84 -23.50 -42.05
N MET P 1077 -18.01 -22.58 -42.52
CA MET P 1077 -16.93 -22.02 -41.73
C MET P 1077 -17.36 -20.68 -41.15
N LEU P 1078 -16.80 -20.33 -40.01
CA LEU P 1078 -17.01 -19.04 -39.37
C LEU P 1078 -15.64 -18.43 -39.12
N ASN P 1079 -15.26 -17.45 -39.92
CA ASN P 1079 -13.90 -16.95 -39.88
C ASN P 1079 -13.83 -15.70 -39.03
N TYR P 1080 -12.80 -15.62 -38.18
CA TYR P 1080 -12.55 -14.42 -37.40
C TYR P 1080 -11.07 -14.13 -37.46
N THR P 1081 -10.68 -12.96 -36.98
CA THR P 1081 -9.27 -12.57 -37.03
C THR P 1081 -8.92 -11.87 -35.74
N LEU P 1082 -8.27 -12.60 -34.85
CA LEU P 1082 -7.86 -12.09 -33.55
C LEU P 1082 -6.55 -11.37 -33.66
N ARG P 1083 -6.53 -10.09 -33.29
CA ARG P 1083 -5.32 -9.36 -33.04
C ARG P 1083 -5.28 -9.00 -31.57
N THR P 1084 -4.20 -9.37 -30.90
CA THR P 1084 -4.00 -9.00 -29.51
C THR P 1084 -3.08 -7.81 -29.40
N GLU P 1085 -2.86 -7.37 -28.17
CA GLU P 1085 -2.04 -6.19 -27.99
C GLU P 1085 -0.63 -6.51 -27.51
N ALA P 1086 -0.45 -7.58 -26.75
CA ALA P 1086 0.86 -7.91 -26.22
C ALA P 1086 0.95 -9.41 -25.95
N GLY P 1087 2.04 -10.01 -26.36
CA GLY P 1087 2.23 -11.42 -26.10
C GLY P 1087 1.35 -12.26 -26.98
N GLU P 1088 0.42 -13.00 -26.40
CA GLU P 1088 -0.45 -13.86 -27.17
C GLU P 1088 -1.93 -13.55 -27.00
N GLY P 1089 -2.29 -12.64 -26.11
CA GLY P 1089 -3.67 -12.37 -25.81
C GLY P 1089 -4.30 -13.53 -25.08
N PRO P 1090 -5.62 -13.69 -25.20
CA PRO P 1090 -6.28 -14.79 -24.51
C PRO P 1090 -6.10 -16.15 -25.15
N LEU P 1091 -5.20 -16.27 -26.12
CA LEU P 1091 -4.67 -17.58 -26.48
C LEU P 1091 -3.64 -18.07 -25.49
N VAL P 1092 -3.13 -17.20 -24.61
CA VAL P 1092 -2.06 -17.62 -23.72
C VAL P 1092 -2.61 -18.43 -22.56
N LEU P 1093 -3.91 -18.34 -22.30
CA LEU P 1093 -4.48 -19.17 -21.26
C LEU P 1093 -4.63 -20.62 -21.69
N LEU P 1094 -4.44 -20.91 -22.96
CA LEU P 1094 -4.33 -22.28 -23.42
C LEU P 1094 -2.92 -22.82 -23.31
N LYS P 1095 -2.06 -22.18 -22.52
CA LYS P 1095 -0.92 -22.89 -21.97
C LYS P 1095 -1.30 -23.63 -20.71
N LEU P 1096 -2.42 -23.28 -20.12
CA LEU P 1096 -2.84 -23.90 -18.87
C LEU P 1096 -3.52 -25.23 -19.07
N ARG P 1097 -3.75 -25.66 -20.30
CA ARG P 1097 -4.49 -26.90 -20.53
C ARG P 1097 -3.63 -28.10 -20.15
N ASN P 1098 -4.11 -28.86 -19.17
CA ASN P 1098 -3.41 -29.98 -18.55
C ASN P 1098 -2.04 -29.54 -18.04
N PHE P 1099 -2.09 -28.65 -17.07
CA PHE P 1099 -0.92 -28.07 -16.45
C PHE P 1099 -0.86 -28.58 -15.01
N VAL P 1100 0.26 -29.16 -14.63
CA VAL P 1100 0.41 -29.73 -13.31
C VAL P 1100 1.65 -29.14 -12.65
N LEU P 1101 1.50 -28.67 -11.42
CA LEU P 1101 2.64 -28.19 -10.68
C LEU P 1101 3.55 -29.37 -10.35
N PRO P 1102 4.85 -29.23 -10.50
CA PRO P 1102 5.74 -30.34 -10.20
C PRO P 1102 5.86 -30.56 -8.71
N GLU P 1103 5.83 -31.82 -8.31
CA GLU P 1103 5.86 -32.16 -6.90
C GLU P 1103 7.24 -32.05 -6.28
N THR P 1104 8.28 -31.81 -7.06
CA THR P 1104 9.66 -31.82 -6.57
C THR P 1104 10.41 -30.64 -7.13
N VAL P 1105 10.93 -29.79 -6.24
CA VAL P 1105 11.77 -28.70 -6.68
C VAL P 1105 13.15 -29.21 -7.05
N PHE P 1106 13.87 -29.75 -6.09
CA PHE P 1106 15.22 -30.22 -6.34
C PHE P 1106 15.21 -31.70 -6.68
N GLU P 1107 16.04 -32.09 -7.62
CA GLU P 1107 16.14 -33.48 -8.05
C GLU P 1107 17.27 -34.15 -7.28
N LEU P 1108 17.02 -35.36 -6.82
CA LEU P 1108 17.99 -36.10 -6.01
C LEU P 1108 18.27 -37.45 -6.67
N SER P 1109 19.51 -37.65 -7.09
CA SER P 1109 19.94 -38.91 -7.67
C SER P 1109 21.44 -39.09 -7.53
N THR Q 575 50.89 -70.87 41.32
CA THR Q 575 52.12 -71.07 42.06
C THR Q 575 53.15 -70.05 41.62
N GLN Q 576 52.69 -69.02 40.91
CA GLN Q 576 53.56 -68.00 40.34
C GLN Q 576 53.03 -66.62 40.69
N ASN Q 577 53.94 -65.65 40.70
CA ASN Q 577 53.62 -64.29 41.11
C ASN Q 577 54.52 -63.32 40.36
N SER Q 578 53.97 -62.64 39.35
CA SER Q 578 54.74 -61.70 38.55
C SER Q 578 53.78 -60.69 37.95
N ASP Q 579 53.83 -59.45 38.44
CA ASP Q 579 53.14 -58.25 37.94
C ASP Q 579 51.63 -58.29 38.11
N ALA Q 580 51.04 -59.39 38.58
CA ALA Q 580 49.60 -59.49 38.77
C ALA Q 580 49.26 -59.67 40.23
N MET Q 581 49.79 -60.71 40.89
CA MET Q 581 49.59 -60.86 42.32
C MET Q 581 50.39 -59.83 43.11
N LEU Q 582 51.41 -59.24 42.48
CA LEU Q 582 52.15 -58.14 43.11
C LEU Q 582 51.22 -56.97 43.40
N TYR Q 583 50.48 -56.52 42.39
CA TYR Q 583 49.59 -55.39 42.58
C TYR Q 583 48.40 -55.75 43.45
N GLN Q 584 47.94 -57.01 43.43
CA GLN Q 584 46.85 -57.40 44.31
C GLN Q 584 47.28 -57.38 45.76
N LYS Q 585 48.50 -57.85 46.03
CA LYS Q 585 49.01 -57.81 47.39
C LYS Q 585 49.45 -56.41 47.78
N MET Q 586 49.60 -55.50 46.82
CA MET Q 586 49.66 -54.10 47.18
C MET Q 586 48.33 -53.63 47.74
N LEU Q 587 47.23 -54.05 47.12
CA LEU Q 587 45.93 -53.45 47.41
C LEU Q 587 45.38 -53.96 48.73
N ALA Q 588 45.40 -55.27 48.94
CA ALA Q 588 44.77 -55.86 50.12
C ALA Q 588 45.49 -55.54 51.42
N ARG Q 589 46.66 -54.89 51.37
CA ARG Q 589 47.27 -54.38 52.59
C ARG Q 589 46.88 -52.92 52.83
N VAL Q 590 46.80 -52.13 51.75
CA VAL Q 590 46.48 -50.71 51.92
C VAL Q 590 44.97 -50.48 52.01
N ALA Q 591 44.16 -51.40 51.50
CA ALA Q 591 42.71 -51.31 51.66
C ALA Q 591 42.25 -51.49 53.11
N HIS Q 592 43.14 -51.91 53.99
CA HIS Q 592 42.85 -52.00 55.41
C HIS Q 592 42.63 -50.63 56.03
N GLN Q 593 43.47 -49.65 55.67
CA GLN Q 593 43.52 -48.42 56.45
C GLN Q 593 42.36 -47.48 56.11
N PHE Q 594 42.33 -46.98 54.88
CA PHE Q 594 41.55 -45.79 54.58
C PHE Q 594 40.14 -46.14 54.15
N ALA Q 595 39.18 -45.35 54.63
CA ALA Q 595 37.78 -45.55 54.31
C ALA Q 595 37.45 -44.83 53.02
N ASP Q 596 36.21 -44.98 52.58
CA ASP Q 596 35.74 -44.36 51.35
C ASP Q 596 35.66 -42.84 51.50
N MET Q 597 35.60 -42.16 50.36
CA MET Q 597 35.55 -40.71 50.32
C MET Q 597 34.26 -40.27 49.64
N ARG Q 598 33.30 -39.80 50.42
CA ARG Q 598 31.97 -39.50 49.90
C ARG Q 598 31.95 -38.17 49.17
N LEU Q 599 30.76 -37.63 48.93
CA LEU Q 599 30.73 -36.31 48.35
C LEU Q 599 30.99 -35.22 49.38
N THR Q 600 30.41 -35.34 50.57
CA THR Q 600 30.45 -34.21 51.49
C THR Q 600 31.78 -34.08 52.22
N ASP Q 601 32.63 -35.11 52.22
CA ASP Q 601 33.96 -34.93 52.76
C ASP Q 601 34.92 -34.40 51.71
N MET Q 602 34.44 -34.24 50.47
CA MET Q 602 35.03 -33.28 49.57
C MET Q 602 34.53 -31.89 49.93
N THR Q 603 34.86 -30.91 49.09
CA THR Q 603 34.29 -29.56 49.10
C THR Q 603 34.40 -28.80 50.41
N GLY Q 604 35.27 -29.23 51.33
CA GLY Q 604 35.35 -28.62 52.63
C GLY Q 604 34.10 -28.80 53.46
N ASP Q 605 33.43 -27.70 53.77
CA ASP Q 605 32.27 -27.69 54.66
C ASP Q 605 30.95 -27.46 53.94
N THR Q 606 30.99 -27.04 52.68
CA THR Q 606 29.87 -26.36 52.06
C THR Q 606 28.73 -27.32 51.75
N ASP Q 607 27.55 -26.74 51.52
CA ASP Q 607 26.35 -27.50 51.17
C ASP Q 607 26.52 -28.02 49.75
N VAL Q 608 26.67 -29.33 49.61
CA VAL Q 608 26.62 -29.95 48.31
C VAL Q 608 25.35 -30.75 48.14
N SER Q 609 24.62 -31.00 49.23
CA SER Q 609 23.42 -31.82 49.14
C SER Q 609 22.31 -31.10 48.41
N ARG Q 610 22.36 -29.77 48.37
CA ARG Q 610 21.38 -29.03 47.60
C ARG Q 610 21.65 -29.11 46.10
N LEU Q 611 22.86 -29.48 45.69
CA LEU Q 611 23.19 -29.51 44.27
C LEU Q 611 23.29 -30.91 43.68
N PHE Q 612 24.08 -31.79 44.26
CA PHE Q 612 24.40 -33.07 43.64
C PHE Q 612 23.98 -34.22 44.55
N PHE Q 613 23.23 -35.17 44.01
CA PHE Q 613 22.81 -36.34 44.78
C PHE Q 613 23.63 -37.56 44.39
N THR Q 614 24.93 -37.34 44.25
CA THR Q 614 25.89 -38.32 43.74
C THR Q 614 25.87 -39.64 44.51
N ASP Q 615 25.98 -40.73 43.77
CA ASP Q 615 26.23 -42.07 44.29
C ASP Q 615 27.59 -42.55 43.78
N GLU Q 616 27.87 -43.82 44.00
CA GLU Q 616 29.09 -44.51 43.55
C GLU Q 616 30.34 -43.82 44.12
N VAL Q 617 30.43 -43.92 45.44
CA VAL Q 617 31.52 -43.32 46.19
C VAL Q 617 32.86 -43.94 45.81
N VAL Q 618 33.86 -43.09 45.60
CA VAL Q 618 35.24 -43.55 45.37
C VAL Q 618 35.73 -44.29 46.61
N PRO Q 619 36.41 -45.44 46.48
CA PRO Q 619 36.60 -46.30 47.65
C PRO Q 619 37.69 -45.88 48.62
N GLY Q 620 38.11 -44.62 48.57
CA GLY Q 620 39.28 -44.28 49.33
C GLY Q 620 40.45 -44.85 48.56
N MET Q 621 41.53 -45.14 49.29
CA MET Q 621 42.69 -45.90 48.82
C MET Q 621 43.45 -45.20 47.70
N PHE Q 622 43.05 -43.99 47.31
CA PHE Q 622 43.57 -43.35 46.11
C PHE Q 622 44.05 -41.95 46.35
N THR Q 623 43.60 -41.27 47.41
CA THR Q 623 43.77 -39.84 47.57
C THR Q 623 45.22 -39.47 47.82
N ARG Q 624 45.47 -38.16 47.95
CA ARG Q 624 46.83 -37.66 48.05
C ARG Q 624 47.52 -38.16 49.32
N GLN Q 625 46.80 -38.26 50.42
CA GLN Q 625 47.40 -38.83 51.62
C GLN Q 625 47.61 -40.33 51.50
N ALA Q 626 46.91 -40.99 50.59
CA ALA Q 626 47.20 -42.39 50.36
C ALA Q 626 48.39 -42.57 49.44
N TRP Q 627 48.80 -41.53 48.71
CA TRP Q 627 49.96 -41.69 47.84
C TRP Q 627 51.26 -41.43 48.58
N GLU Q 628 51.30 -40.32 49.32
CA GLU Q 628 52.50 -40.02 50.12
C GLU Q 628 52.68 -41.05 51.23
N GLU Q 629 51.64 -41.30 51.99
CA GLU Q 629 51.69 -42.24 53.09
C GLU Q 629 51.09 -43.57 52.64
N ALA Q 630 51.83 -44.65 52.89
CA ALA Q 630 51.38 -46.04 52.86
C ALA Q 630 51.06 -46.59 51.47
N VAL Q 631 51.59 -46.05 50.38
CA VAL Q 631 51.80 -46.89 49.20
C VAL Q 631 53.25 -46.77 48.77
N LEU Q 632 53.90 -45.66 49.10
CA LEU Q 632 55.30 -45.51 48.75
C LEU Q 632 56.18 -46.33 49.69
N PRO Q 633 55.89 -46.46 51.00
CA PRO Q 633 56.51 -47.57 51.71
C PRO Q 633 55.97 -48.91 51.26
N SER Q 634 54.69 -48.99 50.89
CA SER Q 634 54.09 -50.29 50.63
C SER Q 634 54.55 -50.89 49.31
N ILE Q 635 54.97 -50.06 48.35
CA ILE Q 635 55.59 -50.62 47.15
C ILE Q 635 56.97 -51.18 47.51
N ASP Q 636 57.62 -50.62 48.53
CA ASP Q 636 58.94 -51.09 48.89
C ASP Q 636 58.91 -52.40 49.67
N THR Q 637 57.74 -52.84 50.13
CA THR Q 637 57.66 -54.12 50.82
C THR Q 637 57.56 -55.28 49.85
N VAL Q 638 56.95 -55.09 48.69
CA VAL Q 638 56.73 -56.22 47.81
C VAL Q 638 57.86 -56.39 46.79
N ILE Q 639 58.68 -55.37 46.58
CA ILE Q 639 59.73 -55.47 45.56
C ILE Q 639 60.90 -56.34 46.02
N ASN Q 640 61.22 -56.32 47.31
CA ASN Q 640 62.22 -57.25 47.82
C ASN Q 640 61.67 -58.66 47.97
N GLU Q 641 60.36 -58.79 48.14
CA GLU Q 641 59.74 -60.08 48.36
C GLU Q 641 59.47 -60.79 47.04
N VAL Q 661 63.45 -60.66 38.35
CA VAL Q 661 63.07 -59.39 37.74
C VAL Q 661 63.69 -58.25 38.55
N SER Q 662 64.20 -57.25 37.84
CA SER Q 662 64.83 -56.12 38.52
C SER Q 662 63.77 -55.27 39.20
N PRO Q 663 63.90 -54.98 40.50
CA PRO Q 663 62.80 -54.35 41.23
C PRO Q 663 62.57 -52.89 40.90
N GLU Q 664 63.64 -52.11 40.68
CA GLU Q 664 63.47 -50.68 40.44
C GLU Q 664 62.86 -50.38 39.07
N ALA Q 665 62.88 -51.35 38.16
CA ALA Q 665 62.14 -51.19 36.91
C ALA Q 665 60.68 -51.56 37.06
N LEU Q 666 60.35 -52.44 38.00
CA LEU Q 666 58.93 -52.69 38.29
C LEU Q 666 58.30 -51.56 39.07
N ARG Q 667 59.10 -50.72 39.72
CA ARG Q 667 58.55 -49.57 40.44
C ARG Q 667 57.95 -48.55 39.48
N GLN Q 668 58.37 -48.57 38.22
CA GLN Q 668 57.62 -47.86 37.19
C GLN Q 668 56.50 -48.73 36.65
N ARG Q 669 56.74 -50.03 36.56
CA ARG Q 669 55.75 -50.94 36.00
C ARG Q 669 54.66 -51.32 36.99
N LEU Q 670 54.67 -50.74 38.18
CA LEU Q 670 53.57 -50.90 39.11
C LEU Q 670 52.85 -49.60 39.43
N THR Q 671 53.56 -48.48 39.47
CA THR Q 671 52.93 -47.21 39.79
C THR Q 671 52.05 -46.71 38.66
N THR Q 672 52.53 -46.79 37.42
CA THR Q 672 51.69 -46.40 36.29
C THR Q 672 50.54 -47.37 36.07
N ARG Q 673 50.67 -48.60 36.53
CA ARG Q 673 49.51 -49.47 36.62
C ARG Q 673 48.59 -49.05 37.74
N TYR Q 674 49.13 -48.46 38.80
CA TYR Q 674 48.27 -47.94 39.86
C TYR Q 674 47.66 -46.62 39.46
N PHE Q 675 48.42 -45.77 38.79
CA PHE Q 675 47.91 -44.44 38.43
C PHE Q 675 46.86 -44.52 37.35
N ALA Q 676 46.99 -45.49 36.44
CA ALA Q 676 45.95 -45.70 35.43
C ALA Q 676 44.69 -46.26 36.07
N ASP Q 677 44.79 -46.85 37.25
CA ASP Q 677 43.63 -47.17 38.04
C ASP Q 677 43.34 -46.09 39.08
N PHE Q 678 44.22 -45.10 39.23
CA PHE Q 678 43.88 -43.98 40.09
C PHE Q 678 42.89 -43.07 39.39
N GLY Q 679 43.19 -42.71 38.15
CA GLY Q 679 42.27 -41.88 37.38
C GLY Q 679 40.97 -42.60 37.09
N ASN Q 680 41.04 -43.88 36.74
CA ASN Q 680 39.87 -44.63 36.35
C ASN Q 680 38.92 -44.92 37.50
N ALA Q 681 39.28 -44.60 38.73
CA ALA Q 681 38.31 -44.62 39.80
C ALA Q 681 37.79 -43.23 40.11
N TRP Q 682 38.47 -42.19 39.66
CA TRP Q 682 37.93 -40.85 39.83
C TRP Q 682 36.93 -40.51 38.73
N LEU Q 683 37.23 -40.91 37.50
CA LEU Q 683 36.37 -40.59 36.37
C LEU Q 683 35.03 -41.28 36.48
N ASN Q 684 34.97 -42.43 37.12
CA ASN Q 684 33.68 -43.05 37.37
C ASN Q 684 33.05 -42.58 38.65
N PHE Q 685 33.67 -41.63 39.34
CA PHE Q 685 32.97 -40.93 40.39
C PHE Q 685 32.35 -39.64 39.88
N LEU Q 686 33.16 -38.79 39.23
CA LEU Q 686 32.66 -37.50 38.80
C LEU Q 686 31.64 -37.59 37.67
N ASN Q 687 31.78 -38.58 36.78
CA ASN Q 687 30.76 -38.75 35.76
C ASN Q 687 29.48 -39.33 36.33
N SER Q 688 29.50 -39.85 37.55
CA SER Q 688 28.29 -40.39 38.11
C SER Q 688 27.38 -39.33 38.69
N LEU Q 689 27.87 -38.12 38.92
CA LEU Q 689 27.09 -37.15 39.67
C LEU Q 689 26.02 -36.54 38.79
N HIS Q 690 24.82 -36.39 39.35
CA HIS Q 690 23.74 -35.73 38.66
C HIS Q 690 23.41 -34.45 39.40
N LEU Q 691 22.39 -33.74 38.92
CA LEU Q 691 22.02 -32.46 39.48
C LEU Q 691 20.66 -32.55 40.14
N ARG Q 692 20.50 -31.84 41.25
CA ARG Q 692 19.28 -31.90 42.03
C ARG Q 692 18.12 -31.32 41.26
N LYS Q 693 17.08 -32.13 41.07
CA LYS Q 693 15.91 -31.74 40.30
C LYS Q 693 15.17 -30.62 41.03
N ALA Q 694 15.25 -29.42 40.50
CA ALA Q 694 14.63 -28.25 41.10
C ALA Q 694 13.45 -27.81 40.25
N GLN Q 695 12.57 -27.01 40.85
CA GLN Q 695 11.37 -26.56 40.15
C GLN Q 695 10.91 -25.22 40.69
N THR Q 696 9.98 -24.61 39.95
CA THR Q 696 9.18 -23.45 40.34
C THR Q 696 10.00 -22.19 40.60
N LEU Q 697 11.08 -21.98 39.83
CA LEU Q 697 11.72 -20.68 39.62
C LEU Q 697 12.35 -20.02 40.84
N SER Q 698 12.11 -20.54 42.03
CA SER Q 698 12.88 -20.07 43.16
C SER Q 698 13.96 -21.05 43.52
N ASP Q 699 13.68 -22.34 43.38
CA ASP Q 699 14.73 -23.33 43.54
C ASP Q 699 15.72 -23.29 42.39
N VAL Q 700 15.30 -22.81 41.22
CA VAL Q 700 16.25 -22.62 40.14
C VAL Q 700 17.10 -21.39 40.40
N THR Q 701 16.48 -20.28 40.78
CA THR Q 701 17.27 -19.08 41.00
C THR Q 701 18.04 -19.12 42.30
N GLU Q 702 17.76 -20.06 43.19
CA GLU Q 702 18.60 -20.17 44.38
C GLU Q 702 19.72 -21.17 44.15
N GLN Q 703 19.56 -22.07 43.19
CA GLN Q 703 20.71 -22.87 42.79
C GLN Q 703 21.77 -22.00 42.13
N LEU Q 704 21.35 -21.06 41.31
CA LEU Q 704 22.34 -20.26 40.61
C LEU Q 704 22.94 -19.18 41.48
N THR Q 705 22.34 -18.87 42.64
CA THR Q 705 23.11 -18.22 43.69
C THR Q 705 24.19 -19.16 44.17
N LEU Q 706 23.78 -20.32 44.65
CA LEU Q 706 24.65 -21.27 45.31
C LEU Q 706 25.63 -21.93 44.37
N MET Q 707 25.44 -21.82 43.07
CA MET Q 707 26.44 -22.42 42.18
C MET Q 707 27.55 -21.43 41.86
N ALA Q 708 27.25 -20.13 41.84
CA ALA Q 708 28.21 -19.13 41.39
C ALA Q 708 28.56 -18.14 42.49
N ASP Q 709 28.71 -18.62 43.72
CA ASP Q 709 28.97 -17.74 44.85
C ASP Q 709 30.30 -18.16 45.45
N VAL Q 710 31.34 -17.39 45.18
CA VAL Q 710 32.65 -17.66 45.77
C VAL Q 710 32.56 -17.45 47.28
N ARG Q 711 33.37 -18.20 48.03
CA ARG Q 711 33.49 -18.37 49.48
C ARG Q 711 32.38 -19.25 50.06
N GLN Q 712 31.27 -19.51 49.35
CA GLN Q 712 30.30 -20.48 49.85
C GLN Q 712 29.56 -21.10 48.66
N SER Q 713 30.12 -22.20 48.14
CA SER Q 713 29.54 -22.97 47.05
C SER Q 713 30.32 -24.25 46.83
N PRO Q 714 29.73 -25.24 46.17
CA PRO Q 714 30.54 -26.21 45.44
C PRO Q 714 31.09 -25.59 44.17
N LEU Q 715 31.84 -26.41 43.45
CA LEU Q 715 32.45 -26.09 42.14
C LEU Q 715 33.54 -25.03 42.19
N VAL Q 716 33.79 -24.43 43.33
CA VAL Q 716 35.09 -23.87 43.65
C VAL Q 716 35.65 -24.52 44.89
N ALA Q 717 34.79 -25.11 45.73
CA ALA Q 717 35.29 -25.96 46.79
C ALA Q 717 35.47 -27.37 46.30
N LEU Q 718 34.73 -27.79 45.28
CA LEU Q 718 35.01 -29.09 44.69
C LEU Q 718 36.26 -29.04 43.84
N MET Q 719 36.39 -28.01 43.01
CA MET Q 719 37.56 -27.91 42.15
C MET Q 719 38.81 -27.52 42.92
N ASN Q 720 38.67 -27.01 44.14
CA ASN Q 720 39.85 -26.90 45.00
C ASN Q 720 40.36 -28.28 45.39
N THR Q 721 39.48 -29.11 45.95
CA THR Q 721 39.88 -30.47 46.29
C THR Q 721 40.10 -31.34 45.07
N LEU Q 722 39.58 -30.94 43.91
CA LEU Q 722 39.99 -31.63 42.70
C LEU Q 722 41.36 -31.17 42.24
N ALA Q 723 41.78 -29.97 42.61
CA ALA Q 723 43.10 -29.52 42.22
C ALA Q 723 44.20 -30.15 43.05
N VAL Q 724 43.90 -30.53 44.28
CA VAL Q 724 44.94 -31.07 45.15
C VAL Q 724 45.28 -32.51 44.76
N GLN Q 725 44.36 -33.20 44.08
CA GLN Q 725 44.60 -34.59 43.69
C GLN Q 725 44.89 -34.72 42.20
N GLY Q 726 45.29 -33.63 41.57
CA GLY Q 726 45.76 -33.70 40.21
C GLY Q 726 47.23 -33.43 40.18
N CYS Q 727 47.81 -33.31 41.37
CA CYS Q 727 49.23 -33.03 41.53
C CYS Q 727 49.90 -34.06 42.43
N THR Q 728 49.36 -35.26 42.53
CA THR Q 728 50.06 -36.31 43.25
C THR Q 728 51.20 -36.84 42.39
N GLY Q 729 52.10 -37.58 43.01
CA GLY Q 729 53.30 -37.98 42.33
C GLY Q 729 54.38 -36.93 42.48
N GLN Q 730 54.53 -36.07 41.48
CA GLN Q 730 55.46 -34.97 41.58
C GLN Q 730 54.75 -33.70 42.04
N HIS Q 762 52.69 -31.62 34.30
CA HIS Q 762 53.67 -31.70 35.38
C HIS Q 762 53.65 -33.09 36.01
N GLY Q 763 52.51 -33.49 36.56
CA GLY Q 763 52.41 -34.75 37.26
C GLY Q 763 52.36 -35.92 36.30
N PRO Q 764 52.28 -37.12 36.88
CA PRO Q 764 52.27 -38.33 36.06
C PRO Q 764 50.91 -38.59 35.44
N LEU Q 765 49.86 -38.24 36.17
CA LEU Q 765 48.50 -38.36 35.67
C LEU Q 765 47.96 -37.05 35.12
N ALA Q 766 48.84 -36.11 34.81
CA ALA Q 766 48.44 -34.81 34.31
C ALA Q 766 47.90 -34.84 32.89
N THR Q 767 47.81 -36.00 32.25
CA THR Q 767 47.08 -36.11 31.00
C THR Q 767 45.62 -36.50 31.22
N THR Q 768 45.27 -36.90 32.44
CA THR Q 768 43.93 -37.37 32.73
C THR Q 768 43.13 -36.36 33.55
N PHE Q 769 43.76 -35.68 34.48
CA PHE Q 769 43.17 -34.52 35.11
C PHE Q 769 43.61 -33.23 34.44
N GLY Q 770 44.19 -33.35 33.25
CA GLY Q 770 44.66 -32.22 32.49
C GLY Q 770 43.63 -31.17 32.14
N PRO Q 771 42.55 -31.56 31.45
CA PRO Q 771 41.54 -30.56 31.09
C PRO Q 771 40.83 -29.90 32.25
N VAL Q 772 40.42 -30.65 33.27
CA VAL Q 772 39.63 -30.04 34.34
C VAL Q 772 40.51 -29.14 35.22
N LEU Q 773 41.80 -29.42 35.28
CA LEU Q 773 42.68 -28.44 35.90
C LEU Q 773 42.94 -27.25 34.99
N ALA Q 774 42.72 -27.39 33.68
CA ALA Q 774 42.94 -26.26 32.79
C ALA Q 774 41.81 -25.26 32.84
N LEU Q 775 40.65 -25.64 33.36
CA LEU Q 775 39.58 -24.66 33.49
C LEU Q 775 39.93 -23.70 34.61
N MET Q 776 40.02 -24.20 35.83
CA MET Q 776 40.25 -23.33 36.99
C MET Q 776 41.73 -22.94 37.00
N ASP Q 777 42.09 -22.06 36.07
CA ASP Q 777 43.42 -21.50 36.03
C ASP Q 777 43.43 -19.99 36.15
N ASN Q 778 42.70 -19.31 35.27
CA ASN Q 778 42.62 -17.85 35.16
C ASN Q 778 44.00 -17.21 34.97
N GLN Q 779 44.96 -17.96 34.43
CA GLN Q 779 46.22 -17.35 34.03
C GLN Q 779 46.14 -16.87 32.60
N ASN Q 780 45.50 -17.67 31.74
CA ASN Q 780 44.91 -17.38 30.42
C ASN Q 780 45.76 -16.40 29.59
N ASN Q 781 46.96 -16.86 29.27
CA ASN Q 781 47.89 -16.07 28.47
C ASN Q 781 47.36 -15.78 27.07
N SER Q 782 46.40 -16.58 26.60
CA SER Q 782 45.63 -16.26 25.40
C SER Q 782 44.56 -15.21 25.64
N ALA Q 783 44.08 -15.07 26.88
CA ALA Q 783 43.01 -14.17 27.31
C ALA Q 783 41.68 -14.43 26.60
N ASP Q 784 41.49 -15.63 26.03
CA ASP Q 784 40.18 -16.03 25.51
C ASP Q 784 39.91 -17.50 25.81
N MET Q 785 40.37 -17.98 26.95
CA MET Q 785 40.10 -19.37 27.31
C MET Q 785 38.68 -19.50 27.86
N LEU Q 786 38.38 -20.67 28.40
CA LEU Q 786 37.01 -20.96 28.80
C LEU Q 786 36.82 -20.97 30.31
N ASN Q 787 37.83 -21.42 31.05
CA ASN Q 787 38.28 -20.75 32.26
C ASN Q 787 37.40 -20.88 33.50
N LEU Q 788 36.13 -21.27 33.39
CA LEU Q 788 35.20 -21.56 34.50
C LEU Q 788 34.90 -20.39 35.44
N GLN Q 789 35.73 -19.36 35.44
CA GLN Q 789 35.24 -18.00 35.48
C GLN Q 789 34.94 -17.64 34.04
N THR Q 790 34.21 -16.55 33.84
CA THR Q 790 33.47 -16.26 32.62
C THR Q 790 32.55 -17.41 32.24
N TYR Q 791 32.14 -18.16 33.19
CA TYR Q 791 30.96 -18.99 33.21
C TYR Q 791 30.18 -18.73 34.47
N LEU Q 792 30.87 -18.56 35.60
CA LEU Q 792 30.18 -18.23 36.83
C LEU Q 792 29.88 -16.75 36.93
N THR Q 793 30.50 -15.92 36.11
CA THR Q 793 29.93 -14.62 35.87
C THR Q 793 29.17 -14.58 34.57
N ARG Q 794 28.93 -15.73 33.97
CA ARG Q 794 27.94 -15.82 32.91
C ARG Q 794 26.66 -16.42 33.42
N VAL Q 795 26.75 -17.39 34.33
CA VAL Q 795 25.52 -17.94 34.87
C VAL Q 795 24.92 -16.97 35.87
N THR Q 796 25.71 -16.08 36.45
CA THR Q 796 25.11 -15.18 37.41
C THR Q 796 24.56 -13.92 36.77
N GLN Q 797 24.81 -13.70 35.48
CA GLN Q 797 24.05 -12.70 34.77
C GLN Q 797 22.83 -13.29 34.10
N VAL Q 798 22.62 -14.60 34.24
CA VAL Q 798 21.35 -15.18 33.90
C VAL Q 798 20.43 -15.15 35.10
N ARG Q 799 20.97 -15.50 36.27
CA ARG Q 799 20.22 -15.41 37.50
C ARG Q 799 19.78 -13.98 37.79
N LEU Q 800 20.64 -13.02 37.51
CA LEU Q 800 20.29 -11.62 37.73
C LEU Q 800 19.19 -11.17 36.79
N ARG Q 801 19.03 -11.82 35.65
CA ARG Q 801 17.83 -11.58 34.86
C ARG Q 801 16.62 -12.17 35.55
N LEU Q 802 16.76 -13.34 36.17
CA LEU Q 802 15.61 -13.98 36.77
C LEU Q 802 15.29 -13.46 38.16
N GLN Q 803 15.93 -12.41 38.62
CA GLN Q 803 15.42 -11.70 39.79
C GLN Q 803 14.70 -10.42 39.40
N GLN Q 804 15.06 -9.86 38.24
CA GLN Q 804 14.22 -8.82 37.66
C GLN Q 804 12.87 -9.36 37.29
N ILE Q 805 12.81 -10.63 36.89
CA ILE Q 805 11.52 -11.21 36.49
C ILE Q 805 10.68 -11.49 37.72
N ALA Q 806 11.15 -12.43 38.55
CA ALA Q 806 10.32 -13.16 39.51
C ALA Q 806 9.65 -12.27 40.54
N GLY Q 807 10.25 -11.15 40.86
CA GLY Q 807 9.53 -10.08 41.52
C GLY Q 807 9.82 -8.79 40.79
N SER Q 808 8.96 -7.79 41.04
CA SER Q 808 9.21 -6.40 40.69
C SER Q 808 9.40 -6.19 39.18
N SER Q 809 8.33 -6.34 38.40
CA SER Q 809 6.93 -6.50 38.80
C SER Q 809 6.29 -7.19 37.62
N ASP Q 810 5.07 -7.68 37.83
CA ASP Q 810 4.20 -8.20 36.78
C ASP Q 810 4.84 -9.29 35.92
N PRO Q 811 5.33 -10.37 36.54
CA PRO Q 811 6.35 -11.19 35.89
C PRO Q 811 5.87 -12.05 34.76
N GLN Q 812 4.60 -12.44 34.72
CA GLN Q 812 4.11 -13.23 33.60
C GLN Q 812 4.19 -12.45 32.31
N ALA Q 813 4.02 -11.15 32.39
CA ALA Q 813 4.25 -10.32 31.21
C ALA Q 813 5.71 -10.36 30.79
N MET Q 814 6.63 -10.26 31.74
CA MET Q 814 8.03 -10.21 31.37
C MET Q 814 8.55 -11.57 30.99
N MET Q 815 7.91 -12.64 31.45
CA MET Q 815 8.44 -13.98 31.19
C MET Q 815 8.22 -14.38 29.75
N GLN Q 816 7.08 -14.01 29.18
CA GLN Q 816 6.84 -14.24 27.76
C GLN Q 816 7.87 -13.50 26.93
N LEU Q 817 8.12 -12.25 27.28
CA LEU Q 817 9.01 -11.40 26.52
C LEU Q 817 10.46 -11.83 26.61
N LEU Q 818 10.81 -12.71 27.54
CA LEU Q 818 12.04 -13.46 27.43
C LEU Q 818 11.84 -14.68 26.56
N ALA Q 819 10.80 -15.46 26.83
CA ALA Q 819 10.63 -16.72 26.12
C ALA Q 819 10.14 -16.54 24.70
N GLN Q 820 9.75 -15.33 24.33
CA GLN Q 820 9.40 -15.09 22.94
C GLN Q 820 10.62 -14.87 22.09
N THR Q 821 11.65 -14.24 22.65
CA THR Q 821 12.81 -13.88 21.85
C THR Q 821 13.88 -14.94 21.88
N VAL Q 822 13.63 -16.08 22.51
CA VAL Q 822 14.50 -17.23 22.32
C VAL Q 822 14.00 -18.09 21.17
N LEU Q 823 12.68 -18.18 21.01
CA LEU Q 823 12.11 -19.03 19.97
C LEU Q 823 12.31 -18.48 18.57
N GLN Q 824 12.65 -17.21 18.41
CA GLN Q 824 12.99 -16.66 17.11
C GLN Q 824 14.43 -16.18 17.04
N GLY Q 825 14.89 -15.38 17.99
CA GLY Q 825 16.17 -14.69 17.91
C GLY Q 825 17.29 -15.45 18.57
N LYS Q 826 18.20 -14.68 19.17
CA LYS Q 826 19.39 -15.23 19.81
C LYS Q 826 19.93 -14.13 20.73
N SER Q 827 20.78 -14.53 21.67
CA SER Q 827 21.53 -13.65 22.57
C SER Q 827 20.59 -12.82 23.45
N VAL Q 828 19.89 -13.55 24.30
CA VAL Q 828 19.00 -12.94 25.28
C VAL Q 828 19.73 -12.42 26.53
N ASP Q 829 20.52 -13.18 27.33
CA ASP Q 829 21.22 -14.43 27.04
C ASP Q 829 20.93 -15.61 27.96
N LEU Q 830 19.86 -16.32 27.66
CA LEU Q 830 19.71 -17.64 28.21
C LEU Q 830 20.00 -18.71 27.17
N THR Q 831 19.97 -18.34 25.90
CA THR Q 831 20.38 -19.25 24.85
C THR Q 831 21.86 -19.12 24.53
N ASP Q 832 22.56 -18.18 25.13
CA ASP Q 832 23.97 -18.02 24.82
C ASP Q 832 24.86 -18.74 25.81
N THR Q 833 24.46 -18.74 27.09
CA THR Q 833 25.25 -19.41 28.10
C THR Q 833 25.20 -20.92 27.92
N ARG Q 834 24.07 -21.44 27.46
CA ARG Q 834 24.01 -22.83 27.03
C ARG Q 834 24.94 -23.08 25.86
N ASP Q 835 25.05 -22.12 24.95
CA ASP Q 835 26.02 -22.25 23.87
C ASP Q 835 27.42 -21.80 24.28
N TYR Q 836 27.60 -21.36 25.52
CA TYR Q 836 28.93 -21.28 26.11
C TYR Q 836 29.22 -22.47 26.99
N GLY Q 837 28.22 -22.93 27.74
CA GLY Q 837 28.44 -24.03 28.65
C GLY Q 837 28.72 -25.32 27.93
N SER Q 838 28.05 -25.56 26.81
CA SER Q 838 28.32 -26.76 26.05
C SER Q 838 29.66 -26.67 25.36
N LEU Q 839 30.14 -25.46 25.10
CA LEU Q 839 31.42 -25.29 24.42
C LEU Q 839 32.59 -25.73 25.28
N THR Q 840 32.53 -25.48 26.59
CA THR Q 840 33.58 -26.00 27.45
C THR Q 840 33.45 -27.50 27.60
N ALA Q 841 32.22 -27.98 27.80
CA ALA Q 841 32.00 -29.37 28.16
C ALA Q 841 32.27 -30.29 27.00
N ALA Q 842 32.02 -29.83 25.79
CA ALA Q 842 32.46 -30.63 24.66
C ALA Q 842 33.95 -30.49 24.42
N GLY Q 843 34.57 -29.46 24.97
CA GLY Q 843 36.00 -29.35 24.80
C GLY Q 843 36.82 -30.14 25.77
N LEU Q 844 36.19 -30.74 26.79
CA LEU Q 844 36.97 -31.39 27.84
C LEU Q 844 37.69 -32.63 27.35
N GLY Q 845 37.00 -33.74 27.16
CA GLY Q 845 37.72 -34.86 26.59
C GLY Q 845 36.95 -35.91 25.84
N GLN Q 846 35.61 -35.80 25.80
CA GLN Q 846 34.70 -36.89 25.41
C GLN Q 846 34.97 -38.15 26.24
N GLU Q 847 35.47 -37.96 27.43
CA GLU Q 847 35.85 -38.86 28.48
C GLU Q 847 35.28 -38.39 29.80
N TRP Q 848 35.22 -37.09 30.01
CA TRP Q 848 34.49 -36.46 31.09
C TRP Q 848 33.06 -36.15 30.70
N TYR Q 849 32.56 -36.76 29.63
CA TYR Q 849 31.15 -36.71 29.31
C TYR Q 849 30.34 -37.27 30.47
N GLY Q 850 29.25 -36.63 30.79
CA GLY Q 850 28.50 -36.96 31.97
C GLY Q 850 28.88 -36.13 33.17
N PHE Q 851 30.11 -35.62 33.22
CA PHE Q 851 30.41 -34.56 34.17
C PHE Q 851 30.27 -33.21 33.52
N GLY Q 852 30.82 -33.08 32.31
CA GLY Q 852 30.65 -31.84 31.58
C GLY Q 852 29.20 -31.60 31.21
N GLN Q 853 28.47 -32.66 30.94
CA GLN Q 853 27.04 -32.52 30.70
C GLN Q 853 26.30 -32.21 31.99
N THR Q 854 26.87 -32.54 33.14
CA THR Q 854 26.12 -32.30 34.36
C THR Q 854 26.26 -30.87 34.84
N VAL Q 855 27.46 -30.33 34.84
CA VAL Q 855 27.66 -29.06 35.51
C VAL Q 855 27.72 -27.87 34.58
N PHE Q 856 27.86 -28.09 33.27
CA PHE Q 856 28.02 -26.97 32.37
C PHE Q 856 26.79 -26.66 31.53
N VAL Q 857 26.05 -27.67 31.09
CA VAL Q 857 24.88 -27.42 30.27
C VAL Q 857 23.58 -27.66 31.01
N ARG Q 858 23.53 -28.63 31.93
CA ARG Q 858 22.28 -28.92 32.65
C ARG Q 858 21.76 -27.79 33.53
N PRO Q 859 22.54 -27.14 34.40
CA PRO Q 859 21.93 -26.13 35.29
C PRO Q 859 21.57 -24.85 34.59
N MET Q 860 21.91 -24.68 33.33
CA MET Q 860 21.33 -23.59 32.56
C MET Q 860 20.08 -24.04 31.83
N GLU Q 861 20.12 -25.24 31.26
CA GLU Q 861 18.96 -25.84 30.62
C GLU Q 861 17.82 -26.08 31.59
N GLN Q 862 18.11 -26.23 32.88
CA GLN Q 862 17.04 -26.37 33.84
C GLN Q 862 16.24 -25.11 33.99
N ALA Q 863 16.81 -23.94 33.70
CA ALA Q 863 16.03 -22.72 33.75
C ALA Q 863 15.09 -22.61 32.57
N TRP Q 864 15.43 -23.24 31.45
CA TRP Q 864 14.60 -23.10 30.26
C TRP Q 864 13.29 -23.84 30.41
N GLN Q 865 13.31 -25.05 30.98
CA GLN Q 865 12.07 -25.75 31.28
C GLN Q 865 11.27 -25.03 32.35
N GLN Q 866 11.92 -24.22 33.16
CA GLN Q 866 11.27 -23.44 34.19
C GLN Q 866 10.68 -22.14 33.67
N VAL Q 867 11.21 -21.62 32.55
CA VAL Q 867 10.76 -20.33 32.03
C VAL Q 867 9.71 -20.50 30.95
N LEU Q 868 9.32 -21.72 30.66
CA LEU Q 868 8.39 -21.95 29.55
C LEU Q 868 6.95 -21.98 30.04
N THR Q 869 6.64 -22.86 30.97
CA THR Q 869 5.27 -23.02 31.45
C THR Q 869 4.66 -21.81 32.17
N PRO Q 870 5.40 -20.84 32.73
CA PRO Q 870 4.73 -19.58 33.04
C PRO Q 870 4.49 -18.73 31.81
N ALA Q 871 5.44 -18.71 30.88
CA ALA Q 871 5.26 -17.87 29.69
C ALA Q 871 4.21 -18.43 28.76
N ALA Q 872 3.96 -19.72 28.79
CA ALA Q 872 2.85 -20.28 28.06
C ALA Q 872 1.52 -19.86 28.64
N GLU Q 873 1.48 -19.49 29.91
CA GLU Q 873 0.25 -18.95 30.44
C GLU Q 873 0.04 -17.52 29.96
N SER Q 874 1.12 -16.77 29.74
CA SER Q 874 0.96 -15.38 29.36
C SER Q 874 0.44 -15.22 27.95
N LEU Q 875 0.56 -16.23 27.11
CA LEU Q 875 -0.12 -16.21 25.83
C LEU Q 875 -1.58 -16.58 25.94
N ASN Q 876 -2.06 -16.96 27.11
CA ASN Q 876 -3.49 -17.12 27.26
C ASN Q 876 -4.14 -15.83 27.70
N ALA Q 877 -3.48 -15.06 28.54
CA ALA Q 877 -4.04 -13.79 28.96
C ALA Q 877 -3.66 -12.66 28.03
N ARG Q 878 -2.97 -12.95 26.93
CA ARG Q 878 -2.84 -12.00 25.85
C ARG Q 878 -3.48 -12.52 24.57
N TRP Q 879 -4.41 -13.45 24.72
CA TRP Q 879 -5.32 -13.83 23.67
C TRP Q 879 -6.76 -13.74 24.10
N ARG Q 880 -7.04 -13.86 25.39
CA ARG Q 880 -8.38 -13.57 25.83
C ARG Q 880 -8.59 -12.08 26.07
N THR Q 881 -7.54 -11.27 26.03
CA THR Q 881 -7.71 -9.83 26.11
C THR Q 881 -7.19 -9.10 24.90
N ALA Q 882 -6.93 -9.79 23.80
CA ALA Q 882 -6.47 -9.12 22.60
C ALA Q 882 -7.24 -9.49 21.37
N VAL Q 883 -7.81 -10.68 21.31
CA VAL Q 883 -8.63 -11.11 20.19
C VAL Q 883 -10.02 -11.50 20.65
N VAL Q 884 -10.11 -12.41 21.61
CA VAL Q 884 -11.40 -12.94 22.05
C VAL Q 884 -12.23 -11.85 22.73
N ASP Q 885 -11.63 -10.99 23.51
CA ASP Q 885 -12.45 -9.93 24.07
C ASP Q 885 -12.60 -8.75 23.12
N GLY Q 886 -12.24 -8.89 21.85
CA GLY Q 886 -12.67 -7.95 20.86
C GLY Q 886 -13.68 -8.63 19.96
N TRP Q 887 -13.49 -9.93 19.78
CA TRP Q 887 -14.40 -10.70 18.95
C TRP Q 887 -15.74 -10.88 19.64
N ASN Q 888 -15.72 -11.28 20.90
CA ASN Q 888 -16.96 -11.41 21.64
C ASN Q 888 -17.62 -10.07 21.88
N ASN Q 889 -16.85 -8.98 21.88
CA ASN Q 889 -17.44 -7.69 22.14
C ASN Q 889 -18.24 -7.17 20.96
N ALA Q 890 -18.10 -7.77 19.80
CA ALA Q 890 -18.83 -7.31 18.62
C ALA Q 890 -19.70 -8.36 17.99
N PHE Q 891 -19.41 -9.65 18.16
CA PHE Q 891 -20.21 -10.70 17.54
C PHE Q 891 -20.77 -11.68 18.57
N SER Q 892 -21.20 -11.18 19.72
CA SER Q 892 -21.92 -12.01 20.67
C SER Q 892 -23.41 -11.90 20.39
N GLY Q 893 -24.02 -12.99 19.98
CA GLY Q 893 -25.45 -12.96 19.77
C GLY Q 893 -25.85 -12.29 18.48
N ARG Q 894 -25.16 -12.63 17.41
CA ARG Q 894 -25.53 -12.21 16.08
C ARG Q 894 -25.54 -13.41 15.18
N TYR Q 895 -26.42 -13.38 14.20
CA TYR Q 895 -26.37 -14.37 13.15
C TYR Q 895 -25.09 -14.17 12.36
N PRO Q 896 -24.42 -15.23 11.93
CA PRO Q 896 -24.69 -16.64 12.09
C PRO Q 896 -23.98 -17.31 13.23
N PHE Q 897 -23.64 -16.56 14.27
CA PHE Q 897 -23.07 -17.23 15.43
C PHE Q 897 -24.17 -17.76 16.32
N LYS Q 898 -25.06 -16.89 16.78
CA LYS Q 898 -26.22 -17.32 17.56
C LYS Q 898 -27.46 -17.10 16.73
N ASN Q 899 -28.40 -18.04 16.79
CA ASN Q 899 -29.57 -18.02 15.92
C ASN Q 899 -30.55 -16.94 16.37
N VAL Q 900 -30.24 -15.69 16.03
CA VAL Q 900 -31.10 -14.58 16.40
C VAL Q 900 -31.45 -13.74 15.19
N SER Q 901 -32.14 -12.64 15.43
CA SER Q 901 -32.61 -11.81 14.34
C SER Q 901 -31.50 -10.95 13.75
N SER Q 902 -30.65 -10.36 14.59
CA SER Q 902 -29.68 -9.38 14.14
C SER Q 902 -28.58 -10.03 13.31
N ASP Q 903 -27.73 -9.20 12.73
CA ASP Q 903 -26.72 -9.67 11.79
C ASP Q 903 -25.34 -9.32 12.29
N ALA Q 904 -24.37 -10.19 12.00
CA ALA Q 904 -22.99 -9.79 12.16
C ALA Q 904 -22.65 -8.78 11.09
N SER Q 905 -21.64 -7.97 11.37
CA SER Q 905 -21.32 -6.86 10.49
C SER Q 905 -20.19 -7.26 9.56
N LEU Q 906 -20.48 -7.28 8.27
CA LEU Q 906 -19.52 -7.81 7.30
C LEU Q 906 -18.25 -7.00 7.15
N PRO Q 907 -18.24 -5.66 7.06
CA PRO Q 907 -16.94 -4.97 6.94
C PRO Q 907 -16.15 -4.98 8.22
N LEU Q 908 -16.77 -5.31 9.34
CA LEU Q 908 -16.05 -5.58 10.57
C LEU Q 908 -15.61 -7.02 10.67
N LEU Q 909 -16.28 -7.92 9.96
CA LEU Q 909 -15.81 -9.30 9.95
C LEU Q 909 -14.54 -9.43 9.17
N ALA Q 910 -14.37 -8.64 8.12
CA ALA Q 910 -13.17 -8.78 7.32
C ALA Q 910 -11.94 -8.16 7.95
N LYS Q 911 -12.09 -7.43 9.06
CA LYS Q 911 -10.92 -6.99 9.78
C LYS Q 911 -10.39 -8.08 10.69
N TYR Q 912 -11.16 -9.12 10.93
CA TYR Q 912 -10.65 -10.17 11.80
C TYR Q 912 -10.03 -11.30 11.00
N LEU Q 913 -10.83 -11.97 10.19
CA LEU Q 913 -10.37 -13.16 9.50
C LEU Q 913 -9.77 -12.86 8.14
N ASN Q 914 -8.76 -12.02 8.08
CA ASN Q 914 -7.98 -11.99 6.86
C ASN Q 914 -6.80 -12.93 6.97
N THR Q 915 -5.95 -12.90 5.97
CA THR Q 915 -4.73 -13.71 5.97
C THR Q 915 -3.48 -12.86 5.96
N ASP Q 916 -3.60 -11.56 5.81
CA ASP Q 916 -2.44 -10.68 5.84
C ASP Q 916 -2.52 -9.61 6.91
N THR Q 917 -3.65 -8.91 7.03
CA THR Q 917 -3.78 -7.79 7.95
C THR Q 917 -4.92 -7.98 8.94
N GLY Q 918 -5.50 -9.15 9.00
CA GLY Q 918 -6.59 -9.37 9.92
C GLY Q 918 -6.12 -9.43 11.36
N ARG Q 919 -6.99 -8.98 12.26
CA ARG Q 919 -6.66 -8.89 13.68
C ARG Q 919 -6.45 -10.23 14.35
N ILE Q 920 -6.76 -11.34 13.68
CA ILE Q 920 -6.25 -12.63 14.12
C ILE Q 920 -4.89 -12.90 13.51
N ALA Q 921 -4.77 -12.73 12.20
CA ALA Q 921 -3.51 -13.07 11.56
C ALA Q 921 -2.43 -12.03 11.79
N ARG Q 922 -2.75 -10.90 12.40
CA ARG Q 922 -1.74 -9.97 12.87
C ARG Q 922 -1.50 -10.12 14.36
N PHE Q 923 -2.16 -11.06 15.00
CA PHE Q 923 -1.74 -11.40 16.35
C PHE Q 923 -0.76 -12.55 16.34
N LEU Q 924 -0.95 -13.52 15.45
CA LEU Q 924 -0.07 -14.66 15.45
C LEU Q 924 1.30 -14.32 14.90
N GLN Q 925 1.39 -13.35 14.00
CA GLN Q 925 2.70 -12.96 13.49
C GLN Q 925 3.42 -12.01 14.42
N ASN Q 926 2.86 -11.70 15.58
CA ASN Q 926 3.56 -10.88 16.56
C ASN Q 926 3.91 -11.65 17.81
N ASN Q 927 3.12 -12.65 18.17
CA ASN Q 927 3.28 -13.32 19.45
C ASN Q 927 3.65 -14.78 19.31
N LEU Q 928 3.21 -15.43 18.25
CA LEU Q 928 3.55 -16.83 18.03
C LEU Q 928 4.46 -16.99 16.83
N SER Q 929 5.45 -16.11 16.70
CA SER Q 929 6.31 -16.09 15.53
C SER Q 929 7.19 -17.31 15.41
N GLY Q 930 7.39 -18.05 16.49
CA GLY Q 930 8.26 -19.20 16.42
C GLY Q 930 7.52 -20.51 16.28
N VAL Q 931 6.34 -20.62 16.89
CA VAL Q 931 5.69 -21.90 17.07
C VAL Q 931 4.50 -22.10 16.15
N LEU Q 932 4.23 -21.18 15.24
CA LEU Q 932 3.07 -21.33 14.37
C LEU Q 932 3.41 -20.83 12.97
N HIS Q 933 3.21 -21.69 11.97
CA HIS Q 933 3.60 -21.41 10.60
C HIS Q 933 2.38 -21.26 9.71
N ARG Q 934 2.46 -20.32 8.76
CA ARG Q 934 1.37 -20.08 7.83
C ARG Q 934 1.65 -20.84 6.56
N GLU Q 935 1.47 -22.15 6.62
CA GLU Q 935 1.77 -23.04 5.50
C GLU Q 935 0.54 -23.21 4.63
N GLY Q 936 0.60 -22.66 3.42
CA GLY Q 936 -0.46 -22.87 2.47
C GLY Q 936 -1.62 -21.96 2.76
N SER Q 937 -2.67 -22.51 3.35
CA SER Q 937 -3.74 -21.73 3.93
C SER Q 937 -3.91 -21.98 5.41
N ARG Q 938 -3.69 -23.19 5.88
CA ARG Q 938 -3.85 -23.54 7.28
C ARG Q 938 -2.67 -23.07 8.09
N TRP Q 939 -2.88 -22.99 9.39
CA TRP Q 939 -1.80 -22.79 10.34
C TRP Q 939 -1.42 -24.15 10.90
N VAL Q 940 -0.13 -24.42 10.98
CA VAL Q 940 0.34 -25.70 11.52
C VAL Q 940 1.19 -25.41 12.74
N PRO Q 941 1.36 -26.34 13.66
CA PRO Q 941 2.38 -26.15 14.70
C PRO Q 941 3.75 -26.34 14.09
N ASP Q 942 4.67 -25.45 14.47
CA ASP Q 942 6.04 -25.62 14.05
C ASP Q 942 6.66 -26.74 14.86
N THR Q 943 7.32 -27.69 14.17
CA THR Q 943 7.81 -28.88 14.87
C THR Q 943 9.02 -28.58 15.72
N ILE Q 944 9.89 -27.68 15.27
CA ILE Q 944 11.00 -27.23 16.10
C ILE Q 944 10.43 -26.33 17.18
N ASN Q 945 11.13 -26.25 18.32
CA ASN Q 945 10.83 -25.35 19.44
C ASN Q 945 9.46 -25.63 20.05
N THR Q 946 8.98 -26.87 19.93
CA THR Q 946 7.74 -27.31 20.53
C THR Q 946 8.00 -28.33 21.64
N ARG Q 947 9.00 -28.06 22.46
CA ARG Q 947 9.29 -28.93 23.60
C ARG Q 947 8.42 -28.51 24.77
N GLY Q 948 7.43 -29.34 25.09
CA GLY Q 948 6.60 -29.07 26.24
C GLY Q 948 5.63 -27.93 26.09
N LEU Q 949 5.29 -27.56 24.87
CA LEU Q 949 4.46 -26.40 24.59
C LEU Q 949 3.35 -26.85 23.66
N THR Q 950 2.22 -27.25 24.21
CA THR Q 950 1.17 -27.91 23.45
C THR Q 950 0.02 -26.95 23.18
N PHE Q 951 -0.53 -27.03 21.98
CA PHE Q 951 -1.68 -26.22 21.63
C PHE Q 951 -2.95 -26.93 22.05
N ASN Q 952 -3.95 -26.14 22.36
CA ASN Q 952 -5.25 -26.70 22.62
C ASN Q 952 -5.83 -27.21 21.31
N PRO Q 953 -6.13 -28.50 21.16
CA PRO Q 953 -6.50 -29.02 19.84
C PRO Q 953 -7.86 -28.58 19.34
N ALA Q 954 -8.60 -27.78 20.10
CA ALA Q 954 -9.71 -27.05 19.51
C ALA Q 954 -9.22 -25.74 18.90
N PHE Q 955 -8.14 -25.18 19.42
CA PHE Q 955 -7.67 -23.89 18.89
C PHE Q 955 -7.08 -24.05 17.50
N LEU Q 956 -6.44 -25.17 17.22
CA LEU Q 956 -5.99 -25.37 15.84
C LEU Q 956 -7.14 -25.72 14.93
N LYS Q 957 -8.21 -26.31 15.46
CA LYS Q 957 -9.39 -26.52 14.65
C LYS Q 957 -10.14 -25.21 14.45
N ALA Q 958 -9.95 -24.26 15.36
CA ALA Q 958 -10.64 -22.99 15.22
C ALA Q 958 -10.02 -22.15 14.11
N ILE Q 959 -8.74 -21.84 14.21
CA ILE Q 959 -8.19 -20.90 13.24
C ILE Q 959 -7.63 -21.61 12.02
N ASN Q 960 -7.93 -22.88 11.85
CA ASN Q 960 -7.90 -23.45 10.52
C ASN Q 960 -9.27 -23.47 9.89
N THR Q 961 -10.31 -23.12 10.66
CA THR Q 961 -11.61 -22.89 10.07
C THR Q 961 -11.77 -21.43 9.71
N LEU Q 962 -11.33 -20.53 10.57
CA LEU Q 962 -11.32 -19.12 10.25
C LEU Q 962 -10.24 -18.72 9.26
N SER Q 963 -9.44 -19.65 8.76
CA SER Q 963 -8.60 -19.38 7.62
C SER Q 963 -8.97 -20.25 6.44
N GLU Q 964 -10.11 -20.94 6.50
CA GLU Q 964 -10.73 -21.50 5.32
C GLU Q 964 -11.81 -20.59 4.77
N ILE Q 965 -12.67 -20.05 5.64
CA ILE Q 965 -13.64 -19.03 5.24
C ILE Q 965 -12.95 -17.79 4.71
N ALA Q 966 -11.74 -17.52 5.19
CA ALA Q 966 -10.95 -16.43 4.64
C ALA Q 966 -10.56 -16.67 3.20
N ASP Q 967 -10.42 -17.93 2.80
CA ASP Q 967 -9.98 -18.26 1.45
C ASP Q 967 -11.10 -18.63 0.52
N VAL Q 968 -12.35 -18.58 0.96
CA VAL Q 968 -13.47 -18.79 0.08
C VAL Q 968 -14.28 -17.52 -0.11
N ALA Q 969 -14.70 -16.90 0.98
CA ALA Q 969 -15.54 -15.74 0.85
C ALA Q 969 -14.74 -14.45 0.78
N PHE Q 970 -13.69 -14.30 1.59
CA PHE Q 970 -13.06 -13.00 1.80
C PHE Q 970 -11.76 -12.89 1.03
N THR Q 971 -11.73 -13.40 -0.21
CA THR Q 971 -10.47 -13.56 -0.93
C THR Q 971 -9.86 -12.22 -1.31
N THR Q 972 -10.66 -11.32 -1.84
CA THR Q 972 -10.11 -10.09 -2.40
C THR Q 972 -9.71 -9.06 -1.35
N GLY Q 973 -9.95 -9.32 -0.08
CA GLY Q 973 -9.76 -8.35 0.98
C GLY Q 973 -11.05 -7.87 1.60
N ASN Q 974 -12.18 -8.28 1.05
CA ASN Q 974 -13.48 -7.85 1.53
C ASN Q 974 -14.50 -8.89 1.09
N ALA Q 975 -15.71 -8.78 1.60
CA ALA Q 975 -16.70 -9.84 1.44
C ALA Q 975 -17.21 -9.87 0.02
N GLY Q 976 -16.87 -10.92 -0.73
CA GLY Q 976 -17.40 -11.06 -2.07
C GLY Q 976 -17.10 -12.39 -2.72
N LEU Q 977 -18.12 -13.06 -3.25
CA LEU Q 977 -17.92 -14.31 -3.95
C LEU Q 977 -18.97 -14.46 -5.02
N HIS Q 978 -18.77 -15.42 -5.91
CA HIS Q 978 -19.65 -15.59 -7.05
C HIS Q 978 -20.03 -17.05 -7.15
N PHE Q 979 -21.31 -17.35 -6.98
CA PHE Q 979 -21.80 -18.71 -7.09
C PHE Q 979 -22.97 -18.73 -8.05
N GLU Q 980 -23.16 -19.87 -8.70
CA GLU Q 980 -24.10 -19.98 -9.80
C GLU Q 980 -25.24 -20.89 -9.40
N LEU Q 981 -26.47 -20.44 -9.64
CA LEU Q 981 -27.65 -21.26 -9.43
C LEU Q 981 -28.24 -21.67 -10.77
N ARG Q 982 -28.66 -22.91 -10.86
CA ARG Q 982 -29.49 -23.37 -11.94
C ARG Q 982 -30.80 -23.82 -11.37
N PRO Q 983 -31.93 -23.35 -11.89
CA PRO Q 983 -33.21 -23.73 -11.31
C PRO Q 983 -33.55 -25.17 -11.63
N GLY Q 984 -34.49 -25.71 -10.87
CA GLY Q 984 -34.94 -27.07 -11.03
C GLY Q 984 -36.44 -27.11 -11.25
N THR Q 985 -36.92 -28.33 -11.47
CA THR Q 985 -38.32 -28.57 -11.75
C THR Q 985 -38.94 -29.36 -10.60
N ALA Q 986 -40.24 -29.25 -10.44
CA ALA Q 986 -40.92 -29.97 -9.38
C ALA Q 986 -42.35 -30.24 -9.79
N ALA Q 987 -42.96 -31.23 -9.13
CA ALA Q 987 -44.29 -31.67 -9.51
C ALA Q 987 -45.33 -30.64 -9.12
N GLY Q 988 -45.88 -29.97 -10.12
CA GLY Q 988 -47.00 -29.09 -9.88
C GLY Q 988 -46.66 -27.72 -9.37
N VAL Q 989 -45.55 -27.14 -9.80
CA VAL Q 989 -45.18 -25.78 -9.43
C VAL Q 989 -44.96 -25.01 -10.72
N MET Q 990 -45.69 -23.92 -10.89
CA MET Q 990 -45.65 -23.20 -12.15
C MET Q 990 -44.52 -22.18 -12.22
N GLN Q 991 -44.20 -21.53 -11.11
CA GLN Q 991 -43.17 -20.49 -11.15
C GLN Q 991 -42.55 -20.35 -9.77
N THR Q 992 -41.23 -20.41 -9.71
CA THR Q 992 -40.50 -20.12 -8.49
C THR Q 992 -39.68 -18.86 -8.71
N THR Q 993 -39.69 -17.97 -7.73
CA THR Q 993 -38.97 -16.70 -7.81
C THR Q 993 -38.02 -16.64 -6.64
N LEU Q 994 -36.73 -16.62 -6.92
CA LEU Q 994 -35.74 -16.39 -5.90
C LEU Q 994 -35.16 -15.02 -6.15
N ILE Q 995 -35.28 -14.14 -5.17
CA ILE Q 995 -34.71 -12.81 -5.24
C ILE Q 995 -33.66 -12.73 -4.15
N THR Q 996 -32.44 -12.43 -4.53
CA THR Q 996 -31.42 -12.05 -3.57
C THR Q 996 -30.83 -10.71 -3.99
N ASP Q 997 -30.98 -9.71 -3.11
CA ASP Q 997 -30.23 -8.47 -3.15
C ASP Q 997 -30.50 -7.69 -4.44
N ASN Q 998 -31.77 -7.73 -4.86
CA ASN Q 998 -32.23 -7.23 -6.16
C ASN Q 998 -31.51 -7.92 -7.32
N GLN Q 999 -31.50 -9.25 -7.30
CA GLN Q 999 -31.13 -10.04 -8.46
C GLN Q 999 -32.16 -11.15 -8.60
N LYS Q 1000 -32.90 -11.13 -9.70
CA LYS Q 1000 -34.04 -12.01 -9.82
C LYS Q 1000 -33.64 -13.32 -10.47
N LEU Q 1001 -34.51 -14.32 -10.29
CA LEU Q 1001 -34.44 -15.58 -11.01
C LEU Q 1001 -35.87 -16.07 -11.12
N ILE Q 1002 -36.52 -15.76 -12.23
CA ILE Q 1002 -37.90 -16.17 -12.43
C ILE Q 1002 -37.88 -17.37 -13.35
N TYR Q 1003 -38.40 -18.49 -12.87
CA TYR Q 1003 -38.34 -19.74 -13.60
C TYR Q 1003 -39.74 -20.26 -13.82
N VAL Q 1004 -40.20 -20.27 -15.07
CA VAL Q 1004 -41.58 -20.67 -15.39
C VAL Q 1004 -41.56 -21.93 -16.23
N ASN Q 1005 -40.60 -22.81 -15.94
CA ASN Q 1005 -40.37 -24.08 -16.63
C ASN Q 1005 -40.04 -23.89 -18.10
N GLN Q 1006 -38.96 -23.17 -18.36
CA GLN Q 1006 -38.33 -23.22 -19.67
C GLN Q 1006 -36.99 -23.92 -19.52
N MET Q 1007 -36.25 -24.00 -20.63
CA MET Q 1007 -34.94 -24.61 -20.73
C MET Q 1007 -33.97 -23.97 -19.73
N PRO Q 1008 -33.48 -24.71 -18.75
CA PRO Q 1008 -32.83 -24.09 -17.59
C PRO Q 1008 -31.43 -23.60 -17.92
N VAL Q 1009 -31.07 -22.46 -17.33
CA VAL Q 1009 -29.78 -21.83 -17.56
C VAL Q 1009 -29.12 -21.58 -16.21
N TRP Q 1010 -27.95 -20.96 -16.26
CA TRP Q 1010 -27.20 -20.66 -15.05
C TRP Q 1010 -27.15 -19.16 -14.84
N LYS Q 1011 -27.62 -18.70 -13.69
CA LYS Q 1011 -27.61 -17.29 -13.35
C LYS Q 1011 -26.53 -17.05 -12.31
N ARG Q 1012 -25.49 -16.31 -12.69
CA ARG Q 1012 -24.31 -16.17 -11.85
C ARG Q 1012 -24.55 -15.06 -10.82
N PHE Q 1013 -24.78 -15.45 -9.58
CA PHE Q 1013 -25.13 -14.48 -8.56
C PHE Q 1013 -23.89 -13.79 -8.00
N THR Q 1014 -24.10 -13.02 -6.94
CA THR Q 1014 -23.03 -12.29 -6.28
C THR Q 1014 -23.50 -11.99 -4.88
N TRP Q 1015 -22.73 -12.37 -3.88
CA TRP Q 1015 -23.09 -12.09 -2.52
C TRP Q 1015 -21.85 -11.54 -1.84
N PRO Q 1016 -21.96 -10.44 -1.10
CA PRO Q 1016 -23.12 -9.58 -0.93
C PRO Q 1016 -23.00 -8.36 -1.80
N ALA Q 1017 -23.96 -8.15 -2.69
CA ALA Q 1017 -23.93 -7.01 -3.58
C ALA Q 1017 -24.25 -5.75 -2.82
N ASP Q 1018 -23.75 -4.63 -3.34
CA ASP Q 1018 -23.94 -3.33 -2.71
C ASP Q 1018 -25.12 -2.63 -3.37
N THR Q 1019 -26.30 -3.10 -3.02
CA THR Q 1019 -27.54 -2.57 -3.55
C THR Q 1019 -28.31 -1.89 -2.42
N GLU Q 1020 -29.53 -1.47 -2.73
CA GLU Q 1020 -30.28 -0.60 -1.85
C GLU Q 1020 -31.04 -1.32 -0.76
N ALA Q 1021 -31.43 -2.57 -0.99
CA ALA Q 1021 -32.21 -3.34 -0.02
C ALA Q 1021 -31.77 -4.78 -0.09
N PRO Q 1022 -30.69 -5.15 0.61
CA PRO Q 1022 -30.21 -6.52 0.54
C PRO Q 1022 -31.07 -7.45 1.35
N GLY Q 1023 -31.50 -8.53 0.72
CA GLY Q 1023 -32.37 -9.48 1.37
C GLY Q 1023 -32.44 -10.75 0.54
N ALA Q 1024 -33.33 -11.64 0.96
CA ALA Q 1024 -33.52 -12.89 0.25
C ALA Q 1024 -34.97 -13.31 0.40
N SER Q 1025 -35.58 -13.79 -0.67
CA SER Q 1025 -36.99 -14.09 -0.66
C SER Q 1025 -37.28 -15.19 -1.66
N LEU Q 1026 -38.28 -16.00 -1.36
CA LEU Q 1026 -38.59 -17.15 -2.21
C LEU Q 1026 -40.09 -17.32 -2.29
N SER Q 1027 -40.65 -17.19 -3.48
CA SER Q 1027 -42.08 -17.25 -3.68
C SER Q 1027 -42.40 -18.20 -4.81
N TRP Q 1028 -43.37 -19.09 -4.59
CA TRP Q 1028 -43.68 -20.16 -5.52
C TRP Q 1028 -45.14 -20.10 -5.91
N VAL Q 1029 -45.41 -20.32 -7.19
CA VAL Q 1029 -46.76 -20.21 -7.72
C VAL Q 1029 -47.24 -21.62 -8.00
N SER Q 1030 -48.18 -22.08 -7.19
CA SER Q 1030 -48.66 -23.45 -7.31
C SER Q 1030 -49.56 -23.61 -8.52
N THR Q 1031 -50.05 -24.83 -8.70
CA THR Q 1031 -51.14 -25.05 -9.63
C THR Q 1031 -52.47 -24.74 -8.96
N GLN Q 1032 -52.58 -25.03 -7.67
CA GLN Q 1032 -53.85 -24.86 -6.98
C GLN Q 1032 -54.09 -23.41 -6.59
N ALA Q 1033 -53.20 -22.85 -5.78
CA ALA Q 1033 -53.43 -21.55 -5.17
C ALA Q 1033 -52.48 -20.49 -5.73
N GLY Q 1034 -52.60 -19.28 -5.20
CA GLY Q 1034 -51.77 -18.17 -5.61
C GLY Q 1034 -50.40 -18.22 -4.97
N THR Q 1035 -49.67 -17.12 -5.12
CA THR Q 1035 -48.25 -17.15 -4.80
C THR Q 1035 -48.01 -16.93 -3.32
N ARG Q 1036 -47.82 -18.02 -2.59
CA ARG Q 1036 -47.48 -17.95 -1.18
C ARG Q 1036 -45.97 -17.98 -1.08
N GLN Q 1037 -45.37 -16.94 -0.51
CA GLN Q 1037 -43.92 -16.89 -0.44
C GLN Q 1037 -43.41 -17.76 0.71
N TYR Q 1038 -42.28 -18.41 0.47
CA TYR Q 1038 -41.76 -19.37 1.44
C TYR Q 1038 -41.12 -18.68 2.62
N ALA Q 1039 -40.27 -17.70 2.36
CA ALA Q 1039 -39.64 -16.95 3.44
C ALA Q 1039 -39.23 -15.60 2.88
N ASP Q 1040 -39.14 -14.61 3.78
CA ASP Q 1040 -38.73 -13.27 3.38
C ASP Q 1040 -37.76 -12.73 4.44
N LEU Q 1041 -36.48 -13.01 4.24
CA LEU Q 1041 -35.46 -12.74 5.25
C LEU Q 1041 -34.59 -11.58 4.82
N PRO Q 1042 -34.81 -10.39 5.34
CA PRO Q 1042 -34.05 -9.23 4.90
C PRO Q 1042 -32.75 -9.12 5.67
N GLY Q 1043 -31.96 -8.12 5.30
CA GLY Q 1043 -30.64 -7.94 5.87
C GLY Q 1043 -29.57 -8.48 4.95
N SER Q 1044 -28.34 -8.11 5.25
CA SER Q 1044 -27.22 -8.49 4.39
C SER Q 1044 -26.91 -9.97 4.47
N TRP Q 1045 -27.27 -10.60 5.59
CA TRP Q 1045 -27.16 -12.05 5.74
C TRP Q 1045 -28.44 -12.74 5.41
N GLY Q 1046 -29.21 -12.24 4.45
CA GLY Q 1046 -30.42 -12.93 4.07
C GLY Q 1046 -30.14 -14.26 3.44
N LEU Q 1047 -29.14 -14.32 2.57
CA LEU Q 1047 -28.93 -15.49 1.75
C LEU Q 1047 -28.38 -16.66 2.56
N ILE Q 1048 -27.63 -16.37 3.62
CA ILE Q 1048 -27.16 -17.46 4.46
C ILE Q 1048 -28.31 -18.04 5.28
N ARG Q 1049 -29.28 -17.21 5.66
CA ARG Q 1049 -30.46 -17.73 6.34
C ARG Q 1049 -31.26 -18.63 5.42
N LEU Q 1050 -31.26 -18.35 4.13
CA LEU Q 1050 -32.01 -19.17 3.21
C LEU Q 1050 -31.32 -20.49 2.96
N LEU Q 1051 -29.99 -20.50 2.85
CA LEU Q 1051 -29.32 -21.76 2.64
C LEU Q 1051 -29.27 -22.59 3.92
N GLU Q 1052 -29.48 -21.96 5.07
CA GLU Q 1052 -29.57 -22.72 6.31
C GLU Q 1052 -30.87 -23.50 6.38
N MET Q 1053 -31.97 -22.90 5.93
CA MET Q 1053 -33.27 -23.56 5.96
C MET Q 1053 -33.47 -24.50 4.79
N ALA Q 1054 -32.45 -24.76 4.00
CA ALA Q 1054 -32.58 -25.71 2.91
C ALA Q 1054 -32.54 -27.14 3.43
N ARG Q 1055 -32.66 -28.08 2.51
CA ARG Q 1055 -32.38 -29.48 2.80
C ARG Q 1055 -31.39 -29.92 1.74
N ARG Q 1056 -30.12 -29.65 1.98
CA ARG Q 1056 -29.11 -29.79 0.94
C ARG Q 1056 -28.43 -31.13 1.01
N LYS Q 1057 -27.95 -31.58 -0.14
CA LYS Q 1057 -27.15 -32.79 -0.21
C LYS Q 1057 -26.17 -32.61 -1.34
N ALA Q 1058 -25.15 -33.46 -1.37
CA ALA Q 1058 -24.16 -33.38 -2.41
C ALA Q 1058 -24.75 -33.82 -3.74
N ALA Q 1059 -24.24 -33.26 -4.82
CA ALA Q 1059 -24.83 -33.47 -6.12
C ALA Q 1059 -23.91 -34.35 -6.96
N PRO Q 1060 -24.33 -35.54 -7.33
CA PRO Q 1060 -23.46 -36.39 -8.14
C PRO Q 1060 -23.43 -35.97 -9.59
N GLY Q 1061 -24.55 -35.46 -10.10
CA GLY Q 1061 -24.68 -35.22 -11.51
C GLY Q 1061 -23.83 -34.08 -12.05
N VAL Q 1062 -23.47 -33.13 -11.19
CA VAL Q 1062 -22.72 -31.96 -11.60
C VAL Q 1062 -21.66 -31.72 -10.54
N ALA Q 1063 -20.48 -31.30 -10.96
CA ALA Q 1063 -19.40 -31.06 -10.03
C ALA Q 1063 -18.82 -29.68 -10.31
N SER Q 1064 -18.60 -28.88 -9.26
CA SER Q 1064 -18.90 -29.23 -7.88
C SER Q 1064 -20.24 -28.67 -7.49
N GLY Q 1065 -21.25 -29.52 -7.43
CA GLY Q 1065 -22.61 -29.07 -7.25
C GLY Q 1065 -23.15 -29.33 -5.87
N TRP Q 1066 -24.34 -28.80 -5.63
CA TRP Q 1066 -25.07 -29.05 -4.40
C TRP Q 1066 -26.54 -28.85 -4.71
N SER Q 1067 -27.32 -29.91 -4.70
CA SER Q 1067 -28.72 -29.82 -5.06
C SER Q 1067 -29.51 -29.42 -3.83
N LEU Q 1068 -29.79 -28.13 -3.69
CA LEU Q 1068 -30.70 -27.68 -2.65
C LEU Q 1068 -32.12 -28.06 -3.00
N SER Q 1069 -32.95 -28.20 -1.97
CA SER Q 1069 -34.38 -28.39 -2.19
C SER Q 1069 -35.09 -27.88 -0.94
N TRP Q 1070 -35.61 -26.68 -1.00
CA TRP Q 1070 -36.44 -26.19 0.07
C TRP Q 1070 -37.78 -26.88 -0.01
N GLN Q 1071 -38.30 -27.31 1.11
CA GLN Q 1071 -39.66 -27.80 1.16
C GLN Q 1071 -40.56 -26.64 1.52
N ALA Q 1072 -41.46 -26.29 0.63
CA ALA Q 1072 -42.39 -25.21 0.92
C ALA Q 1072 -43.52 -25.74 1.78
N GLN Q 1073 -44.54 -24.91 1.97
CA GLN Q 1073 -45.78 -25.40 2.54
C GLN Q 1073 -46.52 -26.20 1.48
N ASP Q 1074 -47.65 -26.80 1.90
CA ASP Q 1074 -48.55 -27.58 1.06
C ASP Q 1074 -47.87 -28.79 0.42
N GLY Q 1075 -46.78 -29.28 1.01
CA GLY Q 1075 -46.10 -30.44 0.48
C GLY Q 1075 -45.41 -30.26 -0.86
N ARG Q 1076 -45.18 -29.03 -1.30
CA ARG Q 1076 -44.51 -28.79 -2.56
C ARG Q 1076 -43.03 -28.54 -2.34
N MET Q 1077 -42.22 -29.07 -3.25
CA MET Q 1077 -40.78 -28.90 -3.21
C MET Q 1077 -40.35 -27.83 -4.18
N LEU Q 1078 -39.27 -27.13 -3.85
CA LEU Q 1078 -38.66 -26.14 -4.72
C LEU Q 1078 -37.21 -26.53 -4.92
N ASN Q 1079 -36.86 -27.00 -6.11
CA ASN Q 1079 -35.55 -27.58 -6.34
C ASN Q 1079 -34.63 -26.58 -7.01
N TYR Q 1080 -33.40 -26.51 -6.55
CA TYR Q 1080 -32.37 -25.68 -7.18
C TYR Q 1080 -31.09 -26.47 -7.21
N THR Q 1081 -30.13 -26.01 -8.00
CA THR Q 1081 -28.88 -26.74 -8.17
C THR Q 1081 -27.74 -25.73 -8.14
N LEU Q 1082 -27.05 -25.68 -7.01
CA LEU Q 1082 -26.01 -24.70 -6.79
C LEU Q 1082 -24.69 -25.25 -7.29
N ARG Q 1083 -24.01 -24.49 -8.11
CA ARG Q 1083 -22.63 -24.82 -8.48
C ARG Q 1083 -21.74 -23.70 -8.00
N THR Q 1084 -20.72 -24.04 -7.26
CA THR Q 1084 -19.78 -23.08 -6.72
C THR Q 1084 -18.67 -22.84 -7.73
N GLU Q 1085 -17.69 -22.06 -7.32
CA GLU Q 1085 -16.52 -21.92 -8.17
C GLU Q 1085 -15.25 -22.43 -7.49
N ALA Q 1086 -15.16 -22.33 -6.16
CA ALA Q 1086 -13.99 -22.80 -5.44
C ALA Q 1086 -14.39 -23.17 -4.03
N GLY Q 1087 -14.02 -24.36 -3.61
CA GLY Q 1087 -14.34 -24.78 -2.27
C GLY Q 1087 -15.81 -25.10 -2.13
N GLU Q 1088 -16.50 -24.39 -1.24
CA GLU Q 1088 -17.89 -24.70 -0.98
C GLU Q 1088 -18.83 -23.56 -1.32
N GLY Q 1089 -18.32 -22.43 -1.84
CA GLY Q 1089 -19.14 -21.29 -2.17
C GLY Q 1089 -19.79 -20.70 -0.93
N PRO Q 1090 -20.98 -20.16 -1.05
CA PRO Q 1090 -21.67 -19.61 0.11
C PRO Q 1090 -22.29 -20.66 1.03
N LEU Q 1091 -22.04 -21.94 0.78
CA LEU Q 1091 -22.28 -22.95 1.79
C LEU Q 1091 -21.19 -22.99 2.85
N VAL Q 1092 -20.05 -22.33 2.60
CA VAL Q 1092 -18.95 -22.43 3.55
C VAL Q 1092 -19.20 -21.54 4.75
N LEU Q 1093 -20.10 -20.57 4.65
CA LEU Q 1093 -20.41 -19.74 5.80
C LEU Q 1093 -21.27 -20.45 6.81
N LEU Q 1094 -21.78 -21.62 6.47
CA LEU Q 1094 -22.43 -22.47 7.45
C LEU Q 1094 -21.45 -23.38 8.17
N LYS Q 1095 -20.15 -23.06 8.15
CA LYS Q 1095 -19.26 -23.54 9.18
C LYS Q 1095 -19.26 -22.61 10.36
N LEU Q 1096 -19.75 -21.39 10.19
CA LEU Q 1096 -19.76 -20.41 11.25
C LEU Q 1096 -20.91 -20.60 12.22
N ARG Q 1097 -21.82 -21.53 11.97
CA ARG Q 1097 -22.98 -21.70 12.82
C ARG Q 1097 -22.57 -22.30 14.16
N ASN Q 1098 -22.82 -21.55 15.23
CA ASN Q 1098 -22.40 -21.85 16.59
C ASN Q 1098 -20.90 -22.09 16.66
N PHE Q 1099 -20.17 -21.06 16.28
CA PHE Q 1099 -18.72 -21.05 16.27
C PHE Q 1099 -18.25 -20.20 17.43
N VAL Q 1100 -17.26 -20.67 18.16
CA VAL Q 1100 -16.78 -19.97 19.33
C VAL Q 1100 -15.26 -20.00 19.35
N LEU Q 1101 -14.65 -18.83 19.50
CA LEU Q 1101 -13.22 -18.78 19.63
C LEU Q 1101 -12.81 -19.42 20.95
N PRO Q 1102 -11.78 -20.25 20.96
CA PRO Q 1102 -11.38 -20.91 22.20
C PRO Q 1102 -10.68 -19.94 23.11
N GLU Q 1103 -10.98 -20.06 24.40
CA GLU Q 1103 -10.42 -19.14 25.39
C GLU Q 1103 -8.96 -19.42 25.70
N THR Q 1104 -8.42 -20.56 25.31
CA THR Q 1104 -7.10 -20.98 25.73
C THR Q 1104 -6.29 -21.42 24.53
N VAL Q 1105 -5.16 -20.77 24.31
CA VAL Q 1105 -4.25 -21.21 23.26
C VAL Q 1105 -3.47 -22.43 23.70
N PHE Q 1106 -2.65 -22.27 24.72
CA PHE Q 1106 -1.83 -23.37 25.20
C PHE Q 1106 -2.54 -24.09 26.32
N GLU Q 1107 -2.48 -25.41 26.31
CA GLU Q 1107 -3.12 -26.22 27.33
C GLU Q 1107 -2.12 -26.52 28.43
N LEU Q 1108 -2.55 -26.40 29.67
CA LEU Q 1108 -1.69 -26.60 30.83
C LEU Q 1108 -2.28 -27.68 31.72
N SER Q 1109 -1.57 -28.79 31.85
CA SER Q 1109 -1.96 -29.87 32.76
C SER Q 1109 -0.74 -30.68 33.18
N THR R 575 33.17 -21.28 88.11
CA THR R 575 34.42 -21.47 88.83
C THR R 575 35.48 -21.99 87.87
N GLN R 576 35.17 -21.92 86.58
CA GLN R 576 36.01 -22.52 85.55
C GLN R 576 36.25 -21.51 84.44
N ASN R 577 37.38 -21.68 83.75
CA ASN R 577 37.83 -20.73 82.74
C ASN R 577 38.60 -21.49 81.66
N SER R 578 37.96 -21.72 80.52
CA SER R 578 38.60 -22.44 79.42
C SER R 578 37.89 -22.04 78.12
N ASP R 579 38.60 -21.30 77.27
CA ASP R 579 38.25 -20.90 75.91
C ASP R 579 37.06 -19.93 75.83
N ALA R 580 36.40 -19.61 76.93
CA ALA R 580 35.27 -18.69 76.92
C ALA R 580 35.57 -17.44 77.72
N MET R 581 35.91 -17.59 79.00
CA MET R 581 36.34 -16.44 79.79
C MET R 581 37.74 -15.99 79.40
N LEU R 582 38.50 -16.84 78.71
CA LEU R 582 39.77 -16.43 78.15
C LEU R 582 39.60 -15.29 77.16
N TYR R 583 38.70 -15.46 76.19
CA TYR R 583 38.51 -14.43 75.18
C TYR R 583 37.82 -13.20 75.74
N GLN R 584 36.97 -13.36 76.76
CA GLN R 584 36.32 -12.20 77.35
C GLN R 584 37.33 -11.33 78.08
N LYS R 585 38.24 -11.95 78.80
CA LYS R 585 39.28 -11.20 79.47
C LYS R 585 40.35 -10.69 78.51
N MET R 586 40.39 -11.23 77.29
CA MET R 586 41.14 -10.55 76.26
C MET R 586 40.51 -9.21 75.92
N LEU R 587 39.18 -9.20 75.76
CA LEU R 587 38.52 -8.02 75.22
C LEU R 587 38.42 -6.90 76.25
N ALA R 588 38.04 -7.24 77.49
CA ALA R 588 37.80 -6.22 78.50
C ALA R 588 39.06 -5.53 78.98
N ARG R 589 40.25 -5.98 78.55
CA ARG R 589 41.46 -5.22 78.80
C ARG R 589 41.82 -4.37 77.59
N VAL R 590 41.56 -4.88 76.38
CA VAL R 590 41.96 -4.14 75.19
C VAL R 590 40.92 -3.10 74.80
N ALA R 591 39.65 -3.30 75.18
CA ALA R 591 38.62 -2.30 74.94
C ALA R 591 38.80 -1.04 75.78
N HIS R 592 39.73 -1.04 76.72
CA HIS R 592 40.10 0.16 77.46
C HIS R 592 40.72 1.20 76.55
N GLN R 593 41.65 0.78 75.68
CA GLN R 593 42.49 1.75 74.99
C GLN R 593 41.78 2.46 73.85
N PHE R 594 41.39 1.71 72.82
CA PHE R 594 41.07 2.31 71.55
C PHE R 594 39.60 2.69 71.46
N ALA R 595 39.35 3.85 70.87
CA ALA R 595 38.00 4.35 70.69
C ALA R 595 37.40 3.78 69.41
N ASP R 596 36.17 4.18 69.12
CA ASP R 596 35.48 3.70 67.93
C ASP R 596 36.08 4.32 66.68
N MET R 597 35.74 3.72 65.54
CA MET R 597 36.22 4.19 64.24
C MET R 597 35.00 4.55 63.40
N ARG R 598 34.75 5.85 63.25
CA ARG R 598 33.53 6.31 62.59
C ARG R 598 33.63 6.20 61.08
N LEU R 599 32.73 6.85 60.36
CA LEU R 599 32.90 6.89 58.93
C LEU R 599 34.04 7.80 58.51
N THR R 600 34.07 9.02 59.05
CA THR R 600 34.95 10.03 58.47
C THR R 600 36.40 9.91 58.91
N ASP R 601 36.71 9.08 59.90
CA ASP R 601 38.12 8.82 60.19
C ASP R 601 38.65 7.67 59.36
N MET R 602 37.77 7.02 58.59
CA MET R 602 38.21 6.36 57.38
C MET R 602 38.39 7.40 56.28
N THR R 603 38.70 6.91 55.08
CA THR R 603 38.78 7.68 53.83
C THR R 603 39.71 8.88 53.87
N GLY R 604 40.65 8.92 54.81
CA GLY R 604 41.53 10.06 54.97
C GLY R 604 40.81 11.34 55.33
N ASP R 605 40.82 12.29 54.41
CA ASP R 605 40.30 13.63 54.63
C ASP R 605 39.02 13.93 53.88
N THR R 606 38.63 13.06 52.96
CA THR R 606 37.73 13.41 51.87
C THR R 606 36.30 13.60 52.39
N ASP R 607 35.51 14.37 51.64
CA ASP R 607 34.10 14.57 51.91
C ASP R 607 33.37 13.25 51.69
N VAL R 608 32.90 12.65 52.79
CA VAL R 608 32.06 11.48 52.69
C VAL R 608 30.63 11.80 53.08
N SER R 609 30.42 12.91 53.77
CA SER R 609 29.09 13.23 54.27
C SER R 609 28.13 13.58 53.14
N ARG R 610 28.66 13.96 51.98
CA ARG R 610 27.79 14.14 50.83
C ARG R 610 27.34 12.83 50.22
N LEU R 611 27.92 11.71 50.60
CA LEU R 611 27.61 10.43 49.96
C LEU R 611 26.93 9.44 50.88
N PHE R 612 27.50 9.14 52.03
CA PHE R 612 27.00 8.06 52.88
C PHE R 612 26.65 8.59 54.26
N PHE R 613 25.44 8.31 54.73
CA PHE R 613 25.01 8.74 56.05
C PHE R 613 25.04 7.59 57.05
N THR R 614 26.11 6.81 56.97
CA THR R 614 26.29 5.57 57.71
C THR R 614 26.12 5.73 59.22
N ASP R 615 25.48 4.76 59.84
CA ASP R 615 25.40 4.57 61.27
C ASP R 615 26.09 3.25 61.63
N GLU R 616 25.93 2.84 62.88
CA GLU R 616 26.44 1.57 63.42
C GLU R 616 27.97 1.49 63.27
N VAL R 617 28.61 2.36 64.02
CA VAL R 617 30.06 2.49 64.00
C VAL R 617 30.73 1.22 64.52
N VAL R 618 31.77 0.78 63.81
CA VAL R 618 32.62 -0.32 64.28
C VAL R 618 33.30 0.10 65.57
N PRO R 619 33.32 -0.75 66.62
CA PRO R 619 33.66 -0.25 67.97
C PRO R 619 35.14 -0.04 68.23
N GLY R 620 35.95 0.06 67.20
CA GLY R 620 37.36 0.08 67.47
C GLY R 620 37.75 -1.35 67.75
N MET R 621 38.86 -1.51 68.46
CA MET R 621 39.36 -2.76 69.02
C MET R 621 39.75 -3.79 67.95
N PHE R 622 39.63 -3.44 66.67
CA PHE R 622 39.74 -4.40 65.60
C PHE R 622 40.76 -4.03 64.54
N THR R 623 41.12 -2.75 64.41
CA THR R 623 41.88 -2.25 63.29
C THR R 623 43.31 -2.77 63.29
N ARG R 624 44.06 -2.39 62.26
CA ARG R 624 45.41 -2.92 62.07
C ARG R 624 46.33 -2.51 63.19
N GLN R 625 46.20 -1.30 63.70
CA GLN R 625 47.02 -0.92 64.84
C GLN R 625 46.57 -1.59 66.12
N ALA R 626 45.37 -2.14 66.16
CA ALA R 626 45.00 -2.94 67.32
C ALA R 626 45.47 -4.37 67.18
N TRP R 627 45.90 -4.80 66.00
CA TRP R 627 46.38 -6.17 65.89
C TRP R 627 47.86 -6.28 66.22
N GLU R 628 48.68 -5.43 65.60
CA GLU R 628 50.10 -5.44 65.90
C GLU R 628 50.37 -5.01 67.33
N GLU R 629 49.74 -3.92 67.74
CA GLU R 629 49.90 -3.40 69.09
C GLU R 629 48.72 -3.85 69.94
N ALA R 630 49.02 -4.45 71.09
CA ALA R 630 48.12 -4.68 72.21
C ALA R 630 47.01 -5.69 71.96
N VAL R 631 47.16 -6.65 71.04
CA VAL R 631 46.48 -7.93 71.25
C VAL R 631 47.51 -9.05 71.16
N LEU R 632 48.60 -8.81 70.43
CA LEU R 632 49.63 -9.83 70.34
C LEU R 632 50.47 -9.89 71.61
N PRO R 633 50.77 -8.79 72.30
CA PRO R 633 51.18 -8.97 73.69
C PRO R 633 50.04 -9.43 74.57
N SER R 634 48.81 -9.01 74.29
CA SER R 634 47.71 -9.27 75.21
C SER R 634 47.26 -10.72 75.15
N ILE R 635 47.48 -11.41 74.03
CA ILE R 635 47.24 -12.85 74.03
C ILE R 635 48.28 -13.55 74.88
N ASP R 636 49.49 -12.97 74.98
CA ASP R 636 50.53 -13.61 75.75
C ASP R 636 50.37 -13.41 77.25
N THR R 637 49.46 -12.52 77.68
CA THR R 637 49.22 -12.37 79.10
C THR R 637 48.28 -13.43 79.64
N VAL R 638 47.37 -13.93 78.83
CA VAL R 638 46.36 -14.84 79.37
C VAL R 638 46.76 -16.31 79.18
N ILE R 639 47.70 -16.60 78.31
CA ILE R 639 48.06 -17.99 78.05
C ILE R 639 48.89 -18.60 79.18
N ASN R 640 49.73 -17.81 79.83
CA ASN R 640 50.43 -18.29 81.01
C ASN R 640 49.51 -18.33 82.23
N GLU R 641 48.49 -17.51 82.25
CA GLU R 641 47.60 -17.40 83.39
C GLU R 641 46.50 -18.46 83.33
N VAL R 661 45.97 -27.28 79.52
CA VAL R 661 45.85 -27.11 78.08
C VAL R 661 47.12 -26.45 77.54
N SER R 662 47.60 -26.94 76.41
CA SER R 662 48.83 -26.40 75.84
C SER R 662 48.57 -25.02 75.27
N PRO R 663 49.35 -23.99 75.66
CA PRO R 663 48.99 -22.62 75.30
C PRO R 663 49.22 -22.28 73.84
N GLU R 664 50.28 -22.80 73.22
CA GLU R 664 50.58 -22.45 71.83
C GLU R 664 49.57 -23.05 70.86
N ALA R 665 48.81 -24.06 71.27
CA ALA R 665 47.70 -24.52 70.45
C ALA R 665 46.45 -23.69 70.66
N LEU R 666 46.28 -23.09 71.84
CA LEU R 666 45.17 -22.16 72.01
C LEU R 666 45.42 -20.84 71.33
N ARG R 667 46.68 -20.51 71.03
CA ARG R 667 46.97 -19.28 70.31
C ARG R 667 46.45 -19.33 68.88
N GLN R 668 46.24 -20.51 68.34
CA GLN R 668 45.44 -20.63 67.13
C GLN R 668 43.96 -20.65 67.48
N ARG R 669 43.60 -21.30 68.57
CA ARG R 669 42.20 -21.45 68.95
C ARG R 669 41.63 -20.20 69.62
N LEU R 670 42.40 -19.13 69.72
CA LEU R 670 41.90 -17.85 70.16
C LEU R 670 41.94 -16.79 69.07
N THR R 671 42.95 -16.82 68.20
CA THR R 671 43.04 -15.81 67.16
C THR R 671 41.99 -16.00 66.08
N THR R 672 41.77 -17.24 65.65
CA THR R 672 40.74 -17.47 64.64
C THR R 672 39.35 -17.26 65.20
N ARG R 673 39.17 -17.39 66.51
CA ARG R 673 37.94 -16.92 67.13
C ARG R 673 37.89 -15.41 67.20
N TYR R 674 39.04 -14.75 67.25
CA TYR R 674 39.03 -13.30 67.21
C TYR R 674 38.84 -12.80 65.79
N PHE R 675 39.48 -13.45 64.82
CA PHE R 675 39.40 -12.99 63.44
C PHE R 675 38.02 -13.22 62.84
N ALA R 676 37.37 -14.31 63.24
CA ALA R 676 35.99 -14.53 62.80
C ALA R 676 35.05 -13.53 63.44
N ASP R 677 35.44 -12.91 64.53
CA ASP R 677 34.73 -11.76 65.04
C ASP R 677 35.37 -10.46 64.57
N PHE R 678 36.53 -10.52 63.92
CA PHE R 678 37.03 -9.30 63.29
C PHE R 678 36.28 -9.00 62.02
N GLY R 679 36.08 -10.02 61.19
CA GLY R 679 35.30 -9.83 59.98
C GLY R 679 33.85 -9.51 60.28
N ASN R 680 33.26 -10.23 61.23
CA ASN R 680 31.84 -10.09 61.53
C ASN R 680 31.48 -8.76 62.19
N ALA R 681 32.46 -7.95 62.55
CA ALA R 681 32.14 -6.58 62.94
C ALA R 681 32.41 -5.60 61.82
N TRP R 682 33.13 -6.02 60.78
CA TRP R 682 33.31 -5.12 59.64
C TRP R 682 32.18 -5.28 58.64
N LEU R 683 31.70 -6.51 58.44
CA LEU R 683 30.62 -6.75 57.49
C LEU R 683 29.34 -6.09 57.95
N ASN R 684 29.13 -5.99 59.25
CA ASN R 684 27.96 -5.28 59.73
C ASN R 684 28.22 -3.80 59.89
N PHE R 685 29.38 -3.32 59.49
CA PHE R 685 29.55 -1.89 59.31
C PHE R 685 29.28 -1.50 57.86
N LEU R 686 29.95 -2.16 56.91
CA LEU R 686 29.83 -1.76 55.52
C LEU R 686 28.46 -2.05 54.94
N ASN R 687 27.80 -3.13 55.38
CA ASN R 687 26.45 -3.39 54.91
C ASN R 687 25.44 -2.45 55.53
N SER R 688 25.83 -1.66 56.52
CA SER R 688 24.89 -0.72 57.10
C SER R 688 24.80 0.58 56.34
N LEU R 689 25.77 0.88 55.48
CA LEU R 689 25.85 2.21 54.89
C LEU R 689 24.83 2.36 53.78
N HIS R 690 24.18 3.51 53.74
CA HIS R 690 23.24 3.85 52.69
C HIS R 690 23.79 5.00 51.89
N LEU R 691 23.02 5.47 50.92
CA LEU R 691 23.47 6.52 50.02
C LEU R 691 22.63 7.77 50.25
N ARG R 692 23.29 8.92 50.14
CA ARG R 692 22.64 10.20 50.41
C ARG R 692 21.57 10.47 49.39
N LYS R 693 20.33 10.64 49.86
CA LYS R 693 19.17 10.83 49.01
C LYS R 693 19.29 12.16 48.28
N ALA R 694 19.55 12.11 46.99
CA ALA R 694 19.75 13.30 46.17
C ALA R 694 18.55 13.48 45.26
N GLN R 695 18.42 14.70 44.72
CA GLN R 695 17.29 15.02 43.86
C GLN R 695 17.66 16.13 42.90
N THR R 696 16.79 16.33 41.91
CA THR R 696 16.78 17.47 40.98
C THR R 696 18.02 17.58 40.12
N LEU R 697 18.64 16.46 39.75
CA LEU R 697 19.53 16.32 38.60
C LEU R 697 20.86 17.07 38.69
N SER R 698 20.99 18.01 39.61
CA SER R 698 22.31 18.55 39.84
C SER R 698 22.97 17.88 41.01
N ASP R 699 22.22 17.57 42.06
CA ASP R 699 22.76 16.77 43.14
C ASP R 699 23.03 15.34 42.71
N VAL R 700 22.32 14.85 41.70
CA VAL R 700 22.64 13.54 41.16
C VAL R 700 23.92 13.61 40.36
N THR R 701 24.04 14.60 39.48
CA THR R 701 25.25 14.69 38.68
C THR R 701 26.43 15.23 39.47
N GLU R 702 26.21 15.79 40.65
CA GLU R 702 27.36 16.17 41.45
C GLU R 702 27.84 15.01 42.30
N GLN R 703 26.97 14.04 42.57
CA GLN R 703 27.43 12.83 43.21
C GLN R 703 28.32 12.03 42.28
N LEU R 704 27.97 11.97 41.00
CA LEU R 704 28.73 11.13 40.10
C LEU R 704 30.03 11.78 39.65
N THR R 705 30.21 13.09 39.87
CA THR R 705 31.57 13.61 39.89
C THR R 705 32.30 13.03 41.08
N LEU R 706 31.79 13.31 42.27
CA LEU R 706 32.47 13.01 43.53
C LEU R 706 32.62 11.53 43.77
N MET R 707 31.83 10.68 43.13
CA MET R 707 32.01 9.26 43.35
C MET R 707 33.12 8.70 42.49
N ALA R 708 33.32 9.27 41.30
CA ALA R 708 34.26 8.71 40.33
C ALA R 708 35.41 9.65 40.01
N ASP R 709 35.91 10.35 41.00
CA ASP R 709 36.96 11.35 40.78
C ASP R 709 38.15 10.97 41.64
N VAL R 710 39.18 10.42 41.00
CA VAL R 710 40.41 10.06 41.69
C VAL R 710 41.08 11.32 42.23
N ARG R 711 41.83 11.17 43.32
CA ARG R 711 42.50 12.14 44.19
C ARG R 711 41.52 12.88 45.11
N GLN R 712 40.21 12.84 44.86
CA GLN R 712 39.27 13.36 45.85
C GLN R 712 37.93 12.63 45.68
N SER R 713 37.77 11.54 46.42
CA SER R 713 36.53 10.76 46.42
C SER R 713 36.52 9.78 47.57
N PRO R 714 35.36 9.43 48.07
CA PRO R 714 35.20 8.12 48.70
C PRO R 714 35.17 7.05 47.62
N LEU R 715 35.29 5.80 48.06
CA LEU R 715 35.39 4.57 47.27
C LEU R 715 36.69 4.45 46.50
N VAL R 716 37.55 5.44 46.58
CA VAL R 716 38.96 5.27 46.36
C VAL R 716 39.73 5.46 47.65
N ALA R 717 39.39 6.49 48.41
CA ALA R 717 39.97 6.64 49.73
C ALA R 717 39.35 5.66 50.72
N LEU R 718 38.13 5.18 50.45
CA LEU R 718 37.58 4.17 51.34
C LEU R 718 38.20 2.81 51.08
N MET R 719 38.31 2.42 49.82
CA MET R 719 38.90 1.13 49.51
C MET R 719 40.41 1.12 49.71
N ASN R 720 41.04 2.29 49.83
CA ASN R 720 42.42 2.31 50.27
C ASN R 720 42.52 1.86 51.72
N THR R 721 41.75 2.48 52.61
CA THR R 721 41.74 2.06 54.00
C THR R 721 41.08 0.70 54.19
N LEU R 722 40.28 0.26 53.23
CA LEU R 722 39.82 -1.11 53.30
C LEU R 722 40.88 -2.09 52.83
N ALA R 723 41.82 -1.63 52.01
CA ALA R 723 42.89 -2.51 51.58
C ALA R 723 43.93 -2.69 52.67
N VAL R 724 44.10 -1.70 53.53
CA VAL R 724 45.14 -1.81 54.56
C VAL R 724 44.73 -2.75 55.67
N GLN R 725 43.44 -3.07 55.78
CA GLN R 725 42.96 -3.94 56.85
C GLN R 725 42.43 -5.25 56.32
N GLY R 726 42.81 -5.62 55.10
CA GLY R 726 42.52 -6.95 54.61
C GLY R 726 43.81 -7.72 54.60
N CYS R 727 44.85 -7.11 55.16
CA CYS R 727 46.17 -7.71 55.21
C CYS R 727 46.73 -7.75 56.63
N THR R 728 45.87 -7.74 57.64
CA THR R 728 46.36 -7.91 58.99
C THR R 728 46.69 -9.37 59.23
N GLY R 729 47.42 -9.65 60.30
CA GLY R 729 47.93 -10.98 60.51
C GLY R 729 49.27 -11.15 59.82
N GLN R 730 49.25 -11.71 58.62
CA GLN R 730 50.47 -11.83 57.83
C GLN R 730 50.60 -10.66 56.86
N HIS R 762 46.21 -14.58 50.97
CA HIS R 762 47.46 -14.35 51.67
C HIS R 762 47.24 -14.34 53.18
N GLY R 763 46.41 -13.42 53.66
CA GLY R 763 46.18 -13.26 55.07
C GLY R 763 45.27 -14.33 55.62
N PRO R 764 45.03 -14.26 56.92
CA PRO R 764 44.18 -15.25 57.59
C PRO R 764 42.70 -15.02 57.31
N LEU R 765 42.31 -13.77 57.23
CA LEU R 765 40.94 -13.41 56.92
C LEU R 765 40.76 -13.09 55.44
N ALA R 766 41.67 -13.54 54.59
CA ALA R 766 41.60 -13.28 53.17
C ALA R 766 40.51 -14.04 52.46
N THR R 767 39.71 -14.85 53.15
CA THR R 767 38.51 -15.40 52.54
C THR R 767 37.30 -14.53 52.79
N THR R 768 37.40 -13.53 53.66
CA THR R 768 36.27 -12.69 54.01
C THR R 768 36.38 -11.30 53.43
N PHE R 769 37.56 -10.72 53.40
CA PHE R 769 37.82 -9.52 52.62
C PHE R 769 38.35 -9.86 51.25
N GLY R 770 38.28 -11.12 50.86
CA GLY R 770 38.75 -11.59 49.57
C GLY R 770 38.13 -10.94 48.36
N PRO R 771 36.79 -11.00 48.24
CA PRO R 771 36.15 -10.37 47.07
C PRO R 771 36.32 -8.88 46.96
N VAL R 772 36.18 -8.13 48.04
CA VAL R 772 36.22 -6.67 47.94
C VAL R 772 37.64 -6.20 47.66
N LEU R 773 38.64 -6.94 48.11
CA LEU R 773 39.99 -6.66 47.66
C LEU R 773 40.23 -7.10 46.23
N ALA R 774 39.43 -8.03 45.70
CA ALA R 774 39.63 -8.46 44.34
C ALA R 774 39.11 -7.46 43.32
N LEU R 775 38.27 -6.51 43.74
CA LEU R 775 37.84 -5.47 42.82
C LEU R 775 39.01 -4.54 42.56
N MET R 776 39.45 -3.84 43.60
CA MET R 776 40.49 -2.83 43.43
C MET R 776 41.84 -3.53 43.30
N ASP R 777 42.03 -4.16 42.15
CA ASP R 777 43.30 -4.80 41.83
C ASP R 777 43.93 -4.22 40.58
N ASN R 778 43.19 -4.24 39.46
CA ASN R 778 43.60 -3.73 38.14
C ASN R 778 44.83 -4.47 37.60
N GLN R 779 45.17 -5.62 38.18
CA GLN R 779 46.23 -6.45 37.62
C GLN R 779 45.68 -7.32 36.50
N ASN R 780 44.48 -7.87 36.73
CA ASN R 780 43.51 -8.46 35.78
C ASN R 780 44.19 -9.25 34.65
N ASN R 781 44.84 -10.33 35.05
CA ASN R 781 45.54 -11.21 34.11
C ASN R 781 44.59 -11.86 33.10
N SER R 782 43.29 -11.91 33.42
CA SER R 782 42.26 -12.27 32.46
C SER R 782 41.91 -11.14 31.51
N ALA R 783 42.14 -9.89 31.93
CA ALA R 783 41.80 -8.65 31.19
C ALA R 783 40.31 -8.51 30.90
N ASP R 784 39.44 -9.21 31.64
CA ASP R 784 38.01 -9.00 31.56
C ASP R 784 37.36 -9.07 32.93
N MET R 785 38.06 -8.63 33.97
CA MET R 785 37.49 -8.67 35.30
C MET R 785 36.53 -7.50 35.49
N LEU R 786 36.08 -7.33 36.73
CA LEU R 786 35.05 -6.34 37.00
C LEU R 786 35.58 -5.11 37.71
N ASN R 787 36.54 -5.27 38.60
CA ASN R 787 37.70 -4.39 38.67
C ASN R 787 37.51 -3.00 39.27
N LEU R 788 36.28 -2.49 39.37
CA LEU R 788 35.92 -1.20 40.02
C LEU R 788 36.55 0.05 39.41
N GLN R 789 37.61 -0.10 38.63
CA GLN R 789 37.77 0.65 37.41
C GLN R 789 37.02 -0.14 36.36
N THR R 790 36.76 0.51 35.22
CA THR R 790 35.73 0.10 34.27
C THR R 790 34.37 -0.05 34.93
N TYR R 791 34.17 0.64 36.00
CA TYR R 791 32.91 1.06 36.55
C TYR R 791 32.93 2.55 36.85
N LEU R 792 34.06 3.05 37.35
CA LEU R 792 34.18 4.47 37.57
C LEU R 792 34.58 5.21 36.31
N THR R 793 34.97 4.52 35.27
CA THR R 793 34.93 5.12 33.95
C THR R 793 33.70 4.67 33.18
N ARG R 794 32.85 3.88 33.81
CA ARG R 794 31.55 3.63 33.25
C ARG R 794 30.51 4.55 33.85
N VAL R 795 30.60 4.86 35.13
CA VAL R 795 29.64 5.79 35.70
C VAL R 795 29.97 7.21 35.26
N THR R 796 31.21 7.51 34.96
CA THR R 796 31.49 8.88 34.54
C THR R 796 31.23 9.09 33.06
N GLN R 797 30.93 8.05 32.30
CA GLN R 797 30.39 8.28 30.98
C GLN R 797 28.88 8.27 30.99
N VAL R 798 28.27 8.01 32.14
CA VAL R 798 26.86 8.32 32.32
C VAL R 798 26.70 9.76 32.74
N ARG R 799 27.57 10.23 33.61
CA ARG R 799 27.54 11.63 34.04
C ARG R 799 27.80 12.57 32.87
N LEU R 800 28.76 12.23 32.01
CA LEU R 800 29.03 13.06 30.85
C LEU R 800 27.87 13.10 29.87
N ARG R 801 27.01 12.10 29.90
CA ARG R 801 25.75 12.25 29.18
C ARG R 801 24.86 13.26 29.87
N LEU R 802 24.82 13.24 31.19
CA LEU R 802 23.93 14.16 31.89
C LEU R 802 24.50 15.56 32.07
N GLN R 803 25.64 15.86 31.49
CA GLN R 803 26.04 17.25 31.37
C GLN R 803 25.75 17.79 29.98
N GLN R 804 25.71 16.92 28.98
CA GLN R 804 25.19 17.32 27.69
C GLN R 804 23.71 17.65 27.78
N ILE R 805 23.00 16.97 28.68
CA ILE R 805 21.56 17.23 28.80
C ILE R 805 21.32 18.54 29.53
N ALA R 806 21.72 18.59 30.81
CA ALA R 806 21.20 19.55 31.78
C ALA R 806 21.46 20.98 31.41
N GLY R 807 22.51 21.25 30.67
CA GLY R 807 22.64 22.50 29.96
C GLY R 807 23.02 22.20 28.53
N SER R 808 22.81 23.20 27.67
CA SER R 808 23.39 23.26 26.32
C SER R 808 22.94 22.07 25.45
N SER R 809 21.67 22.07 25.04
CA SER R 809 20.66 23.13 25.16
C SER R 809 19.35 22.42 25.06
N ASP R 810 18.28 23.11 25.46
CA ASP R 810 16.90 22.63 25.35
C ASP R 810 16.67 21.25 25.97
N PRO R 811 16.92 21.10 27.27
CA PRO R 811 17.14 19.76 27.82
C PRO R 811 15.92 18.91 27.97
N GLN R 812 14.72 19.49 28.09
CA GLN R 812 13.53 18.67 28.19
C GLN R 812 13.30 17.88 26.91
N ALA R 813 13.70 18.46 25.78
CA ALA R 813 13.65 17.73 24.53
C ALA R 813 14.62 16.55 24.56
N MET R 814 15.84 16.78 25.05
CA MET R 814 16.83 15.70 25.00
C MET R 814 16.58 14.68 26.08
N MET R 815 15.86 15.05 27.13
CA MET R 815 15.66 14.11 28.23
C MET R 815 14.71 13.01 27.85
N GLN R 816 13.67 13.35 27.09
CA GLN R 816 12.74 12.33 26.61
C GLN R 816 13.45 11.36 25.70
N LEU R 817 14.29 11.87 24.81
CA LEU R 817 14.98 11.06 23.82
C LEU R 817 16.02 10.15 24.43
N LEU R 818 16.40 10.37 25.68
CA LEU R 818 17.06 9.32 26.43
C LEU R 818 16.04 8.38 27.06
N ALA R 819 15.04 8.93 27.73
CA ALA R 819 14.11 8.09 28.46
C ALA R 819 13.12 7.38 27.56
N GLN R 820 13.13 7.69 26.27
CA GLN R 820 12.30 6.93 25.35
C GLN R 820 13.01 5.66 24.91
N THR R 821 14.32 5.69 24.78
CA THR R 821 15.03 4.55 24.25
C THR R 821 15.48 3.60 25.33
N VAL R 822 15.17 3.88 26.59
CA VAL R 822 15.33 2.87 27.63
C VAL R 822 14.06 2.03 27.75
N LEU R 823 12.90 2.65 27.58
CA LEU R 823 11.65 1.93 27.75
C LEU R 823 11.35 0.95 26.63
N GLN R 824 12.03 1.03 25.50
CA GLN R 824 11.86 0.05 24.44
C GLN R 824 13.14 -0.75 24.16
N GLY R 825 14.28 -0.11 24.03
CA GLY R 825 15.50 -0.75 23.58
C GLY R 825 16.45 -1.06 24.70
N LYS R 826 17.73 -0.82 24.41
CA LYS R 826 18.82 -1.09 25.34
C LYS R 826 20.02 -0.30 24.81
N SER R 827 21.13 -0.37 25.57
CA SER R 827 22.45 0.18 25.20
C SER R 827 22.38 1.69 24.99
N VAL R 828 22.07 2.39 26.06
CA VAL R 828 21.93 3.84 25.98
C VAL R 828 23.25 4.60 26.23
N ASP R 829 23.99 4.48 27.35
CA ASP R 829 23.99 3.43 28.39
C ASP R 829 23.71 3.92 29.79
N LEU R 830 22.45 4.07 30.12
CA LEU R 830 22.04 4.18 31.49
C LEU R 830 21.40 2.90 31.98
N THR R 831 20.95 2.06 31.06
CA THR R 831 20.48 0.74 31.40
C THR R 831 21.57 -0.31 31.33
N ASP R 832 22.75 0.06 30.86
CA ASP R 832 23.81 -0.94 30.76
C ASP R 832 24.71 -0.92 31.97
N THR R 833 24.98 0.26 32.51
CA THR R 833 25.83 0.38 33.68
C THR R 833 25.16 -0.22 34.92
N ARG R 834 23.84 -0.08 34.99
CA ARG R 834 23.09 -0.81 36.01
C ARG R 834 23.21 -2.31 35.79
N ASP R 835 23.23 -2.76 34.55
CA ASP R 835 23.48 -4.16 34.29
C ASP R 835 24.95 -4.52 34.25
N TYR R 836 25.84 -3.56 34.45
CA TYR R 836 27.21 -3.87 34.83
C TYR R 836 27.41 -3.78 36.32
N GLY R 837 26.77 -2.82 36.96
CA GLY R 837 26.96 -2.65 38.39
C GLY R 837 26.40 -3.80 39.18
N SER R 838 25.28 -4.35 38.75
CA SER R 838 24.71 -5.47 39.46
C SER R 838 25.51 -6.73 39.21
N LEU R 839 26.22 -6.80 38.09
CA LEU R 839 27.01 -7.97 37.78
C LEU R 839 28.21 -8.10 38.72
N THR R 840 28.79 -6.99 39.17
CA THR R 840 29.81 -7.10 40.20
C THR R 840 29.18 -7.42 41.54
N ALA R 841 28.12 -6.70 41.89
CA ALA R 841 27.61 -6.73 43.25
C ALA R 841 26.93 -8.05 43.56
N ALA R 842 26.32 -8.67 42.56
CA ALA R 842 25.84 -10.01 42.80
C ALA R 842 26.96 -11.04 42.78
N GLY R 843 28.12 -10.67 42.26
CA GLY R 843 29.21 -11.62 42.28
C GLY R 843 30.02 -11.61 43.53
N LEU R 844 29.77 -10.68 44.46
CA LEU R 844 30.62 -10.57 45.63
C LEU R 844 30.51 -11.76 46.56
N GLY R 845 29.45 -11.86 47.34
CA GLY R 845 29.34 -13.06 48.15
C GLY R 845 27.98 -13.52 48.60
N GLN R 846 26.93 -12.74 48.28
CA GLN R 846 25.66 -12.73 49.02
C GLN R 846 25.90 -12.58 50.53
N GLU R 847 26.94 -11.86 50.89
CA GLU R 847 27.39 -11.73 52.25
C GLU R 847 27.66 -10.24 52.42
N TRP R 848 28.05 -9.63 51.31
CA TRP R 848 28.16 -8.19 51.18
C TRP R 848 26.93 -7.59 50.52
N TYR R 849 25.83 -8.34 50.49
CA TYR R 849 24.55 -7.76 50.10
C TYR R 849 24.20 -6.63 51.03
N GLY R 850 23.73 -5.53 50.47
CA GLY R 850 23.55 -4.33 51.23
C GLY R 850 24.72 -3.37 51.14
N PHE R 851 25.92 -3.89 50.88
CA PHE R 851 27.00 -3.02 50.44
C PHE R 851 27.10 -3.02 48.94
N GLY R 852 27.00 -4.19 48.33
CA GLY R 852 27.00 -4.26 46.88
C GLY R 852 25.77 -3.59 46.28
N GLN R 853 24.64 -3.70 46.96
CA GLN R 853 23.46 -2.98 46.51
C GLN R 853 23.57 -1.50 46.79
N THR R 854 24.44 -1.09 47.70
CA THR R 854 24.49 0.32 48.02
C THR R 854 25.34 1.10 47.04
N VAL R 855 26.53 0.61 46.73
CA VAL R 855 27.45 1.44 45.97
C VAL R 855 27.49 1.08 44.50
N PHE R 856 26.96 -0.07 44.10
CA PHE R 856 27.09 -0.46 42.71
C PHE R 856 25.81 -0.28 41.90
N VAL R 857 24.64 -0.44 42.50
CA VAL R 857 23.41 -0.26 41.75
C VAL R 857 22.59 0.94 42.18
N ARG R 858 22.72 1.42 43.40
CA ARG R 858 21.92 2.58 43.81
C ARG R 858 22.32 3.86 43.10
N PRO R 859 23.58 4.30 43.06
CA PRO R 859 23.85 5.61 42.46
C PRO R 859 23.74 5.65 40.96
N MET R 860 23.45 4.53 40.30
CA MET R 860 23.03 4.59 38.92
C MET R 860 21.51 4.60 38.80
N GLU R 861 20.84 3.79 39.60
CA GLU R 861 19.38 3.79 39.64
C GLU R 861 18.83 5.09 40.18
N GLN R 862 19.61 5.85 40.94
CA GLN R 862 19.13 7.14 41.39
C GLN R 862 19.00 8.14 40.25
N ALA R 863 19.76 7.96 39.18
CA ALA R 863 19.60 8.85 38.04
C ALA R 863 18.35 8.50 37.25
N TRP R 864 17.92 7.24 37.31
CA TRP R 864 16.77 6.84 36.51
C TRP R 864 15.48 7.42 37.06
N GLN R 865 15.32 7.43 38.38
CA GLN R 865 14.18 8.13 38.96
C GLN R 865 14.27 9.63 38.77
N GLN R 866 15.46 10.13 38.51
CA GLN R 866 15.68 11.55 38.27
C GLN R 866 15.47 11.94 36.82
N VAL R 867 15.66 11.00 35.88
CA VAL R 867 15.54 11.31 34.46
C VAL R 867 14.13 11.08 33.96
N LEU R 868 13.22 10.64 34.82
CA LEU R 868 11.90 10.27 34.35
C LEU R 868 10.94 11.45 34.40
N THR R 869 10.75 12.03 35.57
CA THR R 869 9.79 13.13 35.73
C THR R 869 10.06 14.42 34.95
N PRO R 870 11.29 14.73 34.49
CA PRO R 870 11.35 15.75 33.46
C PRO R 870 10.93 15.23 32.10
N ALA R 871 11.30 14.00 31.76
CA ALA R 871 10.94 13.48 30.45
C ALA R 871 9.46 13.16 30.34
N ALA R 872 8.79 12.91 31.46
CA ALA R 872 7.35 12.80 31.44
C ALA R 872 6.69 14.12 31.16
N GLU R 873 7.35 15.23 31.46
CA GLU R 873 6.79 16.51 31.09
C GLU R 873 6.95 16.74 29.59
N SER R 874 8.01 16.22 28.98
CA SER R 874 8.23 16.50 27.57
C SER R 874 7.26 15.76 26.67
N LEU R 875 6.57 14.75 27.18
CA LEU R 875 5.46 14.18 26.45
C LEU R 875 4.18 14.96 26.64
N ASN R 876 4.18 16.01 27.45
CA ASN R 876 3.03 16.88 27.46
C ASN R 876 3.18 18.00 26.45
N ALA R 877 4.37 18.54 26.32
CA ALA R 877 4.57 19.59 25.34
C ALA R 877 4.91 19.06 23.97
N ARG R 878 4.89 17.75 23.77
CA ARG R 878 4.86 17.18 22.44
C ARG R 878 3.56 16.42 22.19
N TRP R 879 2.54 16.75 22.95
CA TRP R 879 1.18 16.34 22.67
C TRP R 879 0.25 17.52 22.54
N ARG R 880 0.50 18.61 23.25
CA ARG R 880 -0.29 19.80 22.96
C ARG R 880 0.29 20.61 21.82
N THR R 881 1.39 20.19 21.22
CA THR R 881 1.86 20.81 19.99
C THR R 881 1.97 19.83 18.85
N ALA R 882 1.41 18.65 18.96
CA ALA R 882 1.48 17.70 17.86
C ALA R 882 0.15 17.08 17.50
N VAL R 883 -0.76 16.94 18.45
CA VAL R 883 -2.09 16.43 18.18
C VAL R 883 -3.16 17.43 18.58
N VAL R 884 -3.12 17.92 19.81
CA VAL R 884 -4.16 18.82 20.30
C VAL R 884 -4.12 20.15 19.58
N ASP R 885 -2.95 20.66 19.27
CA ASP R 885 -2.95 21.90 18.52
C ASP R 885 -3.09 21.69 17.03
N GLY R 886 -3.43 20.49 16.59
CA GLY R 886 -3.89 20.31 15.22
C GLY R 886 -5.36 20.02 15.25
N TRP R 887 -5.78 19.32 16.30
CA TRP R 887 -7.19 18.97 16.46
C TRP R 887 -8.00 20.20 16.78
N ASN R 888 -7.57 20.99 17.75
CA ASN R 888 -8.27 22.22 18.05
C ASN R 888 -8.18 23.23 16.92
N ASN R 889 -7.16 23.14 16.09
CA ASN R 889 -7.02 24.09 15.00
C ASN R 889 -8.02 23.85 13.88
N ALA R 890 -8.66 22.70 13.85
CA ALA R 890 -9.60 22.39 12.79
C ALA R 890 -11.00 22.06 13.27
N PHE R 891 -11.18 21.60 14.51
CA PHE R 891 -12.49 21.23 15.01
C PHE R 891 -12.86 22.00 16.28
N SER R 892 -12.46 23.25 16.37
CA SER R 892 -12.95 24.11 17.44
C SER R 892 -14.21 24.79 16.96
N GLY R 893 -15.33 24.51 17.60
CA GLY R 893 -16.55 25.21 17.26
C GLY R 893 -17.20 24.67 16.01
N ARG R 894 -17.24 23.36 15.89
CA ARG R 894 -17.99 22.71 14.84
C ARG R 894 -18.85 21.64 15.47
N TYR R 895 -20.02 21.44 14.89
CA TYR R 895 -20.83 20.30 15.26
C TYR R 895 -20.09 19.04 14.84
N PRO R 896 -20.14 17.97 15.64
CA PRO R 896 -20.81 17.77 16.91
C PRO R 896 -19.96 17.99 18.12
N PHE R 897 -18.92 18.81 18.01
CA PHE R 897 -18.20 19.14 19.23
C PHE R 897 -18.88 20.28 19.96
N LYS R 898 -19.04 21.41 19.31
CA LYS R 898 -19.79 22.53 19.87
C LYS R 898 -21.10 22.67 19.11
N ASN R 899 -22.17 22.97 19.83
CA ASN R 899 -23.51 23.00 19.24
C ASN R 899 -23.69 24.25 18.39
N VAL R 900 -23.14 24.21 17.18
CA VAL R 900 -23.25 25.36 16.28
C VAL R 900 -23.77 24.91 14.93
N SER R 901 -23.81 25.84 13.99
CA SER R 901 -24.38 25.55 12.69
C SER R 901 -23.42 24.75 11.83
N SER R 902 -22.13 25.08 11.84
CA SER R 902 -21.18 24.49 10.90
C SER R 902 -20.91 23.04 11.21
N ASP R 903 -20.18 22.38 10.32
CA ASP R 903 -19.97 20.94 10.41
C ASP R 903 -18.49 20.63 10.53
N ALA R 904 -18.17 19.62 11.33
CA ALA R 904 -16.84 19.05 11.26
C ALA R 904 -16.67 18.36 9.93
N SER R 905 -15.44 18.32 9.46
CA SER R 905 -15.19 17.83 8.12
C SER R 905 -14.80 16.36 8.15
N LEU R 906 -15.60 15.53 7.51
CA LEU R 906 -15.43 14.08 7.63
C LEU R 906 -14.14 13.53 7.04
N PRO R 907 -13.68 13.88 5.82
CA PRO R 907 -12.43 13.27 5.35
C PRO R 907 -11.21 13.76 6.06
N LEU R 908 -11.31 14.85 6.80
CA LEU R 908 -10.27 15.26 7.72
C LEU R 908 -10.43 14.63 9.09
N LEU R 909 -11.65 14.22 9.44
CA LEU R 909 -11.81 13.50 10.69
C LEU R 909 -11.20 12.13 10.61
N ALA R 910 -11.22 11.50 9.45
CA ALA R 910 -10.66 10.17 9.35
C ALA R 910 -9.14 10.16 9.31
N LYS R 911 -8.50 11.31 9.18
CA LYS R 911 -7.05 11.34 9.32
C LYS R 911 -6.62 11.36 10.76
N TYR R 912 -7.54 11.63 11.69
CA TYR R 912 -7.14 11.61 13.09
C TYR R 912 -7.45 10.28 13.74
N LEU R 913 -8.71 9.91 13.81
CA LEU R 913 -9.10 8.73 14.56
C LEU R 913 -9.09 7.47 13.73
N ASN R 914 -7.98 7.14 13.10
CA ASN R 914 -7.87 5.79 12.60
C ASN R 914 -7.20 4.91 13.63
N THR R 915 -7.00 3.65 13.27
CA THR R 915 -6.33 2.71 14.13
C THR R 915 -5.00 2.25 13.57
N ASP R 916 -4.66 2.64 12.36
CA ASP R 916 -3.39 2.28 11.77
C ASP R 916 -2.56 3.49 11.35
N THR R 917 -3.15 4.45 10.65
CA THR R 917 -2.40 5.58 10.10
C THR R 917 -2.97 6.91 10.55
N GLY R 918 -3.87 6.91 11.51
CA GLY R 918 -4.41 8.16 11.98
C GLY R 918 -3.41 8.96 12.79
N ARG R 919 -3.55 10.28 12.74
CA ARG R 919 -2.59 11.17 13.38
C ARG R 919 -2.63 11.12 14.89
N ILE R 920 -3.58 10.41 15.49
CA ILE R 920 -3.45 10.02 16.89
C ILE R 920 -2.70 8.71 16.99
N ALA R 921 -3.12 7.70 16.24
CA ALA R 921 -2.52 6.40 16.39
C ALA R 921 -1.15 6.31 15.75
N ARG R 922 -0.72 7.32 15.02
CA ARG R 922 0.66 7.42 14.57
C ARG R 922 1.46 8.36 15.44
N PHE R 923 0.86 8.88 16.50
CA PHE R 923 1.68 9.55 17.50
C PHE R 923 2.04 8.61 18.62
N LEU R 924 1.12 7.74 19.02
CA LEU R 924 1.40 6.86 20.13
C LEU R 924 2.39 5.77 19.76
N GLN R 925 2.40 5.34 18.50
CA GLN R 925 3.37 4.35 18.08
C GLN R 925 4.74 4.94 17.80
N ASN R 926 4.92 6.23 17.97
CA ASN R 926 6.23 6.83 17.84
C ASN R 926 6.80 7.31 19.15
N ASN R 927 5.95 7.74 20.07
CA ASN R 927 6.42 8.39 21.29
C ASN R 927 6.11 7.60 22.53
N LEU R 928 5.04 6.82 22.53
CA LEU R 928 4.69 5.99 23.68
C LEU R 928 4.84 4.52 23.37
N SER R 929 5.93 4.15 22.70
CA SER R 929 6.11 2.79 22.24
C SER R 929 6.29 1.79 23.36
N GLY R 930 6.65 2.25 24.55
CA GLY R 930 6.88 1.34 25.64
C GLY R 930 5.73 1.22 26.60
N VAL R 931 5.02 2.32 26.84
CA VAL R 931 4.08 2.39 27.94
C VAL R 931 2.63 2.31 27.51
N LEU R 932 2.35 2.03 26.24
CA LEU R 932 0.97 2.02 25.78
C LEU R 932 0.79 0.94 24.72
N HIS R 933 -0.14 0.02 24.96
CA HIS R 933 -0.40 -1.10 24.07
C HIS R 933 -1.68 -0.91 23.29
N ARG R 934 -1.70 -1.46 22.08
CA ARG R 934 -2.90 -1.46 21.26
C ARG R 934 -3.54 -2.83 21.40
N GLU R 935 -4.16 -3.07 22.54
CA GLU R 935 -4.72 -4.37 22.86
C GLU R 935 -6.17 -4.41 22.44
N GLY R 936 -6.46 -5.19 21.40
CA GLY R 936 -7.82 -5.40 20.98
C GLY R 936 -8.29 -4.23 20.15
N SER R 937 -9.10 -3.38 20.76
CA SER R 937 -9.43 -2.09 20.20
C SER R 937 -9.02 -0.94 21.09
N ARG R 938 -9.04 -1.11 22.40
CA ARG R 938 -8.71 -0.06 23.34
C ARG R 938 -7.20 0.05 23.49
N TRP R 939 -6.77 1.17 24.05
CA TRP R 939 -5.40 1.34 24.49
C TRP R 939 -5.36 1.11 25.98
N VAL R 940 -4.36 0.37 26.45
CA VAL R 940 -4.22 0.09 27.87
C VAL R 940 -2.86 0.58 28.32
N PRO R 941 -2.63 0.85 29.60
CA PRO R 941 -1.27 1.09 30.06
C PRO R 941 -0.49 -0.21 30.05
N ASP R 942 0.76 -0.12 29.63
CA ASP R 942 1.64 -1.27 29.75
C ASP R 942 2.04 -1.39 31.21
N THR R 943 1.91 -2.60 31.76
CA THR R 943 2.15 -2.77 33.20
C THR R 943 3.62 -2.73 33.54
N ILE R 944 4.47 -3.27 32.68
CA ILE R 944 5.91 -3.12 32.84
C ILE R 944 6.27 -1.68 32.51
N ASN R 945 7.39 -1.20 33.06
CA ASN R 945 7.98 0.11 32.77
C ASN R 945 7.06 1.26 33.13
N THR R 946 6.16 1.05 34.09
CA THR R 946 5.25 2.07 34.59
C THR R 946 5.59 2.44 36.02
N ARG R 947 6.88 2.54 36.32
CA ARG R 947 7.31 2.94 37.65
C ARG R 947 7.28 4.46 37.74
N GLY R 948 6.33 4.99 38.48
CA GLY R 948 6.29 6.43 38.71
C GLY R 948 5.84 7.24 37.52
N LEU R 949 5.13 6.64 36.58
CA LEU R 949 4.76 7.30 35.33
C LEU R 949 3.26 7.07 35.14
N THR R 950 2.45 8.03 35.56
CA THR R 950 1.01 7.85 35.64
C THR R 950 0.31 8.59 34.51
N PHE R 951 -0.67 7.94 33.90
CA PHE R 951 -1.47 8.59 32.88
C PHE R 951 -2.56 9.41 33.52
N ASN R 952 -2.94 10.46 32.84
CA ASN R 952 -4.09 11.23 33.29
C ASN R 952 -5.34 10.43 33.01
N PRO R 953 -6.13 10.06 34.02
CA PRO R 953 -7.24 9.12 33.79
C PRO R 953 -8.39 9.68 32.99
N ALA R 954 -8.35 10.95 32.60
CA ALA R 954 -9.22 11.41 31.54
C ALA R 954 -8.63 11.12 30.17
N PHE R 955 -7.31 11.07 30.07
CA PHE R 955 -6.69 10.84 28.77
C PHE R 955 -6.89 9.40 28.32
N LEU R 956 -6.93 8.45 29.23
CA LEU R 956 -7.22 7.09 28.81
C LEU R 956 -8.70 6.91 28.50
N LYS R 957 -9.55 7.72 29.12
CA LYS R 957 -10.96 7.69 28.74
C LYS R 957 -11.17 8.39 27.41
N ALA R 958 -10.28 9.30 27.05
CA ALA R 958 -10.42 10.01 25.79
C ALA R 958 -10.09 9.11 24.62
N ILE R 959 -8.87 8.60 24.56
CA ILE R 959 -8.48 7.88 23.36
C ILE R 959 -8.84 6.41 23.43
N ASN R 960 -9.64 6.02 24.41
CA ASN R 960 -10.41 4.81 24.23
C ASN R 960 -11.78 5.10 23.67
N THR R 961 -12.29 6.32 23.85
CA THR R 961 -13.50 6.71 23.17
C THR R 961 -13.24 6.99 21.70
N LEU R 962 -12.14 7.67 21.42
CA LEU R 962 -11.75 7.90 20.03
C LEU R 962 -11.16 6.69 19.35
N SER R 963 -11.13 5.54 19.99
CA SER R 963 -10.86 4.29 19.31
C SER R 963 -12.00 3.33 19.41
N GLU R 964 -13.14 3.77 19.91
CA GLU R 964 -14.40 3.05 19.72
C GLU R 964 -15.16 3.58 18.52
N ILE R 965 -15.25 4.90 18.36
CA ILE R 965 -15.82 5.50 17.16
C ILE R 965 -15.02 5.12 15.93
N ALA R 966 -13.72 4.86 16.10
CA ALA R 966 -12.91 4.36 15.01
C ALA R 966 -13.35 2.97 14.58
N ASP R 967 -13.92 2.18 15.48
CA ASP R 967 -14.28 0.81 15.17
C ASP R 967 -15.75 0.62 14.83
N VAL R 968 -16.56 1.66 14.96
CA VAL R 968 -17.95 1.57 14.56
C VAL R 968 -18.18 2.26 13.24
N ALA R 969 -17.83 3.53 13.14
CA ALA R 969 -18.15 4.27 11.94
C ALA R 969 -17.03 4.25 10.91
N PHE R 970 -15.79 4.26 11.33
CA PHE R 970 -14.68 4.54 10.41
C PHE R 970 -13.91 3.28 10.07
N THR R 971 -14.62 2.17 9.87
CA THR R 971 -13.98 0.86 9.82
C THR R 971 -13.11 0.69 8.60
N THR R 972 -13.63 1.03 7.43
CA THR R 972 -12.95 0.70 6.19
C THR R 972 -11.77 1.61 5.88
N GLY R 973 -11.50 2.62 6.71
CA GLY R 973 -10.52 3.64 6.41
C GLY R 973 -11.13 4.98 6.07
N ASN R 974 -12.44 5.04 5.96
CA ASN R 974 -13.15 6.26 5.64
C ASN R 974 -14.55 6.14 6.19
N ALA R 975 -15.25 7.26 6.27
CA ALA R 975 -16.48 7.33 7.04
C ALA R 975 -17.60 6.61 6.30
N GLY R 976 -18.07 5.50 6.86
CA GLY R 976 -19.19 4.79 6.27
C GLY R 976 -19.73 3.67 7.13
N LEU R 977 -21.04 3.65 7.34
CA LEU R 977 -21.66 2.58 8.10
C LEU R 977 -23.06 2.34 7.58
N HIS R 978 -23.64 1.22 7.97
CA HIS R 978 -24.94 0.81 7.45
C HIS R 978 -25.83 0.45 8.62
N PHE R 979 -26.91 1.20 8.78
CA PHE R 979 -27.86 0.95 9.84
C PHE R 979 -29.25 0.89 9.25
N GLU R 980 -30.13 0.13 9.88
CA GLU R 980 -31.42 -0.18 9.31
C GLU R 980 -32.52 0.45 10.14
N LEU R 981 -33.45 1.14 9.48
CA LEU R 981 -34.62 1.69 10.14
C LEU R 981 -35.85 0.88 9.78
N ARG R 982 -36.69 0.63 10.76
CA ARG R 982 -38.03 0.16 10.53
C ARG R 982 -39.00 1.22 10.99
N PRO R 983 -39.95 1.62 10.18
CA PRO R 983 -40.89 2.65 10.60
C PRO R 983 -41.83 2.14 11.66
N GLY R 984 -42.45 3.07 12.36
CA GLY R 984 -43.39 2.76 13.41
C GLY R 984 -44.74 3.43 13.15
N THR R 985 -45.67 3.13 14.03
CA THR R 985 -47.03 3.64 13.95
C THR R 985 -47.29 4.60 15.10
N ALA R 986 -48.23 5.51 14.90
CA ALA R 986 -48.58 6.45 15.95
C ALA R 986 -50.03 6.85 15.81
N ALA R 987 -50.58 7.38 16.90
CA ALA R 987 -52.00 7.70 16.91
C ALA R 987 -52.29 8.92 16.07
N GLY R 988 -52.89 8.68 14.91
CA GLY R 988 -53.39 9.78 14.11
C GLY R 988 -52.37 10.45 13.24
N VAL R 989 -51.47 9.70 12.61
CA VAL R 989 -50.50 10.23 11.68
C VAL R 989 -50.63 9.43 10.40
N MET R 990 -50.92 10.09 9.29
CA MET R 990 -51.20 9.37 8.07
C MET R 990 -49.95 8.98 7.31
N GLN R 991 -48.91 9.80 7.34
CA GLN R 991 -47.70 9.50 6.59
C GLN R 991 -46.53 10.24 7.20
N THR R 992 -45.45 9.52 7.46
CA THR R 992 -44.19 10.13 7.88
C THR R 992 -43.17 9.92 6.77
N THR R 993 -42.46 10.98 6.43
CA THR R 993 -41.42 10.90 5.40
C THR R 993 -40.10 11.26 6.05
N LEU R 994 -39.17 10.33 6.04
CA LEU R 994 -37.81 10.62 6.46
C LEU R 994 -36.94 10.55 5.23
N ILE R 995 -36.23 11.63 4.96
CA ILE R 995 -35.29 11.68 3.85
C ILE R 995 -33.92 11.91 4.46
N THR R 996 -32.99 11.02 4.16
CA THR R 996 -31.59 11.27 4.46
C THR R 996 -30.78 11.08 3.19
N ASP R 997 -30.14 12.17 2.76
CA ASP R 997 -29.07 12.14 1.76
C ASP R 997 -29.56 11.60 0.42
N ASN R 998 -30.79 11.99 0.08
CA ASN R 998 -31.56 11.43 -1.04
C ASN R 998 -31.75 9.92 -0.90
N GLN R 999 -32.22 9.48 0.26
CA GLN R 999 -32.77 8.14 0.43
C GLN R 999 -34.08 8.28 1.17
N LYS R 1000 -35.18 7.93 0.52
CA LYS R 1000 -36.49 8.20 1.08
C LYS R 1000 -36.94 7.05 1.94
N LEU R 1001 -37.93 7.34 2.78
CA LEU R 1001 -38.67 6.33 3.52
C LEU R 1001 -40.06 6.91 3.71
N ILE R 1002 -40.99 6.54 2.84
CA ILE R 1002 -42.35 7.04 2.92
C ILE R 1002 -43.21 5.93 3.50
N TYR R 1003 -43.83 6.21 4.63
CA TYR R 1003 -44.58 5.20 5.36
C TYR R 1003 -46.01 5.65 5.53
N VAL R 1004 -46.95 4.96 4.88
CA VAL R 1004 -48.36 5.34 4.90
C VAL R 1004 -49.20 4.30 5.58
N ASN R 1005 -48.61 3.65 6.60
CA ASN R 1005 -49.20 2.58 7.40
C ASN R 1005 -49.54 1.36 6.55
N GLN R 1006 -48.51 0.81 5.92
CA GLN R 1006 -48.59 -0.57 5.44
C GLN R 1006 -47.73 -1.43 6.34
N MET R 1007 -47.64 -2.72 6.01
CA MET R 1007 -46.85 -3.69 6.74
C MET R 1007 -45.38 -3.27 6.77
N PRO R 1008 -44.80 -3.04 7.94
CA PRO R 1008 -43.52 -2.33 8.01
C PRO R 1008 -42.36 -3.23 7.62
N VAL R 1009 -41.39 -2.64 6.95
CA VAL R 1009 -40.20 -3.36 6.47
C VAL R 1009 -38.96 -2.65 6.99
N TRP R 1010 -37.81 -3.17 6.60
CA TRP R 1010 -36.54 -2.59 7.02
C TRP R 1010 -35.83 -1.98 5.83
N LYS R 1011 -35.55 -0.70 5.91
CA LYS R 1011 -34.87 0.03 4.84
C LYS R 1011 -33.45 0.30 5.26
N ARG R 1012 -32.50 -0.38 4.61
CA ARG R 1012 -31.11 -0.34 5.05
C ARG R 1012 -30.46 0.94 4.56
N PHE R 1013 -30.25 1.90 5.47
CA PHE R 1013 -29.71 3.18 5.09
C PHE R 1013 -28.20 3.12 4.94
N THR R 1014 -27.59 4.27 4.71
CA THR R 1014 -26.16 4.39 4.56
C THR R 1014 -25.78 5.82 4.89
N TRP R 1015 -24.83 5.99 5.80
CA TRP R 1015 -24.40 7.32 6.15
C TRP R 1015 -22.89 7.29 6.19
N PRO R 1016 -22.22 8.27 5.60
CA PRO R 1016 -22.73 9.34 4.77
C PRO R 1016 -22.60 9.00 3.32
N ALA R 1017 -23.70 9.02 2.58
CA ALA R 1017 -23.66 8.70 1.17
C ALA R 1017 -23.04 9.85 0.39
N ASP R 1018 -22.49 9.52 -0.77
CA ASP R 1018 -21.85 10.52 -1.63
C ASP R 1018 -22.83 10.94 -2.71
N THR R 1019 -23.81 11.72 -2.29
CA THR R 1019 -24.83 12.24 -3.18
C THR R 1019 -24.70 13.75 -3.29
N GLU R 1020 -25.65 14.36 -3.98
CA GLU R 1020 -25.52 15.73 -4.42
C GLU R 1020 -25.93 16.75 -3.38
N ALA R 1021 -26.85 16.40 -2.49
CA ALA R 1021 -27.32 17.32 -1.45
C ALA R 1021 -27.56 16.52 -0.19
N PRO R 1022 -26.52 16.27 0.60
CA PRO R 1022 -26.68 15.47 1.82
C PRO R 1022 -27.36 16.29 2.91
N GLY R 1023 -28.38 15.70 3.51
CA GLY R 1023 -29.13 16.37 4.54
C GLY R 1023 -30.06 15.38 5.20
N ALA R 1024 -30.92 15.89 6.07
CA ALA R 1024 -31.89 15.07 6.75
C ALA R 1024 -33.14 15.89 6.97
N SER R 1025 -34.29 15.25 6.81
CA SER R 1025 -35.56 15.97 6.88
C SER R 1025 -36.65 15.03 7.31
N LEU R 1026 -37.63 15.56 8.00
CA LEU R 1026 -38.69 14.73 8.57
C LEU R 1026 -40.01 15.48 8.48
N SER R 1027 -40.96 14.91 7.75
CA SER R 1027 -42.24 15.57 7.53
C SER R 1027 -43.37 14.59 7.75
N TRP R 1028 -44.39 15.02 8.48
CA TRP R 1028 -45.46 14.14 8.92
C TRP R 1028 -46.80 14.70 8.50
N VAL R 1029 -47.69 13.82 8.06
CA VAL R 1029 -48.98 14.21 7.52
C VAL R 1029 -50.03 13.84 8.56
N SER R 1030 -50.58 14.85 9.21
CA SER R 1030 -51.55 14.61 10.27
C SER R 1030 -52.88 14.16 9.69
N THR R 1031 -53.82 13.88 10.59
CA THR R 1031 -55.20 13.76 10.19
C THR R 1031 -55.85 15.13 10.07
N GLN R 1032 -55.47 16.04 10.94
CA GLN R 1032 -56.10 17.36 10.98
C GLN R 1032 -55.56 18.27 9.88
N ALA R 1033 -54.25 18.50 9.90
CA ALA R 1033 -53.65 19.51 9.05
C ALA R 1033 -52.77 18.89 7.96
N GLY R 1034 -52.15 19.74 7.16
CA GLY R 1034 -51.27 19.31 6.09
C GLY R 1034 -49.88 18.96 6.60
N THR R 1035 -48.96 18.87 5.67
CA THR R 1035 -47.65 18.34 6.00
C THR R 1035 -46.75 19.41 6.60
N ARG R 1036 -46.65 19.42 7.93
CA ARG R 1036 -45.72 20.31 8.61
C ARG R 1036 -44.46 19.53 8.89
N GLN R 1037 -43.34 19.97 8.34
CA GLN R 1037 -42.11 19.21 8.52
C GLN R 1037 -41.49 19.50 9.88
N TYR R 1038 -40.93 18.46 10.48
CA TYR R 1038 -40.43 18.58 11.84
C TYR R 1038 -39.11 19.33 11.89
N ALA R 1039 -38.18 18.96 11.02
CA ALA R 1039 -36.90 19.63 10.97
C ALA R 1039 -36.31 19.43 9.60
N ASP R 1040 -35.47 20.37 9.18
CA ASP R 1040 -34.81 20.29 7.87
C ASP R 1040 -33.36 20.72 8.06
N LEU R 1041 -32.51 19.74 8.37
CA LEU R 1041 -31.13 20.00 8.78
C LEU R 1041 -30.18 19.57 7.68
N PRO R 1042 -29.69 20.49 6.85
CA PRO R 1042 -28.82 20.12 5.75
C PRO R 1042 -27.39 20.00 6.20
N GLY R 1043 -26.54 19.59 5.28
CA GLY R 1043 -25.15 19.32 5.58
C GLY R 1043 -24.90 17.83 5.74
N SER R 1044 -23.62 17.47 5.74
CA SER R 1044 -23.25 16.07 5.80
C SER R 1044 -23.53 15.46 7.16
N TRP R 1045 -23.57 16.28 8.20
CA TRP R 1045 -23.95 15.84 9.53
C TRP R 1045 -25.41 16.09 9.80
N GLY R 1046 -26.26 15.98 8.78
CA GLY R 1046 -27.67 16.16 9.01
C GLY R 1046 -28.25 15.08 9.89
N LEU R 1047 -27.84 13.84 9.66
CA LEU R 1047 -28.47 12.71 10.31
C LEU R 1047 -28.10 12.64 11.78
N ILE R 1048 -26.92 13.12 12.15
CA ILE R 1048 -26.56 13.12 13.56
C ILE R 1048 -27.33 14.19 14.30
N ARG R 1049 -27.61 15.33 13.66
CA ARG R 1049 -28.44 16.35 14.29
C ARG R 1049 -29.85 15.83 14.52
N LEU R 1050 -30.32 14.98 13.64
CA LEU R 1050 -31.67 14.49 13.76
C LEU R 1050 -31.77 13.45 14.86
N LEU R 1051 -30.76 12.60 15.01
CA LEU R 1051 -30.80 11.65 16.11
C LEU R 1051 -30.49 12.31 17.43
N GLU R 1052 -29.88 13.49 17.42
CA GLU R 1052 -29.65 14.19 18.66
C GLU R 1052 -30.94 14.75 19.23
N MET R 1053 -31.83 15.22 18.36
CA MET R 1053 -33.10 15.78 18.79
C MET R 1053 -34.16 14.71 19.01
N ALA R 1054 -33.79 13.45 19.02
CA ALA R 1054 -34.74 12.39 19.29
C ALA R 1054 -35.02 12.29 20.78
N ARG R 1055 -35.87 11.33 21.13
CA ARG R 1055 -36.04 10.91 22.50
C ARG R 1055 -35.88 9.40 22.49
N ARG R 1056 -34.63 8.94 22.54
CA ARG R 1056 -34.33 7.55 22.30
C ARG R 1056 -34.25 6.79 23.60
N LYS R 1057 -34.51 5.49 23.50
CA LYS R 1057 -34.36 4.59 24.63
C LYS R 1057 -34.00 3.22 24.08
N ALA R 1058 -33.57 2.35 24.98
CA ALA R 1058 -33.21 1.02 24.57
C ALA R 1058 -34.45 0.23 24.20
N ALA R 1059 -34.28 -0.71 23.28
CA ALA R 1059 -35.42 -1.41 22.72
C ALA R 1059 -35.41 -2.85 23.22
N PRO R 1060 -36.36 -3.25 24.03
CA PRO R 1060 -36.36 -4.63 24.50
C PRO R 1060 -36.87 -5.61 23.47
N GLY R 1061 -37.78 -5.15 22.60
CA GLY R 1061 -38.43 -6.06 21.68
C GLY R 1061 -37.55 -6.59 20.58
N VAL R 1062 -36.52 -5.84 20.19
CA VAL R 1062 -35.65 -6.22 19.09
C VAL R 1062 -34.23 -5.97 19.54
N ALA R 1063 -33.31 -6.82 19.13
CA ALA R 1063 -31.92 -6.66 19.50
C ALA R 1063 -31.07 -6.77 18.25
N SER R 1064 -30.10 -5.87 18.09
CA SER R 1064 -29.81 -4.77 19.00
C SER R 1064 -30.47 -3.53 18.50
N GLY R 1065 -31.59 -3.15 19.11
CA GLY R 1065 -32.41 -2.09 18.60
C GLY R 1065 -32.36 -0.82 19.43
N TRP R 1066 -33.01 0.20 18.92
CA TRP R 1066 -33.17 1.46 19.63
C TRP R 1066 -34.45 2.09 19.11
N SER R 1067 -35.39 2.37 20.00
CA SER R 1067 -36.67 2.89 19.57
C SER R 1067 -36.67 4.39 19.68
N LEU R 1068 -36.33 5.07 18.58
CA LEU R 1068 -36.44 6.52 18.56
C LEU R 1068 -37.90 6.93 18.52
N SER R 1069 -38.16 8.11 19.04
CA SER R 1069 -39.49 8.68 18.92
C SER R 1069 -39.35 10.19 18.99
N TRP R 1070 -39.31 10.84 17.84
CA TRP R 1070 -39.33 12.29 17.82
C TRP R 1070 -40.70 12.76 18.18
N GLN R 1071 -40.78 13.77 19.03
CA GLN R 1071 -42.05 14.42 19.30
C GLN R 1071 -42.18 15.58 18.33
N ALA R 1072 -43.17 15.52 17.47
CA ALA R 1072 -43.39 16.62 16.56
C ALA R 1072 -44.14 17.73 17.28
N GLN R 1073 -44.56 18.73 16.53
CA GLN R 1073 -45.49 19.70 17.08
C GLN R 1073 -46.89 19.08 17.17
N ASP R 1074 -47.81 19.83 17.74
CA ASP R 1074 -49.22 19.48 17.89
C ASP R 1074 -49.42 18.20 18.71
N GLY R 1075 -48.46 17.85 19.57
CA GLY R 1075 -48.58 16.69 20.42
C GLY R 1075 -48.55 15.35 19.71
N ARG R 1076 -48.10 15.30 18.47
CA ARG R 1076 -48.04 14.05 17.75
C ARG R 1076 -46.66 13.44 17.84
N MET R 1077 -46.62 12.12 18.00
CA MET R 1077 -45.36 11.38 18.06
C MET R 1077 -45.06 10.78 16.70
N LEU R 1078 -43.78 10.64 16.40
CA LEU R 1078 -43.30 9.96 15.20
C LEU R 1078 -42.38 8.85 15.66
N ASN R 1079 -42.81 7.60 15.55
CA ASN R 1079 -42.06 6.50 16.11
C ASN R 1079 -41.26 5.81 15.03
N TYR R 1080 -40.02 5.47 15.37
CA TYR R 1080 -39.17 4.68 14.48
C TYR R 1080 -38.47 3.64 15.32
N THR R 1081 -37.80 2.71 14.66
CA THR R 1081 -37.13 1.62 15.36
C THR R 1081 -35.82 1.34 14.65
N LEU R 1082 -34.72 1.74 15.25
CA LEU R 1082 -33.41 1.67 14.64
C LEU R 1082 -32.73 0.40 15.09
N ARG R 1083 -32.30 -0.43 14.15
CA ARG R 1083 -31.50 -1.59 14.45
C ARG R 1083 -30.15 -1.40 13.80
N THR R 1084 -29.09 -1.56 14.57
CA THR R 1084 -27.73 -1.36 14.12
C THR R 1084 -27.18 -2.68 13.60
N GLU R 1085 -25.93 -2.67 13.21
CA GLU R 1085 -25.32 -3.93 12.85
C GLU R 1085 -24.17 -4.30 13.79
N ALA R 1086 -23.46 -3.33 14.34
CA ALA R 1086 -22.38 -3.61 15.26
C ALA R 1086 -22.19 -2.44 16.19
N GLY R 1087 -22.14 -2.72 17.48
CA GLY R 1087 -21.94 -1.66 18.43
C GLY R 1087 -23.17 -0.82 18.60
N GLU R 1088 -23.06 0.48 18.35
CA GLU R 1088 -24.17 1.38 18.55
C GLU R 1088 -24.68 2.00 17.26
N GLY R 1089 -24.05 1.73 16.12
CA GLY R 1089 -24.43 2.34 14.86
C GLY R 1089 -24.22 3.82 14.89
N PRO R 1090 -25.06 4.58 14.18
CA PRO R 1090 -24.89 6.03 14.16
C PRO R 1090 -25.39 6.73 15.40
N LEU R 1091 -25.76 6.00 16.45
CA LEU R 1091 -25.86 6.60 17.77
C LEU R 1091 -24.52 6.77 18.44
N VAL R 1092 -23.47 6.13 17.93
CA VAL R 1092 -22.19 6.18 18.62
C VAL R 1092 -21.49 7.51 18.38
N LEU R 1093 -21.90 8.25 17.36
CA LEU R 1093 -21.33 9.57 17.15
C LEU R 1093 -21.85 10.59 18.14
N LEU R 1094 -22.86 10.25 18.92
CA LEU R 1094 -23.25 11.05 20.05
C LEU R 1094 -22.48 10.71 21.31
N LYS R 1095 -21.32 10.08 21.18
CA LYS R 1095 -20.30 10.19 22.22
C LYS R 1095 -19.42 11.39 21.97
N LEU R 1096 -19.45 11.94 20.78
CA LEU R 1096 -18.61 13.07 20.44
C LEU R 1096 -19.18 14.40 20.91
N ARG R 1097 -20.38 14.41 21.46
CA ARG R 1097 -21.00 15.66 21.86
C ARG R 1097 -20.30 16.24 23.08
N ASN R 1098 -19.72 17.43 22.91
CA ASN R 1098 -18.89 18.12 23.89
C ASN R 1098 -17.74 17.23 24.34
N PHE R 1099 -16.92 16.88 23.36
CA PHE R 1099 -15.75 16.04 23.55
C PHE R 1099 -14.53 16.91 23.42
N VAL R 1100 -13.59 16.78 24.34
CA VAL R 1100 -12.41 17.62 24.35
C VAL R 1100 -11.18 16.74 24.57
N LEU R 1101 -10.18 16.92 23.72
CA LEU R 1101 -8.93 16.21 23.92
C LEU R 1101 -8.26 16.75 25.18
N PRO R 1102 -7.72 15.88 26.02
CA PRO R 1102 -7.09 16.35 27.24
C PRO R 1102 -5.73 16.97 26.93
N GLU R 1103 -5.44 18.06 27.62
CA GLU R 1103 -4.20 18.78 27.38
C GLU R 1103 -2.98 18.11 27.97
N THR R 1104 -3.15 17.09 28.81
CA THR R 1104 -2.03 16.51 29.55
C THR R 1104 -2.09 15.01 29.45
N VAL R 1105 -1.03 14.40 28.92
CA VAL R 1105 -0.93 12.96 28.93
C VAL R 1105 -0.57 12.46 30.32
N PHE R 1106 0.60 12.83 30.80
CA PHE R 1106 1.06 12.38 32.10
C PHE R 1106 0.71 13.41 33.16
N GLU R 1107 0.30 12.92 34.33
CA GLU R 1107 -0.07 13.78 35.43
C GLU R 1107 1.11 13.94 36.36
N LEU R 1108 1.36 15.15 36.82
CA LEU R 1108 2.51 15.45 37.67
C LEU R 1108 2.02 16.10 38.96
N SER R 1109 2.26 15.43 40.08
CA SER R 1109 1.93 15.96 41.40
C SER R 1109 2.79 15.31 42.46
N THR S 575 58.58 40.43 65.24
CA THR S 575 59.84 40.18 65.93
C THR S 575 60.07 38.69 66.06
N GLN S 576 59.26 37.91 65.34
CA GLN S 576 59.24 36.46 65.48
C GLN S 576 59.32 35.82 64.11
N ASN S 577 59.81 34.58 64.08
CA ASN S 577 60.05 33.85 62.84
C ASN S 577 59.90 32.37 63.09
N SER S 578 58.78 31.80 62.64
CA SER S 578 58.53 30.36 62.83
C SER S 578 57.54 29.93 61.76
N ASP S 579 58.03 29.12 60.81
CA ASP S 579 57.28 28.42 59.75
C ASP S 579 56.67 29.34 58.70
N ALA S 580 56.74 30.66 58.86
CA ALA S 580 56.18 31.60 57.90
C ALA S 580 57.25 32.44 57.24
N MET S 581 58.06 33.14 58.03
CA MET S 581 59.18 33.89 57.47
C MET S 581 60.30 32.95 57.03
N LEU S 582 60.32 31.73 57.53
CA LEU S 582 61.28 30.73 57.06
C LEU S 582 61.09 30.44 55.59
N TYR S 583 59.86 30.13 55.19
CA TYR S 583 59.60 29.81 53.79
C TYR S 583 59.72 31.04 52.90
N GLN S 584 59.44 32.23 53.43
CA GLN S 584 59.65 33.43 52.64
C GLN S 584 61.12 33.67 52.39
N LYS S 585 61.94 33.51 53.43
CA LYS S 585 63.38 33.66 53.27
C LYS S 585 63.99 32.50 52.52
N MET S 586 63.28 31.38 52.39
CA MET S 586 63.67 30.41 51.38
C MET S 586 63.51 30.99 49.98
N LEU S 587 62.41 31.71 49.75
CA LEU S 587 62.05 32.07 48.39
C LEU S 587 62.88 33.22 47.86
N ALA S 588 63.03 34.28 48.66
CA ALA S 588 63.72 35.49 48.19
C ALA S 588 65.20 35.30 47.98
N ARG S 589 65.77 34.14 48.35
CA ARG S 589 67.14 33.85 47.98
C ARG S 589 67.21 33.03 46.69
N VAL S 590 66.27 32.09 46.51
CA VAL S 590 66.32 31.25 45.33
C VAL S 590 65.64 31.91 44.13
N ALA S 591 64.73 32.87 44.36
CA ALA S 591 64.15 33.63 43.26
C ALA S 591 65.16 34.54 42.57
N HIS S 592 66.35 34.70 43.15
CA HIS S 592 67.42 35.44 42.51
C HIS S 592 67.90 34.75 41.24
N GLN S 593 68.07 33.42 41.29
CA GLN S 593 68.80 32.72 40.24
C GLN S 593 67.96 32.53 38.98
N PHE S 594 66.91 31.74 39.08
CA PHE S 594 66.30 31.16 37.89
C PHE S 594 65.21 32.03 37.32
N ALA S 595 65.20 32.15 35.99
CA ALA S 595 64.21 32.94 35.29
C ALA S 595 62.95 32.12 35.07
N ASP S 596 61.95 32.75 34.45
CA ASP S 596 60.68 32.09 34.20
C ASP S 596 60.82 31.02 33.12
N MET S 597 59.82 30.15 33.05
CA MET S 597 59.81 29.05 32.09
C MET S 597 58.59 29.22 31.19
N ARG S 598 58.81 29.69 29.97
CA ARG S 598 57.70 29.98 29.06
C ARG S 598 57.17 28.70 28.43
N LEU S 599 56.38 28.84 27.37
CA LEU S 599 55.93 27.64 26.70
C LEU S 599 56.99 27.09 25.76
N THR S 600 57.79 27.96 25.15
CA THR S 600 58.68 27.53 24.09
C THR S 600 59.93 26.83 24.63
N ASP S 601 60.35 27.17 25.85
CA ASP S 601 61.43 26.40 26.46
C ASP S 601 60.93 25.13 27.13
N MET S 602 59.62 24.91 27.15
CA MET S 602 59.11 23.56 27.25
C MET S 602 59.19 22.89 25.89
N THR S 603 58.67 21.66 25.82
CA THR S 603 58.47 20.89 24.58
C THR S 603 59.72 20.71 23.72
N GLY S 604 60.90 20.88 24.29
CA GLY S 604 62.13 20.84 23.53
C GLY S 604 62.23 21.95 22.50
N ASP S 605 62.12 21.59 21.23
CA ASP S 605 62.40 22.49 20.12
C ASP S 605 61.20 22.77 19.23
N THR S 606 60.20 21.90 19.25
CA THR S 606 59.22 21.80 18.17
C THR S 606 58.28 23.00 18.13
N ASP S 607 57.44 23.00 17.10
CA ASP S 607 56.53 24.11 16.81
C ASP S 607 55.35 24.01 17.76
N VAL S 608 55.24 24.95 18.70
CA VAL S 608 54.11 24.97 19.61
C VAL S 608 53.22 26.16 19.35
N SER S 609 53.76 27.23 18.75
CA SER S 609 53.00 28.46 18.59
C SER S 609 51.86 28.31 17.60
N ARG S 610 51.87 27.25 16.79
CA ARG S 610 50.72 26.97 15.96
C ARG S 610 49.57 26.35 16.74
N LEU S 611 49.78 25.93 17.98
CA LEU S 611 48.72 25.28 18.75
C LEU S 611 48.24 26.08 19.95
N PHE S 612 49.13 26.49 20.83
CA PHE S 612 48.72 27.05 22.11
C PHE S 612 49.27 28.46 22.27
N PHE S 613 48.39 29.42 22.55
CA PHE S 613 48.79 30.80 22.74
C PHE S 613 48.82 31.18 24.21
N THR S 614 49.34 30.25 25.01
CA THR S 614 49.33 30.30 26.47
C THR S 614 49.95 31.58 27.03
N ASP S 615 49.34 32.10 28.09
CA ASP S 615 49.87 33.15 28.93
C ASP S 615 50.08 32.57 30.33
N GLU S 616 50.37 33.47 31.29
CA GLU S 616 50.57 33.14 32.70
C GLU S 616 51.70 32.14 32.87
N VAL S 617 52.89 32.63 32.55
CA VAL S 617 54.11 31.83 32.61
C VAL S 617 54.43 31.42 34.03
N VAL S 618 54.79 30.15 34.22
CA VAL S 618 55.26 29.65 35.51
C VAL S 618 56.55 30.39 35.87
N PRO S 619 56.73 30.86 37.12
CA PRO S 619 57.81 31.83 37.38
C PRO S 619 59.20 31.26 37.49
N GLY S 620 59.43 30.05 36.99
CA GLY S 620 60.68 29.42 37.29
C GLY S 620 60.58 28.96 38.72
N MET S 621 61.74 28.85 39.38
CA MET S 621 61.90 28.63 40.80
C MET S 621 61.33 27.29 41.27
N PHE S 622 60.86 26.44 40.36
CA PHE S 622 60.10 25.26 40.70
C PHE S 622 60.59 24.00 40.02
N THR S 623 61.30 24.11 38.89
CA THR S 623 61.57 22.99 38.02
C THR S 623 62.55 22.00 38.66
N ARG S 624 62.83 20.91 37.93
CA ARG S 624 63.62 19.83 38.48
C ARG S 624 65.05 20.26 38.80
N GLN S 625 65.63 21.12 37.97
CA GLN S 625 66.95 21.63 38.29
C GLN S 625 66.91 22.63 39.44
N ALA S 626 65.75 23.18 39.76
CA ALA S 626 65.66 24.01 40.94
C ALA S 626 65.44 23.17 42.19
N TRP S 627 65.10 21.89 42.06
CA TRP S 627 64.92 21.10 43.26
C TRP S 627 66.21 20.46 43.72
N GLU S 628 66.93 19.80 42.81
CA GLU S 628 68.20 19.19 43.17
C GLU S 628 69.23 20.26 43.51
N GLU S 629 69.30 21.30 42.70
CA GLU S 629 70.23 22.38 42.91
C GLU S 629 69.49 23.56 43.54
N ALA S 630 70.06 24.08 44.63
CA ALA S 630 69.75 25.37 45.23
C ALA S 630 68.39 25.48 45.89
N VAL S 631 67.72 24.38 46.25
CA VAL S 631 66.77 24.48 47.37
C VAL S 631 67.13 23.43 48.41
N LEU S 632 67.77 22.34 47.98
CA LEU S 632 68.19 21.34 48.95
C LEU S 632 69.41 21.80 49.74
N PRO S 633 70.38 22.53 49.15
CA PRO S 633 71.27 23.28 50.04
C PRO S 633 70.56 24.43 50.72
N SER S 634 69.60 25.07 50.05
CA SER S 634 69.04 26.30 50.57
C SER S 634 68.10 26.04 51.74
N ILE S 635 67.52 24.84 51.83
CA ILE S 635 66.78 24.51 53.04
C ILE S 635 67.75 24.31 54.20
N ASP S 636 68.98 23.90 53.92
CA ASP S 636 69.94 23.66 54.98
C ASP S 636 70.55 24.95 55.52
N THR S 637 70.35 26.08 54.84
CA THR S 637 70.86 27.34 55.36
C THR S 637 69.95 27.95 56.40
N VAL S 638 68.65 27.69 56.31
CA VAL S 638 67.73 28.37 57.22
C VAL S 638 67.42 27.54 58.46
N ILE S 639 67.68 26.23 58.42
CA ILE S 639 67.31 25.38 59.55
C ILE S 639 68.26 25.56 60.74
N ASN S 640 69.54 25.82 60.49
CA ASN S 640 70.44 26.15 61.57
C ASN S 640 70.24 27.57 62.07
N GLU S 641 69.73 28.45 61.22
CA GLU S 641 69.56 29.85 61.57
C GLU S 641 68.25 30.07 62.31
N VAL S 661 62.77 24.69 68.04
CA VAL S 661 62.09 23.74 67.18
C VAL S 661 63.13 22.81 66.56
N SER S 662 62.82 21.52 66.48
CA SER S 662 63.76 20.56 65.92
C SER S 662 63.83 20.73 64.41
N PRO S 663 65.02 20.88 63.83
CA PRO S 663 65.12 21.27 62.42
C PRO S 663 64.76 20.16 61.45
N GLU S 664 65.13 18.90 61.73
CA GLU S 664 64.87 17.81 60.81
C GLU S 664 63.39 17.46 60.71
N ALA S 665 62.58 17.88 61.67
CA ALA S 665 61.13 17.75 61.53
C ALA S 665 60.54 18.90 60.74
N LEU S 666 61.15 20.08 60.77
CA LEU S 666 60.70 21.15 59.89
C LEU S 666 61.10 20.93 58.45
N ARG S 667 62.09 20.08 58.19
CA ARG S 667 62.47 19.78 56.82
C ARG S 667 61.39 18.99 56.10
N GLN S 668 60.51 18.32 56.84
CA GLN S 668 59.28 17.84 56.25
C GLN S 668 58.22 18.93 56.25
N ARG S 669 58.20 19.76 57.28
CA ARG S 669 57.19 20.79 57.40
C ARG S 669 57.50 22.02 56.57
N LEU S 670 58.56 21.98 55.77
CA LEU S 670 58.82 23.03 54.80
C LEU S 670 58.77 22.55 53.37
N THR S 671 59.20 21.31 53.11
CA THR S 671 59.19 20.79 51.74
C THR S 671 57.78 20.53 51.25
N THR S 672 56.93 19.91 52.07
CA THR S 672 55.56 19.70 51.65
C THR S 672 54.78 21.00 51.58
N ARG S 673 55.19 22.03 52.31
CA ARG S 673 54.66 23.35 52.04
C ARG S 673 55.19 23.92 50.74
N TYR S 674 56.39 23.51 50.33
CA TYR S 674 56.90 23.95 49.04
C TYR S 674 56.29 23.13 47.91
N PHE S 675 56.12 21.83 48.12
CA PHE S 675 55.60 20.99 47.05
C PHE S 675 54.15 21.24 46.78
N ALA S 676 53.37 21.57 47.82
CA ALA S 676 51.98 21.95 47.61
C ALA S 676 51.88 23.28 46.90
N ASP S 677 52.91 24.10 46.97
CA ASP S 677 53.00 25.26 46.12
C ASP S 677 53.81 24.98 44.86
N PHE S 678 54.41 23.80 44.74
CA PHE S 678 55.03 23.45 43.47
C PHE S 678 53.98 23.04 42.47
N GLY S 679 53.07 22.16 42.88
CA GLY S 679 51.98 21.77 42.01
C GLY S 679 51.06 22.92 41.69
N ASN S 680 50.71 23.72 42.71
CA ASN S 680 49.75 24.79 42.54
C ASN S 680 50.25 25.94 41.69
N ALA S 681 51.52 25.95 41.29
CA ALA S 681 51.95 26.89 40.27
C ALA S 681 52.03 26.22 38.91
N TRP S 682 52.01 24.90 38.86
CA TRP S 682 51.95 24.23 37.56
C TRP S 682 50.54 24.12 37.06
N LEU S 683 49.59 23.81 37.94
CA LEU S 683 48.21 23.65 37.55
C LEU S 683 47.62 24.94 37.03
N ASN S 684 48.05 26.07 37.56
CA ASN S 684 47.59 27.34 37.02
C ASN S 684 48.40 27.79 35.84
N PHE S 685 49.38 27.00 35.40
CA PHE S 685 49.95 27.21 34.08
C PHE S 685 49.23 26.39 33.03
N LEU S 686 49.10 25.09 33.26
CA LEU S 686 48.52 24.21 32.25
C LEU S 686 47.04 24.45 32.03
N ASN S 687 46.29 24.78 33.09
CA ASN S 687 44.89 25.10 32.89
C ASN S 687 44.69 26.43 32.19
N SER S 688 45.73 27.26 32.12
CA SER S 688 45.58 28.54 31.45
C SER S 688 45.64 28.42 29.94
N LEU S 689 46.16 27.33 29.40
CA LEU S 689 46.46 27.28 27.98
C LEU S 689 45.20 27.08 27.17
N HIS S 690 45.08 27.81 26.08
CA HIS S 690 43.98 27.67 25.14
C HIS S 690 44.51 27.12 23.84
N LEU S 691 43.64 27.04 22.84
CA LEU S 691 44.00 26.45 21.56
C LEU S 691 43.90 27.50 20.46
N ARG S 692 44.81 27.41 19.50
CA ARG S 692 44.89 28.39 18.43
C ARG S 692 43.65 28.32 17.54
N LYS S 693 42.92 29.42 17.49
CA LYS S 693 41.67 29.50 16.75
C LYS S 693 41.95 29.36 15.26
N ALA S 694 41.55 28.24 14.68
CA ALA S 694 41.80 27.95 13.28
C ALA S 694 40.49 27.94 12.52
N GLN S 695 40.59 28.03 11.19
CA GLN S 695 39.41 28.07 10.36
C GLN S 695 39.69 27.50 8.97
N THR S 696 38.62 27.33 8.21
CA THR S 696 38.63 27.02 6.78
C THR S 696 39.28 25.68 6.44
N LEU S 697 39.19 24.69 7.33
CA LEU S 697 39.34 23.26 7.05
C LEU S 697 40.74 22.82 6.63
N SER S 698 41.62 23.74 6.26
CA SER S 698 42.99 23.33 6.07
C SER S 698 43.82 23.62 7.30
N ASP S 699 43.55 24.73 7.97
CA ASP S 699 44.19 24.98 9.25
C ASP S 699 43.68 24.03 10.32
N VAL S 700 42.48 23.50 10.17
CA VAL S 700 42.01 22.48 11.10
C VAL S 700 42.70 21.16 10.82
N THR S 701 42.75 20.75 9.56
CA THR S 701 43.39 19.47 9.27
C THR S 701 44.90 19.54 9.33
N GLU S 702 45.49 20.73 9.39
CA GLU S 702 46.93 20.79 9.60
C GLU S 702 47.26 20.81 11.08
N GLN S 703 46.31 21.20 11.93
CA GLN S 703 46.51 21.01 13.35
C GLN S 703 46.53 19.53 13.69
N LEU S 704 45.64 18.77 13.11
CA LEU S 704 45.55 17.37 13.48
C LEU S 704 46.64 16.52 12.84
N THR S 705 47.34 17.04 11.82
CA THR S 705 48.66 16.50 11.53
C THR S 705 49.59 16.78 12.69
N LEU S 706 49.73 18.06 13.01
CA LEU S 706 50.73 18.51 13.96
C LEU S 706 50.40 18.13 15.38
N MET S 707 49.18 17.73 15.68
CA MET S 707 48.90 17.35 17.05
C MET S 707 49.20 15.88 17.28
N ALA S 708 49.05 15.04 16.26
CA ALA S 708 49.19 13.60 16.43
C ALA S 708 50.36 13.03 15.63
N ASP S 709 51.48 13.71 15.62
CA ASP S 709 52.62 13.29 14.82
C ASP S 709 53.80 13.11 15.76
N VAL S 710 54.16 11.86 16.01
CA VAL S 710 55.32 11.56 16.84
C VAL S 710 56.57 12.03 16.09
N ARG S 711 57.59 12.44 16.86
CA ARG S 711 58.89 13.02 16.53
C ARG S 711 58.80 14.51 16.14
N GLN S 712 57.62 15.05 15.84
CA GLN S 712 57.54 16.50 15.64
C GLN S 712 56.12 16.99 15.98
N SER S 713 55.94 17.36 17.25
CA SER S 713 54.67 17.83 17.77
C SER S 713 54.79 18.29 19.21
N PRO S 714 53.88 19.13 19.67
CA PRO S 714 53.59 19.19 21.10
C PRO S 714 52.76 17.98 21.51
N LEU S 715 52.50 17.90 22.81
CA LEU S 715 51.69 16.87 23.46
C LEU S 715 52.30 15.47 23.44
N VAL S 716 53.44 15.29 22.78
CA VAL S 716 54.38 14.27 23.16
C VAL S 716 55.71 14.88 23.58
N ALA S 717 56.02 16.06 23.07
CA ALA S 717 57.15 16.80 23.61
C ALA S 717 56.76 17.58 24.84
N LEU S 718 55.48 17.95 24.98
CA LEU S 718 55.07 18.60 26.22
C LEU S 718 54.96 17.58 27.33
N MET S 719 54.35 16.43 27.06
CA MET S 719 54.21 15.41 28.09
C MET S 719 55.52 14.71 28.39
N ASN S 720 56.52 14.84 27.52
CA ASN S 720 57.87 14.42 27.92
C ASN S 720 58.40 15.31 29.02
N THR S 721 58.41 16.62 28.80
CA THR S 721 58.86 17.54 29.84
C THR S 721 57.89 17.64 30.99
N LEU S 722 56.65 17.22 30.80
CA LEU S 722 55.77 17.07 31.94
C LEU S 722 56.08 15.82 32.72
N ALA S 723 56.67 14.81 32.08
CA ALA S 723 57.02 13.60 32.80
C ALA S 723 58.28 13.78 33.63
N VAL S 724 59.15 14.70 33.25
CA VAL S 724 60.39 14.85 33.99
C VAL S 724 60.17 15.59 35.29
N GLN S 725 59.07 16.33 35.42
CA GLN S 725 58.80 17.08 36.63
C GLN S 725 57.65 16.49 37.44
N GLY S 726 57.34 15.23 37.18
CA GLY S 726 56.40 14.52 38.03
C GLY S 726 57.16 13.52 38.85
N CYS S 727 58.48 13.60 38.76
CA CYS S 727 59.36 12.68 39.49
C CYS S 727 60.45 13.43 40.25
N THR S 728 60.22 14.69 40.60
CA THR S 728 61.16 15.37 41.47
C THR S 728 60.98 14.85 42.89
N GLY S 729 61.96 15.13 43.74
CA GLY S 729 61.96 14.53 45.05
C GLY S 729 62.66 13.20 45.03
N GLN S 730 61.89 12.12 44.93
CA GLN S 730 62.47 10.80 44.79
C GLN S 730 62.57 10.40 43.32
N HIS S 762 54.90 7.15 43.42
CA HIS S 762 56.33 7.05 43.69
C HIS S 762 56.84 8.32 44.36
N GLY S 763 56.70 9.46 43.67
CA GLY S 763 57.20 10.71 44.17
C GLY S 763 56.33 11.29 45.25
N PRO S 764 56.75 12.45 45.77
CA PRO S 764 55.98 13.09 46.84
C PRO S 764 54.75 13.82 46.32
N LEU S 765 54.86 14.38 45.13
CA LEU S 765 53.74 15.04 44.49
C LEU S 765 53.03 14.15 43.48
N ALA S 766 53.22 12.84 43.58
CA ALA S 766 52.63 11.89 42.66
C ALA S 766 51.12 11.74 42.85
N THR S 767 50.49 12.46 43.76
CA THR S 767 49.05 12.53 43.77
C THR S 767 48.51 13.70 42.98
N THR S 768 49.36 14.62 42.56
CA THR S 768 48.94 15.81 41.84
C THR S 768 49.27 15.74 40.37
N PHE S 769 50.44 15.23 40.02
CA PHE S 769 50.75 14.89 38.64
C PHE S 769 50.43 13.44 38.34
N GLY S 770 49.70 12.79 39.23
CA GLY S 770 49.33 11.39 39.09
C GLY S 770 48.54 11.05 37.87
N PRO S 771 47.38 11.68 37.67
CA PRO S 771 46.57 11.37 36.48
C PRO S 771 47.23 11.67 35.15
N VAL S 772 47.89 12.81 35.01
CA VAL S 772 48.43 13.18 33.70
C VAL S 772 49.62 12.30 33.35
N LEU S 773 50.36 11.84 34.35
CA LEU S 773 51.37 10.83 34.08
C LEU S 773 50.75 9.47 33.81
N ALA S 774 49.51 9.24 34.23
CA ALA S 774 48.90 7.95 33.98
C ALA S 774 48.40 7.80 32.56
N LEU S 775 48.25 8.91 31.84
CA LEU S 775 47.86 8.80 30.44
C LEU S 775 49.04 8.25 29.65
N MET S 776 50.13 9.01 29.58
CA MET S 776 51.28 8.61 28.78
C MET S 776 52.04 7.52 29.52
N ASP S 777 51.45 6.34 29.53
CA ASP S 777 52.10 5.16 30.09
C ASP S 777 52.27 4.06 29.06
N ASN S 778 51.16 3.63 28.44
CA ASN S 778 51.08 2.54 27.47
C ASN S 778 51.62 1.22 28.02
N GLN S 779 51.62 1.07 29.35
CA GLN S 779 51.95 -0.22 29.93
C GLN S 779 50.67 -1.05 30.08
N ASN S 780 49.58 -0.38 30.48
CA ASN S 780 48.16 -0.74 30.39
C ASN S 780 47.89 -2.23 30.61
N ASN S 781 48.19 -2.64 31.85
CA ASN S 781 48.00 -4.03 32.25
C ASN S 781 46.53 -4.45 32.22
N SER S 782 45.61 -3.48 32.24
CA SER S 782 44.21 -3.73 31.97
C SER S 782 43.90 -3.85 30.49
N ALA S 783 44.74 -3.28 29.62
CA ALA S 783 44.61 -3.24 28.16
C ALA S 783 43.34 -2.56 27.68
N ASP S 784 42.70 -1.73 28.52
CA ASP S 784 41.59 -0.90 28.07
C ASP S 784 41.64 0.47 28.74
N MET S 785 42.84 1.01 28.94
CA MET S 785 42.95 2.33 29.53
C MET S 785 42.69 3.40 28.49
N LEU S 786 42.98 4.65 28.86
CA LEU S 786 42.64 5.77 27.99
C LEU S 786 43.86 6.40 27.33
N ASN S 787 44.97 6.47 28.03
CA ASN S 787 46.28 6.13 27.48
C ASN S 787 46.92 7.14 26.52
N LEU S 788 46.18 8.08 25.95
CA LEU S 788 46.66 9.19 25.10
C LEU S 788 47.38 8.78 23.82
N GLN S 789 47.83 7.54 23.72
CA GLN S 789 47.68 6.78 22.50
C GLN S 789 46.29 6.18 22.59
N THR S 790 45.81 5.69 21.45
CA THR S 790 44.39 5.44 21.19
C THR S 790 43.56 6.68 21.46
N TYR S 791 44.15 7.82 21.33
CA TYR S 791 43.54 9.10 21.05
C TYR S 791 44.25 9.77 19.91
N LEU S 792 45.57 9.66 19.85
CA LEU S 792 46.31 10.20 18.72
C LEU S 792 46.30 9.27 17.54
N THR S 793 45.88 8.02 17.72
CA THR S 793 45.46 7.25 16.56
C THR S 793 43.95 7.26 16.44
N ARG S 794 43.27 7.97 17.32
CA ARG S 794 41.86 8.23 17.10
C ARG S 794 41.66 9.57 16.44
N VAL S 795 42.45 10.57 16.78
CA VAL S 795 42.27 11.85 16.12
C VAL S 795 42.87 11.79 14.72
N THR S 796 43.82 10.91 14.47
CA THR S 796 44.37 10.89 13.13
C THR S 796 43.57 10.02 12.19
N GLN S 797 42.60 9.26 12.68
CA GLN S 797 41.64 8.66 11.78
C GLN S 797 40.41 9.53 11.60
N VAL S 798 40.38 10.67 12.28
CA VAL S 798 39.45 11.71 11.89
C VAL S 798 40.06 12.57 10.81
N ARG S 799 41.34 12.87 10.94
CA ARG S 799 42.04 13.66 9.95
C ARG S 799 42.09 12.96 8.60
N LEU S 800 42.34 11.66 8.60
CA LEU S 800 42.31 10.91 7.35
C LEU S 800 40.93 10.88 6.72
N ARG S 801 39.88 11.05 7.51
CA ARG S 801 38.59 11.28 6.88
C ARG S 801 38.56 12.65 6.23
N LEU S 802 39.15 13.65 6.86
CA LEU S 802 39.09 14.98 6.28
C LEU S 802 40.15 15.24 5.22
N GLN S 803 40.91 14.23 4.81
CA GLN S 803 41.69 14.37 3.60
C GLN S 803 41.05 13.66 2.43
N GLN S 804 40.23 12.64 2.71
CA GLN S 804 39.36 12.11 1.68
C GLN S 804 38.34 13.14 1.24
N ILE S 805 37.92 14.01 2.15
CA ILE S 805 36.92 15.01 1.79
C ILE S 805 37.56 16.12 0.98
N ALA S 806 38.48 16.87 1.59
CA ALA S 806 38.84 18.22 1.18
C ALA S 806 39.40 18.28 -0.23
N GLY S 807 40.08 17.23 -0.67
CA GLY S 807 40.30 17.03 -2.08
C GLY S 807 39.83 15.63 -2.43
N SER S 808 39.67 15.41 -3.73
CA SER S 808 39.53 14.09 -4.33
C SER S 808 38.33 13.31 -3.78
N SER S 809 37.11 13.73 -4.15
CA SER S 809 36.76 14.73 -5.15
C SER S 809 35.39 15.19 -4.76
N ASP S 810 34.97 16.33 -5.29
CA ASP S 810 33.64 16.90 -5.11
C ASP S 810 33.20 17.02 -3.64
N PRO S 811 33.92 17.79 -2.84
CA PRO S 811 33.83 17.62 -1.39
C PRO S 811 32.57 18.13 -0.75
N GLN S 812 31.88 19.10 -1.36
CA GLN S 812 30.63 19.57 -0.78
C GLN S 812 29.60 18.47 -0.78
N ALA S 813 29.66 17.58 -1.77
CA ALA S 813 28.79 16.42 -1.78
C ALA S 813 29.09 15.51 -0.61
N MET S 814 30.37 15.29 -0.32
CA MET S 814 30.70 14.36 0.76
C MET S 814 30.50 14.99 2.12
N MET S 815 30.60 16.32 2.20
CA MET S 815 30.60 16.96 3.50
C MET S 815 29.22 16.92 4.13
N GLN S 816 28.18 17.00 3.30
CA GLN S 816 26.84 16.78 3.80
C GLN S 816 26.71 15.37 4.32
N LEU S 817 27.18 14.40 3.55
CA LEU S 817 27.02 12.99 3.87
C LEU S 817 27.80 12.56 5.10
N LEU S 818 28.75 13.38 5.55
CA LEU S 818 29.24 13.23 6.91
C LEU S 818 28.35 13.97 7.88
N ALA S 819 28.04 15.23 7.60
CA ALA S 819 27.31 16.04 8.56
C ALA S 819 25.85 15.69 8.63
N GLN S 820 25.37 14.83 7.76
CA GLN S 820 23.99 14.38 7.87
C GLN S 820 23.88 13.22 8.84
N THR S 821 24.89 12.37 8.90
CA THR S 821 24.79 11.19 9.73
C THR S 821 25.31 11.41 11.14
N VAL S 822 25.72 12.63 11.46
CA VAL S 822 25.92 12.98 12.86
C VAL S 822 24.64 13.51 13.48
N LEU S 823 23.86 14.25 12.70
CA LEU S 823 22.66 14.86 13.23
C LEU S 823 21.54 13.87 13.52
N GLN S 824 21.61 12.66 12.99
CA GLN S 824 20.65 11.63 13.33
C GLN S 824 21.28 10.44 14.05
N GLY S 825 22.40 9.92 13.55
CA GLY S 825 22.96 8.68 14.03
C GLY S 825 24.10 8.86 14.99
N LYS S 826 25.10 7.99 14.85
CA LYS S 826 26.27 7.95 15.72
C LYS S 826 27.30 7.13 14.98
N SER S 827 28.55 7.13 15.49
CA SER S 827 29.67 6.31 15.03
C SER S 827 30.03 6.65 13.58
N VAL S 828 30.48 7.87 13.39
CA VAL S 828 30.89 8.33 12.08
C VAL S 828 32.36 8.00 11.73
N ASP S 829 33.41 8.39 12.48
CA ASP S 829 33.47 8.84 13.88
C ASP S 829 34.08 10.20 14.11
N LEU S 830 33.26 11.22 13.97
CA LEU S 830 33.58 12.52 14.51
C LEU S 830 32.79 12.80 15.76
N THR S 831 31.71 12.07 15.97
CA THR S 831 30.96 12.14 17.20
C THR S 831 31.42 11.13 18.22
N ASP S 832 32.34 10.24 17.85
CA ASP S 832 32.78 9.24 18.80
C ASP S 832 34.06 9.65 19.51
N THR S 833 34.98 10.30 18.78
CA THR S 833 36.22 10.73 19.36
C THR S 833 36.00 11.85 20.38
N ARG S 834 35.02 12.70 20.12
CA ARG S 834 34.58 13.66 21.14
C ARG S 834 34.03 12.94 22.35
N ASP S 835 33.31 11.83 22.14
CA ASP S 835 32.85 11.04 23.27
C ASP S 835 33.90 10.06 23.77
N TYR S 836 35.08 10.02 23.16
CA TYR S 836 36.23 9.43 23.79
C TYR S 836 37.13 10.48 24.43
N GLY S 837 37.27 11.63 23.78
CA GLY S 837 38.16 12.64 24.31
C GLY S 837 37.63 13.23 25.60
N SER S 838 36.32 13.42 25.70
CA SER S 838 35.77 13.94 26.93
C SER S 838 35.82 12.89 28.03
N LEU S 839 35.85 11.61 27.67
CA LEU S 839 35.89 10.56 28.66
C LEU S 839 37.20 10.51 29.41
N THR S 840 38.33 10.79 28.74
CA THR S 840 39.58 10.89 29.46
C THR S 840 39.60 12.15 30.30
N ALA S 841 39.16 13.26 29.71
CA ALA S 841 39.35 14.57 30.32
C ALA S 841 38.45 14.74 31.53
N ALA S 842 37.28 14.14 31.51
CA ALA S 842 36.48 14.16 32.72
C ALA S 842 36.99 13.17 33.73
N GLY S 843 37.79 12.21 33.31
CA GLY S 843 38.34 11.29 34.27
C GLY S 843 39.60 11.77 34.95
N LEU S 844 40.15 12.91 34.53
CA LEU S 844 41.43 13.34 35.08
C LEU S 844 41.35 13.72 36.55
N GLY S 845 40.79 14.87 36.87
CA GLY S 845 40.63 15.14 38.29
C GLY S 845 39.56 16.09 38.73
N GLN S 846 38.85 16.72 37.78
CA GLN S 846 38.00 17.91 38.02
C GLN S 846 38.79 19.02 38.72
N GLU S 847 40.08 19.01 38.51
CA GLU S 847 41.13 19.89 38.97
C GLU S 847 42.02 20.28 37.81
N TRP S 848 42.21 19.38 36.86
CA TRP S 848 42.80 19.67 35.57
C TRP S 848 41.75 20.09 34.54
N TYR S 849 40.56 20.44 35.00
CA TYR S 849 39.57 21.07 34.14
C TYR S 849 40.14 22.34 33.57
N GLY S 850 39.89 22.56 32.28
CA GLY S 850 40.54 23.64 31.58
C GLY S 850 41.80 23.22 30.85
N PHE S 851 42.47 22.19 31.34
CA PHE S 851 43.48 21.56 30.51
C PHE S 851 42.90 20.36 29.80
N GLY S 852 42.12 19.56 30.51
CA GLY S 852 41.43 18.46 29.87
C GLY S 852 40.43 18.93 28.85
N GLN S 853 39.78 20.06 29.12
CA GLN S 853 38.87 20.63 28.14
C GLN S 853 39.63 21.25 26.98
N THR S 854 40.90 21.59 27.18
CA THR S 854 41.58 22.27 26.10
C THR S 854 42.12 21.29 25.07
N VAL S 855 42.77 20.22 25.50
CA VAL S 855 43.49 19.40 24.54
C VAL S 855 42.77 18.11 24.19
N PHE S 856 41.72 17.75 24.90
CA PHE S 856 41.06 16.49 24.62
C PHE S 856 39.73 16.62 23.91
N VAL S 857 38.94 17.65 24.21
CA VAL S 857 37.66 17.81 23.55
C VAL S 857 37.63 18.97 22.56
N ARG S 858 38.34 20.06 22.83
CA ARG S 858 38.32 21.22 21.93
C ARG S 858 38.85 20.94 20.53
N PRO S 859 40.03 20.33 20.31
CA PRO S 859 40.52 20.23 18.93
C PRO S 859 39.80 19.21 18.10
N MET S 860 38.90 18.44 18.67
CA MET S 860 37.99 17.65 17.85
C MET S 860 36.70 18.41 17.57
N GLU S 861 36.19 19.10 18.58
CA GLU S 861 35.02 19.95 18.43
C GLU S 861 35.27 21.11 17.48
N GLN S 862 36.53 21.51 17.29
CA GLN S 862 36.80 22.55 16.32
C GLN S 862 36.57 22.09 14.90
N ALA S 863 36.64 20.79 14.63
CA ALA S 863 36.33 20.32 13.30
C ALA S 863 34.84 20.33 13.03
N TRP S 864 34.04 20.20 14.08
CA TRP S 864 32.60 20.13 13.87
C TRP S 864 32.02 21.46 13.46
N GLN S 865 32.47 22.56 14.07
CA GLN S 865 32.08 23.89 13.60
C GLN S 865 32.63 24.18 12.22
N GLN S 866 33.68 23.49 11.82
CA GLN S 866 34.28 23.64 10.51
C GLN S 866 33.61 22.82 9.45
N VAL S 867 32.98 21.69 9.82
CA VAL S 867 32.37 20.80 8.86
C VAL S 867 30.90 21.14 8.63
N LEU S 868 30.40 22.18 9.28
CA LEU S 868 28.98 22.47 9.19
C LEU S 868 28.66 23.43 8.06
N THR S 869 29.26 24.61 8.09
CA THR S 869 28.99 25.64 7.09
C THR S 869 29.35 25.30 5.64
N PRO S 870 30.24 24.38 5.32
CA PRO S 870 30.22 23.87 3.95
C PRO S 870 29.06 22.93 3.70
N ALA S 871 28.75 22.04 4.64
CA ALA S 871 27.68 21.09 4.40
C ALA S 871 26.31 21.73 4.44
N ALA S 872 26.17 22.87 5.11
CA ALA S 872 24.94 23.61 5.01
C ALA S 872 24.76 24.23 3.63
N GLU S 873 25.85 24.47 2.91
CA GLU S 873 25.70 24.94 1.56
C GLU S 873 25.26 23.81 0.64
N SER S 874 25.66 22.58 0.92
CA SER S 874 25.31 21.49 0.03
C SER S 874 23.84 21.12 0.09
N LEU S 875 23.14 21.53 1.13
CA LEU S 875 21.68 21.43 1.13
C LEU S 875 21.03 22.55 0.36
N ASN S 876 21.77 23.55 -0.10
CA ASN S 876 21.15 24.52 -1.00
C ASN S 876 21.25 24.04 -2.43
N ALA S 877 22.34 23.39 -2.79
CA ALA S 877 22.45 22.90 -4.15
C ALA S 877 21.91 21.50 -4.33
N ARG S 878 21.34 20.91 -3.28
CA ARG S 878 20.52 19.73 -3.44
C ARG S 878 19.08 20.00 -3.06
N TRP S 879 18.69 21.26 -3.09
CA TRP S 879 17.30 21.66 -3.05
C TRP S 879 16.92 22.46 -4.26
N ARG S 880 17.85 23.18 -4.87
CA ARG S 880 17.51 23.83 -6.12
C ARG S 880 17.65 22.89 -7.31
N THR S 881 18.27 21.74 -7.13
CA THR S 881 18.30 20.75 -8.20
C THR S 881 17.54 19.50 -7.85
N ALA S 882 16.68 19.52 -6.85
CA ALA S 882 15.87 18.36 -6.54
C ALA S 882 14.41 18.69 -6.36
N VAL S 883 14.06 19.89 -5.96
CA VAL S 883 12.68 20.33 -5.85
C VAL S 883 12.40 21.53 -6.73
N VAL S 884 13.20 22.59 -6.59
CA VAL S 884 12.92 23.84 -7.28
C VAL S 884 13.11 23.70 -8.78
N ASP S 885 14.11 22.95 -9.23
CA ASP S 885 14.15 22.67 -10.66
C ASP S 885 13.28 21.51 -11.07
N GLY S 886 12.34 21.08 -10.25
CA GLY S 886 11.26 20.26 -10.74
C GLY S 886 10.00 21.08 -10.70
N TRP S 887 9.90 21.92 -9.68
CA TRP S 887 8.72 22.73 -9.49
C TRP S 887 8.65 23.83 -10.52
N ASN S 888 9.75 24.55 -10.72
CA ASN S 888 9.76 25.59 -11.73
C ASN S 888 9.69 25.01 -13.13
N ASN S 889 10.11 23.76 -13.31
CA ASN S 889 10.08 23.19 -14.65
C ASN S 889 8.69 22.82 -15.09
N ALA S 890 7.72 22.78 -14.18
CA ALA S 890 6.37 22.42 -14.54
C ALA S 890 5.35 23.50 -14.24
N PHE S 891 5.58 24.38 -13.27
CA PHE S 891 4.62 25.40 -12.90
C PHE S 891 5.20 26.80 -13.01
N SER S 892 6.01 27.05 -14.04
CA SER S 892 6.43 28.41 -14.33
C SER S 892 5.43 29.03 -15.29
N GLY S 893 4.72 30.05 -14.84
CA GLY S 893 3.81 30.74 -15.73
C GLY S 893 2.54 29.97 -15.98
N ARG S 894 1.95 29.48 -14.90
CA ARG S 894 0.64 28.88 -14.96
C ARG S 894 -0.19 29.48 -13.85
N TYR S 895 -1.48 29.62 -14.11
CA TYR S 895 -2.39 30.01 -13.06
C TYR S 895 -2.45 28.88 -12.05
N PRO S 896 -2.55 29.17 -10.76
CA PRO S 896 -2.59 30.46 -10.07
C PRO S 896 -1.27 30.95 -9.56
N PHE S 897 -0.17 30.54 -10.17
CA PHE S 897 1.09 31.15 -9.80
C PHE S 897 1.28 32.48 -10.52
N LYS S 898 1.34 32.45 -11.83
CA LYS S 898 1.39 33.67 -12.62
C LYS S 898 0.06 33.88 -13.30
N ASN S 899 -0.40 35.13 -13.35
CA ASN S 899 -1.74 35.44 -13.83
C ASN S 899 -1.80 35.32 -15.34
N VAL S 900 -1.90 34.09 -15.83
CA VAL S 900 -1.97 33.86 -17.26
C VAL S 900 -3.16 32.99 -17.60
N SER S 901 -3.26 32.62 -18.87
CA SER S 901 -4.42 31.87 -19.32
C SER S 901 -4.34 30.40 -18.92
N SER S 902 -3.15 29.79 -19.02
CA SER S 902 -3.04 28.35 -18.85
C SER S 902 -3.23 27.93 -17.40
N ASP S 903 -3.25 26.63 -17.18
CA ASP S 903 -3.59 26.08 -15.87
C ASP S 903 -2.46 25.21 -15.36
N ALA S 904 -2.23 25.27 -14.05
CA ALA S 904 -1.39 24.28 -13.42
C ALA S 904 -2.08 22.93 -13.46
N SER S 905 -1.29 21.87 -13.43
CA SER S 905 -1.83 20.54 -13.60
C SER S 905 -2.11 19.94 -12.23
N LEU S 906 -3.38 19.65 -11.96
CA LEU S 906 -3.77 19.16 -10.65
C LEU S 906 -3.20 17.79 -10.26
N PRO S 907 -3.25 16.74 -11.10
CA PRO S 907 -2.67 15.47 -10.63
C PRO S 907 -1.18 15.47 -10.57
N LEU S 908 -0.54 16.45 -11.19
CA LEU S 908 0.88 16.70 -10.98
C LEU S 908 1.13 17.58 -9.78
N LEU S 909 0.14 18.39 -9.39
CA LEU S 909 0.32 19.21 -8.20
C LEU S 909 0.28 18.36 -6.95
N ALA S 910 -0.52 17.31 -6.93
CA ALA S 910 -0.60 16.52 -5.72
C ALA S 910 0.58 15.58 -5.55
N LYS S 911 1.47 15.47 -6.52
CA LYS S 911 2.70 14.75 -6.30
C LYS S 911 3.73 15.60 -5.59
N TYR S 912 3.52 16.91 -5.52
CA TYR S 912 4.49 17.72 -4.81
C TYR S 912 4.06 17.96 -3.38
N LEU S 913 2.94 18.64 -3.19
CA LEU S 913 2.53 19.03 -1.85
C LEU S 913 1.67 18.01 -1.16
N ASN S 914 2.15 16.78 -1.01
CA ASN S 914 1.48 15.91 -0.07
C ASN S 914 2.13 16.02 1.29
N THR S 915 1.67 15.18 2.22
CA THR S 915 2.23 15.14 3.55
C THR S 915 2.91 13.83 3.86
N ASP S 916 2.78 12.84 2.99
CA ASP S 916 3.42 11.54 3.20
C ASP S 916 4.35 11.15 2.07
N THR S 917 3.91 11.28 0.82
CA THR S 917 4.69 10.79 -0.32
C THR S 917 4.96 11.89 -1.34
N GLY S 918 4.65 13.13 -1.02
CA GLY S 918 4.90 14.21 -1.95
C GLY S 918 6.39 14.49 -2.10
N ARG S 919 6.75 14.96 -3.29
CA ARG S 919 8.15 15.18 -3.62
C ARG S 919 8.78 16.33 -2.85
N ILE S 920 8.01 17.11 -2.09
CA ILE S 920 8.60 17.96 -1.07
C ILE S 920 8.75 17.20 0.22
N ALA S 921 7.69 16.54 0.68
CA ALA S 921 7.75 15.88 1.96
C ALA S 921 8.53 14.59 1.93
N ARG S 922 8.93 14.12 0.76
CA ARG S 922 9.87 13.02 0.65
C ARG S 922 11.27 13.52 0.39
N PHE S 923 11.47 14.82 0.32
CA PHE S 923 12.82 15.32 0.33
C PHE S 923 13.28 15.66 1.73
N LEU S 924 12.38 16.20 2.55
CA LEU S 924 12.79 16.59 3.89
C LEU S 924 12.99 15.40 4.79
N GLN S 925 12.30 14.30 4.54
CA GLN S 925 12.52 13.10 5.35
C GLN S 925 13.71 12.29 4.89
N ASN S 926 14.45 12.77 3.90
CA ASN S 926 15.68 12.12 3.51
C ASN S 926 16.90 12.95 3.79
N ASN S 927 16.78 14.27 3.73
CA ASN S 927 17.95 15.14 3.80
C ASN S 927 17.97 16.00 5.05
N LEU S 928 16.81 16.34 5.58
CA LEU S 928 16.74 17.13 6.81
C LEU S 928 16.18 16.31 7.95
N SER S 929 16.62 15.07 8.09
CA SER S 929 16.04 14.15 9.06
C SER S 929 16.29 14.57 10.50
N GLY S 930 17.28 15.40 10.75
CA GLY S 930 17.58 15.77 12.10
C GLY S 930 17.06 17.14 12.50
N VAL S 931 17.02 18.07 11.56
CA VAL S 931 16.81 19.47 11.88
C VAL S 931 15.41 19.95 11.57
N LEU S 932 14.50 19.08 11.14
CA LEU S 932 13.17 19.52 10.77
C LEU S 932 12.14 18.47 11.17
N HIS S 933 11.15 18.89 11.96
CA HIS S 933 10.13 17.99 12.48
C HIS S 933 8.80 18.22 11.81
N ARG S 934 8.03 17.15 11.66
CA ARG S 934 6.68 17.23 11.12
C ARG S 934 5.71 17.22 12.29
N GLU S 935 5.64 18.34 12.99
CA GLU S 935 4.82 18.44 14.19
C GLU S 935 3.43 18.94 13.79
N GLY S 936 2.43 18.09 13.99
CA GLY S 936 1.06 18.49 13.78
C GLY S 936 0.74 18.53 12.31
N SER S 937 0.71 19.74 11.76
CA SER S 937 0.65 19.94 10.32
C SER S 937 1.82 20.74 9.79
N ARG S 938 2.35 21.68 10.55
CA ARG S 938 3.44 22.52 10.11
C ARG S 938 4.77 21.81 10.27
N TRP S 939 5.80 22.41 9.70
CA TRP S 939 7.16 21.99 9.94
C TRP S 939 7.80 23.01 10.88
N VAL S 940 8.53 22.52 11.87
CA VAL S 940 9.19 23.42 12.82
C VAL S 940 10.68 23.16 12.74
N PRO S 941 11.54 24.09 13.13
CA PRO S 941 12.94 23.74 13.31
C PRO S 941 13.10 22.90 14.55
N ASP S 942 13.92 21.87 14.45
CA ASP S 942 14.25 21.08 15.63
C ASP S 942 15.19 21.90 16.49
N THR S 943 14.90 21.99 17.78
CA THR S 943 15.69 22.86 18.65
C THR S 943 17.05 22.29 18.96
N ILE S 944 17.16 20.98 19.10
CA ILE S 944 18.45 20.33 19.23
C ILE S 944 19.12 20.35 17.87
N ASN S 945 20.45 20.26 17.85
CA ASN S 945 21.28 20.17 16.65
C ASN S 945 21.13 21.36 15.72
N THR S 946 20.75 22.51 16.26
CA THR S 946 20.61 23.75 15.51
C THR S 946 21.68 24.76 15.92
N ARG S 947 22.88 24.27 16.18
CA ARG S 947 23.98 25.16 16.52
C ARG S 947 24.58 25.72 15.25
N GLY S 948 24.36 27.01 15.01
CA GLY S 948 24.95 27.66 13.87
C GLY S 948 24.37 27.27 12.53
N LEU S 949 23.15 26.77 12.50
CA LEU S 949 22.52 26.25 11.29
C LEU S 949 21.14 26.87 11.19
N THR S 950 21.01 27.96 10.46
CA THR S 950 19.80 28.77 10.47
C THR S 950 19.02 28.58 9.18
N PHE S 951 17.70 28.47 9.30
CA PHE S 951 16.85 28.38 8.13
C PHE S 951 16.56 29.76 7.60
N ASN S 952 16.34 29.83 6.31
CA ASN S 952 15.91 31.07 5.71
C ASN S 952 14.46 31.31 6.11
N PRO S 953 14.13 32.39 6.81
CA PRO S 953 12.78 32.53 7.36
C PRO S 953 11.70 32.77 6.33
N ALA S 954 12.03 32.88 5.05
CA ALA S 954 11.02 32.74 4.02
C ALA S 954 10.78 31.28 3.69
N PHE S 955 11.78 30.42 3.89
CA PHE S 955 11.60 29.02 3.54
C PHE S 955 10.68 28.32 4.52
N LEU S 956 10.73 28.68 5.79
CA LEU S 956 9.76 28.09 6.72
C LEU S 956 8.38 28.67 6.52
N LYS S 957 8.29 29.89 6.03
CA LYS S 957 6.99 30.43 5.68
C LYS S 957 6.46 29.79 4.41
N ALA S 958 7.36 29.30 3.56
CA ALA S 958 6.93 28.68 2.32
C ALA S 958 6.33 27.30 2.58
N ILE S 959 7.09 26.40 3.17
CA ILE S 959 6.59 25.03 3.26
C ILE S 959 5.81 24.80 4.54
N ASN S 960 5.45 25.87 5.24
CA ASN S 960 4.27 25.78 6.09
C ASN S 960 3.03 26.22 5.37
N THR S 961 3.16 27.05 4.34
CA THR S 961 2.02 27.37 3.50
C THR S 961 1.71 26.22 2.56
N LEU S 962 2.74 25.62 1.98
CA LEU S 962 2.54 24.46 1.13
C LEU S 962 2.22 23.19 1.87
N SER S 963 2.17 23.22 3.20
CA SER S 963 1.61 22.12 3.96
C SER S 963 0.38 22.54 4.74
N GLU S 964 -0.15 23.71 4.44
CA GLU S 964 -1.46 24.13 4.92
C GLU S 964 -2.50 24.08 3.83
N ILE S 965 -2.10 24.28 2.58
CA ILE S 965 -2.97 23.94 1.46
C ILE S 965 -3.16 22.45 1.39
N ALA S 966 -2.15 21.68 1.79
CA ALA S 966 -2.21 20.23 1.69
C ALA S 966 -3.24 19.63 2.64
N ASP S 967 -3.58 20.32 3.71
CA ASP S 967 -4.57 19.82 4.65
C ASP S 967 -5.95 20.40 4.43
N VAL S 968 -6.14 21.24 3.43
CA VAL S 968 -7.47 21.71 3.09
C VAL S 968 -7.94 21.11 1.79
N ALA S 969 -7.16 21.26 0.73
CA ALA S 969 -7.61 20.78 -0.55
C ALA S 969 -7.24 19.33 -0.82
N PHE S 970 -6.01 18.93 -0.47
CA PHE S 970 -5.47 17.66 -0.96
C PHE S 970 -5.47 16.60 0.12
N THR S 971 -6.54 16.52 0.91
CA THR S 971 -6.53 15.70 2.11
C THR S 971 -6.46 14.21 1.78
N THR S 972 -7.31 13.76 0.89
CA THR S 972 -7.45 12.33 0.66
C THR S 972 -6.31 11.72 -0.14
N GLY S 973 -5.36 12.52 -0.61
CA GLY S 973 -4.32 12.07 -1.51
C GLY S 973 -4.46 12.59 -2.91
N ASN S 974 -5.52 13.34 -3.19
CA ASN S 974 -5.78 13.90 -4.50
C ASN S 974 -6.69 15.10 -4.33
N ALA S 975 -6.88 15.85 -5.40
CA ALA S 975 -7.55 17.14 -5.32
C ALA S 975 -9.04 16.94 -5.09
N GLY S 976 -9.53 17.31 -3.91
CA GLY S 976 -10.95 17.22 -3.65
C GLY S 976 -11.39 17.88 -2.36
N LEU S 977 -12.40 18.72 -2.43
CA LEU S 977 -12.94 19.36 -1.24
C LEU S 977 -14.40 19.69 -1.48
N HIS S 978 -15.10 20.01 -0.41
CA HIS S 978 -16.54 20.24 -0.49
C HIS S 978 -16.88 21.53 0.23
N PHE S 979 -17.33 22.53 -0.51
CA PHE S 979 -17.76 23.78 0.07
C PHE S 979 -19.21 24.00 -0.27
N GLU S 980 -19.92 24.69 0.61
CA GLU S 980 -21.35 24.88 0.45
C GLU S 980 -21.63 26.34 0.15
N LEU S 981 -22.39 26.60 -0.91
CA LEU S 981 -22.81 27.94 -1.26
C LEU S 981 -24.27 28.13 -0.92
N ARG S 982 -24.60 29.30 -0.38
CA ARG S 982 -25.97 29.72 -0.24
C ARG S 982 -26.16 30.98 -1.05
N PRO S 983 -27.15 31.03 -1.92
CA PRO S 983 -27.34 32.22 -2.75
C PRO S 983 -27.82 33.38 -1.91
N GLY S 984 -27.65 34.58 -2.48
CA GLY S 984 -28.06 35.80 -1.83
C GLY S 984 -29.01 36.59 -2.71
N THR S 985 -29.48 37.69 -2.16
CA THR S 985 -30.44 38.56 -2.82
C THR S 985 -29.79 39.90 -3.13
N ALA S 986 -30.27 40.55 -4.17
CA ALA S 986 -29.73 41.86 -4.52
C ALA S 986 -30.81 42.69 -5.19
N ALA S 987 -30.62 44.00 -5.17
CA ALA S 987 -31.65 44.91 -5.63
C ALA S 987 -31.77 44.87 -7.14
N GLY S 988 -32.87 44.29 -7.61
CA GLY S 988 -33.19 44.34 -9.02
C GLY S 988 -32.53 43.30 -9.87
N VAL S 989 -32.30 42.10 -9.34
CA VAL S 989 -31.74 40.99 -10.11
C VAL S 989 -32.73 39.84 -10.00
N MET S 990 -33.24 39.37 -11.13
CA MET S 990 -34.27 38.37 -11.10
C MET S 990 -33.75 36.95 -10.98
N GLN S 991 -32.59 36.67 -11.58
CA GLN S 991 -32.07 35.31 -11.55
C GLN S 991 -30.56 35.35 -11.72
N THR S 992 -29.84 34.68 -10.84
CA THR S 992 -28.41 34.48 -10.99
C THR S 992 -28.15 33.00 -11.19
N THR S 993 -27.34 32.68 -12.17
CA THR S 993 -26.99 31.29 -12.46
C THR S 993 -25.50 31.16 -12.27
N LEU S 994 -25.08 30.34 -11.33
CA LEU S 994 -23.69 29.99 -11.18
C LEU S 994 -23.55 28.54 -11.59
N ILE S 995 -22.72 28.29 -12.58
CA ILE S 995 -22.43 26.94 -13.03
C ILE S 995 -20.97 26.69 -12.78
N THR S 996 -20.67 25.63 -12.05
CA THR S 996 -19.30 25.12 -11.96
C THR S 996 -19.32 23.63 -12.27
N ASP S 997 -18.58 23.26 -13.31
CA ASP S 997 -18.20 21.88 -13.60
C ASP S 997 -19.42 21.00 -13.83
N ASN S 998 -20.40 21.58 -14.53
CA ASN S 998 -21.74 21.00 -14.73
C ASN S 998 -22.43 20.72 -13.39
N GLN S 999 -22.46 21.73 -12.52
CA GLN S 999 -23.33 21.74 -11.35
C GLN S 999 -23.99 23.10 -11.28
N LYS S 1000 -25.30 23.12 -11.34
CA LYS S 1000 -26.02 24.37 -11.49
C LYS S 1000 -26.41 24.93 -10.14
N LEU S 1001 -26.70 26.22 -10.13
CA LEU S 1001 -27.35 26.88 -9.00
C LEU S 1001 -28.19 27.99 -9.61
N ILE S 1002 -29.45 27.70 -9.86
CA ILE S 1002 -30.35 28.69 -10.44
C ILE S 1002 -31.19 29.25 -9.32
N TYR S 1003 -31.07 30.55 -9.08
CA TYR S 1003 -31.73 31.19 -7.96
C TYR S 1003 -32.65 32.27 -8.49
N VAL S 1004 -33.96 32.08 -8.32
CA VAL S 1004 -34.95 33.02 -8.83
C VAL S 1004 -35.71 33.68 -7.70
N ASN S 1005 -35.00 33.93 -6.59
CA ASN S 1005 -35.52 34.54 -5.37
C ASN S 1005 -36.61 33.70 -4.73
N GLN S 1006 -36.24 32.48 -4.36
CA GLN S 1006 -37.02 31.68 -3.44
C GLN S 1006 -36.27 31.58 -2.12
N MET S 1007 -36.86 30.87 -1.15
CA MET S 1007 -36.27 30.64 0.16
C MET S 1007 -34.93 29.94 0.01
N PRO S 1008 -33.83 30.56 0.43
CA PRO S 1008 -32.51 30.09 0.00
C PRO S 1008 -32.07 28.84 0.75
N VAL S 1009 -31.41 27.95 0.04
CA VAL S 1009 -30.92 26.69 0.58
C VAL S 1009 -29.42 26.61 0.35
N TRP S 1010 -28.85 25.50 0.77
CA TRP S 1010 -27.41 25.29 0.63
C TRP S 1010 -27.15 24.20 -0.38
N LYS S 1011 -26.40 24.52 -1.42
CA LYS S 1011 -26.06 23.57 -2.46
C LYS S 1011 -24.62 23.14 -2.29
N ARG S 1012 -24.42 21.91 -1.81
CA ARG S 1012 -23.08 21.45 -1.45
C ARG S 1012 -22.31 21.11 -2.71
N PHE S 1013 -21.40 21.99 -3.10
CA PHE S 1013 -20.62 21.80 -4.31
C PHE S 1013 -19.49 20.82 -4.06
N THR S 1014 -18.67 20.64 -5.08
CA THR S 1014 -17.40 19.95 -4.94
C THR S 1014 -16.47 20.46 -6.01
N TRP S 1015 -15.17 20.24 -5.82
CA TRP S 1015 -14.18 20.78 -6.71
C TRP S 1015 -12.92 19.96 -6.54
N PRO S 1016 -12.30 19.49 -7.61
CA PRO S 1016 -12.76 19.55 -8.98
C PRO S 1016 -13.42 18.26 -9.36
N ALA S 1017 -14.66 18.33 -9.83
CA ALA S 1017 -15.39 17.13 -10.21
C ALA S 1017 -14.83 16.61 -11.53
N ASP S 1018 -14.98 15.31 -11.73
CA ASP S 1018 -14.48 14.65 -12.95
C ASP S 1018 -15.62 14.57 -13.96
N THR S 1019 -15.92 15.71 -14.55
CA THR S 1019 -16.97 15.82 -15.54
C THR S 1019 -16.34 16.13 -16.89
N GLU S 1020 -17.18 16.38 -17.88
CA GLU S 1020 -16.75 16.41 -19.27
C GLU S 1020 -16.24 17.78 -19.71
N ALA S 1021 -16.70 18.85 -19.10
CA ALA S 1021 -16.26 20.20 -19.45
C ALA S 1021 -16.18 21.03 -18.18
N PRO S 1022 -15.08 20.92 -17.44
CA PRO S 1022 -14.97 21.67 -16.19
C PRO S 1022 -14.71 23.14 -16.45
N GLY S 1023 -15.51 23.97 -15.82
CA GLY S 1023 -15.41 25.40 -16.00
C GLY S 1023 -16.20 26.11 -14.93
N ALA S 1024 -16.34 27.41 -15.09
CA ALA S 1024 -17.10 28.22 -14.15
C ALA S 1024 -17.68 29.41 -14.89
N SER S 1025 -18.96 29.70 -14.65
CA SER S 1025 -19.65 30.74 -15.38
C SER S 1025 -20.70 31.35 -14.50
N LEU S 1026 -20.97 32.63 -14.72
CA LEU S 1026 -21.89 33.37 -13.87
C LEU S 1026 -22.72 34.30 -14.73
N SER S 1027 -24.03 34.11 -14.73
CA SER S 1027 -24.93 34.87 -15.59
C SER S 1027 -26.10 35.37 -14.80
N TRP S 1028 -26.42 36.65 -14.95
CA TRP S 1028 -27.44 37.30 -14.15
C TRP S 1028 -28.50 37.90 -15.05
N VAL S 1029 -29.75 37.66 -14.72
CA VAL S 1029 -30.87 38.17 -15.49
C VAL S 1029 -31.39 39.39 -14.75
N SER S 1030 -31.24 40.56 -15.36
CA SER S 1030 -31.60 41.80 -14.70
C SER S 1030 -33.11 42.00 -14.72
N THR S 1031 -33.51 43.17 -14.21
CA THR S 1031 -34.88 43.61 -14.43
C THR S 1031 -34.99 44.41 -15.72
N GLN S 1032 -33.97 45.21 -16.02
CA GLN S 1032 -34.01 46.05 -17.21
C GLN S 1032 -33.73 45.24 -18.47
N ALA S 1033 -32.54 44.66 -18.55
CA ALA S 1033 -32.10 43.98 -19.76
C ALA S 1033 -32.10 42.47 -19.57
N GLY S 1034 -31.76 41.76 -20.64
CA GLY S 1034 -31.72 40.31 -20.64
C GLY S 1034 -30.46 39.78 -19.99
N THR S 1035 -30.24 38.49 -20.19
CA THR S 1035 -29.15 37.81 -19.49
C THR S 1035 -27.78 38.15 -20.06
N ARG S 1036 -26.98 38.84 -19.25
CA ARG S 1036 -25.60 39.15 -19.60
C ARG S 1036 -24.70 38.39 -18.64
N GLN S 1037 -23.86 37.51 -19.15
CA GLN S 1037 -23.04 36.71 -18.26
C GLN S 1037 -21.84 37.50 -17.78
N TYR S 1038 -21.47 37.27 -16.52
CA TYR S 1038 -20.43 38.08 -15.90
C TYR S 1038 -19.05 37.62 -16.34
N ALA S 1039 -18.81 36.32 -16.31
CA ALA S 1039 -17.54 35.77 -16.75
C ALA S 1039 -17.77 34.34 -17.14
N ASP S 1040 -16.93 33.84 -18.04
CA ASP S 1040 -17.02 32.45 -18.49
C ASP S 1040 -15.61 31.89 -18.58
N LEU S 1041 -15.12 31.32 -17.49
CA LEU S 1041 -13.72 30.95 -17.36
C LEU S 1041 -13.59 29.44 -17.35
N PRO S 1042 -13.25 28.82 -18.47
CA PRO S 1042 -13.21 27.36 -18.53
C PRO S 1042 -11.87 26.84 -18.05
N GLY S 1043 -11.76 25.52 -18.02
CA GLY S 1043 -10.61 24.85 -17.46
C GLY S 1043 -10.88 24.38 -16.04
N SER S 1044 -9.98 23.52 -15.56
CA SER S 1044 -10.19 22.91 -14.25
C SER S 1044 -10.02 23.92 -13.12
N TRP S 1045 -9.26 24.97 -13.36
CA TRP S 1045 -9.13 26.06 -12.40
C TRP S 1045 -10.08 27.18 -12.70
N GLY S 1046 -11.27 26.88 -13.20
CA GLY S 1046 -12.23 27.93 -13.45
C GLY S 1046 -12.70 28.58 -12.18
N LEU S 1047 -12.96 27.78 -11.16
CA LEU S 1047 -13.60 28.28 -9.96
C LEU S 1047 -12.67 29.16 -9.15
N ILE S 1048 -11.38 28.85 -9.14
CA ILE S 1048 -10.44 29.71 -8.44
C ILE S 1048 -10.27 31.04 -9.16
N ARG S 1049 -10.44 31.05 -10.48
CA ARG S 1049 -10.46 32.33 -11.18
C ARG S 1049 -11.68 33.14 -10.79
N LEU S 1050 -12.78 32.47 -10.46
CA LEU S 1050 -13.98 33.21 -10.10
C LEU S 1050 -13.87 33.80 -8.69
N LEU S 1051 -13.37 33.03 -7.74
CA LEU S 1051 -13.25 33.54 -6.39
C LEU S 1051 -12.14 34.56 -6.28
N GLU S 1052 -11.20 34.58 -7.23
CA GLU S 1052 -10.20 35.63 -7.27
C GLU S 1052 -10.83 36.95 -7.68
N MET S 1053 -11.75 36.92 -8.64
CA MET S 1053 -12.39 38.14 -9.12
C MET S 1053 -13.54 38.59 -8.24
N ALA S 1054 -13.73 37.99 -7.08
CA ALA S 1054 -14.79 38.42 -6.19
C ALA S 1054 -14.37 39.66 -5.43
N ARG S 1055 -15.24 40.09 -4.54
CA ARG S 1055 -14.90 41.09 -3.53
C ARG S 1055 -15.35 40.51 -2.22
N ARG S 1056 -14.50 39.69 -1.62
CA ARG S 1056 -14.91 38.87 -0.49
C ARG S 1056 -14.54 39.53 0.82
N LYS S 1057 -15.28 39.18 1.85
CA LYS S 1057 -14.99 39.63 3.19
C LYS S 1057 -15.49 38.59 4.16
N ALA S 1058 -15.04 38.69 5.40
CA ALA S 1058 -15.45 37.74 6.41
C ALA S 1058 -16.91 37.97 6.77
N ALA S 1059 -17.59 36.90 7.17
CA ALA S 1059 -19.02 36.95 7.38
C ALA S 1059 -19.32 36.80 8.85
N PRO S 1060 -19.87 37.80 9.50
CA PRO S 1060 -20.18 37.66 10.93
C PRO S 1060 -21.42 36.82 11.18
N GLY S 1061 -22.37 36.86 10.25
CA GLY S 1061 -23.66 36.24 10.48
C GLY S 1061 -23.64 34.73 10.51
N VAL S 1062 -22.67 34.12 9.85
CA VAL S 1062 -22.59 32.67 9.74
C VAL S 1062 -21.13 32.29 9.89
N ALA S 1063 -20.86 31.18 10.53
CA ALA S 1063 -19.50 30.74 10.73
C ALA S 1063 -19.40 29.27 10.37
N SER S 1064 -18.36 28.90 9.62
CA SER S 1064 -17.31 29.78 9.12
C SER S 1064 -17.65 30.25 7.73
N GLY S 1065 -18.10 31.48 7.61
CA GLY S 1065 -18.64 31.98 6.37
C GLY S 1065 -17.76 33.01 5.70
N TRP S 1066 -18.09 33.28 4.45
CA TRP S 1066 -17.46 34.35 3.68
C TRP S 1066 -18.48 34.89 2.70
N SER S 1067 -18.90 36.12 2.89
CA SER S 1067 -19.91 36.70 2.02
C SER S 1067 -19.23 37.21 0.77
N LEU S 1068 -19.18 36.38 -0.26
CA LEU S 1068 -18.74 36.84 -1.57
C LEU S 1068 -19.76 37.80 -2.16
N SER S 1069 -19.27 38.72 -2.98
CA SER S 1069 -20.18 39.58 -3.72
C SER S 1069 -19.44 40.03 -4.97
N TRP S 1070 -19.71 39.39 -6.09
CA TRP S 1070 -19.19 39.87 -7.36
C TRP S 1070 -19.98 41.08 -7.76
N GLN S 1071 -19.28 42.10 -8.22
CA GLN S 1071 -19.95 43.24 -8.83
C GLN S 1071 -20.05 42.96 -10.32
N ALA S 1072 -21.27 42.90 -10.83
CA ALA S 1072 -21.43 42.69 -12.25
C ALA S 1072 -21.27 44.01 -12.99
N GLN S 1073 -21.61 44.01 -14.26
CA GLN S 1073 -21.74 45.27 -14.98
C GLN S 1073 -23.05 45.93 -14.58
N ASP S 1074 -23.24 47.14 -15.11
CA ASP S 1074 -24.44 47.96 -14.93
C ASP S 1074 -24.72 48.30 -13.46
N GLY S 1075 -23.69 48.26 -12.61
CA GLY S 1075 -23.86 48.58 -11.21
C GLY S 1075 -24.67 47.59 -10.40
N ARG S 1076 -24.89 46.39 -10.92
CA ARG S 1076 -25.65 45.39 -10.19
C ARG S 1076 -24.71 44.46 -9.44
N MET S 1077 -25.09 44.12 -8.21
CA MET S 1077 -24.31 43.22 -7.37
C MET S 1077 -24.90 41.82 -7.43
N LEU S 1078 -24.04 40.82 -7.28
CA LEU S 1078 -24.45 39.43 -7.19
C LEU S 1078 -23.91 38.89 -5.88
N ASN S 1079 -24.78 38.59 -4.94
CA ASN S 1079 -24.35 38.23 -3.61
C ASN S 1079 -24.44 36.73 -3.40
N TYR S 1080 -23.42 36.16 -2.77
CA TYR S 1080 -23.46 34.77 -2.38
C TYR S 1080 -22.92 34.65 -0.98
N THR S 1081 -23.00 33.45 -0.41
CA THR S 1081 -22.54 33.26 0.96
C THR S 1081 -21.86 31.90 1.04
N LEU S 1082 -20.54 31.91 1.00
CA LEU S 1082 -19.75 30.70 1.06
C LEU S 1082 -19.57 30.26 2.50
N ARG S 1083 -19.98 29.04 2.80
CA ARG S 1083 -19.61 28.38 4.04
C ARG S 1083 -18.83 27.14 3.69
N THR S 1084 -17.65 27.01 4.26
CA THR S 1084 -16.84 25.83 4.07
C THR S 1084 -16.84 24.96 5.30
N GLU S 1085 -16.24 23.78 5.17
CA GLU S 1085 -16.31 22.81 6.24
C GLU S 1085 -15.07 22.79 7.12
N ALA S 1086 -13.89 23.09 6.58
CA ALA S 1086 -12.67 23.02 7.38
C ALA S 1086 -11.67 24.05 6.88
N GLY S 1087 -11.11 24.82 7.78
CA GLY S 1087 -10.09 25.76 7.40
C GLY S 1087 -10.69 26.93 6.65
N GLU S 1088 -10.31 27.09 5.40
CA GLU S 1088 -10.80 28.21 4.59
C GLU S 1088 -11.61 27.78 3.38
N GLY S 1089 -11.62 26.50 3.05
CA GLY S 1089 -12.26 26.04 1.84
C GLY S 1089 -11.49 26.49 0.63
N PRO S 1090 -12.15 26.59 -0.53
CA PRO S 1090 -11.44 26.94 -1.75
C PRO S 1090 -11.04 28.40 -1.86
N LEU S 1091 -11.15 29.18 -0.79
CA LEU S 1091 -10.39 30.41 -0.69
C LEU S 1091 -8.94 30.16 -0.32
N VAL S 1092 -8.59 28.95 0.12
CA VAL S 1092 -7.23 28.72 0.57
C VAL S 1092 -6.30 28.53 -0.60
N LEU S 1093 -6.81 28.25 -1.79
CA LEU S 1093 -5.95 28.20 -2.95
C LEU S 1093 -5.54 29.57 -3.44
N LEU S 1094 -6.13 30.62 -2.90
CA LEU S 1094 -5.64 31.97 -3.11
C LEU S 1094 -4.56 32.35 -2.12
N LYS S 1095 -3.95 31.38 -1.44
CA LYS S 1095 -2.61 31.59 -0.90
C LYS S 1095 -1.55 31.31 -1.94
N LEU S 1096 -1.91 30.59 -3.00
CA LEU S 1096 -0.95 30.25 -4.03
C LEU S 1096 -0.71 31.38 -5.01
N ARG S 1097 -1.42 32.48 -4.91
CA ARG S 1097 -1.28 33.56 -5.87
C ARG S 1097 0.05 34.26 -5.71
N ASN S 1098 0.87 34.20 -6.75
CA ASN S 1098 2.25 34.69 -6.78
C ASN S 1098 3.06 34.09 -5.63
N PHE S 1099 3.19 32.78 -5.71
CA PHE S 1099 3.89 31.99 -4.72
C PHE S 1099 5.15 31.44 -5.37
N VAL S 1100 6.27 31.57 -4.69
CA VAL S 1100 7.55 31.15 -5.25
C VAL S 1100 8.30 30.35 -4.21
N LEU S 1101 8.79 29.17 -4.62
CA LEU S 1101 9.63 28.39 -3.74
C LEU S 1101 10.95 29.11 -3.52
N PRO S 1102 11.42 29.20 -2.29
CA PRO S 1102 12.67 29.91 -2.04
C PRO S 1102 13.85 29.11 -2.52
N GLU S 1103 14.81 29.82 -3.11
CA GLU S 1103 15.95 29.16 -3.70
C GLU S 1103 16.98 28.69 -2.69
N THR S 1104 16.85 29.07 -1.42
CA THR S 1104 17.88 28.80 -0.42
C THR S 1104 17.23 28.30 0.85
N VAL S 1105 17.64 27.10 1.28
CA VAL S 1105 17.17 26.60 2.56
C VAL S 1105 17.90 27.26 3.70
N PHE S 1106 19.20 27.06 3.78
CA PHE S 1106 19.98 27.63 4.86
C PHE S 1106 20.57 28.96 4.44
N GLU S 1107 20.55 29.91 5.35
CA GLU S 1107 21.07 31.24 5.07
C GLU S 1107 22.51 31.31 5.55
N LEU S 1108 23.38 31.89 4.73
CA LEU S 1108 24.80 31.96 5.03
C LEU S 1108 25.24 33.42 5.03
N SER S 1109 25.70 33.90 6.18
CA SER S 1109 26.23 35.25 6.30
C SER S 1109 27.18 35.34 7.48
N THR T 575 92.03 28.89 4.19
CA THR T 575 93.27 28.60 4.91
C THR T 575 92.94 28.09 6.30
N GLN T 576 91.66 27.78 6.52
CA GLN T 576 91.16 27.42 7.83
C GLN T 576 90.38 26.13 7.74
N ASN T 577 90.28 25.43 8.87
CA ASN T 577 89.66 24.11 8.94
C ASN T 577 89.10 23.89 10.33
N SER T 578 87.78 24.00 10.48
CA SER T 578 87.13 23.80 11.76
C SER T 578 85.68 23.41 11.50
N ASP T 579 85.34 22.16 11.80
CA ASP T 579 84.01 21.56 11.79
C ASP T 579 83.38 21.42 10.40
N ALA T 580 84.03 21.92 9.35
CA ALA T 580 83.48 21.84 8.00
C ALA T 580 84.39 21.01 7.10
N MET T 581 85.66 21.38 6.98
CA MET T 581 86.60 20.56 6.22
C MET T 581 86.96 19.28 6.96
N LEU T 582 86.74 19.25 8.29
CA LEU T 582 86.92 18.03 9.05
C LEU T 582 86.00 16.93 8.55
N TYR T 583 84.70 17.23 8.46
CA TYR T 583 83.74 16.21 8.03
C TYR T 583 83.92 15.87 6.56
N GLN T 584 84.34 16.83 5.73
CA GLN T 584 84.59 16.52 4.33
C GLN T 584 85.78 15.59 4.19
N LYS T 585 86.82 15.82 4.98
CA LYS T 585 87.97 14.92 4.95
C LYS T 585 87.69 13.62 5.68
N MET T 586 86.63 13.55 6.47
CA MET T 586 86.14 12.26 6.91
C MET T 586 85.60 11.47 5.73
N LEU T 587 84.80 12.13 4.89
CA LEU T 587 84.04 11.40 3.88
C LEU T 587 84.91 10.94 2.73
N ALA T 588 85.77 11.82 2.22
CA ALA T 588 86.56 11.52 1.04
C ALA T 588 87.64 10.47 1.28
N ARG T 589 87.85 10.05 2.53
CA ARG T 589 88.68 8.89 2.79
C ARG T 589 87.86 7.61 2.89
N VAL T 590 86.67 7.69 3.50
CA VAL T 590 85.85 6.49 3.66
C VAL T 590 85.03 6.20 2.40
N ALA T 591 84.77 7.21 1.57
CA ALA T 591 84.09 6.97 0.29
C ALA T 591 84.94 6.16 -0.69
N HIS T 592 86.22 5.96 -0.39
CA HIS T 592 87.07 5.12 -1.20
C HIS T 592 86.64 3.66 -1.14
N GLN T 593 86.32 3.15 0.04
CA GLN T 593 86.20 1.71 0.21
C GLN T 593 84.88 1.18 -0.32
N PHE T 594 83.77 1.57 0.29
CA PHE T 594 82.52 0.84 0.15
C PHE T 594 81.72 1.30 -1.04
N ALA T 595 81.14 0.34 -1.74
CA ALA T 595 80.32 0.63 -2.91
C ALA T 595 78.89 0.94 -2.48
N ASP T 596 78.04 1.24 -3.45
CA ASP T 596 76.65 1.57 -3.18
C ASP T 596 75.88 0.34 -2.75
N MET T 597 74.70 0.57 -2.17
CA MET T 597 73.84 -0.50 -1.69
C MET T 597 72.51 -0.41 -2.43
N ARG T 598 72.29 -1.30 -3.39
CA ARG T 598 71.11 -1.23 -4.25
C ARG T 598 69.87 -1.74 -3.54
N LEU T 599 68.83 -2.02 -4.30
CA LEU T 599 67.67 -2.63 -3.65
C LEU T 599 67.91 -4.10 -3.36
N THR T 600 68.46 -4.84 -4.30
CA THR T 600 68.45 -6.29 -4.17
C THR T 600 69.57 -6.83 -3.29
N ASP T 601 70.55 -6.00 -2.92
CA ASP T 601 71.50 -6.46 -1.92
C ASP T 601 71.03 -6.15 -0.51
N MET T 602 69.89 -5.47 -0.39
CA MET T 602 69.04 -5.64 0.76
C MET T 602 68.24 -6.92 0.62
N THR T 603 67.28 -7.11 1.55
CA THR T 603 66.26 -8.15 1.51
C THR T 603 66.78 -9.58 1.39
N GLY T 604 68.05 -9.81 1.68
CA GLY T 604 68.65 -11.12 1.49
C GLY T 604 68.68 -11.57 0.05
N ASP T 605 67.95 -12.64 -0.24
CA ASP T 605 67.96 -13.29 -1.55
C ASP T 605 66.68 -13.07 -2.34
N THR T 606 65.65 -12.50 -1.73
CA THR T 606 64.29 -12.69 -2.18
C THR T 606 64.00 -11.89 -3.45
N ASP T 607 62.94 -12.28 -4.14
CA ASP T 607 62.47 -11.60 -5.35
C ASP T 607 61.88 -10.26 -4.93
N VAL T 608 62.57 -9.18 -5.25
CA VAL T 608 62.05 -7.84 -4.99
C VAL T 608 61.68 -7.14 -6.28
N SER T 609 62.20 -7.60 -7.42
CA SER T 609 61.97 -6.90 -8.68
C SER T 609 60.53 -7.05 -9.14
N ARG T 610 59.78 -8.00 -8.58
CA ARG T 610 58.36 -8.07 -8.87
C ARG T 610 57.54 -7.05 -8.09
N LEU T 611 58.12 -6.37 -7.11
CA LEU T 611 57.38 -5.38 -6.33
C LEU T 611 57.85 -3.95 -6.52
N PHE T 612 59.13 -3.67 -6.32
CA PHE T 612 59.60 -2.29 -6.26
C PHE T 612 60.63 -2.04 -7.34
N PHE T 613 60.41 -1.00 -8.16
CA PHE T 613 61.35 -0.63 -9.21
C PHE T 613 62.17 0.59 -8.81
N THR T 614 62.60 0.56 -7.54
CA THR T 614 63.27 1.67 -6.88
C THR T 614 64.50 2.17 -7.63
N ASP T 615 64.66 3.48 -7.65
CA ASP T 615 65.87 4.15 -8.10
C ASP T 615 66.48 4.89 -6.91
N GLU T 616 67.49 5.72 -7.19
CA GLU T 616 68.19 6.53 -6.21
C GLU T 616 68.80 5.66 -5.11
N VAL T 617 69.78 4.87 -5.55
CA VAL T 617 70.53 3.98 -4.66
C VAL T 617 71.24 4.77 -3.57
N VAL T 618 71.14 4.29 -2.34
CA VAL T 618 71.91 4.86 -1.23
C VAL T 618 73.39 4.65 -1.49
N PRO T 619 74.27 5.66 -1.28
CA PRO T 619 75.62 5.57 -1.84
C PRO T 619 76.60 4.69 -1.09
N GLY T 620 76.11 3.79 -0.25
CA GLY T 620 77.03 3.09 0.60
C GLY T 620 77.42 4.07 1.68
N MET T 621 78.60 3.83 2.27
CA MET T 621 79.30 4.72 3.19
C MET T 621 78.54 4.93 4.51
N PHE T 622 77.39 4.30 4.69
CA PHE T 622 76.49 4.60 5.78
C PHE T 622 76.12 3.39 6.62
N THR T 623 76.23 2.19 6.07
CA THR T 623 75.64 0.99 6.66
C THR T 623 76.35 0.60 7.95
N ARG T 624 75.83 -0.46 8.59
CA ARG T 624 76.31 -0.84 9.91
C ARG T 624 77.77 -1.27 9.90
N GLN T 625 78.21 -1.93 8.84
CA GLN T 625 79.62 -2.26 8.74
C GLN T 625 80.47 -1.04 8.43
N ALA T 626 79.88 0.02 7.89
CA ALA T 626 80.64 1.24 7.72
C ALA T 626 80.70 2.05 8.99
N TRP T 627 79.87 1.75 9.98
CA TRP T 627 79.97 2.49 11.24
C TRP T 627 80.96 1.83 12.17
N GLU T 628 80.84 0.52 12.34
CA GLU T 628 81.75 -0.21 13.22
C GLU T 628 83.17 -0.19 12.67
N GLU T 629 83.31 -0.45 11.38
CA GLU T 629 84.59 -0.46 10.70
C GLU T 629 84.73 0.82 9.90
N ALA T 630 85.88 1.48 10.04
CA ALA T 630 86.39 2.53 9.17
C ALA T 630 85.63 3.85 9.20
N VAL T 631 84.86 4.16 10.25
CA VAL T 631 84.64 5.58 10.56
C VAL T 631 85.02 5.82 12.02
N LEU T 632 84.94 4.78 12.85
CA LEU T 632 85.33 4.94 14.24
C LEU T 632 86.85 4.96 14.38
N PRO T 633 87.62 4.20 13.60
CA PRO T 633 89.04 4.60 13.48
C PRO T 633 89.20 5.89 12.72
N SER T 634 88.36 6.14 11.72
CA SER T 634 88.61 7.28 10.83
C SER T 634 88.26 8.60 11.49
N ILE T 635 87.39 8.59 12.49
CA ILE T 635 87.20 9.81 13.27
C ILE T 635 88.44 10.08 14.13
N ASP T 636 89.15 9.02 14.51
CA ASP T 636 90.30 9.20 15.37
C ASP T 636 91.54 9.67 14.60
N THR T 637 91.47 9.69 13.27
CA THR T 637 92.59 10.21 12.49
C THR T 637 92.56 11.71 12.37
N VAL T 638 91.36 12.31 12.32
CA VAL T 638 91.29 13.74 12.04
C VAL T 638 91.26 14.56 13.32
N ILE T 639 90.97 13.95 14.48
CA ILE T 639 90.86 14.72 15.71
C ILE T 639 92.22 15.13 16.25
N ASN T 640 93.24 14.30 16.08
CA ASN T 640 94.59 14.72 16.44
C ASN T 640 95.20 15.67 15.42
N GLU T 641 94.74 15.60 14.17
CA GLU T 641 95.29 16.41 13.10
C GLU T 641 94.64 17.79 13.08
N VAL T 661 90.84 23.49 19.75
CA VAL T 661 89.53 22.93 20.05
C VAL T 661 89.72 21.54 20.67
N SER T 662 88.95 21.24 21.71
CA SER T 662 89.09 19.97 22.40
C SER T 662 88.53 18.84 21.53
N PRO T 663 89.28 17.77 21.29
CA PRO T 663 88.86 16.77 20.30
C PRO T 663 87.71 15.88 20.75
N GLU T 664 87.69 15.47 22.02
CA GLU T 664 86.66 14.54 22.49
C GLU T 664 85.29 15.20 22.57
N ALA T 665 85.22 16.52 22.58
CA ALA T 665 83.93 17.20 22.46
C ALA T 665 83.52 17.36 21.01
N LEU T 666 84.46 17.38 20.07
CA LEU T 666 84.07 17.34 18.67
C LEU T 666 83.64 15.96 18.23
N ARG T 667 84.03 14.91 18.97
CA ARG T 667 83.61 13.56 18.62
C ARG T 667 82.12 13.37 18.82
N GLN T 668 81.49 14.20 19.63
CA GLN T 668 80.04 14.29 19.61
C GLN T 668 79.59 15.25 18.53
N ARG T 669 80.33 16.33 18.33
CA ARG T 669 79.94 17.36 17.37
C ARG T 669 80.28 16.98 15.94
N LEU T 670 80.80 15.78 15.71
CA LEU T 670 80.98 15.28 14.37
C LEU T 670 80.11 14.07 14.06
N THR T 671 79.87 13.21 15.05
CA THR T 671 79.09 12.00 14.80
C THR T 671 77.62 12.32 14.62
N THR T 672 77.06 13.22 15.44
CA THR T 672 75.67 13.58 15.26
C THR T 672 75.45 14.38 13.99
N ARG T 673 76.47 15.07 13.50
CA ARG T 673 76.41 15.61 12.15
C ARG T 673 76.50 14.52 11.11
N TYR T 674 77.17 13.41 11.41
CA TYR T 674 77.16 12.30 10.49
C TYR T 674 75.87 11.52 10.58
N PHE T 675 75.32 11.37 11.78
CA PHE T 675 74.12 10.58 11.95
C PHE T 675 72.89 11.29 11.40
N ALA T 676 72.85 12.61 11.51
CA ALA T 676 71.77 13.36 10.89
C ALA T 676 71.86 13.32 9.38
N ASP T 677 73.05 13.09 8.84
CA ASP T 677 73.20 12.76 7.44
C ASP T 677 73.18 11.27 7.19
N PHE T 678 73.16 10.45 8.23
CA PHE T 678 72.97 9.03 8.01
C PHE T 678 71.51 8.73 7.72
N GLY T 679 70.62 9.26 8.56
CA GLY T 679 69.20 9.07 8.31
C GLY T 679 68.73 9.75 7.04
N ASN T 680 69.23 10.96 6.78
CA ASN T 680 68.76 11.73 5.64
C ASN T 680 69.24 11.18 4.30
N ALA T 681 70.08 10.15 4.29
CA ALA T 681 70.31 9.43 3.05
C ALA T 681 69.51 8.15 2.99
N TRP T 682 68.98 7.69 4.12
CA TRP T 682 68.10 6.54 4.08
C TRP T 682 66.67 6.94 3.76
N LEU T 683 66.21 8.06 4.32
CA LEU T 683 64.84 8.49 4.09
C LEU T 683 64.61 8.86 2.64
N ASN T 684 65.61 9.36 1.96
CA ASN T 684 65.44 9.64 0.55
C ASN T 684 65.67 8.42 -0.32
N PHE T 685 66.06 7.29 0.29
CA PHE T 685 66.02 6.04 -0.45
C PHE T 685 64.65 5.39 -0.35
N LEU T 686 64.15 5.20 0.87
CA LEU T 686 62.89 4.49 1.05
C LEU T 686 61.69 5.27 0.54
N ASN T 687 61.71 6.59 0.64
CA ASN T 687 60.61 7.36 0.07
C ASN T 687 60.67 7.42 -1.45
N SER T 688 61.74 6.94 -2.05
CA SER T 688 61.82 6.94 -3.51
C SER T 688 61.15 5.72 -4.12
N LEU T 689 60.90 4.68 -3.35
CA LEU T 689 60.47 3.42 -3.95
C LEU T 689 59.01 3.47 -4.34
N HIS T 690 58.70 2.98 -5.52
CA HIS T 690 57.33 2.87 -5.99
C HIS T 690 56.97 1.40 -6.09
N LEU T 691 55.77 1.12 -6.58
CA LEU T 691 55.27 -0.23 -6.65
C LEU T 691 55.09 -0.65 -8.09
N ARG T 692 55.34 -1.93 -8.35
CA ARG T 692 55.31 -2.46 -9.71
C ARG T 692 53.88 -2.43 -10.24
N LYS T 693 53.69 -1.72 -11.35
CA LYS T 693 52.38 -1.53 -11.94
C LYS T 693 51.86 -2.86 -12.46
N ALA T 694 50.87 -3.42 -11.78
CA ALA T 694 50.30 -4.71 -12.12
C ALA T 694 48.92 -4.51 -12.71
N GLN T 695 48.43 -5.54 -13.40
CA GLN T 695 47.13 -5.46 -14.04
C GLN T 695 46.52 -6.84 -14.18
N THR T 696 45.24 -6.85 -14.59
CA THR T 696 44.48 -8.04 -15.01
C THR T 696 44.32 -9.08 -13.92
N LEU T 697 44.28 -8.68 -12.65
CA LEU T 697 43.73 -9.45 -11.52
C LEU T 697 44.51 -10.71 -11.15
N SER T 698 45.37 -11.20 -12.01
CA SER T 698 46.20 -12.30 -11.60
C SER T 698 47.54 -11.81 -11.11
N ASP T 699 48.06 -10.76 -11.71
CA ASP T 699 49.26 -10.13 -11.20
C ASP T 699 48.98 -9.38 -9.90
N VAL T 700 47.74 -8.95 -9.69
CA VAL T 700 47.40 -8.31 -8.44
C VAL T 700 47.33 -9.34 -7.32
N THR T 701 46.66 -10.46 -7.55
CA THR T 701 46.62 -11.48 -6.51
C THR T 701 47.93 -12.23 -6.39
N GLU T 702 48.83 -12.11 -7.36
CA GLU T 702 50.14 -12.72 -7.17
C GLU T 702 51.07 -11.80 -6.39
N GLN T 703 50.82 -10.50 -6.42
CA GLN T 703 51.56 -9.61 -5.54
C GLN T 703 51.19 -9.84 -4.10
N LEU T 704 49.90 -9.96 -3.82
CA LEU T 704 49.47 -10.06 -2.44
C LEU T 704 49.74 -11.44 -1.85
N THR T 705 50.00 -12.46 -2.67
CA THR T 705 50.66 -13.64 -2.15
C THR T 705 52.08 -13.28 -1.75
N LEU T 706 52.83 -12.73 -2.68
CA LEU T 706 54.24 -12.47 -2.51
C LEU T 706 54.51 -11.34 -1.54
N MET T 707 53.53 -10.50 -1.24
CA MET T 707 53.81 -9.45 -0.29
C MET T 707 53.60 -9.92 1.15
N ALA T 708 52.72 -10.88 1.37
CA ALA T 708 52.34 -11.28 2.71
C ALA T 708 52.71 -12.71 3.03
N ASP T 709 53.88 -13.15 2.59
CA ASP T 709 54.27 -14.55 2.72
C ASP T 709 55.57 -14.60 3.49
N VAL T 710 55.51 -15.02 4.75
CA VAL T 710 56.70 -15.18 5.56
C VAL T 710 57.55 -16.30 4.96
N ARG T 711 58.88 -16.18 5.14
CA ARG T 711 60.00 -16.99 4.64
C ARG T 711 60.31 -16.73 3.16
N GLN T 712 59.43 -16.11 2.39
CA GLN T 712 59.80 -15.69 1.04
C GLN T 712 58.95 -14.48 0.62
N SER T 713 59.47 -13.29 0.91
CA SER T 713 58.88 -12.03 0.53
C SER T 713 59.82 -10.88 0.82
N PRO T 714 59.63 -9.74 0.20
CA PRO T 714 60.08 -8.49 0.81
C PRO T 714 59.17 -8.10 1.94
N LEU T 715 59.53 -7.00 2.59
CA LEU T 715 58.81 -6.36 3.71
C LEU T 715 58.82 -7.16 5.00
N VAL T 716 59.35 -8.38 4.98
CA VAL T 716 59.90 -8.99 6.16
C VAL T 716 61.37 -9.30 5.97
N ALA T 717 61.82 -9.35 4.72
CA ALA T 717 63.24 -9.37 4.47
C ALA T 717 63.78 -7.95 4.33
N LEU T 718 62.94 -7.00 3.93
CA LEU T 718 63.40 -5.62 3.91
C LEU T 718 63.44 -5.05 5.31
N MET T 719 62.39 -5.27 6.10
CA MET T 719 62.36 -4.74 7.44
C MET T 719 63.29 -5.50 8.38
N ASN T 720 63.75 -6.69 8.00
CA ASN T 720 64.84 -7.32 8.74
C ASN T 720 66.12 -6.51 8.57
N THR T 721 66.51 -6.24 7.33
CA THR T 721 67.69 -5.43 7.10
C THR T 721 67.47 -3.97 7.43
N LEU T 722 66.22 -3.53 7.54
CA LEU T 722 65.99 -2.22 8.10
C LEU T 722 66.11 -2.23 9.60
N ALA T 723 65.91 -3.39 10.24
CA ALA T 723 66.07 -3.45 11.68
C ALA T 723 67.52 -3.46 12.10
N VAL T 724 68.42 -3.96 11.25
CA VAL T 724 69.81 -4.05 11.65
C VAL T 724 70.49 -2.69 11.58
N GLN T 725 69.95 -1.75 10.81
CA GLN T 725 70.55 -0.43 10.70
C GLN T 725 69.77 0.63 11.43
N GLY T 726 68.93 0.22 12.38
CA GLY T 726 68.28 1.16 13.26
C GLY T 726 68.89 1.02 14.63
N CYS T 727 69.92 0.20 14.72
CA CYS T 727 70.61 -0.04 15.98
C CYS T 727 72.12 0.16 15.86
N THR T 728 72.55 0.99 14.92
CA THR T 728 73.97 1.33 14.88
C THR T 728 74.28 2.32 15.99
N GLY T 729 75.56 2.51 16.27
CA GLY T 729 75.94 3.31 17.40
C GLY T 729 76.00 2.46 18.65
N GLN T 730 74.95 2.48 19.44
CA GLN T 730 74.87 1.61 20.61
C GLN T 730 74.13 0.32 20.27
N HIS T 762 66.68 3.61 21.98
CA HIS T 762 67.93 3.02 22.43
C HIS T 762 69.12 3.68 21.74
N GLY T 763 69.17 3.59 20.41
CA GLY T 763 70.28 4.10 19.66
C GLY T 763 70.27 5.60 19.55
N PRO T 764 71.27 6.14 18.86
CA PRO T 764 71.37 7.59 18.72
C PRO T 764 70.43 8.15 17.67
N LEU T 765 70.19 7.38 16.62
CA LEU T 765 69.25 7.77 15.58
C LEU T 765 67.88 7.12 15.77
N ALA T 766 67.60 6.63 16.97
CA ALA T 766 66.34 5.94 17.25
C ALA T 766 65.15 6.87 17.29
N THR T 767 65.31 8.17 17.06
CA THR T 767 64.16 9.03 16.83
C THR T 767 63.80 9.13 15.37
N THR T 768 64.64 8.61 14.48
CA THR T 768 64.42 8.72 13.05
C THR T 768 64.03 7.41 12.41
N PHE T 769 64.61 6.30 12.86
CA PHE T 769 64.10 4.99 12.52
C PHE T 769 63.17 4.47 13.59
N GLY T 770 62.73 5.34 14.49
CA GLY T 770 61.83 5.01 15.56
C GLY T 770 60.51 4.38 15.16
N PRO T 771 59.69 5.08 14.36
CA PRO T 771 58.39 4.51 13.99
C PRO T 771 58.44 3.25 13.15
N VAL T 772 59.34 3.16 12.17
CA VAL T 772 59.34 2.00 11.30
C VAL T 772 59.85 0.77 12.04
N LEU T 773 60.71 0.96 13.03
CA LEU T 773 61.02 -0.14 13.91
C LEU T 773 59.90 -0.44 14.89
N ALA T 774 59.00 0.51 15.12
CA ALA T 774 57.91 0.25 16.04
C ALA T 774 56.81 -0.58 15.41
N LEU T 775 56.78 -0.69 14.08
CA LEU T 775 55.81 -1.56 13.44
C LEU T 775 56.19 -3.00 13.69
N MET T 776 57.32 -3.42 13.16
CA MET T 776 57.74 -4.81 13.25
C MET T 776 58.28 -5.07 14.66
N ASP T 777 57.35 -5.11 15.60
CA ASP T 777 57.69 -5.45 16.98
C ASP T 777 56.95 -6.67 17.46
N ASN T 778 55.61 -6.65 17.38
CA ASN T 778 54.69 -7.68 17.87
C ASN T 778 54.88 -7.99 19.35
N GLN T 779 55.46 -7.07 20.11
CA GLN T 779 55.52 -7.22 21.55
C GLN T 779 54.23 -6.70 22.18
N ASN T 780 53.76 -5.55 21.68
CA ASN T 780 52.43 -4.93 21.77
C ASN T 780 51.76 -5.13 23.14
N ASN T 781 52.40 -4.53 24.14
CA ASN T 781 51.89 -4.55 25.51
C ASN T 781 50.53 -3.88 25.64
N SER T 782 50.18 -3.01 24.69
CA SER T 782 48.83 -2.48 24.56
C SER T 782 47.87 -3.46 23.90
N ALA T 783 48.40 -4.39 23.08
CA ALA T 783 47.64 -5.38 22.31
C ALA T 783 46.63 -4.77 21.35
N ASP T 784 46.82 -3.51 20.95
CA ASP T 784 46.02 -2.92 19.88
C ASP T 784 46.90 -2.01 19.01
N MET T 785 48.15 -2.36 18.82
CA MET T 785 49.01 -1.56 17.97
C MET T 785 48.74 -1.85 16.50
N LEU T 786 49.60 -1.33 15.63
CA LEU T 786 49.34 -1.43 14.21
C LEU T 786 50.26 -2.42 13.50
N ASN T 787 51.51 -2.52 13.95
CA ASN T 787 52.17 -3.79 14.14
C ASN T 787 52.63 -4.54 12.89
N LEU T 788 52.13 -4.23 11.69
CA LEU T 788 52.56 -4.76 10.39
C LEU T 788 52.39 -6.28 10.21
N GLN T 789 52.24 -7.03 11.29
CA GLN T 789 51.28 -8.09 11.34
C GLN T 789 49.97 -7.42 11.71
N THR T 790 48.86 -8.15 11.53
CA THR T 790 47.51 -7.59 11.43
C THR T 790 47.43 -6.50 10.39
N TYR T 791 48.28 -6.56 9.42
CA TYR T 791 48.14 -6.00 8.09
C TYR T 791 48.45 -7.04 7.06
N LEU T 792 49.46 -7.88 7.31
CA LEU T 792 49.76 -8.96 6.40
C LEU T 792 48.88 -10.18 6.64
N THR T 793 48.18 -10.22 7.75
CA THR T 793 47.03 -11.09 7.82
C THR T 793 45.74 -10.33 7.65
N ARG T 794 45.85 -9.07 7.26
CA ARG T 794 44.70 -8.35 6.76
C ARG T 794 44.73 -8.25 5.25
N VAL T 795 45.91 -8.12 4.66
CA VAL T 795 45.97 -8.09 3.22
C VAL T 795 45.84 -9.49 2.67
N THR T 796 46.09 -10.52 3.47
CA THR T 796 45.95 -11.85 2.91
C THR T 796 44.56 -12.42 3.10
N GLN T 797 43.69 -11.74 3.84
CA GLN T 797 42.29 -12.08 3.77
C GLN T 797 41.57 -11.24 2.72
N VAL T 798 42.30 -10.38 2.02
CA VAL T 798 41.77 -9.79 0.81
C VAL T 798 42.17 -10.62 -0.39
N ARG T 799 43.40 -11.12 -0.39
CA ARG T 799 43.83 -12.05 -1.43
C ARG T 799 42.98 -13.31 -1.40
N LEU T 800 42.64 -13.80 -0.21
CA LEU T 800 41.80 -14.99 -0.13
C LEU T 800 40.39 -14.73 -0.61
N ARG T 801 39.94 -13.48 -0.59
CA ARG T 801 38.69 -13.19 -1.24
C ARG T 801 38.86 -13.25 -2.75
N LEU T 802 39.98 -12.78 -3.27
CA LEU T 802 40.14 -12.73 -4.71
C LEU T 802 40.63 -14.04 -5.30
N GLN T 803 40.68 -15.12 -4.54
CA GLN T 803 40.80 -16.44 -5.16
C GLN T 803 39.47 -17.15 -5.19
N GLN T 804 38.57 -16.83 -4.26
CA GLN T 804 37.19 -17.28 -4.40
C GLN T 804 36.54 -16.65 -5.60
N ILE T 805 36.91 -15.42 -5.93
CA ILE T 805 36.33 -14.76 -7.08
C ILE T 805 36.87 -15.34 -8.37
N ALA T 806 38.19 -15.17 -8.59
CA ALA T 806 38.80 -15.24 -9.91
C ALA T 806 38.66 -16.60 -10.56
N GLY T 807 38.57 -17.65 -9.77
CA GLY T 807 38.09 -18.92 -10.27
C GLY T 807 37.05 -19.45 -9.30
N SER T 808 36.25 -20.39 -9.80
CA SER T 808 35.38 -21.24 -8.99
C SER T 808 34.35 -20.43 -8.19
N SER T 809 33.37 -19.86 -8.87
CA SER T 809 33.01 -20.03 -10.27
C SER T 809 32.28 -18.78 -10.64
N ASP T 810 32.08 -18.59 -11.95
CA ASP T 810 31.24 -17.54 -12.51
C ASP T 810 31.60 -16.13 -12.04
N PRO T 811 32.86 -15.71 -12.25
CA PRO T 811 33.41 -14.63 -11.42
C PRO T 811 32.88 -13.25 -11.74
N GLN T 812 32.41 -12.99 -12.95
CA GLN T 812 31.87 -11.67 -13.25
C GLN T 812 30.63 -11.40 -12.43
N ALA T 813 29.87 -12.45 -12.13
CA ALA T 813 28.74 -12.30 -11.24
C ALA T 813 29.19 -11.92 -9.84
N MET T 814 30.22 -12.57 -9.33
CA MET T 814 30.64 -12.30 -7.96
C MET T 814 31.39 -11.00 -7.86
N MET T 815 31.98 -10.54 -8.96
CA MET T 815 32.78 -9.33 -8.90
C MET T 815 31.92 -8.11 -8.72
N GLN T 816 30.74 -8.11 -9.32
CA GLN T 816 29.79 -7.03 -9.09
C GLN T 816 29.36 -7.00 -7.65
N LEU T 817 29.05 -8.18 -7.09
CA LEU T 817 28.52 -8.28 -5.75
C LEU T 817 29.53 -7.93 -4.68
N LEU T 818 30.81 -7.86 -5.03
CA LEU T 818 31.75 -7.16 -4.18
C LEU T 818 31.74 -5.67 -4.49
N ALA T 819 31.87 -5.31 -5.76
CA ALA T 819 32.02 -3.90 -6.11
C ALA T 819 30.73 -3.13 -6.02
N GLN T 820 29.63 -3.79 -5.69
CA GLN T 820 28.41 -3.06 -5.43
C GLN T 820 28.31 -2.64 -3.99
N THR T 821 28.82 -3.47 -3.07
CA THR T 821 28.66 -3.18 -1.66
C THR T 821 29.79 -2.32 -1.12
N VAL T 822 30.74 -1.94 -1.94
CA VAL T 822 31.68 -0.91 -1.55
C VAL T 822 31.14 0.47 -1.91
N LEU T 823 30.41 0.56 -3.01
CA LEU T 823 29.92 1.85 -3.47
C LEU T 823 28.79 2.41 -2.60
N GLN T 824 28.13 1.58 -1.80
CA GLN T 824 27.12 2.07 -0.88
C GLN T 824 27.51 1.87 0.58
N GLY T 825 27.90 0.68 0.98
CA GLY T 825 28.09 0.34 2.37
C GLY T 825 29.53 0.43 2.81
N LYS T 826 29.94 -0.54 3.61
CA LYS T 826 31.28 -0.63 4.16
C LYS T 826 31.46 -2.07 4.62
N SER T 827 32.65 -2.35 5.16
CA SER T 827 33.00 -3.62 5.81
C SER T 827 32.86 -4.80 4.85
N VAL T 828 33.70 -4.79 3.83
CA VAL T 828 33.63 -5.82 2.80
C VAL T 828 34.54 -7.02 3.09
N ASP T 829 35.87 -6.94 3.27
CA ASP T 829 36.72 -5.78 3.60
C ASP T 829 37.81 -5.50 2.60
N LEU T 830 37.45 -4.77 1.56
CA LEU T 830 38.44 -4.13 0.72
C LEU T 830 38.46 -2.63 0.94
N THR T 831 37.38 -2.08 1.48
CA THR T 831 37.37 -0.70 1.91
C THR T 831 37.83 -0.54 3.35
N ASP T 832 38.10 -1.63 4.04
CA ASP T 832 38.50 -1.52 5.43
C ASP T 832 40.01 -1.61 5.59
N THR T 833 40.64 -2.47 4.82
CA THR T 833 42.09 -2.60 4.89
C THR T 833 42.79 -1.34 4.38
N ARG T 834 42.21 -0.70 3.38
CA ARG T 834 42.67 0.63 2.98
C ARG T 834 42.47 1.63 4.12
N ASP T 835 41.38 1.50 4.88
CA ASP T 835 41.21 2.35 6.04
C ASP T 835 41.93 1.82 7.26
N TYR T 836 42.59 0.68 7.17
CA TYR T 836 43.60 0.30 8.15
C TYR T 836 44.99 0.63 7.67
N GLY T 837 45.25 0.44 6.38
CA GLY T 837 46.59 0.68 5.87
C GLY T 837 46.96 2.14 5.92
N SER T 838 46.00 3.02 5.64
CA SER T 838 46.30 4.44 5.73
C SER T 838 46.45 4.89 7.17
N LEU T 839 45.84 4.16 8.10
CA LEU T 839 45.94 4.52 9.51
C LEU T 839 47.33 4.30 10.07
N THR T 840 48.02 3.26 9.63
CA THR T 840 49.42 3.10 10.03
C THR T 840 50.28 4.15 9.35
N ALA T 841 50.09 4.32 8.05
CA ALA T 841 51.02 5.10 7.25
C ALA T 841 50.91 6.57 7.55
N ALA T 842 49.71 7.04 7.86
CA ALA T 842 49.63 8.42 8.30
C ALA T 842 50.09 8.58 9.73
N GLY T 843 50.18 7.49 10.49
CA GLY T 843 50.70 7.63 11.82
C GLY T 843 52.20 7.57 11.92
N LEU T 844 52.90 7.30 10.81
CA LEU T 844 54.35 7.12 10.90
C LEU T 844 55.08 8.39 11.27
N GLY T 845 55.21 9.34 10.35
CA GLY T 845 55.80 10.59 10.79
C GLY T 845 55.48 11.85 10.02
N GLN T 846 54.74 11.73 8.93
CA GLN T 846 54.63 12.76 7.88
C GLN T 846 56.02 13.19 7.38
N GLU T 847 56.94 12.28 7.44
CA GLU T 847 58.33 12.29 7.07
C GLU T 847 58.68 11.06 6.25
N TRP T 848 58.05 9.93 6.56
CA TRP T 848 58.07 8.74 5.76
C TRP T 848 56.93 8.69 4.77
N TYR T 849 56.29 9.83 4.52
CA TYR T 849 55.35 9.96 3.43
C TYR T 849 56.04 9.62 2.12
N GLY T 850 55.35 8.88 1.27
CA GLY T 850 55.98 8.34 0.10
C GLY T 850 56.49 6.94 0.29
N PHE T 851 56.91 6.60 1.50
CA PHE T 851 57.10 5.18 1.81
C PHE T 851 55.85 4.61 2.44
N GLY T 852 55.23 5.36 3.34
CA GLY T 852 53.98 4.91 3.92
C GLY T 852 52.88 4.84 2.89
N GLN T 853 52.88 5.78 1.94
CA GLN T 853 51.92 5.72 0.86
C GLN T 853 52.23 4.57 -0.09
N THR T 854 53.48 4.14 -0.17
CA THR T 854 53.79 3.11 -1.16
C THR T 854 53.42 1.73 -0.67
N VAL T 855 53.71 1.41 0.58
CA VAL T 855 53.61 0.02 1.00
C VAL T 855 52.30 -0.27 1.73
N PHE T 856 51.58 0.73 2.18
CA PHE T 856 50.45 0.47 3.06
C PHE T 856 49.11 0.74 2.42
N VAL T 857 48.99 1.79 1.62
CA VAL T 857 47.73 2.09 0.98
C VAL T 857 47.72 1.75 -0.51
N ARG T 858 48.85 1.86 -1.20
CA ARG T 858 48.88 1.57 -2.63
C ARG T 858 48.56 0.12 -3.01
N PRO T 859 49.19 -0.92 -2.44
CA PRO T 859 48.93 -2.26 -2.97
C PRO T 859 47.60 -2.83 -2.59
N MET T 860 46.82 -2.15 -1.75
CA MET T 860 45.42 -2.49 -1.59
C MET T 860 44.56 -1.72 -2.58
N GLU T 861 44.87 -0.43 -2.75
CA GLU T 861 44.19 0.40 -3.73
C GLU T 861 44.41 -0.06 -5.16
N GLN T 862 45.47 -0.82 -5.41
CA GLN T 862 45.65 -1.35 -6.75
C GLN T 862 44.62 -2.42 -7.07
N ALA T 863 44.07 -3.08 -6.07
CA ALA T 863 43.04 -4.08 -6.35
C ALA T 863 41.72 -3.42 -6.65
N TRP T 864 41.49 -2.22 -6.15
CA TRP T 864 40.22 -1.57 -6.36
C TRP T 864 40.06 -1.11 -7.81
N GLN T 865 41.11 -0.53 -8.39
CA GLN T 865 41.08 -0.22 -9.82
C GLN T 865 41.01 -1.47 -10.67
N GLN T 866 41.41 -2.60 -10.12
CA GLN T 866 41.39 -3.87 -10.80
C GLN T 866 40.04 -4.57 -10.68
N VAL T 867 39.29 -4.31 -9.62
CA VAL T 867 38.02 -4.98 -9.38
C VAL T 867 36.87 -4.23 -10.02
N LEU T 868 37.13 -3.09 -10.63
CA LEU T 868 36.03 -2.26 -11.11
C LEU T 868 35.64 -2.61 -12.54
N THR T 869 36.58 -2.54 -13.47
CA THR T 869 36.30 -2.80 -14.87
C THR T 869 35.81 -4.21 -15.23
N PRO T 870 36.04 -5.27 -14.45
CA PRO T 870 35.20 -6.44 -14.67
C PRO T 870 33.79 -6.26 -14.15
N ALA T 871 33.63 -5.68 -12.98
CA ALA T 871 32.28 -5.54 -12.42
C ALA T 871 31.45 -4.52 -13.16
N ALA T 872 32.08 -3.58 -13.85
CA ALA T 872 31.32 -2.72 -14.74
C ALA T 872 30.80 -3.47 -15.94
N GLU T 873 31.43 -4.56 -16.32
CA GLU T 873 30.87 -5.37 -17.39
C GLU T 873 29.67 -6.16 -16.90
N SER T 874 29.66 -6.55 -15.63
CA SER T 874 28.56 -7.36 -15.14
C SER T 874 27.27 -6.58 -14.99
N LEU T 875 27.33 -5.26 -15.00
CA LEU T 875 26.12 -4.48 -15.12
C LEU T 875 25.69 -4.28 -16.56
N ASN T 876 26.39 -4.89 -17.52
CA ASN T 876 25.85 -4.90 -18.86
C ASN T 876 25.11 -6.20 -19.12
N ALA T 877 25.61 -7.30 -18.60
CA ALA T 877 24.90 -8.56 -18.76
C ALA T 877 23.84 -8.77 -17.72
N ARG T 878 23.64 -7.82 -16.81
CA ARG T 878 22.46 -7.82 -15.96
C ARG T 878 21.58 -6.61 -16.25
N TRP T 879 21.75 -6.01 -17.41
CA TRP T 879 20.80 -5.06 -17.95
C TRP T 879 20.28 -5.49 -19.30
N ARG T 880 21.07 -6.23 -20.06
CA ARG T 880 20.51 -6.78 -21.29
C ARG T 880 19.75 -8.06 -21.04
N THR T 881 19.81 -8.63 -19.84
CA THR T 881 18.98 -9.78 -19.51
C THR T 881 18.03 -9.52 -18.37
N ALA T 882 17.83 -8.27 -17.98
CA ALA T 882 16.88 -7.99 -16.92
C ALA T 882 15.86 -6.94 -17.28
N VAL T 883 16.18 -6.01 -18.17
CA VAL T 883 15.25 -5.00 -18.63
C VAL T 883 15.08 -5.05 -20.14
N VAL T 884 16.18 -4.97 -20.89
CA VAL T 884 16.12 -4.92 -22.34
C VAL T 884 15.57 -6.21 -22.93
N ASP T 885 15.90 -7.35 -22.36
CA ASP T 885 15.29 -8.57 -22.85
C ASP T 885 13.92 -8.83 -22.25
N GLY T 886 13.32 -7.87 -21.56
CA GLY T 886 11.92 -7.95 -21.25
C GLY T 886 11.21 -6.91 -22.09
N TRP T 887 11.92 -5.81 -22.34
CA TRP T 887 11.34 -4.72 -23.11
C TRP T 887 11.21 -5.10 -24.56
N ASN T 888 12.29 -5.62 -25.15
CA ASN T 888 12.21 -6.06 -26.53
C ASN T 888 11.32 -7.26 -26.70
N ASN T 889 11.12 -8.05 -25.64
CA ASN T 889 10.29 -9.23 -25.76
C ASN T 889 8.82 -8.88 -25.84
N ALA T 890 8.43 -7.65 -25.52
CA ALA T 890 7.04 -7.26 -25.57
C ALA T 890 6.75 -6.08 -26.48
N PHE T 891 7.72 -5.20 -26.73
CA PHE T 891 7.48 -4.03 -27.56
C PHE T 891 8.43 -3.98 -28.76
N SER T 892 8.73 -5.11 -29.35
CA SER T 892 9.44 -5.11 -30.62
C SER T 892 8.42 -5.09 -31.75
N GLY T 893 8.43 -4.03 -32.54
CA GLY T 893 7.55 -4.00 -33.69
C GLY T 893 6.12 -3.68 -33.32
N ARG T 894 5.96 -2.70 -32.46
CA ARG T 894 4.64 -2.17 -32.15
C ARG T 894 4.70 -0.67 -32.25
N TYR T 895 3.58 -0.08 -32.64
CA TYR T 895 3.46 1.36 -32.59
C TYR T 895 3.46 1.80 -31.14
N PRO T 896 4.09 2.92 -30.80
CA PRO T 896 4.84 3.86 -31.61
C PRO T 896 6.33 3.63 -31.62
N PHE T 897 6.77 2.40 -31.38
CA PHE T 897 8.20 2.16 -31.52
C PHE T 897 8.55 1.93 -32.98
N LYS T 898 7.88 0.98 -33.62
CA LYS T 898 8.05 0.76 -35.05
C LYS T 898 6.75 1.07 -35.76
N ASN T 899 6.86 1.69 -36.94
CA ASN T 899 5.68 2.20 -37.64
C ASN T 899 4.88 1.06 -38.26
N VAL T 900 4.13 0.34 -37.43
CA VAL T 900 3.34 -0.78 -37.90
C VAL T 900 1.90 -0.65 -37.46
N SER T 901 1.11 -1.68 -37.76
CA SER T 901 -0.31 -1.61 -37.48
C SER T 901 -0.62 -1.85 -36.02
N SER T 902 0.07 -2.79 -35.37
CA SER T 902 -0.29 -3.20 -34.02
C SER T 902 0.05 -2.11 -33.00
N ASP T 903 -0.36 -2.33 -31.77
CA ASP T 903 -0.24 -1.33 -30.73
C ASP T 903 0.57 -1.85 -29.55
N ALA T 904 1.35 -0.98 -28.94
CA ALA T 904 1.95 -1.31 -27.66
C ALA T 904 0.86 -1.35 -26.61
N SER T 905 1.10 -2.10 -25.55
CA SER T 905 0.08 -2.35 -24.55
C SER T 905 0.25 -1.37 -23.40
N LEU T 906 -0.76 -0.55 -23.18
CA LEU T 906 -0.65 0.50 -22.16
C LEU T 906 -0.56 0.01 -20.73
N PRO T 907 -1.33 -0.98 -20.25
CA PRO T 907 -1.13 -1.41 -18.86
C PRO T 907 0.13 -2.20 -18.66
N LEU T 908 0.76 -2.65 -19.73
CA LEU T 908 2.09 -3.22 -19.66
C LEU T 908 3.17 -2.17 -19.82
N LEU T 909 2.86 -1.06 -20.46
CA LEU T 909 3.84 0.01 -20.54
C LEU T 909 4.02 0.68 -19.19
N ALA T 910 2.98 0.74 -18.39
CA ALA T 910 3.11 1.41 -17.11
C ALA T 910 3.82 0.57 -16.07
N LYS T 911 4.07 -0.71 -16.34
CA LYS T 911 4.91 -1.49 -15.44
C LYS T 911 6.37 -1.24 -15.70
N TYR T 912 6.72 -0.64 -16.81
CA TYR T 912 8.13 -0.39 -17.06
C TYR T 912 8.52 1.00 -16.61
N LEU T 913 7.95 2.02 -17.24
CA LEU T 913 8.38 3.38 -16.99
C LEU T 913 7.59 4.06 -15.90
N ASN T 914 7.59 3.51 -14.69
CA ASN T 914 7.14 4.32 -13.59
C ASN T 914 8.33 5.04 -12.96
N THR T 915 8.07 5.70 -11.85
CA THR T 915 9.12 6.36 -11.09
C THR T 915 9.29 5.79 -9.70
N ASP T 916 8.42 4.89 -9.30
CA ASP T 916 8.53 4.26 -7.99
C ASP T 916 8.64 2.75 -8.05
N THR T 917 7.77 2.08 -8.82
CA THR T 917 7.71 0.63 -8.85
C THR T 917 7.87 0.07 -10.25
N GLY T 918 8.24 0.89 -11.22
CA GLY T 918 8.42 0.40 -12.56
C GLY T 918 9.65 -0.46 -12.69
N ARG T 919 9.61 -1.41 -13.63
CA ARG T 919 10.67 -2.39 -13.79
C ARG T 919 11.96 -1.78 -14.32
N ILE T 920 11.97 -0.51 -14.70
CA ILE T 920 13.24 0.20 -14.87
C ILE T 920 13.65 0.84 -13.57
N ALA T 921 12.74 1.57 -12.93
CA ALA T 921 13.12 2.27 -11.72
C ALA T 921 13.25 1.36 -10.52
N ARG T 922 12.88 0.10 -10.64
CA ARG T 922 13.18 -0.90 -9.63
C ARG T 922 14.39 -1.74 -10.02
N PHE T 923 15.02 -1.42 -11.13
CA PHE T 923 16.32 -2.02 -11.39
C PHE T 923 17.43 -1.11 -10.94
N LEU T 924 17.27 0.20 -11.13
CA LEU T 924 18.34 1.10 -10.75
C LEU T 924 18.47 1.25 -9.26
N GLN T 925 17.38 1.11 -8.52
CA GLN T 925 17.47 1.17 -7.07
C GLN T 925 17.95 -0.12 -6.45
N ASN T 926 18.26 -1.13 -7.24
CA ASN T 926 18.83 -2.35 -6.71
C ASN T 926 20.26 -2.56 -7.15
N ASN T 927 20.65 -2.05 -8.30
CA ASN T 927 21.95 -2.38 -8.86
C ASN T 927 22.86 -1.17 -9.01
N LEU T 928 22.30 0.01 -9.22
CA LEU T 928 23.08 1.22 -9.34
C LEU T 928 22.83 2.15 -8.17
N SER T 929 22.76 1.61 -6.96
CA SER T 929 22.40 2.39 -5.79
C SER T 929 23.45 3.41 -5.42
N GLY T 930 24.67 3.28 -5.91
CA GLY T 930 25.70 4.23 -5.54
C GLY T 930 25.94 5.28 -6.59
N VAL T 931 25.81 4.91 -7.87
CA VAL T 931 26.28 5.74 -8.96
C VAL T 931 25.16 6.42 -9.72
N LEU T 932 23.92 6.34 -9.27
CA LEU T 932 22.82 6.94 -10.00
C LEU T 932 21.79 7.50 -9.04
N HIS T 933 21.51 8.79 -9.15
CA HIS T 933 20.63 9.49 -8.24
C HIS T 933 19.35 9.91 -8.92
N ARG T 934 18.25 9.86 -8.16
CA ARG T 934 16.94 10.24 -8.69
C ARG T 934 16.65 11.67 -8.26
N GLU T 935 17.33 12.61 -8.90
CA GLU T 935 17.22 14.01 -8.54
C GLU T 935 16.12 14.66 -9.35
N GLY T 936 15.04 15.04 -8.68
CA GLY T 936 13.98 15.79 -9.32
C GLY T 936 13.08 14.86 -10.09
N SER T 937 13.24 14.85 -11.40
CA SER T 937 12.64 13.84 -12.26
C SER T 937 13.66 13.06 -13.05
N ARG T 938 14.77 13.67 -13.42
CA ARG T 938 15.79 13.01 -14.20
C ARG T 938 16.70 12.18 -13.32
N TRP T 939 17.43 11.27 -13.95
CA TRP T 939 18.52 10.57 -13.28
C TRP T 939 19.81 11.28 -13.65
N VAL T 940 20.72 11.37 -12.69
CA VAL T 940 22.00 12.02 -12.92
C VAL T 940 23.10 11.03 -12.55
N PRO T 941 24.32 11.18 -13.03
CA PRO T 941 25.42 10.41 -12.44
C PRO T 941 25.75 10.97 -11.08
N ASP T 942 25.98 10.09 -10.12
CA ASP T 942 26.49 10.52 -8.84
C ASP T 942 27.94 10.90 -9.01
N THR T 943 28.33 12.07 -8.51
CA THR T 943 29.70 12.55 -8.74
C THR T 943 30.71 11.80 -7.89
N ILE T 944 30.33 11.43 -6.67
CA ILE T 944 31.17 10.55 -5.86
C ILE T 944 31.11 9.16 -6.47
N ASN T 945 32.16 8.36 -6.24
CA ASN T 945 32.28 6.96 -6.66
C ASN T 945 32.18 6.78 -8.17
N THR T 946 32.56 7.80 -8.93
CA THR T 946 32.59 7.73 -10.38
C THR T 946 34.04 7.76 -10.89
N ARG T 947 34.93 7.12 -10.16
CA ARG T 947 36.31 7.00 -10.61
C ARG T 947 36.42 5.89 -11.62
N GLY T 948 36.62 6.23 -12.88
CA GLY T 948 36.83 5.23 -13.90
C GLY T 948 35.62 4.44 -14.30
N LEU T 949 34.42 4.94 -14.03
CA LEU T 949 33.19 4.22 -14.27
C LEU T 949 32.26 5.15 -15.03
N THR T 950 32.23 5.03 -16.35
CA THR T 950 31.55 6.00 -17.21
C THR T 950 30.27 5.40 -17.77
N PHE T 951 29.23 6.23 -17.85
CA PHE T 951 27.99 5.80 -18.43
C PHE T 951 28.01 6.01 -19.93
N ASN T 952 27.29 5.18 -20.63
CA ASN T 952 27.12 5.39 -22.06
C ASN T 952 26.22 6.61 -22.26
N PRO T 953 26.69 7.66 -22.91
CA PRO T 953 25.92 8.92 -22.93
C PRO T 953 24.65 8.87 -23.75
N ALA T 954 24.34 7.75 -24.40
CA ALA T 954 22.99 7.54 -24.88
C ALA T 954 22.11 6.97 -23.78
N PHE T 955 22.69 6.22 -22.84
CA PHE T 955 21.89 5.60 -21.81
C PHE T 955 21.37 6.62 -20.82
N LEU T 956 22.10 7.69 -20.57
CA LEU T 956 21.54 8.74 -19.74
C LEU T 956 20.52 9.57 -20.50
N LYS T 957 20.66 9.66 -21.82
CA LYS T 957 19.65 10.32 -22.61
C LYS T 957 18.43 9.45 -22.74
N ALA T 958 18.59 8.13 -22.64
CA ALA T 958 17.45 7.24 -22.78
C ALA T 958 16.56 7.28 -21.56
N ILE T 959 17.11 7.04 -20.38
CA ILE T 959 16.23 6.95 -19.22
C ILE T 959 16.10 8.28 -18.51
N ASN T 960 16.49 9.37 -19.17
CA ASN T 960 15.91 10.65 -18.84
C ASN T 960 14.76 10.98 -19.76
N THR T 961 14.64 10.26 -20.87
CA THR T 961 13.46 10.39 -21.71
C THR T 961 12.34 9.52 -21.21
N LEU T 962 12.64 8.29 -20.79
CA LEU T 962 11.65 7.43 -20.17
C LEU T 962 11.31 7.83 -18.75
N SER T 963 11.88 8.90 -18.22
CA SER T 963 11.41 9.47 -16.98
C SER T 963 10.89 10.88 -17.17
N GLU T 964 10.77 11.33 -18.41
CA GLU T 964 9.96 12.50 -18.71
C GLU T 964 8.54 12.11 -19.12
N ILE T 965 8.41 11.11 -20.00
CA ILE T 965 7.11 10.56 -20.35
C ILE T 965 6.42 9.97 -19.13
N ALA T 966 7.18 9.48 -18.17
CA ALA T 966 6.61 9.03 -16.92
C ALA T 966 5.98 10.16 -16.13
N ASP T 967 6.45 11.39 -16.33
CA ASP T 967 5.94 12.53 -15.59
C ASP T 967 4.93 13.34 -16.36
N VAL T 968 4.56 12.95 -17.57
CA VAL T 968 3.48 13.58 -18.29
C VAL T 968 2.30 12.66 -18.44
N ALA T 969 2.50 11.50 -19.03
CA ALA T 969 1.37 10.62 -19.28
C ALA T 969 1.03 9.74 -18.10
N PHE T 970 2.01 9.15 -17.45
CA PHE T 970 1.78 8.10 -16.46
C PHE T 970 1.91 8.62 -15.04
N THR T 971 1.38 9.81 -14.77
CA THR T 971 1.61 10.46 -13.48
C THR T 971 0.94 9.70 -12.35
N THR T 972 -0.32 9.37 -12.50
CA THR T 972 -1.08 8.83 -11.39
C THR T 972 -0.76 7.37 -11.08
N GLY T 973 0.10 6.73 -11.86
CA GLY T 973 0.36 5.31 -11.74
C GLY T 973 -0.18 4.51 -12.90
N ASN T 974 -0.92 5.14 -13.79
CA ASN T 974 -1.53 4.47 -14.93
C ASN T 974 -1.72 5.49 -16.02
N ALA T 975 -2.13 5.02 -17.20
CA ALA T 975 -2.16 5.89 -18.38
C ALA T 975 -3.31 6.87 -18.29
N GLY T 976 -3.01 8.15 -18.14
CA GLY T 976 -4.06 9.14 -18.11
C GLY T 976 -3.57 10.57 -18.14
N LEU T 977 -4.10 11.37 -19.06
CA LEU T 977 -3.76 12.78 -19.10
C LEU T 977 -4.93 13.55 -19.68
N HIS T 978 -4.92 14.86 -19.51
CA HIS T 978 -6.04 15.69 -19.90
C HIS T 978 -5.51 16.86 -20.70
N PHE T 979 -5.84 16.92 -21.97
CA PHE T 979 -5.42 18.01 -22.83
C PHE T 979 -6.63 18.59 -23.51
N GLU T 980 -6.58 19.88 -23.80
CA GLU T 980 -7.72 20.62 -24.26
C GLU T 980 -7.54 21.03 -25.71
N LEU T 981 -8.56 20.81 -26.52
CA LEU T 981 -8.57 21.24 -27.92
C LEU T 981 -9.51 22.41 -28.08
N ARG T 982 -9.10 23.38 -28.88
CA ARG T 982 -9.99 24.41 -29.35
C ARG T 982 -10.02 24.33 -30.87
N PRO T 983 -11.20 24.27 -31.47
CA PRO T 983 -11.26 24.15 -32.93
C PRO T 983 -10.84 25.43 -33.60
N GLY T 984 -10.50 25.29 -34.89
CA GLY T 984 -10.08 26.41 -35.70
C GLY T 984 -10.95 26.53 -36.94
N THR T 985 -10.67 27.57 -37.70
CA THR T 985 -11.40 27.89 -38.91
C THR T 985 -10.51 27.68 -40.12
N ALA T 986 -11.14 27.47 -41.27
CA ALA T 986 -10.38 27.29 -42.50
C ALA T 986 -11.22 27.75 -43.68
N ALA T 987 -10.55 28.00 -44.79
CA ALA T 987 -11.23 28.56 -45.96
C ALA T 987 -12.08 27.50 -46.62
N GLY T 988 -13.39 27.61 -46.45
CA GLY T 988 -14.31 26.76 -47.18
C GLY T 988 -14.52 25.38 -46.61
N VAL T 989 -14.58 25.25 -45.29
CA VAL T 989 -14.87 23.99 -44.64
C VAL T 989 -16.05 24.22 -43.72
N MET T 990 -17.13 23.49 -43.93
CA MET T 990 -18.35 23.78 -43.20
C MET T 990 -18.42 23.09 -41.85
N GLN T 991 -17.83 21.90 -41.70
CA GLN T 991 -17.92 21.19 -40.45
C GLN T 991 -16.76 20.22 -40.34
N THR T 992 -16.05 20.25 -39.22
CA THR T 992 -15.01 19.27 -38.93
C THR T 992 -15.45 18.46 -37.72
N THR T 993 -15.25 17.16 -37.78
CA THR T 993 -15.66 16.27 -36.70
C THR T 993 -14.45 15.48 -36.27
N LEU T 994 -13.97 15.75 -35.06
CA LEU T 994 -12.93 14.94 -34.47
C LEU T 994 -13.60 14.07 -33.43
N ILE T 995 -13.44 12.77 -33.56
CA ILE T 995 -13.92 11.82 -32.57
C ILE T 995 -12.71 11.12 -32.02
N THR T 996 -12.53 11.19 -30.70
CA THR T 996 -11.54 10.36 -30.03
C THR T 996 -12.23 9.60 -28.91
N ASP T 997 -12.26 8.27 -29.07
CA ASP T 997 -12.59 7.32 -28.02
C ASP T 997 -14.02 7.55 -27.51
N ASN T 998 -14.93 7.79 -28.45
CA ASN T 998 -16.31 8.20 -28.19
C ASN T 998 -16.37 9.52 -27.40
N GLN T 999 -15.64 10.53 -27.87
CA GLN T 999 -15.80 11.90 -27.42
C GLN T 999 -15.80 12.79 -28.64
N LYS T 1000 -16.89 13.51 -28.86
CA LYS T 1000 -17.07 14.21 -30.10
C LYS T 1000 -16.60 15.64 -29.99
N LEU T 1001 -16.35 16.24 -31.15
CA LEU T 1001 -16.12 17.67 -31.26
C LEU T 1001 -16.64 18.06 -32.65
N ILE T 1002 -17.88 18.49 -32.71
CA ILE T 1002 -18.49 18.90 -33.96
C ILE T 1002 -18.45 20.41 -34.03
N TYR T 1003 -17.78 20.94 -35.02
CA TYR T 1003 -17.56 22.38 -35.12
C TYR T 1003 -18.11 22.87 -36.45
N VAL T 1004 -19.17 23.67 -36.40
CA VAL T 1004 -19.84 24.15 -37.61
C VAL T 1004 -19.70 25.66 -37.73
N ASN T 1005 -18.55 26.17 -37.31
CA ASN T 1005 -18.20 27.60 -37.29
C ASN T 1005 -19.15 28.40 -36.39
N GLN T 1006 -19.16 28.03 -35.12
CA GLN T 1006 -19.68 28.90 -34.08
C GLN T 1006 -18.50 29.44 -33.28
N MET T 1007 -18.81 30.26 -32.27
CA MET T 1007 -17.82 30.83 -31.38
C MET T 1007 -17.02 29.73 -30.68
N PRO T 1008 -15.71 29.68 -30.84
CA PRO T 1008 -14.97 28.47 -30.47
C PRO T 1008 -14.78 28.36 -28.98
N VAL T 1009 -14.87 27.15 -28.46
CA VAL T 1009 -14.73 26.87 -27.05
C VAL T 1009 -13.63 25.83 -26.87
N TRP T 1010 -13.42 25.42 -25.63
CA TRP T 1010 -12.40 24.44 -25.32
C TRP T 1010 -13.05 23.16 -24.84
N LYS T 1011 -12.76 22.06 -25.50
CA LYS T 1011 -13.32 20.76 -25.15
C LYS T 1011 -12.23 19.93 -24.50
N ARG T 1012 -12.34 19.72 -23.19
CA ARG T 1012 -11.28 19.07 -22.42
C ARG T 1012 -11.35 17.57 -22.64
N PHE T 1013 -10.47 17.06 -23.47
CA PHE T 1013 -10.45 15.63 -23.75
C PHE T 1013 -9.79 14.86 -22.63
N THR T 1014 -9.64 13.56 -22.84
CA THR T 1014 -8.81 12.73 -22.00
C THR T 1014 -8.35 11.55 -22.82
N TRP T 1015 -7.26 10.91 -22.40
CA TRP T 1015 -6.69 9.85 -23.15
C TRP T 1015 -5.89 9.01 -22.18
N PRO T 1016 -6.06 7.70 -22.18
CA PRO T 1016 -7.01 6.93 -22.96
C PRO T 1016 -8.22 6.62 -22.13
N ALA T 1017 -9.40 7.00 -22.60
CA ALA T 1017 -10.62 6.75 -21.87
C ALA T 1017 -10.96 5.27 -21.94
N ASP T 1018 -11.68 4.80 -20.93
CA ASP T 1018 -12.05 3.39 -20.86
C ASP T 1018 -13.46 3.22 -21.41
N THR T 1019 -13.55 3.33 -22.73
CA THR T 1019 -14.80 3.19 -23.45
C THR T 1019 -14.75 1.92 -24.28
N GLU T 1020 -15.78 1.73 -25.09
CA GLU T 1020 -16.04 0.45 -25.73
C GLU T 1020 -15.31 0.28 -27.06
N ALA T 1021 -15.05 1.37 -27.77
CA ALA T 1021 -14.36 1.30 -29.06
C ALA T 1021 -13.40 2.47 -29.16
N PRO T 1022 -12.22 2.35 -28.57
CA PRO T 1022 -11.28 3.47 -28.58
C PRO T 1022 -10.62 3.63 -29.93
N GLY T 1023 -10.64 4.84 -30.44
CA GLY T 1023 -10.08 5.12 -31.74
C GLY T 1023 -10.08 6.61 -31.99
N ALA T 1024 -9.64 6.99 -33.17
CA ALA T 1024 -9.61 8.38 -33.57
C ALA T 1024 -10.00 8.49 -35.03
N SER T 1025 -10.79 9.52 -35.35
CA SER T 1025 -11.29 9.69 -36.69
C SER T 1025 -11.51 11.16 -36.96
N LEU T 1026 -11.36 11.57 -38.21
CA LEU T 1026 -11.46 12.97 -38.56
C LEU T 1026 -12.17 13.12 -39.89
N SER T 1027 -13.30 13.81 -39.90
CA SER T 1027 -14.10 13.94 -41.11
C SER T 1027 -14.51 15.39 -41.31
N TRP T 1028 -14.38 15.88 -42.53
CA TRP T 1028 -14.56 17.28 -42.83
C TRP T 1028 -15.58 17.44 -43.94
N VAL T 1029 -16.49 18.38 -43.76
CA VAL T 1029 -17.58 18.62 -44.69
C VAL T 1029 -17.23 19.84 -45.52
N SER T 1030 -16.90 19.62 -46.77
CA SER T 1030 -16.46 20.70 -47.63
C SER T 1030 -17.63 21.58 -48.05
N THR T 1031 -17.31 22.59 -48.85
CA THR T 1031 -18.38 23.31 -49.54
C THR T 1031 -18.74 22.63 -50.84
N GLN T 1032 -17.75 22.06 -51.53
CA GLN T 1032 -18.01 21.45 -52.82
C GLN T 1032 -18.65 20.07 -52.68
N ALA T 1033 -17.99 19.16 -51.99
CA ALA T 1033 -18.42 17.77 -51.96
C ALA T 1033 -18.90 17.38 -50.57
N GLY T 1034 -19.28 16.12 -50.42
CA GLY T 1034 -19.76 15.59 -49.16
C GLY T 1034 -18.63 15.29 -48.20
N THR T 1035 -18.98 14.56 -47.15
CA THR T 1035 -18.05 14.41 -46.04
C THR T 1035 -17.05 13.30 -46.31
N ARG T 1036 -15.85 13.68 -46.69
CA ARG T 1036 -14.77 12.71 -46.89
C ARG T 1036 -13.94 12.69 -45.63
N GLN T 1037 -13.82 11.54 -44.99
CA GLN T 1037 -13.08 11.48 -43.74
C GLN T 1037 -11.58 11.39 -44.02
N TYR T 1038 -10.81 12.06 -43.16
CA TYR T 1038 -9.38 12.19 -43.42
C TYR T 1038 -8.63 10.94 -43.03
N ALA T 1039 -8.93 10.38 -41.87
CA ALA T 1039 -8.31 9.15 -41.42
C ALA T 1039 -9.22 8.51 -40.40
N ASP T 1040 -9.13 7.20 -40.28
CA ASP T 1040 -9.92 6.45 -39.29
C ASP T 1040 -9.02 5.39 -38.67
N LEU T 1041 -8.33 5.76 -37.59
CA LEU T 1041 -7.28 4.94 -37.01
C LEU T 1041 -7.75 4.39 -35.68
N PRO T 1042 -8.22 3.16 -35.62
CA PRO T 1042 -8.76 2.61 -34.39
C PRO T 1042 -7.67 2.02 -33.53
N GLY T 1043 -8.06 1.57 -32.36
CA GLY T 1043 -7.13 1.10 -31.36
C GLY T 1043 -6.90 2.15 -30.28
N SER T 1044 -6.27 1.70 -29.19
CA SER T 1044 -6.08 2.59 -28.06
C SER T 1044 -5.04 3.67 -28.36
N TRP T 1045 -4.14 3.41 -29.31
CA TRP T 1045 -3.20 4.41 -29.76
C TRP T 1045 -3.68 5.11 -30.99
N GLY T 1046 -4.99 5.32 -31.12
CA GLY T 1046 -5.49 6.05 -32.27
C GLY T 1046 -5.03 7.49 -32.27
N LEU T 1047 -5.08 8.12 -31.11
CA LEU T 1047 -4.88 9.56 -31.05
C LEU T 1047 -3.42 9.92 -31.28
N ILE T 1048 -2.49 9.05 -30.90
CA ILE T 1048 -1.10 9.34 -31.18
C ILE T 1048 -0.80 9.18 -32.66
N ARG T 1049 -1.49 8.26 -33.34
CA ARG T 1049 -1.34 8.17 -34.78
C ARG T 1049 -1.84 9.42 -35.47
N LEU T 1050 -2.86 10.05 -34.90
CA LEU T 1050 -3.39 11.24 -35.53
C LEU T 1050 -2.49 12.44 -35.33
N LEU T 1051 -1.92 12.59 -34.15
CA LEU T 1051 -1.02 13.72 -33.95
C LEU T 1051 0.31 13.51 -34.65
N GLU T 1052 0.63 12.27 -35.00
CA GLU T 1052 1.83 12.03 -35.79
C GLU T 1052 1.66 12.52 -37.22
N MET T 1053 0.47 12.33 -37.78
CA MET T 1053 0.21 12.74 -39.15
C MET T 1053 -0.14 14.21 -39.26
N ALA T 1054 -0.06 14.97 -38.19
CA ALA T 1054 -0.33 16.38 -38.25
C ALA T 1054 0.83 17.14 -38.89
N ARG T 1055 0.67 18.45 -38.98
CA ARG T 1055 1.77 19.34 -39.32
C ARG T 1055 1.79 20.40 -38.23
N ARG T 1056 2.44 20.10 -37.12
CA ARG T 1056 2.32 20.91 -35.92
C ARG T 1056 3.46 21.91 -35.84
N LYS T 1057 3.19 22.98 -35.13
CA LYS T 1057 4.21 23.98 -34.85
C LYS T 1057 3.85 24.64 -33.54
N ALA T 1058 4.81 25.37 -32.98
CA ALA T 1058 4.58 26.05 -31.72
C ALA T 1058 3.62 27.21 -31.92
N ALA T 1059 2.88 27.52 -30.87
CA ALA T 1059 1.80 28.48 -30.96
C ALA T 1059 2.18 29.74 -30.20
N PRO T 1060 2.38 30.86 -30.87
CA PRO T 1060 2.73 32.07 -30.14
C PRO T 1060 1.55 32.70 -29.46
N GLY T 1061 0.36 32.56 -30.05
CA GLY T 1061 -0.79 33.30 -29.56
C GLY T 1061 -1.33 32.82 -28.24
N VAL T 1062 -1.16 31.54 -27.93
CA VAL T 1062 -1.69 30.95 -26.71
C VAL T 1062 -0.57 30.13 -26.09
N ALA T 1063 -0.49 30.15 -24.77
CA ALA T 1063 0.56 29.40 -24.08
C ALA T 1063 -0.08 28.60 -22.97
N SER T 1064 0.31 27.33 -22.83
CA SER T 1064 1.28 26.66 -23.69
C SER T 1064 0.56 25.89 -24.77
N GLY T 1065 0.50 26.45 -25.95
CA GLY T 1065 -0.31 25.90 -27.02
C GLY T 1065 0.49 25.21 -28.10
N TRP T 1066 -0.23 24.64 -29.05
CA TRP T 1066 0.36 24.01 -30.21
C TRP T 1066 -0.68 24.03 -31.31
N SER T 1067 -0.41 24.74 -32.39
CA SER T 1067 -1.39 24.87 -33.46
C SER T 1067 -1.21 23.72 -34.43
N LEU T 1068 -2.00 22.67 -34.25
CA LEU T 1068 -2.03 21.61 -35.25
C LEU T 1068 -2.74 22.09 -36.49
N SER T 1069 -2.41 21.46 -37.61
CA SER T 1069 -3.12 21.74 -38.86
C SER T 1069 -2.94 20.52 -39.74
N TRP T 1070 -3.96 19.67 -39.79
CA TRP T 1070 -3.92 18.55 -40.71
C TRP T 1070 -4.22 19.06 -42.10
N GLN T 1071 -3.39 18.67 -43.05
CA GLN T 1071 -3.61 19.02 -44.44
C GLN T 1071 -4.40 17.89 -45.06
N ALA T 1072 -5.69 18.11 -45.25
CA ALA T 1072 -6.56 17.05 -45.75
C ALA T 1072 -6.37 16.89 -47.24
N GLN T 1073 -7.22 16.07 -47.84
CA GLN T 1073 -7.27 16.01 -49.30
C GLN T 1073 -7.93 17.27 -49.85
N ASP T 1074 -7.93 17.38 -51.17
CA ASP T 1074 -8.55 18.45 -51.94
C ASP T 1074 -7.98 19.83 -51.61
N GLY T 1075 -6.76 19.88 -51.08
CA GLY T 1075 -6.14 21.15 -50.73
C GLY T 1075 -6.78 21.89 -49.58
N ARG T 1076 -7.61 21.24 -48.79
CA ARG T 1076 -8.27 21.91 -47.68
C ARG T 1076 -7.51 21.66 -46.39
N MET T 1077 -7.43 22.70 -45.56
CA MET T 1077 -6.77 22.61 -44.27
C MET T 1077 -7.81 22.35 -43.19
N LEU T 1078 -7.37 21.69 -42.12
CA LEU T 1078 -8.18 21.47 -40.93
C LEU T 1078 -7.38 21.95 -39.75
N ASN T 1079 -7.78 23.07 -39.16
CA ASN T 1079 -6.96 23.73 -38.16
C ASN T 1079 -7.51 23.44 -36.77
N TYR T 1080 -6.61 23.17 -35.83
CA TYR T 1080 -6.97 23.01 -34.44
C TYR T 1080 -5.94 23.71 -33.58
N THR T 1081 -6.20 23.79 -32.30
CA THR T 1081 -5.29 24.48 -31.39
C THR T 1081 -5.26 23.73 -30.08
N LEU T 1082 -4.17 23.00 -29.86
CA LEU T 1082 -4.03 22.12 -28.71
C LEU T 1082 -3.39 22.91 -27.59
N ARG T 1083 -4.00 22.89 -26.42
CA ARG T 1083 -3.39 23.46 -25.24
C ARG T 1083 -3.29 22.36 -24.20
N THR T 1084 -2.09 22.15 -23.69
CA THR T 1084 -1.83 21.11 -22.71
C THR T 1084 -2.02 21.68 -21.32
N GLU T 1085 -1.72 20.86 -20.32
CA GLU T 1085 -1.78 21.39 -18.97
C GLU T 1085 -0.40 21.39 -18.31
N ALA T 1086 0.49 20.48 -18.70
CA ALA T 1086 1.82 20.43 -18.13
C ALA T 1086 2.76 19.76 -19.11
N GLY T 1087 3.90 20.37 -19.35
CA GLY T 1087 4.86 19.77 -20.24
C GLY T 1087 4.43 19.88 -21.67
N GLU T 1088 4.22 18.76 -22.33
CA GLU T 1088 3.89 18.77 -23.75
C GLU T 1088 2.55 18.13 -24.06
N GLY T 1089 1.83 17.61 -23.06
CA GLY T 1089 0.59 16.93 -23.29
C GLY T 1089 0.81 15.66 -24.07
N PRO T 1090 -0.17 15.24 -24.88
CA PRO T 1090 -0.01 14.03 -25.66
C PRO T 1090 0.83 14.20 -26.91
N LEU T 1091 1.53 15.33 -27.06
CA LEU T 1091 2.64 15.41 -27.98
C LEU T 1091 3.90 14.80 -27.43
N VAL T 1092 3.94 14.50 -26.13
CA VAL T 1092 5.16 14.00 -25.54
C VAL T 1092 5.35 12.53 -25.85
N LEU T 1093 4.30 11.83 -26.25
CA LEU T 1093 4.44 10.45 -26.64
C LEU T 1093 5.08 10.29 -28.01
N LEU T 1094 5.23 11.37 -28.75
CA LEU T 1094 6.03 11.37 -29.95
C LEU T 1094 7.50 11.64 -29.68
N LYS T 1095 7.96 11.47 -28.43
CA LYS T 1095 9.36 11.20 -28.21
C LYS T 1095 9.66 9.73 -28.31
N LEU T 1096 8.64 8.89 -28.27
CA LEU T 1096 8.83 7.46 -28.31
C LEU T 1096 9.00 6.93 -29.72
N ARG T 1097 8.87 7.76 -30.75
CA ARG T 1097 8.94 7.28 -32.12
C ARG T 1097 10.37 6.89 -32.46
N ASN T 1098 10.57 5.61 -32.76
CA ASN T 1098 11.86 4.98 -32.99
C ASN T 1098 12.79 5.21 -31.81
N PHE T 1099 12.34 4.71 -30.67
CA PHE T 1099 13.07 4.78 -29.42
C PHE T 1099 13.58 3.38 -29.09
N VAL T 1100 14.87 3.28 -28.81
CA VAL T 1100 15.47 1.97 -28.55
C VAL T 1100 16.25 2.05 -27.25
N LEU T 1101 16.01 1.10 -26.36
CA LEU T 1101 16.79 1.02 -25.14
C LEU T 1101 18.23 0.70 -25.47
N PRO T 1102 19.18 1.36 -24.84
CA PRO T 1102 20.58 1.08 -25.14
C PRO T 1102 21.01 -0.24 -24.55
N GLU T 1103 21.78 -0.99 -25.31
CA GLU T 1103 22.18 -2.32 -24.90
C GLU T 1103 23.33 -2.32 -23.90
N THR T 1104 23.92 -1.17 -23.60
CA THR T 1104 25.11 -1.10 -22.76
C THR T 1104 24.96 0.05 -21.78
N VAL T 1105 25.01 -0.25 -20.49
CA VAL T 1105 25.02 0.82 -19.50
C VAL T 1105 26.38 1.47 -19.44
N PHE T 1106 27.40 0.71 -19.06
CA PHE T 1106 28.73 1.26 -18.92
C PHE T 1106 29.52 1.06 -20.19
N GLU T 1107 30.29 2.07 -20.56
CA GLU T 1107 31.09 2.02 -21.78
C GLU T 1107 32.50 1.57 -21.42
N LEU T 1108 33.06 0.68 -22.22
CA LEU T 1108 34.38 0.12 -21.96
C LEU T 1108 35.27 0.36 -23.17
N SER T 1109 36.35 1.11 -22.97
CA SER T 1109 37.32 1.37 -24.01
C SER T 1109 38.67 1.74 -23.42
N ASN U 577 98.73 -26.51 -42.28
CA ASN U 577 98.32 -27.39 -41.21
C ASN U 577 98.20 -26.65 -39.88
N SER U 578 97.06 -26.00 -39.67
CA SER U 578 96.77 -25.31 -38.42
C SER U 578 95.27 -25.24 -38.24
N ASP U 579 94.79 -25.78 -37.12
CA ASP U 579 93.38 -25.74 -36.69
C ASP U 579 92.44 -26.37 -37.70
N ALA U 580 92.89 -27.40 -38.41
CA ALA U 580 92.03 -28.21 -39.27
C ALA U 580 91.93 -29.63 -38.73
N MET U 581 93.06 -30.30 -38.53
CA MET U 581 93.08 -31.56 -37.80
C MET U 581 93.48 -31.37 -36.34
N LEU U 582 93.96 -30.18 -35.98
CA LEU U 582 94.22 -29.85 -34.59
C LEU U 582 92.94 -29.82 -33.79
N TYR U 583 91.85 -29.34 -34.40
CA TYR U 583 90.55 -29.32 -33.74
C TYR U 583 90.01 -30.72 -33.52
N GLN U 584 90.20 -31.62 -34.49
CA GLN U 584 89.57 -32.93 -34.42
C GLN U 584 90.24 -33.83 -33.38
N LYS U 585 91.51 -33.60 -33.09
CA LYS U 585 92.18 -34.39 -32.07
C LYS U 585 91.71 -34.01 -30.68
N MET U 586 91.17 -32.80 -30.52
CA MET U 586 90.67 -32.37 -29.22
C MET U 586 89.45 -33.16 -28.80
N LEU U 587 88.59 -33.51 -29.75
CA LEU U 587 87.38 -34.26 -29.43
C LEU U 587 87.72 -35.71 -29.07
N ALA U 588 88.66 -36.32 -29.81
CA ALA U 588 88.98 -37.72 -29.60
C ALA U 588 89.69 -37.98 -28.28
N ARG U 589 90.32 -36.97 -27.70
CA ARG U 589 90.92 -37.14 -26.39
C ARG U 589 89.86 -37.16 -25.30
N VAL U 590 88.75 -36.44 -25.49
CA VAL U 590 87.81 -36.25 -24.40
C VAL U 590 86.56 -37.12 -24.53
N ALA U 591 86.20 -37.52 -25.76
CA ALA U 591 84.96 -38.24 -25.99
C ALA U 591 84.99 -39.68 -25.48
N HIS U 592 86.14 -40.17 -25.04
CA HIS U 592 86.24 -41.55 -24.61
C HIS U 592 85.97 -41.73 -23.12
N GLN U 593 86.56 -40.87 -22.27
CA GLN U 593 86.44 -41.05 -20.84
C GLN U 593 85.07 -40.64 -20.33
N PHE U 594 84.63 -39.43 -20.68
CA PHE U 594 83.32 -38.96 -20.24
C PHE U 594 82.22 -39.73 -20.95
N ALA U 595 81.16 -40.02 -20.21
CA ALA U 595 80.08 -40.82 -20.73
C ALA U 595 78.97 -39.92 -21.27
N ASP U 596 77.84 -40.53 -21.61
CA ASP U 596 76.70 -39.78 -22.11
C ASP U 596 75.98 -39.08 -20.96
N MET U 597 75.28 -38.01 -21.30
CA MET U 597 74.55 -37.20 -20.33
C MET U 597 73.08 -37.49 -20.57
N ARG U 598 72.60 -38.59 -20.01
CA ARG U 598 71.21 -38.97 -20.26
C ARG U 598 70.29 -38.20 -19.33
N LEU U 599 68.99 -38.26 -19.65
CA LEU U 599 68.02 -37.49 -18.89
C LEU U 599 67.77 -38.05 -17.51
N THR U 600 68.08 -39.33 -17.28
CA THR U 600 67.94 -39.90 -15.96
C THR U 600 69.02 -39.35 -15.03
N ASP U 601 70.26 -39.25 -15.51
CA ASP U 601 71.27 -38.56 -14.71
C ASP U 601 71.18 -37.04 -14.82
N MET U 602 70.42 -36.53 -15.79
CA MET U 602 69.92 -35.18 -15.63
C MET U 602 68.86 -35.15 -14.55
N THR U 603 68.60 -33.94 -14.02
CA THR U 603 67.46 -33.62 -13.16
C THR U 603 67.41 -34.43 -11.86
N GLY U 604 68.52 -35.04 -11.43
CA GLY U 604 68.44 -35.91 -10.29
C GLY U 604 67.69 -37.20 -10.61
N ASP U 605 67.26 -37.88 -9.56
CA ASP U 605 66.52 -39.14 -9.72
C ASP U 605 65.02 -38.95 -9.95
N THR U 606 64.58 -37.76 -10.33
CA THR U 606 63.17 -37.46 -10.45
C THR U 606 62.58 -38.12 -11.69
N ASP U 607 61.28 -38.39 -11.62
CA ASP U 607 60.58 -39.16 -12.66
C ASP U 607 60.37 -38.30 -13.88
N VAL U 608 61.29 -38.39 -14.84
CA VAL U 608 61.16 -37.63 -16.06
C VAL U 608 60.23 -38.34 -17.05
N SER U 609 60.09 -39.67 -16.91
CA SER U 609 59.32 -40.46 -17.86
C SER U 609 57.83 -40.15 -17.80
N ARG U 610 57.33 -39.70 -16.64
CA ARG U 610 55.94 -39.27 -16.58
C ARG U 610 55.74 -37.89 -17.17
N LEU U 611 56.81 -37.20 -17.53
CA LEU U 611 56.72 -35.91 -18.20
C LEU U 611 57.36 -35.93 -19.58
N PHE U 612 58.61 -36.35 -19.68
CA PHE U 612 59.35 -36.29 -20.94
C PHE U 612 59.92 -37.67 -21.26
N PHE U 613 59.52 -38.22 -22.42
CA PHE U 613 60.04 -39.51 -22.88
C PHE U 613 61.16 -39.35 -23.90
N THR U 614 61.96 -38.30 -23.75
CA THR U 614 62.89 -37.88 -24.79
C THR U 614 64.09 -38.81 -24.93
N ASP U 615 64.49 -39.04 -26.17
CA ASP U 615 65.66 -39.80 -26.58
C ASP U 615 66.65 -38.86 -27.28
N GLU U 616 67.64 -39.45 -27.97
CA GLU U 616 68.83 -38.82 -28.56
C GLU U 616 69.55 -37.89 -27.56
N VAL U 617 70.11 -38.59 -26.57
CA VAL U 617 70.87 -38.02 -25.46
C VAL U 617 72.02 -37.14 -25.92
N VAL U 618 72.22 -36.01 -25.23
CA VAL U 618 73.37 -35.12 -25.44
C VAL U 618 74.66 -35.86 -25.06
N PRO U 619 75.70 -35.85 -25.92
CA PRO U 619 76.82 -36.79 -25.73
C PRO U 619 77.85 -36.38 -24.69
N GLY U 620 77.52 -35.47 -23.79
CA GLY U 620 78.57 -35.05 -22.89
C GLY U 620 79.42 -33.97 -23.54
N MET U 621 80.66 -33.82 -23.03
CA MET U 621 81.78 -33.01 -23.49
C MET U 621 81.47 -31.52 -23.67
N PHE U 622 80.26 -31.08 -23.32
CA PHE U 622 79.88 -29.67 -23.32
C PHE U 622 79.26 -29.28 -21.99
N THR U 623 79.77 -29.83 -20.89
CA THR U 623 79.20 -29.56 -19.58
C THR U 623 80.00 -28.48 -18.86
N ARG U 624 79.67 -28.27 -17.59
CA ARG U 624 80.55 -27.50 -16.73
C ARG U 624 81.67 -28.37 -16.18
N GLN U 625 81.35 -29.61 -15.83
CA GLN U 625 82.39 -30.49 -15.29
C GLN U 625 83.36 -30.96 -16.37
N ALA U 626 82.92 -31.01 -17.63
CA ALA U 626 83.85 -31.27 -18.72
C ALA U 626 84.58 -30.02 -19.17
N TRP U 627 84.26 -28.87 -18.58
CA TRP U 627 85.05 -27.67 -18.78
C TRP U 627 86.12 -27.51 -17.71
N GLU U 628 85.84 -27.98 -16.50
CA GLU U 628 86.85 -27.94 -15.44
C GLU U 628 87.95 -28.95 -15.70
N GLU U 629 87.61 -30.13 -16.17
CA GLU U 629 88.58 -31.16 -16.52
C GLU U 629 88.81 -31.20 -18.03
N ALA U 630 90.04 -31.49 -18.40
CA ALA U 630 90.43 -32.10 -19.67
C ALA U 630 90.17 -31.22 -20.90
N VAL U 631 89.93 -29.93 -20.76
CA VAL U 631 89.92 -29.11 -21.96
C VAL U 631 90.93 -27.96 -21.89
N LEU U 632 90.86 -27.14 -20.85
CA LEU U 632 91.77 -26.01 -20.72
C LEU U 632 93.22 -26.43 -20.45
N PRO U 633 93.50 -27.52 -19.70
CA PRO U 633 94.85 -28.07 -19.79
C PRO U 633 95.17 -28.68 -21.14
N SER U 634 94.18 -29.17 -21.88
CA SER U 634 94.46 -29.94 -23.08
C SER U 634 94.71 -29.08 -24.31
N ILE U 635 94.05 -27.92 -24.41
CA ILE U 635 94.23 -27.10 -25.59
C ILE U 635 95.59 -26.42 -25.59
N ASP U 636 96.18 -26.22 -24.41
CA ASP U 636 97.51 -25.63 -24.33
C ASP U 636 98.61 -26.61 -24.70
N THR U 637 98.29 -27.91 -24.77
CA THR U 637 99.25 -28.87 -25.32
C THR U 637 99.45 -28.65 -26.81
N VAL U 638 98.38 -28.30 -27.53
CA VAL U 638 98.47 -28.07 -28.96
C VAL U 638 99.01 -26.66 -29.24
N ILE U 639 99.00 -25.79 -28.23
CA ILE U 639 99.54 -24.44 -28.37
C ILE U 639 101.05 -24.46 -28.65
N ASN U 640 101.78 -25.33 -27.96
CA ASN U 640 103.20 -25.49 -28.25
C ASN U 640 103.42 -26.18 -29.58
N GLU U 641 102.46 -26.95 -30.07
CA GLU U 641 102.55 -27.56 -31.39
C GLU U 641 102.08 -26.58 -32.47
N VAL U 661 100.66 -17.56 -37.21
CA VAL U 661 99.80 -17.30 -36.06
C VAL U 661 100.62 -17.37 -34.76
N SER U 662 100.35 -16.44 -33.84
CA SER U 662 100.97 -16.53 -32.53
C SER U 662 100.31 -17.65 -31.73
N PRO U 663 101.08 -18.42 -30.97
CA PRO U 663 100.50 -19.61 -30.31
C PRO U 663 99.57 -19.28 -29.17
N GLU U 664 99.75 -18.15 -28.49
CA GLU U 664 98.85 -17.77 -27.41
C GLU U 664 97.48 -17.31 -27.92
N ALA U 665 97.40 -16.90 -29.18
CA ALA U 665 96.13 -16.56 -29.81
C ALA U 665 95.50 -17.74 -30.53
N LEU U 666 95.80 -18.97 -30.09
CA LEU U 666 95.12 -20.15 -30.58
C LEU U 666 93.85 -20.45 -29.78
N ARG U 667 93.83 -20.11 -28.50
CA ARG U 667 92.66 -20.34 -27.65
C ARG U 667 91.49 -19.48 -28.09
N GLN U 668 91.74 -18.20 -28.35
CA GLN U 668 90.69 -17.23 -28.65
C GLN U 668 89.97 -17.54 -29.96
N ARG U 669 90.61 -18.27 -30.86
CA ARG U 669 89.88 -18.84 -31.98
C ARG U 669 89.24 -20.17 -31.62
N LEU U 670 89.90 -20.96 -30.75
CA LEU U 670 89.42 -22.31 -30.44
C LEU U 670 88.21 -22.29 -29.51
N THR U 671 88.14 -21.32 -28.60
CA THR U 671 87.03 -21.29 -27.65
C THR U 671 85.73 -20.88 -28.32
N THR U 672 85.78 -19.93 -29.25
CA THR U 672 84.57 -19.52 -29.95
C THR U 672 84.06 -20.63 -30.86
N ARG U 673 84.95 -21.37 -31.52
CA ARG U 673 84.53 -22.53 -32.27
C ARG U 673 84.30 -23.74 -31.38
N TYR U 674 84.59 -23.63 -30.09
CA TYR U 674 84.04 -24.56 -29.11
C TYR U 674 82.72 -24.08 -28.55
N PHE U 675 82.61 -22.78 -28.28
CA PHE U 675 81.37 -22.25 -27.72
C PHE U 675 80.29 -22.04 -28.75
N ALA U 676 80.62 -22.04 -30.04
CA ALA U 676 79.58 -22.19 -31.05
C ALA U 676 78.99 -23.59 -30.99
N ASP U 677 79.82 -24.59 -30.74
CA ASP U 677 79.36 -25.96 -30.67
C ASP U 677 79.16 -26.43 -29.24
N PHE U 678 79.33 -25.53 -28.26
CA PHE U 678 78.94 -25.83 -26.88
C PHE U 678 77.43 -25.97 -26.77
N GLY U 679 76.71 -24.87 -27.06
CA GLY U 679 75.28 -24.90 -26.92
C GLY U 679 74.55 -25.48 -28.10
N ASN U 680 75.24 -25.68 -29.22
CA ASN U 680 74.57 -26.18 -30.42
C ASN U 680 74.23 -27.66 -30.30
N ALA U 681 74.96 -28.39 -29.47
CA ALA U 681 74.51 -29.73 -29.11
C ALA U 681 73.44 -29.67 -28.04
N TRP U 682 73.40 -28.59 -27.27
CA TRP U 682 72.30 -28.40 -26.33
C TRP U 682 71.04 -27.90 -27.03
N LEU U 683 71.22 -27.06 -28.07
CA LEU U 683 70.07 -26.59 -28.85
C LEU U 683 69.39 -27.74 -29.55
N ASN U 684 70.16 -28.65 -30.13
CA ASN U 684 69.58 -29.78 -30.83
C ASN U 684 68.99 -30.81 -29.88
N PHE U 685 69.42 -30.82 -28.62
CA PHE U 685 68.80 -31.75 -27.69
C PHE U 685 67.45 -31.22 -27.20
N LEU U 686 67.43 -29.99 -26.71
CA LEU U 686 66.22 -29.45 -26.10
C LEU U 686 65.15 -29.15 -27.15
N ASN U 687 65.53 -28.91 -28.39
CA ASN U 687 64.56 -28.81 -29.46
C ASN U 687 64.17 -30.16 -30.03
N SER U 688 64.44 -31.25 -29.30
CA SER U 688 64.07 -32.59 -29.70
C SER U 688 63.31 -33.33 -28.60
N LEU U 689 62.66 -32.60 -27.72
CA LEU U 689 61.95 -33.24 -26.62
C LEU U 689 60.45 -33.12 -26.80
N HIS U 690 59.73 -34.10 -26.26
CA HIS U 690 58.27 -34.11 -26.31
C HIS U 690 57.73 -34.34 -24.91
N LEU U 691 56.45 -34.05 -24.75
CA LEU U 691 55.76 -34.26 -23.49
C LEU U 691 54.83 -35.46 -23.64
N ARG U 692 54.69 -36.21 -22.54
CA ARG U 692 53.92 -37.44 -22.52
C ARG U 692 52.46 -37.20 -22.88
N LYS U 693 51.96 -38.00 -23.81
CA LYS U 693 50.57 -37.88 -24.24
C LYS U 693 49.64 -38.35 -23.12
N ALA U 694 48.71 -37.48 -22.75
CA ALA U 694 47.86 -37.71 -21.59
C ALA U 694 46.41 -37.44 -21.98
N GLN U 695 45.48 -38.21 -21.41
CA GLN U 695 44.07 -38.03 -21.73
C GLN U 695 43.23 -38.47 -20.53
N THR U 696 41.92 -38.29 -20.65
CA THR U 696 40.86 -38.76 -19.74
C THR U 696 40.96 -38.20 -18.33
N LEU U 697 41.49 -36.97 -18.17
CA LEU U 697 41.37 -36.12 -16.99
C LEU U 697 42.06 -36.65 -15.73
N SER U 698 42.58 -37.87 -15.77
CA SER U 698 43.30 -38.37 -14.62
C SER U 698 44.72 -37.82 -14.61
N ASP U 699 45.48 -38.16 -15.64
CA ASP U 699 46.90 -37.84 -15.65
C ASP U 699 47.18 -36.38 -16.01
N VAL U 700 46.20 -35.66 -16.54
CA VAL U 700 46.46 -34.26 -16.85
C VAL U 700 46.47 -33.44 -15.57
N THR U 701 45.84 -33.94 -14.51
CA THR U 701 46.14 -33.40 -13.19
C THR U 701 47.47 -33.92 -12.69
N GLU U 702 47.76 -35.19 -12.95
CA GLU U 702 48.98 -35.81 -12.46
C GLU U 702 50.22 -35.22 -13.13
N GLN U 703 50.08 -34.77 -14.37
CA GLN U 703 51.16 -34.01 -14.98
C GLN U 703 51.35 -32.68 -14.28
N LEU U 704 50.28 -31.95 -14.04
CA LEU U 704 50.41 -30.61 -13.51
C LEU U 704 50.66 -30.58 -12.01
N THR U 705 50.75 -31.72 -11.34
CA THR U 705 51.26 -31.73 -10.00
C THR U 705 52.66 -32.32 -9.89
N LEU U 706 53.09 -33.13 -10.87
CA LEU U 706 54.50 -33.44 -10.98
C LEU U 706 55.26 -32.22 -11.48
N MET U 707 54.84 -31.69 -12.62
CA MET U 707 55.25 -30.35 -12.99
C MET U 707 54.67 -29.35 -11.99
N ALA U 708 55.38 -28.22 -11.81
CA ALA U 708 54.94 -27.07 -11.00
C ALA U 708 54.80 -27.40 -9.53
N ASP U 709 55.59 -28.33 -9.02
CA ASP U 709 55.65 -28.61 -7.60
C ASP U 709 57.03 -28.11 -7.17
N VAL U 710 57.19 -27.77 -5.89
CA VAL U 710 58.48 -27.34 -5.36
C VAL U 710 59.40 -28.57 -5.38
N ARG U 711 60.68 -28.36 -5.10
CA ARG U 711 61.85 -29.06 -5.65
C ARG U 711 61.66 -30.50 -6.11
N GLN U 712 60.94 -31.34 -5.36
CA GLN U 712 60.74 -32.70 -5.85
C GLN U 712 59.78 -32.74 -7.03
N SER U 713 60.32 -32.49 -8.20
CA SER U 713 59.59 -32.19 -9.41
C SER U 713 60.58 -32.09 -10.58
N PRO U 714 60.17 -32.45 -11.78
CA PRO U 714 60.97 -32.15 -12.96
C PRO U 714 60.81 -30.68 -13.34
N LEU U 715 61.45 -30.33 -14.47
CA LEU U 715 61.31 -29.08 -15.23
C LEU U 715 61.92 -27.88 -14.52
N VAL U 716 62.23 -27.99 -13.23
CA VAL U 716 63.07 -27.02 -12.59
C VAL U 716 64.46 -27.56 -12.33
N ALA U 717 64.58 -28.85 -12.01
CA ALA U 717 65.88 -29.50 -11.98
C ALA U 717 66.49 -29.57 -13.36
N LEU U 718 65.66 -29.70 -14.39
CA LEU U 718 66.15 -29.52 -15.75
C LEU U 718 66.54 -28.07 -15.98
N MET U 719 65.78 -27.14 -15.42
CA MET U 719 66.18 -25.75 -15.53
C MET U 719 67.28 -25.38 -14.56
N ASN U 720 67.48 -26.16 -13.49
CA ASN U 720 68.63 -25.92 -12.62
C ASN U 720 69.92 -26.39 -13.28
N THR U 721 69.86 -27.54 -13.97
CA THR U 721 71.03 -28.03 -14.68
C THR U 721 71.38 -27.09 -15.82
N LEU U 722 70.38 -26.54 -16.49
CA LEU U 722 70.64 -25.49 -17.47
C LEU U 722 71.06 -24.19 -16.83
N ALA U 723 70.84 -24.00 -15.54
CA ALA U 723 71.16 -22.71 -14.93
C ALA U 723 72.65 -22.56 -14.69
N VAL U 724 73.29 -23.61 -14.17
CA VAL U 724 74.70 -23.47 -13.81
C VAL U 724 75.60 -23.57 -15.02
N GLN U 725 75.14 -24.19 -16.10
CA GLN U 725 75.99 -24.32 -17.28
C GLN U 725 76.04 -23.04 -18.09
N GLY U 726 75.20 -22.07 -17.79
CA GLY U 726 75.26 -20.78 -18.44
C GLY U 726 76.22 -19.80 -17.80
N CYS U 727 77.11 -20.27 -16.92
CA CYS U 727 78.09 -19.42 -16.28
C CYS U 727 79.51 -19.98 -16.39
N THR U 728 79.74 -20.92 -17.31
CA THR U 728 81.08 -21.43 -17.50
C THR U 728 81.97 -20.38 -18.14
N GLY U 729 83.27 -20.47 -17.84
CA GLY U 729 84.19 -19.40 -18.15
C GLY U 729 84.38 -18.50 -16.96
N GLN U 730 83.67 -17.37 -16.93
CA GLN U 730 83.73 -16.46 -15.79
C GLN U 730 82.34 -16.28 -15.20
N HIS U 762 78.03 -11.57 -18.90
CA HIS U 762 78.41 -12.35 -17.72
C HIS U 762 79.30 -13.52 -18.10
N GLY U 763 79.27 -13.90 -19.38
CA GLY U 763 80.04 -15.01 -19.86
C GLY U 763 80.21 -15.00 -21.36
N PRO U 764 81.00 -15.95 -21.88
CA PRO U 764 81.24 -15.99 -23.33
C PRO U 764 80.17 -16.73 -24.11
N LEU U 765 79.29 -17.46 -23.43
CA LEU U 765 78.16 -18.16 -24.05
C LEU U 765 76.86 -17.36 -23.90
N ALA U 766 76.96 -16.04 -24.01
CA ALA U 766 75.84 -15.15 -23.71
C ALA U 766 74.69 -15.34 -24.69
N THR U 767 74.98 -15.25 -25.99
CA THR U 767 73.89 -15.20 -26.96
C THR U 767 73.25 -16.55 -27.23
N THR U 768 73.86 -17.65 -26.78
CA THR U 768 73.23 -18.95 -27.01
C THR U 768 72.30 -19.33 -25.88
N PHE U 769 72.64 -18.97 -24.64
CA PHE U 769 71.77 -19.20 -23.49
C PHE U 769 71.23 -17.89 -22.95
N GLY U 770 70.92 -16.95 -23.84
CA GLY U 770 70.43 -15.65 -23.45
C GLY U 770 69.03 -15.65 -22.87
N PRO U 771 68.02 -15.96 -23.68
CA PRO U 771 66.65 -15.91 -23.17
C PRO U 771 66.32 -16.97 -22.14
N VAL U 772 66.93 -18.14 -22.20
CA VAL U 772 66.58 -19.17 -21.23
C VAL U 772 67.16 -18.86 -19.86
N LEU U 773 68.36 -18.31 -19.81
CA LEU U 773 68.87 -17.86 -18.53
C LEU U 773 68.40 -16.46 -18.18
N ALA U 774 67.58 -15.83 -19.02
CA ALA U 774 66.90 -14.62 -18.60
C ALA U 774 65.67 -14.91 -17.76
N LEU U 775 65.27 -16.19 -17.65
CA LEU U 775 64.07 -16.52 -16.91
C LEU U 775 64.34 -16.57 -15.41
N MET U 776 65.23 -17.46 -14.98
CA MET U 776 65.33 -17.80 -13.57
C MET U 776 66.10 -16.78 -12.75
N ASP U 777 66.58 -15.69 -13.37
CA ASP U 777 67.66 -14.91 -12.76
C ASP U 777 67.18 -14.06 -11.59
N ASN U 778 66.02 -13.43 -11.71
CA ASN U 778 65.51 -12.33 -10.90
C ASN U 778 66.46 -11.13 -10.88
N GLN U 779 67.37 -11.02 -11.83
CA GLN U 779 68.14 -9.81 -12.10
C GLN U 779 67.80 -9.23 -13.47
N ASN U 780 66.57 -9.50 -13.92
CA ASN U 780 66.03 -9.04 -15.19
C ASN U 780 65.15 -7.81 -15.00
N ASN U 781 65.61 -6.89 -14.15
CA ASN U 781 64.83 -5.84 -13.51
C ASN U 781 63.97 -4.96 -14.42
N SER U 782 64.24 -4.94 -15.72
CA SER U 782 63.31 -4.36 -16.69
C SER U 782 63.29 -5.28 -17.90
N ALA U 783 62.44 -6.30 -17.86
CA ALA U 783 62.26 -7.21 -18.98
C ALA U 783 60.81 -7.58 -19.19
N ASP U 784 59.89 -6.85 -18.56
CA ASP U 784 58.45 -7.08 -18.40
C ASP U 784 58.14 -8.33 -17.58
N MET U 785 59.18 -8.94 -16.98
CA MET U 785 59.18 -9.87 -15.86
C MET U 785 58.68 -11.28 -16.16
N LEU U 786 57.96 -11.50 -17.26
CA LEU U 786 58.19 -12.57 -18.23
C LEU U 786 59.05 -13.76 -17.80
N ASN U 787 58.83 -14.36 -16.65
CA ASN U 787 59.81 -15.33 -16.18
C ASN U 787 59.16 -16.66 -15.84
N LEU U 788 60.00 -17.60 -15.43
CA LEU U 788 59.59 -18.97 -15.19
C LEU U 788 58.75 -19.10 -13.94
N GLN U 789 59.09 -18.34 -12.89
CA GLN U 789 58.54 -18.62 -11.57
C GLN U 789 57.06 -18.29 -11.47
N THR U 790 56.60 -17.23 -12.14
CA THR U 790 55.18 -16.94 -12.13
C THR U 790 54.41 -17.96 -12.94
N TYR U 791 55.05 -18.52 -13.98
CA TYR U 791 54.37 -19.44 -14.88
C TYR U 791 53.98 -20.73 -14.17
N LEU U 792 54.82 -21.23 -13.28
CA LEU U 792 54.47 -22.49 -12.64
C LEU U 792 53.36 -22.30 -11.60
N THR U 793 53.26 -21.11 -11.02
CA THR U 793 52.05 -20.82 -10.26
C THR U 793 50.91 -20.40 -11.16
N ARG U 794 51.21 -19.96 -12.38
CA ARG U 794 50.15 -19.70 -13.35
C ARG U 794 49.57 -20.99 -13.88
N VAL U 795 50.26 -22.11 -13.70
CA VAL U 795 49.69 -23.38 -14.09
C VAL U 795 49.26 -24.19 -12.89
N THR U 796 49.61 -23.79 -11.67
CA THR U 796 49.11 -24.57 -10.56
C THR U 796 47.66 -24.26 -10.24
N GLN U 797 47.13 -23.13 -10.69
CA GLN U 797 45.73 -22.86 -10.41
C GLN U 797 44.83 -23.40 -11.50
N VAL U 798 45.36 -23.64 -12.71
CA VAL U 798 44.59 -24.42 -13.67
C VAL U 798 44.54 -25.87 -13.22
N ARG U 799 45.53 -26.32 -12.45
CA ARG U 799 45.41 -27.60 -11.78
C ARG U 799 44.35 -27.56 -10.70
N LEU U 800 44.35 -26.48 -9.90
CA LEU U 800 43.44 -26.42 -8.76
C LEU U 800 41.99 -26.26 -9.19
N ARG U 801 41.74 -25.50 -10.26
CA ARG U 801 40.40 -25.44 -10.79
C ARG U 801 39.99 -26.76 -11.40
N LEU U 802 40.94 -27.52 -11.94
CA LEU U 802 40.64 -28.86 -12.39
C LEU U 802 40.62 -29.88 -11.26
N GLN U 803 41.05 -29.50 -10.06
CA GLN U 803 40.92 -30.42 -8.94
C GLN U 803 39.48 -30.54 -8.49
N GLN U 804 38.72 -29.45 -8.56
CA GLN U 804 37.32 -29.50 -8.14
C GLN U 804 36.48 -30.30 -9.10
N ILE U 805 36.83 -30.31 -10.38
CA ILE U 805 36.16 -31.19 -11.31
C ILE U 805 36.59 -32.63 -11.08
N ALA U 806 37.82 -32.84 -10.59
CA ALA U 806 38.23 -34.15 -10.13
C ALA U 806 37.69 -34.47 -8.76
N GLY U 807 36.93 -33.56 -8.16
CA GLY U 807 36.28 -33.81 -6.90
C GLY U 807 34.95 -34.43 -7.22
N SER U 808 33.87 -33.70 -7.01
CA SER U 808 32.52 -34.22 -7.19
C SER U 808 32.19 -34.67 -8.61
N SER U 809 32.06 -33.71 -9.55
CA SER U 809 31.62 -33.93 -10.94
C SER U 809 30.42 -34.84 -11.08
N ASP U 810 29.48 -34.77 -10.14
CA ASP U 810 28.48 -35.80 -9.91
C ASP U 810 27.46 -35.99 -11.04
N PRO U 811 26.84 -34.97 -11.65
CA PRO U 811 25.93 -35.25 -12.76
C PRO U 811 26.53 -35.10 -14.15
N GLN U 812 27.86 -34.92 -14.23
CA GLN U 812 28.71 -34.52 -15.35
C GLN U 812 28.54 -33.03 -15.64
N ALA U 813 27.55 -32.40 -15.02
CA ALA U 813 27.59 -30.96 -14.87
C ALA U 813 28.49 -30.62 -13.70
N MET U 814 28.82 -29.32 -13.61
CA MET U 814 29.84 -28.59 -12.84
C MET U 814 31.21 -28.84 -13.44
N MET U 815 31.29 -29.80 -14.36
CA MET U 815 32.39 -29.88 -15.29
C MET U 815 32.29 -28.77 -16.31
N GLN U 816 31.15 -28.67 -16.98
CA GLN U 816 31.00 -27.62 -17.97
C GLN U 816 30.71 -26.27 -17.34
N LEU U 817 30.38 -26.21 -16.05
CA LEU U 817 30.19 -24.91 -15.41
C LEU U 817 31.50 -24.17 -15.26
N LEU U 818 32.62 -24.90 -15.22
CA LEU U 818 33.90 -24.22 -15.36
C LEU U 818 34.21 -23.99 -16.83
N ALA U 819 33.57 -24.75 -17.71
CA ALA U 819 33.78 -24.54 -19.12
C ALA U 819 32.83 -23.52 -19.71
N GLN U 820 31.70 -23.27 -19.04
CA GLN U 820 30.80 -22.22 -19.48
C GLN U 820 31.43 -20.84 -19.36
N THR U 821 32.41 -20.69 -18.46
CA THR U 821 33.18 -19.46 -18.39
C THR U 821 34.08 -19.29 -19.61
N VAL U 822 34.56 -20.39 -20.18
CA VAL U 822 35.38 -20.29 -21.39
C VAL U 822 34.54 -19.83 -22.56
N LEU U 823 33.26 -20.18 -22.54
CA LEU U 823 32.20 -19.63 -23.37
C LEU U 823 31.82 -18.26 -22.84
N GLN U 824 30.53 -17.91 -22.93
CA GLN U 824 29.94 -16.61 -22.66
C GLN U 824 30.58 -15.81 -21.54
N GLY U 825 30.75 -14.51 -21.77
CA GLY U 825 31.85 -13.76 -21.19
C GLY U 825 31.86 -13.56 -19.70
N LYS U 826 31.89 -14.67 -18.97
CA LYS U 826 32.17 -14.66 -17.55
C LYS U 826 33.66 -14.69 -17.26
N SER U 827 34.50 -14.49 -18.26
CA SER U 827 35.93 -14.58 -18.08
C SER U 827 36.48 -13.35 -17.39
N VAL U 828 37.23 -13.56 -16.30
CA VAL U 828 38.09 -12.51 -15.76
C VAL U 828 39.51 -13.00 -15.54
N ASP U 829 39.74 -14.31 -15.54
CA ASP U 829 41.06 -14.87 -15.32
C ASP U 829 41.63 -15.55 -16.56
N LEU U 830 40.78 -16.19 -17.37
CA LEU U 830 41.29 -17.10 -18.39
C LEU U 830 41.90 -16.40 -19.59
N THR U 831 41.93 -15.07 -19.64
CA THR U 831 42.78 -14.44 -20.64
C THR U 831 44.23 -14.36 -20.20
N ASP U 832 44.54 -14.77 -18.98
CA ASP U 832 45.90 -14.81 -18.46
C ASP U 832 46.48 -16.20 -18.44
N THR U 833 45.67 -17.20 -18.11
CA THR U 833 46.20 -18.54 -17.93
C THR U 833 46.54 -19.21 -19.25
N ARG U 834 45.78 -18.93 -20.32
CA ARG U 834 46.13 -19.53 -21.60
C ARG U 834 47.29 -18.81 -22.27
N ASP U 835 47.33 -17.49 -22.17
CA ASP U 835 48.27 -16.72 -22.96
C ASP U 835 49.62 -16.53 -22.31
N TYR U 836 49.79 -16.86 -21.04
CA TYR U 836 51.10 -16.68 -20.43
C TYR U 836 52.09 -17.73 -20.90
N GLY U 837 51.61 -18.93 -21.21
CA GLY U 837 52.48 -19.93 -21.78
C GLY U 837 53.00 -19.55 -23.16
N SER U 838 52.20 -18.81 -23.92
CA SER U 838 52.64 -18.35 -25.23
C SER U 838 53.32 -17.01 -25.19
N LEU U 839 53.11 -16.21 -24.14
CA LEU U 839 53.76 -14.91 -24.10
C LEU U 839 55.23 -15.03 -23.76
N THR U 840 55.64 -16.15 -23.18
CA THR U 840 57.06 -16.36 -22.94
C THR U 840 57.73 -17.02 -24.13
N ALA U 841 57.19 -18.16 -24.57
CA ALA U 841 57.90 -19.01 -25.52
C ALA U 841 57.93 -18.40 -26.91
N ALA U 842 56.82 -17.80 -27.33
CA ALA U 842 56.84 -17.10 -28.61
C ALA U 842 57.57 -15.77 -28.53
N GLY U 843 58.01 -15.36 -27.35
CA GLY U 843 58.96 -14.29 -27.22
C GLY U 843 60.34 -14.72 -26.79
N LEU U 844 60.62 -16.04 -26.75
CA LEU U 844 61.91 -16.51 -26.28
C LEU U 844 63.07 -16.12 -27.20
N GLY U 845 63.25 -16.83 -28.30
CA GLY U 845 64.26 -16.41 -29.23
C GLY U 845 64.11 -16.82 -30.68
N GLN U 846 63.07 -17.61 -30.98
CA GLN U 846 62.72 -18.32 -32.21
C GLN U 846 63.78 -19.35 -32.66
N GLU U 847 64.88 -19.52 -31.92
CA GLU U 847 65.70 -20.70 -32.09
C GLU U 847 65.39 -21.77 -31.07
N TRP U 848 64.74 -21.38 -29.97
CA TRP U 848 64.22 -22.31 -28.99
C TRP U 848 62.80 -22.74 -29.30
N TYR U 849 62.29 -22.31 -30.45
CA TYR U 849 61.04 -22.82 -30.97
C TYR U 849 61.16 -24.32 -31.20
N GLY U 850 60.10 -25.05 -30.93
CA GLY U 850 60.14 -26.48 -30.86
C GLY U 850 60.45 -27.01 -29.48
N PHE U 851 61.20 -26.26 -28.67
CA PHE U 851 61.29 -26.50 -27.24
C PHE U 851 60.24 -25.68 -26.50
N GLY U 852 60.13 -24.40 -26.87
CA GLY U 852 59.18 -23.51 -26.24
C GLY U 852 57.74 -23.92 -26.44
N GLN U 853 57.46 -24.60 -27.55
CA GLN U 853 56.12 -25.16 -27.72
C GLN U 853 55.87 -26.26 -26.71
N THR U 854 56.82 -27.16 -26.53
CA THR U 854 56.56 -28.32 -25.69
C THR U 854 57.05 -28.15 -24.27
N VAL U 855 57.49 -26.96 -23.88
CA VAL U 855 57.81 -26.75 -22.47
C VAL U 855 56.69 -25.92 -21.86
N PHE U 856 56.06 -25.05 -22.65
CA PHE U 856 55.11 -24.10 -22.10
C PHE U 856 53.71 -24.30 -22.67
N VAL U 857 53.53 -24.24 -23.99
CA VAL U 857 52.15 -24.21 -24.46
C VAL U 857 51.58 -25.62 -24.60
N ARG U 858 52.42 -26.62 -24.78
CA ARG U 858 51.90 -27.98 -24.86
C ARG U 858 51.42 -28.60 -23.54
N PRO U 859 51.97 -28.31 -22.36
CA PRO U 859 51.29 -28.78 -21.16
C PRO U 859 50.02 -28.03 -20.89
N MET U 860 49.96 -26.76 -21.25
CA MET U 860 48.74 -25.99 -21.03
C MET U 860 47.65 -26.40 -21.99
N GLU U 861 48.02 -26.69 -23.24
CA GLU U 861 47.03 -27.05 -24.23
C GLU U 861 46.43 -28.41 -23.95
N GLN U 862 47.20 -29.32 -23.36
CA GLN U 862 46.63 -30.59 -22.94
C GLN U 862 45.72 -30.43 -21.74
N ALA U 863 45.80 -29.29 -21.04
CA ALA U 863 44.93 -29.06 -19.90
C ALA U 863 43.58 -28.49 -20.35
N TRP U 864 43.61 -27.50 -21.23
CA TRP U 864 42.36 -26.90 -21.68
C TRP U 864 41.57 -27.86 -22.56
N GLN U 865 42.24 -28.66 -23.38
CA GLN U 865 41.53 -29.50 -24.33
C GLN U 865 40.82 -30.68 -23.69
N GLN U 866 40.96 -30.88 -22.38
CA GLN U 866 40.12 -31.83 -21.67
C GLN U 866 39.08 -31.17 -20.78
N VAL U 867 39.10 -29.85 -20.68
CA VAL U 867 38.03 -29.13 -20.00
C VAL U 867 37.23 -28.29 -20.99
N LEU U 868 37.68 -28.18 -22.22
CA LEU U 868 36.94 -27.46 -23.23
C LEU U 868 36.19 -28.38 -24.18
N THR U 869 36.77 -29.52 -24.53
CA THR U 869 36.15 -30.44 -25.46
C THR U 869 34.85 -31.07 -24.93
N PRO U 870 34.70 -31.44 -23.66
CA PRO U 870 33.35 -31.81 -23.20
C PRO U 870 32.43 -30.63 -22.92
N ALA U 871 32.76 -29.41 -23.34
CA ALA U 871 31.77 -28.36 -23.48
C ALA U 871 31.28 -28.25 -24.92
N ALA U 872 32.22 -28.25 -25.86
CA ALA U 872 31.87 -28.16 -27.26
C ALA U 872 31.14 -29.39 -27.77
N GLU U 873 31.27 -30.52 -27.11
CA GLU U 873 30.42 -31.67 -27.41
C GLU U 873 29.17 -31.69 -26.56
N SER U 874 29.03 -30.75 -25.62
CA SER U 874 27.78 -30.58 -24.90
C SER U 874 27.04 -29.34 -25.31
N LEU U 875 27.70 -28.41 -26.01
CA LEU U 875 26.98 -27.29 -26.59
C LEU U 875 26.11 -27.75 -27.75
N ASN U 876 26.61 -28.68 -28.56
CA ASN U 876 25.85 -29.16 -29.70
C ASN U 876 24.61 -29.93 -29.31
N ALA U 877 24.55 -30.44 -28.08
CA ALA U 877 23.29 -30.98 -27.59
C ALA U 877 22.36 -29.90 -27.09
N ARG U 878 22.89 -28.75 -26.71
CA ARG U 878 22.06 -27.60 -26.38
C ARG U 878 21.88 -26.66 -27.56
N TRP U 879 22.43 -27.01 -28.71
CA TRP U 879 22.12 -26.22 -29.90
C TRP U 879 20.97 -26.83 -30.66
N ARG U 880 20.90 -28.16 -30.70
CA ARG U 880 19.81 -28.75 -31.45
C ARG U 880 18.52 -28.75 -30.67
N THR U 881 18.58 -28.97 -29.36
CA THR U 881 17.35 -29.11 -28.57
C THR U 881 16.77 -27.77 -28.15
N ALA U 882 17.15 -26.67 -28.78
CA ALA U 882 16.50 -25.40 -28.55
C ALA U 882 16.26 -24.61 -29.82
N VAL U 883 16.99 -24.89 -30.88
CA VAL U 883 16.85 -24.16 -32.13
C VAL U 883 16.61 -25.10 -33.31
N VAL U 884 17.48 -26.10 -33.49
CA VAL U 884 17.41 -26.90 -34.71
C VAL U 884 16.24 -27.87 -34.65
N ASP U 885 16.05 -28.55 -33.54
CA ASP U 885 14.93 -29.48 -33.49
C ASP U 885 13.60 -28.81 -33.18
N GLY U 886 13.50 -27.50 -33.32
CA GLY U 886 12.23 -26.81 -33.46
C GLY U 886 12.16 -26.24 -34.85
N TRP U 887 13.32 -26.14 -35.51
CA TRP U 887 13.36 -25.71 -36.90
C TRP U 887 13.03 -26.86 -37.82
N ASN U 888 13.84 -27.91 -37.79
CA ASN U 888 13.62 -29.05 -38.67
C ASN U 888 12.37 -29.82 -38.30
N ASN U 889 11.90 -29.70 -37.06
CA ASN U 889 10.67 -30.38 -36.69
C ASN U 889 9.45 -29.71 -37.27
N ALA U 890 9.54 -28.44 -37.63
CA ALA U 890 8.38 -27.69 -38.06
C ALA U 890 8.52 -27.05 -39.43
N PHE U 891 9.73 -26.83 -39.92
CA PHE U 891 9.90 -26.10 -41.17
C PHE U 891 10.42 -27.01 -42.27
N SER U 892 10.51 -28.31 -42.03
CA SER U 892 11.07 -29.22 -43.02
C SER U 892 10.06 -29.50 -44.12
N GLY U 893 10.52 -29.45 -45.35
CA GLY U 893 9.69 -29.79 -46.48
C GLY U 893 8.61 -28.77 -46.71
N ARG U 894 8.98 -27.51 -46.73
CA ARG U 894 8.05 -26.42 -47.00
C ARG U 894 8.72 -25.40 -47.89
N TYR U 895 7.91 -24.68 -48.63
CA TYR U 895 8.43 -23.57 -49.39
C TYR U 895 8.85 -22.46 -48.44
N PRO U 896 9.99 -21.80 -48.68
CA PRO U 896 10.96 -22.04 -49.73
C PRO U 896 12.18 -22.82 -49.30
N PHE U 897 12.06 -23.68 -48.30
CA PHE U 897 13.16 -24.58 -48.02
C PHE U 897 13.16 -25.77 -48.95
N LYS U 898 12.06 -25.97 -49.67
CA LYS U 898 11.94 -26.97 -50.72
C LYS U 898 11.13 -26.33 -51.83
N ASN U 899 10.57 -27.15 -52.72
CA ASN U 899 9.48 -26.70 -53.59
C ASN U 899 8.37 -27.73 -53.44
N VAL U 900 7.55 -27.56 -52.40
CA VAL U 900 6.38 -28.38 -52.17
C VAL U 900 5.22 -27.40 -51.99
N SER U 901 3.99 -27.91 -52.07
CA SER U 901 2.82 -27.08 -51.86
C SER U 901 2.68 -26.63 -50.42
N SER U 902 3.26 -27.36 -49.47
CA SER U 902 3.10 -27.00 -48.07
C SER U 902 3.98 -25.80 -47.73
N ASP U 903 3.49 -24.94 -46.85
CA ASP U 903 4.08 -23.63 -46.64
C ASP U 903 4.70 -23.49 -45.26
N ALA U 904 5.82 -22.79 -45.20
CA ALA U 904 6.40 -22.40 -43.93
C ALA U 904 5.53 -21.32 -43.31
N SER U 905 5.12 -21.56 -42.07
CA SER U 905 4.21 -20.64 -41.40
C SER U 905 4.99 -19.38 -41.04
N LEU U 906 4.93 -18.41 -41.93
CA LEU U 906 5.71 -17.18 -41.95
C LEU U 906 5.84 -16.41 -40.65
N PRO U 907 4.84 -16.36 -39.75
CA PRO U 907 5.13 -15.75 -38.45
C PRO U 907 6.03 -16.58 -37.58
N LEU U 908 6.01 -17.91 -37.70
CA LEU U 908 6.99 -18.69 -36.96
C LEU U 908 8.38 -18.52 -37.52
N LEU U 909 8.49 -18.19 -38.81
CA LEU U 909 9.79 -17.78 -39.34
C LEU U 909 10.23 -16.45 -38.72
N ALA U 910 9.28 -15.61 -38.36
CA ALA U 910 9.68 -14.36 -37.71
C ALA U 910 10.12 -14.56 -36.28
N LYS U 911 9.65 -15.60 -35.61
CA LYS U 911 10.05 -15.79 -34.22
C LYS U 911 11.37 -16.51 -34.10
N TYR U 912 11.93 -17.02 -35.19
CA TYR U 912 13.24 -17.65 -35.11
C TYR U 912 14.35 -16.68 -35.50
N LEU U 913 14.27 -16.12 -36.69
CA LEU U 913 15.40 -15.38 -37.22
C LEU U 913 15.27 -13.88 -37.02
N ASN U 914 14.52 -13.43 -36.03
CA ASN U 914 14.36 -12.00 -35.83
C ASN U 914 15.65 -11.37 -35.33
N THR U 915 15.78 -10.07 -35.57
CA THR U 915 17.09 -9.43 -35.46
C THR U 915 17.52 -9.21 -34.02
N ASP U 916 16.58 -9.07 -33.09
CA ASP U 916 16.93 -8.88 -31.70
C ASP U 916 16.12 -9.70 -30.73
N THR U 917 15.01 -10.32 -31.15
CA THR U 917 14.20 -11.13 -30.26
C THR U 917 14.00 -12.54 -30.74
N GLY U 918 14.51 -12.91 -31.90
CA GLY U 918 14.27 -14.23 -32.42
C GLY U 918 15.01 -15.30 -31.65
N ARG U 919 14.59 -16.55 -31.85
CA ARG U 919 15.13 -17.61 -31.05
C ARG U 919 16.53 -18.03 -31.45
N ILE U 920 17.12 -17.41 -32.46
CA ILE U 920 18.54 -17.59 -32.69
C ILE U 920 19.35 -16.49 -32.04
N ALA U 921 18.95 -15.23 -32.25
CA ALA U 921 19.68 -14.13 -31.64
C ALA U 921 19.48 -14.05 -30.14
N ARG U 922 18.45 -14.67 -29.61
CA ARG U 922 18.33 -14.86 -28.17
C ARG U 922 18.87 -16.20 -27.74
N PHE U 923 19.65 -16.87 -28.58
CA PHE U 923 20.43 -18.00 -28.15
C PHE U 923 21.92 -17.73 -28.19
N LEU U 924 22.38 -16.96 -29.18
CA LEU U 924 23.78 -16.62 -29.23
C LEU U 924 24.14 -15.64 -28.13
N GLN U 925 23.27 -14.70 -27.84
CA GLN U 925 23.55 -13.74 -26.80
C GLN U 925 23.27 -14.28 -25.41
N ASN U 926 22.95 -15.56 -25.27
CA ASN U 926 22.84 -16.18 -23.98
C ASN U 926 23.76 -17.37 -23.78
N ASN U 927 24.43 -17.83 -24.83
CA ASN U 927 25.37 -18.93 -24.66
C ASN U 927 26.71 -18.71 -25.31
N LEU U 928 26.78 -17.91 -26.37
CA LEU U 928 28.05 -17.59 -27.00
C LEU U 928 28.29 -16.11 -26.98
N SER U 929 27.97 -15.45 -25.87
CA SER U 929 28.17 -14.02 -25.77
C SER U 929 29.63 -13.65 -25.59
N GLY U 930 30.49 -14.62 -25.32
CA GLY U 930 31.88 -14.33 -25.09
C GLY U 930 32.74 -14.53 -26.32
N VAL U 931 32.34 -15.47 -27.19
CA VAL U 931 33.15 -15.84 -28.34
C VAL U 931 32.56 -15.34 -29.65
N LEU U 932 31.43 -14.64 -29.62
CA LEU U 932 30.70 -14.39 -30.86
C LEU U 932 29.94 -13.07 -30.73
N HIS U 933 30.41 -12.04 -31.43
CA HIS U 933 29.85 -10.70 -31.32
C HIS U 933 29.07 -10.33 -32.56
N ARG U 934 28.04 -9.51 -32.38
CA ARG U 934 27.30 -8.93 -33.50
C ARG U 934 27.85 -7.54 -33.73
N GLU U 935 28.82 -7.43 -34.62
CA GLU U 935 29.42 -6.16 -35.00
C GLU U 935 28.75 -5.69 -36.29
N GLY U 936 28.07 -4.56 -36.22
CA GLY U 936 27.33 -4.11 -37.38
C GLY U 936 26.11 -4.97 -37.64
N SER U 937 26.18 -5.80 -38.67
CA SER U 937 25.11 -6.74 -38.99
C SER U 937 25.62 -8.16 -39.20
N ARG U 938 26.90 -8.42 -38.94
CA ARG U 938 27.44 -9.75 -39.07
C ARG U 938 27.82 -10.30 -37.69
N TRP U 939 27.93 -11.61 -37.62
CA TRP U 939 28.32 -12.29 -36.40
C TRP U 939 29.77 -12.71 -36.53
N VAL U 940 30.68 -11.88 -36.04
CA VAL U 940 32.10 -12.17 -36.18
C VAL U 940 32.56 -12.98 -34.98
N PRO U 941 33.45 -13.94 -35.14
CA PRO U 941 34.06 -14.59 -33.98
C PRO U 941 35.13 -13.68 -33.41
N ASP U 942 35.66 -14.09 -32.26
CA ASP U 942 36.68 -13.32 -31.57
C ASP U 942 38.02 -14.03 -31.66
N THR U 943 39.04 -13.32 -32.15
CA THR U 943 40.35 -13.93 -32.35
C THR U 943 41.03 -14.20 -31.01
N ILE U 944 41.10 -13.18 -30.16
CA ILE U 944 41.36 -13.40 -28.75
C ILE U 944 40.16 -14.14 -28.14
N ASN U 945 40.41 -14.86 -27.03
CA ASN U 945 39.41 -15.64 -26.31
C ASN U 945 38.87 -16.79 -27.16
N THR U 946 39.70 -17.32 -28.04
CA THR U 946 39.40 -18.54 -28.77
C THR U 946 40.62 -19.43 -28.74
N ARG U 947 40.43 -20.70 -28.39
CA ARG U 947 41.49 -21.46 -27.74
C ARG U 947 42.63 -21.87 -28.67
N GLY U 948 42.40 -22.70 -29.71
CA GLY U 948 41.25 -22.84 -30.58
C GLY U 948 39.94 -23.50 -30.19
N LEU U 949 38.88 -22.74 -30.44
CA LEU U 949 37.56 -23.27 -30.76
C LEU U 949 37.33 -23.09 -32.24
N THR U 950 37.12 -24.19 -32.94
CA THR U 950 36.90 -24.16 -34.37
C THR U 950 35.40 -24.20 -34.61
N PHE U 951 34.85 -23.07 -35.04
CA PHE U 951 33.45 -23.05 -35.44
C PHE U 951 33.25 -23.89 -36.68
N ASN U 952 32.05 -24.40 -36.84
CA ASN U 952 31.65 -24.95 -38.11
C ASN U 952 31.63 -23.82 -39.12
N PRO U 953 32.42 -23.87 -40.18
CA PRO U 953 32.47 -22.74 -41.12
C PRO U 953 31.19 -22.57 -41.91
N ALA U 954 30.36 -23.59 -42.00
CA ALA U 954 29.00 -23.38 -42.49
C ALA U 954 28.17 -22.62 -41.47
N PHE U 955 28.44 -22.83 -40.17
CA PHE U 955 27.61 -22.21 -39.15
C PHE U 955 27.88 -20.72 -39.04
N LEU U 956 29.12 -20.31 -39.27
CA LEU U 956 29.35 -18.88 -39.41
C LEU U 956 28.83 -18.36 -40.74
N LYS U 957 28.62 -19.24 -41.72
CA LYS U 957 27.99 -18.83 -42.96
C LYS U 957 26.48 -18.94 -42.90
N ALA U 958 25.95 -19.81 -42.04
CA ALA U 958 24.50 -19.94 -41.96
C ALA U 958 23.87 -18.75 -41.28
N ILE U 959 24.32 -18.41 -40.07
CA ILE U 959 23.70 -17.28 -39.38
C ILE U 959 24.14 -15.94 -39.92
N ASN U 960 25.16 -15.90 -40.77
CA ASN U 960 25.42 -14.66 -41.49
C ASN U 960 24.41 -14.45 -42.60
N THR U 961 23.80 -15.54 -43.07
CA THR U 961 22.74 -15.43 -44.07
C THR U 961 21.42 -15.07 -43.42
N LEU U 962 21.12 -15.68 -42.28
CA LEU U 962 19.85 -15.39 -41.62
C LEU U 962 19.84 -13.99 -41.04
N SER U 963 20.97 -13.50 -40.56
CA SER U 963 20.98 -12.13 -40.10
C SER U 963 21.02 -11.12 -41.24
N GLU U 964 21.13 -11.57 -42.48
CA GLU U 964 21.00 -10.68 -43.61
C GLU U 964 19.57 -10.59 -44.11
N ILE U 965 18.81 -11.68 -43.99
CA ILE U 965 17.38 -11.63 -44.31
C ILE U 965 16.65 -10.72 -43.35
N ALA U 966 16.98 -10.81 -42.07
CA ALA U 966 16.24 -10.12 -41.03
C ALA U 966 16.39 -8.62 -41.07
N ASP U 967 17.40 -8.10 -41.74
CA ASP U 967 17.56 -6.65 -41.81
C ASP U 967 16.93 -6.06 -43.05
N VAL U 968 16.31 -6.87 -43.91
CA VAL U 968 15.62 -6.37 -45.08
C VAL U 968 14.17 -6.82 -45.13
N ALA U 969 13.89 -8.08 -44.85
CA ALA U 969 12.51 -8.54 -44.96
C ALA U 969 11.77 -8.48 -43.63
N PHE U 970 12.49 -8.57 -42.52
CA PHE U 970 11.90 -8.68 -41.20
C PHE U 970 12.32 -7.49 -40.35
N THR U 971 12.28 -6.30 -40.94
CA THR U 971 12.94 -5.17 -40.32
C THR U 971 12.16 -4.59 -39.16
N THR U 972 10.82 -4.65 -39.21
CA THR U 972 10.05 -4.10 -38.11
C THR U 972 10.11 -5.01 -36.89
N GLY U 973 10.27 -6.30 -37.11
CA GLY U 973 10.07 -7.31 -36.10
C GLY U 973 9.02 -8.33 -36.47
N ASN U 974 8.16 -8.00 -37.42
CA ASN U 974 7.20 -8.92 -37.99
C ASN U 974 7.46 -8.99 -39.48
N ALA U 975 6.85 -9.97 -40.14
CA ALA U 975 7.12 -10.21 -41.56
C ALA U 975 6.47 -9.13 -42.39
N GLY U 976 7.27 -8.27 -43.02
CA GLY U 976 6.70 -7.21 -43.81
C GLY U 976 7.71 -6.31 -44.49
N LEU U 977 7.40 -5.92 -45.74
CA LEU U 977 8.30 -5.10 -46.54
C LEU U 977 7.49 -4.35 -47.56
N HIS U 978 8.14 -3.43 -48.28
CA HIS U 978 7.46 -2.56 -49.23
C HIS U 978 8.37 -2.33 -50.42
N PHE U 979 7.99 -2.88 -51.56
CA PHE U 979 8.70 -2.61 -52.79
C PHE U 979 7.76 -1.93 -53.77
N GLU U 980 8.35 -1.36 -54.81
CA GLU U 980 7.59 -0.72 -55.87
C GLU U 980 7.74 -1.55 -57.13
N LEU U 981 6.90 -1.27 -58.12
CA LEU U 981 6.94 -1.99 -59.38
C LEU U 981 6.58 -1.08 -60.53
N ARG U 982 7.41 -1.10 -61.57
CA ARG U 982 7.12 -0.40 -62.81
C ARG U 982 7.02 -1.41 -63.94
N PRO U 983 5.95 -1.38 -64.72
CA PRO U 983 5.78 -2.39 -65.77
C PRO U 983 6.66 -2.11 -66.97
N GLY U 984 7.01 -3.19 -67.67
CA GLY U 984 7.78 -3.11 -68.89
C GLY U 984 7.06 -3.76 -70.05
N THR U 985 7.55 -3.47 -71.25
CA THR U 985 6.91 -3.91 -72.49
C THR U 985 7.78 -4.92 -73.22
N ALA U 986 7.21 -5.47 -74.28
CA ALA U 986 7.87 -6.49 -75.08
C ALA U 986 7.26 -6.48 -76.47
N ALA U 987 7.66 -7.46 -77.28
CA ALA U 987 7.19 -7.58 -78.65
C ALA U 987 5.96 -8.47 -78.71
N GLY U 988 4.81 -7.86 -78.98
CA GLY U 988 3.60 -8.63 -79.12
C GLY U 988 2.87 -8.91 -77.83
N VAL U 989 2.66 -7.89 -77.00
CA VAL U 989 1.85 -7.98 -75.80
C VAL U 989 0.95 -6.75 -75.73
N MET U 990 -0.36 -6.98 -75.60
CA MET U 990 -1.32 -5.89 -75.50
C MET U 990 -1.60 -5.52 -74.05
N GLN U 991 -2.07 -6.48 -73.25
CA GLN U 991 -2.37 -6.23 -71.85
C GLN U 991 -1.67 -7.28 -71.00
N THR U 992 -0.94 -6.83 -70.00
CA THR U 992 -0.35 -7.72 -69.01
C THR U 992 -0.85 -7.31 -67.63
N THR U 993 -1.58 -8.19 -66.96
CA THR U 993 -2.13 -7.90 -65.66
C THR U 993 -1.42 -8.71 -64.59
N LEU U 994 -1.29 -8.12 -63.41
CA LEU U 994 -0.60 -8.75 -62.29
C LEU U 994 -1.35 -8.41 -61.02
N ILE U 995 -1.87 -9.43 -60.35
CA ILE U 995 -2.50 -9.28 -59.05
C ILE U 995 -1.68 -10.06 -58.06
N THR U 996 -1.28 -9.44 -56.97
CA THR U 996 -0.72 -10.15 -55.83
C THR U 996 -1.39 -9.67 -54.55
N ASP U 997 -2.07 -10.61 -53.88
CA ASP U 997 -2.73 -10.38 -52.59
C ASP U 997 -3.74 -9.23 -52.67
N ASN U 998 -4.52 -9.25 -53.75
CA ASN U 998 -5.52 -8.23 -54.07
C ASN U 998 -4.90 -6.84 -54.19
N GLN U 999 -3.71 -6.77 -54.77
CA GLN U 999 -3.14 -5.54 -55.27
C GLN U 999 -3.01 -5.71 -56.78
N LYS U 1000 -3.85 -5.01 -57.53
CA LYS U 1000 -3.92 -5.22 -58.96
C LYS U 1000 -3.02 -4.24 -59.69
N LEU U 1001 -2.35 -4.72 -60.73
CA LEU U 1001 -1.57 -3.90 -61.62
C LEU U 1001 -1.90 -4.30 -63.04
N ILE U 1002 -2.38 -3.34 -63.84
CA ILE U 1002 -2.87 -3.60 -65.18
C ILE U 1002 -2.15 -2.65 -66.14
N TYR U 1003 -1.44 -3.22 -67.11
CA TYR U 1003 -0.67 -2.44 -68.07
C TYR U 1003 -1.17 -2.74 -69.48
N VAL U 1004 -1.51 -1.69 -70.21
CA VAL U 1004 -1.89 -1.79 -71.62
C VAL U 1004 -0.98 -0.91 -72.46
N ASN U 1005 0.30 -0.82 -72.04
CA ASN U 1005 1.36 -0.05 -72.70
C ASN U 1005 1.07 1.44 -72.69
N GLN U 1006 0.66 1.95 -71.54
CA GLN U 1006 0.54 3.38 -71.32
C GLN U 1006 1.82 3.91 -70.68
N MET U 1007 1.77 5.13 -70.16
CA MET U 1007 2.92 5.72 -69.50
C MET U 1007 3.25 4.97 -68.21
N PRO U 1008 4.51 4.58 -67.99
CA PRO U 1008 4.84 3.70 -66.87
C PRO U 1008 4.90 4.44 -65.54
N VAL U 1009 4.13 3.97 -64.56
CA VAL U 1009 4.08 4.57 -63.23
C VAL U 1009 4.40 3.49 -62.20
N TRP U 1010 5.21 3.83 -61.21
CA TRP U 1010 5.47 2.93 -60.09
C TRP U 1010 4.23 2.78 -59.24
N LYS U 1011 3.95 1.57 -58.79
CA LYS U 1011 2.89 1.32 -57.82
C LYS U 1011 3.48 0.66 -56.59
N ARG U 1012 3.29 1.29 -55.44
CA ARG U 1012 3.88 0.80 -54.20
C ARG U 1012 3.15 -0.44 -53.72
N PHE U 1013 3.88 -1.54 -53.59
CA PHE U 1013 3.26 -2.79 -53.20
C PHE U 1013 3.52 -3.05 -51.73
N THR U 1014 2.92 -4.13 -51.23
CA THR U 1014 3.09 -4.52 -49.84
C THR U 1014 2.93 -6.03 -49.75
N TRP U 1015 3.88 -6.69 -49.09
CA TRP U 1015 3.81 -8.12 -48.94
C TRP U 1015 4.26 -8.46 -47.53
N PRO U 1016 3.50 -9.28 -46.79
CA PRO U 1016 2.20 -9.84 -47.12
C PRO U 1016 1.11 -8.82 -46.89
N ALA U 1017 -0.03 -9.00 -47.53
CA ALA U 1017 -1.14 -8.08 -47.37
C ALA U 1017 -2.22 -8.74 -46.53
N ASP U 1018 -2.85 -7.95 -45.68
CA ASP U 1018 -3.98 -8.43 -44.88
C ASP U 1018 -5.14 -8.72 -45.83
N THR U 1019 -5.39 -10.00 -46.07
CA THR U 1019 -6.46 -10.41 -46.96
C THR U 1019 -6.99 -11.76 -46.51
N GLU U 1020 -8.01 -12.22 -47.21
CA GLU U 1020 -8.58 -13.54 -47.00
C GLU U 1020 -8.24 -14.48 -48.14
N ALA U 1021 -7.52 -14.02 -49.15
CA ALA U 1021 -7.11 -14.84 -50.28
C ALA U 1021 -5.70 -14.43 -50.67
N PRO U 1022 -4.70 -14.93 -49.97
CA PRO U 1022 -3.34 -14.52 -50.27
C PRO U 1022 -2.75 -15.32 -51.43
N GLY U 1023 -2.23 -14.61 -52.42
CA GLY U 1023 -1.67 -15.30 -53.57
C GLY U 1023 -1.37 -14.31 -54.68
N ALA U 1024 -0.85 -14.86 -55.77
CA ALA U 1024 -0.49 -14.05 -56.92
C ALA U 1024 -1.06 -14.66 -58.18
N SER U 1025 -1.10 -13.85 -59.23
CA SER U 1025 -1.67 -14.26 -60.50
C SER U 1025 -1.14 -13.35 -61.58
N LEU U 1026 -0.82 -13.92 -62.74
CA LEU U 1026 -0.19 -13.16 -63.80
C LEU U 1026 -0.76 -13.60 -65.14
N SER U 1027 -1.37 -12.67 -65.87
CA SER U 1027 -1.96 -12.96 -67.17
C SER U 1027 -1.51 -11.92 -68.19
N TRP U 1028 -1.31 -12.39 -69.42
CA TRP U 1028 -0.80 -11.58 -70.51
C TRP U 1028 -1.70 -11.73 -71.72
N VAL U 1029 -1.88 -10.64 -72.45
CA VAL U 1029 -2.64 -10.64 -73.70
C VAL U 1029 -1.69 -10.28 -74.82
N SER U 1030 -1.40 -11.24 -75.69
CA SER U 1030 -0.59 -10.96 -76.85
C SER U 1030 -1.42 -10.24 -77.91
N THR U 1031 -0.74 -9.77 -78.95
CA THR U 1031 -1.46 -9.35 -80.15
C THR U 1031 -2.04 -10.55 -80.87
N GLN U 1032 -1.35 -11.68 -80.79
CA GLN U 1032 -1.89 -12.90 -81.38
C GLN U 1032 -2.94 -13.52 -80.46
N ALA U 1033 -2.61 -13.70 -79.19
CA ALA U 1033 -3.44 -14.49 -78.30
C ALA U 1033 -4.38 -13.61 -77.49
N GLY U 1034 -5.15 -14.25 -76.62
CA GLY U 1034 -5.95 -13.55 -75.63
C GLY U 1034 -5.33 -13.64 -74.27
N THR U 1035 -6.14 -13.81 -73.22
CA THR U 1035 -5.62 -13.96 -71.88
C THR U 1035 -5.14 -15.38 -71.65
N ARG U 1036 -3.85 -15.52 -71.37
CA ARG U 1036 -3.30 -16.77 -70.87
C ARG U 1036 -2.65 -16.47 -69.54
N GLN U 1037 -3.09 -17.16 -68.50
CA GLN U 1037 -2.48 -16.99 -67.20
C GLN U 1037 -1.11 -17.65 -67.18
N TYR U 1038 -0.12 -16.94 -66.67
CA TYR U 1038 1.18 -17.57 -66.49
C TYR U 1038 1.12 -18.58 -65.35
N ALA U 1039 0.68 -18.12 -64.18
CA ALA U 1039 0.39 -19.01 -63.06
C ALA U 1039 -0.54 -18.29 -62.10
N ASP U 1040 -1.27 -19.08 -61.33
CA ASP U 1040 -2.00 -18.61 -60.16
C ASP U 1040 -1.44 -19.39 -58.99
N LEU U 1041 -0.65 -18.72 -58.16
CA LEU U 1041 0.02 -19.37 -57.04
C LEU U 1041 -0.66 -18.95 -55.76
N PRO U 1042 -1.46 -19.82 -55.16
CA PRO U 1042 -2.16 -19.46 -53.94
C PRO U 1042 -1.24 -19.55 -52.74
N GLY U 1043 -1.73 -19.06 -51.61
CA GLY U 1043 -0.97 -19.13 -50.39
C GLY U 1043 -0.18 -17.87 -50.13
N SER U 1044 0.24 -17.70 -48.87
CA SER U 1044 0.91 -16.48 -48.45
C SER U 1044 2.30 -16.37 -49.03
N TRP U 1045 2.90 -17.50 -49.40
CA TRP U 1045 4.19 -17.53 -50.07
C TRP U 1045 4.07 -17.35 -51.56
N GLY U 1046 2.98 -16.78 -52.05
CA GLY U 1046 2.69 -16.82 -53.48
C GLY U 1046 3.62 -15.95 -54.29
N LEU U 1047 3.82 -14.71 -53.86
CA LEU U 1047 4.63 -13.77 -54.62
C LEU U 1047 6.09 -14.19 -54.66
N ILE U 1048 6.54 -14.95 -53.67
CA ILE U 1048 7.89 -15.50 -53.73
C ILE U 1048 7.95 -16.62 -54.75
N ARG U 1049 6.90 -17.44 -54.83
CA ARG U 1049 6.82 -18.47 -55.87
C ARG U 1049 6.75 -17.83 -57.25
N LEU U 1050 6.16 -16.64 -57.35
CA LEU U 1050 6.15 -15.94 -58.61
C LEU U 1050 7.51 -15.32 -58.92
N LEU U 1051 8.21 -14.86 -57.90
CA LEU U 1051 9.50 -14.23 -58.15
C LEU U 1051 10.62 -15.23 -58.32
N GLU U 1052 10.35 -16.51 -58.12
CA GLU U 1052 11.37 -17.52 -58.36
C GLU U 1052 11.56 -17.78 -59.85
N MET U 1053 10.48 -17.74 -60.62
CA MET U 1053 10.50 -18.16 -62.01
C MET U 1053 10.96 -17.07 -62.97
N ALA U 1054 11.46 -15.95 -62.48
CA ALA U 1054 11.86 -14.84 -63.35
C ALA U 1054 13.36 -14.62 -63.30
N ARG U 1055 13.95 -14.42 -64.47
CA ARG U 1055 15.36 -14.09 -64.55
C ARG U 1055 15.59 -12.66 -64.10
N ARG U 1056 16.56 -12.47 -63.21
CA ARG U 1056 16.82 -11.16 -62.62
C ARG U 1056 18.24 -10.72 -62.95
N LYS U 1057 18.39 -9.41 -63.09
CA LYS U 1057 19.70 -8.77 -63.14
C LYS U 1057 19.52 -7.36 -62.63
N ALA U 1058 20.63 -6.69 -62.35
CA ALA U 1058 20.57 -5.31 -61.89
C ALA U 1058 20.15 -4.42 -63.06
N ALA U 1059 18.99 -3.81 -62.95
CA ALA U 1059 18.56 -2.86 -63.96
C ALA U 1059 19.42 -1.62 -63.83
N PRO U 1060 20.25 -1.27 -64.82
CA PRO U 1060 21.26 -0.24 -64.62
C PRO U 1060 20.72 1.18 -64.59
N GLY U 1061 19.45 1.38 -64.97
CA GLY U 1061 18.91 2.72 -64.99
C GLY U 1061 18.72 3.29 -63.60
N VAL U 1062 17.97 2.57 -62.75
CA VAL U 1062 17.61 3.04 -61.42
C VAL U 1062 18.29 2.12 -60.41
N ALA U 1063 18.76 2.70 -59.30
CA ALA U 1063 19.27 1.95 -58.17
C ALA U 1063 18.42 2.29 -56.95
N SER U 1064 17.96 1.26 -56.21
CA SER U 1064 18.27 -0.14 -56.45
C SER U 1064 17.21 -0.80 -57.30
N GLY U 1065 17.49 -0.97 -58.59
CA GLY U 1065 16.54 -1.50 -59.54
C GLY U 1065 16.95 -2.87 -60.04
N TRP U 1066 15.97 -3.76 -60.17
CA TRP U 1066 16.21 -5.11 -60.65
C TRP U 1066 15.33 -5.35 -61.84
N SER U 1067 15.90 -5.91 -62.91
CA SER U 1067 15.10 -6.26 -64.06
C SER U 1067 14.34 -7.55 -63.77
N LEU U 1068 13.08 -7.59 -64.15
CA LEU U 1068 12.26 -8.78 -63.97
C LEU U 1068 11.58 -9.11 -65.27
N SER U 1069 11.95 -10.24 -65.85
CA SER U 1069 11.40 -10.66 -67.13
C SER U 1069 10.92 -12.10 -66.98
N TRP U 1070 9.62 -12.27 -66.77
CA TRP U 1070 9.05 -13.59 -66.79
C TRP U 1070 8.95 -14.07 -68.23
N GLN U 1071 9.71 -15.10 -68.56
CA GLN U 1071 9.55 -15.76 -69.85
C GLN U 1071 8.30 -16.61 -69.77
N ALA U 1072 7.28 -16.24 -70.51
CA ALA U 1072 6.02 -16.96 -70.49
C ALA U 1072 6.07 -18.09 -71.50
N GLN U 1073 4.91 -18.68 -71.76
CA GLN U 1073 4.77 -19.45 -72.99
C GLN U 1073 4.55 -18.48 -74.14
N ASP U 1074 4.54 -19.05 -75.36
CA ASP U 1074 4.50 -18.29 -76.62
C ASP U 1074 5.66 -17.31 -76.75
N GLY U 1075 6.81 -17.63 -76.13
CA GLY U 1075 8.05 -16.92 -76.33
C GLY U 1075 8.10 -15.48 -75.81
N ARG U 1076 7.01 -14.94 -75.29
CA ARG U 1076 7.02 -13.55 -74.87
C ARG U 1076 7.69 -13.38 -73.53
N MET U 1077 8.29 -12.21 -73.32
CA MET U 1077 8.99 -11.88 -72.09
C MET U 1077 8.23 -10.76 -71.38
N LEU U 1078 7.44 -11.13 -70.39
CA LEU U 1078 6.69 -10.14 -69.61
C LEU U 1078 7.67 -9.33 -68.78
N ASN U 1079 7.83 -8.06 -69.13
CA ASN U 1079 8.88 -7.25 -68.56
C ASN U 1079 8.39 -6.45 -67.36
N TYR U 1080 9.26 -6.30 -66.36
CA TYR U 1080 8.92 -5.60 -65.14
C TYR U 1080 10.19 -5.04 -64.54
N THR U 1081 10.10 -3.85 -63.95
CA THR U 1081 11.23 -3.19 -63.32
C THR U 1081 10.90 -2.96 -61.85
N LEU U 1082 11.66 -3.60 -60.98
CA LEU U 1082 11.41 -3.60 -59.55
C LEU U 1082 12.41 -2.70 -58.85
N ARG U 1083 11.92 -1.79 -58.02
CA ARG U 1083 12.77 -0.94 -57.20
C ARG U 1083 12.41 -1.16 -55.74
N THR U 1084 13.42 -1.39 -54.92
CA THR U 1084 13.25 -1.60 -53.49
C THR U 1084 13.57 -0.31 -52.76
N GLU U 1085 13.37 -0.32 -51.45
CA GLU U 1085 13.79 0.84 -50.66
C GLU U 1085 15.12 0.60 -49.98
N ALA U 1086 15.41 -0.63 -49.57
CA ALA U 1086 16.66 -0.93 -48.87
C ALA U 1086 17.06 -2.37 -49.14
N GLY U 1087 18.23 -2.55 -49.73
CA GLY U 1087 18.67 -3.89 -50.03
C GLY U 1087 17.94 -4.47 -51.23
N GLU U 1088 18.00 -5.79 -51.33
CA GLU U 1088 17.41 -6.48 -52.47
C GLU U 1088 15.90 -6.53 -52.45
N GLY U 1089 15.25 -6.18 -51.34
CA GLY U 1089 13.82 -6.25 -51.24
C GLY U 1089 13.32 -7.67 -51.11
N PRO U 1090 12.24 -8.00 -51.82
CA PRO U 1090 11.64 -9.32 -51.66
C PRO U 1090 12.36 -10.44 -52.39
N LEU U 1091 13.44 -10.12 -53.12
CA LEU U 1091 14.20 -11.16 -53.79
C LEU U 1091 15.04 -11.98 -52.83
N VAL U 1092 15.30 -11.47 -51.64
CA VAL U 1092 16.26 -12.08 -50.74
C VAL U 1092 15.72 -13.38 -50.16
N LEU U 1093 14.40 -13.56 -50.11
CA LEU U 1093 13.83 -14.75 -49.51
C LEU U 1093 14.03 -16.00 -50.34
N LEU U 1094 14.57 -15.86 -51.56
CA LEU U 1094 14.98 -17.01 -52.33
C LEU U 1094 16.34 -17.54 -51.92
N LYS U 1095 17.00 -16.91 -50.95
CA LYS U 1095 18.26 -17.45 -50.44
C LYS U 1095 18.04 -18.72 -49.65
N LEU U 1096 16.84 -18.96 -49.17
CA LEU U 1096 16.53 -20.14 -48.39
C LEU U 1096 16.25 -21.38 -49.22
N ARG U 1097 16.44 -21.32 -50.54
CA ARG U 1097 16.17 -22.46 -51.40
C ARG U 1097 17.21 -23.54 -51.12
N ASN U 1098 16.75 -24.63 -50.53
CA ASN U 1098 17.58 -25.70 -49.95
C ASN U 1098 18.58 -25.13 -48.95
N PHE U 1099 18.04 -24.39 -48.00
CA PHE U 1099 18.79 -23.94 -46.84
C PHE U 1099 18.89 -25.08 -45.84
N VAL U 1100 19.99 -25.13 -45.11
CA VAL U 1100 20.19 -26.16 -44.10
C VAL U 1100 20.85 -25.53 -42.87
N LEU U 1101 20.24 -25.71 -41.71
CA LEU U 1101 20.89 -25.32 -40.48
C LEU U 1101 21.96 -26.34 -40.14
N PRO U 1102 23.12 -25.91 -39.68
CA PRO U 1102 24.14 -26.87 -39.28
C PRO U 1102 23.71 -27.58 -38.01
N GLU U 1103 23.74 -28.91 -38.07
CA GLU U 1103 23.44 -29.72 -36.89
C GLU U 1103 24.44 -29.49 -35.78
N THR U 1104 25.70 -29.20 -36.12
CA THR U 1104 26.78 -29.04 -35.16
C THR U 1104 27.34 -27.64 -35.27
N VAL U 1105 27.52 -26.99 -34.13
CA VAL U 1105 28.20 -25.69 -34.11
C VAL U 1105 29.70 -25.86 -33.98
N PHE U 1106 30.14 -26.61 -32.98
CA PHE U 1106 31.55 -26.86 -32.80
C PHE U 1106 31.89 -28.26 -33.30
N GLU U 1107 33.16 -28.61 -33.20
CA GLU U 1107 33.61 -29.93 -33.64
C GLU U 1107 34.27 -30.71 -32.52
N ASN V 577 51.10 -96.86 16.53
CA ASN V 577 50.93 -96.02 17.71
C ASN V 577 51.65 -94.67 17.57
N SER V 578 51.05 -93.78 16.78
CA SER V 578 51.59 -92.44 16.61
C SER V 578 50.43 -91.47 16.40
N ASP V 579 50.31 -90.50 17.32
CA ASP V 579 49.37 -89.38 17.27
C ASP V 579 47.91 -89.83 17.23
N ALA V 580 47.61 -91.01 17.78
CA ALA V 580 46.23 -91.44 18.00
C ALA V 580 45.92 -91.50 19.49
N MET V 581 46.73 -92.21 20.27
CA MET V 581 46.68 -92.13 21.72
C MET V 581 47.69 -91.15 22.28
N LEU V 582 48.63 -90.69 21.47
CA LEU V 582 49.55 -89.65 21.88
C LEU V 582 48.82 -88.34 22.12
N TYR V 583 47.80 -88.04 21.31
CA TYR V 583 47.06 -86.79 21.45
C TYR V 583 46.22 -86.76 22.71
N GLN V 584 45.58 -87.89 23.05
CA GLN V 584 44.62 -87.90 24.15
C GLN V 584 45.31 -87.79 25.51
N LYS V 585 46.56 -88.22 25.60
CA LYS V 585 47.28 -88.09 26.86
C LYS V 585 47.66 -86.64 27.13
N MET V 586 47.76 -85.84 26.08
CA MET V 586 48.09 -84.43 26.24
C MET V 586 46.99 -83.67 26.95
N LEU V 587 45.73 -84.05 26.70
CA LEU V 587 44.61 -83.38 27.35
C LEU V 587 44.52 -83.75 28.83
N ALA V 588 44.70 -85.03 29.14
CA ALA V 588 44.51 -85.51 30.51
C ALA V 588 45.58 -84.98 31.47
N ARG V 589 46.74 -84.58 30.95
CA ARG V 589 47.75 -83.99 31.82
C ARG V 589 47.38 -82.57 32.20
N VAL V 590 46.68 -81.84 31.32
CA VAL V 590 46.47 -80.42 31.56
C VAL V 590 45.07 -80.11 32.05
N ALA V 591 44.09 -80.97 31.77
CA ALA V 591 42.70 -80.67 32.12
C ALA V 591 42.41 -80.78 33.60
N HIS V 592 43.36 -81.23 34.41
CA HIS V 592 43.11 -81.41 35.83
C HIS V 592 43.49 -80.18 36.65
N GLN V 593 44.67 -79.60 36.39
CA GLN V 593 45.14 -78.50 37.23
C GLN V 593 44.42 -77.20 36.92
N PHE V 594 44.38 -76.81 35.65
CA PHE V 594 43.69 -75.59 35.28
C PHE V 594 42.18 -75.77 35.44
N ALA V 595 41.53 -74.75 35.97
CA ALA V 595 40.11 -74.79 36.23
C ALA V 595 39.33 -74.24 35.04
N ASP V 596 38.03 -74.04 35.25
CA ASP V 596 37.18 -73.50 34.22
C ASP V 596 37.37 -71.99 34.11
N MET V 597 37.14 -71.46 32.92
CA MET V 597 37.26 -70.03 32.65
C MET V 597 35.85 -69.49 32.46
N ARG V 598 35.21 -69.15 33.57
CA ARG V 598 33.85 -68.64 33.53
C ARG V 598 33.85 -67.19 33.07
N LEU V 599 32.65 -66.66 32.86
CA LEU V 599 32.52 -65.28 32.45
C LEU V 599 32.82 -64.32 33.59
N THR V 600 32.72 -64.77 34.83
CA THR V 600 33.00 -63.89 35.96
C THR V 600 34.49 -63.65 36.11
N ASP V 601 35.31 -64.69 35.95
CA ASP V 601 36.76 -64.45 35.95
C ASP V 601 37.23 -63.85 34.64
N MET V 602 36.47 -63.99 33.57
CA MET V 602 36.67 -63.13 32.42
C MET V 602 36.15 -61.74 32.74
N THR V 603 36.51 -60.78 31.86
CA THR V 603 35.99 -59.41 31.85
C THR V 603 36.25 -58.64 33.15
N GLY V 604 37.20 -59.05 33.97
CA GLY V 604 37.35 -58.44 35.27
C GLY V 604 36.17 -58.77 36.19
N ASP V 605 36.01 -57.98 37.23
CA ASP V 605 34.90 -58.15 38.15
C ASP V 605 33.62 -57.45 37.70
N THR V 606 33.52 -57.07 36.43
CA THR V 606 32.43 -56.24 35.97
C THR V 606 31.13 -57.05 35.89
N ASP V 607 30.01 -56.33 36.02
CA ASP V 607 28.68 -56.96 36.10
C ASP V 607 28.29 -57.47 34.72
N VAL V 608 28.48 -58.75 34.48
CA VAL V 608 28.13 -59.33 33.20
C VAL V 608 26.67 -59.80 33.21
N SER V 609 26.12 -60.07 34.39
CA SER V 609 24.76 -60.62 34.50
C SER V 609 23.70 -59.63 34.06
N ARG V 610 23.97 -58.32 34.17
CA ARG V 610 23.04 -57.35 33.63
C ARG V 610 23.17 -57.18 32.13
N LEU V 611 24.15 -57.84 31.52
CA LEU V 611 24.29 -57.86 30.08
C LEU V 611 24.16 -59.27 29.53
N PHE V 612 24.95 -60.22 30.01
CA PHE V 612 24.97 -61.57 29.46
C PHE V 612 24.76 -62.57 30.57
N PHE V 613 23.72 -63.41 30.45
CA PHE V 613 23.44 -64.46 31.41
C PHE V 613 23.96 -65.82 30.94
N THR V 614 25.05 -65.83 30.21
CA THR V 614 25.49 -67.00 29.46
C THR V 614 26.06 -68.09 30.36
N ASP V 615 25.75 -69.34 30.00
CA ASP V 615 26.23 -70.56 30.62
C ASP V 615 27.07 -71.33 29.59
N GLU V 616 27.36 -72.60 29.91
CA GLU V 616 28.30 -73.51 29.22
C GLU V 616 29.67 -72.85 28.98
N VAL V 617 30.31 -72.65 30.13
CA VAL V 617 31.65 -72.11 30.27
C VAL V 617 32.69 -72.84 29.42
N VAL V 618 33.58 -72.07 28.79
CA VAL V 618 34.75 -72.60 28.08
C VAL V 618 35.70 -73.28 29.07
N PRO V 619 36.16 -74.51 28.82
CA PRO V 619 36.78 -75.31 29.90
C PRO V 619 38.24 -75.00 30.18
N GLY V 620 38.73 -73.82 29.82
CA GLY V 620 40.14 -73.61 30.03
C GLY V 620 40.95 -74.22 28.88
N MET V 621 42.23 -74.49 29.17
CA MET V 621 43.23 -75.22 28.38
C MET V 621 43.46 -74.66 26.97
N PHE V 622 42.81 -73.56 26.60
CA PHE V 622 43.01 -72.89 25.33
C PHE V 622 43.27 -71.41 25.54
N THR V 623 44.01 -71.03 26.58
CA THR V 623 44.21 -69.64 26.88
C THR V 623 45.58 -69.19 26.39
N ARG V 624 45.97 -67.99 26.80
CA ARG V 624 47.36 -67.60 26.67
C ARG V 624 48.18 -68.12 27.85
N GLN V 625 47.59 -68.12 29.04
CA GLN V 625 48.32 -68.58 30.21
C GLN V 625 48.45 -70.10 30.24
N ALA V 626 47.54 -70.84 29.61
CA ALA V 626 47.73 -72.27 29.46
C ALA V 626 48.58 -72.60 28.25
N TRP V 627 49.00 -71.59 27.49
CA TRP V 627 50.01 -71.80 26.46
C TRP V 627 51.40 -71.54 26.99
N GLU V 628 51.54 -70.61 27.94
CA GLU V 628 52.84 -70.36 28.55
C GLU V 628 53.26 -71.51 29.45
N GLU V 629 52.32 -72.10 30.19
CA GLU V 629 52.58 -73.24 31.02
C GLU V 629 52.07 -74.52 30.38
N ALA V 630 52.79 -75.60 30.63
CA ALA V 630 52.29 -76.98 30.60
C ALA V 630 51.87 -77.48 29.23
N VAL V 631 52.23 -76.81 28.13
CA VAL V 631 51.97 -77.44 26.83
C VAL V 631 53.26 -77.58 26.02
N LEU V 632 53.97 -76.48 25.79
CA LEU V 632 55.19 -76.54 25.00
C LEU V 632 56.34 -77.28 25.70
N PRO V 633 56.48 -77.23 27.03
CA PRO V 633 57.33 -78.25 27.66
C PRO V 633 56.76 -79.65 27.57
N SER V 634 55.43 -79.80 27.52
CA SER V 634 54.84 -81.13 27.65
C SER V 634 54.84 -81.91 26.35
N ILE V 635 54.67 -81.25 25.21
CA ILE V 635 54.60 -81.97 23.95
C ILE V 635 55.98 -82.48 23.55
N ASP V 636 57.04 -81.83 24.02
CA ASP V 636 58.39 -82.30 23.73
C ASP V 636 58.79 -83.49 24.58
N THR V 637 58.03 -83.80 25.63
CA THR V 637 58.25 -85.04 26.36
C THR V 637 57.88 -86.23 25.51
N VAL V 638 56.82 -86.12 24.71
CA VAL V 638 56.38 -87.26 23.92
C VAL V 638 57.09 -87.27 22.57
N ILE V 639 57.85 -86.20 22.26
CA ILE V 639 58.68 -86.18 21.05
C ILE V 639 59.74 -87.28 21.10
N ASN V 640 60.38 -87.46 22.27
CA ASN V 640 61.30 -88.57 22.42
C ASN V 640 60.60 -89.91 22.44
N GLU V 641 59.32 -89.94 22.81
CA GLU V 641 58.54 -91.16 22.73
C GLU V 641 57.98 -91.35 21.32
N VAL V 661 58.13 -91.20 10.91
CA VAL V 661 58.05 -89.77 11.15
C VAL V 661 59.27 -89.30 11.96
N SER V 662 59.83 -88.16 11.55
CA SER V 662 60.90 -87.56 12.34
C SER V 662 60.30 -86.95 13.61
N PRO V 663 60.98 -87.07 14.75
CA PRO V 663 60.36 -86.63 16.02
C PRO V 663 60.24 -85.13 16.16
N GLU V 664 61.11 -84.35 15.51
CA GLU V 664 61.01 -82.91 15.59
C GLU V 664 59.86 -82.37 14.76
N ALA V 665 59.38 -83.13 13.78
CA ALA V 665 58.20 -82.76 13.00
C ALA V 665 56.92 -83.34 13.60
N LEU V 666 56.90 -83.57 14.91
CA LEU V 666 55.67 -83.94 15.60
C LEU V 666 54.89 -82.71 16.06
N ARG V 667 55.58 -81.62 16.39
CA ARG V 667 54.92 -80.41 16.86
C ARG V 667 54.09 -79.77 15.75
N GLN V 668 54.67 -79.68 14.55
CA GLN V 668 54.04 -78.98 13.43
C GLN V 668 52.76 -79.64 12.97
N ARG V 669 52.59 -80.93 13.23
CA ARG V 669 51.29 -81.55 13.08
C ARG V 669 50.44 -81.38 14.32
N LEU V 670 51.07 -81.38 15.52
CA LEU V 670 50.32 -81.30 16.76
C LEU V 670 49.79 -79.90 17.03
N THR V 671 50.49 -78.86 16.57
CA THR V 671 50.05 -77.50 16.83
C THR V 671 48.81 -77.14 16.02
N THR V 672 48.77 -77.55 14.75
CA THR V 672 47.60 -77.26 13.92
C THR V 672 46.38 -78.02 14.40
N ARG V 673 46.54 -79.26 14.84
CA ARG V 673 45.43 -79.97 15.45
C ARG V 673 45.18 -79.55 16.89
N TYR V 674 46.04 -78.71 17.45
CA TYR V 674 45.70 -77.98 18.66
C TYR V 674 45.06 -76.64 18.33
N PHE V 675 45.60 -75.93 17.33
CA PHE V 675 45.04 -74.62 16.97
C PHE V 675 43.76 -74.72 16.17
N ALA V 676 43.45 -75.87 15.59
CA ALA V 676 42.09 -76.08 15.10
C ALA V 676 41.12 -76.16 16.27
N ASP V 677 41.53 -76.81 17.35
CA ASP V 677 40.67 -76.94 18.51
C ASP V 677 40.98 -75.91 19.58
N PHE V 678 41.92 -74.99 19.31
CA PHE V 678 42.09 -73.82 20.17
C PHE V 678 40.87 -72.92 20.08
N GLY V 679 40.59 -72.40 18.89
CA GLY V 679 39.49 -71.47 18.73
C GLY V 679 38.12 -72.14 18.62
N ASN V 680 38.10 -73.44 18.34
CA ASN V 680 36.82 -74.10 18.11
C ASN V 680 36.05 -74.29 19.41
N ALA V 681 36.75 -74.31 20.54
CA ALA V 681 36.05 -74.22 21.81
C ALA V 681 35.68 -72.78 22.13
N TRP V 682 36.41 -71.82 21.56
CA TRP V 682 36.03 -70.43 21.71
C TRP V 682 34.89 -70.07 20.76
N LEU V 683 34.87 -70.65 19.56
CA LEU V 683 33.77 -70.43 18.63
C LEU V 683 32.46 -70.94 19.20
N ASN V 684 32.50 -72.11 19.82
CA ASN V 684 31.28 -72.67 20.40
C ASN V 684 30.85 -71.95 21.66
N PHE V 685 31.75 -71.27 22.35
CA PHE V 685 31.32 -70.52 23.52
C PHE V 685 30.65 -69.21 23.12
N LEU V 686 31.31 -68.44 22.27
CA LEU V 686 30.80 -67.11 21.93
C LEU V 686 29.57 -67.19 21.03
N ASN V 687 29.40 -68.28 20.30
CA ASN V 687 28.15 -68.49 19.57
C ASN V 687 27.08 -69.12 20.43
N SER V 688 27.23 -69.09 21.76
CA SER V 688 26.25 -69.62 22.69
C SER V 688 25.86 -68.60 23.75
N LEU V 689 25.99 -67.32 23.45
CA LEU V 689 25.68 -66.29 24.43
C LEU V 689 24.43 -65.52 24.03
N HIS V 690 23.72 -65.03 25.04
CA HIS V 690 22.52 -64.25 24.83
C HIS V 690 22.60 -62.96 25.61
N LEU V 691 21.71 -62.04 25.26
CA LEU V 691 21.59 -60.74 25.91
C LEU V 691 20.37 -60.75 26.81
N ARG V 692 20.49 -60.05 27.95
CA ARG V 692 19.43 -59.99 28.94
C ARG V 692 18.18 -59.33 28.36
N LYS V 693 17.04 -59.98 28.55
CA LYS V 693 15.77 -59.46 28.05
C LYS V 693 15.38 -58.23 28.83
N ALA V 694 15.18 -57.12 28.12
CA ALA V 694 14.95 -55.82 28.73
C ALA V 694 13.67 -55.23 28.16
N GLN V 695 12.90 -54.56 29.00
CA GLN V 695 11.62 -53.99 28.56
C GLN V 695 11.31 -52.76 29.39
N THR V 696 10.24 -52.06 28.99
CA THR V 696 9.61 -50.91 29.68
C THR V 696 10.54 -49.72 29.85
N LEU V 697 11.49 -49.51 28.94
CA LEU V 697 12.26 -48.27 28.74
C LEU V 697 13.19 -47.91 29.89
N SER V 698 13.14 -48.64 31.00
CA SER V 698 14.05 -48.35 32.09
C SER V 698 15.41 -48.96 31.80
N ASP V 699 15.45 -50.29 31.70
CA ASP V 699 16.72 -50.99 31.61
C ASP V 699 17.33 -50.94 30.22
N VAL V 700 16.57 -50.54 29.20
CA VAL V 700 17.16 -50.46 27.88
C VAL V 700 18.07 -49.24 27.78
N THR V 701 17.85 -48.25 28.64
CA THR V 701 18.90 -47.26 28.85
C THR V 701 20.01 -47.83 29.71
N GLU V 702 19.65 -48.61 30.73
CA GLU V 702 20.64 -49.14 31.65
C GLU V 702 21.54 -50.16 30.98
N GLN V 703 21.03 -50.86 29.97
CA GLN V 703 21.91 -51.68 29.14
C GLN V 703 22.89 -50.81 28.36
N LEU V 704 22.38 -49.79 27.69
CA LEU V 704 23.22 -49.03 26.79
C LEU V 704 24.12 -48.02 27.50
N THR V 705 24.05 -47.92 28.82
CA THR V 705 25.08 -47.20 29.54
C THR V 705 26.03 -48.13 30.27
N LEU V 706 25.63 -49.36 30.55
CA LEU V 706 26.58 -50.37 31.01
C LEU V 706 27.46 -50.78 29.84
N MET V 707 26.85 -51.23 28.76
CA MET V 707 27.52 -51.29 27.47
C MET V 707 27.87 -49.87 27.02
N ALA V 708 28.94 -49.76 26.23
CA ALA V 708 29.40 -48.52 25.59
C ALA V 708 29.84 -47.46 26.58
N ASP V 709 30.33 -47.88 27.74
CA ASP V 709 30.93 -46.97 28.70
C ASP V 709 32.42 -47.28 28.63
N VAL V 710 33.27 -46.37 29.10
CA VAL V 710 34.71 -46.59 29.19
C VAL V 710 34.95 -47.62 30.29
N ARG V 711 36.20 -48.09 30.42
CA ARG V 711 36.67 -49.37 30.94
C ARG V 711 35.78 -50.07 31.98
N GLN V 712 35.20 -49.32 32.92
CA GLN V 712 34.22 -49.96 33.80
C GLN V 712 32.93 -50.26 33.04
N SER V 713 32.94 -51.39 32.34
CA SER V 713 31.91 -51.79 31.40
C SER V 713 32.24 -53.20 30.91
N PRO V 714 31.23 -53.98 30.55
CA PRO V 714 31.48 -55.20 29.78
C PRO V 714 31.70 -54.84 28.31
N LEU V 715 31.82 -55.90 27.50
CA LEU V 715 31.81 -55.89 26.03
C LEU V 715 33.08 -55.30 25.42
N VAL V 716 33.93 -54.69 26.24
CA VAL V 716 35.29 -54.43 25.85
C VAL V 716 36.28 -55.11 26.78
N ALA V 717 35.91 -55.30 28.05
CA ALA V 717 36.68 -56.18 28.92
C ALA V 717 36.56 -57.62 28.46
N LEU V 718 35.45 -57.97 27.81
CA LEU V 718 35.40 -59.24 27.08
C LEU V 718 36.23 -59.14 25.81
N MET V 719 36.24 -57.97 25.17
CA MET V 719 37.02 -57.83 23.96
C MET V 719 38.49 -57.59 24.25
N ASN V 720 38.85 -57.14 25.45
CA ASN V 720 40.25 -57.15 25.84
C ASN V 720 40.76 -58.57 26.04
N THR V 721 39.95 -59.41 26.68
CA THR V 721 40.33 -60.80 26.90
C THR V 721 40.45 -61.54 25.58
N LEU V 722 39.57 -61.24 24.64
CA LEU V 722 39.73 -61.79 23.30
C LEU V 722 40.86 -61.15 22.52
N ALA V 723 41.39 -60.01 22.97
CA ALA V 723 42.40 -59.32 22.18
C ALA V 723 43.76 -59.97 22.35
N VAL V 724 44.14 -60.29 23.58
CA VAL V 724 45.50 -60.77 23.81
C VAL V 724 45.63 -62.25 23.46
N GLN V 725 44.52 -62.99 23.40
CA GLN V 725 44.61 -64.40 23.06
C GLN V 725 44.75 -64.61 21.56
N GLY V 726 44.59 -63.58 20.76
CA GLY V 726 44.82 -63.65 19.34
C GLY V 726 46.25 -63.39 18.93
N CYS V 727 47.19 -63.47 19.86
CA CYS V 727 48.60 -63.26 19.55
C CYS V 727 49.48 -64.33 20.19
N THR V 728 48.91 -65.46 20.60
CA THR V 728 49.72 -66.53 21.14
C THR V 728 50.55 -67.18 20.04
N GLY V 729 51.70 -67.72 20.43
CA GLY V 729 52.71 -68.13 19.48
C GLY V 729 53.74 -67.04 19.28
N GLN V 730 53.59 -66.25 18.22
CA GLN V 730 54.48 -65.12 17.97
C GLN V 730 53.68 -63.83 17.92
N HIS V 762 50.36 -62.51 11.46
CA HIS V 762 50.86 -62.06 12.76
C HIS V 762 50.97 -63.23 13.72
N GLY V 763 50.26 -64.32 13.42
CA GLY V 763 50.24 -65.47 14.28
C GLY V 763 49.74 -66.72 13.58
N PRO V 764 49.75 -67.86 14.29
CA PRO V 764 49.31 -69.11 13.68
C PRO V 764 47.81 -69.34 13.76
N LEU V 765 47.10 -68.58 14.61
CA LEU V 765 45.65 -68.67 14.75
C LEU V 765 44.95 -67.57 13.97
N ALA V 766 45.47 -67.24 12.79
CA ALA V 766 45.01 -66.08 12.04
C ALA V 766 43.58 -66.24 11.56
N THR V 767 43.27 -67.33 10.88
CA THR V 767 41.98 -67.43 10.21
C THR V 767 40.82 -67.73 11.16
N THR V 768 41.09 -68.11 12.40
CA THR V 768 39.98 -68.34 13.33
C THR V 768 39.62 -67.06 14.08
N PHE V 769 40.60 -66.22 14.38
CA PHE V 769 40.35 -64.93 15.00
C PHE V 769 40.63 -63.79 14.04
N GLY V 770 40.28 -63.98 12.77
CA GLY V 770 40.53 -62.98 11.75
C GLY V 770 39.69 -61.74 11.90
N PRO V 771 38.38 -61.85 11.64
CA PRO V 771 37.53 -60.65 11.68
C PRO V 771 37.34 -60.05 13.07
N VAL V 772 37.37 -60.86 14.13
CA VAL V 772 37.13 -60.29 15.45
C VAL V 772 38.33 -59.50 15.94
N LEU V 773 39.53 -59.96 15.61
CA LEU V 773 40.69 -59.12 15.88
C LEU V 773 40.95 -58.15 14.74
N ALA V 774 40.13 -58.14 13.70
CA ALA V 774 40.18 -57.05 12.73
C ALA V 774 39.44 -55.82 13.23
N LEU V 775 38.75 -55.90 14.36
CA LEU V 775 38.04 -54.74 14.87
C LEU V 775 38.97 -53.79 15.62
N MET V 776 39.55 -54.24 16.73
CA MET V 776 40.10 -53.34 17.72
C MET V 776 41.47 -52.79 17.37
N ASP V 777 42.05 -53.18 16.23
CA ASP V 777 43.49 -53.04 16.04
C ASP V 777 43.92 -51.60 15.79
N ASN V 778 43.15 -50.87 14.97
CA ASN V 778 43.50 -49.62 14.30
C ASN V 778 44.73 -49.75 13.42
N GLN V 779 45.11 -50.96 13.00
CA GLN V 779 46.04 -51.19 11.91
C GLN V 779 45.35 -51.89 10.74
N ASN V 780 44.07 -51.58 10.55
CA ASN V 780 43.25 -52.07 9.45
C ASN V 780 43.07 -51.00 8.38
N ASN V 781 44.18 -50.33 8.02
CA ASN V 781 44.23 -49.05 7.31
C ASN V 781 43.44 -48.96 6.01
N SER V 782 43.08 -50.09 5.41
CA SER V 782 42.11 -50.10 4.33
C SER V 782 41.20 -51.31 4.53
N ALA V 783 40.12 -51.13 5.28
CA ALA V 783 39.16 -52.19 5.48
C ALA V 783 37.73 -51.65 5.50
N ASP V 784 37.55 -50.39 5.08
CA ASP V 784 36.37 -49.52 5.19
C ASP V 784 36.03 -49.18 6.64
N MET V 785 36.89 -49.56 7.59
CA MET V 785 37.05 -49.05 8.94
C MET V 785 35.98 -49.42 9.95
N LEU V 786 34.80 -49.88 9.51
CA LEU V 786 34.12 -51.08 10.00
C LEU V 786 34.55 -51.66 11.35
N ASN V 787 34.70 -50.86 12.40
CA ASN V 787 35.32 -51.40 13.60
C ASN V 787 34.47 -51.16 14.83
N LEU V 788 34.96 -51.68 15.94
CA LEU V 788 34.22 -51.71 17.19
C LEU V 788 34.09 -50.33 17.79
N GLN V 789 35.13 -49.50 17.68
CA GLN V 789 35.20 -48.28 18.46
C GLN V 789 34.18 -47.24 18.03
N THR V 790 33.89 -47.14 16.72
CA THR V 790 32.85 -46.22 16.30
C THR V 790 31.49 -46.72 16.70
N TYR V 791 31.32 -48.04 16.77
CA TYR V 791 30.01 -48.62 17.07
C TYR V 791 29.53 -48.28 18.46
N LEU V 792 30.43 -48.22 19.45
CA LEU V 792 29.96 -47.94 20.78
C LEU V 792 29.62 -46.47 20.96
N THR V 793 30.22 -45.59 20.18
CA THR V 793 29.69 -44.25 20.12
C THR V 793 28.51 -44.15 19.18
N ARG V 794 28.38 -45.10 18.25
CA ARG V 794 27.18 -45.16 17.42
C ARG V 794 25.99 -45.69 18.18
N VAL V 795 26.23 -46.26 19.36
CA VAL V 795 25.11 -46.67 20.19
C VAL V 795 24.98 -45.76 21.40
N THR V 796 25.96 -44.92 21.70
CA THR V 796 25.77 -44.06 22.85
C THR V 796 24.85 -42.88 22.54
N GLN V 797 24.64 -42.55 21.27
CA GLN V 797 23.72 -41.46 20.99
C GLN V 797 22.30 -41.95 20.81
N VAL V 798 22.10 -43.23 20.49
CA VAL V 798 20.78 -43.79 20.60
C VAL V 798 20.39 -43.91 22.06
N ARG V 799 21.39 -44.06 22.95
CA ARG V 799 21.11 -43.90 24.37
C ARG V 799 20.78 -42.46 24.70
N LEU V 800 21.52 -41.52 24.11
CA LEU V 800 21.41 -40.12 24.52
C LEU V 800 20.10 -39.50 24.10
N ARG V 801 19.63 -39.77 22.88
CA ARG V 801 18.33 -39.25 22.50
C ARG V 801 17.21 -40.00 23.20
N LEU V 802 17.49 -41.20 23.72
CA LEU V 802 16.53 -41.86 24.58
C LEU V 802 16.58 -41.38 26.01
N GLN V 803 17.60 -40.61 26.38
CA GLN V 803 17.59 -40.02 27.71
C GLN V 803 16.60 -38.88 27.79
N GLN V 804 16.39 -38.16 26.68
CA GLN V 804 15.43 -37.08 26.67
C GLN V 804 14.01 -37.60 26.77
N ILE V 805 13.73 -38.76 26.19
CA ILE V 805 12.46 -39.41 26.41
C ILE V 805 12.36 -39.93 27.84
N ALA V 806 13.49 -40.33 28.43
CA ALA V 806 13.53 -40.65 29.85
C ALA V 806 13.57 -39.42 30.72
N GLY V 807 13.58 -38.24 30.13
CA GLY V 807 13.54 -37.00 30.86
C GLY V 807 12.08 -36.68 31.09
N SER V 808 11.58 -35.64 30.43
CA SER V 808 10.22 -35.17 30.63
C SER V 808 9.14 -36.20 30.28
N SER V 809 8.96 -36.50 28.98
CA SER V 809 7.91 -37.37 28.43
C SER V 809 6.52 -37.10 28.98
N ASP V 810 6.22 -35.84 29.24
CA ASP V 810 5.11 -35.43 30.11
C ASP V 810 3.71 -35.78 29.60
N PRO V 811 3.31 -35.56 28.34
CA PRO V 811 1.97 -35.98 27.94
C PRO V 811 1.90 -37.33 27.23
N GLN V 812 3.02 -38.08 27.22
CA GLN V 812 3.37 -39.28 26.46
C GLN V 812 3.67 -38.92 25.00
N ALA V 813 3.38 -37.68 24.61
CA ALA V 813 4.01 -37.10 23.45
C ALA V 813 5.39 -36.62 23.86
N MET V 814 6.18 -36.29 22.83
CA MET V 814 7.62 -36.05 22.72
C MET V 814 8.38 -37.36 22.82
N MET V 815 7.65 -38.43 23.16
CA MET V 815 8.14 -39.77 22.95
C MET V 815 7.99 -40.15 21.49
N GLN V 816 6.80 -39.99 20.93
CA GLN V 816 6.61 -40.32 19.53
C GLN V 816 7.16 -39.23 18.62
N LEU V 817 7.48 -38.05 19.15
CA LEU V 817 8.08 -37.02 18.31
C LEU V 817 9.47 -37.41 17.87
N LEU V 818 10.17 -38.21 18.67
CA LEU V 818 11.39 -38.82 18.18
C LEU V 818 11.08 -40.03 17.33
N ALA V 819 9.89 -40.59 17.48
CA ALA V 819 9.52 -41.72 16.65
C ALA V 819 8.85 -41.29 15.36
N GLN V 820 8.35 -40.06 15.30
CA GLN V 820 7.82 -39.53 14.05
C GLN V 820 8.91 -39.35 13.01
N THR V 821 10.15 -39.19 13.43
CA THR V 821 11.27 -39.21 12.51
C THR V 821 11.49 -40.58 11.90
N VAL V 822 11.20 -41.65 12.65
CA VAL V 822 11.34 -42.99 12.09
C VAL V 822 10.31 -43.24 11.03
N LEU V 823 9.15 -42.60 11.15
CA LEU V 823 8.13 -42.43 10.12
C LEU V 823 8.59 -41.36 9.16
N GLN V 824 7.65 -40.58 8.64
CA GLN V 824 7.80 -39.59 7.57
C GLN V 824 9.13 -38.86 7.51
N GLY V 825 9.66 -38.68 6.31
CA GLY V 825 11.10 -38.61 6.07
C GLY V 825 11.84 -37.42 6.65
N LYS V 826 11.76 -37.29 7.97
CA LYS V 826 12.62 -36.39 8.71
C LYS V 826 13.96 -37.02 9.05
N SER V 827 14.27 -38.18 8.50
CA SER V 827 15.47 -38.90 8.85
C SER V 827 16.70 -38.28 8.18
N VAL V 828 17.70 -37.95 8.99
CA VAL V 828 19.03 -37.66 8.46
C VAL V 828 20.10 -38.50 9.14
N ASP V 829 19.80 -39.09 10.30
CA ASP V 829 20.76 -39.86 11.06
C ASP V 829 20.37 -41.33 11.21
N LEU V 830 19.09 -41.66 11.22
CA LEU V 830 18.68 -43.01 11.59
C LEU V 830 18.92 -44.04 10.50
N THR V 831 19.41 -43.64 9.33
CA THR V 831 19.90 -44.66 8.41
C THR V 831 21.31 -45.11 8.74
N ASP V 832 21.95 -44.53 9.76
CA ASP V 832 23.28 -44.93 10.19
C ASP V 832 23.27 -45.73 11.47
N THR V 833 22.37 -45.41 12.40
CA THR V 833 22.42 -46.09 13.69
C THR V 833 21.83 -47.49 13.65
N ARG V 834 20.83 -47.73 12.82
CA ARG V 834 20.27 -49.07 12.76
C ARG V 834 21.16 -50.01 11.95
N ASP V 835 21.75 -49.52 10.87
CA ASP V 835 22.45 -50.39 9.94
C ASP V 835 23.93 -50.54 10.25
N TYR V 836 24.49 -49.79 11.20
CA TYR V 836 25.90 -50.01 11.50
C TYR V 836 26.10 -51.28 12.30
N GLY V 837 25.14 -51.63 13.16
CA GLY V 837 25.22 -52.90 13.87
C GLY V 837 25.13 -54.10 12.95
N SER V 838 24.45 -53.95 11.83
CA SER V 838 24.36 -55.04 10.87
C SER V 838 25.44 -54.97 9.82
N LEU V 839 26.06 -53.82 9.61
CA LEU V 839 27.11 -53.75 8.59
C LEU V 839 28.39 -54.39 9.07
N THR V 840 28.58 -54.51 10.38
CA THR V 840 29.75 -55.21 10.88
C THR V 840 29.48 -56.71 10.97
N ALA V 841 28.41 -57.10 11.66
CA ALA V 841 28.21 -58.50 12.03
C ALA V 841 27.86 -59.35 10.83
N ALA V 842 27.02 -58.85 9.94
CA ALA V 842 26.73 -59.58 8.72
C ALA V 842 27.87 -59.50 7.71
N GLY V 843 28.91 -58.73 8.00
CA GLY V 843 30.15 -58.82 7.28
C GLY V 843 31.29 -59.44 8.05
N LEU V 844 31.03 -60.01 9.23
CA LEU V 844 32.10 -60.56 10.05
C LEU V 844 32.79 -61.76 9.43
N GLY V 845 32.17 -62.94 9.52
CA GLY V 845 32.74 -64.08 8.82
C GLY V 845 31.79 -65.19 8.44
N GLN V 846 30.52 -65.07 8.86
CA GLN V 846 29.41 -66.04 8.85
C GLN V 846 29.68 -67.30 9.68
N GLU V 847 30.84 -67.42 10.33
CA GLU V 847 30.97 -68.42 11.37
C GLU V 847 30.79 -67.83 12.75
N TRP V 848 30.88 -66.51 12.87
CA TRP V 848 30.56 -65.80 14.08
C TRP V 848 29.10 -65.38 14.12
N TYR V 849 28.32 -65.83 13.14
CA TYR V 849 26.88 -65.68 13.18
C TYR V 849 26.33 -66.40 14.40
N GLY V 850 25.30 -65.83 15.01
CA GLY V 850 24.85 -66.25 16.30
C GLY V 850 25.52 -65.52 17.44
N PHE V 851 26.76 -65.08 17.25
CA PHE V 851 27.40 -64.14 18.16
C PHE V 851 27.21 -62.72 17.68
N GLY V 852 27.46 -62.49 16.39
CA GLY V 852 27.32 -61.16 15.81
C GLY V 852 25.91 -60.63 15.86
N GLN V 853 24.92 -61.52 15.85
CA GLN V 853 23.56 -61.09 16.07
C GLN V 853 23.38 -60.58 17.49
N THR V 854 23.89 -61.29 18.47
CA THR V 854 23.62 -60.91 19.85
C THR V 854 24.70 -60.06 20.48
N VAL V 855 25.70 -59.63 19.71
CA VAL V 855 26.63 -58.66 20.25
C VAL V 855 26.31 -57.31 19.64
N PHE V 856 25.77 -57.30 18.42
CA PHE V 856 25.62 -56.05 17.69
C PHE V 856 24.17 -55.72 17.40
N VAL V 857 23.43 -56.58 16.71
CA VAL V 857 22.11 -56.11 16.29
C VAL V 857 21.08 -56.30 17.38
N ARG V 858 21.28 -57.27 18.27
CA ARG V 858 20.32 -57.47 19.35
C ARG V 858 20.29 -56.40 20.45
N PRO V 859 21.39 -55.71 20.80
CA PRO V 859 21.20 -54.56 21.68
C PRO V 859 20.55 -53.38 20.98
N MET V 860 20.81 -53.21 19.70
CA MET V 860 20.19 -52.11 18.98
C MET V 860 18.72 -52.38 18.73
N GLU V 861 18.37 -53.64 18.45
CA GLU V 861 16.99 -53.98 18.15
C GLU V 861 16.12 -53.88 19.40
N GLN V 862 16.70 -54.15 20.57
CA GLN V 862 15.94 -53.93 21.78
C GLN V 862 15.80 -52.45 22.10
N ALA V 863 16.58 -51.60 21.46
CA ALA V 863 16.48 -50.16 21.69
C ALA V 863 15.43 -49.53 20.79
N TRP V 864 15.41 -49.90 19.51
CA TRP V 864 14.42 -49.32 18.62
C TRP V 864 13.03 -49.83 18.91
N GLN V 865 12.89 -51.10 19.28
CA GLN V 865 11.56 -51.68 19.44
C GLN V 865 10.84 -51.20 20.69
N GLN V 866 11.47 -50.36 21.52
CA GLN V 866 10.75 -49.69 22.58
C GLN V 866 10.57 -48.21 22.32
N VAL V 867 11.12 -47.69 21.22
CA VAL V 867 10.83 -46.32 20.80
C VAL V 867 10.06 -46.32 19.48
N LEU V 868 9.90 -47.48 18.86
CA LEU V 868 9.12 -47.58 17.64
C LEU V 868 7.73 -48.16 17.87
N THR V 869 7.62 -49.14 18.76
CA THR V 869 6.34 -49.79 19.02
C THR V 869 5.30 -48.86 19.65
N PRO V 870 5.60 -47.94 20.56
CA PRO V 870 4.58 -46.94 20.91
C PRO V 870 4.40 -45.82 19.91
N ALA V 871 4.95 -45.92 18.70
CA ALA V 871 4.48 -45.12 17.58
C ALA V 871 3.50 -45.88 16.72
N ALA V 872 3.83 -47.12 16.41
CA ALA V 872 2.97 -47.95 15.59
C ALA V 872 1.67 -48.31 16.28
N GLU V 873 1.63 -48.26 17.61
CA GLU V 873 0.37 -48.36 18.33
C GLU V 873 -0.26 -47.00 18.60
N SER V 874 0.43 -45.92 18.25
CA SER V 874 -0.16 -44.61 18.30
C SER V 874 -0.50 -44.07 16.92
N LEU V 875 0.07 -44.66 15.86
CA LEU V 875 -0.37 -44.33 14.52
C LEU V 875 -1.76 -44.86 14.26
N ASN V 876 -2.07 -46.07 14.73
CA ASN V 876 -3.36 -46.67 14.48
C ASN V 876 -4.49 -45.94 15.19
N ALA V 877 -4.20 -45.14 16.20
CA ALA V 877 -5.22 -44.24 16.72
C ALA V 877 -5.36 -42.98 15.89
N ARG V 878 -4.31 -42.60 15.18
CA ARG V 878 -4.40 -41.50 14.23
C ARG V 878 -4.72 -41.97 12.83
N TRP V 879 -4.93 -43.26 12.64
CA TRP V 879 -5.41 -43.73 11.35
C TRP V 879 -6.92 -43.85 11.36
N ARG V 880 -7.50 -44.25 12.48
CA ARG V 880 -8.94 -44.41 12.48
C ARG V 880 -9.65 -43.08 12.66
N THR V 881 -9.11 -42.19 13.49
CA THR V 881 -9.81 -40.96 13.80
C THR V 881 -9.56 -39.86 12.78
N ALA V 882 -9.10 -40.19 11.58
CA ALA V 882 -9.02 -39.23 10.51
C ALA V 882 -9.50 -39.78 9.18
N VAL V 883 -9.50 -41.10 9.00
CA VAL V 883 -9.90 -41.73 7.74
C VAL V 883 -10.98 -42.78 7.97
N VAL V 884 -10.72 -43.73 8.86
CA VAL V 884 -11.63 -44.87 8.97
C VAL V 884 -12.92 -44.49 9.67
N ASP V 885 -12.83 -43.76 10.77
CA ASP V 885 -14.07 -43.38 11.44
C ASP V 885 -14.75 -42.18 10.83
N GLY V 886 -14.38 -41.78 9.61
CA GLY V 886 -15.21 -40.95 8.78
C GLY V 886 -15.67 -41.76 7.60
N TRP V 887 -15.03 -42.90 7.38
CA TRP V 887 -15.46 -43.83 6.35
C TRP V 887 -16.58 -44.72 6.87
N ASN V 888 -16.31 -45.50 7.90
CA ASN V 888 -17.31 -46.42 8.42
C ASN V 888 -18.44 -45.69 9.11
N ASN V 889 -18.22 -44.46 9.55
CA ASN V 889 -19.31 -43.70 10.15
C ASN V 889 -20.32 -43.23 9.13
N ALA V 890 -19.92 -43.10 7.88
CA ALA V 890 -20.77 -42.49 6.88
C ALA V 890 -21.03 -43.37 5.67
N PHE V 891 -20.19 -44.38 5.40
CA PHE V 891 -20.35 -45.17 4.20
C PHE V 891 -20.76 -46.60 4.50
N SER V 892 -21.04 -46.91 5.76
CA SER V 892 -21.38 -48.27 6.13
C SER V 892 -22.82 -48.57 5.74
N GLY V 893 -23.04 -49.76 5.19
CA GLY V 893 -24.37 -50.19 4.84
C GLY V 893 -24.94 -49.40 3.69
N ARG V 894 -24.14 -49.21 2.65
CA ARG V 894 -24.59 -48.55 1.44
C ARG V 894 -24.07 -49.30 0.24
N TYR V 895 -24.80 -49.20 -0.86
CA TYR V 895 -24.32 -49.73 -2.11
C TYR V 895 -23.13 -48.90 -2.57
N PRO V 896 -22.08 -49.51 -3.11
CA PRO V 896 -21.85 -50.93 -3.28
C PRO V 896 -20.95 -51.57 -2.23
N PHE V 897 -20.91 -51.00 -1.03
CA PHE V 897 -20.23 -51.71 0.05
C PHE V 897 -21.11 -52.81 0.63
N LYS V 898 -22.39 -52.78 0.31
CA LYS V 898 -23.35 -53.81 0.64
C LYS V 898 -24.26 -53.96 -0.56
N ASN V 899 -25.42 -54.57 -0.36
CA ASN V 899 -26.51 -54.46 -1.32
C ASN V 899 -27.75 -54.04 -0.53
N VAL V 900 -27.86 -52.73 -0.28
CA VAL V 900 -29.02 -52.14 0.37
C VAL V 900 -29.48 -51.01 -0.55
N SER V 901 -30.70 -50.53 -0.32
CA SER V 901 -31.22 -49.43 -1.11
C SER V 901 -30.53 -48.11 -0.81
N SER V 902 -29.94 -47.95 0.36
CA SER V 902 -29.28 -46.70 0.70
C SER V 902 -27.95 -46.58 -0.03
N ASP V 903 -27.60 -45.35 -0.42
CA ASP V 903 -26.56 -45.11 -1.40
C ASP V 903 -25.37 -44.37 -0.79
N ALA V 904 -24.17 -44.78 -1.21
CA ALA V 904 -22.97 -44.03 -0.90
C ALA V 904 -22.93 -42.78 -1.75
N SER V 905 -22.80 -41.64 -1.08
CA SER V 905 -22.89 -40.36 -1.77
C SER V 905 -21.59 -40.12 -2.52
N LEU V 906 -21.63 -40.32 -3.83
CA LEU V 906 -20.49 -40.22 -4.75
C LEU V 906 -19.57 -39.00 -4.64
N PRO V 907 -20.02 -37.80 -4.26
CA PRO V 907 -19.02 -36.76 -4.01
C PRO V 907 -18.21 -36.99 -2.77
N LEU V 908 -18.80 -37.57 -1.72
CA LEU V 908 -17.99 -37.89 -0.56
C LEU V 908 -17.08 -39.08 -0.82
N LEU V 909 -17.45 -39.98 -1.72
CA LEU V 909 -16.51 -40.99 -2.16
C LEU V 909 -15.39 -40.35 -2.95
N ALA V 910 -15.64 -39.25 -3.63
CA ALA V 910 -14.58 -38.60 -4.36
C ALA V 910 -13.62 -37.85 -3.45
N LYS V 911 -14.07 -37.43 -2.27
CA LYS V 911 -13.19 -36.68 -1.40
C LYS V 911 -12.33 -37.58 -0.53
N TYR V 912 -12.57 -38.88 -0.57
CA TYR V 912 -11.71 -39.78 0.20
C TYR V 912 -10.63 -40.39 -0.68
N LEU V 913 -11.02 -41.08 -1.74
CA LEU V 913 -10.08 -41.87 -2.50
C LEU V 913 -9.52 -41.13 -3.70
N ASN V 914 -9.51 -39.81 -3.70
CA ASN V 914 -9.02 -39.10 -4.87
C ASN V 914 -7.50 -39.25 -5.00
N THR V 915 -7.01 -39.08 -6.22
CA THR V 915 -5.68 -39.56 -6.55
C THR V 915 -4.58 -38.66 -6.00
N ASP V 916 -4.86 -37.39 -5.81
CA ASP V 916 -3.86 -36.47 -5.26
C ASP V 916 -4.39 -35.55 -4.20
N THR V 917 -5.72 -35.44 -4.01
CA THR V 917 -6.29 -34.54 -3.04
C THR V 917 -7.20 -35.22 -2.03
N GLY V 918 -7.46 -36.51 -2.19
CA GLY V 918 -8.41 -37.18 -1.31
C GLY V 918 -7.86 -37.35 0.09
N ARG V 919 -8.76 -37.67 1.01
CA ARG V 919 -8.37 -37.73 2.41
C ARG V 919 -7.55 -38.97 2.76
N ILE V 920 -7.29 -39.85 1.81
CA ILE V 920 -6.30 -40.89 2.03
C ILE V 920 -4.94 -40.45 1.49
N ALA V 921 -4.90 -39.94 0.26
CA ALA V 921 -3.62 -39.54 -0.30
C ALA V 921 -3.04 -38.28 0.34
N ARG V 922 -3.86 -37.49 1.02
CA ARG V 922 -3.33 -36.48 1.90
C ARG V 922 -3.29 -36.93 3.34
N PHE V 923 -3.31 -38.23 3.58
CA PHE V 923 -2.91 -38.75 4.87
C PHE V 923 -1.63 -39.53 4.81
N LEU V 924 -1.40 -40.27 3.74
CA LEU V 924 -0.17 -41.02 3.62
C LEU V 924 0.99 -40.09 3.32
N GLN V 925 0.76 -39.07 2.52
CA GLN V 925 1.84 -38.13 2.23
C GLN V 925 2.04 -37.11 3.31
N ASN V 926 1.36 -37.23 4.44
CA ASN V 926 1.62 -36.38 5.59
C ASN V 926 2.01 -37.15 6.84
N ASN V 927 1.89 -38.47 6.84
CA ASN V 927 2.31 -39.25 7.99
C ASN V 927 3.20 -40.42 7.67
N LEU V 928 3.07 -41.02 6.49
CA LEU V 928 3.93 -42.11 6.10
C LEU V 928 4.70 -41.75 4.85
N SER V 929 5.18 -40.51 4.78
CA SER V 929 5.91 -40.08 3.60
C SER V 929 7.31 -40.64 3.55
N GLY V 930 7.78 -41.25 4.62
CA GLY V 930 9.12 -41.77 4.65
C GLY V 930 9.19 -43.25 4.36
N VAL V 931 8.12 -43.97 4.68
CA VAL V 931 8.11 -45.42 4.57
C VAL V 931 7.21 -45.92 3.46
N LEU V 932 6.59 -45.02 2.69
CA LEU V 932 5.55 -45.45 1.76
C LEU V 932 5.48 -44.49 0.58
N HIS V 933 5.89 -44.95 -0.59
CA HIS V 933 6.01 -44.11 -1.77
C HIS V 933 4.97 -44.48 -2.82
N ARG V 934 4.51 -43.48 -3.56
CA ARG V 934 3.64 -43.71 -4.71
C ARG V 934 4.54 -43.74 -5.94
N GLU V 935 4.94 -44.92 -6.35
CA GLU V 935 5.74 -45.11 -7.55
C GLU V 935 4.80 -45.56 -8.66
N GLY V 936 4.68 -44.76 -9.71
CA GLY V 936 3.71 -45.06 -10.74
C GLY V 936 2.30 -44.84 -10.26
N SER V 937 1.58 -45.94 -10.02
CA SER V 937 0.22 -45.88 -9.50
C SER V 937 0.02 -46.80 -8.31
N ARG V 938 1.07 -47.41 -7.79
CA ARG V 938 0.97 -48.27 -6.62
C ARG V 938 1.69 -47.63 -5.45
N TRP V 939 1.33 -48.09 -4.25
CA TRP V 939 1.94 -47.61 -3.02
C TRP V 939 2.88 -48.68 -2.52
N VAL V 940 4.16 -48.56 -2.87
CA VAL V 940 5.13 -49.57 -2.48
C VAL V 940 5.76 -49.16 -1.15
N PRO V 941 6.00 -50.10 -0.25
CA PRO V 941 6.78 -49.76 0.94
C PRO V 941 8.26 -49.71 0.58
N ASP V 942 9.06 -49.26 1.54
CA ASP V 942 10.48 -49.08 1.31
C ASP V 942 11.26 -50.14 2.09
N THR V 943 12.13 -50.87 1.38
CA THR V 943 12.88 -51.96 2.00
C THR V 943 13.92 -51.42 2.97
N ILE V 944 14.74 -50.49 2.51
CA ILE V 944 15.49 -49.64 3.42
C ILE V 944 14.52 -48.74 4.18
N ASN V 945 14.94 -48.29 5.36
CA ASN V 945 14.16 -47.43 6.27
C ASN V 945 12.90 -48.14 6.75
N THR V 946 12.98 -49.45 6.92
CA THR V 946 11.95 -50.24 7.58
C THR V 946 12.62 -51.20 8.54
N ARG V 947 12.14 -51.24 9.77
CA ARG V 947 13.00 -51.60 10.90
C ARG V 947 13.37 -53.09 10.95
N GLY V 948 12.41 -54.03 11.13
CA GLY V 948 11.03 -54.08 10.67
C GLY V 948 9.90 -53.27 11.24
N LEU V 949 9.20 -52.62 10.32
CA LEU V 949 7.80 -52.27 10.46
C LEU V 949 7.01 -53.20 9.56
N THR V 950 6.12 -53.97 10.15
CA THR V 950 5.30 -54.92 9.43
C THR V 950 3.97 -54.25 9.12
N PHE V 951 3.78 -53.87 7.86
CA PHE V 951 2.49 -53.36 7.44
C PHE V 951 1.45 -54.45 7.51
N ASN V 952 0.22 -54.04 7.74
CA ASN V 952 -0.89 -54.95 7.58
C ASN V 952 -0.97 -55.32 6.11
N PRO V 953 -0.83 -56.60 5.75
CA PRO V 953 -0.79 -56.95 4.32
C PRO V 953 -2.12 -56.77 3.63
N ALA V 954 -3.23 -56.70 4.38
CA ALA V 954 -4.46 -56.24 3.77
C ALA V 954 -4.40 -54.75 3.51
N PHE V 955 -3.70 -53.99 4.34
CA PHE V 955 -3.68 -52.54 4.18
C PHE V 955 -2.84 -52.13 2.98
N LEU V 956 -1.78 -52.87 2.70
CA LEU V 956 -1.11 -52.65 1.43
C LEU V 956 -1.92 -53.18 0.26
N LYS V 957 -2.88 -54.07 0.53
CA LYS V 957 -3.79 -54.50 -0.52
C LYS V 957 -5.03 -53.63 -0.59
N ALA V 958 -5.38 -52.95 0.50
CA ALA V 958 -6.58 -52.11 0.46
C ALA V 958 -6.33 -50.86 -0.36
N ILE V 959 -5.31 -50.07 -0.01
CA ILE V 959 -5.07 -48.85 -0.76
C ILE V 959 -4.44 -49.09 -2.11
N ASN V 960 -3.99 -50.30 -2.41
CA ASN V 960 -3.62 -50.59 -3.78
C ASN V 960 -4.85 -50.79 -4.64
N THR V 961 -6.00 -51.09 -4.02
CA THR V 961 -7.24 -51.20 -4.76
C THR V 961 -7.89 -49.83 -4.92
N LEU V 962 -7.83 -48.99 -3.88
CA LEU V 962 -8.44 -47.68 -3.98
C LEU V 962 -7.66 -46.78 -4.92
N SER V 963 -6.35 -46.92 -4.97
CA SER V 963 -5.61 -46.14 -5.94
C SER V 963 -5.74 -46.68 -7.35
N GLU V 964 -6.35 -47.84 -7.54
CA GLU V 964 -6.65 -48.32 -8.88
C GLU V 964 -7.99 -47.82 -9.37
N ILE V 965 -8.95 -47.64 -8.46
CA ILE V 965 -10.24 -47.06 -8.84
C ILE V 965 -10.05 -45.63 -9.29
N ALA V 966 -9.24 -44.87 -8.56
CA ALA V 966 -9.11 -43.43 -8.78
C ALA V 966 -8.44 -43.07 -10.08
N ASP V 967 -7.75 -44.01 -10.72
CA ASP V 967 -7.12 -43.71 -11.99
C ASP V 967 -8.00 -44.05 -13.18
N VAL V 968 -9.17 -44.62 -12.95
CA VAL V 968 -10.08 -44.96 -14.04
C VAL V 968 -11.46 -44.33 -13.86
N ALA V 969 -12.01 -44.34 -12.66
CA ALA V 969 -13.35 -43.79 -12.50
C ALA V 969 -13.32 -42.35 -12.02
N PHE V 970 -12.27 -41.96 -11.32
CA PHE V 970 -12.19 -40.66 -10.67
C PHE V 970 -11.02 -39.86 -11.23
N THR V 971 -10.88 -39.89 -12.55
CA THR V 971 -9.63 -39.43 -13.15
C THR V 971 -9.54 -37.92 -13.20
N THR V 972 -10.67 -37.22 -13.35
CA THR V 972 -10.61 -35.77 -13.43
C THR V 972 -10.32 -35.15 -12.09
N GLY V 973 -10.77 -35.79 -11.03
CA GLY V 973 -10.86 -35.21 -9.71
C GLY V 973 -12.24 -35.28 -9.12
N ASN V 974 -13.25 -35.45 -9.96
CA ASN V 974 -14.61 -35.64 -9.53
C ASN V 974 -15.13 -36.91 -10.18
N ALA V 975 -16.30 -37.37 -9.74
CA ALA V 975 -16.79 -38.67 -10.18
C ALA V 975 -17.29 -38.57 -11.62
N GLY V 976 -16.58 -39.20 -12.55
CA GLY V 976 -17.00 -39.13 -13.93
C GLY V 976 -16.17 -39.94 -14.90
N LEU V 977 -16.82 -40.57 -15.86
CA LEU V 977 -16.15 -41.42 -16.82
C LEU V 977 -17.01 -41.50 -18.08
N HIS V 978 -16.46 -42.12 -19.12
CA HIS V 978 -17.12 -42.18 -20.42
C HIS V 978 -16.84 -43.52 -21.06
N PHE V 979 -17.87 -44.34 -21.21
CA PHE V 979 -17.75 -45.58 -21.93
C PHE V 979 -18.68 -45.55 -23.13
N GLU V 980 -18.45 -46.45 -24.05
CA GLU V 980 -19.29 -46.62 -25.22
C GLU V 980 -20.06 -47.92 -25.08
N LEU V 981 -21.05 -48.11 -25.93
CA LEU V 981 -21.87 -49.31 -25.90
C LEU V 981 -22.34 -49.68 -27.30
N ARG V 982 -22.13 -50.95 -27.67
CA ARG V 982 -22.66 -51.48 -28.89
C ARG V 982 -23.63 -52.60 -28.57
N PRO V 983 -24.84 -52.57 -29.09
CA PRO V 983 -25.83 -53.58 -28.74
C PRO V 983 -25.60 -54.89 -29.46
N GLY V 984 -25.98 -55.97 -28.79
CA GLY V 984 -25.88 -57.31 -29.36
C GLY V 984 -27.24 -57.99 -29.40
N THR V 985 -27.29 -59.07 -30.17
CA THR V 985 -28.54 -59.76 -30.45
C THR V 985 -28.54 -61.15 -29.85
N ALA V 986 -29.70 -61.81 -29.94
CA ALA V 986 -29.89 -63.14 -29.39
C ALA V 986 -31.03 -63.81 -30.14
N ALA V 987 -31.46 -64.96 -29.63
CA ALA V 987 -32.50 -65.75 -30.25
C ALA V 987 -33.86 -65.39 -29.66
N GLY V 988 -34.69 -64.73 -30.46
CA GLY V 988 -36.01 -64.38 -30.00
C GLY V 988 -36.10 -63.08 -29.25
N VAL V 989 -35.50 -62.01 -29.78
CA VAL V 989 -35.62 -60.66 -29.23
C VAL V 989 -35.88 -59.69 -30.37
N MET V 990 -36.97 -58.95 -30.29
CA MET V 990 -37.31 -57.96 -31.30
C MET V 990 -36.76 -56.58 -30.99
N GLN V 991 -37.09 -56.05 -29.82
CA GLN V 991 -36.62 -54.74 -29.41
C GLN V 991 -36.07 -54.84 -28.01
N THR V 992 -34.86 -54.35 -27.81
CA THR V 992 -34.27 -54.24 -26.48
C THR V 992 -33.89 -52.79 -26.24
N THR V 993 -34.51 -52.16 -25.25
CA THR V 993 -34.24 -50.76 -24.95
C THR V 993 -33.47 -50.66 -23.64
N LEU V 994 -32.58 -49.69 -23.59
CA LEU V 994 -31.76 -49.44 -22.42
C LEU V 994 -31.74 -47.95 -22.15
N ILE V 995 -32.24 -47.55 -20.99
CA ILE V 995 -32.24 -46.16 -20.56
C ILE V 995 -31.36 -46.09 -19.34
N THR V 996 -30.38 -45.19 -19.35
CA THR V 996 -29.65 -44.88 -18.14
C THR V 996 -29.41 -43.39 -18.04
N ASP V 997 -30.00 -42.78 -17.00
CA ASP V 997 -29.84 -41.37 -16.67
C ASP V 997 -30.24 -40.47 -17.84
N ASN V 998 -31.37 -40.83 -18.46
CA ASN V 998 -31.94 -40.16 -19.64
C ASN V 998 -30.95 -40.16 -20.81
N GLN V 999 -30.21 -41.25 -20.95
CA GLN V 999 -29.50 -41.55 -22.18
C GLN V 999 -30.17 -42.78 -22.76
N LYS V 1000 -30.81 -42.64 -23.91
CA LYS V 1000 -31.62 -43.70 -24.45
C LYS V 1000 -30.84 -44.50 -25.49
N LEU V 1001 -31.03 -45.82 -25.45
CA LEU V 1001 -30.49 -46.71 -26.45
C LEU V 1001 -31.55 -47.72 -26.82
N ILE V 1002 -31.92 -47.78 -28.09
CA ILE V 1002 -33.02 -48.59 -28.58
C ILE V 1002 -32.51 -49.41 -29.76
N TYR V 1003 -32.59 -50.73 -29.64
CA TYR V 1003 -32.11 -51.64 -30.67
C TYR V 1003 -33.25 -52.51 -31.16
N VAL V 1004 -33.46 -52.53 -32.47
CA VAL V 1004 -34.45 -53.39 -33.10
C VAL V 1004 -33.77 -54.26 -34.15
N ASN V 1005 -32.53 -54.67 -33.85
CA ASN V 1005 -31.69 -55.54 -34.69
C ASN V 1005 -31.35 -54.89 -36.02
N GLN V 1006 -30.97 -53.62 -35.97
CA GLN V 1006 -30.43 -52.92 -37.12
C GLN V 1006 -28.91 -52.99 -37.09
N MET V 1007 -28.25 -52.18 -37.92
CA MET V 1007 -26.80 -52.14 -37.96
C MET V 1007 -26.25 -51.58 -36.65
N PRO V 1008 -25.28 -52.26 -36.02
CA PRO V 1008 -24.86 -51.88 -34.67
C PRO V 1008 -23.91 -50.68 -34.68
N VAL V 1009 -24.27 -49.64 -33.91
CA VAL V 1009 -23.46 -48.44 -33.79
C VAL V 1009 -23.14 -48.20 -32.33
N TRP V 1010 -21.90 -47.82 -32.04
CA TRP V 1010 -21.52 -47.42 -30.70
C TRP V 1010 -22.20 -46.11 -30.32
N LYS V 1011 -22.65 -46.00 -29.08
CA LYS V 1011 -23.18 -44.74 -28.56
C LYS V 1011 -22.40 -44.37 -27.30
N ARG V 1012 -21.81 -43.19 -27.31
CA ARG V 1012 -20.98 -42.74 -26.22
C ARG V 1012 -21.84 -42.39 -25.01
N PHE V 1013 -21.53 -42.97 -23.86
CA PHE V 1013 -22.33 -42.75 -22.67
C PHE V 1013 -21.59 -41.86 -21.69
N THR V 1014 -22.26 -41.53 -20.60
CA THR V 1014 -21.66 -40.74 -19.55
C THR V 1014 -22.31 -41.11 -18.24
N TRP V 1015 -21.51 -41.39 -17.21
CA TRP V 1015 -22.03 -41.71 -15.92
C TRP V 1015 -21.16 -41.01 -14.88
N PRO V 1016 -21.74 -40.28 -13.92
CA PRO V 1016 -23.15 -39.96 -13.78
C PRO V 1016 -23.52 -38.81 -14.70
N ALA V 1017 -24.80 -38.72 -15.06
CA ALA V 1017 -25.27 -37.66 -15.93
C ALA V 1017 -26.01 -36.63 -15.10
N ASP V 1018 -25.84 -35.35 -15.46
CA ASP V 1018 -26.57 -34.28 -14.79
C ASP V 1018 -28.05 -34.41 -15.14
N THR V 1019 -28.83 -34.90 -14.19
CA THR V 1019 -30.26 -35.04 -14.38
C THR V 1019 -30.94 -34.88 -13.03
N GLU V 1020 -32.27 -34.91 -13.08
CA GLU V 1020 -33.09 -34.91 -11.89
C GLU V 1020 -33.79 -36.24 -11.68
N ALA V 1021 -33.45 -37.25 -12.47
CA ALA V 1021 -33.98 -38.60 -12.33
C ALA V 1021 -32.88 -39.58 -12.64
N PRO V 1022 -31.98 -39.82 -11.70
CA PRO V 1022 -30.84 -40.68 -12.00
C PRO V 1022 -31.17 -42.15 -11.79
N GLY V 1023 -30.92 -42.95 -12.80
CA GLY V 1023 -31.22 -44.37 -12.69
C GLY V 1023 -31.13 -45.05 -14.03
N ALA V 1024 -31.39 -46.35 -13.99
CA ALA V 1024 -31.34 -47.17 -15.19
C ALA V 1024 -32.59 -48.01 -15.31
N SER V 1025 -32.82 -48.50 -16.53
CA SER V 1025 -33.97 -49.32 -16.82
C SER V 1025 -33.72 -50.09 -18.10
N LEU V 1026 -34.17 -51.35 -18.13
CA LEU V 1026 -33.86 -52.24 -19.24
C LEU V 1026 -35.08 -53.07 -19.58
N SER V 1027 -35.56 -52.95 -20.82
CA SER V 1027 -36.72 -53.70 -21.27
C SER V 1027 -36.43 -54.38 -22.60
N TRP V 1028 -37.01 -55.56 -22.76
CA TRP V 1028 -36.79 -56.41 -23.92
C TRP V 1028 -38.11 -56.85 -24.50
N VAL V 1029 -38.17 -56.94 -25.82
CA VAL V 1029 -39.35 -57.44 -26.53
C VAL V 1029 -38.95 -58.71 -27.25
N SER V 1030 -39.48 -59.83 -26.78
CA SER V 1030 -39.25 -61.09 -27.48
C SER V 1030 -40.14 -61.18 -28.71
N THR V 1031 -39.87 -62.20 -29.54
CA THR V 1031 -40.84 -62.54 -30.58
C THR V 1031 -42.09 -63.15 -29.95
N GLN V 1032 -41.92 -63.88 -28.86
CA GLN V 1032 -43.07 -64.41 -28.17
C GLN V 1032 -43.74 -63.35 -27.31
N ALA V 1033 -42.96 -62.65 -26.49
CA ALA V 1033 -43.52 -61.76 -25.49
C ALA V 1033 -43.59 -60.33 -25.99
N GLY V 1034 -44.05 -59.44 -25.12
CA GLY V 1034 -43.99 -58.01 -25.38
C GLY V 1034 -42.88 -57.36 -24.57
N THR V 1035 -43.13 -56.16 -24.06
CA THR V 1035 -42.14 -55.49 -23.21
C THR V 1035 -42.19 -56.05 -21.81
N ARG V 1036 -41.06 -56.58 -21.36
CA ARG V 1036 -40.88 -56.92 -19.96
C ARG V 1036 -39.65 -56.19 -19.47
N GLN V 1037 -39.81 -55.40 -18.41
CA GLN V 1037 -38.65 -54.74 -17.83
C GLN V 1037 -37.81 -55.74 -17.08
N TYR V 1038 -36.50 -55.71 -17.34
CA TYR V 1038 -35.61 -56.55 -16.54
C TYR V 1038 -35.49 -55.98 -15.14
N ALA V 1039 -35.14 -54.71 -15.04
CA ALA V 1039 -35.17 -53.98 -13.78
C ALA V 1039 -35.21 -52.49 -14.08
N ASP V 1040 -35.76 -51.75 -13.14
CA ASP V 1040 -35.69 -50.30 -13.12
C ASP V 1040 -35.05 -49.86 -11.81
N LEU V 1041 -33.78 -49.52 -11.86
CA LEU V 1041 -32.99 -49.26 -10.66
C LEU V 1041 -32.80 -47.78 -10.47
N PRO V 1042 -33.50 -47.16 -9.53
CA PRO V 1042 -33.37 -45.72 -9.33
C PRO V 1042 -32.09 -45.39 -8.56
N GLY V 1043 -31.80 -44.11 -8.49
CA GLY V 1043 -30.67 -43.65 -7.73
C GLY V 1043 -29.45 -43.45 -8.61
N SER V 1044 -28.49 -42.67 -8.08
CA SER V 1044 -27.30 -42.33 -8.85
C SER V 1044 -26.39 -43.52 -9.04
N TRP V 1045 -26.47 -44.50 -8.16
CA TRP V 1045 -25.74 -45.75 -8.26
C TRP V 1045 -26.42 -46.76 -9.15
N GLY V 1046 -27.33 -46.32 -10.03
CA GLY V 1046 -28.23 -47.25 -10.69
C GLY V 1046 -27.53 -48.12 -11.71
N LEU V 1047 -26.70 -47.51 -12.56
CA LEU V 1047 -26.06 -48.26 -13.63
C LEU V 1047 -25.06 -49.27 -13.11
N ILE V 1048 -24.54 -49.06 -11.90
CA ILE V 1048 -23.69 -50.07 -11.30
C ILE V 1048 -24.51 -51.25 -10.83
N ARG V 1049 -25.70 -50.98 -10.28
CA ARG V 1049 -26.61 -52.07 -9.93
C ARG V 1049 -27.05 -52.84 -11.15
N LEU V 1050 -27.15 -52.18 -12.29
CA LEU V 1050 -27.45 -52.88 -13.54
C LEU V 1050 -26.24 -53.65 -14.03
N LEU V 1051 -25.04 -53.10 -13.87
CA LEU V 1051 -23.87 -53.80 -14.35
C LEU V 1051 -23.40 -54.88 -13.42
N GLU V 1052 -24.01 -55.02 -12.24
CA GLU V 1052 -23.66 -56.10 -11.35
C GLU V 1052 -24.25 -57.42 -11.81
N MET V 1053 -25.47 -57.39 -12.35
CA MET V 1053 -26.21 -58.59 -12.65
C MET V 1053 -25.85 -59.23 -13.98
N ALA V 1054 -24.84 -58.74 -14.68
CA ALA V 1054 -24.49 -59.26 -15.99
C ALA V 1054 -23.20 -60.05 -15.94
N ARG V 1055 -23.20 -61.22 -16.58
CA ARG V 1055 -21.98 -62.01 -16.70
C ARG V 1055 -21.05 -61.36 -17.71
N ARG V 1056 -19.78 -61.21 -17.33
CA ARG V 1056 -18.81 -60.51 -18.15
C ARG V 1056 -17.67 -61.43 -18.54
N LYS V 1057 -17.07 -61.13 -19.69
CA LYS V 1057 -15.80 -61.70 -20.08
C LYS V 1057 -15.17 -60.73 -21.06
N ALA V 1058 -13.90 -60.94 -21.37
CA ALA V 1058 -13.24 -60.11 -22.35
C ALA V 1058 -13.77 -60.43 -23.73
N ALA V 1059 -14.39 -59.45 -24.37
CA ALA V 1059 -14.84 -59.63 -25.74
C ALA V 1059 -13.60 -59.63 -26.64
N PRO V 1060 -13.29 -60.75 -27.30
CA PRO V 1060 -11.98 -60.88 -27.96
C PRO V 1060 -11.85 -60.08 -29.24
N GLY V 1061 -12.96 -59.60 -29.80
CA GLY V 1061 -12.89 -58.89 -31.07
C GLY V 1061 -12.24 -57.52 -30.92
N VAL V 1062 -12.72 -56.72 -29.97
CA VAL V 1062 -12.26 -55.36 -29.79
C VAL V 1062 -11.62 -55.25 -28.41
N ALA V 1063 -10.50 -54.55 -28.33
CA ALA V 1063 -9.87 -54.20 -27.06
C ALA V 1063 -9.90 -52.69 -26.90
N SER V 1064 -10.32 -52.21 -25.73
CA SER V 1064 -10.69 -53.02 -24.57
C SER V 1064 -12.18 -53.25 -24.51
N GLY V 1065 -12.62 -54.42 -24.95
CA GLY V 1065 -14.03 -54.75 -25.06
C GLY V 1065 -14.43 -55.83 -24.08
N TRP V 1066 -15.56 -55.61 -23.42
CA TRP V 1066 -16.10 -56.56 -22.46
C TRP V 1066 -17.44 -57.03 -22.97
N SER V 1067 -17.67 -58.34 -22.91
CA SER V 1067 -18.99 -58.85 -23.27
C SER V 1067 -19.95 -58.63 -22.13
N LEU V 1068 -21.15 -58.18 -22.45
CA LEU V 1068 -22.18 -57.94 -21.44
C LEU V 1068 -23.45 -58.65 -21.90
N SER V 1069 -23.87 -59.64 -21.15
CA SER V 1069 -25.07 -60.41 -21.48
C SER V 1069 -25.90 -60.57 -20.23
N TRP V 1070 -26.92 -59.73 -20.10
CA TRP V 1070 -27.88 -59.89 -19.01
C TRP V 1070 -28.78 -61.08 -19.33
N GLN V 1071 -28.71 -62.10 -18.49
CA GLN V 1071 -29.67 -63.19 -18.55
C GLN V 1071 -30.97 -62.69 -17.96
N ALA V 1072 -31.98 -62.54 -18.78
CA ALA V 1072 -33.26 -62.04 -18.30
C ALA V 1072 -34.10 -63.21 -17.81
N GLN V 1073 -35.39 -62.94 -17.58
CA GLN V 1073 -36.34 -64.03 -17.53
C GLN V 1073 -36.67 -64.44 -18.96
N ASP V 1074 -37.44 -65.53 -19.07
CA ASP V 1074 -37.75 -66.20 -20.34
C ASP V 1074 -36.49 -66.64 -21.09
N GLY V 1075 -35.42 -66.92 -20.38
CA GLY V 1075 -34.23 -67.55 -20.93
C GLY V 1075 -33.41 -66.75 -21.92
N ARG V 1076 -33.84 -65.54 -22.29
CA ARG V 1076 -33.11 -64.80 -23.30
C ARG V 1076 -31.91 -64.10 -22.70
N MET V 1077 -30.90 -63.87 -23.54
CA MET V 1077 -29.65 -63.24 -23.13
C MET V 1077 -29.52 -61.93 -23.90
N LEU V 1078 -29.88 -60.82 -23.25
CA LEU V 1078 -29.76 -59.51 -23.86
C LEU V 1078 -28.29 -59.16 -23.99
N ASN V 1079 -27.80 -59.12 -25.21
CA ASN V 1079 -26.37 -59.02 -25.46
C ASN V 1079 -25.94 -57.57 -25.65
N TYR V 1080 -24.74 -57.26 -25.16
CA TYR V 1080 -24.20 -55.92 -25.23
C TYR V 1080 -22.68 -56.01 -25.26
N THR V 1081 -22.06 -55.13 -26.03
CA THR V 1081 -20.61 -55.08 -26.15
C THR V 1081 -20.14 -53.71 -25.69
N LEU V 1082 -19.32 -53.69 -24.65
CA LEU V 1082 -18.92 -52.46 -23.98
C LEU V 1082 -17.46 -52.19 -24.24
N ARG V 1083 -17.14 -50.98 -24.72
CA ARG V 1083 -15.77 -50.57 -24.96
C ARG V 1083 -15.48 -49.35 -24.11
N THR V 1084 -14.37 -49.40 -23.37
CA THR V 1084 -13.97 -48.32 -22.49
C THR V 1084 -12.82 -47.57 -23.15
N GLU V 1085 -12.47 -46.42 -22.57
CA GLU V 1085 -11.35 -45.68 -23.13
C GLU V 1085 -10.04 -45.99 -22.42
N ALA V 1086 -10.08 -46.32 -21.13
CA ALA V 1086 -8.88 -46.62 -20.39
C ALA V 1086 -9.20 -47.56 -19.24
N GLY V 1087 -8.59 -48.73 -19.24
CA GLY V 1087 -8.87 -49.66 -18.18
C GLY V 1087 -10.24 -50.31 -18.35
N GLU V 1088 -10.74 -50.86 -17.25
CA GLU V 1088 -12.00 -51.58 -17.26
C GLU V 1088 -13.22 -50.69 -17.40
N GLY V 1089 -13.08 -49.37 -17.26
CA GLY V 1089 -14.20 -48.48 -17.35
C GLY V 1089 -15.07 -48.54 -16.13
N PRO V 1090 -16.39 -48.60 -16.33
CA PRO V 1090 -17.31 -48.56 -15.19
C PRO V 1090 -17.45 -49.88 -14.46
N LEU V 1091 -16.80 -50.94 -14.92
CA LEU V 1091 -16.92 -52.22 -14.25
C LEU V 1091 -16.13 -52.27 -12.96
N VAL V 1092 -15.17 -51.37 -12.78
CA VAL V 1092 -14.23 -51.46 -11.68
C VAL V 1092 -14.90 -51.12 -10.36
N LEU V 1093 -16.01 -50.37 -10.37
CA LEU V 1093 -16.65 -49.96 -9.15
C LEU V 1093 -17.36 -51.10 -8.42
N LEU V 1094 -17.43 -52.28 -9.04
CA LEU V 1094 -17.87 -53.47 -8.35
C LEU V 1094 -16.78 -54.12 -7.53
N LYS V 1095 -15.56 -53.57 -7.52
CA LYS V 1095 -14.52 -54.11 -6.64
C LYS V 1095 -14.81 -53.82 -5.18
N LEU V 1096 -15.66 -52.85 -4.89
CA LEU V 1096 -15.98 -52.48 -3.53
C LEU V 1096 -17.06 -53.35 -2.90
N ARG V 1097 -17.48 -54.41 -3.57
CA ARG V 1097 -18.51 -55.28 -3.02
C ARG V 1097 -17.95 -56.02 -1.82
N ASN V 1098 -18.46 -55.67 -0.64
CA ASN V 1098 -17.92 -56.05 0.67
C ASN V 1098 -16.44 -55.68 0.76
N PHE V 1099 -16.19 -54.40 0.56
CA PHE V 1099 -14.89 -53.81 0.82
C PHE V 1099 -14.78 -53.50 2.30
N VAL V 1100 -13.57 -53.60 2.84
CA VAL V 1100 -13.34 -53.31 4.24
C VAL V 1100 -12.02 -52.57 4.38
N LEU V 1101 -12.06 -51.40 5.00
CA LEU V 1101 -10.84 -50.72 5.32
C LEU V 1101 -10.21 -51.39 6.54
N PRO V 1102 -8.89 -51.57 6.56
CA PRO V 1102 -8.26 -52.16 7.73
C PRO V 1102 -8.31 -51.18 8.90
N GLU V 1103 -8.80 -51.67 10.02
CA GLU V 1103 -8.83 -50.88 11.25
C GLU V 1103 -7.41 -50.55 11.71
N THR V 1104 -6.45 -51.42 11.44
CA THR V 1104 -5.07 -51.28 11.90
C THR V 1104 -4.14 -51.21 10.70
N VAL V 1105 -3.24 -50.24 10.69
CA VAL V 1105 -2.20 -50.18 9.67
C VAL V 1105 -0.98 -50.99 10.10
N PHE V 1106 -0.48 -50.74 11.29
CA PHE V 1106 0.65 -51.50 11.80
C PHE V 1106 0.17 -52.53 12.81
N GLU V 1107 1.11 -53.30 13.33
CA GLU V 1107 0.78 -54.35 14.28
C GLU V 1107 1.47 -54.15 15.62
N ASN W 577 12.16 -49.07 98.51
CA ASN W 577 12.71 -47.72 98.41
C ASN W 577 13.86 -47.65 97.41
N SER W 578 13.52 -47.46 96.14
CA SER W 578 14.51 -47.28 95.08
C SER W 578 13.89 -46.44 93.98
N ASP W 579 14.58 -45.36 93.60
CA ASP W 579 14.23 -44.48 92.49
C ASP W 579 12.86 -43.83 92.65
N ALA W 580 12.44 -43.58 93.89
CA ALA W 580 11.24 -42.81 94.18
C ALA W 580 11.59 -41.48 94.84
N MET W 581 12.32 -41.50 95.95
CA MET W 581 12.92 -40.31 96.50
C MET W 581 14.36 -40.12 96.05
N LEU W 582 14.96 -41.16 95.47
CA LEU W 582 16.30 -41.07 94.93
C LEU W 582 16.34 -40.10 93.76
N TYR W 583 15.29 -40.09 92.94
CA TYR W 583 15.19 -39.16 91.81
C TYR W 583 15.05 -37.73 92.29
N GLN W 584 14.27 -37.50 93.36
CA GLN W 584 13.98 -36.14 93.78
C GLN W 584 15.19 -35.46 94.43
N LYS W 585 16.09 -36.24 95.02
CA LYS W 585 17.28 -35.64 95.61
C LYS W 585 18.25 -35.19 94.53
N MET W 586 18.16 -35.78 93.33
CA MET W 586 19.04 -35.37 92.24
C MET W 586 18.76 -33.95 91.79
N LEU W 587 17.49 -33.55 91.81
CA LEU W 587 17.12 -32.20 91.40
C LEU W 587 17.58 -31.17 92.43
N ALA W 588 17.39 -31.47 93.71
CA ALA W 588 17.70 -30.51 94.78
C ALA W 588 19.18 -30.24 94.92
N ARG W 589 20.03 -31.16 94.48
CA ARG W 589 21.46 -30.91 94.50
C ARG W 589 21.86 -29.92 93.40
N VAL W 590 21.17 -29.95 92.26
CA VAL W 590 21.63 -29.18 91.11
C VAL W 590 20.84 -27.90 90.90
N ALA W 591 19.59 -27.83 91.38
CA ALA W 591 18.73 -26.68 91.10
C ALA W 591 19.13 -25.43 91.87
N HIS W 592 20.11 -25.51 92.76
CA HIS W 592 20.47 -24.36 93.57
C HIS W 592 21.61 -23.56 92.97
N GLN W 593 22.67 -24.23 92.50
CA GLN W 593 23.85 -23.51 92.01
C GLN W 593 23.60 -22.91 90.64
N PHE W 594 23.13 -23.72 89.69
CA PHE W 594 22.85 -23.19 88.36
C PHE W 594 21.65 -22.27 88.40
N ALA W 595 21.72 -21.19 87.64
CA ALA W 595 20.67 -20.20 87.63
C ALA W 595 19.71 -20.45 86.47
N ASP W 596 18.82 -19.49 86.24
CA ASP W 596 17.86 -19.59 85.15
C ASP W 596 18.55 -19.29 83.82
N MET W 597 18.03 -19.89 82.76
CA MET W 597 18.54 -19.69 81.41
C MET W 597 17.51 -18.86 80.65
N ARG W 598 17.61 -17.55 80.80
CA ARG W 598 16.69 -16.64 80.15
C ARG W 598 17.02 -16.51 78.67
N LEU W 599 16.15 -15.80 77.95
CA LEU W 599 16.39 -15.57 76.54
C LEU W 599 17.52 -14.57 76.30
N THR W 600 17.82 -13.73 77.29
CA THR W 600 18.87 -12.74 77.12
C THR W 600 20.24 -13.39 77.19
N ASP W 601 20.46 -14.32 78.11
CA ASP W 601 21.71 -15.07 78.09
C ASP W 601 21.74 -16.11 76.99
N MET W 602 20.59 -16.52 76.48
CA MET W 602 20.57 -17.21 75.21
C MET W 602 20.81 -16.20 74.09
N THR W 603 21.07 -16.73 72.89
CA THR W 603 21.19 -15.97 71.63
C THR W 603 22.27 -14.89 71.65
N GLY W 604 23.24 -14.98 72.55
CA GLY W 604 24.18 -13.88 72.69
C GLY W 604 23.52 -12.64 73.26
N ASP W 605 24.16 -11.50 73.02
CA ASP W 605 23.61 -10.22 73.45
C ASP W 605 22.64 -9.61 72.43
N THR W 606 22.13 -10.40 71.50
CA THR W 606 21.32 -9.88 70.41
C THR W 606 19.93 -9.47 70.90
N ASP W 607 19.33 -8.53 70.19
CA ASP W 607 18.05 -7.94 70.58
C ASP W 607 16.93 -8.93 70.32
N VAL W 608 16.50 -9.65 71.34
CA VAL W 608 15.40 -10.58 71.20
C VAL W 608 14.06 -9.87 71.42
N SER W 609 14.08 -8.75 72.14
CA SER W 609 12.84 -8.04 72.48
C SER W 609 12.16 -7.44 71.26
N ARG W 610 12.91 -7.11 70.22
CA ARG W 610 12.29 -6.66 68.98
C ARG W 610 11.76 -7.81 68.15
N LEU W 611 12.02 -9.05 68.57
CA LEU W 611 11.48 -10.22 67.89
C LEU W 611 10.58 -11.03 68.82
N PHE W 612 11.09 -11.46 69.98
CA PHE W 612 10.34 -12.34 70.86
C PHE W 612 10.30 -11.74 72.26
N PHE W 613 9.08 -11.46 72.74
CA PHE W 613 8.89 -10.92 74.09
C PHE W 613 8.58 -12.01 75.12
N THR W 614 9.15 -13.19 74.94
CA THR W 614 8.72 -14.37 75.65
C THR W 614 9.17 -14.38 77.11
N ASP W 615 8.29 -14.87 77.98
CA ASP W 615 8.51 -15.09 79.40
C ASP W 615 8.43 -16.59 79.69
N GLU W 616 8.33 -16.94 80.97
CA GLU W 616 8.43 -18.29 81.56
C GLU W 616 9.68 -19.04 81.06
N VAL W 617 10.79 -18.48 81.54
CA VAL W 617 12.15 -18.96 81.30
C VAL W 617 12.33 -20.43 81.66
N VAL W 618 13.05 -21.15 80.81
CA VAL W 618 13.49 -22.53 81.10
C VAL W 618 14.47 -22.51 82.27
N PRO W 619 14.27 -23.36 83.31
CA PRO W 619 14.98 -23.14 84.58
C PRO W 619 16.41 -23.66 84.63
N GLY W 620 17.03 -23.91 83.49
CA GLY W 620 18.35 -24.50 83.58
C GLY W 620 18.25 -26.01 83.70
N MET W 621 19.31 -26.61 84.23
CA MET W 621 19.50 -28.01 84.64
C MET W 621 19.26 -29.03 83.54
N PHE W 622 18.98 -28.59 82.31
CA PHE W 622 18.85 -29.45 81.15
C PHE W 622 19.70 -28.95 80.00
N THR W 623 20.89 -28.44 80.28
CA THR W 623 21.73 -27.86 79.24
C THR W 623 22.78 -28.86 78.81
N ARG W 624 23.73 -28.39 78.01
CA ARG W 624 24.95 -29.14 77.79
C ARG W 624 25.94 -28.90 78.93
N GLN W 625 26.02 -27.66 79.43
CA GLN W 625 26.96 -27.37 80.48
C GLN W 625 26.51 -27.92 81.83
N ALA W 626 25.21 -28.10 82.05
CA ALA W 626 24.76 -28.78 83.24
C ALA W 626 24.76 -30.29 83.06
N TRP W 627 25.12 -30.78 81.88
CA TRP W 627 25.40 -32.20 81.70
C TRP W 627 26.86 -32.53 81.91
N GLU W 628 27.75 -31.59 81.58
CA GLU W 628 29.17 -31.79 81.83
C GLU W 628 29.47 -31.73 83.33
N GLU W 629 28.86 -30.80 84.05
CA GLU W 629 29.02 -30.70 85.48
C GLU W 629 27.83 -31.31 86.21
N ALA W 630 28.12 -31.87 87.37
CA ALA W 630 27.19 -32.06 88.48
C ALA W 630 26.04 -33.04 88.20
N VAL W 631 26.09 -33.83 87.13
CA VAL W 631 25.07 -34.88 87.04
C VAL W 631 25.70 -36.27 86.93
N LEU W 632 26.60 -36.48 85.96
CA LEU W 632 27.21 -37.79 85.79
C LEU W 632 28.16 -38.17 86.93
N PRO W 633 28.89 -37.24 87.56
CA PRO W 633 29.48 -37.60 88.86
C PRO W 633 28.45 -37.80 89.95
N SER W 634 27.28 -37.15 89.87
CA SER W 634 26.37 -37.15 91.00
C SER W 634 25.44 -38.35 91.03
N ILE W 635 25.08 -38.89 89.86
CA ILE W 635 24.17 -40.04 89.86
C ILE W 635 24.89 -41.30 90.30
N ASP W 636 26.22 -41.35 90.15
CA ASP W 636 26.98 -42.50 90.62
C ASP W 636 27.18 -42.49 92.12
N THR W 637 26.90 -41.37 92.79
CA THR W 637 26.88 -41.37 94.25
C THR W 637 25.71 -42.18 94.76
N VAL W 638 24.56 -42.12 94.08
CA VAL W 638 23.38 -42.85 94.52
C VAL W 638 23.45 -44.30 94.04
N ILE W 639 24.37 -44.60 93.11
CA ILE W 639 24.57 -45.98 92.65
C ILE W 639 25.06 -46.88 93.78
N ASN W 640 26.02 -46.39 94.58
CA ASN W 640 26.46 -47.15 95.74
C ASN W 640 25.39 -47.19 96.83
N GLU W 641 24.49 -46.22 96.86
CA GLU W 641 23.37 -46.25 97.79
C GLU W 641 22.23 -47.08 97.21
N VAL W 661 17.72 -54.94 92.09
CA VAL W 661 18.28 -54.19 90.97
C VAL W 661 19.80 -54.08 91.11
N SER W 662 20.52 -54.41 90.04
CA SER W 662 21.96 -54.23 90.04
C SER W 662 22.29 -52.73 90.00
N PRO W 663 23.29 -52.28 90.77
CA PRO W 663 23.50 -50.84 90.91
C PRO W 663 24.05 -50.16 89.67
N GLU W 664 24.76 -50.89 88.81
CA GLU W 664 25.24 -50.30 87.57
C GLU W 664 24.13 -50.12 86.55
N ALA W 665 23.01 -50.82 86.69
CA ALA W 665 21.83 -50.62 85.86
C ALA W 665 20.86 -49.62 86.46
N LEU W 666 21.35 -48.69 87.27
CA LEU W 666 20.55 -47.57 87.75
C LEU W 666 20.61 -46.38 86.80
N ARG W 667 21.73 -46.20 86.10
CA ARG W 667 21.88 -45.08 85.18
C ARG W 667 20.94 -45.21 83.99
N GLN W 668 20.89 -46.40 83.40
CA GLN W 668 20.12 -46.64 82.18
C GLN W 668 18.63 -46.46 82.38
N ARG W 669 18.14 -46.61 83.60
CA ARG W 669 16.79 -46.18 83.90
C ARG W 669 16.74 -44.69 84.22
N LEU W 670 17.77 -44.15 84.88
CA LEU W 670 17.76 -42.76 85.30
C LEU W 670 17.98 -41.80 84.15
N THR W 671 18.73 -42.21 83.12
CA THR W 671 19.02 -41.31 82.01
C THR W 671 17.78 -41.09 81.14
N THR W 672 17.03 -42.16 80.87
CA THR W 672 15.82 -42.01 80.06
C THR W 672 14.76 -41.20 80.78
N ARG W 673 14.60 -41.38 82.09
CA ARG W 673 13.70 -40.53 82.85
C ARG W 673 14.31 -39.17 83.15
N TYR W 674 15.58 -38.97 82.82
CA TYR W 674 16.12 -37.62 82.71
C TYR W 674 15.96 -37.06 81.31
N PHE W 675 16.18 -37.89 80.28
CA PHE W 675 16.04 -37.42 78.92
C PHE W 675 14.60 -37.37 78.44
N ALA W 676 13.67 -37.98 79.17
CA ALA W 676 12.26 -37.65 78.95
C ALA W 676 11.98 -36.23 79.41
N ASP W 677 12.56 -35.84 80.53
CA ASP W 677 12.37 -34.50 81.06
C ASP W 677 13.50 -33.54 80.68
N PHE W 678 14.46 -34.00 79.87
CA PHE W 678 15.43 -33.08 79.29
C PHE W 678 14.75 -32.13 78.32
N GLY W 679 14.16 -32.68 77.26
CA GLY W 679 13.55 -31.84 76.26
C GLY W 679 12.14 -31.39 76.60
N ASN W 680 11.51 -32.03 77.58
CA ASN W 680 10.13 -31.69 77.88
C ASN W 680 10.02 -30.34 78.59
N ALA W 681 11.08 -29.91 79.26
CA ALA W 681 11.11 -28.52 79.70
C ALA W 681 11.51 -27.59 78.55
N TRP W 682 12.20 -28.12 77.55
CA TRP W 682 12.50 -27.33 76.36
C TRP W 682 11.29 -27.24 75.45
N LEU W 683 10.50 -28.32 75.36
CA LEU W 683 9.28 -28.32 74.56
C LEU W 683 8.28 -27.31 75.10
N ASN W 684 8.14 -27.26 76.43
CA ASN W 684 7.19 -26.33 77.02
C ASN W 684 7.68 -24.90 76.96
N PHE W 685 8.97 -24.67 76.80
CA PHE W 685 9.44 -23.30 76.65
C PHE W 685 9.20 -22.79 75.23
N LEU W 686 9.66 -23.56 74.24
CA LEU W 686 9.60 -23.11 72.86
C LEU W 686 8.18 -23.12 72.31
N ASN W 687 7.30 -23.94 72.87
CA ASN W 687 5.89 -23.84 72.54
C ASN W 687 5.16 -22.81 73.36
N SER W 688 5.89 -21.88 73.98
CA SER W 688 5.31 -20.80 74.76
C SER W 688 5.85 -19.44 74.34
N LEU W 689 6.33 -19.31 73.12
CA LEU W 689 6.90 -18.06 72.67
C LEU W 689 5.99 -17.38 71.66
N HIS W 690 6.08 -16.05 71.61
CA HIS W 690 5.29 -15.26 70.67
C HIS W 690 6.20 -14.30 69.92
N LEU W 691 5.65 -13.74 68.86
CA LEU W 691 6.32 -12.77 68.03
C LEU W 691 5.74 -11.40 68.30
N ARG W 692 6.61 -10.38 68.25
CA ARG W 692 6.21 -9.01 68.53
C ARG W 692 5.19 -8.52 67.53
N LYS W 693 4.10 -7.96 68.04
CA LYS W 693 3.03 -7.45 67.17
C LYS W 693 3.53 -6.21 66.44
N ALA W 694 3.45 -6.25 65.12
CA ALA W 694 4.03 -5.22 64.27
C ALA W 694 2.97 -4.76 63.29
N GLN W 695 2.98 -3.48 62.96
CA GLN W 695 1.97 -2.92 62.07
C GLN W 695 2.54 -1.67 61.40
N THR W 696 1.84 -1.19 60.37
CA THR W 696 2.06 0.06 59.63
C THR W 696 3.37 0.08 58.84
N LEU W 697 3.81 -1.07 58.34
CA LEU W 697 4.81 -1.23 57.26
C LEU W 697 6.23 -0.76 57.63
N SER W 698 6.39 -0.14 58.78
CA SER W 698 7.74 0.24 59.19
C SER W 698 8.45 -0.96 59.79
N ASP W 699 7.90 -1.47 60.90
CA ASP W 699 8.58 -2.51 61.64
C ASP W 699 8.47 -3.88 61.01
N VAL W 700 7.57 -4.08 60.06
CA VAL W 700 7.49 -5.39 59.44
C VAL W 700 8.64 -5.56 58.45
N THR W 701 9.21 -4.46 57.98
CA THR W 701 10.52 -4.57 57.35
C THR W 701 11.60 -4.74 58.41
N GLU W 702 11.47 -4.02 59.53
CA GLU W 702 12.49 -4.04 60.57
C GLU W 702 12.52 -5.39 61.27
N GLN W 703 11.40 -6.10 61.31
CA GLN W 703 11.44 -7.49 61.73
C GLN W 703 12.21 -8.35 60.75
N LEU W 704 11.88 -8.24 59.47
CA LEU W 704 12.46 -9.15 58.49
C LEU W 704 13.88 -8.79 58.08
N THR W 705 14.47 -7.74 58.64
CA THR W 705 15.90 -7.56 58.51
C THR W 705 16.64 -7.87 59.79
N LEU W 706 15.97 -7.84 60.94
CA LEU W 706 16.57 -8.37 62.16
C LEU W 706 16.57 -9.89 62.09
N MET W 707 15.39 -10.48 61.93
CA MET W 707 15.29 -11.84 61.46
C MET W 707 15.87 -11.93 60.05
N ALA W 708 16.45 -13.10 59.72
CA ALA W 708 17.00 -13.43 58.39
C ALA W 708 18.17 -12.56 58.00
N ASP W 709 18.86 -11.99 58.98
CA ASP W 709 20.15 -11.38 58.75
C ASP W 709 21.16 -12.49 59.02
N VAL W 710 22.35 -12.37 58.47
CA VAL W 710 23.48 -13.20 58.85
C VAL W 710 23.91 -12.82 60.26
N ARG W 711 24.87 -13.57 60.81
CA ARG W 711 25.09 -13.89 62.22
C ARG W 711 24.63 -12.87 63.25
N GLN W 712 24.85 -11.58 63.02
CA GLN W 712 24.29 -10.60 63.93
C GLN W 712 22.78 -10.49 63.71
N SER W 713 22.04 -11.38 64.37
CA SER W 713 20.61 -11.57 64.18
C SER W 713 20.12 -12.54 65.26
N PRO W 714 18.85 -12.47 65.61
CA PRO W 714 18.23 -13.56 66.36
C PRO W 714 17.89 -14.72 65.42
N LEU W 715 17.23 -15.73 65.99
CA LEU W 715 16.56 -16.84 65.32
C LEU W 715 17.52 -17.85 64.69
N VAL W 716 18.79 -17.50 64.58
CA VAL W 716 19.82 -18.50 64.34
C VAL W 716 20.75 -18.61 65.53
N ALA W 717 21.01 -17.51 66.25
CA ALA W 717 21.67 -17.59 67.53
C ALA W 717 20.82 -18.33 68.55
N LEU W 718 19.49 -18.27 68.40
CA LEU W 718 18.64 -19.18 69.14
C LEU W 718 18.76 -20.59 68.58
N MET W 719 18.87 -20.72 67.26
CA MET W 719 19.00 -22.04 66.68
C MET W 719 20.41 -22.60 66.78
N ASN W 720 21.41 -21.75 67.04
CA ASN W 720 22.73 -22.28 67.38
C ASN W 720 22.73 -22.86 68.78
N THR W 721 22.04 -22.21 69.71
CA THR W 721 21.93 -22.73 71.07
C THR W 721 21.17 -24.04 71.08
N LEU W 722 20.13 -24.15 70.28
CA LEU W 722 19.46 -25.43 70.12
C LEU W 722 20.28 -26.44 69.34
N ALA W 723 21.31 -26.01 68.62
CA ALA W 723 22.04 -26.95 67.78
C ALA W 723 22.99 -27.80 68.61
N VAL W 724 23.72 -27.18 69.53
CA VAL W 724 24.74 -27.94 70.25
C VAL W 724 24.12 -28.78 71.37
N GLN W 725 22.93 -28.43 71.83
CA GLN W 725 22.31 -29.21 72.89
C GLN W 725 21.67 -30.48 72.40
N GLY W 726 21.57 -30.66 71.09
CA GLY W 726 21.08 -31.89 70.51
C GLY W 726 22.16 -32.93 70.27
N CYS W 727 23.30 -32.81 70.95
CA CYS W 727 24.38 -33.78 70.80
C CYS W 727 24.99 -34.15 72.15
N THR W 728 24.30 -33.87 73.25
CA THR W 728 24.78 -34.28 74.56
C THR W 728 24.70 -35.80 74.69
N GLY W 729 25.60 -36.34 75.51
CA GLY W 729 25.79 -37.77 75.54
C GLY W 729 26.95 -38.18 74.65
N GLN W 730 26.64 -38.62 73.43
CA GLN W 730 27.67 -38.98 72.47
C GLN W 730 27.51 -38.17 71.19
N HIS W 762 22.39 -40.60 66.43
CA HIS W 762 23.56 -39.78 66.73
C HIS W 762 23.66 -39.52 68.23
N GLY W 763 22.55 -39.69 68.93
CA GLY W 763 22.50 -39.43 70.36
C GLY W 763 21.32 -40.08 71.04
N PRO W 764 21.20 -39.90 72.35
CA PRO W 764 20.11 -40.52 73.10
C PRO W 764 18.83 -39.68 73.13
N LEU W 765 18.91 -38.41 72.76
CA LEU W 765 17.75 -37.53 72.69
C LEU W 765 17.21 -37.39 71.27
N ALA W 766 17.23 -38.50 70.52
CA ALA W 766 16.98 -38.46 69.09
C ALA W 766 15.54 -38.08 68.77
N THR W 767 14.58 -38.67 69.47
CA THR W 767 13.19 -38.44 69.06
C THR W 767 12.62 -37.13 69.56
N THR W 768 13.26 -36.46 70.52
CA THR W 768 12.69 -35.22 71.02
C THR W 768 13.21 -34.01 70.24
N PHE W 769 14.48 -34.03 69.84
CA PHE W 769 15.04 -33.00 68.99
C PHE W 769 15.28 -33.50 67.58
N GLY W 770 14.37 -34.34 67.08
CA GLY W 770 14.50 -34.92 65.77
C GLY W 770 14.33 -33.93 64.64
N PRO W 771 13.10 -33.44 64.44
CA PRO W 771 12.86 -32.53 63.30
C PRO W 771 13.54 -31.19 63.41
N VAL W 772 13.74 -30.65 64.61
CA VAL W 772 14.35 -29.33 64.70
C VAL W 772 15.84 -29.40 64.41
N LEU W 773 16.50 -30.47 64.83
CA LEU W 773 17.88 -30.64 64.40
C LEU W 773 17.97 -31.33 63.04
N ALA W 774 16.84 -31.66 62.41
CA ALA W 774 16.86 -32.08 61.03
C ALA W 774 16.96 -30.90 60.07
N LEU W 775 16.88 -29.67 60.57
CA LEU W 775 16.95 -28.51 59.69
C LEU W 775 18.39 -28.14 59.37
N MET W 776 19.16 -27.76 60.39
CA MET W 776 20.41 -27.03 60.17
C MET W 776 21.56 -27.91 59.73
N ASP W 777 21.36 -29.22 59.56
CA ASP W 777 22.50 -30.14 59.55
C ASP W 777 23.28 -30.10 58.25
N ASN W 778 22.58 -30.02 57.11
CA ASN W 778 23.05 -30.33 55.76
C ASN W 778 23.57 -31.75 55.63
N GLN W 779 23.19 -32.66 56.53
CA GLN W 779 23.37 -34.09 56.35
C GLN W 779 22.01 -34.81 56.29
N ASN W 780 21.00 -34.11 55.76
CA ASN W 780 19.66 -34.64 55.54
C ASN W 780 19.45 -35.00 54.07
N ASN W 781 20.45 -35.65 53.47
CA ASN W 781 20.65 -35.79 52.03
C ASN W 781 19.47 -36.29 51.20
N SER W 782 18.48 -36.90 51.84
CA SER W 782 17.20 -37.19 51.17
C SER W 782 16.10 -36.93 52.19
N ALA W 783 15.64 -35.69 52.26
CA ALA W 783 14.53 -35.34 53.14
C ALA W 783 13.58 -34.35 52.49
N ASP W 784 13.71 -34.15 51.17
CA ASP W 784 13.12 -33.13 50.30
C ASP W 784 13.66 -31.74 50.64
N MET W 785 14.65 -31.64 51.51
CA MET W 785 15.60 -30.56 51.74
C MET W 785 15.06 -29.31 52.42
N LEU W 786 13.74 -29.12 52.48
CA LEU W 786 12.97 -28.75 53.66
C LEU W 786 13.72 -28.17 54.86
N ASN W 787 14.62 -27.21 54.68
CA ASN W 787 15.46 -26.84 55.80
C ASN W 787 15.39 -25.35 56.09
N LEU W 788 16.09 -24.96 57.14
CA LEU W 788 16.03 -23.61 57.67
C LEU W 788 16.69 -22.61 56.76
N GLN W 789 17.80 -22.99 56.12
CA GLN W 789 18.67 -22.01 55.47
C GLN W 789 18.03 -21.40 54.23
N THR W 790 17.25 -22.18 53.48
CA THR W 790 16.54 -21.62 52.34
C THR W 790 15.44 -20.69 52.80
N TYR W 791 14.84 -20.98 53.95
CA TYR W 791 13.69 -20.22 54.42
C TYR W 791 14.06 -18.78 54.75
N LEU W 792 15.25 -18.54 55.29
CA LEU W 792 15.59 -17.16 55.61
C LEU W 792 15.90 -16.37 54.35
N THR W 793 16.40 -17.01 53.31
CA THR W 793 16.45 -16.33 52.03
C THR W 793 15.11 -16.36 51.32
N ARG W 794 14.23 -17.28 51.70
CA ARG W 794 12.86 -17.25 51.18
C ARG W 794 12.06 -16.14 51.83
N VAL W 795 12.55 -15.58 52.92
CA VAL W 795 11.89 -14.44 53.51
C VAL W 795 12.69 -13.16 53.31
N THR W 796 13.93 -13.25 52.83
CA THR W 796 14.63 -11.99 52.61
C THR W 796 14.18 -11.31 51.35
N GLN W 797 13.55 -12.01 50.42
CA GLN W 797 13.09 -11.33 49.22
C GLN W 797 11.68 -10.80 49.37
N VAL W 798 10.90 -11.34 50.31
CA VAL W 798 9.67 -10.68 50.68
C VAL W 798 9.98 -9.41 51.45
N ARG W 799 11.14 -9.35 52.10
CA ARG W 799 11.62 -8.07 52.61
C ARG W 799 12.00 -7.14 51.46
N LEU W 800 12.70 -7.66 50.46
CA LEU W 800 13.21 -6.81 49.39
C LEU W 800 12.11 -6.30 48.49
N ARG W 801 11.09 -7.12 48.24
CA ARG W 801 9.95 -6.62 47.50
C ARG W 801 9.17 -5.60 48.31
N LEU W 802 9.16 -5.73 49.63
CA LEU W 802 8.59 -4.69 50.47
C LEU W 802 9.54 -3.52 50.69
N GLN W 803 10.79 -3.64 50.29
CA GLN W 803 11.68 -2.49 50.39
C GLN W 803 11.34 -1.45 49.34
N GLN W 804 10.92 -1.90 48.15
CA GLN W 804 10.59 -0.97 47.09
C GLN W 804 9.32 -0.20 47.39
N ILE W 805 8.40 -0.81 48.12
CA ILE W 805 7.23 -0.08 48.57
C ILE W 805 7.63 0.89 49.66
N ALA W 806 8.63 0.55 50.46
CA ALA W 806 9.20 1.49 51.42
C ALA W 806 10.11 2.51 50.75
N GLY W 807 10.28 2.42 49.45
CA GLY W 807 11.02 3.42 48.71
C GLY W 807 10.03 4.50 48.33
N SER W 808 9.68 4.58 47.05
CA SER W 808 8.82 5.65 46.57
C SER W 808 7.42 5.69 47.16
N SER W 809 6.57 4.70 46.82
CA SER W 809 5.15 4.62 47.17
C SER W 809 4.38 5.92 46.99
N ASP W 810 4.74 6.69 45.97
CA ASP W 810 4.40 8.11 45.87
C ASP W 810 2.90 8.42 45.72
N PRO W 811 2.11 7.76 44.88
CA PRO W 811 0.68 8.10 44.87
C PRO W 811 -0.22 7.17 45.68
N GLN W 812 0.40 6.29 46.48
CA GLN W 812 -0.13 5.11 47.19
C GLN W 812 -0.42 3.97 46.21
N ALA W 813 -0.36 4.26 44.92
CA ALA W 813 -0.18 3.20 43.95
C ALA W 813 1.30 2.83 43.92
N MET W 814 1.57 1.70 43.26
CA MET W 814 2.75 0.84 43.17
C MET W 814 2.91 0.05 44.46
N MET W 815 2.16 0.42 45.48
CA MET W 815 1.90 -0.44 46.61
C MET W 815 1.02 -1.60 46.18
N GLN W 816 -0.15 -1.30 45.63
CA GLN W 816 -1.03 -2.37 45.21
C GLN W 816 -0.58 -3.02 43.90
N LEU W 817 0.37 -2.41 43.18
CA LEU W 817 0.88 -3.08 41.98
C LEU W 817 1.71 -4.30 42.33
N LEU W 818 2.26 -4.35 43.53
CA LEU W 818 2.80 -5.61 43.99
C LEU W 818 1.69 -6.48 44.55
N ALA W 819 0.59 -5.88 44.97
CA ALA W 819 -0.52 -6.65 45.47
C ALA W 819 -1.46 -7.10 44.38
N GLN W 820 -1.43 -6.43 43.23
CA GLN W 820 -2.23 -6.88 42.08
C GLN W 820 -1.75 -8.23 41.57
N THR W 821 -0.48 -8.56 41.78
CA THR W 821 0.00 -9.89 41.48
C THR W 821 -0.60 -10.94 42.41
N VAL W 822 -0.87 -10.58 43.66
CA VAL W 822 -1.50 -11.51 44.59
C VAL W 822 -2.93 -11.79 44.16
N LEU W 823 -3.56 -10.81 43.52
CA LEU W 823 -4.81 -10.93 42.76
C LEU W 823 -4.48 -11.59 41.44
N GLN W 824 -5.19 -11.18 40.37
CA GLN W 824 -5.17 -11.74 39.02
C GLN W 824 -3.84 -12.32 38.55
N GLY W 825 -3.90 -13.46 37.89
CA GLY W 825 -2.83 -14.44 37.93
C GLY W 825 -1.52 -14.07 37.28
N LYS W 826 -0.92 -12.99 37.77
CA LYS W 826 0.46 -12.65 37.44
C LYS W 826 1.45 -13.35 38.34
N SER W 827 1.02 -14.32 39.11
CA SER W 827 1.90 -14.98 40.06
C SER W 827 2.82 -15.98 39.36
N VAL W 828 4.12 -15.83 39.60
CA VAL W 828 5.07 -16.91 39.31
C VAL W 828 5.94 -17.24 40.51
N ASP W 829 6.02 -16.35 41.50
CA ASP W 829 6.83 -16.57 42.67
C ASP W 829 6.02 -16.81 43.93
N LEU W 830 4.88 -16.16 44.08
CA LEU W 830 4.20 -16.11 45.37
C LEU W 830 3.49 -17.42 45.73
N THR W 831 3.53 -18.44 44.89
CA THR W 831 3.12 -19.74 45.37
C THR W 831 4.23 -20.45 46.13
N ASP W 832 5.41 -19.86 46.22
CA ASP W 832 6.54 -20.40 46.96
C ASP W 832 6.80 -19.65 48.25
N THR W 833 6.62 -18.34 48.25
CA THR W 833 6.99 -17.56 49.42
C THR W 833 6.01 -17.72 50.56
N ARG W 834 4.72 -17.86 50.28
CA ARG W 834 3.77 -18.04 51.37
C ARG W 834 3.77 -19.47 51.88
N ASP W 835 3.94 -20.44 51.01
CA ASP W 835 3.76 -21.84 51.39
C ASP W 835 5.00 -22.49 51.97
N TYR W 836 6.17 -21.86 51.86
CA TYR W 836 7.35 -22.51 52.42
C TYR W 836 7.40 -22.42 53.93
N GLY W 837 6.86 -21.35 54.50
CA GLY W 837 6.76 -21.27 55.95
C GLY W 837 5.83 -22.31 56.54
N SER W 838 4.81 -22.72 55.78
CA SER W 838 3.92 -23.77 56.24
C SER W 838 4.37 -25.15 55.82
N LEU W 839 5.21 -25.26 54.78
CA LEU W 839 5.61 -26.59 54.35
C LEU W 839 6.64 -27.19 55.30
N THR W 840 7.31 -26.36 56.09
CA THR W 840 8.21 -26.89 57.10
C THR W 840 7.50 -27.18 58.41
N ALA W 841 6.80 -26.16 58.94
CA ALA W 841 6.29 -26.24 60.30
C ALA W 841 5.13 -27.21 60.42
N ALA W 842 4.24 -27.23 59.43
CA ALA W 842 3.17 -28.23 59.44
C ALA W 842 3.67 -29.61 59.06
N GLY W 843 4.94 -29.74 58.67
CA GLY W 843 5.58 -31.03 58.56
C GLY W 843 6.62 -31.29 59.63
N LEU W 844 6.73 -30.44 60.65
CA LEU W 844 7.76 -30.63 61.67
C LEU W 844 7.57 -31.88 62.50
N GLY W 845 6.68 -31.84 63.48
CA GLY W 845 6.40 -33.07 64.21
C GLY W 845 5.04 -33.18 64.88
N GLN W 846 4.24 -32.11 64.80
CA GLN W 846 2.97 -31.80 65.48
C GLN W 846 3.09 -31.77 67.01
N GLU W 847 4.27 -31.98 67.59
CA GLU W 847 4.49 -31.58 68.97
C GLU W 847 5.19 -30.24 69.08
N TRP W 848 5.82 -29.80 68.00
CA TRP W 848 6.37 -28.46 67.90
C TRP W 848 5.36 -27.46 67.36
N TYR W 849 4.13 -27.91 67.15
CA TYR W 849 3.03 -27.01 66.84
C TYR W 849 2.85 -26.03 67.99
N GLY W 850 2.52 -24.79 67.65
CA GLY W 850 2.55 -23.70 68.59
C GLY W 850 3.88 -22.98 68.62
N PHE W 851 4.98 -23.69 68.33
CA PHE W 851 6.24 -23.05 68.04
C PHE W 851 6.38 -22.82 66.55
N GLY W 852 6.07 -23.85 65.76
CA GLY W 852 6.19 -23.78 64.32
C GLY W 852 5.27 -22.76 63.69
N GLN W 853 4.13 -22.48 64.34
CA GLN W 853 3.30 -21.38 63.89
C GLN W 853 4.00 -20.05 64.10
N THR W 854 4.58 -19.84 65.27
CA THR W 854 5.12 -18.52 65.56
C THR W 854 6.60 -18.40 65.26
N VAL W 855 7.21 -19.40 64.63
CA VAL W 855 8.58 -19.22 64.19
C VAL W 855 8.57 -19.04 62.67
N PHE W 856 7.60 -19.65 62.00
CA PHE W 856 7.62 -19.69 60.55
C PHE W 856 6.43 -18.97 59.93
N VAL W 857 5.20 -19.34 60.24
CA VAL W 857 4.12 -18.76 59.45
C VAL W 857 3.71 -17.41 60.02
N ARG W 858 3.90 -17.18 61.30
CA ARG W 858 3.54 -15.88 61.87
C ARG W 858 4.42 -14.70 61.48
N PRO W 859 5.73 -14.84 61.20
CA PRO W 859 6.41 -13.70 60.58
C PRO W 859 6.02 -13.50 59.14
N MET W 860 5.74 -14.57 58.41
CA MET W 860 5.35 -14.42 57.01
C MET W 860 3.94 -13.84 56.90
N GLU W 861 3.05 -14.25 57.79
CA GLU W 861 1.66 -13.78 57.72
C GLU W 861 1.57 -12.31 58.09
N GLN W 862 2.42 -11.85 59.00
CA GLN W 862 2.43 -10.43 59.30
C GLN W 862 3.04 -9.62 58.17
N ALA W 863 3.73 -10.27 57.24
CA ALA W 863 4.28 -9.56 56.08
C ALA W 863 3.23 -9.42 54.99
N TRP W 864 2.52 -10.50 54.67
CA TRP W 864 1.52 -10.42 53.62
C TRP W 864 0.32 -9.60 54.06
N GLN W 865 -0.06 -9.65 55.33
CA GLN W 865 -1.26 -8.96 55.77
C GLN W 865 -1.06 -7.46 55.91
N GLN W 866 0.09 -6.90 55.52
CA GLN W 866 0.22 -5.47 55.34
C GLN W 866 0.49 -5.09 53.90
N VAL W 867 0.70 -6.07 53.02
CA VAL W 867 0.79 -5.80 51.59
C VAL W 867 -0.44 -6.33 50.86
N LEU W 868 -1.24 -7.18 51.50
CA LEU W 868 -2.47 -7.63 50.88
C LEU W 868 -3.66 -6.78 51.28
N THR W 869 -3.87 -6.56 52.57
CA THR W 869 -5.05 -5.85 53.03
C THR W 869 -5.20 -4.38 52.59
N PRO W 870 -4.19 -3.62 52.16
CA PRO W 870 -4.54 -2.38 51.45
C PRO W 870 -4.75 -2.54 49.97
N ALA W 871 -4.89 -3.78 49.48
CA ALA W 871 -5.48 -3.98 48.15
C ALA W 871 -6.94 -4.38 48.27
N ALA W 872 -7.25 -5.24 49.23
CA ALA W 872 -8.62 -5.66 49.45
C ALA W 872 -9.49 -4.53 49.97
N GLU W 873 -8.91 -3.49 50.55
CA GLU W 873 -9.66 -2.27 50.82
C GLU W 873 -9.53 -1.26 49.70
N SER W 874 -8.75 -1.57 48.67
CA SER W 874 -8.74 -0.74 47.48
C SER W 874 -9.42 -1.42 46.31
N LEU W 875 -9.64 -2.73 46.38
CA LEU W 875 -10.46 -3.39 45.38
C LEU W 875 -11.91 -2.99 45.52
N ASN W 876 -12.39 -2.85 46.75
CA ASN W 876 -13.78 -2.48 46.98
C ASN W 876 -14.10 -1.07 46.51
N ALA W 877 -13.10 -0.20 46.37
CA ALA W 877 -13.34 1.06 45.70
C ALA W 877 -13.32 0.92 44.19
N ARG W 878 -12.67 -0.10 43.67
CA ARG W 878 -12.76 -0.40 42.24
C ARG W 878 -13.83 -1.42 41.93
N TRP W 879 -14.57 -1.87 42.91
CA TRP W 879 -15.71 -2.71 42.61
C TRP W 879 -16.98 -1.89 42.54
N ARG W 880 -17.08 -0.84 43.36
CA ARG W 880 -18.30 -0.05 43.30
C ARG W 880 -18.28 0.93 42.14
N THR W 881 -17.13 1.51 41.84
CA THR W 881 -17.08 2.55 40.82
C THR W 881 -16.95 2.01 39.42
N ALA W 882 -17.26 0.73 39.19
CA ALA W 882 -17.34 0.19 37.84
C ALA W 882 -18.53 -0.71 37.63
N VAL W 883 -19.10 -1.27 38.70
CA VAL W 883 -20.23 -2.18 38.59
C VAL W 883 -21.40 -1.74 39.46
N VAL W 884 -21.15 -1.52 40.75
CA VAL W 884 -22.25 -1.30 41.67
C VAL W 884 -22.83 0.09 41.49
N ASP W 885 -21.99 1.12 41.40
CA ASP W 885 -22.53 2.45 41.23
C ASP W 885 -22.93 2.77 39.80
N GLY W 886 -23.03 1.77 38.93
CA GLY W 886 -23.76 1.89 37.69
C GLY W 886 -24.98 1.01 37.77
N TRP W 887 -24.97 0.06 38.72
CA TRP W 887 -26.14 -0.77 38.97
C TRP W 887 -27.15 -0.02 39.82
N ASN W 888 -26.75 0.35 41.03
CA ASN W 888 -27.67 1.03 41.93
C ASN W 888 -28.01 2.43 41.46
N ASN W 889 -27.17 3.02 40.61
CA ASN W 889 -27.49 4.34 40.09
C ASN W 889 -28.60 4.29 39.06
N ALA W 890 -28.79 3.15 38.40
CA ALA W 890 -29.72 3.07 37.29
C ALA W 890 -30.81 2.04 37.49
N PHE W 891 -30.61 1.03 38.34
CA PHE W 891 -31.59 -0.05 38.45
C PHE W 891 -32.30 -0.03 39.79
N SER W 892 -32.11 1.02 40.58
CA SER W 892 -32.72 1.07 41.91
C SER W 892 -34.18 1.43 41.81
N GLY W 893 -35.02 0.69 42.53
CA GLY W 893 -36.43 1.00 42.59
C GLY W 893 -37.12 0.74 41.28
N ARG W 894 -36.86 -0.42 40.69
CA ARG W 894 -37.53 -0.83 39.47
C ARG W 894 -37.92 -2.28 39.58
N TYR W 895 -38.93 -2.65 38.80
CA TYR W 895 -39.31 -4.04 38.74
C TYR W 895 -38.25 -4.81 37.96
N PRO W 896 -37.87 -6.00 38.41
CA PRO W 896 -38.31 -6.72 39.59
C PRO W 896 -37.35 -6.63 40.76
N PHE W 897 -36.57 -5.56 40.88
CA PHE W 897 -35.81 -5.37 42.10
C PHE W 897 -36.66 -4.80 43.21
N LYS W 898 -37.85 -4.30 42.87
CA LYS W 898 -38.86 -3.86 43.80
C LYS W 898 -40.20 -4.30 43.24
N ASN W 899 -41.28 -3.71 43.72
CA ASN W 899 -42.56 -3.75 43.02
C ASN W 899 -43.03 -2.32 42.88
N VAL W 900 -42.53 -1.63 41.86
CA VAL W 900 -42.96 -0.29 41.51
C VAL W 900 -43.32 -0.33 40.03
N SER W 901 -44.02 0.70 39.57
CA SER W 901 -44.38 0.78 38.16
C SER W 901 -43.18 1.04 37.26
N SER W 902 -42.11 1.60 37.79
CA SER W 902 -40.95 1.91 36.97
C SER W 902 -40.17 0.64 36.64
N ASP W 903 -39.61 0.61 35.44
CA ASP W 903 -39.10 -0.63 34.87
C ASP W 903 -37.60 -0.61 34.69
N ALA W 904 -36.97 -1.74 34.99
CA ALA W 904 -35.57 -1.94 34.65
C ALA W 904 -35.43 -2.22 33.17
N SER W 905 -34.61 -1.43 32.51
CA SER W 905 -34.52 -1.50 31.06
C SER W 905 -33.72 -2.73 30.68
N LEU W 906 -34.42 -3.75 30.21
CA LEU W 906 -33.89 -5.06 29.84
C LEU W 906 -32.63 -5.12 28.98
N PRO W 907 -32.35 -4.20 28.05
CA PRO W 907 -31.04 -4.25 27.41
C PRO W 907 -29.91 -3.85 28.32
N LEU W 908 -30.14 -2.91 29.24
CA LEU W 908 -29.08 -2.60 30.19
C LEU W 908 -28.91 -3.70 31.22
N LEU W 909 -29.95 -4.47 31.48
CA LEU W 909 -29.76 -5.69 32.26
C LEU W 909 -28.95 -6.70 31.48
N ALA W 910 -29.05 -6.69 30.16
CA ALA W 910 -28.26 -7.63 29.38
C ALA W 910 -26.80 -7.22 29.30
N LYS W 911 -26.48 -5.94 29.46
CA LYS W 911 -25.10 -5.53 29.35
C LYS W 911 -24.36 -5.66 30.67
N TYR W 912 -25.05 -6.00 31.75
CA TYR W 912 -24.35 -6.22 33.01
C TYR W 912 -24.11 -7.70 33.25
N LEU W 913 -25.16 -8.50 33.27
CA LEU W 913 -25.03 -9.87 33.72
C LEU W 913 -24.85 -10.85 32.60
N ASN W 914 -24.34 -10.41 31.44
CA ASN W 914 -24.20 -11.35 30.34
C ASN W 914 -23.08 -12.34 30.60
N THR W 915 -23.18 -13.50 29.97
CA THR W 915 -22.40 -14.66 30.40
C THR W 915 -20.93 -14.57 30.01
N ASP W 916 -20.61 -13.83 28.95
CA ASP W 916 -19.24 -13.71 28.52
C ASP W 916 -18.82 -12.30 28.14
N THR W 917 -19.75 -11.37 27.97
CA THR W 917 -19.43 -10.01 27.61
C THR W 917 -19.98 -8.97 28.56
N GLY W 918 -20.77 -9.37 29.55
CA GLY W 918 -21.39 -8.39 30.42
C GLY W 918 -20.40 -7.72 31.34
N ARG W 919 -20.81 -6.60 31.92
CA ARG W 919 -19.87 -5.80 32.69
C ARG W 919 -19.55 -6.37 34.05
N ILE W 920 -20.06 -7.55 34.39
CA ILE W 920 -19.55 -8.27 35.54
C ILE W 920 -18.54 -9.32 35.11
N ALA W 921 -18.85 -10.10 34.09
CA ALA W 921 -17.93 -11.12 33.63
C ALA W 921 -16.70 -10.54 32.95
N ARG W 922 -16.76 -9.31 32.48
CA ARG W 922 -15.54 -8.60 32.09
C ARG W 922 -15.04 -7.72 33.19
N PHE W 923 -15.44 -7.97 34.43
CA PHE W 923 -14.73 -7.39 35.56
C PHE W 923 -14.02 -8.44 36.37
N LEU W 924 -14.60 -9.62 36.52
CA LEU W 924 -13.93 -10.68 37.24
C LEU W 924 -12.76 -11.22 36.45
N GLN W 925 -12.91 -11.36 35.15
CA GLN W 925 -11.83 -11.86 34.34
C GLN W 925 -10.79 -10.82 34.00
N ASN W 926 -10.88 -9.63 34.58
CA ASN W 926 -9.84 -8.63 34.44
C ASN W 926 -9.26 -8.17 35.75
N ASN W 927 -9.85 -8.54 36.88
CA ASN W 927 -9.28 -8.19 38.17
C ASN W 927 -9.16 -9.34 39.13
N LEU W 928 -10.01 -10.34 39.06
CA LEU W 928 -9.91 -11.49 39.93
C LEU W 928 -9.72 -12.76 39.11
N SER W 929 -8.89 -12.67 38.08
CA SER W 929 -8.65 -13.84 37.24
C SER W 929 -7.74 -14.85 37.90
N GLY W 930 -7.12 -14.49 39.01
CA GLY W 930 -6.21 -15.39 39.68
C GLY W 930 -6.85 -16.13 40.83
N VAL W 931 -7.84 -15.52 41.47
CA VAL W 931 -8.44 -16.09 42.67
C VAL W 931 -9.85 -16.61 42.43
N LEU W 932 -10.37 -16.50 41.21
CA LEU W 932 -11.80 -16.73 41.01
C LEU W 932 -12.02 -17.27 39.60
N HIS W 933 -12.37 -18.56 39.51
CA HIS W 933 -12.49 -19.24 38.23
C HIS W 933 -13.94 -19.53 37.90
N ARG W 934 -14.27 -19.51 36.61
CA ARG W 934 -15.58 -19.95 36.13
C ARG W 934 -15.44 -21.38 35.67
N GLU W 935 -15.73 -22.32 36.57
CA GLU W 935 -15.72 -23.75 36.26
C GLU W 935 -17.15 -24.18 36.01
N GLY W 936 -17.43 -24.67 34.81
CA GLY W 936 -18.79 -24.99 34.46
C GLY W 936 -19.64 -23.75 34.30
N SER W 937 -20.53 -23.51 35.26
CA SER W 937 -21.37 -22.32 35.26
C SER W 937 -21.34 -21.59 36.60
N ARG W 938 -20.47 -21.97 37.51
CA ARG W 938 -20.35 -21.30 38.79
C ARG W 938 -19.00 -20.62 38.91
N TRP W 939 -18.93 -19.66 39.82
CA TRP W 939 -17.70 -18.92 40.08
C TRP W 939 -17.10 -19.45 41.37
N VAL W 940 -16.24 -20.47 41.25
CA VAL W 940 -15.64 -21.07 42.44
C VAL W 940 -14.38 -20.29 42.80
N PRO W 941 -14.07 -20.10 44.07
CA PRO W 941 -12.79 -19.52 44.44
C PRO W 941 -11.71 -20.60 44.40
N ASP W 942 -10.49 -20.19 44.64
CA ASP W 942 -9.35 -21.10 44.59
C ASP W 942 -8.79 -21.31 45.99
N THR W 943 -8.68 -22.58 46.39
CA THR W 943 -8.21 -22.90 47.75
C THR W 943 -6.73 -22.60 47.89
N ILE W 944 -5.92 -23.10 46.97
CA ILE W 944 -4.58 -22.58 46.79
C ILE W 944 -4.69 -21.15 46.24
N ASN W 945 -3.63 -20.36 46.47
CA ASN W 945 -3.53 -18.96 46.04
C ASN W 945 -4.59 -18.08 46.70
N THR W 946 -4.97 -18.44 47.93
CA THR W 946 -5.79 -17.60 48.78
C THR W 946 -5.17 -17.60 50.17
N ARG W 947 -5.02 -16.41 50.75
CA ARG W 947 -3.93 -16.19 51.71
C ARG W 947 -4.15 -16.87 53.07
N GLY W 948 -5.19 -16.53 53.85
CA GLY W 948 -6.54 -16.12 53.52
C GLY W 948 -6.90 -14.75 52.97
N LEU W 949 -7.64 -14.81 51.87
CA LEU W 949 -8.53 -13.73 51.45
C LEU W 949 -9.95 -14.22 51.65
N THR W 950 -10.70 -13.51 52.47
CA THR W 950 -12.05 -13.91 52.82
C THR W 950 -13.02 -13.17 51.91
N PHE W 951 -13.63 -13.90 50.98
CA PHE W 951 -14.67 -13.32 50.16
C PHE W 951 -15.88 -13.01 51.02
N ASN W 952 -16.63 -12.01 50.59
CA ASN W 952 -17.95 -11.79 51.15
C ASN W 952 -18.81 -12.99 50.77
N PRO W 953 -19.34 -13.74 51.73
CA PRO W 953 -20.09 -14.95 51.38
C PRO W 953 -21.40 -14.66 50.69
N ALA W 954 -21.94 -13.45 50.82
CA ALA W 954 -23.03 -13.06 49.95
C ALA W 954 -22.54 -12.82 48.53
N PHE W 955 -21.30 -12.36 48.37
CA PHE W 955 -20.81 -12.02 47.04
C PHE W 955 -20.52 -13.26 46.22
N LEU W 956 -20.09 -14.33 46.86
CA LEU W 956 -20.05 -15.58 46.14
C LEU W 956 -21.44 -16.16 45.95
N LYS W 957 -22.41 -15.71 46.72
CA LYS W 957 -23.79 -16.11 46.49
C LYS W 957 -24.50 -15.19 45.53
N ALA W 958 -24.06 -13.94 45.41
CA ALA W 958 -24.72 -13.01 44.50
C ALA W 958 -24.42 -13.35 43.06
N ILE W 959 -23.15 -13.42 42.69
CA ILE W 959 -22.84 -13.70 41.29
C ILE W 959 -23.03 -15.15 40.93
N ASN W 960 -23.23 -16.05 41.90
CA ASN W 960 -23.67 -17.38 41.53
C ASN W 960 -25.12 -17.38 41.12
N THR W 961 -25.90 -16.39 41.57
CA THR W 961 -27.27 -16.25 41.13
C THR W 961 -27.36 -15.54 39.79
N LEU W 962 -26.52 -14.54 39.57
CA LEU W 962 -26.55 -13.82 38.30
C LEU W 962 -26.04 -14.69 37.16
N SER W 963 -25.02 -15.50 37.42
CA SER W 963 -24.57 -16.38 36.35
C SER W 963 -25.48 -17.57 36.14
N GLU W 964 -26.49 -17.75 36.98
CA GLU W 964 -27.52 -18.74 36.72
C GLU W 964 -28.65 -18.18 35.89
N ILE W 965 -28.94 -16.89 36.02
CA ILE W 965 -29.94 -16.27 35.17
C ILE W 965 -29.47 -16.22 33.73
N ALA W 966 -28.20 -15.90 33.52
CA ALA W 966 -27.68 -15.66 32.18
C ALA W 966 -27.57 -16.92 31.33
N ASP W 967 -27.63 -18.09 31.94
CA ASP W 967 -27.58 -19.31 31.15
C ASP W 967 -28.96 -19.82 30.75
N VAL W 968 -30.02 -19.16 31.19
CA VAL W 968 -31.37 -19.56 30.82
C VAL W 968 -32.16 -18.43 30.18
N ALA W 969 -32.10 -17.22 30.72
CA ALA W 969 -32.90 -16.15 30.15
C ALA W 969 -32.11 -15.32 29.15
N PHE W 970 -30.79 -15.28 29.26
CA PHE W 970 -29.95 -14.41 28.46
C PHE W 970 -28.98 -15.23 27.65
N THR W 971 -29.45 -16.32 27.05
CA THR W 971 -28.53 -17.32 26.53
C THR W 971 -27.92 -16.92 25.20
N THR W 972 -28.63 -16.16 24.39
CA THR W 972 -28.08 -15.75 23.10
C THR W 972 -27.02 -14.70 23.27
N GLY W 973 -27.16 -13.87 24.30
CA GLY W 973 -26.42 -12.64 24.43
C GLY W 973 -27.31 -11.43 24.58
N ASN W 974 -28.57 -11.56 24.20
CA ASN W 974 -29.56 -10.51 24.36
C ASN W 974 -30.74 -11.12 25.09
N ALA W 975 -31.66 -10.27 25.54
CA ALA W 975 -32.75 -10.74 26.39
C ALA W 975 -33.77 -11.50 25.56
N GLY W 976 -33.89 -12.81 25.79
CA GLY W 976 -34.83 -13.59 25.01
C GLY W 976 -34.86 -15.07 25.30
N LEU W 977 -36.06 -15.64 25.36
CA LEU W 977 -36.24 -17.07 25.59
C LEU W 977 -37.54 -17.52 24.94
N HIS W 978 -37.77 -18.83 25.00
CA HIS W 978 -38.93 -19.45 24.35
C HIS W 978 -39.48 -20.53 25.25
N PHE W 979 -40.71 -20.35 25.70
CA PHE W 979 -41.38 -21.38 26.46
C PHE W 979 -42.69 -21.71 25.77
N GLU W 980 -43.25 -22.85 26.16
CA GLU W 980 -44.53 -23.28 25.66
C GLU W 980 -45.56 -23.17 26.77
N LEU W 981 -46.83 -23.22 26.40
CA LEU W 981 -47.91 -23.12 27.36
C LEU W 981 -49.06 -24.03 26.95
N ARG W 982 -49.52 -24.85 27.89
CA ARG W 982 -50.70 -25.66 27.68
C ARG W 982 -51.77 -25.22 28.65
N PRO W 983 -52.97 -24.92 28.18
CA PRO W 983 -54.01 -24.42 29.07
C PRO W 983 -54.63 -25.53 29.92
N GLY W 984 -55.06 -25.13 31.12
CA GLY W 984 -55.72 -26.05 32.03
C GLY W 984 -57.11 -25.56 32.42
N THR W 985 -57.89 -26.48 32.97
CA THR W 985 -59.29 -26.23 33.27
C THR W 985 -59.52 -26.18 34.77
N ALA W 986 -60.76 -25.84 35.14
CA ALA W 986 -61.15 -25.71 36.53
C ALA W 986 -62.66 -25.90 36.62
N ALA W 987 -63.19 -25.64 37.80
CA ALA W 987 -64.61 -25.79 38.07
C ALA W 987 -65.33 -24.47 37.87
N GLY W 988 -66.14 -24.39 36.81
CA GLY W 988 -66.92 -23.20 36.57
C GLY W 988 -66.20 -22.11 35.80
N VAL W 989 -65.50 -22.47 34.73
CA VAL W 989 -64.93 -21.52 33.79
C VAL W 989 -65.34 -21.93 32.38
N MET W 990 -65.71 -20.96 31.56
CA MET W 990 -66.09 -21.23 30.18
C MET W 990 -64.99 -20.84 29.20
N GLN W 991 -64.54 -19.59 29.25
CA GLN W 991 -63.49 -19.12 28.37
C GLN W 991 -62.45 -18.41 29.21
N THR W 992 -61.19 -18.82 29.06
CA THR W 992 -60.08 -18.14 29.69
C THR W 992 -59.11 -17.71 28.60
N THR W 993 -58.94 -16.40 28.45
CA THR W 993 -58.08 -15.87 27.40
C THR W 993 -56.83 -15.29 28.01
N LEU W 994 -55.71 -15.45 27.31
CA LEU W 994 -54.41 -14.96 27.75
C LEU W 994 -53.71 -14.33 26.57
N ILE W 995 -53.44 -13.04 26.68
CA ILE W 995 -52.68 -12.31 25.67
C ILE W 995 -51.45 -11.76 26.35
N THR W 996 -50.28 -12.13 25.85
CA THR W 996 -49.04 -11.50 26.28
C THR W 996 -48.25 -11.06 25.05
N ASP W 997 -48.03 -9.74 24.95
CA ASP W 997 -47.23 -9.11 23.91
C ASP W 997 -47.75 -9.45 22.51
N ASN W 998 -49.07 -9.36 22.37
CA ASN W 998 -49.80 -9.68 21.14
C ASN W 998 -49.56 -11.12 20.69
N GLN W 999 -49.44 -12.03 21.64
CA GLN W 999 -49.55 -13.46 21.40
C GLN W 999 -50.78 -13.91 22.15
N LYS W 1000 -51.83 -14.27 21.41
CA LYS W 1000 -53.11 -14.57 22.02
C LYS W 1000 -53.23 -16.06 22.27
N LEU W 1001 -53.85 -16.39 23.40
CA LEU W 1001 -54.18 -17.77 23.73
C LEU W 1001 -55.60 -17.78 24.27
N ILE W 1002 -56.47 -18.56 23.62
CA ILE W 1002 -57.90 -18.59 23.92
C ILE W 1002 -58.32 -20.03 24.14
N TYR W 1003 -58.85 -20.31 25.33
CA TYR W 1003 -59.25 -21.67 25.70
C TYR W 1003 -60.73 -21.67 26.06
N VAL W 1004 -61.49 -22.56 25.42
CA VAL W 1004 -62.90 -22.74 25.74
C VAL W 1004 -63.15 -24.20 26.09
N ASN W 1005 -62.16 -24.83 26.75
CA ASN W 1005 -62.20 -26.22 27.22
C ASN W 1005 -62.27 -27.20 26.06
N GLN W 1006 -61.43 -26.98 25.06
CA GLN W 1006 -61.24 -27.93 23.96
C GLN W 1006 -60.02 -28.79 24.24
N MET W 1007 -59.57 -29.53 23.22
CA MET W 1007 -58.40 -30.37 23.34
C MET W 1007 -57.15 -29.52 23.56
N PRO W 1008 -56.33 -29.83 24.57
CA PRO W 1008 -55.23 -28.92 24.94
C PRO W 1008 -54.02 -29.06 24.03
N VAL W 1009 -53.58 -27.95 23.47
CA VAL W 1009 -52.43 -27.91 22.58
C VAL W 1009 -51.43 -26.89 23.12
N TRP W 1010 -50.14 -27.24 23.09
CA TRP W 1010 -49.09 -26.31 23.46
C TRP W 1010 -48.98 -25.21 22.42
N LYS W 1011 -48.75 -23.98 22.87
CA LYS W 1011 -48.46 -22.87 21.97
C LYS W 1011 -47.13 -22.25 22.35
N ARG W 1012 -46.21 -22.20 21.40
CA ARG W 1012 -44.87 -21.72 21.65
C ARG W 1012 -44.89 -20.21 21.81
N PHE W 1013 -44.35 -19.71 22.91
CA PHE W 1013 -44.37 -18.29 23.17
C PHE W 1013 -42.99 -17.69 22.97
N THR W 1014 -42.90 -16.37 23.15
CA THR W 1014 -41.63 -15.67 23.02
C THR W 1014 -41.72 -14.43 23.88
N TRP W 1015 -40.70 -14.20 24.70
CA TRP W 1015 -40.66 -13.02 25.53
C TRP W 1015 -39.22 -12.51 25.54
N PRO W 1016 -39.00 -11.21 25.30
CA PRO W 1016 -39.97 -10.20 24.90
C PRO W 1016 -40.26 -10.31 23.42
N ALA W 1017 -41.41 -9.81 23.00
CA ALA W 1017 -41.81 -9.87 21.61
C ALA W 1017 -41.64 -8.49 20.99
N ASP W 1018 -41.23 -8.48 19.74
CA ASP W 1018 -41.09 -7.22 19.00
C ASP W 1018 -42.48 -6.67 18.76
N THR W 1019 -42.86 -5.67 19.53
CA THR W 1019 -44.16 -5.02 19.39
C THR W 1019 -44.04 -3.57 19.78
N GLU W 1020 -45.14 -2.85 19.61
CA GLU W 1020 -45.25 -1.48 20.07
C GLU W 1020 -46.22 -1.36 21.24
N ALA W 1021 -46.70 -2.48 21.77
CA ALA W 1021 -47.57 -2.50 22.94
C ALA W 1021 -47.19 -3.70 23.79
N PRO W 1022 -46.13 -3.60 24.56
CA PRO W 1022 -45.67 -4.76 25.32
C PRO W 1022 -46.41 -4.90 26.64
N GLY W 1023 -46.97 -6.07 26.88
CA GLY W 1023 -47.69 -6.26 28.13
C GLY W 1023 -48.45 -7.56 28.10
N ALA W 1024 -49.16 -7.81 29.19
CA ALA W 1024 -49.95 -9.02 29.35
C ALA W 1024 -51.35 -8.67 29.79
N SER W 1025 -52.24 -9.63 29.62
CA SER W 1025 -53.64 -9.45 29.96
C SER W 1025 -54.28 -10.82 30.10
N LEU W 1026 -55.13 -10.96 31.12
CA LEU W 1026 -55.71 -12.26 31.42
C LEU W 1026 -57.16 -12.09 31.82
N SER W 1027 -58.07 -12.73 31.07
CA SER W 1027 -59.49 -12.63 31.34
C SER W 1027 -60.11 -14.02 31.36
N TRP W 1028 -61.10 -14.20 32.22
CA TRP W 1028 -61.76 -15.48 32.43
C TRP W 1028 -63.26 -15.30 32.36
N VAL W 1029 -63.95 -16.29 31.80
CA VAL W 1029 -65.39 -16.31 31.74
C VAL W 1029 -65.88 -17.49 32.54
N SER W 1030 -66.53 -17.22 33.67
CA SER W 1030 -67.12 -18.29 34.45
C SER W 1030 -68.43 -18.75 33.81
N THR W 1031 -68.97 -19.85 34.34
CA THR W 1031 -70.35 -20.20 34.01
C THR W 1031 -71.30 -19.22 34.66
N GLN W 1032 -70.95 -18.74 35.85
CA GLN W 1032 -71.77 -17.73 36.49
C GLN W 1032 -71.53 -16.36 35.88
N ALA W 1033 -70.26 -15.95 35.78
CA ALA W 1033 -69.94 -14.59 35.42
C ALA W 1033 -69.70 -14.44 33.92
N GLY W 1034 -69.39 -13.22 33.50
CA GLY W 1034 -68.94 -12.96 32.15
C GLY W 1034 -67.44 -12.79 32.11
N THR W 1035 -66.96 -11.84 31.32
CA THR W 1035 -65.52 -11.58 31.24
C THR W 1035 -65.10 -10.68 32.38
N ARG W 1036 -64.23 -11.20 33.24
CA ARG W 1036 -63.56 -10.38 34.23
C ARG W 1036 -62.07 -10.50 33.98
N GLN W 1037 -61.41 -9.36 33.79
CA GLN W 1037 -59.97 -9.38 33.63
C GLN W 1037 -59.31 -9.63 34.97
N TYR W 1038 -58.34 -10.53 34.99
CA TYR W 1038 -57.56 -10.69 36.21
C TYR W 1038 -56.63 -9.51 36.40
N ALA W 1039 -55.81 -9.23 35.40
CA ALA W 1039 -55.00 -8.03 35.36
C ALA W 1039 -54.60 -7.74 33.93
N ASP W 1040 -54.33 -6.46 33.67
CA ASP W 1040 -53.71 -6.02 32.44
C ASP W 1040 -52.45 -5.25 32.79
N LEU W 1041 -51.30 -5.88 32.64
CA LEU W 1041 -50.04 -5.34 33.12
C LEU W 1041 -49.24 -4.81 31.94
N PRO W 1042 -49.16 -3.49 31.77
CA PRO W 1042 -48.43 -2.94 30.64
C PRO W 1042 -46.92 -2.98 30.89
N GLY W 1043 -46.18 -2.69 29.84
CA GLY W 1043 -44.75 -2.62 29.96
C GLY W 1043 -44.07 -3.92 29.53
N SER W 1044 -42.76 -3.81 29.26
CA SER W 1044 -42.01 -4.94 28.76
C SER W 1044 -41.81 -6.01 29.83
N TRP W 1045 -41.90 -5.62 31.10
CA TRP W 1045 -41.82 -6.54 32.21
C TRP W 1045 -43.16 -7.16 32.54
N GLY W 1046 -44.09 -7.20 31.59
CA GLY W 1046 -45.47 -7.51 31.92
C GLY W 1046 -45.67 -8.97 32.29
N LEU W 1047 -45.14 -9.88 31.47
CA LEU W 1047 -45.36 -11.30 31.71
C LEU W 1047 -44.65 -11.78 32.97
N ILE W 1048 -43.62 -11.08 33.40
CA ILE W 1048 -43.00 -11.39 34.68
C ILE W 1048 -43.91 -10.94 35.82
N ARG W 1049 -44.54 -9.77 35.67
CA ARG W 1049 -45.51 -9.32 36.66
C ARG W 1049 -46.71 -10.26 36.71
N LEU W 1050 -47.04 -10.88 35.59
CA LEU W 1050 -48.13 -11.85 35.60
C LEU W 1050 -47.70 -13.16 36.22
N LEU W 1051 -46.46 -13.58 35.99
CA LEU W 1051 -46.03 -14.86 36.52
C LEU W 1051 -45.63 -14.78 37.98
N GLU W 1052 -45.62 -13.59 38.56
CA GLU W 1052 -45.37 -13.47 40.00
C GLU W 1052 -46.55 -13.91 40.82
N MET W 1053 -47.77 -13.61 40.37
CA MET W 1053 -48.96 -13.78 41.18
C MET W 1053 -49.53 -15.19 41.12
N ALA W 1054 -48.83 -16.17 40.56
CA ALA W 1054 -49.35 -17.51 40.45
C ALA W 1054 -48.57 -18.49 41.31
N ARG W 1055 -49.29 -19.36 42.00
CA ARG W 1055 -48.66 -20.41 42.78
C ARG W 1055 -48.08 -21.48 41.86
N ARG W 1056 -46.84 -21.84 42.10
CA ARG W 1056 -46.13 -22.77 41.23
C ARG W 1056 -45.73 -24.01 42.00
N LYS W 1057 -45.66 -25.12 41.27
CA LYS W 1057 -45.05 -26.35 41.75
C LYS W 1057 -44.60 -27.11 40.52
N ALA W 1058 -43.80 -28.15 40.72
CA ALA W 1058 -43.38 -28.98 39.60
C ALA W 1058 -44.55 -29.81 39.10
N ALA W 1059 -44.93 -29.60 37.86
CA ALA W 1059 -45.98 -30.42 37.27
C ALA W 1059 -45.41 -31.81 37.02
N PRO W 1060 -45.91 -32.84 37.72
CA PRO W 1060 -45.22 -34.15 37.68
C PRO W 1060 -45.40 -34.91 36.39
N GLY W 1061 -46.35 -34.53 35.54
CA GLY W 1061 -46.59 -35.27 34.32
C GLY W 1061 -45.47 -35.10 33.31
N VAL W 1062 -45.15 -33.86 32.96
CA VAL W 1062 -44.16 -33.55 31.95
C VAL W 1062 -42.97 -32.89 32.63
N ALA W 1063 -41.77 -33.22 32.17
CA ALA W 1063 -40.54 -32.54 32.59
C ALA W 1063 -39.90 -31.92 31.35
N SER W 1064 -39.55 -30.64 31.44
CA SER W 1064 -39.64 -29.83 32.65
C SER W 1064 -40.94 -29.03 32.68
N GLY W 1065 -41.86 -29.44 33.54
CA GLY W 1065 -43.18 -28.83 33.62
C GLY W 1065 -43.41 -28.18 34.97
N TRP W 1066 -44.13 -27.07 34.94
CA TRP W 1066 -44.56 -26.40 36.16
C TRP W 1066 -46.05 -26.15 36.09
N SER W 1067 -46.73 -26.40 37.20
CA SER W 1067 -48.14 -26.04 37.29
C SER W 1067 -48.25 -24.54 37.50
N LEU W 1068 -49.18 -23.92 36.80
CA LEU W 1068 -49.46 -22.49 36.97
C LEU W 1068 -50.94 -22.33 37.21
N SER W 1069 -51.30 -21.94 38.42
CA SER W 1069 -52.69 -21.80 38.82
C SER W 1069 -52.87 -20.39 39.35
N TRP W 1070 -53.41 -19.51 38.53
CA TRP W 1070 -53.76 -18.17 38.98
C TRP W 1070 -55.06 -18.23 39.75
N GLN W 1071 -54.98 -17.93 41.04
CA GLN W 1071 -56.19 -17.77 41.83
C GLN W 1071 -56.78 -16.41 41.51
N ALA W 1072 -57.92 -16.40 40.84
CA ALA W 1072 -58.52 -15.14 40.45
C ALA W 1072 -59.41 -14.63 41.58
N GLN W 1073 -60.22 -13.62 41.29
CA GLN W 1073 -61.35 -13.36 42.14
C GLN W 1073 -62.44 -14.40 41.84
N ASP W 1074 -63.45 -14.43 42.72
CA ASP W 1074 -64.53 -15.41 42.70
C ASP W 1074 -64.02 -16.84 42.79
N GLY W 1075 -62.92 -17.05 43.51
CA GLY W 1075 -62.47 -18.37 43.92
C GLY W 1075 -61.98 -19.29 42.83
N ARG W 1076 -62.08 -18.94 41.57
CA ARG W 1076 -61.69 -19.85 40.51
C ARG W 1076 -60.17 -19.87 40.34
N MET W 1077 -59.65 -21.01 39.91
CA MET W 1077 -58.22 -21.21 39.74
C MET W 1077 -57.95 -21.43 38.25
N LEU W 1078 -57.53 -20.37 37.57
CA LEU W 1078 -57.21 -20.47 36.14
C LEU W 1078 -55.95 -21.31 35.99
N ASN W 1079 -56.09 -22.47 35.38
CA ASN W 1079 -55.01 -23.45 35.36
C ASN W 1079 -54.19 -23.34 34.08
N TYR W 1080 -52.90 -23.60 34.22
CA TYR W 1080 -51.97 -23.50 33.10
C TYR W 1080 -50.79 -24.42 33.37
N THR W 1081 -50.31 -25.07 32.32
CA THR W 1081 -49.17 -25.97 32.41
C THR W 1081 -48.06 -25.44 31.51
N LEU W 1082 -46.92 -25.11 32.11
CA LEU W 1082 -45.82 -24.45 31.43
C LEU W 1082 -44.69 -25.43 31.24
N ARG W 1083 -44.12 -25.46 30.04
CA ARG W 1083 -42.95 -26.29 29.75
C ARG W 1083 -41.89 -25.42 29.10
N THR W 1084 -40.69 -25.46 29.63
CA THR W 1084 -39.56 -24.71 29.08
C THR W 1084 -38.65 -25.66 28.34
N GLU W 1085 -37.65 -25.11 27.65
CA GLU W 1085 -36.73 -25.96 26.93
C GLU W 1085 -35.48 -26.28 27.74
N ALA W 1086 -35.04 -25.37 28.60
CA ALA W 1086 -33.85 -25.60 29.40
C ALA W 1086 -33.95 -24.80 30.69
N GLY W 1087 -33.85 -25.49 31.83
CA GLY W 1087 -33.95 -24.81 33.09
C GLY W 1087 -35.38 -24.38 33.40
N GLU W 1088 -35.50 -23.45 34.33
CA GLU W 1088 -36.81 -23.00 34.78
C GLU W 1088 -37.53 -22.11 33.78
N GLY W 1089 -36.84 -21.61 32.77
CA GLY W 1089 -37.45 -20.73 31.80
C GLY W 1089 -37.69 -19.35 32.35
N PRO W 1090 -38.89 -18.80 32.10
CA PRO W 1090 -39.17 -17.42 32.50
C PRO W 1090 -39.45 -17.24 33.97
N LEU W 1091 -39.53 -18.31 34.73
CA LEU W 1091 -39.80 -18.18 36.15
C LEU W 1091 -38.60 -17.69 36.92
N VAL W 1092 -37.41 -17.83 36.34
CA VAL W 1092 -36.17 -17.57 37.07
C VAL W 1092 -35.94 -16.09 37.28
N LEU W 1093 -36.59 -15.22 36.51
CA LEU W 1093 -36.38 -13.80 36.68
C LEU W 1093 -37.03 -13.25 37.93
N LEU W 1094 -37.81 -14.06 38.64
CA LEU W 1094 -38.31 -13.68 39.94
C LEU W 1094 -37.30 -13.87 41.05
N LYS W 1095 -36.10 -14.38 40.73
CA LYS W 1095 -35.06 -14.48 41.74
C LYS W 1095 -34.52 -13.12 42.13
N LEU W 1096 -34.72 -12.10 41.30
CA LEU W 1096 -34.23 -10.76 41.57
C LEU W 1096 -35.14 -9.96 42.49
N ARG W 1097 -36.18 -10.57 43.04
CA ARG W 1097 -37.10 -9.86 43.92
C ARG W 1097 -36.39 -9.51 45.22
N ASN W 1098 -36.15 -8.22 45.42
CA ASN W 1098 -35.29 -7.66 46.45
C ASN W 1098 -33.89 -8.29 46.39
N PHE W 1099 -33.31 -8.19 45.21
CA PHE W 1099 -31.91 -8.54 45.01
C PHE W 1099 -31.05 -7.37 45.47
N VAL W 1100 -29.86 -7.68 45.97
CA VAL W 1100 -28.94 -6.65 46.40
C VAL W 1100 -27.52 -7.05 46.00
N LEU W 1101 -26.83 -6.17 45.31
CA LEU W 1101 -25.43 -6.40 45.02
C LEU W 1101 -24.63 -6.10 46.28
N PRO W 1102 -23.63 -6.91 46.61
CA PRO W 1102 -22.78 -6.61 47.75
C PRO W 1102 -21.93 -5.38 47.48
N GLU W 1103 -22.03 -4.41 48.39
CA GLU W 1103 -21.20 -3.23 48.31
C GLU W 1103 -19.72 -3.57 48.44
N THR W 1104 -19.40 -4.60 49.21
CA THR W 1104 -18.03 -4.99 49.50
C THR W 1104 -17.78 -6.40 48.99
N VAL W 1105 -16.68 -6.59 48.26
CA VAL W 1105 -16.28 -7.93 47.86
C VAL W 1105 -15.40 -8.58 48.91
N PHE W 1106 -14.36 -7.88 49.35
CA PHE W 1106 -13.51 -8.40 50.39
C PHE W 1106 -13.84 -7.74 51.71
N GLU W 1107 -13.14 -8.16 52.76
CA GLU W 1107 -13.36 -7.60 54.08
C GLU W 1107 -12.11 -6.93 54.65
N ASN X 577 36.25 51.31 91.29
CA ASN X 577 37.13 51.19 90.13
C ASN X 577 37.45 49.72 89.82
N SER X 578 36.57 49.11 89.03
CA SER X 578 36.76 47.73 88.60
C SER X 578 36.05 47.53 87.26
N ASP X 579 36.83 47.17 86.24
CA ASP X 579 36.36 46.82 84.89
C ASP X 579 35.58 47.94 84.22
N ALA X 580 35.89 49.20 84.56
CA ALA X 580 35.36 50.35 83.85
C ALA X 580 36.47 51.10 83.12
N MET X 581 37.53 51.46 83.82
CA MET X 581 38.74 51.97 83.17
C MET X 581 39.81 50.89 83.02
N LEU X 582 39.63 49.75 83.68
CA LEU X 582 40.51 48.61 83.47
C LEU X 582 40.40 48.08 82.06
N TYR X 583 39.19 48.10 81.49
CA TYR X 583 38.94 47.61 80.15
C TYR X 583 39.59 48.50 79.10
N GLN X 584 39.53 49.81 79.30
CA GLN X 584 40.00 50.74 78.27
C GLN X 584 41.52 50.76 78.15
N LYS X 585 42.22 50.43 79.22
CA LYS X 585 43.68 50.37 79.14
C LYS X 585 44.15 49.16 78.36
N MET X 586 43.31 48.13 78.26
CA MET X 586 43.68 46.93 77.51
C MET X 586 43.78 47.22 76.03
N LEU X 587 42.92 48.10 75.51
CA LEU X 587 42.95 48.44 74.10
C LEU X 587 44.17 49.28 73.76
N ALA X 588 44.50 50.26 74.60
CA ALA X 588 45.59 51.19 74.30
C ALA X 588 46.96 50.53 74.35
N ARG X 589 47.09 49.41 75.05
CA ARG X 589 48.36 48.69 75.04
C ARG X 589 48.56 47.96 73.73
N VAL X 590 47.48 47.52 73.09
CA VAL X 590 47.62 46.65 71.92
C VAL X 590 47.36 47.37 70.60
N ALA X 591 46.58 48.45 70.62
CA ALA X 591 46.19 49.11 69.38
C ALA X 591 47.33 49.88 68.72
N HIS X 592 48.48 49.99 69.36
CA HIS X 592 49.58 50.77 68.80
C HIS X 592 50.53 49.92 67.97
N GLN X 593 50.92 48.75 68.47
CA GLN X 593 51.92 47.94 67.79
C GLN X 593 51.35 47.23 66.57
N PHE X 594 50.22 46.53 66.75
CA PHE X 594 49.61 45.84 65.63
C PHE X 594 49.01 46.84 64.66
N ALA X 595 49.12 46.54 63.37
CA ALA X 595 48.66 47.44 62.33
C ALA X 595 47.25 47.05 61.90
N ASP X 596 46.80 47.68 60.81
CA ASP X 596 45.48 47.40 60.28
C ASP X 596 45.50 46.10 59.48
N MET X 597 44.35 45.44 59.43
CA MET X 597 44.21 44.18 58.72
C MET X 597 43.37 44.48 57.48
N ARG X 598 44.04 44.87 56.40
CA ARG X 598 43.34 45.26 55.20
C ARG X 598 42.87 44.04 54.41
N LEU X 599 42.22 44.30 53.27
CA LEU X 599 41.87 43.19 52.40
C LEU X 599 43.07 42.69 51.61
N THR X 600 44.06 43.55 51.39
CA THR X 600 45.19 43.17 50.57
C THR X 600 46.12 42.21 51.31
N ASP X 601 46.41 42.49 52.58
CA ASP X 601 47.17 41.51 53.35
C ASP X 601 46.31 40.34 53.83
N MET X 602 44.98 40.48 53.79
CA MET X 602 44.14 39.30 53.79
C MET X 602 44.21 38.63 52.43
N THR X 603 43.69 37.40 52.39
CA THR X 603 43.46 36.62 51.16
C THR X 603 44.72 36.38 50.32
N GLY X 604 45.90 36.44 50.94
CA GLY X 604 47.11 36.35 50.16
C GLY X 604 47.32 37.58 49.28
N ASP X 605 48.15 37.41 48.26
CA ASP X 605 48.38 38.48 47.30
C ASP X 605 47.35 38.51 46.16
N THR X 606 46.24 37.78 46.29
CA THR X 606 45.31 37.59 45.20
C THR X 606 44.51 38.86 44.93
N ASP X 607 44.04 38.99 43.69
CA ASP X 607 43.39 40.21 43.22
C ASP X 607 42.00 40.30 43.81
N VAL X 608 41.85 41.11 44.86
CA VAL X 608 40.53 41.32 45.44
C VAL X 608 39.81 42.46 44.74
N SER X 609 40.56 43.35 44.10
CA SER X 609 39.97 44.55 43.49
C SER X 609 39.08 44.22 42.31
N ARG X 610 39.34 43.12 41.61
CA ARG X 610 38.45 42.71 40.54
C ARG X 610 37.21 42.00 41.07
N LEU X 611 37.15 41.74 42.38
CA LEU X 611 35.96 41.18 43.00
C LEU X 611 35.37 42.11 44.04
N PHE X 612 36.15 42.56 45.02
CA PHE X 612 35.64 43.35 46.13
C PHE X 612 36.46 44.62 46.27
N PHE X 613 35.81 45.77 46.09
CA PHE X 613 36.46 47.08 46.21
C PHE X 613 36.27 47.68 47.61
N THR X 614 36.18 46.84 48.63
CA THR X 614 35.70 47.25 49.93
C THR X 614 36.74 48.05 50.71
N ASP X 615 36.26 49.06 51.44
CA ASP X 615 36.99 49.93 52.33
C ASP X 615 36.50 49.71 53.77
N GLU X 616 36.87 50.62 54.67
CA GLU X 616 36.71 50.56 56.14
C GLU X 616 37.22 49.24 56.72
N VAL X 617 38.55 49.14 56.62
CA VAL X 617 39.36 48.03 57.08
C VAL X 617 39.14 47.71 58.56
N VAL X 618 39.06 46.41 58.88
CA VAL X 618 39.00 45.95 60.27
C VAL X 618 40.32 46.25 60.97
N PRO X 619 40.31 46.87 62.17
CA PRO X 619 41.55 47.47 62.71
C PRO X 619 42.52 46.52 63.39
N GLY X 620 42.43 45.22 63.12
CA GLY X 620 43.30 44.35 63.86
C GLY X 620 42.70 44.02 65.21
N MET X 621 43.58 43.61 66.15
CA MET X 621 43.39 43.36 67.58
C MET X 621 42.30 42.35 67.90
N PHE X 622 41.68 41.73 66.89
CA PHE X 622 40.71 40.66 67.06
C PHE X 622 41.07 39.48 66.19
N THR X 623 42.36 39.16 66.05
CA THR X 623 42.79 38.09 65.17
C THR X 623 43.11 36.84 65.97
N ARG X 624 43.69 35.85 65.29
CA ARG X 624 44.31 34.75 66.00
C ARG X 624 45.74 35.12 66.43
N GLN X 625 46.46 35.82 65.56
CA GLN X 625 47.84 36.17 65.89
C GLN X 625 47.92 37.28 66.91
N ALA X 626 46.90 38.14 67.00
CA ALA X 626 46.83 39.07 68.11
C ALA X 626 46.19 38.46 69.34
N TRP X 627 45.77 37.20 69.28
CA TRP X 627 45.36 36.48 70.48
C TRP X 627 46.49 35.69 71.08
N GLU X 628 47.42 35.20 70.26
CA GLU X 628 48.59 34.51 70.78
C GLU X 628 49.53 35.47 71.48
N GLU X 629 49.69 36.67 70.95
CA GLU X 629 50.51 37.70 71.57
C GLU X 629 49.64 38.72 72.30
N ALA X 630 50.20 39.25 73.38
CA ALA X 630 49.87 40.56 73.94
C ALA X 630 48.46 40.69 74.51
N VAL X 631 47.73 39.60 74.71
CA VAL X 631 46.45 39.75 75.40
C VAL X 631 46.36 38.85 76.63
N LEU X 632 46.57 37.54 76.45
CA LEU X 632 46.49 36.61 77.57
C LEU X 632 47.61 36.80 78.58
N PRO X 633 48.85 37.14 78.20
CA PRO X 633 49.77 37.67 79.23
C PRO X 633 49.35 39.04 79.74
N SER X 634 48.61 39.82 78.96
CA SER X 634 48.35 41.20 79.32
C SER X 634 47.21 41.37 80.31
N ILE X 635 46.17 40.53 80.21
CA ILE X 635 45.03 40.70 81.10
C ILE X 635 45.36 40.23 82.51
N ASP X 636 46.33 39.33 82.66
CA ASP X 636 46.73 38.87 83.97
C ASP X 636 47.58 39.88 84.72
N THR X 637 48.09 40.90 84.03
CA THR X 637 48.72 42.02 84.73
C THR X 637 47.69 42.80 85.52
N VAL X 638 46.49 42.96 84.99
CA VAL X 638 45.46 43.73 85.66
C VAL X 638 44.74 42.87 86.70
N ILE X 639 44.95 41.54 86.64
CA ILE X 639 44.39 40.63 87.64
C ILE X 639 44.96 40.91 89.03
N ASN X 640 46.26 41.15 89.13
CA ASN X 640 46.84 41.55 90.40
C ASN X 640 46.44 42.96 90.80
N GLU X 641 46.07 43.79 89.83
CA GLU X 641 45.57 45.13 90.14
C GLU X 641 44.05 45.09 90.29
N VAL X 661 35.21 41.16 94.20
CA VAL X 661 35.43 40.21 93.11
C VAL X 661 36.77 39.50 93.29
N SER X 662 36.76 38.17 93.14
CA SER X 662 38.00 37.42 93.18
C SER X 662 38.80 37.71 91.92
N PRO X 663 40.13 37.85 92.03
CA PRO X 663 40.92 38.32 90.87
C PRO X 663 41.04 37.30 89.76
N GLU X 664 40.97 36.01 90.07
CA GLU X 664 41.02 34.98 89.04
C GLU X 664 39.75 34.90 88.23
N ALA X 665 38.63 35.41 88.76
CA ALA X 665 37.38 35.51 88.03
C ALA X 665 37.22 36.85 87.32
N LEU X 666 38.34 37.50 86.98
CA LEU X 666 38.31 38.68 86.14
C LEU X 666 38.35 38.34 84.67
N ARG X 667 39.04 37.26 84.31
CA ARG X 667 39.17 36.85 82.90
C ARG X 667 37.83 36.43 82.33
N GLN X 668 37.07 35.61 83.07
CA GLN X 668 35.83 35.04 82.60
C GLN X 668 34.77 36.10 82.33
N ARG X 669 34.85 37.25 82.98
CA ARG X 669 34.04 38.38 82.57
C ARG X 669 34.70 39.17 81.44
N LEU X 670 36.04 39.24 81.44
CA LEU X 670 36.75 40.03 80.44
C LEU X 670 36.75 39.35 79.08
N THR X 671 36.75 38.01 79.04
CA THR X 671 36.81 37.31 77.76
C THR X 671 35.51 37.43 76.99
N THR X 672 34.37 37.33 77.68
CA THR X 672 33.09 37.46 77.00
C THR X 672 32.84 38.87 76.50
N ARG X 673 33.27 39.88 77.26
CA ARG X 673 33.20 41.25 76.76
C ARG X 673 34.33 41.56 75.80
N TYR X 674 35.30 40.65 75.65
CA TYR X 674 36.19 40.69 74.50
C TYR X 674 35.63 39.93 73.32
N PHE X 675 35.04 38.76 73.58
CA PHE X 675 34.47 37.96 72.50
C PHE X 675 33.12 38.46 72.02
N ALA X 676 32.46 39.33 72.77
CA ALA X 676 31.35 40.07 72.18
C ALA X 676 31.86 41.05 71.14
N ASP X 677 32.98 41.70 71.43
CA ASP X 677 33.57 42.65 70.50
C ASP X 677 34.66 42.04 69.65
N PHE X 678 34.92 40.74 69.78
CA PHE X 678 35.78 40.04 68.84
C PHE X 678 35.14 40.00 67.45
N GLY X 679 33.98 39.35 67.35
CA GLY X 679 33.33 39.21 66.06
C GLY X 679 32.53 40.41 65.64
N ASN X 680 32.23 41.32 66.57
CA ASN X 680 31.39 42.45 66.23
C ASN X 680 32.13 43.47 65.37
N ALA X 681 33.45 43.51 65.47
CA ALA X 681 34.21 44.26 64.48
C ALA X 681 34.35 43.48 63.19
N TRP X 682 34.25 42.16 63.26
CA TRP X 682 34.23 41.36 62.04
C TRP X 682 32.86 41.39 61.38
N LEU X 683 31.79 41.43 62.18
CA LEU X 683 30.45 41.54 61.62
C LEU X 683 30.27 42.84 60.87
N ASN X 684 30.78 43.93 61.44
CA ASN X 684 30.63 45.23 60.79
C ASN X 684 31.54 45.36 59.58
N PHE X 685 32.60 44.57 59.49
CA PHE X 685 33.42 44.64 58.28
C PHE X 685 32.77 43.88 57.13
N LEU X 686 32.39 42.63 57.37
CA LEU X 686 31.89 41.78 56.30
C LEU X 686 30.49 42.19 55.87
N ASN X 687 29.73 42.85 56.73
CA ASN X 687 28.46 43.42 56.31
C ASN X 687 28.63 44.81 55.71
N SER X 688 29.85 45.16 55.31
CA SER X 688 30.13 46.45 54.67
C SER X 688 30.87 46.26 53.35
N LEU X 689 30.73 45.11 52.71
CA LEU X 689 31.45 44.85 51.48
C LEU X 689 30.50 44.81 50.29
N HIS X 690 31.04 45.16 49.13
CA HIS X 690 30.29 45.13 47.89
C HIS X 690 31.09 44.37 46.85
N LEU X 691 30.42 44.04 45.75
CA LEU X 691 31.05 43.35 44.64
C LEU X 691 31.14 44.30 43.45
N ARG X 692 32.18 44.11 42.65
CA ARG X 692 32.51 45.03 41.57
C ARG X 692 31.42 45.04 40.50
N LYS X 693 30.99 46.24 40.12
CA LYS X 693 29.95 46.38 39.12
C LYS X 693 30.47 45.95 37.76
N ALA X 694 29.80 44.98 37.15
CA ALA X 694 30.26 44.36 35.92
C ALA X 694 29.15 44.39 34.90
N GLN X 695 29.50 44.58 33.63
CA GLN X 695 28.49 44.64 32.58
C GLN X 695 29.09 44.16 31.27
N THR X 696 28.25 44.07 30.24
CA THR X 696 28.56 43.81 28.83
C THR X 696 29.23 42.46 28.59
N LEU X 697 28.93 41.44 29.42
CA LEU X 697 29.19 40.02 29.17
C LEU X 697 30.67 39.64 29.17
N SER X 698 31.57 40.62 29.20
CA SER X 698 32.99 40.28 29.22
C SER X 698 33.41 39.92 30.63
N ASP X 699 33.28 40.86 31.56
CA ASP X 699 33.83 40.64 32.89
C ASP X 699 32.93 39.79 33.78
N VAL X 700 31.68 39.54 33.37
CA VAL X 700 30.84 38.70 34.20
C VAL X 700 31.25 37.25 34.07
N THR X 701 31.93 36.89 32.97
CA THR X 701 32.67 35.63 32.98
C THR X 701 33.96 35.77 33.78
N GLU X 702 34.63 36.92 33.65
CA GLU X 702 35.91 37.12 34.31
C GLU X 702 35.75 37.18 35.82
N GLN X 703 34.60 37.62 36.31
CA GLN X 703 34.29 37.46 37.72
C GLN X 703 34.15 35.99 38.08
N LEU X 704 33.36 35.25 37.31
CA LEU X 704 33.03 33.90 37.69
C LEU X 704 34.13 32.90 37.38
N THR X 705 35.26 33.32 36.82
CA THR X 705 36.42 32.46 36.77
C THR X 705 37.49 32.89 37.76
N LEU X 706 37.47 34.15 38.20
CA LEU X 706 38.29 34.55 39.33
C LEU X 706 37.70 33.98 40.61
N MET X 707 36.45 34.30 40.87
CA MET X 707 35.65 33.52 41.81
C MET X 707 35.49 32.10 41.28
N ALA X 708 35.35 31.14 42.21
CA ALA X 708 35.06 29.73 41.93
C ALA X 708 36.17 29.04 41.15
N ASP X 709 37.40 29.48 41.32
CA ASP X 709 38.55 28.79 40.79
C ASP X 709 39.16 28.10 42.00
N VAL X 710 39.99 27.09 41.78
CA VAL X 710 40.74 26.43 42.85
C VAL X 710 41.79 27.42 43.35
N ARG X 711 42.48 27.07 44.44
CA ARG X 711 43.16 27.92 45.42
C ARG X 711 43.64 29.29 44.95
N GLN X 712 44.21 29.39 43.74
CA GLN X 712 44.52 30.69 43.20
C GLN X 712 43.26 31.44 42.80
N SER X 713 42.61 32.05 43.78
CA SER X 713 41.29 32.65 43.63
C SER X 713 40.97 33.41 44.92
N PRO X 714 40.14 34.43 44.85
CA PRO X 714 39.56 35.00 46.08
C PRO X 714 38.41 34.15 46.57
N LEU X 715 37.77 34.64 47.64
CA LEU X 715 36.50 34.20 48.22
C LEU X 715 36.60 32.85 48.93
N VAL X 716 37.66 32.10 48.70
CA VAL X 716 38.03 31.03 49.60
C VAL X 716 39.26 31.39 50.41
N ALA X 717 40.17 32.19 49.84
CA ALA X 717 41.25 32.77 50.62
C ALA X 717 40.71 33.73 51.67
N LEU X 718 39.59 34.39 51.38
CA LEU X 718 38.90 35.13 52.43
C LEU X 718 38.20 34.16 53.37
N MET X 719 37.69 33.06 52.85
CA MET X 719 37.05 32.09 53.73
C MET X 719 38.08 31.21 54.44
N ASN X 720 39.31 31.13 53.93
CA ASN X 720 40.35 30.47 54.71
C ASN X 720 40.77 31.30 55.91
N THR X 721 40.90 32.61 55.71
CA THR X 721 41.23 33.51 56.80
C THR X 721 40.11 33.52 57.85
N LEU X 722 38.87 33.47 57.41
CA LEU X 722 37.77 33.31 58.34
C LEU X 722 37.71 31.92 58.94
N ALA X 723 38.38 30.93 58.36
CA ALA X 723 38.25 29.57 58.87
C ALA X 723 39.04 29.37 60.15
N VAL X 724 40.30 29.82 60.16
CA VAL X 724 41.15 29.53 61.30
C VAL X 724 40.85 30.44 62.48
N GLN X 725 40.24 31.60 62.24
CA GLN X 725 39.93 32.51 63.32
C GLN X 725 38.71 32.08 64.12
N GLY X 726 37.96 31.10 63.64
CA GLY X 726 36.85 30.54 64.37
C GLY X 726 37.21 29.42 65.30
N CYS X 727 38.49 29.31 65.67
CA CYS X 727 38.94 28.26 66.58
C CYS X 727 39.90 28.81 67.64
N THR X 728 39.94 30.12 67.83
CA THR X 728 40.76 30.69 68.87
C THR X 728 40.19 30.36 70.24
N GLY X 729 41.08 30.28 71.22
CA GLY X 729 40.74 29.71 72.51
C GLY X 729 41.12 28.25 72.57
N GLN X 730 40.16 27.36 72.33
CA GLN X 730 40.44 25.94 72.28
C GLN X 730 40.03 25.37 70.94
N HIS X 762 32.85 23.85 70.18
CA HIS X 762 34.24 23.72 69.73
C HIS X 762 35.07 24.89 70.23
N GLY X 763 34.41 25.98 70.56
CA GLY X 763 35.08 27.20 70.98
C GLY X 763 34.18 28.16 71.71
N PRO X 764 34.75 29.27 72.18
CA PRO X 764 33.94 30.26 72.92
C PRO X 764 33.25 31.28 72.03
N LEU X 765 33.63 31.37 70.76
CA LEU X 765 33.00 32.27 69.79
C LEU X 765 31.97 31.55 68.93
N ALA X 766 31.25 30.60 69.52
CA ALA X 766 30.40 29.68 68.76
C ALA X 766 29.22 30.40 68.13
N THR X 767 28.57 31.30 68.85
CA THR X 767 27.34 31.87 68.33
C THR X 767 27.58 33.00 67.33
N THR X 768 28.79 33.55 67.24
CA THR X 768 29.01 34.64 66.31
C THR X 768 29.54 34.15 64.97
N PHE X 769 30.38 33.11 64.98
CA PHE X 769 30.86 32.49 63.75
C PHE X 769 30.23 31.12 63.55
N GLY X 770 28.96 30.98 63.92
CA GLY X 770 28.26 29.73 63.80
C GLY X 770 27.96 29.30 62.38
N PRO X 771 27.08 30.03 61.70
CA PRO X 771 26.70 29.61 60.34
C PRO X 771 27.80 29.76 59.31
N VAL X 772 28.72 30.72 59.46
CA VAL X 772 29.76 30.88 58.45
C VAL X 772 30.79 29.77 58.56
N LEU X 773 31.11 29.34 59.78
CA LEU X 773 31.96 28.17 59.89
C LEU X 773 31.15 26.88 59.85
N ALA X 774 29.84 26.96 59.68
CA ALA X 774 29.06 25.77 59.36
C ALA X 774 29.17 25.40 57.88
N LEU X 775 29.80 26.22 57.06
CA LEU X 775 29.92 25.93 55.64
C LEU X 775 31.07 24.98 55.34
N MET X 776 32.29 25.42 55.65
CA MET X 776 33.47 24.78 55.07
C MET X 776 33.87 23.48 55.77
N ASP X 777 33.14 23.05 56.80
CA ASP X 777 33.71 22.09 57.76
C ASP X 777 33.75 20.68 57.20
N ASN X 778 32.70 20.27 56.49
CA ASN X 778 32.35 18.88 56.15
C ASN X 778 32.21 17.99 57.38
N GLN X 779 31.96 18.57 58.55
CA GLN X 779 31.51 17.85 59.73
C GLN X 779 30.11 18.30 60.16
N ASN X 780 29.31 18.71 59.18
CA ASN X 780 27.93 19.17 59.35
C ASN X 780 26.95 18.09 58.95
N ASN X 781 27.22 16.85 59.39
CA ASN X 781 26.67 15.61 58.86
C ASN X 781 25.15 15.51 58.76
N SER X 782 24.41 16.36 59.45
CA SER X 782 22.97 16.51 59.21
C SER X 782 22.65 18.00 59.31
N ALA X 783 22.80 18.70 58.19
CA ALA X 783 22.46 20.12 58.14
C ALA X 783 21.77 20.48 56.83
N ASP X 784 21.35 19.48 56.05
CA ASP X 784 20.87 19.49 54.67
C ASP X 784 21.97 19.91 53.69
N MET X 785 23.21 20.04 54.16
CA MET X 785 24.48 20.02 53.45
C MET X 785 24.80 21.24 52.62
N LEU X 786 23.84 22.10 52.29
CA LEU X 786 23.88 23.55 52.43
C LEU X 786 25.24 24.21 52.60
N ASN X 787 26.25 23.88 51.80
CA ASN X 787 27.58 24.36 52.14
C ASN X 787 28.21 25.10 50.97
N LEU X 788 29.42 25.61 51.24
CA LEU X 788 30.12 26.48 50.32
C LEU X 788 30.62 25.74 49.10
N GLN X 789 31.08 24.50 49.28
CA GLN X 789 31.84 23.83 48.24
C GLN X 789 30.98 23.46 47.04
N THR X 790 29.72 23.08 47.25
CA THR X 790 28.85 22.81 46.12
C THR X 790 28.49 24.09 45.40
N TYR X 791 28.42 25.20 46.11
CA TYR X 791 27.96 26.45 45.52
C TYR X 791 28.95 26.97 44.49
N LEU X 792 30.25 26.80 44.72
CA LEU X 792 31.20 27.32 43.75
C LEU X 792 31.25 26.46 42.51
N THR X 793 30.93 25.18 42.62
CA THR X 793 30.69 24.43 41.39
C THR X 793 29.28 24.63 40.88
N ARG X 794 28.37 25.11 41.73
CA ARG X 794 27.05 25.49 41.24
C ARG X 794 27.09 26.80 40.47
N VAL X 795 28.17 27.56 40.63
CA VAL X 795 28.32 28.77 39.84
C VAL X 795 29.34 28.56 38.73
N THR X 796 30.09 27.47 38.74
CA THR X 796 31.04 27.32 37.64
C THR X 796 30.35 26.84 36.36
N GLN X 797 29.15 26.27 36.46
CA GLN X 797 28.48 25.86 35.24
C GLN X 797 27.60 26.96 34.67
N VAL X 798 27.19 27.92 35.49
CA VAL X 798 26.60 29.12 34.92
C VAL X 798 27.68 29.93 34.22
N ARG X 799 28.93 29.80 34.65
CA ARG X 799 30.04 30.31 33.85
C ARG X 799 30.18 29.50 32.56
N LEU X 800 30.05 28.18 32.66
CA LEU X 800 30.41 27.33 31.53
C LEU X 800 29.40 27.43 30.39
N ARG X 801 28.11 27.47 30.71
CA ARG X 801 27.14 27.67 29.64
C ARG X 801 27.18 29.10 29.13
N LEU X 802 27.72 30.04 29.92
CA LEU X 802 27.97 31.36 29.40
C LEU X 802 29.27 31.46 28.63
N GLN X 803 30.11 30.44 28.69
CA GLN X 803 31.29 30.45 27.84
C GLN X 803 30.93 30.19 26.39
N GLN X 804 29.92 29.35 26.17
CA GLN X 804 29.49 29.05 24.80
C GLN X 804 28.84 30.25 24.15
N ILE X 805 28.15 31.08 24.92
CA ILE X 805 27.65 32.33 24.39
C ILE X 805 28.79 33.31 24.18
N ALA X 806 29.84 33.23 24.98
CA ALA X 806 31.07 33.98 24.72
C ALA X 806 31.91 33.33 23.63
N GLY X 807 31.46 32.21 23.08
CA GLY X 807 32.13 31.59 21.98
C GLY X 807 31.58 32.20 20.71
N SER X 808 30.78 31.44 19.97
CA SER X 808 30.28 31.90 18.68
C SER X 808 29.39 33.14 18.75
N SER X 809 28.18 33.02 19.31
CA SER X 809 27.15 34.07 19.36
C SER X 809 26.92 34.80 18.04
N ASP X 810 27.06 34.09 16.93
CA ASP X 810 27.27 34.67 15.61
C ASP X 810 26.12 35.52 15.07
N PRO X 811 24.84 35.12 15.11
CA PRO X 811 23.80 36.04 14.64
C PRO X 811 23.10 36.86 15.72
N GLN X 812 23.62 36.80 16.96
CA GLN X 812 23.08 37.25 18.25
C GLN X 812 21.99 36.28 18.72
N ALA X 813 21.55 35.38 17.85
CA ALA X 813 20.88 34.19 18.33
C ALA X 813 21.92 33.19 18.78
N MET X 814 21.44 32.15 19.47
CA MET X 814 22.05 31.12 20.33
C MET X 814 22.44 31.74 21.65
N MET X 815 22.37 33.06 21.74
CA MET X 815 22.38 33.75 23.00
C MET X 815 21.04 33.60 23.70
N GLN X 816 19.96 33.93 23.00
CA GLN X 816 18.66 33.78 23.60
C GLN X 816 18.18 32.34 23.59
N LEU X 817 18.83 31.45 22.84
CA LEU X 817 18.46 30.04 22.90
C LEU X 817 18.81 29.42 24.25
N LEU X 818 19.79 29.99 24.94
CA LEU X 818 19.94 29.63 26.34
C LEU X 818 18.96 30.40 27.20
N ALA X 819 18.52 31.56 26.74
CA ALA X 819 17.55 32.32 27.51
C ALA X 819 16.13 31.90 27.25
N GLN X 820 15.88 31.22 26.13
CA GLN X 820 14.56 30.66 25.88
C GLN X 820 14.21 29.58 26.88
N THR X 821 15.22 28.90 27.43
CA THR X 821 14.99 27.96 28.52
C THR X 821 14.54 28.68 29.80
N VAL X 822 15.01 29.91 30.02
CA VAL X 822 14.55 30.66 31.19
C VAL X 822 13.10 31.04 31.03
N LEU X 823 12.66 31.23 29.79
CA LEU X 823 11.28 31.32 29.36
C LEU X 823 10.71 29.92 29.32
N GLN X 824 9.80 29.66 28.38
CA GLN X 824 8.97 28.47 28.21
C GLN X 824 9.61 27.15 28.65
N GLY X 825 8.84 26.32 29.34
CA GLY X 825 9.37 25.41 30.34
C GLY X 825 10.26 24.30 29.86
N LYS X 826 11.37 24.66 29.23
CA LYS X 826 12.46 23.75 28.94
C LYS X 826 13.41 23.62 30.11
N SER X 827 13.07 24.18 31.26
CA SER X 827 13.97 24.19 32.40
C SER X 827 14.03 22.83 33.07
N VAL X 828 15.23 22.32 33.27
CA VAL X 828 15.44 21.20 34.18
C VAL X 828 16.55 21.48 35.19
N ASP X 829 17.41 22.46 34.92
CA ASP X 829 18.50 22.80 35.81
C ASP X 829 18.33 24.13 36.51
N LEU X 830 17.72 25.11 35.85
CA LEU X 830 17.77 26.49 36.34
C LEU X 830 16.90 26.75 37.54
N THR X 831 16.16 25.77 38.05
CA THR X 831 15.58 25.96 39.37
C THR X 831 16.56 25.67 40.50
N ASP X 832 17.77 25.21 40.16
CA ASP X 832 18.81 24.95 41.14
C ASP X 832 19.88 26.02 41.14
N THR X 833 20.24 26.52 39.96
CA THR X 833 21.35 27.45 39.88
C THR X 833 21.00 28.84 40.41
N ARG X 834 19.74 29.26 40.27
CA ARG X 834 19.37 30.56 40.81
C ARG X 834 19.13 30.49 42.32
N ASP X 835 18.49 29.42 42.78
CA ASP X 835 18.01 29.39 44.15
C ASP X 835 19.03 28.87 45.15
N TYR X 836 20.15 28.32 44.71
CA TYR X 836 21.12 27.82 45.69
C TYR X 836 21.87 28.96 46.35
N GLY X 837 22.11 30.04 45.61
CA GLY X 837 22.71 31.22 46.22
C GLY X 837 21.83 31.86 47.27
N SER X 838 20.52 31.73 47.12
CA SER X 838 19.59 32.26 48.10
C SER X 838 19.26 31.26 49.19
N LEU X 839 19.39 29.96 48.93
CA LEU X 839 19.03 28.98 49.94
C LEU X 839 20.07 28.92 51.04
N THR X 840 21.28 29.39 50.79
CA THR X 840 22.26 29.47 51.86
C THR X 840 22.14 30.76 52.64
N ALA X 841 22.19 31.90 51.94
CA ALA X 841 22.36 33.18 52.60
C ALA X 841 21.10 33.62 53.32
N ALA X 842 19.93 33.36 52.74
CA ALA X 842 18.69 33.64 53.45
C ALA X 842 18.40 32.62 54.53
N GLY X 843 19.20 31.57 54.64
CA GLY X 843 19.18 30.72 55.81
C GLY X 843 20.42 30.83 56.67
N LEU X 844 21.30 31.81 56.43
CA LEU X 844 22.54 31.90 57.19
C LEU X 844 22.32 32.25 58.65
N GLY X 845 22.07 33.52 58.97
CA GLY X 845 21.76 33.84 60.34
C GLY X 845 20.93 35.08 60.58
N GLN X 846 20.61 35.81 59.49
CA GLN X 846 19.97 37.13 59.38
C GLN X 846 20.76 38.26 60.06
N GLU X 847 21.88 37.97 60.72
CA GLU X 847 22.82 39.02 61.09
C GLU X 847 23.96 39.13 60.09
N TRP X 848 24.14 38.11 59.26
CA TRP X 848 25.05 38.15 58.13
C TRP X 848 24.38 38.63 56.87
N TYR X 849 23.12 39.05 56.99
CA TYR X 849 22.43 39.74 55.91
C TYR X 849 23.18 41.02 55.58
N GLY X 850 23.22 41.35 54.30
CA GLY X 850 24.09 42.39 53.81
C GLY X 850 25.45 41.88 53.37
N PHE X 851 25.95 40.83 54.02
CA PHE X 851 27.07 40.07 53.50
C PHE X 851 26.58 38.95 52.61
N GLY X 852 25.57 38.22 53.09
CA GLY X 852 25.05 37.08 52.35
C GLY X 852 24.42 37.46 51.03
N GLN X 853 23.92 38.69 50.93
CA GLN X 853 23.45 39.16 49.63
C GLN X 853 24.61 39.34 48.67
N THR X 854 25.70 39.96 49.12
CA THR X 854 26.77 40.28 48.20
C THR X 854 27.87 39.25 48.17
N VAL X 855 27.71 38.12 48.83
CA VAL X 855 28.67 37.04 48.66
C VAL X 855 28.06 35.99 47.75
N PHE X 856 26.75 35.82 47.81
CA PHE X 856 26.10 34.73 47.10
C PHE X 856 25.15 35.21 46.02
N VAL X 857 24.13 36.01 46.36
CA VAL X 857 23.12 36.23 45.35
C VAL X 857 23.52 37.36 44.42
N ARG X 858 24.36 38.28 44.86
CA ARG X 858 24.77 39.36 43.97
C ARG X 858 25.76 38.98 42.86
N PRO X 859 26.68 38.02 43.01
CA PRO X 859 27.39 37.56 41.81
C PRO X 859 26.51 36.74 40.90
N MET X 860 25.55 36.00 41.45
CA MET X 860 24.68 35.20 40.61
C MET X 860 23.69 36.08 39.86
N GLU X 861 23.18 37.13 40.51
CA GLU X 861 22.21 38.00 39.87
C GLU X 861 22.84 38.81 38.76
N GLN X 862 24.11 39.16 38.90
CA GLN X 862 24.80 39.83 37.81
C GLN X 862 25.07 38.89 36.65
N ALA X 863 24.99 37.58 36.88
CA ALA X 863 25.16 36.62 35.79
C ALA X 863 23.88 36.43 35.01
N TRP X 864 22.76 36.26 35.72
CA TRP X 864 21.50 36.04 35.01
C TRP X 864 21.03 37.30 34.33
N GLN X 865 21.25 38.47 34.92
CA GLN X 865 20.71 39.70 34.34
C GLN X 865 21.47 40.18 33.11
N GLN X 866 22.45 39.43 32.62
CA GLN X 866 23.03 39.69 31.31
C GLN X 866 22.77 38.57 30.33
N VAL X 867 22.24 37.44 30.78
CA VAL X 867 21.76 36.41 29.88
C VAL X 867 20.24 36.39 29.82
N LEU X 868 19.57 37.12 30.70
CA LEU X 868 18.12 37.22 30.66
C LEU X 868 17.64 38.48 29.97
N THR X 869 18.16 39.63 30.37
CA THR X 869 17.69 40.90 29.83
C THR X 869 17.90 41.14 28.34
N PRO X 870 18.78 40.47 27.58
CA PRO X 870 18.63 40.55 26.13
C PRO X 870 17.70 39.49 25.54
N ALA X 871 16.92 38.80 26.37
CA ALA X 871 15.77 38.06 25.84
C ALA X 871 14.49 38.84 26.06
N ALA X 872 14.35 39.47 27.23
CA ALA X 872 13.18 40.27 27.51
C ALA X 872 13.10 41.51 26.65
N GLU X 873 14.22 41.98 26.10
CA GLU X 873 14.18 43.00 25.06
C GLU X 873 14.16 42.41 23.67
N SER X 874 14.24 41.09 23.55
CA SER X 874 14.02 40.44 22.27
C SER X 874 12.71 39.69 22.21
N LEU X 875 12.07 39.46 23.35
CA LEU X 875 10.70 38.96 23.32
C LEU X 875 9.75 40.04 22.83
N ASN X 876 9.97 41.29 23.22
CA ASN X 876 9.08 42.37 22.82
C ASN X 876 9.15 42.66 21.33
N ALA X 877 10.21 42.24 20.65
CA ALA X 877 10.19 42.30 19.19
C ALA X 877 9.45 41.12 18.60
N ARG X 878 9.34 40.02 19.32
CA ARG X 878 8.51 38.91 18.90
C ARG X 878 7.12 38.96 19.50
N TRP X 879 6.82 40.00 20.27
CA TRP X 879 5.44 40.17 20.71
C TRP X 879 4.69 41.09 19.78
N ARG X 880 5.37 42.09 19.24
CA ARG X 880 4.64 43.00 18.36
C ARG X 880 4.51 42.43 16.96
N THR X 881 5.53 41.75 16.45
CA THR X 881 5.50 41.30 15.07
C THR X 881 4.78 39.98 14.89
N ALA X 882 3.96 39.57 15.85
CA ALA X 882 3.09 38.42 15.67
C ALA X 882 1.68 38.64 16.19
N VAL X 883 1.49 39.58 17.11
CA VAL X 883 0.18 39.85 17.68
C VAL X 883 -0.20 41.32 17.54
N VAL X 884 0.65 42.22 18.02
CA VAL X 884 0.25 43.61 18.12
C VAL X 884 0.24 44.27 16.75
N ASP X 885 1.26 44.06 15.95
CA ASP X 885 1.25 44.70 14.64
C ASP X 885 0.41 43.96 13.61
N GLY X 886 -0.44 43.03 14.04
CA GLY X 886 -1.55 42.57 13.23
C GLY X 886 -2.83 43.04 13.87
N TRP X 887 -2.76 43.40 15.15
CA TRP X 887 -3.90 43.98 15.84
C TRP X 887 -4.05 45.45 15.48
N ASN X 888 -3.04 46.25 15.78
CA ASN X 888 -3.12 47.68 15.51
C ASN X 888 -3.09 47.98 14.01
N ASN X 889 -2.56 47.06 13.21
CA ASN X 889 -2.56 47.28 11.77
C ASN X 889 -3.95 47.12 11.17
N ALA X 890 -4.82 46.38 11.82
CA ALA X 890 -6.10 46.04 11.24
C ALA X 890 -7.30 46.46 12.08
N PHE X 891 -7.13 46.66 13.39
CA PHE X 891 -8.29 46.94 14.24
C PHE X 891 -8.26 48.37 14.78
N SER X 892 -7.34 49.18 14.32
CA SER X 892 -7.22 50.54 14.83
C SER X 892 -8.29 51.43 14.24
N GLY X 893 -8.91 52.25 15.08
CA GLY X 893 -9.89 53.19 14.62
C GLY X 893 -11.15 52.52 14.13
N ARG X 894 -11.65 51.56 14.90
CA ARG X 894 -12.89 50.88 14.58
C ARG X 894 -13.70 50.71 15.84
N TYR X 895 -15.01 50.60 15.66
CA TYR X 895 -15.86 50.30 16.78
C TYR X 895 -15.63 48.85 17.20
N PRO X 896 -15.59 48.56 18.50
CA PRO X 896 -15.69 49.46 19.64
C PRO X 896 -14.36 49.84 20.27
N PHE X 897 -13.29 49.85 19.50
CA PHE X 897 -12.05 50.39 20.04
C PHE X 897 -12.03 51.91 19.97
N LYS X 898 -12.95 52.49 19.22
CA LYS X 898 -13.19 53.93 19.16
C LYS X 898 -14.69 54.11 19.07
N ASN X 899 -15.12 55.28 18.64
CA ASN X 899 -16.49 55.46 18.17
C ASN X 899 -16.41 56.09 16.80
N VAL X 900 -16.20 55.26 15.78
CA VAL X 900 -16.20 55.68 14.38
C VAL X 900 -17.18 54.76 13.68
N SER X 901 -17.57 55.14 12.45
CA SER X 901 -18.47 54.32 11.66
C SER X 901 -17.80 53.03 11.18
N SER X 902 -16.48 52.99 11.10
CA SER X 902 -15.81 51.80 10.58
C SER X 902 -15.80 50.70 11.64
N ASP X 903 -15.90 49.45 11.18
CA ASP X 903 -16.19 48.34 12.05
C ASP X 903 -15.04 47.35 12.12
N ALA X 904 -14.79 46.83 13.31
CA ALA X 904 -13.89 45.71 13.50
C ALA X 904 -14.57 44.44 13.03
N SER X 905 -13.90 43.72 12.14
CA SER X 905 -14.53 42.55 11.53
C SER X 905 -14.51 41.41 12.53
N LEU X 906 -15.66 41.13 13.12
CA LEU X 906 -15.88 40.11 14.14
C LEU X 906 -15.28 38.72 13.92
N PRO X 907 -15.14 38.19 12.70
CA PRO X 907 -14.39 36.94 12.60
C PRO X 907 -12.91 37.12 12.84
N LEU X 908 -12.33 38.25 12.44
CA LEU X 908 -10.92 38.46 12.77
C LEU X 908 -10.73 38.77 14.24
N LEU X 909 -11.75 39.31 14.91
CA LEU X 909 -11.68 39.40 16.36
C LEU X 909 -11.76 38.02 16.99
N ALA X 910 -12.44 37.08 16.34
CA ALA X 910 -12.50 35.74 16.88
C ALA X 910 -11.20 34.98 16.72
N LYS X 911 -10.41 35.30 15.70
CA LYS X 911 -9.18 34.55 15.49
C LYS X 911 -8.04 35.09 16.33
N TYR X 912 -8.23 36.20 17.02
CA TYR X 912 -7.17 36.67 17.90
C TYR X 912 -7.40 36.23 19.34
N LEU X 913 -8.54 36.58 19.91
CA LEU X 913 -8.74 36.40 21.34
C LEU X 913 -9.49 35.14 21.67
N ASN X 914 -9.44 34.11 20.83
CA ASN X 914 -10.19 32.90 21.12
C ASN X 914 -9.55 32.15 22.29
N THR X 915 -10.35 31.33 22.96
CA THR X 915 -9.99 30.85 24.28
C THR X 915 -8.94 29.74 24.23
N ASP X 916 -8.85 29.02 23.13
CA ASP X 916 -7.84 27.97 23.00
C ASP X 916 -7.15 27.93 21.67
N THR X 917 -7.66 28.63 20.65
CA THR X 917 -7.06 28.60 19.33
C THR X 917 -6.70 29.97 18.80
N GLY X 918 -7.00 31.03 19.53
CA GLY X 918 -6.75 32.37 19.02
C GLY X 918 -5.27 32.69 18.98
N ARG X 919 -4.94 33.78 18.27
CA ARG X 919 -3.54 34.08 18.07
C ARG X 919 -2.89 34.71 19.29
N ILE X 920 -3.59 34.88 20.39
CA ILE X 920 -2.94 35.23 21.64
C ILE X 920 -2.70 34.00 22.49
N ALA X 921 -3.73 33.16 22.66
CA ALA X 921 -3.56 31.94 23.45
C ALA X 921 -2.70 30.91 22.76
N ARG X 922 -2.50 31.03 21.46
CA ARG X 922 -1.48 30.25 20.78
C ARG X 922 -0.19 31.02 20.62
N PHE X 923 -0.02 32.10 21.38
CA PHE X 923 1.29 32.73 21.49
C PHE X 923 1.86 32.59 22.89
N LEU X 924 1.01 32.68 23.90
CA LEU X 924 1.50 32.51 25.26
C LEU X 924 1.87 31.07 25.52
N GLN X 925 1.09 30.13 25.00
CA GLN X 925 1.40 28.73 25.22
C GLN X 925 2.48 28.22 24.29
N ASN X 926 3.11 29.08 23.51
CA ASN X 926 4.27 28.69 22.72
C ASN X 926 5.51 29.51 23.03
N ASN X 927 5.41 30.56 23.80
CA ASN X 927 6.59 31.33 24.17
C ASN X 927 6.71 31.63 25.64
N LEU X 928 5.60 31.72 26.37
CA LEU X 928 5.65 31.94 27.80
C LEU X 928 4.97 30.79 28.54
N SER X 929 5.21 29.56 28.09
CA SER X 929 4.60 28.43 28.74
C SER X 929 5.25 28.09 30.07
N GLY X 930 6.39 28.70 30.37
CA GLY X 930 7.08 28.39 31.59
C GLY X 930 6.78 29.38 32.70
N VAL X 931 6.51 30.62 32.34
CA VAL X 931 6.33 31.69 33.31
C VAL X 931 4.89 32.15 33.43
N LEU X 932 3.96 31.56 32.68
CA LEU X 932 2.62 32.13 32.58
C LEU X 932 1.62 31.02 32.39
N HIS X 933 0.79 30.76 33.39
CA HIS X 933 -0.14 29.63 33.39
C HIS X 933 -1.57 30.12 33.29
N ARG X 934 -2.39 29.35 32.58
CA ARG X 934 -3.83 29.59 32.54
C ARG X 934 -4.47 28.68 33.57
N GLU X 935 -4.65 29.19 34.78
CA GLU X 935 -5.32 28.46 35.86
C GLU X 935 -6.77 28.93 35.90
N GLY X 936 -7.69 28.02 35.66
CA GLY X 936 -9.09 28.40 35.59
C GLY X 936 -9.38 29.20 34.33
N SER X 937 -9.58 30.51 34.50
CA SER X 937 -9.81 31.40 33.37
C SER X 937 -8.93 32.63 33.41
N ARG X 938 -7.96 32.68 34.30
CA ARG X 938 -7.04 33.80 34.38
C ARG X 938 -5.64 33.35 34.03
N TRP X 939 -4.81 34.31 33.63
CA TRP X 939 -3.42 34.06 33.30
C TRP X 939 -2.56 34.52 34.46
N VAL X 940 -2.22 33.60 35.35
CA VAL X 940 -1.44 33.96 36.52
C VAL X 940 0.04 33.78 36.20
N PRO X 941 0.91 34.66 36.68
CA PRO X 941 2.35 34.41 36.55
C PRO X 941 2.78 33.41 37.60
N ASP X 942 4.05 33.02 37.52
CA ASP X 942 4.59 32.02 38.42
C ASP X 942 5.59 32.68 39.36
N THR X 943 5.39 32.50 40.68
CA THR X 943 6.24 33.12 41.68
C THR X 943 7.62 32.50 41.68
N ILE X 944 7.68 31.17 41.75
CA ILE X 944 8.89 30.46 41.38
C ILE X 944 9.09 30.61 39.87
N ASN X 945 10.34 30.48 39.43
CA ASN X 945 10.75 30.56 38.02
C ASN X 945 10.52 31.94 37.43
N THR X 946 10.56 32.97 38.26
CA THR X 946 10.70 34.34 37.83
C THR X 946 11.84 34.97 38.60
N ARG X 947 12.71 35.69 37.88
CA ARG X 947 14.09 35.87 38.33
C ARG X 947 14.23 36.80 39.54
N GLY X 948 13.87 38.09 39.46
CA GLY X 948 12.79 38.73 38.73
C GLY X 948 12.72 38.91 37.23
N LEU X 949 11.59 38.46 36.72
CA LEU X 949 10.99 38.97 35.50
C LEU X 949 9.78 39.79 35.89
N THR X 950 9.80 41.07 35.54
CA THR X 950 8.72 41.97 35.88
C THR X 950 7.84 42.12 34.64
N PHE X 951 6.65 41.53 34.70
CA PHE X 951 5.69 41.73 33.63
C PHE X 951 5.21 43.18 33.61
N ASN X 952 4.82 43.62 32.44
CA ASN X 952 4.08 44.86 32.35
C ASN X 952 2.77 44.68 33.07
N PRO X 953 2.49 45.45 34.13
CA PRO X 953 1.27 45.21 34.91
C PRO X 953 0.00 45.54 34.17
N ALA X 954 0.08 46.34 33.10
CA ALA X 954 -1.06 46.45 32.20
C ALA X 954 -1.22 45.19 31.37
N PHE X 955 -0.10 44.51 31.05
CA PHE X 955 -0.18 43.35 30.18
C PHE X 955 -0.77 42.16 30.90
N LEU X 956 -0.53 42.04 32.20
CA LEU X 956 -1.28 41.06 32.95
C LEU X 956 -2.71 41.50 33.17
N LYS X 957 -2.99 42.80 33.03
CA LYS X 957 -4.37 43.27 33.08
C LYS X 957 -5.02 43.26 31.71
N ALA X 958 -4.25 43.33 30.63
CA ALA X 958 -4.85 43.33 29.31
C ALA X 958 -5.38 41.96 28.94
N ILE X 959 -4.53 40.94 29.00
CA ILE X 959 -5.01 39.61 28.62
C ILE X 959 -5.88 38.97 29.67
N ASN X 960 -5.95 39.52 30.88
CA ASN X 960 -6.97 39.06 31.80
C ASN X 960 -8.33 39.59 31.41
N THR X 961 -8.36 40.70 30.67
CA THR X 961 -9.62 41.22 30.16
C THR X 961 -10.05 40.51 28.89
N LEU X 962 -9.10 40.19 28.02
CA LEU X 962 -9.44 39.51 26.78
C LEU X 962 -9.87 38.07 27.04
N SER X 963 -9.22 37.39 27.98
CA SER X 963 -9.67 36.05 28.29
C SER X 963 -10.95 36.02 29.11
N GLU X 964 -11.46 37.17 29.53
CA GLU X 964 -12.77 37.22 30.14
C GLU X 964 -13.87 37.42 29.11
N ILE X 965 -13.59 38.11 28.01
CA ILE X 965 -14.56 38.23 26.94
C ILE X 965 -14.78 36.88 26.27
N ALA X 966 -13.71 36.13 26.06
CA ALA X 966 -13.79 34.90 25.28
C ALA X 966 -14.54 33.78 25.97
N ASP X 967 -14.78 33.88 27.27
CA ASP X 967 -15.55 32.87 27.95
C ASP X 967 -17.02 33.19 28.05
N VAL X 968 -17.44 34.34 27.54
CA VAL X 968 -18.85 34.71 27.54
C VAL X 968 -19.35 35.04 26.14
N ALA X 969 -18.61 35.80 25.36
CA ALA X 969 -19.10 36.17 24.04
C ALA X 969 -18.63 35.23 22.95
N PHE X 970 -17.48 34.61 23.14
CA PHE X 970 -16.85 33.80 22.11
C PHE X 970 -16.73 32.35 22.57
N THR X 971 -17.79 31.83 23.17
CA THR X 971 -17.68 30.59 23.91
C THR X 971 -17.63 29.38 22.99
N THR X 972 -18.25 29.45 21.82
CA THR X 972 -18.21 28.30 20.92
C THR X 972 -16.87 28.16 20.26
N GLY X 973 -16.18 29.28 20.06
CA GLY X 973 -15.06 29.37 19.14
C GLY X 973 -15.29 30.35 18.03
N ASN X 974 -16.55 30.63 17.70
CA ASN X 974 -16.92 31.66 16.76
C ASN X 974 -17.73 32.70 17.51
N ALA X 975 -17.95 33.85 16.87
CA ALA X 975 -18.61 34.96 17.55
C ALA X 975 -20.10 34.69 17.69
N GLY X 976 -20.58 34.51 18.92
CA GLY X 976 -22.00 34.29 19.09
C GLY X 976 -22.47 34.02 20.50
N LEU X 977 -23.63 34.57 20.86
CA LEU X 977 -24.21 34.37 22.17
C LEU X 977 -25.73 34.50 22.08
N HIS X 978 -26.41 34.20 23.18
CA HIS X 978 -27.86 34.21 23.22
C HIS X 978 -28.31 34.84 24.52
N PHE X 979 -28.97 35.97 24.44
CA PHE X 979 -29.56 36.58 25.61
C PHE X 979 -31.06 36.67 25.42
N GLU X 980 -31.77 36.94 26.51
CA GLU X 980 -33.20 37.12 26.47
C GLU X 980 -33.51 38.58 26.77
N LEU X 981 -34.74 38.99 26.47
CA LEU X 981 -35.16 40.36 26.70
C LEU X 981 -36.61 40.40 27.12
N ARG X 982 -36.88 41.11 28.21
CA ARG X 982 -38.22 41.38 28.66
C ARG X 982 -38.48 42.87 28.62
N PRO X 983 -39.55 43.32 28.00
CA PRO X 983 -39.79 44.76 27.86
C PRO X 983 -40.31 45.36 29.15
N GLY X 984 -40.00 46.64 29.33
CA GLY X 984 -40.46 47.41 30.46
C GLY X 984 -41.25 48.64 30.03
N THR X 985 -41.98 49.20 30.99
CA THR X 985 -42.88 50.31 30.73
C THR X 985 -42.38 51.58 31.38
N ALA X 986 -43.08 52.68 31.07
CA ALA X 986 -42.72 53.99 31.60
C ALA X 986 -43.97 54.86 31.59
N ALA X 987 -43.76 56.15 31.86
CA ALA X 987 -44.85 57.11 31.92
C ALA X 987 -45.02 57.80 30.58
N GLY X 988 -46.09 57.48 29.89
CA GLY X 988 -46.38 58.13 28.63
C GLY X 988 -45.75 57.49 27.43
N VAL X 989 -45.81 56.17 27.31
CA VAL X 989 -45.43 55.45 26.10
C VAL X 989 -46.56 54.48 25.74
N MET X 990 -46.84 54.36 24.46
CA MET X 990 -47.87 53.44 23.99
C MET X 990 -47.29 52.21 23.33
N GLN X 991 -46.46 52.41 22.30
CA GLN X 991 -45.82 51.29 21.62
C GLN X 991 -44.33 51.56 21.55
N THR X 992 -43.54 50.60 22.00
CA THR X 992 -42.09 50.65 21.86
C THR X 992 -41.64 49.44 21.09
N THR X 993 -41.07 49.65 19.91
CA THR X 993 -40.62 48.55 19.07
C THR X 993 -39.11 48.51 19.03
N LEU X 994 -38.57 47.29 19.01
CA LEU X 994 -37.14 47.08 18.97
C LEU X 994 -36.85 46.03 17.91
N ILE X 995 -36.09 46.40 16.91
CA ILE X 995 -35.68 45.51 15.84
C ILE X 995 -34.18 45.39 15.93
N THR X 996 -33.66 44.18 16.05
CA THR X 996 -32.24 43.95 15.90
C THR X 996 -32.00 42.73 15.03
N ASP X 997 -31.35 42.95 13.89
CA ASP X 997 -30.92 41.91 12.94
C ASP X 997 -32.10 41.05 12.49
N ASN X 998 -33.21 41.72 12.19
CA ASN X 998 -34.49 41.10 11.81
C ASN X 998 -34.99 40.14 12.89
N GLN X 999 -34.80 40.51 14.16
CA GLN X 999 -35.53 39.92 15.26
C GLN X 999 -36.40 41.04 15.82
N LYS X 1000 -37.71 40.87 15.71
CA LYS X 1000 -38.63 41.94 16.05
C LYS X 1000 -39.17 41.75 17.45
N LEU X 1001 -39.27 42.87 18.18
CA LEU X 1001 -39.90 42.89 19.50
C LEU X 1001 -40.78 44.12 19.56
N ILE X 1002 -42.07 43.91 19.80
CA ILE X 1002 -43.08 44.96 19.78
C ILE X 1002 -43.87 44.89 21.07
N TYR X 1003 -43.86 45.97 21.84
CA TYR X 1003 -44.54 46.04 23.12
C TYR X 1003 -45.57 47.15 23.10
N VAL X 1004 -46.81 46.81 23.46
CA VAL X 1004 -47.88 47.79 23.58
C VAL X 1004 -48.48 47.72 24.98
N ASN X 1005 -47.61 47.46 25.97
CA ASN X 1005 -47.95 47.38 27.40
C ASN X 1005 -48.91 46.23 27.69
N GLN X 1006 -48.59 45.05 27.15
CA GLN X 1006 -49.31 43.83 27.48
C GLN X 1006 -48.52 43.05 28.52
N MET X 1007 -48.90 41.81 28.75
CA MET X 1007 -48.19 40.95 29.69
C MET X 1007 -46.77 40.67 29.20
N PRO X 1008 -45.75 40.85 30.05
CA PRO X 1008 -44.36 40.81 29.57
C PRO X 1008 -43.84 39.39 29.42
N VAL X 1009 -43.32 39.07 28.23
CA VAL X 1009 -42.76 37.76 27.94
C VAL X 1009 -41.33 37.93 27.47
N TRP X 1010 -40.44 37.07 27.94
CA TRP X 1010 -39.07 37.04 27.45
C TRP X 1010 -39.02 36.55 26.01
N LYS X 1011 -38.20 37.16 25.18
CA LYS X 1011 -37.97 36.69 23.83
C LYS X 1011 -36.48 36.42 23.65
N ARG X 1012 -36.15 35.19 23.29
CA ARG X 1012 -34.76 34.77 23.17
C ARG X 1012 -34.13 35.40 21.94
N PHE X 1013 -33.05 36.12 22.12
CA PHE X 1013 -32.41 36.80 21.01
C PHE X 1013 -31.16 36.04 20.58
N THR X 1014 -30.51 36.55 19.55
CA THR X 1014 -29.27 35.97 19.05
C THR X 1014 -28.47 37.07 18.38
N TRP X 1015 -27.19 37.18 18.72
CA TRP X 1015 -26.33 38.16 18.12
C TRP X 1015 -24.97 37.51 17.87
N PRO X 1016 -24.43 37.60 16.65
CA PRO X 1016 -25.02 38.17 15.45
C PRO X 1016 -25.98 37.20 14.81
N ALA X 1017 -26.88 37.70 13.99
CA ALA X 1017 -27.84 36.88 13.29
C ALA X 1017 -27.47 36.80 11.83
N ASP X 1018 -27.65 35.62 11.23
CA ASP X 1018 -27.40 35.44 9.81
C ASP X 1018 -28.46 36.22 9.04
N THR X 1019 -28.06 37.35 8.47
CA THR X 1019 -28.96 38.19 7.71
C THR X 1019 -28.18 38.89 6.61
N GLU X 1020 -28.92 39.65 5.81
CA GLU X 1020 -28.33 40.49 4.79
C GLU X 1020 -28.39 41.95 5.14
N ALA X 1021 -28.95 42.29 6.30
CA ALA X 1021 -29.03 43.67 6.78
C ALA X 1021 -28.83 43.65 8.28
N PRO X 1022 -27.61 43.61 8.74
CA PRO X 1022 -27.38 43.54 10.18
C PRO X 1022 -27.41 44.91 10.82
N GLY X 1023 -28.19 45.06 11.87
CA GLY X 1023 -28.29 46.34 12.52
C GLY X 1023 -29.42 46.35 13.52
N ALA X 1024 -29.57 47.51 14.17
CA ALA X 1024 -30.60 47.68 15.17
C ALA X 1024 -31.37 48.96 14.91
N SER X 1025 -32.56 49.03 15.52
CA SER X 1025 -33.42 50.18 15.37
C SER X 1025 -34.42 50.18 16.52
N LEU X 1026 -34.71 51.35 17.05
CA LEU X 1026 -35.56 51.46 18.24
C LEU X 1026 -36.49 52.65 18.08
N SER X 1027 -37.79 52.38 18.13
CA SER X 1027 -38.81 53.42 17.98
C SER X 1027 -39.83 53.33 19.09
N TRP X 1028 -40.30 54.48 19.53
CA TRP X 1028 -41.23 54.58 20.65
C TRP X 1028 -42.41 55.45 20.26
N VAL X 1029 -43.59 55.09 20.77
CA VAL X 1029 -44.80 55.86 20.55
C VAL X 1029 -45.27 56.37 21.91
N SER X 1030 -45.18 57.67 22.11
CA SER X 1030 -45.71 58.25 23.34
C SER X 1030 -47.23 58.37 23.26
N THR X 1031 -47.84 58.70 24.40
CA THR X 1031 -49.23 59.11 24.36
C THR X 1031 -49.35 60.48 23.72
N GLN X 1032 -48.35 61.34 23.90
CA GLN X 1032 -48.36 62.63 23.22
C GLN X 1032 -47.93 62.49 21.78
N ALA X 1033 -46.80 61.82 21.54
CA ALA X 1033 -46.19 61.83 20.22
C ALA X 1033 -46.62 60.61 19.41
N GLY X 1034 -46.08 60.50 18.21
CA GLY X 1034 -46.20 59.30 17.41
C GLY X 1034 -44.92 58.49 17.49
N THR X 1035 -44.50 57.88 16.39
CA THR X 1035 -43.27 57.12 16.38
C THR X 1035 -42.10 58.06 16.13
N ARG X 1036 -41.16 58.07 17.07
CA ARG X 1036 -39.88 58.70 16.87
C ARG X 1036 -38.81 57.62 17.05
N GLN X 1037 -37.97 57.46 16.05
CA GLN X 1037 -36.88 56.51 16.18
C GLN X 1037 -35.83 57.06 17.12
N TYR X 1038 -35.39 56.22 18.06
CA TYR X 1038 -34.29 56.64 18.90
C TYR X 1038 -32.99 56.65 18.09
N ALA X 1039 -32.67 55.52 17.47
CA ALA X 1039 -31.57 55.44 16.51
C ALA X 1039 -31.80 54.23 15.63
N ASP X 1040 -31.22 54.29 14.44
CA ASP X 1040 -31.11 53.16 13.55
C ASP X 1040 -29.64 52.94 13.22
N LEU X 1041 -29.03 51.96 13.85
CA LEU X 1041 -27.59 51.76 13.75
C LEU X 1041 -27.29 50.59 12.84
N PRO X 1042 -26.80 50.85 11.63
CA PRO X 1042 -26.51 49.76 10.70
C PRO X 1042 -25.20 49.09 11.06
N GLY X 1043 -24.97 47.95 10.43
CA GLY X 1043 -23.72 47.24 10.64
C GLY X 1043 -23.85 46.13 11.66
N SER X 1044 -22.90 45.20 11.60
CA SER X 1044 -22.95 44.02 12.45
C SER X 1044 -22.68 44.35 13.91
N TRP X 1045 -22.03 45.47 14.16
CA TRP X 1045 -21.80 45.96 15.51
C TRP X 1045 -22.95 46.79 16.02
N GLY X 1046 -24.15 46.62 15.46
CA GLY X 1046 -25.22 47.57 15.70
C GLY X 1046 -25.77 47.50 17.11
N LEU X 1047 -26.07 46.28 17.57
CA LEU X 1047 -26.69 46.10 18.88
C LEU X 1047 -25.75 46.50 20.00
N ILE X 1048 -24.44 46.44 19.76
CA ILE X 1048 -23.50 46.95 20.75
C ILE X 1048 -23.54 48.47 20.78
N ARG X 1049 -23.66 49.10 19.61
CA ARG X 1049 -23.83 50.55 19.56
C ARG X 1049 -25.13 50.97 20.22
N LEU X 1050 -26.15 50.11 20.16
CA LEU X 1050 -27.39 50.41 20.84
C LEU X 1050 -27.25 50.20 22.34
N LEU X 1051 -26.51 49.18 22.75
CA LEU X 1051 -26.38 48.92 24.17
C LEU X 1051 -25.37 49.82 24.86
N GLU X 1052 -24.66 50.65 24.11
CA GLU X 1052 -23.76 51.60 24.72
C GLU X 1052 -24.51 52.77 25.34
N MET X 1053 -25.61 53.18 24.73
CA MET X 1053 -26.28 54.42 25.10
C MET X 1053 -27.29 54.25 26.23
N ALA X 1054 -27.33 53.11 26.90
CA ALA X 1054 -28.32 52.88 27.95
C ALA X 1054 -27.66 52.73 29.30
N ARG X 1055 -28.25 53.36 30.31
CA ARG X 1055 -27.78 53.22 31.67
C ARG X 1055 -28.14 51.85 32.21
N ARG X 1056 -27.17 51.15 32.78
CA ARG X 1056 -27.36 49.80 33.26
C ARG X 1056 -27.12 49.72 34.76
N LYS X 1057 -27.85 48.81 35.39
CA LYS X 1057 -27.59 48.41 36.76
C LYS X 1057 -28.10 46.99 36.91
N ALA X 1058 -27.72 46.34 38.01
CA ALA X 1058 -28.20 44.99 38.26
C ALA X 1058 -29.68 45.05 38.63
N ALA X 1059 -30.52 44.47 37.79
CA ALA X 1059 -31.93 44.38 38.12
C ALA X 1059 -32.10 43.38 39.24
N PRO X 1060 -32.53 43.80 40.43
CA PRO X 1060 -32.46 42.92 41.60
C PRO X 1060 -33.49 41.81 41.62
N GLY X 1061 -34.49 41.86 40.74
CA GLY X 1061 -35.52 40.84 40.77
C GLY X 1061 -35.01 39.50 40.27
N VAL X 1062 -34.42 39.47 39.08
CA VAL X 1062 -33.96 38.25 38.45
C VAL X 1062 -32.45 38.31 38.35
N ALA X 1063 -31.78 37.18 38.58
CA ALA X 1063 -30.36 37.04 38.36
C ALA X 1063 -30.15 35.95 37.31
N SER X 1064 -29.32 36.23 36.30
CA SER X 1064 -28.55 37.46 36.15
C SER X 1064 -29.29 38.47 35.29
N GLY X 1065 -29.89 39.47 35.93
CA GLY X 1065 -30.70 40.45 35.24
C GLY X 1065 -30.11 41.83 35.30
N TRP X 1066 -30.11 42.53 34.18
CA TRP X 1066 -29.59 43.88 34.08
C TRP X 1066 -30.73 44.80 33.68
N SER X 1067 -30.87 45.91 34.37
CA SER X 1067 -31.86 46.90 33.96
C SER X 1067 -31.34 47.66 32.78
N LEU X 1068 -32.20 47.89 31.80
CA LEU X 1068 -31.84 48.66 30.61
C LEU X 1068 -32.88 49.75 30.40
N SER X 1069 -32.48 50.99 30.59
CA SER X 1069 -33.36 52.13 30.45
C SER X 1069 -32.72 53.08 29.44
N TRP X 1070 -33.21 53.04 28.21
CA TRP X 1070 -32.77 54.01 27.22
C TRP X 1070 -33.49 55.32 27.47
N GLN X 1071 -32.75 56.35 27.81
CA GLN X 1071 -33.31 57.69 27.89
C GLN X 1071 -33.45 58.22 26.47
N ALA X 1072 -34.68 58.38 26.02
CA ALA X 1072 -34.92 58.85 24.67
C ALA X 1072 -34.90 60.37 24.65
N GLN X 1073 -35.34 60.95 23.53
CA GLN X 1073 -35.75 62.33 23.58
C GLN X 1073 -37.14 62.41 24.18
N ASP X 1074 -37.56 63.64 24.47
CA ASP X 1074 -38.81 63.96 25.16
C ASP X 1074 -38.90 63.28 26.53
N GLY X 1075 -37.77 63.13 27.21
CA GLY X 1075 -37.73 62.74 28.61
C GLY X 1075 -38.17 61.33 28.95
N ARG X 1076 -38.66 60.54 28.00
CA ARG X 1076 -39.15 59.22 28.32
C ARG X 1076 -38.01 58.24 28.46
N MET X 1077 -38.22 57.23 29.30
CA MET X 1077 -37.21 56.22 29.58
C MET X 1077 -37.73 54.87 29.07
N LEU X 1078 -37.26 54.46 27.90
CA LEU X 1078 -37.65 53.17 27.35
C LEU X 1078 -37.04 52.06 28.18
N ASN X 1079 -37.88 51.30 28.87
CA ASN X 1079 -37.40 50.35 29.86
C ASN X 1079 -37.30 48.95 29.29
N TYR X 1080 -36.29 48.22 29.74
CA TYR X 1080 -36.00 46.88 29.27
C TYR X 1080 -35.28 46.11 30.35
N THR X 1081 -35.59 44.82 30.46
CA THR X 1081 -34.97 43.95 31.44
C THR X 1081 -34.28 42.81 30.70
N LEU X 1082 -32.96 42.74 30.84
CA LEU X 1082 -32.13 41.82 30.08
C LEU X 1082 -31.63 40.72 31.00
N ARG X 1083 -31.83 39.46 30.59
CA ARG X 1083 -31.32 38.31 31.33
C ARG X 1083 -30.40 37.52 30.42
N THR X 1084 -29.23 37.18 30.91
CA THR X 1084 -28.25 36.42 30.16
C THR X 1084 -28.26 34.98 30.67
N GLU X 1085 -27.56 34.11 29.95
CA GLU X 1085 -27.43 32.74 30.45
C GLU X 1085 -26.19 32.57 31.30
N ALA X 1086 -25.09 33.22 30.94
CA ALA X 1086 -23.84 33.07 31.69
C ALA X 1086 -23.04 34.35 31.61
N GLY X 1087 -22.71 34.92 32.76
CA GLY X 1087 -21.95 36.15 32.77
C GLY X 1087 -22.83 37.33 32.38
N GLU X 1088 -22.15 38.41 31.99
CA GLU X 1088 -22.84 39.66 31.68
C GLU X 1088 -23.56 39.63 30.34
N GLY X 1089 -23.30 38.63 29.49
CA GLY X 1089 -23.92 38.57 28.19
C GLY X 1089 -23.30 39.56 27.22
N PRO X 1090 -24.12 40.25 26.45
CA PRO X 1090 -23.59 41.14 25.41
C PRO X 1090 -23.08 42.45 25.92
N LEU X 1091 -23.22 42.74 27.22
CA LEU X 1091 -22.72 44.00 27.75
C LEU X 1091 -21.21 44.03 27.85
N VAL X 1092 -20.57 42.86 27.85
CA VAL X 1092 -19.15 42.79 28.15
C VAL X 1092 -18.32 43.32 26.99
N LEU X 1093 -18.87 43.35 25.78
CA LEU X 1093 -18.12 43.83 24.63
C LEU X 1093 -17.91 45.33 24.66
N LEU X 1094 -18.53 46.04 25.59
CA LEU X 1094 -18.22 47.44 25.83
C LEU X 1094 -16.97 47.64 26.67
N LYS X 1095 -16.33 46.56 27.12
CA LYS X 1095 -15.08 46.72 27.84
C LYS X 1095 -13.95 47.17 26.94
N LEU X 1096 -14.09 46.97 25.64
CA LEU X 1096 -13.06 47.34 24.68
C LEU X 1096 -13.07 48.80 24.30
N ARG X 1097 -13.89 49.63 24.94
CA ARG X 1097 -13.97 51.04 24.62
C ARG X 1097 -12.67 51.72 25.03
N ASN X 1098 -11.90 52.15 24.04
CA ASN X 1098 -10.51 52.60 24.18
C ASN X 1098 -9.66 51.56 24.89
N PHE X 1099 -9.69 50.36 24.32
CA PHE X 1099 -8.78 49.30 24.71
C PHE X 1099 -7.43 49.53 24.05
N VAL X 1100 -6.36 49.12 24.71
CA VAL X 1100 -5.03 49.27 24.16
C VAL X 1100 -4.21 48.02 24.51
N LEU X 1101 -3.64 47.39 23.50
CA LEU X 1101 -2.71 46.31 23.76
C LEU X 1101 -1.39 46.89 24.19
N PRO X 1102 -0.73 46.32 25.19
CA PRO X 1102 0.60 46.81 25.58
C PRO X 1102 1.61 46.51 24.49
N GLU X 1103 2.31 47.56 24.08
CA GLU X 1103 3.39 47.40 23.10
C GLU X 1103 4.52 46.53 23.66
N THR X 1104 4.74 46.58 24.97
CA THR X 1104 5.82 45.87 25.63
C THR X 1104 5.26 44.89 26.64
N VAL X 1105 5.76 43.67 26.62
CA VAL X 1105 5.39 42.70 27.64
C VAL X 1105 6.34 42.77 28.83
N PHE X 1106 7.64 42.74 28.57
CA PHE X 1106 8.61 42.86 29.64
C PHE X 1106 9.21 44.26 29.65
N GLU X 1107 10.06 44.51 30.63
CA GLU X 1107 10.72 45.80 30.74
C GLU X 1107 12.23 45.69 30.65
N ASN Y 577 89.78 64.78 4.26
CA ASN Y 577 89.98 63.36 3.95
C ASN Y 577 89.54 62.47 5.11
N SER Y 578 88.24 62.22 5.18
CA SER Y 578 87.68 61.32 6.19
C SER Y 578 86.43 60.66 5.62
N ASP Y 579 86.47 59.33 5.51
CA ASP Y 579 85.36 58.47 5.10
C ASP Y 579 84.83 58.79 3.71
N ALA Y 580 85.71 59.27 2.82
CA ALA Y 580 85.39 59.43 1.42
C ALA Y 580 86.22 58.48 0.56
N MET Y 581 87.55 58.52 0.72
CA MET Y 581 88.41 57.49 0.14
C MET Y 581 88.78 56.41 1.14
N LEU Y 582 88.51 56.65 2.43
CA LEU Y 582 88.70 55.62 3.44
C LEU Y 582 87.76 54.46 3.23
N TYR Y 583 86.53 54.76 2.79
CA TYR Y 583 85.54 53.73 2.54
C TYR Y 583 85.91 52.85 1.35
N GLN Y 584 86.45 53.47 0.28
CA GLN Y 584 86.70 52.74 -0.95
C GLN Y 584 87.87 51.79 -0.82
N LYS Y 585 88.83 52.08 0.06
CA LYS Y 585 89.95 51.18 0.25
C LYS Y 585 89.53 49.92 0.99
N MET Y 586 88.43 49.98 1.73
CA MET Y 586 87.95 48.80 2.44
C MET Y 586 87.47 47.73 1.48
N LEU Y 587 86.87 48.13 0.36
CA LEU Y 587 86.38 47.16 -0.61
C LEU Y 587 87.53 46.50 -1.35
N ALA Y 588 88.54 47.27 -1.74
CA ALA Y 588 89.63 46.75 -2.55
C ALA Y 588 90.52 45.78 -1.80
N ARG Y 589 90.52 45.84 -0.46
CA ARG Y 589 91.28 44.87 0.30
C ARG Y 589 90.58 43.51 0.32
N VAL Y 590 89.23 43.51 0.32
CA VAL Y 590 88.51 42.27 0.56
C VAL Y 590 87.99 41.64 -0.72
N ALA Y 591 87.75 42.43 -1.77
CA ALA Y 591 87.10 41.90 -2.98
C ALA Y 591 88.02 41.03 -3.81
N HIS Y 592 89.29 40.91 -3.45
CA HIS Y 592 90.23 40.13 -4.25
C HIS Y 592 90.30 38.67 -3.78
N GLN Y 593 90.41 38.44 -2.47
CA GLN Y 593 90.61 37.08 -1.98
C GLN Y 593 89.32 36.28 -2.02
N PHE Y 594 88.24 36.82 -1.47
CA PHE Y 594 86.97 36.11 -1.48
C PHE Y 594 86.41 36.06 -2.89
N ALA Y 595 85.83 34.93 -3.24
CA ALA Y 595 85.33 34.70 -4.59
C ALA Y 595 83.85 35.05 -4.67
N ASP Y 596 83.24 34.72 -5.80
CA ASP Y 596 81.83 34.96 -6.01
C ASP Y 596 81.00 33.93 -5.24
N MET Y 597 79.79 34.33 -4.88
CA MET Y 597 78.87 33.48 -4.13
C MET Y 597 77.77 33.07 -5.09
N ARG Y 598 78.02 32.02 -5.86
CA ARG Y 598 77.05 31.62 -6.86
C ARG Y 598 75.94 30.77 -6.22
N LEU Y 599 74.90 30.50 -7.01
CA LEU Y 599 73.81 29.69 -6.53
C LEU Y 599 74.19 28.23 -6.36
N THR Y 600 75.18 27.76 -7.09
CA THR Y 600 75.59 26.36 -6.98
C THR Y 600 76.35 26.13 -5.69
N ASP Y 601 77.22 27.05 -5.29
CA ASP Y 601 77.84 26.94 -3.97
C ASP Y 601 76.88 27.33 -2.86
N MET Y 602 75.83 28.08 -3.17
CA MET Y 602 74.71 28.17 -2.25
C MET Y 602 73.92 26.87 -2.31
N THR Y 603 73.02 26.70 -1.35
CA THR Y 603 72.00 25.63 -1.29
C THR Y 603 72.58 24.22 -1.27
N GLY Y 604 73.84 24.06 -0.89
CA GLY Y 604 74.45 22.74 -1.04
C GLY Y 604 74.66 22.38 -2.50
N ASP Y 605 74.78 21.08 -2.76
CA ASP Y 605 74.93 20.59 -4.12
C ASP Y 605 73.60 20.37 -4.84
N THR Y 606 72.50 20.87 -4.29
CA THR Y 606 71.15 20.55 -4.78
C THR Y 606 70.89 21.19 -6.13
N ASP Y 607 70.01 20.55 -6.90
CA ASP Y 607 69.74 20.93 -8.28
C ASP Y 607 68.89 22.19 -8.31
N VAL Y 608 69.55 23.34 -8.41
CA VAL Y 608 68.82 24.60 -8.49
C VAL Y 608 68.34 24.87 -9.91
N SER Y 609 69.01 24.27 -10.90
CA SER Y 609 68.71 24.54 -12.30
C SER Y 609 67.34 24.04 -12.72
N ARG Y 610 66.82 23.00 -12.06
CA ARG Y 610 65.46 22.57 -12.34
C ARG Y 610 64.43 23.45 -11.66
N LEU Y 611 64.86 24.38 -10.80
CA LEU Y 611 63.97 25.34 -10.20
C LEU Y 611 64.31 26.77 -10.57
N PHE Y 612 65.55 27.20 -10.37
CA PHE Y 612 65.95 28.58 -10.60
C PHE Y 612 67.15 28.61 -11.53
N PHE Y 613 67.00 29.25 -12.70
CA PHE Y 613 68.08 29.40 -13.66
C PHE Y 613 68.78 30.76 -13.54
N THR Y 614 68.85 31.29 -12.34
CA THR Y 614 69.20 32.69 -12.11
C THR Y 614 70.69 32.95 -12.32
N ASP Y 615 70.99 34.11 -12.91
CA ASP Y 615 72.31 34.66 -13.14
C ASP Y 615 72.46 35.95 -12.32
N GLU Y 616 73.51 36.73 -12.65
CA GLU Y 616 74.02 37.90 -11.90
C GLU Y 616 74.19 37.60 -10.41
N VAL Y 617 75.17 36.73 -10.19
CA VAL Y 617 75.60 36.23 -8.89
C VAL Y 617 75.97 37.36 -7.94
N VAL Y 618 75.57 37.22 -6.67
CA VAL Y 618 75.99 38.12 -5.60
C VAL Y 618 77.49 37.98 -5.36
N PRO Y 619 78.27 39.07 -5.32
CA PRO Y 619 79.72 38.96 -5.42
C PRO Y 619 80.42 38.59 -4.12
N GLY Y 620 79.67 38.30 -3.07
CA GLY Y 620 80.34 38.11 -1.81
C GLY Y 620 80.52 39.46 -1.11
N MET Y 621 81.45 39.47 -0.15
CA MET Y 621 81.81 40.56 0.77
C MET Y 621 80.67 40.96 1.70
N PHE Y 622 79.52 40.29 1.63
CA PHE Y 622 78.39 40.56 2.50
C PHE Y 622 77.86 39.27 3.11
N THR Y 623 78.75 38.38 3.55
CA THR Y 623 78.32 37.10 4.10
C THR Y 623 78.45 37.12 5.61
N ARG Y 624 78.25 35.94 6.22
CA ARG Y 624 78.65 35.76 7.60
C ARG Y 624 80.13 35.41 7.69
N GLN Y 625 80.63 34.59 6.76
CA GLN Y 625 82.03 34.22 6.79
C GLN Y 625 82.94 35.37 6.36
N ALA Y 626 82.45 36.30 5.55
CA ALA Y 626 83.21 37.49 5.25
C ALA Y 626 83.03 38.57 6.31
N TRP Y 627 82.21 38.32 7.33
CA TRP Y 627 82.14 39.19 8.48
C TRP Y 627 83.06 38.73 9.60
N GLU Y 628 83.24 37.42 9.72
CA GLU Y 628 84.19 36.89 10.71
C GLU Y 628 85.63 37.20 10.34
N GLU Y 629 85.96 37.11 9.06
CA GLU Y 629 87.28 37.46 8.56
C GLU Y 629 87.26 38.82 7.89
N ALA Y 630 88.42 39.47 7.96
CA ALA Y 630 88.87 40.50 7.01
C ALA Y 630 88.05 41.79 7.04
N VAL Y 631 87.14 41.99 7.99
CA VAL Y 631 86.50 43.30 8.03
C VAL Y 631 86.67 43.99 9.39
N LEU Y 632 86.28 43.31 10.47
CA LEU Y 632 86.40 43.92 11.80
C LEU Y 632 87.85 44.06 12.26
N PRO Y 633 88.79 43.18 11.92
CA PRO Y 633 90.19 43.58 12.07
C PRO Y 633 90.61 44.68 11.11
N SER Y 634 89.98 44.79 9.94
CA SER Y 634 90.48 45.69 8.92
C SER Y 634 90.03 47.13 9.11
N ILE Y 635 88.82 47.35 9.63
CA ILE Y 635 88.32 48.72 9.77
C ILE Y 635 89.03 49.42 10.91
N ASP Y 636 89.54 48.67 11.88
CA ASP Y 636 90.29 49.27 12.97
C ASP Y 636 91.70 49.69 12.57
N THR Y 637 92.18 49.21 11.43
CA THR Y 637 93.43 49.74 10.87
C THR Y 637 93.25 51.18 10.43
N VAL Y 638 92.08 51.49 9.86
CA VAL Y 638 91.84 52.85 9.37
C VAL Y 638 91.38 53.75 10.51
N ILE Y 639 91.05 53.16 11.67
CA ILE Y 639 90.70 53.95 12.85
C ILE Y 639 91.89 54.78 13.34
N ASN Y 640 93.08 54.18 13.35
CA ASN Y 640 94.28 54.95 13.69
C ASN Y 640 94.66 55.94 12.60
N GLU Y 641 94.25 55.69 11.36
CA GLU Y 641 94.51 56.63 10.28
C GLU Y 641 93.32 57.56 10.09
N VAL Y 661 86.41 64.32 14.32
CA VAL Y 661 85.75 63.06 14.63
C VAL Y 661 86.64 62.20 15.53
N SER Y 662 86.06 61.67 16.61
CA SER Y 662 86.80 60.75 17.46
C SER Y 662 87.00 59.43 16.72
N PRO Y 663 88.19 58.81 16.83
CA PRO Y 663 88.48 57.63 16.00
C PRO Y 663 87.70 56.39 16.37
N GLU Y 664 87.28 56.26 17.63
CA GLU Y 664 86.48 55.11 18.02
C GLU Y 664 85.05 55.21 17.53
N ALA Y 665 84.59 56.42 17.17
CA ALA Y 665 83.28 56.60 16.55
C ALA Y 665 83.37 56.59 15.01
N LEU Y 666 84.37 55.91 14.46
CA LEU Y 666 84.43 55.67 13.02
C LEU Y 666 83.69 54.41 12.61
N ARG Y 667 83.64 53.41 13.49
CA ARG Y 667 82.94 52.16 13.20
C ARG Y 667 81.44 52.38 13.09
N GLN Y 668 80.87 53.11 14.05
CA GLN Y 668 79.42 53.28 14.15
C GLN Y 668 78.83 54.03 12.96
N ARG Y 669 79.64 54.82 12.26
CA ARG Y 669 79.22 55.32 10.97
C ARG Y 669 79.52 54.32 9.86
N LEU Y 670 80.60 53.54 9.99
CA LEU Y 670 81.04 52.67 8.91
C LEU Y 670 80.20 51.40 8.80
N THR Y 671 79.69 50.88 9.91
CA THR Y 671 78.90 49.65 9.85
C THR Y 671 77.52 49.90 9.26
N THR Y 672 76.91 51.04 9.59
CA THR Y 672 75.61 51.35 9.02
C THR Y 672 75.68 51.60 7.53
N ARG Y 673 76.75 52.24 7.06
CA ARG Y 673 76.97 52.36 5.63
C ARG Y 673 77.57 51.10 5.04
N TYR Y 674 77.91 50.11 5.86
CA TYR Y 674 78.15 48.76 5.38
C TYR Y 674 76.87 47.92 5.41
N PHE Y 675 76.08 48.06 6.47
CA PHE Y 675 74.85 47.29 6.58
C PHE Y 675 73.71 47.87 5.75
N ALA Y 676 73.82 49.12 5.29
CA ALA Y 676 72.92 49.56 4.24
C ALA Y 676 73.23 48.83 2.94
N ASP Y 677 74.52 48.59 2.68
CA ASP Y 677 74.93 47.89 1.47
C ASP Y 677 75.20 46.41 1.72
N PHE Y 678 74.98 45.92 2.95
CA PHE Y 678 75.02 44.50 3.20
C PHE Y 678 73.89 43.78 2.47
N GLY Y 679 72.65 44.11 2.83
CA GLY Y 679 71.51 43.44 2.24
C GLY Y 679 71.10 44.01 0.90
N ASN Y 680 71.64 45.17 0.53
CA ASN Y 680 71.22 45.80 -0.71
C ASN Y 680 71.78 45.08 -1.93
N ALA Y 681 72.92 44.43 -1.79
CA ALA Y 681 73.36 43.52 -2.84
C ALA Y 681 72.63 42.19 -2.74
N TRP Y 682 72.10 41.86 -1.55
CA TRP Y 682 71.24 40.70 -1.44
C TRP Y 682 69.83 40.99 -1.95
N LEU Y 683 69.34 42.22 -1.75
CA LEU Y 683 68.04 42.61 -2.28
C LEU Y 683 68.04 42.58 -3.80
N ASN Y 684 69.12 43.07 -4.41
CA ASN Y 684 69.18 43.09 -5.86
C ASN Y 684 69.42 41.70 -6.44
N PHE Y 685 69.95 40.77 -5.65
CA PHE Y 685 70.11 39.43 -6.17
C PHE Y 685 68.78 38.68 -6.15
N LEU Y 686 68.12 38.65 -5.00
CA LEU Y 686 66.91 37.86 -4.85
C LEU Y 686 65.74 38.46 -5.59
N ASN Y 687 65.75 39.76 -5.86
CA ASN Y 687 64.75 40.35 -6.73
C ASN Y 687 65.13 40.25 -8.20
N SER Y 688 66.07 39.37 -8.54
CA SER Y 688 66.48 39.14 -9.92
C SER Y 688 66.44 37.67 -10.29
N LEU Y 689 65.59 36.89 -9.63
CA LEU Y 689 65.52 35.47 -9.90
C LEU Y 689 64.22 35.11 -10.58
N HIS Y 690 64.26 34.05 -11.37
CA HIS Y 690 63.08 33.53 -12.06
C HIS Y 690 62.97 32.04 -11.78
N LEU Y 691 61.79 31.50 -12.07
CA LEU Y 691 61.53 30.09 -11.92
C LEU Y 691 61.43 29.46 -13.30
N ARG Y 692 61.83 28.19 -13.38
CA ARG Y 692 61.96 27.50 -14.66
C ARG Y 692 60.61 27.33 -15.34
N LYS Y 693 60.56 27.69 -16.62
CA LYS Y 693 59.33 27.57 -17.38
C LYS Y 693 58.98 26.11 -17.61
N ALA Y 694 57.80 25.71 -17.16
CA ALA Y 694 57.40 24.30 -17.15
C ALA Y 694 56.02 24.18 -17.77
N GLN Y 695 55.78 23.11 -18.52
CA GLN Y 695 54.50 22.90 -19.16
C GLN Y 695 54.23 21.41 -19.32
N THR Y 696 53.04 21.10 -19.84
CA THR Y 696 52.57 19.76 -20.24
C THR Y 696 52.50 18.76 -19.09
N LEU Y 697 52.26 19.22 -17.86
CA LEU Y 697 51.82 18.43 -16.70
C LEU Y 697 52.88 17.44 -16.17
N SER Y 698 53.98 17.26 -16.89
CA SER Y 698 55.01 16.38 -16.39
C SER Y 698 55.86 17.08 -15.35
N ASP Y 699 56.54 18.14 -15.76
CA ASP Y 699 57.50 18.79 -14.89
C ASP Y 699 56.86 19.68 -13.84
N VAL Y 700 55.57 20.01 -13.98
CA VAL Y 700 54.94 20.83 -12.96
C VAL Y 700 54.67 19.98 -11.73
N THR Y 701 54.59 18.66 -11.87
CA THR Y 701 54.70 17.81 -10.71
C THR Y 701 56.14 17.71 -10.24
N GLU Y 702 57.08 17.64 -11.19
CA GLU Y 702 58.50 17.48 -10.85
C GLU Y 702 59.04 18.73 -10.16
N GLN Y 703 58.48 19.89 -10.46
CA GLN Y 703 58.83 21.08 -9.69
C GLN Y 703 58.31 20.96 -8.27
N LEU Y 704 57.04 20.61 -8.10
CA LEU Y 704 56.45 20.64 -6.79
C LEU Y 704 56.81 19.45 -5.92
N THR Y 705 57.62 18.52 -6.40
CA THR Y 705 58.25 17.56 -5.51
C THR Y 705 59.71 17.85 -5.27
N LEU Y 706 60.38 18.57 -6.17
CA LEU Y 706 61.71 19.09 -5.88
C LEU Y 706 61.59 20.21 -4.86
N MET Y 707 60.78 21.22 -5.17
CA MET Y 707 60.29 22.13 -4.16
C MET Y 707 59.38 21.35 -3.20
N ALA Y 708 59.33 21.81 -1.93
CA ALA Y 708 58.46 21.29 -0.88
C ALA Y 708 58.77 19.85 -0.50
N ASP Y 709 60.03 19.47 -0.58
CA ASP Y 709 60.50 18.18 -0.08
C ASP Y 709 61.26 18.55 1.19
N VAL Y 710 61.49 17.58 2.06
CA VAL Y 710 62.38 17.74 3.20
C VAL Y 710 63.82 17.78 2.63
N ARG Y 711 64.80 18.06 3.49
CA ARG Y 711 66.07 18.73 3.23
C ARG Y 711 66.70 18.55 1.85
N GLN Y 712 66.65 17.34 1.28
CA GLN Y 712 67.13 17.21 -0.09
C GLN Y 712 66.17 17.86 -1.07
N SER Y 713 66.31 19.18 -1.21
CA SER Y 713 65.38 20.03 -1.93
C SER Y 713 66.00 21.43 -1.99
N PRO Y 714 65.67 22.20 -3.01
CA PRO Y 714 65.98 23.64 -2.97
C PRO Y 714 64.95 24.36 -2.11
N LEU Y 715 65.11 25.69 -2.08
CA LEU Y 715 64.16 26.69 -1.57
C LEU Y 715 64.05 26.69 -0.05
N VAL Y 716 64.55 25.66 0.62
CA VAL Y 716 64.83 25.77 2.04
C VAL Y 716 66.32 25.83 2.32
N ALA Y 717 67.14 25.14 1.52
CA ALA Y 717 68.57 25.31 1.60
C ALA Y 717 68.99 26.69 1.15
N LEU Y 718 68.20 27.32 0.28
CA LEU Y 718 68.36 28.75 0.04
C LEU Y 718 67.87 29.54 1.23
N MET Y 719 66.80 29.07 1.87
CA MET Y 719 66.30 29.79 3.04
C MET Y 719 67.10 29.47 4.29
N ASN Y 720 67.81 28.34 4.35
CA ASN Y 720 68.75 28.15 5.44
C ASN Y 720 69.96 29.07 5.29
N THR Y 721 70.44 29.27 4.06
CA THR Y 721 71.55 30.18 3.81
C THR Y 721 71.14 31.61 4.14
N LEU Y 722 69.91 31.98 3.82
CA LEU Y 722 69.40 33.27 4.25
C LEU Y 722 69.10 33.32 5.74
N ALA Y 723 69.04 32.18 6.42
CA ALA Y 723 68.64 32.21 7.83
C ALA Y 723 69.80 32.64 8.73
N VAL Y 724 70.98 32.08 8.50
CA VAL Y 724 72.09 32.35 9.41
C VAL Y 724 72.69 33.72 9.16
N GLN Y 725 72.55 34.27 7.96
CA GLN Y 725 73.11 35.58 7.66
C GLN Y 725 72.30 36.71 8.25
N GLY Y 726 71.12 36.44 8.76
CA GLY Y 726 70.32 37.41 9.46
C GLY Y 726 70.64 37.54 10.93
N CYS Y 727 71.74 36.97 11.39
CA CYS Y 727 72.14 37.05 12.79
C CYS Y 727 73.59 37.50 12.94
N THR Y 728 74.17 38.07 11.89
CA THR Y 728 75.53 38.60 11.99
C THR Y 728 75.54 39.85 12.88
N GLY Y 729 76.69 40.09 13.51
CA GLY Y 729 76.75 41.05 14.58
C GLY Y 729 76.59 40.38 15.92
N GLN Y 730 75.38 40.41 16.47
CA GLN Y 730 75.10 39.73 17.73
C GLN Y 730 73.96 38.74 17.54
N HIS Y 762 67.20 41.84 17.44
CA HIS Y 762 68.06 40.67 17.54
C HIS Y 762 69.40 40.92 16.86
N GLY Y 763 69.43 41.92 15.98
CA GLY Y 763 70.62 42.24 15.22
C GLY Y 763 70.59 43.63 14.63
N PRO Y 764 71.69 44.02 13.97
CA PRO Y 764 71.75 45.37 13.38
C PRO Y 764 71.15 45.47 11.99
N LEU Y 765 70.91 44.35 11.32
CA LEU Y 765 70.29 44.32 9.99
C LEU Y 765 68.80 43.99 10.09
N ALA Y 766 68.13 44.51 11.12
CA ALA Y 766 66.78 44.09 11.47
C ALA Y 766 65.77 44.52 10.41
N THR Y 767 65.94 45.70 9.85
CA THR Y 767 64.91 46.19 8.95
C THR Y 767 65.06 45.69 7.51
N THR Y 768 66.22 45.15 7.14
CA THR Y 768 66.37 44.69 5.76
C THR Y 768 66.02 43.22 5.61
N PHE Y 769 66.33 42.42 6.63
CA PHE Y 769 65.92 41.01 6.65
C PHE Y 769 64.82 40.76 7.65
N GLY Y 770 63.91 41.72 7.80
CA GLY Y 770 62.83 41.61 8.74
C GLY Y 770 61.78 40.59 8.36
N PRO Y 771 61.02 40.84 7.31
CA PRO Y 771 59.93 39.91 6.95
C PRO Y 771 60.41 38.56 6.47
N VAL Y 772 61.58 38.47 5.83
CA VAL Y 772 62.01 37.17 5.34
C VAL Y 772 62.49 36.28 6.48
N LEU Y 773 63.14 36.87 7.48
CA LEU Y 773 63.42 36.08 8.66
C LEU Y 773 62.27 36.09 9.65
N ALA Y 774 61.16 36.75 9.32
CA ALA Y 774 59.94 36.56 10.08
C ALA Y 774 59.21 35.28 9.69
N LEU Y 775 59.69 34.57 8.67
CA LEU Y 775 59.04 33.33 8.26
C LEU Y 775 59.49 32.15 9.12
N MET Y 776 60.77 31.81 9.06
CA MET Y 776 61.22 30.49 9.50
C MET Y 776 61.37 30.36 11.01
N ASP Y 777 61.09 31.41 11.78
CA ASP Y 777 61.61 31.50 13.14
C ASP Y 777 60.88 30.57 14.11
N ASN Y 778 59.55 30.50 14.01
CA ASN Y 778 58.59 29.98 14.99
C ASN Y 778 58.69 30.70 16.33
N GLN Y 779 59.24 31.92 16.39
CA GLN Y 779 59.10 32.82 17.51
C GLN Y 779 58.36 34.09 17.10
N ASN Y 780 57.41 33.95 16.18
CA ASN Y 780 56.56 35.02 15.69
C ASN Y 780 55.16 34.92 16.29
N ASN Y 781 55.11 34.67 17.61
CA ASN Y 781 53.94 34.17 18.35
C ASN Y 781 52.63 34.93 18.17
N SER Y 782 52.68 36.16 17.68
CA SER Y 782 51.46 36.85 17.24
C SER Y 782 51.82 37.59 15.95
N ALA Y 783 51.70 36.91 14.81
CA ALA Y 783 51.94 37.53 13.52
C ALA Y 783 50.95 37.05 12.47
N ASP Y 784 49.87 36.39 12.91
CA ASP Y 784 48.86 35.64 12.16
C ASP Y 784 49.46 34.39 11.49
N MET Y 785 50.73 34.07 11.78
CA MET Y 785 51.42 32.80 11.63
C MET Y 785 51.78 32.39 10.21
N LEU Y 786 51.18 32.99 9.18
CA LEU Y 786 51.83 33.54 8.00
C LEU Y 786 53.26 33.10 7.69
N ASN Y 787 53.59 31.82 7.73
CA ASN Y 787 54.99 31.46 7.65
C ASN Y 787 55.25 30.47 6.54
N LEU Y 788 56.53 30.15 6.38
CA LEU Y 788 57.00 29.34 5.27
C LEU Y 788 56.57 27.88 5.41
N GLN Y 789 56.57 27.35 6.63
CA GLN Y 789 56.46 25.92 6.81
C GLN Y 789 55.08 25.39 6.44
N THR Y 790 54.02 26.14 6.72
CA THR Y 790 52.69 25.71 6.30
C THR Y 790 52.54 25.79 4.79
N TYR Y 791 53.24 26.73 4.17
CA TYR Y 791 53.10 26.94 2.73
C TYR Y 791 53.62 25.75 1.94
N LEU Y 792 54.70 25.11 2.38
CA LEU Y 792 55.20 24.00 1.59
C LEU Y 792 54.33 22.77 1.76
N THR Y 793 53.63 22.63 2.88
CA THR Y 793 52.59 21.63 2.93
C THR Y 793 51.32 22.11 2.24
N ARG Y 794 51.15 23.43 2.11
CA ARG Y 794 50.02 23.95 1.36
C ARG Y 794 50.23 23.77 -0.13
N VAL Y 795 51.47 23.53 -0.57
CA VAL Y 795 51.69 23.26 -1.97
C VAL Y 795 51.92 21.77 -2.21
N THR Y 796 52.16 20.98 -1.16
CA THR Y 796 52.37 19.57 -1.44
C THR Y 796 51.07 18.83 -1.69
N GLN Y 797 49.93 19.39 -1.29
CA GLN Y 797 48.68 18.71 -1.59
C GLN Y 797 48.12 19.13 -2.94
N VAL Y 798 48.51 20.29 -3.45
CA VAL Y 798 48.22 20.58 -4.84
C VAL Y 798 49.08 19.71 -5.74
N ARG Y 799 50.25 19.28 -5.25
CA ARG Y 799 50.98 18.23 -5.94
C ARG Y 799 50.23 16.91 -5.86
N LEU Y 800 49.72 16.57 -4.67
CA LEU Y 800 49.08 15.28 -4.47
C LEU Y 800 47.77 15.16 -5.23
N ARG Y 801 46.99 16.24 -5.28
CA ARG Y 801 45.78 16.21 -6.10
C ARG Y 801 46.11 16.16 -7.57
N LEU Y 802 47.26 16.70 -7.98
CA LEU Y 802 47.69 16.54 -9.34
C LEU Y 802 48.40 15.22 -9.58
N GLN Y 803 48.69 14.45 -8.54
CA GLN Y 803 49.25 13.13 -8.76
C GLN Y 803 48.20 12.16 -9.25
N GLN Y 804 46.94 12.38 -8.86
CA GLN Y 804 45.89 11.44 -9.24
C GLN Y 804 45.54 11.54 -10.70
N ILE Y 805 45.62 12.72 -11.29
CA ILE Y 805 45.53 12.80 -12.74
C ILE Y 805 46.82 12.26 -13.37
N ALA Y 806 47.96 12.44 -12.71
CA ALA Y 806 49.19 11.82 -13.15
C ALA Y 806 49.20 10.30 -12.96
N GLY Y 807 48.15 9.75 -12.35
CA GLY Y 807 47.90 8.34 -12.37
C GLY Y 807 47.08 8.06 -13.60
N SER Y 808 45.79 7.74 -13.43
CA SER Y 808 44.96 7.25 -14.52
C SER Y 808 44.76 8.22 -15.69
N SER Y 809 43.99 9.30 -15.48
CA SER Y 809 43.55 10.25 -16.50
C SER Y 809 43.05 9.61 -17.78
N ASP Y 810 42.36 8.48 -17.67
CA ASP Y 810 42.13 7.56 -18.78
C ASP Y 810 41.23 8.10 -19.90
N PRO Y 811 40.05 8.69 -19.66
CA PRO Y 811 39.28 9.18 -20.81
C PRO Y 811 39.47 10.65 -21.15
N GLN Y 812 40.47 11.29 -20.52
CA GLN Y 812 40.80 12.72 -20.43
C GLN Y 812 39.82 13.45 -19.51
N ALA Y 813 38.75 12.78 -19.10
CA ALA Y 813 38.03 13.18 -17.92
C ALA Y 813 38.77 12.66 -16.70
N MET Y 814 38.35 13.15 -15.54
CA MET Y 814 38.90 13.15 -14.18
C MET Y 814 40.09 14.12 -14.09
N MET Y 815 40.49 14.62 -15.25
CA MET Y 815 41.30 15.82 -15.34
C MET Y 815 40.46 17.05 -15.05
N GLN Y 816 39.27 17.11 -15.67
CA GLN Y 816 38.39 18.23 -15.39
C GLN Y 816 37.50 17.98 -14.19
N LEU Y 817 37.40 16.75 -13.71
CA LEU Y 817 36.59 16.52 -12.50
C LEU Y 817 37.26 17.10 -11.28
N LEU Y 818 38.57 17.28 -11.31
CA LEU Y 818 39.17 18.12 -10.30
C LEU Y 818 39.08 19.58 -10.69
N ALA Y 819 38.91 19.86 -11.96
CA ALA Y 819 38.81 21.25 -12.38
C ALA Y 819 37.37 21.74 -12.37
N GLN Y 820 36.40 20.84 -12.36
CA GLN Y 820 35.01 21.24 -12.18
C GLN Y 820 34.76 21.84 -10.81
N THR Y 821 35.57 21.46 -9.82
CA THR Y 821 35.52 22.10 -8.52
C THR Y 821 35.98 23.54 -8.57
N VAL Y 822 36.92 23.86 -9.47
CA VAL Y 822 37.36 25.24 -9.62
C VAL Y 822 36.24 26.09 -10.21
N LEU Y 823 35.40 25.46 -11.04
CA LEU Y 823 34.11 25.96 -11.50
C LEU Y 823 33.11 25.79 -10.37
N GLN Y 824 31.86 25.51 -10.73
CA GLN Y 824 30.67 25.45 -9.87
C GLN Y 824 30.90 24.99 -8.44
N GLY Y 825 30.26 25.64 -7.49
CA GLY Y 825 30.78 25.79 -6.14
C GLY Y 825 30.89 24.54 -5.30
N LYS Y 826 31.67 23.58 -5.78
CA LYS Y 826 32.10 22.43 -5.00
C LYS Y 826 33.34 22.75 -4.18
N SER Y 827 33.75 23.99 -4.10
CA SER Y 827 34.99 24.34 -3.43
C SER Y 827 34.82 24.38 -1.92
N VAL Y 828 35.67 23.64 -1.22
CA VAL Y 828 35.86 23.87 0.21
C VAL Y 828 37.33 24.07 0.56
N ASP Y 829 38.24 23.67 -0.31
CA ASP Y 829 39.67 23.79 -0.05
C ASP Y 829 40.35 24.83 -0.90
N LEU Y 830 39.92 25.02 -2.15
CA LEU Y 830 40.71 25.81 -3.09
C LEU Y 830 40.64 27.31 -2.85
N THR Y 831 39.89 27.78 -1.87
CA THR Y 831 40.05 29.16 -1.47
C THR Y 831 41.26 29.38 -0.57
N ASP Y 832 41.96 28.31 -0.19
CA ASP Y 832 43.14 28.40 0.65
C ASP Y 832 44.42 28.17 -0.13
N THR Y 833 44.42 27.23 -1.07
CA THR Y 833 45.67 26.88 -1.73
C THR Y 833 46.11 27.92 -2.75
N ARG Y 834 45.18 28.63 -3.38
CA ARG Y 834 45.59 29.68 -4.29
C ARG Y 834 46.02 30.94 -3.55
N ASP Y 835 45.30 31.30 -2.49
CA ASP Y 835 45.52 32.59 -1.86
C ASP Y 835 46.57 32.58 -0.78
N TYR Y 836 47.09 31.41 -0.38
CA TYR Y 836 48.12 31.43 0.65
C TYR Y 836 49.46 31.85 0.08
N GLY Y 837 49.72 31.55 -1.19
CA GLY Y 837 50.93 32.06 -1.82
C GLY Y 837 50.93 33.56 -1.96
N SER Y 838 49.77 34.17 -2.10
CA SER Y 838 49.68 35.61 -2.19
C SER Y 838 49.52 36.28 -0.84
N LEU Y 839 49.00 35.56 0.16
CA LEU Y 839 48.79 36.20 1.46
C LEU Y 839 50.10 36.42 2.19
N THR Y 840 51.14 35.68 1.83
CA THR Y 840 52.44 35.93 2.43
C THR Y 840 53.21 36.97 1.63
N ALA Y 841 53.35 36.75 0.32
CA ALA Y 841 54.27 37.54 -0.49
C ALA Y 841 53.77 38.96 -0.68
N ALA Y 842 52.48 39.14 -0.92
CA ALA Y 842 51.95 40.50 -1.01
C ALA Y 842 51.79 41.14 0.35
N GLY Y 843 52.08 40.43 1.43
CA GLY Y 843 52.25 41.03 2.72
C GLY Y 843 53.68 41.04 3.23
N LEU Y 844 54.65 40.68 2.39
CA LEU Y 844 56.04 40.61 2.85
C LEU Y 844 56.62 41.96 3.24
N GLY Y 845 57.03 42.77 2.26
CA GLY Y 845 57.47 44.11 2.62
C GLY Y 845 57.35 45.17 1.54
N GLN Y 846 56.92 44.77 0.34
CA GLN Y 846 56.88 45.47 -0.96
C GLN Y 846 58.26 45.91 -1.47
N GLU Y 847 59.35 45.63 -0.74
CA GLU Y 847 60.67 45.71 -1.36
C GLU Y 847 61.16 44.35 -1.81
N TRP Y 848 60.57 43.28 -1.29
CA TRP Y 848 60.81 41.93 -1.76
C TRP Y 848 59.86 41.54 -2.88
N TYR Y 849 59.05 42.48 -3.33
CA TYR Y 849 58.27 42.29 -4.55
C TYR Y 849 59.21 42.06 -5.72
N GLY Y 850 58.80 41.18 -6.62
CA GLY Y 850 59.67 40.67 -7.65
C GLY Y 850 60.40 39.41 -7.23
N PHE Y 851 60.67 39.25 -5.94
CA PHE Y 851 61.07 37.96 -5.39
C PHE Y 851 59.85 37.19 -4.91
N GLY Y 852 58.98 37.87 -4.18
CA GLY Y 852 57.80 37.24 -3.62
C GLY Y 852 56.84 36.73 -4.67
N GLN Y 853 56.84 37.37 -5.85
CA GLN Y 853 56.07 36.84 -6.95
C GLN Y 853 56.64 35.50 -7.42
N THR Y 854 57.94 35.42 -7.60
CA THR Y 854 58.52 34.22 -8.18
C THR Y 854 59.02 33.24 -7.16
N VAL Y 855 58.74 33.46 -5.88
CA VAL Y 855 59.07 32.43 -4.90
C VAL Y 855 57.79 31.74 -4.47
N PHE Y 856 56.68 32.47 -4.49
CA PHE Y 856 55.44 31.95 -3.95
C PHE Y 856 54.34 31.85 -4.99
N VAL Y 857 53.97 32.94 -5.65
CA VAL Y 857 52.77 32.83 -6.46
C VAL Y 857 53.08 32.25 -7.83
N ARG Y 858 54.30 32.40 -8.32
CA ARG Y 858 54.65 31.84 -9.62
C ARG Y 858 54.79 30.32 -9.69
N PRO Y 859 55.25 29.60 -8.65
CA PRO Y 859 55.12 28.14 -8.74
C PRO Y 859 53.70 27.68 -8.60
N MET Y 860 52.88 28.38 -7.83
CA MET Y 860 51.48 27.99 -7.69
C MET Y 860 50.69 28.28 -8.95
N GLU Y 861 50.99 29.42 -9.60
CA GLU Y 861 50.25 29.79 -10.79
C GLU Y 861 50.58 28.87 -11.95
N GLN Y 862 51.80 28.36 -12.01
CA GLN Y 862 52.12 27.37 -13.03
C GLN Y 862 51.45 26.03 -12.75
N ALA Y 863 50.96 25.82 -11.53
CA ALA Y 863 50.26 24.59 -11.21
C ALA Y 863 48.79 24.67 -11.59
N TRP Y 864 48.14 25.78 -11.24
CA TRP Y 864 46.72 25.89 -11.55
C TRP Y 864 46.49 26.08 -13.04
N GLN Y 865 47.35 26.81 -13.73
CA GLN Y 865 47.14 27.09 -15.14
C GLN Y 865 47.34 25.88 -16.04
N GLN Y 866 47.77 24.75 -15.50
CA GLN Y 866 47.78 23.51 -16.24
C GLN Y 866 46.68 22.56 -15.82
N VAL Y 867 45.87 22.90 -14.81
CA VAL Y 867 44.66 22.14 -14.54
C VAL Y 867 43.42 22.97 -14.80
N LEU Y 868 43.55 24.28 -14.91
CA LEU Y 868 42.41 25.13 -15.18
C LEU Y 868 42.21 25.38 -16.66
N THR Y 869 43.29 25.49 -17.42
CA THR Y 869 43.18 25.76 -18.85
C THR Y 869 42.52 24.63 -19.63
N PRO Y 870 42.79 23.33 -19.42
CA PRO Y 870 41.96 22.33 -20.11
C PRO Y 870 40.60 22.09 -19.50
N ALA Y 871 40.15 22.91 -18.55
CA ALA Y 871 38.73 23.00 -18.24
C ALA Y 871 38.07 24.10 -19.06
N ALA Y 872 38.67 25.28 -19.06
CA ALA Y 872 38.14 26.40 -19.81
C ALA Y 872 38.20 26.18 -21.32
N GLU Y 873 39.07 25.29 -21.79
CA GLU Y 873 39.03 24.88 -23.19
C GLU Y 873 38.15 23.67 -23.41
N SER Y 874 37.62 23.09 -22.35
CA SER Y 874 36.62 22.04 -22.48
C SER Y 874 35.24 22.49 -22.06
N LEU Y 875 35.14 23.62 -21.37
CA LEU Y 875 33.83 24.21 -21.14
C LEU Y 875 33.24 24.75 -22.42
N ASN Y 876 34.07 25.36 -23.28
CA ASN Y 876 33.58 25.92 -24.53
C ASN Y 876 33.08 24.86 -25.49
N ALA Y 877 33.47 23.61 -25.33
CA ALA Y 877 32.81 22.54 -26.07
C ALA Y 877 31.50 22.13 -25.44
N ARG Y 878 31.33 22.35 -24.15
CA ARG Y 878 30.05 22.13 -23.50
C ARG Y 878 29.21 23.39 -23.45
N TRP Y 879 29.69 24.48 -24.02
CA TRP Y 879 28.83 25.65 -24.13
C TRP Y 879 28.16 25.67 -25.49
N ARG Y 880 28.85 25.21 -26.52
CA ARG Y 880 28.22 25.27 -27.83
C ARG Y 880 27.26 24.10 -28.02
N THR Y 881 27.61 22.92 -27.53
CA THR Y 881 26.78 21.74 -27.80
C THR Y 881 25.61 21.61 -26.85
N ALA Y 882 25.22 22.67 -26.15
CA ALA Y 882 24.00 22.65 -25.36
C ALA Y 882 23.18 23.92 -25.49
N VAL Y 883 23.80 25.03 -25.89
CA VAL Y 883 23.10 26.30 -26.03
C VAL Y 883 23.28 26.90 -27.42
N VAL Y 884 24.53 27.06 -27.85
CA VAL Y 884 24.78 27.82 -29.07
C VAL Y 884 24.39 27.01 -30.30
N ASP Y 885 24.77 25.75 -30.37
CA ASP Y 885 24.40 24.98 -31.54
C ASP Y 885 22.98 24.44 -31.48
N GLY Y 886 22.15 24.95 -30.59
CA GLY Y 886 20.71 24.81 -30.70
C GLY Y 886 20.12 26.18 -30.95
N TRP Y 887 20.93 27.21 -30.72
CA TRP Y 887 20.52 28.57 -31.05
C TRP Y 887 20.78 28.87 -32.51
N ASN Y 888 22.05 28.80 -32.93
CA ASN Y 888 22.39 29.12 -34.31
C ASN Y 888 21.88 28.08 -35.28
N ASN Y 889 21.60 26.86 -34.80
CA ASN Y 889 21.04 25.86 -35.69
C ASN Y 889 19.59 26.14 -36.03
N ALA Y 890 18.88 26.87 -35.18
CA ALA Y 890 17.45 27.04 -35.34
C ALA Y 890 17.03 28.49 -35.48
N PHE Y 891 17.82 29.45 -35.00
CA PHE Y 891 17.36 30.83 -34.98
C PHE Y 891 18.15 31.71 -35.94
N SER Y 892 19.01 31.11 -36.75
CA SER Y 892 19.84 31.89 -37.66
C SER Y 892 19.04 32.35 -38.86
N GLY Y 893 19.22 33.61 -39.23
CA GLY Y 893 18.57 34.13 -40.42
C GLY Y 893 17.08 34.26 -40.22
N ARG Y 894 16.66 34.82 -39.10
CA ARG Y 894 15.26 35.06 -38.83
C ARG Y 894 15.10 36.42 -38.18
N TYR Y 895 13.92 36.98 -38.35
CA TYR Y 895 13.61 38.21 -37.66
C TYR Y 895 13.47 37.92 -36.17
N PRO Y 896 13.99 38.78 -35.29
CA PRO Y 896 14.76 39.98 -35.56
C PRO Y 896 16.26 39.80 -35.40
N PHE Y 897 16.78 38.61 -35.61
CA PHE Y 897 18.23 38.48 -35.65
C PHE Y 897 18.78 38.90 -37.01
N LYS Y 898 17.91 39.05 -38.00
CA LYS Y 898 18.23 39.59 -39.31
C LYS Y 898 17.05 40.44 -39.71
N ASN Y 899 16.95 40.74 -41.01
CA ASN Y 899 15.69 41.23 -41.57
C ASN Y 899 15.39 40.36 -42.78
N VAL Y 900 14.78 39.20 -42.51
CA VAL Y 900 14.32 38.29 -43.55
C VAL Y 900 12.85 38.04 -43.23
N SER Y 901 12.13 37.46 -44.20
CA SER Y 901 10.74 37.10 -43.98
C SER Y 901 10.58 35.95 -43.00
N SER Y 902 11.60 35.10 -42.85
CA SER Y 902 11.47 33.94 -41.97
C SER Y 902 11.54 34.37 -40.51
N ASP Y 903 10.82 33.65 -39.66
CA ASP Y 903 10.53 34.13 -38.32
C ASP Y 903 11.12 33.21 -37.25
N ALA Y 904 11.66 33.83 -36.21
CA ALA Y 904 12.04 33.12 -35.00
C ALA Y 904 10.79 32.72 -34.25
N SER Y 905 10.66 31.45 -33.95
CA SER Y 905 9.45 30.95 -33.33
C SER Y 905 9.46 31.32 -31.85
N LEU Y 906 8.68 32.33 -31.50
CA LEU Y 906 8.57 32.91 -30.16
C LEU Y 906 8.45 31.96 -28.97
N PRO Y 907 7.82 30.78 -29.06
CA PRO Y 907 7.93 29.88 -27.91
C PRO Y 907 9.31 29.29 -27.74
N LEU Y 908 10.02 29.01 -28.83
CA LEU Y 908 11.38 28.52 -28.65
C LEU Y 908 12.32 29.63 -28.20
N LEU Y 909 11.99 30.89 -28.48
CA LEU Y 909 12.72 31.97 -27.84
C LEU Y 909 12.43 32.01 -26.36
N ALA Y 910 11.24 31.61 -25.95
CA ALA Y 910 10.94 31.60 -24.53
C ALA Y 910 11.60 30.46 -23.80
N LYS Y 911 11.91 29.36 -24.48
CA LYS Y 911 12.52 28.24 -23.80
C LYS Y 911 14.03 28.38 -23.70
N TYR Y 912 14.61 29.39 -24.32
CA TYR Y 912 16.04 29.60 -24.17
C TYR Y 912 16.34 30.66 -23.11
N LEU Y 913 15.80 31.86 -23.30
CA LEU Y 913 16.21 32.98 -22.48
C LEU Y 913 15.29 33.24 -21.32
N ASN Y 914 14.56 32.24 -20.84
CA ASN Y 914 13.63 32.48 -19.74
C ASN Y 914 14.39 32.72 -18.45
N THR Y 915 13.74 33.43 -17.52
CA THR Y 915 14.47 34.04 -16.42
C THR Y 915 14.86 33.05 -15.35
N ASP Y 916 14.15 31.93 -15.23
CA ASP Y 916 14.51 30.92 -14.25
C ASP Y 916 14.44 29.50 -14.77
N THR Y 917 13.84 29.26 -15.93
CA THR Y 917 13.73 27.92 -16.47
C THR Y 917 14.32 27.77 -17.86
N GLY Y 918 14.80 28.85 -18.47
CA GLY Y 918 15.28 28.77 -19.83
C GLY Y 918 16.59 28.02 -19.93
N ARG Y 919 16.93 27.63 -21.15
CA ARG Y 919 18.09 26.77 -21.33
C ARG Y 919 19.41 27.52 -21.21
N ILE Y 920 19.40 28.81 -20.94
CA ILE Y 920 20.62 29.49 -20.56
C ILE Y 920 20.72 29.60 -19.05
N ALA Y 921 19.65 30.02 -18.39
CA ALA Y 921 19.69 30.15 -16.93
C ALA Y 921 19.71 28.80 -16.24
N ARG Y 922 19.32 27.73 -16.92
CA ARG Y 922 19.56 26.39 -16.42
C ARG Y 922 20.80 25.79 -17.02
N PHE Y 923 21.69 26.61 -17.56
CA PHE Y 923 23.04 26.17 -17.87
C PHE Y 923 24.08 26.87 -17.02
N LEU Y 924 23.88 28.14 -16.73
CA LEU Y 924 24.81 28.84 -15.87
C LEU Y 924 24.69 28.35 -14.44
N GLN Y 925 23.49 28.09 -13.98
CA GLN Y 925 23.31 27.62 -12.61
C GLN Y 925 23.56 26.14 -12.46
N ASN Y 926 24.07 25.47 -13.50
CA ASN Y 926 24.50 24.09 -13.38
C ASN Y 926 25.94 23.87 -13.78
N ASN Y 927 26.62 24.86 -14.34
CA ASN Y 927 28.01 24.70 -14.67
C ASN Y 927 28.89 25.85 -14.23
N LEU Y 928 28.36 27.05 -14.09
CA LEU Y 928 29.11 28.18 -13.60
C LEU Y 928 28.47 28.73 -12.35
N SER Y 929 28.00 27.85 -11.48
CA SER Y 929 27.34 28.30 -10.26
C SER Y 929 28.31 28.81 -9.23
N GLY Y 930 29.60 28.62 -9.44
CA GLY Y 930 30.58 29.04 -8.46
C GLY Y 930 31.25 30.34 -8.84
N VAL Y 931 31.33 30.63 -10.13
CA VAL Y 931 32.05 31.80 -10.62
C VAL Y 931 31.14 32.87 -11.15
N LEU Y 932 29.82 32.67 -11.11
CA LEU Y 932 28.92 33.57 -11.82
C LEU Y 932 27.58 33.60 -11.12
N HIS Y 933 27.25 34.74 -10.51
CA HIS Y 933 26.07 34.87 -9.68
C HIS Y 933 25.04 35.78 -10.33
N ARG Y 934 23.77 35.50 -10.09
CA ARG Y 934 22.69 36.36 -10.52
C ARG Y 934 22.28 37.22 -9.32
N GLU Y 935 22.88 38.39 -9.21
CA GLU Y 935 22.55 39.34 -8.16
C GLU Y 935 21.58 40.36 -8.74
N GLY Y 936 20.38 40.42 -8.19
CA GLY Y 936 19.37 41.29 -8.76
C GLY Y 936 18.87 40.78 -10.09
N SER Y 937 19.27 41.45 -11.18
CA SER Y 937 18.90 41.02 -12.52
C SER Y 937 20.10 40.94 -13.45
N ARG Y 938 21.32 41.08 -12.93
CA ARG Y 938 22.51 40.97 -13.74
C ARG Y 938 23.32 39.75 -13.34
N TRP Y 939 24.14 39.28 -14.26
CA TRP Y 939 25.02 38.14 -14.01
C TRP Y 939 26.42 38.68 -13.73
N VAL Y 940 26.74 38.83 -12.45
CA VAL Y 940 28.04 39.38 -12.08
C VAL Y 940 29.03 38.24 -11.88
N PRO Y 941 30.28 38.39 -12.28
CA PRO Y 941 31.29 37.40 -11.93
C PRO Y 941 31.73 37.64 -10.49
N ASP Y 942 32.56 36.74 -10.00
CA ASP Y 942 33.04 36.80 -8.62
C ASP Y 942 34.50 37.22 -8.61
N THR Y 943 34.82 38.24 -7.82
CA THR Y 943 36.18 38.76 -7.76
C THR Y 943 37.11 37.76 -7.08
N ILE Y 944 36.69 37.23 -5.94
CA ILE Y 944 37.32 36.03 -5.42
C ILE Y 944 36.89 34.84 -6.28
N ASN Y 945 37.60 33.72 -6.13
CA ASN Y 945 37.32 32.44 -6.78
C ASN Y 945 37.41 32.54 -8.31
N THR Y 946 38.21 33.49 -8.80
CA THR Y 946 38.66 33.51 -10.19
C THR Y 946 40.16 33.67 -10.20
N ARG Y 947 40.82 32.89 -11.05
CA ARG Y 947 42.22 32.53 -10.81
C ARG Y 947 43.21 33.69 -11.01
N GLY Y 948 43.35 34.27 -12.21
CA GLY Y 948 42.37 34.54 -13.27
C GLY Y 948 41.70 33.51 -14.14
N LEU Y 949 40.38 33.63 -14.16
CA LEU Y 949 39.55 33.22 -15.29
C LEU Y 949 39.07 34.47 -16.00
N THR Y 950 39.41 34.58 -17.27
CA THR Y 950 39.04 35.73 -18.07
C THR Y 950 37.80 35.37 -18.87
N PHE Y 951 36.66 35.91 -18.45
CA PHE Y 951 35.45 35.77 -19.24
C PHE Y 951 35.58 36.51 -20.54
N ASN Y 952 34.90 36.01 -21.55
CA ASN Y 952 34.73 36.78 -22.78
C ASN Y 952 33.92 38.00 -22.44
N PRO Y 953 34.44 39.21 -22.65
CA PRO Y 953 33.69 40.41 -22.25
C PRO Y 953 32.45 40.65 -23.09
N ALA Y 954 32.37 40.06 -24.29
CA ALA Y 954 31.09 40.03 -24.97
C ALA Y 954 30.12 39.08 -24.29
N PHE Y 955 30.64 38.00 -23.69
CA PHE Y 955 29.75 37.01 -23.10
C PHE Y 955 29.15 37.50 -21.80
N LEU Y 956 29.89 38.31 -21.05
CA LEU Y 956 29.25 38.99 -19.94
C LEU Y 956 28.37 40.13 -20.43
N LYS Y 957 28.54 40.57 -21.67
CA LYS Y 957 27.64 41.55 -22.23
C LYS Y 957 26.47 40.90 -22.96
N ALA Y 958 26.63 39.67 -23.43
CA ALA Y 958 25.55 39.02 -24.14
C ALA Y 958 24.45 38.60 -23.19
N ILE Y 959 24.78 37.80 -22.17
CA ILE Y 959 23.74 37.34 -21.25
C ILE Y 959 23.29 38.43 -20.30
N ASN Y 960 23.98 39.56 -20.23
CA ASN Y 960 23.38 40.69 -19.53
C ASN Y 960 22.28 41.33 -20.35
N THR Y 961 22.31 41.14 -21.66
CA THR Y 961 21.25 41.66 -22.51
C THR Y 961 20.07 40.71 -22.57
N LEU Y 962 20.33 39.40 -22.59
CA LEU Y 962 19.23 38.45 -22.62
C LEU Y 962 18.47 38.43 -21.30
N SER Y 963 19.17 38.55 -20.19
CA SER Y 963 18.46 38.61 -18.93
C SER Y 963 17.82 39.96 -18.67
N GLU Y 964 18.02 40.93 -19.55
CA GLU Y 964 17.26 42.16 -19.47
C GLU Y 964 15.98 42.09 -20.27
N ILE Y 965 15.99 41.33 -21.37
CA ILE Y 965 14.78 41.12 -22.14
C ILE Y 965 13.77 40.32 -21.34
N ALA Y 966 14.23 39.28 -20.66
CA ALA Y 966 13.34 38.34 -19.99
C ALA Y 966 12.62 38.94 -18.79
N ASP Y 967 13.08 40.06 -18.27
CA ASP Y 967 12.38 40.66 -17.15
C ASP Y 967 11.35 41.69 -17.57
N VAL Y 968 11.21 41.94 -18.88
CA VAL Y 968 10.21 42.86 -19.37
C VAL Y 968 9.28 42.21 -20.39
N ALA Y 969 9.81 41.44 -21.33
CA ALA Y 969 8.94 40.87 -22.34
C ALA Y 969 8.48 39.47 -21.99
N PHE Y 970 9.26 38.75 -21.21
CA PHE Y 970 9.01 37.34 -20.93
C PHE Y 970 8.78 37.15 -19.44
N THR Y 971 8.00 38.04 -18.85
CA THR Y 971 7.97 38.12 -17.39
C THR Y 971 7.15 37.01 -16.76
N THR Y 972 6.10 36.54 -17.43
CA THR Y 972 5.31 35.47 -16.86
C THR Y 972 6.05 34.15 -16.93
N GLY Y 973 6.90 33.99 -17.92
CA GLY Y 973 7.47 32.72 -18.29
C GLY Y 973 7.16 32.32 -19.71
N ASN Y 974 6.09 32.85 -20.27
CA ASN Y 974 5.75 32.68 -21.67
C ASN Y 974 5.80 34.05 -22.33
N ALA Y 975 5.78 34.08 -23.65
CA ALA Y 975 5.98 35.32 -24.38
C ALA Y 975 4.74 36.18 -24.29
N GLY Y 976 4.81 37.31 -23.61
CA GLY Y 976 3.66 38.18 -23.51
C GLY Y 976 3.82 39.43 -22.68
N LEU Y 977 3.22 40.53 -23.12
CA LEU Y 977 3.28 41.80 -22.41
C LEU Y 977 2.06 42.62 -22.76
N HIS Y 978 1.92 43.76 -22.07
CA HIS Y 978 0.77 44.63 -22.24
C HIS Y 978 1.25 46.07 -22.24
N PHE Y 979 1.07 46.75 -23.36
CA PHE Y 979 1.35 48.17 -23.42
C PHE Y 979 0.09 48.91 -23.80
N GLU Y 980 0.10 50.22 -23.57
CA GLU Y 980 -1.01 51.06 -23.95
C GLU Y 980 -0.58 51.93 -25.11
N LEU Y 981 -1.55 52.54 -25.78
CA LEU Y 981 -1.27 53.40 -26.91
C LEU Y 981 -2.23 54.59 -26.92
N ARG Y 982 -1.68 55.79 -27.05
CA ARG Y 982 -2.49 56.98 -27.25
C ARG Y 982 -2.16 57.57 -28.60
N PRO Y 983 -3.14 57.83 -29.45
CA PRO Y 983 -2.85 58.34 -30.79
C PRO Y 983 -2.50 59.81 -30.76
N GLY Y 984 -1.66 60.21 -31.73
CA GLY Y 984 -1.27 61.59 -31.90
C GLY Y 984 -1.63 62.10 -33.28
N THR Y 985 -1.55 63.42 -33.42
CA THR Y 985 -1.99 64.10 -34.63
C THR Y 985 -0.81 64.75 -35.34
N ALA Y 986 -1.10 65.28 -36.54
CA ALA Y 986 -0.10 65.90 -37.38
C ALA Y 986 -0.80 66.88 -38.32
N ALA Y 987 -0.04 67.40 -39.27
CA ALA Y 987 -0.55 68.37 -40.22
C ALA Y 987 -1.02 67.66 -41.49
N GLY Y 988 -2.33 67.65 -41.70
CA GLY Y 988 -2.87 67.04 -42.89
C GLY Y 988 -3.12 65.54 -42.78
N VAL Y 989 -3.77 65.10 -41.71
CA VAL Y 989 -4.18 63.72 -41.52
C VAL Y 989 -5.59 63.69 -40.97
N MET Y 990 -6.50 63.05 -41.70
CA MET Y 990 -7.89 62.96 -41.29
C MET Y 990 -8.16 61.72 -40.46
N GLN Y 991 -7.87 60.54 -40.99
CA GLN Y 991 -8.07 59.30 -40.27
C GLN Y 991 -6.80 58.48 -40.34
N THR Y 992 -6.33 58.02 -39.19
CA THR Y 992 -5.21 57.10 -39.13
C THR Y 992 -5.64 55.87 -38.37
N THR Y 993 -5.64 54.72 -39.04
CA THR Y 993 -6.08 53.47 -38.43
C THR Y 993 -4.88 52.57 -38.21
N LEU Y 994 -4.89 51.84 -37.10
CA LEU Y 994 -3.82 50.92 -36.75
C LEU Y 994 -4.45 49.62 -36.31
N ILE Y 995 -4.14 48.55 -37.03
CA ILE Y 995 -4.62 47.22 -36.70
C ILE Y 995 -3.39 46.40 -36.36
N THR Y 996 -3.41 45.76 -35.20
CA THR Y 996 -2.39 44.77 -34.88
C THR Y 996 -3.04 43.59 -34.19
N ASP Y 997 -2.95 42.42 -34.84
CA ASP Y 997 -3.43 41.14 -34.32
C ASP Y 997 -4.90 41.20 -33.92
N ASN Y 998 -5.69 41.82 -34.80
CA ASN Y 998 -7.12 42.06 -34.62
C ASN Y 998 -7.41 42.84 -33.34
N GLN Y 999 -6.54 43.80 -33.04
CA GLN Y 999 -6.85 44.86 -32.09
C GLN Y 999 -6.90 46.14 -32.92
N LYS Y 1000 -8.07 46.76 -32.98
CA LYS Y 1000 -8.27 47.89 -33.87
C LYS Y 1000 -8.14 49.20 -33.11
N LEU Y 1001 -7.48 50.17 -33.74
CA LEU Y 1001 -7.40 51.52 -33.22
C LEU Y 1001 -7.63 52.48 -34.36
N ILE Y 1002 -8.64 53.33 -34.23
CA ILE Y 1002 -9.07 54.24 -35.29
C ILE Y 1002 -9.14 55.64 -34.72
N TYR Y 1003 -8.38 56.57 -35.29
CA TYR Y 1003 -8.33 57.94 -34.82
C TYR Y 1003 -8.77 58.87 -35.95
N VAL Y 1004 -9.74 59.72 -35.65
CA VAL Y 1004 -10.19 60.74 -36.58
C VAL Y 1004 -10.08 62.11 -35.91
N ASN Y 1005 -9.03 62.28 -35.10
CA ASN Y 1005 -8.70 63.52 -34.40
C ASN Y 1005 -9.76 63.90 -33.38
N GLN Y 1006 -10.19 62.93 -32.60
CA GLN Y 1006 -11.08 63.16 -31.47
C GLN Y 1006 -10.26 63.24 -30.18
N MET Y 1007 -10.94 63.21 -29.04
CA MET Y 1007 -10.26 63.26 -27.75
C MET Y 1007 -9.42 62.00 -27.54
N PRO Y 1008 -8.15 62.14 -27.15
CA PRO Y 1008 -7.24 60.98 -27.13
C PRO Y 1008 -7.45 60.10 -25.90
N VAL Y 1009 -7.67 58.81 -26.14
CA VAL Y 1009 -7.86 57.84 -25.06
C VAL Y 1009 -6.85 56.71 -25.26
N TRP Y 1010 -6.26 56.26 -24.16
CA TRP Y 1010 -5.37 55.10 -24.19
C TRP Y 1010 -6.17 53.84 -24.45
N LYS Y 1011 -5.64 52.95 -25.28
CA LYS Y 1011 -6.23 51.64 -25.48
C LYS Y 1011 -5.20 50.58 -25.12
N ARG Y 1012 -5.55 49.72 -24.17
CA ARG Y 1012 -4.63 48.70 -23.69
C ARG Y 1012 -4.46 47.61 -24.73
N PHE Y 1013 -3.22 47.31 -25.08
CA PHE Y 1013 -2.96 46.33 -26.12
C PHE Y 1013 -2.42 45.05 -25.51
N THR Y 1014 -2.20 44.06 -26.35
CA THR Y 1014 -1.65 42.79 -25.93
C THR Y 1014 -0.90 42.19 -27.09
N TRP Y 1015 0.35 41.76 -26.86
CA TRP Y 1015 1.13 41.15 -27.89
C TRP Y 1015 1.88 39.98 -27.27
N PRO Y 1016 1.85 38.79 -27.89
CA PRO Y 1016 1.05 38.43 -29.06
C PRO Y 1016 -0.36 38.11 -28.67
N ALA Y 1017 -1.29 38.28 -29.59
CA ALA Y 1017 -2.69 38.03 -29.33
C ALA Y 1017 -3.07 36.67 -29.91
N ASP Y 1018 -3.92 35.95 -29.19
CA ASP Y 1018 -4.43 34.67 -29.67
C ASP Y 1018 -5.34 34.93 -30.86
N THR Y 1019 -4.83 34.64 -32.06
CA THR Y 1019 -5.60 34.81 -33.27
C THR Y 1019 -5.14 33.77 -34.28
N GLU Y 1020 -5.82 33.76 -35.42
CA GLU Y 1020 -5.43 32.95 -36.55
C GLU Y 1020 -4.90 33.79 -37.69
N ALA Y 1021 -4.74 35.09 -37.48
CA ALA Y 1021 -4.16 36.00 -38.46
C ALA Y 1021 -3.28 37.00 -37.72
N PRO Y 1022 -2.07 36.59 -37.38
CA PRO Y 1022 -1.22 37.49 -36.61
C PRO Y 1022 -0.45 38.45 -37.49
N GLY Y 1023 -0.53 39.74 -37.20
CA GLY Y 1023 0.15 40.71 -38.00
C GLY Y 1023 -0.32 42.11 -37.67
N ALA Y 1024 0.28 43.06 -38.35
CA ALA Y 1024 -0.04 44.46 -38.14
C ALA Y 1024 -0.26 45.15 -39.47
N SER Y 1025 -0.95 46.29 -39.41
CA SER Y 1025 -1.25 47.07 -40.60
C SER Y 1025 -1.58 48.48 -40.18
N LEU Y 1026 -1.16 49.45 -40.99
CA LEU Y 1026 -1.27 50.86 -40.62
C LEU Y 1026 -1.66 51.67 -41.85
N SER Y 1027 -2.78 52.39 -41.76
CA SER Y 1027 -3.26 53.19 -42.87
C SER Y 1027 -3.63 54.59 -42.39
N TRP Y 1028 -3.42 55.57 -43.27
CA TRP Y 1028 -3.62 56.97 -42.93
C TRP Y 1028 -4.41 57.65 -44.04
N VAL Y 1029 -5.24 58.60 -43.65
CA VAL Y 1029 -6.02 59.40 -44.59
C VAL Y 1029 -5.60 60.85 -44.44
N SER Y 1030 -4.94 61.38 -45.46
CA SER Y 1030 -4.60 62.79 -45.46
C SER Y 1030 -5.82 63.63 -45.80
N THR Y 1031 -5.69 64.95 -45.64
CA THR Y 1031 -6.67 65.84 -46.22
C THR Y 1031 -6.55 65.85 -47.73
N GLN Y 1032 -5.33 65.72 -48.24
CA GLN Y 1032 -5.15 65.64 -49.68
C GLN Y 1032 -5.52 64.26 -50.19
N ALA Y 1033 -5.00 63.22 -49.56
CA ALA Y 1033 -5.09 61.87 -50.10
C ALA Y 1033 -6.25 61.10 -49.47
N GLY Y 1034 -6.38 59.83 -49.87
CA GLY Y 1034 -7.30 58.92 -49.24
C GLY Y 1034 -6.57 57.94 -48.35
N THR Y 1035 -6.99 56.68 -48.33
CA THR Y 1035 -6.31 55.66 -47.55
C THR Y 1035 -5.08 55.18 -48.29
N ARG Y 1036 -3.93 55.32 -47.65
CA ARG Y 1036 -2.71 54.68 -48.10
C ARG Y 1036 -2.17 53.85 -46.95
N GLN Y 1037 -1.96 52.57 -47.19
CA GLN Y 1037 -1.37 51.73 -46.17
C GLN Y 1037 0.10 52.03 -46.04
N TYR Y 1038 0.57 52.17 -44.81
CA TYR Y 1038 2.00 52.31 -44.61
C TYR Y 1038 2.70 50.97 -44.84
N ALA Y 1039 2.24 49.93 -44.15
CA ALA Y 1039 2.66 48.57 -44.42
C ALA Y 1039 1.64 47.62 -43.85
N ASP Y 1040 1.59 46.41 -44.40
CA ASP Y 1040 0.89 45.29 -43.81
C ASP Y 1040 1.94 44.22 -43.57
N LEU Y 1041 2.32 44.03 -42.31
CA LEU Y 1041 3.37 43.10 -41.96
C LEU Y 1041 2.76 41.86 -41.34
N PRO Y 1042 2.72 40.75 -42.08
CA PRO Y 1042 2.10 39.54 -41.55
C PRO Y 1042 3.06 38.80 -40.62
N GLY Y 1043 2.52 37.86 -39.89
CA GLY Y 1043 3.34 37.04 -39.02
C GLY Y 1043 3.26 37.50 -37.58
N SER Y 1044 3.70 36.61 -36.68
CA SER Y 1044 3.61 36.88 -35.25
C SER Y 1044 4.59 37.96 -34.82
N TRP Y 1045 5.65 38.14 -35.59
CA TRP Y 1045 6.64 39.19 -35.36
C TRP Y 1045 6.23 40.50 -35.98
N GLY Y 1046 4.94 40.70 -36.23
CA GLY Y 1046 4.52 41.81 -37.08
C GLY Y 1046 4.68 43.16 -36.41
N LEU Y 1047 4.20 43.28 -35.17
CA LEU Y 1047 4.22 44.55 -34.48
C LEU Y 1047 5.64 45.00 -34.16
N ILE Y 1048 6.56 44.07 -34.05
CA ILE Y 1048 7.97 44.45 -33.90
C ILE Y 1048 8.51 44.98 -35.21
N ARG Y 1049 8.12 44.37 -36.33
CA ARG Y 1049 8.49 44.91 -37.63
C ARG Y 1049 7.90 46.28 -37.85
N LEU Y 1050 6.73 46.54 -37.28
CA LEU Y 1050 6.15 47.87 -37.38
C LEU Y 1050 6.82 48.84 -36.42
N LEU Y 1051 7.28 48.36 -35.27
CA LEU Y 1051 7.90 49.27 -34.33
C LEU Y 1051 9.37 49.52 -34.64
N GLU Y 1052 9.92 48.85 -35.64
CA GLU Y 1052 11.29 49.12 -36.05
C GLU Y 1052 11.38 50.39 -36.87
N MET Y 1053 10.38 50.67 -37.70
CA MET Y 1053 10.47 51.74 -38.67
C MET Y 1053 10.11 53.11 -38.12
N ALA Y 1054 9.91 53.25 -36.81
CA ALA Y 1054 9.49 54.52 -36.24
C ALA Y 1054 10.59 55.13 -35.39
N ARG Y 1055 10.80 56.42 -35.54
CA ARG Y 1055 11.75 57.14 -34.71
C ARG Y 1055 11.20 57.33 -33.32
N ARG Y 1056 12.02 57.01 -32.31
CA ARG Y 1056 11.58 57.04 -30.93
C ARG Y 1056 12.39 58.03 -30.13
N LYS Y 1057 11.78 58.56 -29.08
CA LYS Y 1057 12.46 59.30 -28.04
C LYS Y 1057 11.60 59.20 -26.79
N ALA Y 1058 12.16 59.62 -25.66
CA ALA Y 1058 11.38 59.64 -24.43
C ALA Y 1058 10.34 60.76 -24.52
N ALA Y 1059 9.08 60.40 -24.49
CA ALA Y 1059 8.03 61.40 -24.46
C ALA Y 1059 8.03 62.05 -23.08
N PRO Y 1060 8.37 63.33 -22.96
CA PRO Y 1060 8.64 63.91 -21.64
C PRO Y 1060 7.41 64.14 -20.79
N GLY Y 1061 6.21 64.10 -21.39
CA GLY Y 1061 5.01 64.37 -20.62
C GLY Y 1061 4.69 63.26 -19.62
N VAL Y 1062 4.64 62.03 -20.09
CA VAL Y 1062 4.25 60.88 -19.28
C VAL Y 1062 5.45 59.95 -19.17
N ALA Y 1063 5.64 59.37 -18.00
CA ALA Y 1063 6.63 58.32 -17.78
C ALA Y 1063 5.91 57.06 -17.33
N SER Y 1064 6.21 55.92 -17.96
CA SER Y 1064 7.24 55.78 -18.99
C SER Y 1064 6.65 55.90 -20.38
N GLY Y 1065 6.84 57.07 -21.00
CA GLY Y 1065 6.24 57.37 -22.29
C GLY Y 1065 7.28 57.49 -23.38
N TRP Y 1066 6.98 56.91 -24.53
CA TRP Y 1066 7.87 56.94 -25.68
C TRP Y 1066 7.11 57.56 -26.84
N SER Y 1067 7.74 58.53 -27.50
CA SER Y 1067 7.12 59.11 -28.68
C SER Y 1067 7.30 58.16 -29.85
N LEU Y 1068 6.25 57.99 -30.64
CA LEU Y 1068 6.30 57.13 -31.82
C LEU Y 1068 5.77 57.91 -33.00
N SER Y 1069 6.64 58.24 -33.94
CA SER Y 1069 6.27 59.00 -35.12
C SER Y 1069 6.71 58.19 -36.34
N TRP Y 1070 5.77 57.48 -36.94
CA TRP Y 1070 6.04 56.83 -38.21
C TRP Y 1070 6.04 57.88 -39.31
N GLN Y 1071 7.19 58.11 -39.91
CA GLN Y 1071 7.27 58.93 -41.11
C GLN Y 1071 6.74 58.10 -42.26
N ALA Y 1072 5.58 58.48 -42.78
CA ALA Y 1072 4.99 57.74 -43.87
C ALA Y 1072 5.54 58.25 -45.19
N GLN Y 1073 4.93 57.84 -46.29
CA GLN Y 1073 5.12 58.56 -47.53
C GLN Y 1073 4.28 59.83 -47.49
N ASP Y 1074 4.53 60.69 -48.48
CA ASP Y 1074 3.93 62.03 -48.59
C ASP Y 1074 4.21 62.88 -47.36
N GLY Y 1075 5.37 62.70 -46.73
CA GLY Y 1075 5.89 63.61 -45.73
C GLY Y 1075 5.16 63.66 -44.41
N ARG Y 1076 4.02 62.99 -44.25
CA ARG Y 1076 3.27 63.10 -43.01
C ARG Y 1076 3.88 62.22 -41.93
N MET Y 1077 3.73 62.65 -40.68
CA MET Y 1077 4.28 61.96 -39.54
C MET Y 1077 3.13 61.44 -38.68
N LEU Y 1078 2.81 60.16 -38.83
CA LEU Y 1078 1.75 59.55 -38.02
C LEU Y 1078 2.22 59.46 -36.58
N ASN Y 1079 1.57 60.21 -35.70
CA ASN Y 1079 2.05 60.37 -34.34
C ASN Y 1079 1.36 59.40 -33.40
N TYR Y 1080 2.12 58.92 -32.42
CA TYR Y 1080 1.62 57.94 -31.46
C TYR Y 1080 2.42 58.09 -30.18
N THR Y 1081 1.74 57.97 -29.04
CA THR Y 1081 2.36 58.06 -27.74
C THR Y 1081 2.15 56.75 -27.01
N LEU Y 1082 3.25 56.07 -26.69
CA LEU Y 1082 3.22 54.73 -26.12
C LEU Y 1082 3.60 54.79 -24.65
N ARG Y 1083 2.82 54.14 -23.81
CA ARG Y 1083 3.13 54.02 -22.39
C ARG Y 1083 3.17 52.55 -22.01
N THR Y 1084 4.22 52.16 -21.31
CA THR Y 1084 4.40 50.79 -20.86
C THR Y 1084 4.05 50.70 -19.39
N GLU Y 1085 4.01 49.47 -18.87
CA GLU Y 1085 3.81 49.32 -17.44
C GLU Y 1085 5.15 49.21 -16.71
N ALA Y 1086 6.13 48.53 -17.29
CA ALA Y 1086 7.42 48.35 -16.64
C ALA Y 1086 8.52 48.25 -17.68
N GLY Y 1087 9.51 49.11 -17.57
CA GLY Y 1087 10.59 49.08 -18.54
C GLY Y 1087 10.17 49.66 -19.87
N GLU Y 1088 10.95 49.35 -20.90
CA GLU Y 1088 10.72 49.88 -22.23
C GLU Y 1088 9.51 49.28 -22.93
N GLY Y 1089 8.95 48.19 -22.42
CA GLY Y 1089 7.82 47.55 -23.07
C GLY Y 1089 8.25 46.77 -24.28
N PRO Y 1090 7.50 46.90 -25.38
CA PRO Y 1090 7.78 46.08 -26.56
C PRO Y 1090 8.93 46.60 -27.40
N LEU Y 1091 9.52 47.73 -27.04
CA LEU Y 1091 10.62 48.26 -27.82
C LEU Y 1091 11.91 47.50 -27.60
N VAL Y 1092 12.00 46.74 -26.51
CA VAL Y 1092 13.25 46.12 -26.12
C VAL Y 1092 13.62 44.97 -27.04
N LEU Y 1093 12.65 44.38 -27.74
CA LEU Y 1093 12.93 43.26 -28.61
C LEU Y 1093 13.69 43.64 -29.86
N LEU Y 1094 13.88 44.93 -30.10
CA LEU Y 1094 14.76 45.36 -31.17
C LEU Y 1094 16.23 45.37 -30.75
N LYS Y 1095 16.54 44.99 -29.51
CA LYS Y 1095 17.94 44.86 -29.13
C LYS Y 1095 18.60 43.67 -29.80
N LEU Y 1096 17.81 42.71 -30.28
CA LEU Y 1096 18.35 41.53 -30.93
C LEU Y 1096 18.72 41.75 -32.38
N ARG Y 1097 18.63 42.98 -32.88
CA ARG Y 1097 18.96 43.25 -34.28
C ARG Y 1097 20.45 43.06 -34.49
N ASN Y 1098 20.79 42.01 -35.24
CA ASN Y 1098 22.14 41.48 -35.38
C ASN Y 1098 22.77 41.18 -34.01
N PHE Y 1099 22.04 40.38 -33.26
CA PHE Y 1099 22.56 39.80 -32.03
C PHE Y 1099 23.43 38.61 -32.37
N VAL Y 1100 24.45 38.36 -31.56
CA VAL Y 1100 25.34 37.23 -31.77
C VAL Y 1100 25.68 36.62 -30.42
N LEU Y 1101 25.45 35.33 -30.27
CA LEU Y 1101 25.92 34.64 -29.08
C LEU Y 1101 27.41 34.40 -29.21
N PRO Y 1102 28.18 34.58 -28.15
CA PRO Y 1102 29.60 34.28 -28.22
C PRO Y 1102 29.82 32.78 -28.34
N GLU Y 1103 30.60 32.41 -29.36
CA GLU Y 1103 30.97 31.01 -29.54
C GLU Y 1103 31.80 30.50 -28.38
N THR Y 1104 32.59 31.36 -27.76
CA THR Y 1104 33.51 31.00 -26.68
C THR Y 1104 33.13 31.76 -25.42
N VAL Y 1105 33.05 31.05 -24.31
CA VAL Y 1105 32.85 31.71 -23.02
C VAL Y 1105 34.19 32.10 -22.40
N PHE Y 1106 35.12 31.18 -22.31
CA PHE Y 1106 36.43 31.48 -21.78
C PHE Y 1106 37.44 31.60 -22.90
N GLU Y 1107 38.68 31.91 -22.53
CA GLU Y 1107 39.74 32.06 -23.51
C GLU Y 1107 40.87 31.06 -23.27
#